data_1G65
#
_entry.id   1G65
#
_cell.length_a   135.2
_cell.length_b   300.2
_cell.length_c   144.02
_cell.angle_alpha   90
_cell.angle_beta   112.98
_cell.angle_gamma   90
#
_symmetry.space_group_name_H-M   'P 1 21 1'
#
loop_
_entity.id
_entity.type
_entity.pdbx_description
1 polymer 'Proteasome component Y7'
2 polymer 'Proteasome component Y13'
3 polymer 'Proteasome component PRE6'
4 polymer 'Proteasome component PUP2'
5 polymer 'Proteasome component PRE5'
6 polymer 'Proteasome component C1'
7 polymer 'Proteasome component C7-alpha'
8 polymer 'Proteasome component PUP1'
9 polymer 'Proteasome component PUP3'
10 polymer 'Proteasome component C11'
11 polymer 'Proteasome component PRE2'
12 polymer 'Proteasome component C5'
13 polymer 'Proteasome component PRE4'
14 polymer 'Proteasome component PRE3'
15 polymer 'EPOXOMICIN (peptide inhibitor)'
16 non-polymer 'MAGNESIUM ION'
17 water water
#
loop_
_entity_poly.entity_id
_entity_poly.type
_entity_poly.pdbx_seq_one_letter_code
_entity_poly.pdbx_strand_id
1 'polypeptide(L)'
;MTDRYSFSLTTFSPSGKLGQIDYALTAVKQGVTSLGIKATNGVVIATEKKSSSPLAMSETLSKVSLLTPDIGAVYSGMGP
DYRVLVDKSRKVAHTSYKRIYGEYPPTKLLVSEVAKIMQEATQSGGVRPFGVSLLIAGHDEFNGFSLYQVDPSGSYFPWK
ATAIGKGSVAAKTFLEKRWNDELELEDAIHIALLTLKESVEGEFNGDTIELAIIGDENPDLLGYTGIPTDKGPRFRKLTS
QEINDRLEAL
;
A,O
2 'polypeptide(L)'
;GSRRYDSRTTIFSPEGRLYQVEYALESISHAGTAIGIMASDGIVLAAERKVTSTLLEQDTSTEKLYKLNDKIAVAVAGLT
ADAEILINTARIHAQNYLKTYNEDIPVEILVRRLSDIKQGYTQHGGLRPFGVSFIYAGYDDRYGYQLYTSNPSGNYTGWK
AISVGANTSAAQTLLQMDYKDDMKVDDAIELALKTLSKTTDSSALTYDRLEFATIRKGANDGEVYQKIFKPQEIKDILVK
TGIT
;
B,P
3 'polypeptide(L)'
;GYDRALSIFSPDGHIFQVEYALEAVKRGTCAVGVKGKNCVVLGCERRSTLKLQDTRITPSKVSKIDSHVVLSFSGLNADS
RILIEKARVEAQSHRLTLEDPVTVEYLTRYVAGVQQRYTQSGGVRPFGVSTLIAGFDPRDDEPKLYQTEPSGIYSSWSAQ
TIGRNSKTVREFLEKNYDRKEPPATVEECVKLTVRSLLEVVQTGAKNIEITVVKPDSDIVALSSEEINQYVTQIEQEKQE
Q
;
C,Q
4 'polypeptide(L)'
;DRGVSTFSPEGRLFQVEYSLEAIKLGSTAIGIATKEGVVLGVEKRATSPLLESDSIEKIVEIDRHIGCAMSGLTADARSM
IEHARTAAVTHNLYYDEDINVESLTQSVCDLALRFGEGASGEERLMSRPFGVALLIAGHDADDGYQLFHAEPSGTFYRYN
AKAIGSGSEGAQAELLNEWHSSLTLKEAELLVLKILKQVMEEKLDENNAQLSCITKQDGFKIYDNEKTAELIKELKEKEA
AE
;
D,R
5 'polypeptide(L)'
;FRNNYDGDTVTFSPTGRLFQVEYALEAIKQGSVTVGLRSNTHAVLVALKRNADELSSYQKKIIKCDEHMGLSLAGLAPDA
RVLSNYLRQQCNYSSLVFNRKLAVERAGHLLCDKAQKNTQSYGGRPYGVGLLIIGYDKSGAHLLEFQPSGNVTELYGTAI
GARSQGAKTYLERTLDTFIKIDGNPDELIKAGVEAISQSLRDESLTVDNLSIAIVGKDTPFTIYDGEAVAKYI
;
E,S
6 'polypeptide(L)'
;GTGYDLSNSVFSPDGRNFQVEYAVKAVENGTTSIGIKCNDGVVFAVEKLITSKLLVPQKNVKIQVVDRHIGCVYSGLIPD
GRHLVNRGREEAASFKKLYKTPIPIPAFADRLGQYVQAHTLYNSVRPFGVSTIFGGVDKNGAHLYMLEPSGSYWGYKGAA
TGKGRQSAKAELEKLVDHHPEGLSAREAVKQAAKIIYLAHEDNKEKDFELEISWCSLSETNGLHKFVKGDLLQEAIDFAQ
KEIN
;
F,T
7 'polypeptide(L)'
;AGYDRHITIFSPEGRLYQVEYAFKATNQTNINSLAVRGKDCTVVISQKKVPDKLLDPTTVSYIFCISRTIGMVVNGPIPD
ARNAALRAKAEAAEFRYKYGYDMPCDVLAKRMANLSQIYTQRAYMRPLGVILTFVSVDEELGPSIYKTDPAGYYVGYKAT
ATGPKQQEITTNLENHFKKSKIDHINEESWEKVVEFAITHMIDALGTEFSKNDLEVGVATKDKFFTLSAENIEERLVAIA
EQD
;
G,U
8 'polypeptide(L)'
;TTIVGVKFNNGVVIAADTRSTQGPIVADKNCAKLHRISPKIWCAGAGTAADTEAVTQLIGSNIELHSLYTSREPRVVSAL
QMLKQHLFKYQGHIGAYLIVAGVDPTGSHLFSIHAHGSTDVGYYLSLGSGSLAAMAVLESHWKQDLTKEEAIKLASDAIQ
AGIWNDLGSGSNVDVCVMEIGKDAEYLRNYLTPNVREEKQKSYKFPRGTTAVLKESIVNICD
;
H,V
9 'polypeptide(L)'
;SDPSSINGGIVVAMTGKDCVAIACDLRLGSQSLGVSNKFEKIFHYGHVFLGITGLATDVTTLNEMFRYKTNLYKLKEERA
IEPETFTQLVSSSLYERRFGPYFVGPVVAGINSKSGKPFIAGFDLIGCIDEAKDFIVSGTASDQLFGMCESLYEPNLEPE
DLFETISQALLNAADRDALSGWGAVVYIIKKDEVVKRYLKMRQD
;
I,W
10 'polypeptide(L)'
;MDIILGIRVQDSVILASSKAVTRGISVLKDSDDKTRQLSPHTLMSFAGEAGDTVQFAEYIQANIQLYSIREDYELSPQAV
SSFVRQELAKSIRSRRPYQVNVLIGGYDKKKNKPELYQIDYLGTKVELPYGAHGYSGFYTFSLLDHHYRPDMTTEEGLDL
LKLCVQELEKRMPMDFKGVIVKIVDKDGIRQVDDFQAQ
;
J,X
11 'polypeptide(L)'
;TTTLAFRFQGGIIVAVDSRATAGNWVASQTVKKVIEINPFLLGTMAGGAADCQFWETWLGSQCRLHELREKERISVAAAS
KILSNLVYQYKGAGLSMGTMICGYTRKEGPTIYYVDSDGTRLKGDIFCVGSGQTFAYGVLDSNYKWDLSVEDALYLGKRS
ILAAAHRDAYSGGSVNLYHVTEDGWIYHGNHDVGELFWKVKEEEGSFNNVIG
;
K,Y
12 'polypeptide(L)'
;QFNPYGDNGGTILGIAGEDFAVLAGDTRNITDYSINSRYEPKVFDCGDNIVMSANGFAADGDALVKRFKNSVKWYHFDHN
DKKLSINSAARNIQHLLYGKRFFPYYVHTIIAGLDEDGKGAVYSFDPVGSYEREQCRAGGAAASLIMPFLDNQVNFKNQY
EPGTNGKVKKPLKYLSVEEVIKLVRDSFTSATERHIQVGDGLEILIVTKDGVRKEFYELKRD
;
L,Z
13 'polypeptide(L)'
;TQQPIVTGTSVISMKYDNGVIIAADNLGSYGSLLRFNGVERLIPVGDNTVVGISGDISDMQHIERLLKDLVTENAYDNPL
ADAEEALEPSYIFEYLATVMYQRRSKMNPLWNAIIVAGVQSNGDQFLRYVNLLGVTYSSPTLATGFGAHMANPLLRKVVD
RESDIPKTTVQVAEEAIVNAMRVLYYRDARSSRNFSLAIIDKNTGLTFKKNLQVENMKWDFAKDIKGYGTQKI
;
M,1
14 'polypeptide(L)'
;TSIMAVTFKDGVILGADSRTTTGAYIANRVTDKLTRVHDKIWCCRSGSAADTQAIADIVQYHLELYTSQYGTPSTETAAS
VFKELCYENKDNLTAGIIVAGYDDKNKGEVYTIPLGGSVHKLPYAIAGSGSTFIYGYCDKNFRENMSKEETVDFIKHSLS
QAIKWDGSSGGVIRMVVLTAAGVERLIFYPDEYEQL
;
N,2
15 'polypeptide(L)' (ACE)(IML)IT(04D) 3,4
#
loop_
_chem_comp.id
_chem_comp.type
_chem_comp.name
_chem_comp.formula
04D non-polymer (2R,3R,4S)-4-amino-2,6-dimethylheptane-1,3-diol 'C9 H21 N O2'
ACE non-polymer 'ACETYL GROUP' 'C2 H4 O'
MG non-polymer 'MAGNESIUM ION' 'Mg 2'
#
# COMPACT_ATOMS: atom_id res chain seq x y z
N MET A 1 -8.25 54.73 -1.03
CA MET A 1 -7.32 54.27 0.04
C MET A 1 -6.01 53.83 -0.64
N THR A 2 -5.00 53.50 0.17
CA THR A 2 -3.68 53.04 -0.29
C THR A 2 -2.68 54.17 -0.60
N ASP A 3 -1.41 53.93 -0.28
CA ASP A 3 -0.35 54.89 -0.51
C ASP A 3 -0.22 55.08 -2.01
N ARG A 4 -0.92 56.06 -2.56
CA ARG A 4 -0.85 56.31 -3.97
C ARG A 4 0.35 57.22 -4.28
N TYR A 5 1.11 57.59 -3.25
CA TYR A 5 2.29 58.41 -3.43
C TYR A 5 3.45 57.55 -3.89
N SER A 6 3.34 57.11 -5.12
CA SER A 6 4.33 56.24 -5.72
C SER A 6 5.48 56.91 -6.47
N PHE A 7 5.56 58.24 -6.45
CA PHE A 7 6.60 58.99 -7.17
C PHE A 7 7.57 59.61 -6.23
N SER A 8 8.75 59.94 -6.72
CA SER A 8 9.75 60.56 -5.88
C SER A 8 9.24 61.89 -5.32
N LEU A 9 9.60 62.22 -4.09
CA LEU A 9 9.23 63.49 -3.50
C LEU A 9 10.46 64.40 -3.47
N THR A 10 11.61 63.86 -3.87
CA THR A 10 12.87 64.56 -3.96
C THR A 10 13.24 64.46 -5.43
N THR A 11 13.13 65.56 -6.17
CA THR A 11 13.46 65.58 -7.61
C THR A 11 14.69 66.45 -7.89
N PHE A 12 15.00 66.71 -9.15
CA PHE A 12 16.14 67.57 -9.45
C PHE A 12 15.61 68.94 -9.85
N SER A 13 16.25 69.97 -9.33
CA SER A 13 15.87 71.33 -9.64
C SER A 13 16.72 71.70 -10.84
N PRO A 14 16.31 72.71 -11.60
CA PRO A 14 17.10 73.10 -12.77
C PRO A 14 18.55 73.46 -12.54
N SER A 15 18.95 73.63 -11.28
CA SER A 15 20.34 73.97 -10.96
C SER A 15 21.15 72.78 -10.50
N GLY A 16 20.52 71.61 -10.54
CA GLY A 16 21.16 70.38 -10.12
C GLY A 16 21.07 70.09 -8.64
N LYS A 17 20.20 70.81 -7.94
CA LYS A 17 20.09 70.57 -6.53
C LYS A 17 18.91 69.73 -6.19
N LEU A 18 19.14 68.89 -5.19
CA LEU A 18 18.13 68.02 -4.69
C LEU A 18 17.60 68.77 -3.49
N GLY A 19 16.55 69.52 -3.74
CA GLY A 19 15.94 70.34 -2.72
C GLY A 19 15.79 69.74 -1.35
N GLN A 20 14.91 68.74 -1.26
CA GLN A 20 14.66 68.09 0.01
C GLN A 20 15.92 67.65 0.72
N ILE A 21 16.97 67.33 -0.02
CA ILE A 21 18.21 66.95 0.62
C ILE A 21 18.90 68.16 1.26
N ASP A 22 19.01 69.26 0.52
CA ASP A 22 19.64 70.45 1.08
C ASP A 22 18.86 70.91 2.29
N TYR A 23 17.54 70.85 2.20
CA TYR A 23 16.67 71.25 3.30
C TYR A 23 16.90 70.38 4.56
N ALA A 24 16.90 69.06 4.42
CA ALA A 24 17.13 68.19 5.57
C ALA A 24 18.45 68.62 6.20
N LEU A 25 19.44 68.92 5.37
CA LEU A 25 20.73 69.35 5.89
C LEU A 25 20.57 70.62 6.73
N THR A 26 19.61 71.47 6.38
CA THR A 26 19.37 72.70 7.15
C THR A 26 18.86 72.28 8.51
N ALA A 27 17.88 71.38 8.52
CA ALA A 27 17.31 70.87 9.77
C ALA A 27 18.48 70.38 10.63
N VAL A 28 19.44 69.72 10.00
CA VAL A 28 20.62 69.25 10.70
C VAL A 28 21.39 70.42 11.33
N LYS A 29 21.59 71.49 10.58
CA LYS A 29 22.28 72.67 11.08
C LYS A 29 21.65 73.22 12.36
N GLN A 30 20.32 73.21 12.42
CA GLN A 30 19.56 73.71 13.56
C GLN A 30 19.62 72.84 14.81
N GLY A 31 20.14 71.62 14.69
CA GLY A 31 20.20 70.74 15.84
C GLY A 31 21.44 70.85 16.69
N VAL A 32 21.33 70.38 17.93
CA VAL A 32 22.42 70.41 18.89
C VAL A 32 23.70 69.79 18.37
N THR A 33 24.82 70.28 18.88
CA THR A 33 26.11 69.80 18.47
C THR A 33 26.40 68.38 19.00
N SER A 34 27.14 67.61 18.23
CA SER A 34 27.60 66.29 18.60
C SER A 34 28.91 66.20 17.86
N LEU A 35 29.88 65.53 18.43
CA LEU A 35 31.17 65.42 17.77
C LEU A 35 31.75 64.06 18.02
N GLY A 36 32.88 63.81 17.39
CA GLY A 36 33.54 62.55 17.59
C GLY A 36 35.00 62.81 17.32
N ILE A 37 35.83 62.24 18.17
CA ILE A 37 37.24 62.40 18.02
C ILE A 37 37.73 60.99 18.08
N LYS A 38 38.69 60.69 17.24
CA LYS A 38 39.25 59.37 17.18
C LYS A 38 40.65 59.42 17.77
N ALA A 39 41.00 58.49 18.64
CA ALA A 39 42.33 58.41 19.28
C ALA A 39 43.08 57.22 18.67
N THR A 40 44.27 56.91 19.15
CA THR A 40 45.01 55.77 18.58
C THR A 40 44.51 54.46 19.16
N ASN A 41 44.05 54.52 20.40
CA ASN A 41 43.53 53.36 21.10
C ASN A 41 42.09 53.58 21.58
N GLY A 42 41.28 54.27 20.78
CA GLY A 42 39.90 54.48 21.16
C GLY A 42 39.18 55.55 20.35
N VAL A 43 37.90 55.75 20.59
CA VAL A 43 37.14 56.79 19.91
C VAL A 43 36.11 57.27 20.89
N VAL A 44 35.78 58.55 20.81
CA VAL A 44 34.81 59.11 21.70
C VAL A 44 33.85 59.89 20.84
N ILE A 45 32.58 59.83 21.22
CA ILE A 45 31.53 60.55 20.52
C ILE A 45 30.77 61.18 21.62
N ALA A 46 30.47 62.46 21.46
CA ALA A 46 29.79 63.18 22.50
C ALA A 46 28.76 64.12 21.96
N THR A 47 27.88 64.53 22.85
CA THR A 47 26.84 65.45 22.49
C THR A 47 26.26 66.02 23.76
N GLU A 48 25.42 67.03 23.61
CA GLU A 48 24.79 67.68 24.74
C GLU A 48 23.39 67.15 24.92
N LYS A 49 22.92 67.09 26.15
CA LYS A 49 21.56 66.64 26.46
C LYS A 49 20.70 67.87 26.64
N LYS A 50 20.07 68.28 25.56
CA LYS A 50 19.22 69.44 25.58
C LYS A 50 17.91 69.11 26.28
N SER A 51 17.95 69.02 27.60
CA SER A 51 16.76 68.72 28.40
C SER A 51 15.65 69.72 28.01
N SER A 52 14.60 69.25 27.35
CA SER A 52 13.51 70.13 26.93
C SER A 52 12.54 70.57 28.04
N SER A 53 12.99 70.49 29.30
CA SER A 53 12.24 70.88 30.51
C SER A 53 12.95 70.32 31.75
N PRO A 54 12.90 71.05 32.88
CA PRO A 54 13.56 70.53 34.09
C PRO A 54 12.63 69.51 34.74
N LEU A 55 11.43 69.39 34.18
CA LEU A 55 10.46 68.44 34.66
C LEU A 55 10.63 67.09 33.97
N ALA A 56 11.35 67.11 32.86
CA ALA A 56 11.62 65.91 32.12
C ALA A 56 12.89 65.27 32.69
N MET A 57 12.97 63.95 32.62
CA MET A 57 14.11 63.21 33.14
C MET A 57 15.11 62.91 32.04
N SER A 58 16.23 63.62 32.08
CA SER A 58 17.29 63.50 31.08
C SER A 58 17.76 62.08 30.73
N GLU A 59 17.88 61.23 31.75
CA GLU A 59 18.33 59.85 31.60
C GLU A 59 17.50 58.97 30.65
N THR A 60 16.19 59.22 30.59
CA THR A 60 15.26 58.45 29.76
C THR A 60 15.31 58.86 28.28
N LEU A 61 16.52 59.06 27.79
CA LEU A 61 16.68 59.46 26.42
C LEU A 61 18.14 59.22 26.09
N SER A 62 18.40 58.31 25.17
CA SER A 62 19.76 58.05 24.77
C SER A 62 19.99 58.69 23.41
N LYS A 63 20.76 59.76 23.39
CA LYS A 63 21.09 60.39 22.14
C LYS A 63 22.23 59.57 21.56
N VAL A 64 23.03 58.95 22.43
CA VAL A 64 24.11 58.10 21.98
C VAL A 64 23.54 56.69 22.10
N SER A 65 23.61 55.93 21.00
CA SER A 65 23.09 54.57 20.95
C SER A 65 24.11 53.52 20.53
N LEU A 66 23.96 52.31 21.09
CA LEU A 66 24.85 51.19 20.76
C LEU A 66 24.19 50.51 19.57
N LEU A 67 24.97 50.24 18.53
CA LEU A 67 24.43 49.57 17.35
C LEU A 67 24.82 48.08 17.46
N THR A 68 26.05 47.82 17.87
CA THR A 68 26.53 46.47 18.07
C THR A 68 27.42 46.64 19.29
N PRO A 69 27.93 45.55 19.88
CA PRO A 69 28.78 45.75 21.06
C PRO A 69 30.15 46.40 20.79
N ASP A 70 30.39 46.82 19.55
CA ASP A 70 31.66 47.46 19.19
C ASP A 70 31.41 48.72 18.33
N ILE A 71 30.17 49.19 18.24
CA ILE A 71 29.86 50.34 17.43
C ILE A 71 28.80 51.20 18.05
N GLY A 72 29.05 52.51 18.06
CA GLY A 72 28.12 53.46 18.62
C GLY A 72 27.80 54.55 17.63
N ALA A 73 26.68 55.22 17.86
CA ALA A 73 26.22 56.30 16.99
C ALA A 73 25.64 57.48 17.77
N VAL A 74 25.89 58.69 17.27
CA VAL A 74 25.38 59.91 17.87
C VAL A 74 24.95 60.77 16.69
N TYR A 75 24.07 61.73 16.92
CA TYR A 75 23.58 62.54 15.83
C TYR A 75 23.39 64.01 16.16
N SER A 76 22.73 64.69 15.22
CA SER A 76 22.36 66.10 15.34
C SER A 76 21.30 66.24 14.29
N GLY A 77 20.08 66.58 14.67
CA GLY A 77 19.04 66.72 13.69
C GLY A 77 17.70 66.48 14.31
N MET A 78 16.82 65.84 13.57
CA MET A 78 15.50 65.53 14.10
C MET A 78 15.58 64.19 14.82
N GLY A 79 15.64 64.25 16.14
CA GLY A 79 15.72 63.06 16.98
C GLY A 79 14.90 61.87 16.51
N PRO A 80 13.56 61.98 16.36
CA PRO A 80 12.78 60.83 15.93
C PRO A 80 13.36 60.10 14.69
N ASP A 81 13.73 60.84 13.65
CA ASP A 81 14.29 60.22 12.47
C ASP A 81 15.49 59.37 12.87
N TYR A 82 16.17 59.75 13.94
CA TYR A 82 17.34 59.02 14.42
C TYR A 82 16.94 57.75 15.09
N ARG A 83 16.07 57.87 16.08
CA ARG A 83 15.61 56.72 16.82
C ARG A 83 15.29 55.62 15.84
N VAL A 84 14.44 55.88 14.85
CA VAL A 84 14.11 54.83 13.90
C VAL A 84 15.25 54.44 13.04
N LEU A 85 16.26 55.26 12.92
CA LEU A 85 17.40 54.87 12.12
C LEU A 85 18.22 53.92 12.93
N VAL A 86 18.15 54.05 14.24
CA VAL A 86 18.90 53.18 15.15
C VAL A 86 18.28 51.77 15.09
N ASP A 87 16.96 51.71 15.27
CA ASP A 87 16.21 50.47 15.22
C ASP A 87 16.67 49.71 13.97
N LYS A 88 16.39 50.29 12.82
CA LYS A 88 16.77 49.70 11.57
C LYS A 88 18.25 49.38 11.56
N SER A 89 19.09 50.25 12.10
CA SER A 89 20.53 50.00 12.09
C SER A 89 20.90 48.78 12.91
N ARG A 90 20.25 48.60 14.04
CA ARG A 90 20.56 47.47 14.88
C ARG A 90 20.02 46.20 14.24
N LYS A 91 18.83 46.29 13.68
CA LYS A 91 18.26 45.13 13.02
C LYS A 91 19.11 44.68 11.82
N VAL A 92 19.46 45.58 10.93
CA VAL A 92 20.24 45.21 9.75
C VAL A 92 21.63 44.65 10.10
N ALA A 93 22.12 44.97 11.28
CA ALA A 93 23.43 44.48 11.71
C ALA A 93 23.35 42.98 11.89
N HIS A 94 22.14 42.52 12.13
CA HIS A 94 21.84 41.12 12.33
C HIS A 94 21.45 40.49 11.01
N THR A 95 20.28 40.86 10.49
CA THR A 95 19.78 40.30 9.26
C THR A 95 20.81 40.22 8.13
N SER A 96 21.60 41.25 7.91
CA SER A 96 22.57 41.20 6.80
C SER A 96 23.95 40.84 7.22
N TYR A 97 24.12 40.40 8.45
CA TYR A 97 25.45 40.05 8.85
C TYR A 97 25.67 39.03 9.96
N LYS A 98 25.16 39.27 11.17
CA LYS A 98 25.39 38.26 12.21
C LYS A 98 24.67 36.96 11.86
N ARG A 99 23.49 37.06 11.26
CA ARG A 99 22.71 35.89 10.89
C ARG A 99 23.27 35.16 9.69
N ILE A 100 24.41 35.60 9.17
CA ILE A 100 24.99 34.96 8.01
C ILE A 100 26.42 34.58 8.24
N TYR A 101 27.15 35.41 8.96
CA TYR A 101 28.55 35.16 9.22
C TYR A 101 28.83 34.83 10.70
N GLY A 102 27.83 34.98 11.55
CA GLY A 102 28.06 34.66 12.95
C GLY A 102 28.95 35.59 13.73
N GLU A 103 29.23 36.76 13.15
CA GLU A 103 30.03 37.83 13.79
C GLU A 103 29.36 39.15 13.44
N TYR A 104 29.61 40.19 14.23
CA TYR A 104 29.00 41.49 13.97
C TYR A 104 29.67 42.15 12.82
N PRO A 105 28.93 43.00 12.11
CA PRO A 105 29.50 43.70 10.95
C PRO A 105 30.58 44.67 11.33
N PRO A 106 31.51 44.91 10.41
CA PRO A 106 32.57 45.88 10.73
C PRO A 106 31.91 47.26 10.52
N THR A 107 32.46 48.29 11.14
CA THR A 107 31.90 49.64 11.07
C THR A 107 31.54 50.14 9.68
N LYS A 108 32.51 50.17 8.78
CA LYS A 108 32.25 50.66 7.43
C LYS A 108 31.06 50.01 6.76
N LEU A 109 30.90 48.72 6.98
CA LEU A 109 29.80 47.99 6.36
C LEU A 109 28.52 48.31 7.04
N LEU A 110 28.51 48.36 8.36
CA LEU A 110 27.28 48.71 9.03
C LEU A 110 26.91 50.15 8.61
N VAL A 111 27.93 51.00 8.49
CA VAL A 111 27.75 52.39 8.08
C VAL A 111 27.11 52.38 6.70
N SER A 112 27.74 51.60 5.83
CA SER A 112 27.31 51.45 4.48
C SER A 112 25.85 51.03 4.47
N GLU A 113 25.48 50.18 5.40
CA GLU A 113 24.08 49.74 5.43
C GLU A 113 23.15 50.85 5.87
N VAL A 114 23.55 51.63 6.88
CA VAL A 114 22.71 52.74 7.36
C VAL A 114 22.56 53.73 6.25
N ALA A 115 23.70 54.05 5.65
CA ALA A 115 23.79 54.98 4.53
C ALA A 115 22.76 54.61 3.48
N LYS A 116 22.75 53.33 3.07
CA LYS A 116 21.81 52.88 2.06
C LYS A 116 20.37 53.17 2.46
N ILE A 117 20.06 52.99 3.73
CA ILE A 117 18.70 53.23 4.18
C ILE A 117 18.32 54.64 3.91
N MET A 118 19.24 55.55 4.21
CA MET A 118 19.00 56.97 4.02
C MET A 118 18.86 57.38 2.55
N GLN A 119 19.76 56.90 1.71
CA GLN A 119 19.70 57.17 0.29
C GLN A 119 18.34 56.83 -0.23
N GLU A 120 17.85 55.67 0.12
CA GLU A 120 16.56 55.28 -0.38
C GLU A 120 15.47 56.27 -0.06
N ALA A 121 15.59 57.02 1.03
CA ALA A 121 14.57 58.01 1.39
C ALA A 121 14.71 59.30 0.55
N THR A 122 15.75 59.32 -0.24
CA THR A 122 16.11 60.38 -1.14
C THR A 122 15.60 60.08 -2.53
N GLN A 123 15.14 58.85 -2.76
CA GLN A 123 14.68 58.45 -4.08
C GLN A 123 13.34 57.72 -4.15
N SER A 124 13.05 56.87 -3.17
CA SER A 124 11.80 56.10 -3.15
C SER A 124 10.60 56.96 -3.28
N GLY A 125 9.49 56.35 -3.63
CA GLY A 125 8.29 57.11 -3.79
C GLY A 125 7.65 57.42 -2.48
N GLY A 126 7.07 58.60 -2.37
CA GLY A 126 6.37 58.97 -1.17
C GLY A 126 7.03 59.21 0.17
N VAL A 127 8.33 59.51 0.20
CA VAL A 127 8.98 59.79 1.47
C VAL A 127 9.89 61.04 1.39
N ARG A 128 10.16 61.66 2.53
CA ARG A 128 11.02 62.85 2.62
C ARG A 128 12.31 62.32 3.21
N PRO A 129 13.45 62.91 2.84
CA PRO A 129 14.71 62.40 3.40
C PRO A 129 14.71 62.45 4.91
N PHE A 130 15.75 61.89 5.51
CA PHE A 130 15.92 61.88 6.96
C PHE A 130 16.54 63.18 7.44
N GLY A 131 15.95 63.80 8.45
CA GLY A 131 16.47 65.04 8.96
C GLY A 131 17.61 64.83 9.92
N VAL A 132 18.56 63.96 9.62
CA VAL A 132 19.66 63.74 10.57
C VAL A 132 21.02 63.52 9.93
N SER A 133 22.05 63.62 10.74
CA SER A 133 23.39 63.35 10.26
C SER A 133 23.93 62.55 11.44
N LEU A 134 24.74 61.54 11.17
CA LEU A 134 25.22 60.75 12.27
C LEU A 134 26.72 60.58 12.26
N LEU A 135 27.23 60.30 13.45
CA LEU A 135 28.63 60.05 13.66
C LEU A 135 28.55 58.65 14.26
N ILE A 136 29.17 57.69 13.57
CA ILE A 136 29.19 56.32 14.00
C ILE A 136 30.62 55.99 14.24
N ALA A 137 30.88 55.45 15.40
CA ALA A 137 32.24 55.09 15.74
C ALA A 137 32.24 53.65 16.13
N GLY A 138 33.33 52.97 15.81
CA GLY A 138 33.40 51.57 16.16
C GLY A 138 34.78 50.99 16.00
N HIS A 139 34.87 49.69 16.18
CA HIS A 139 36.12 49.00 16.04
C HIS A 139 35.82 47.62 15.52
N ASP A 140 36.76 47.06 14.79
CA ASP A 140 36.60 45.73 14.28
C ASP A 140 37.98 45.15 14.11
N GLU A 141 38.08 43.86 14.40
CA GLU A 141 39.32 43.14 14.34
C GLU A 141 40.25 43.48 13.17
N PHE A 142 39.69 43.75 12.01
CA PHE A 142 40.57 44.01 10.87
C PHE A 142 40.86 45.44 10.44
N ASN A 143 40.00 46.38 10.82
CA ASN A 143 40.20 47.78 10.42
C ASN A 143 40.57 48.65 11.59
N GLY A 144 40.61 48.06 12.78
CA GLY A 144 40.98 48.83 13.94
C GLY A 144 39.84 49.74 14.32
N PHE A 145 40.17 50.97 14.67
CA PHE A 145 39.17 51.96 15.07
C PHE A 145 38.80 52.89 13.94
N SER A 146 37.55 53.36 13.97
CA SER A 146 37.07 54.28 12.96
C SER A 146 35.90 55.17 13.40
N LEU A 147 35.73 56.28 12.69
CA LEU A 147 34.69 57.27 12.97
C LEU A 147 34.14 57.65 11.62
N TYR A 148 32.83 57.67 11.50
CA TYR A 148 32.19 58.00 10.24
C TYR A 148 31.03 58.97 10.43
N GLN A 149 30.79 59.77 9.40
CA GLN A 149 29.68 60.70 9.39
C GLN A 149 28.87 60.26 8.20
N VAL A 150 27.54 60.34 8.34
CA VAL A 150 26.62 59.94 7.27
C VAL A 150 25.61 61.07 7.16
N ASP A 151 25.40 61.59 5.96
CA ASP A 151 24.49 62.69 5.73
C ASP A 151 23.17 62.23 5.14
N PRO A 152 22.16 63.09 5.15
CA PRO A 152 20.85 62.75 4.61
C PRO A 152 20.84 62.33 3.14
N SER A 153 21.89 62.65 2.39
CA SER A 153 21.93 62.26 0.99
C SER A 153 22.21 60.79 0.98
N GLY A 154 22.93 60.39 2.02
CA GLY A 154 23.35 59.02 2.20
C GLY A 154 24.85 58.96 2.07
N SER A 155 25.50 60.10 1.86
CA SER A 155 26.95 60.12 1.70
C SER A 155 27.54 59.86 3.05
N TYR A 156 28.71 59.23 3.10
CA TYR A 156 29.38 58.96 4.36
C TYR A 156 30.88 59.13 4.15
N PHE A 157 31.59 59.54 5.19
CA PHE A 157 33.03 59.76 5.08
C PHE A 157 33.68 59.46 6.41
N PRO A 158 34.97 59.07 6.37
CA PRO A 158 35.78 58.73 7.54
C PRO A 158 36.55 59.96 8.05
N TRP A 159 36.46 60.19 9.37
CA TRP A 159 37.08 61.33 10.03
C TRP A 159 38.09 61.04 11.10
N LYS A 160 39.04 61.96 11.26
CA LYS A 160 40.02 61.82 12.30
C LYS A 160 39.29 62.39 13.50
N ALA A 161 38.44 63.37 13.24
CA ALA A 161 37.62 64.02 14.27
C ALA A 161 36.67 64.94 13.54
N THR A 162 35.55 65.28 14.18
CA THR A 162 34.63 66.18 13.53
C THR A 162 33.50 66.53 14.43
N ALA A 163 32.63 67.38 13.93
CA ALA A 163 31.49 67.80 14.69
C ALA A 163 30.42 68.09 13.70
N ILE A 164 29.19 68.03 14.17
CA ILE A 164 28.06 68.26 13.29
C ILE A 164 26.97 69.02 14.05
N GLY A 165 26.13 69.74 13.34
CA GLY A 165 25.08 70.49 13.96
C GLY A 165 25.48 71.93 14.23
N LYS A 166 24.68 72.61 15.06
CA LYS A 166 24.85 74.00 15.46
C LYS A 166 26.27 74.57 15.37
N GLY A 167 27.06 74.37 16.41
CA GLY A 167 28.40 74.95 16.39
C GLY A 167 29.43 74.17 15.62
N SER A 168 29.01 73.45 14.57
CA SER A 168 29.94 72.63 13.84
C SER A 168 31.21 73.33 13.36
N VAL A 169 31.06 74.43 12.62
CA VAL A 169 32.24 75.12 12.11
C VAL A 169 33.28 75.48 13.14
N ALA A 170 32.87 76.16 14.19
CA ALA A 170 33.77 76.56 15.25
C ALA A 170 34.53 75.35 15.81
N ALA A 171 33.76 74.33 16.21
CA ALA A 171 34.29 73.11 16.78
C ALA A 171 35.21 72.39 15.80
N LYS A 172 34.81 72.33 14.54
CA LYS A 172 35.61 71.66 13.54
C LYS A 172 36.97 72.34 13.57
N THR A 173 36.93 73.65 13.70
CA THR A 173 38.15 74.43 13.76
C THR A 173 38.93 74.11 15.04
N PHE A 174 38.26 74.12 16.20
CA PHE A 174 38.94 73.82 17.47
C PHE A 174 39.63 72.47 17.45
N LEU A 175 38.95 71.47 16.91
CA LEU A 175 39.52 70.14 16.85
C LEU A 175 40.80 70.14 15.98
N GLU A 176 40.76 70.79 14.82
CA GLU A 176 41.93 70.82 13.93
C GLU A 176 43.24 71.24 14.55
N LYS A 177 43.18 71.98 15.64
CA LYS A 177 44.39 72.41 16.30
C LYS A 177 44.85 71.43 17.34
N ARG A 178 43.89 71.00 18.15
CA ARG A 178 44.14 70.05 19.23
C ARG A 178 44.58 68.66 18.78
N TRP A 179 43.93 68.13 17.74
CA TRP A 179 44.20 66.78 17.23
C TRP A 179 45.58 66.49 16.65
N ASN A 180 45.97 65.23 16.77
CA ASN A 180 47.24 64.74 16.26
C ASN A 180 47.15 63.21 16.30
N ASP A 181 48.01 62.51 15.56
CA ASP A 181 47.95 61.05 15.54
C ASP A 181 48.60 60.23 16.68
N GLU A 182 48.76 60.84 17.85
CA GLU A 182 49.34 60.15 19.00
C GLU A 182 48.51 60.34 20.27
N LEU A 183 47.24 60.64 20.09
CA LEU A 183 46.34 60.86 21.20
C LEU A 183 45.86 59.58 21.86
N GLU A 184 45.98 59.53 23.16
CA GLU A 184 45.51 58.41 23.92
C GLU A 184 44.05 58.79 24.18
N LEU A 185 43.16 57.82 24.28
CA LEU A 185 41.74 58.06 24.51
C LEU A 185 41.35 59.10 25.58
N GLU A 186 42.01 59.09 26.74
CA GLU A 186 41.69 60.04 27.81
C GLU A 186 41.79 61.48 27.33
N ASP A 187 42.85 61.72 26.56
CA ASP A 187 43.16 63.02 25.98
C ASP A 187 42.08 63.44 25.01
N ALA A 188 41.63 62.50 24.19
CA ALA A 188 40.58 62.81 23.27
C ALA A 188 39.30 63.10 24.04
N ILE A 189 39.02 62.30 25.07
CA ILE A 189 37.80 62.51 25.86
C ILE A 189 37.84 63.91 26.32
N HIS A 190 38.99 64.28 26.85
CA HIS A 190 39.25 65.62 27.34
C HIS A 190 38.92 66.60 26.21
N ILE A 191 39.64 66.49 25.10
CA ILE A 191 39.42 67.37 23.97
C ILE A 191 37.97 67.42 23.60
N ALA A 192 37.33 66.28 23.62
CA ALA A 192 35.93 66.25 23.28
C ALA A 192 35.20 67.12 24.28
N LEU A 193 35.57 66.97 25.54
CA LEU A 193 34.93 67.71 26.60
C LEU A 193 35.08 69.22 26.40
N LEU A 194 36.27 69.64 26.03
CA LEU A 194 36.53 71.06 25.80
C LEU A 194 35.70 71.58 24.64
N THR A 195 35.87 70.93 23.49
CA THR A 195 35.17 71.28 22.27
C THR A 195 33.68 71.32 22.55
N LEU A 196 33.21 70.39 23.34
CA LEU A 196 31.81 70.39 23.66
C LEU A 196 31.46 71.62 24.51
N LYS A 197 32.30 71.95 25.50
CA LYS A 197 32.04 73.09 26.37
C LYS A 197 31.72 74.35 25.61
N GLU A 198 32.51 74.62 24.58
CA GLU A 198 32.32 75.83 23.78
C GLU A 198 30.95 75.95 23.08
N SER A 199 30.35 74.81 22.74
CA SER A 199 29.04 74.82 22.07
C SER A 199 27.95 75.01 23.11
N VAL A 200 28.15 74.36 24.24
CA VAL A 200 27.20 74.42 25.32
C VAL A 200 27.03 75.81 25.87
N GLU A 201 25.78 76.24 25.81
CA GLU A 201 25.39 77.54 26.27
C GLU A 201 25.38 77.64 27.80
N GLY A 202 24.56 76.81 28.45
CA GLY A 202 24.44 76.88 29.89
C GLY A 202 25.18 75.93 30.83
N GLU A 203 24.42 75.02 31.45
CA GLU A 203 24.95 74.03 32.38
C GLU A 203 25.86 73.03 31.67
N PHE A 204 26.96 72.68 32.32
CA PHE A 204 27.91 71.71 31.74
C PHE A 204 28.38 70.76 32.82
N ASN A 205 27.84 69.55 32.77
CA ASN A 205 28.18 68.53 33.74
C ASN A 205 27.68 67.20 33.22
N GLY A 206 28.01 66.14 33.93
CA GLY A 206 27.58 64.82 33.53
C GLY A 206 26.08 64.62 33.47
N ASP A 207 25.28 65.65 33.73
CA ASP A 207 23.82 65.54 33.68
C ASP A 207 23.28 66.18 32.40
N THR A 208 24.20 66.71 31.61
CA THR A 208 23.82 67.39 30.39
C THR A 208 24.73 66.99 29.25
N ILE A 209 25.73 66.19 29.55
CA ILE A 209 26.67 65.74 28.55
C ILE A 209 26.42 64.25 28.40
N GLU A 210 26.48 63.78 27.17
CA GLU A 210 26.32 62.38 26.92
C GLU A 210 27.55 62.10 26.11
N LEU A 211 28.48 61.41 26.70
CA LEU A 211 29.70 61.13 26.01
C LEU A 211 29.93 59.64 26.10
N ALA A 212 30.21 59.01 24.98
CA ALA A 212 30.43 57.57 24.95
C ALA A 212 31.70 57.25 24.21
N ILE A 213 32.27 56.09 24.51
CA ILE A 213 33.49 55.72 23.86
C ILE A 213 33.49 54.34 23.24
N ILE A 214 34.52 54.07 22.45
CA ILE A 214 34.72 52.79 21.79
C ILE A 214 36.19 52.58 22.10
N GLY A 215 36.50 51.71 23.06
CA GLY A 215 37.90 51.49 23.41
C GLY A 215 38.34 50.06 23.65
N ASP A 216 38.88 49.80 24.84
CA ASP A 216 39.34 48.46 25.19
C ASP A 216 38.17 47.52 25.46
N GLU A 217 38.40 46.21 25.43
CA GLU A 217 37.32 45.26 25.69
C GLU A 217 36.93 45.27 27.17
N ASN A 218 35.64 45.23 27.48
CA ASN A 218 35.14 45.23 28.86
C ASN A 218 34.41 43.95 29.29
N PRO A 219 35.16 42.92 29.70
CA PRO A 219 34.55 41.67 30.12
C PRO A 219 33.53 41.85 31.21
N ASP A 220 33.77 42.79 32.13
CA ASP A 220 32.82 42.98 33.22
C ASP A 220 31.42 43.42 32.74
N LEU A 221 31.30 43.69 31.45
CA LEU A 221 30.03 44.11 30.89
C LEU A 221 29.34 43.00 30.10
N LEU A 222 30.06 41.90 29.90
CA LEU A 222 29.57 40.76 29.15
C LEU A 222 28.34 40.12 29.78
N GLY A 223 28.43 39.86 31.08
CA GLY A 223 27.32 39.26 31.82
C GLY A 223 27.41 37.74 32.00
N TYR A 224 28.49 37.15 31.51
CA TYR A 224 28.71 35.72 31.61
C TYR A 224 30.17 35.43 31.43
N THR A 225 30.65 34.32 31.98
CA THR A 225 32.05 33.96 31.81
C THR A 225 32.14 32.54 31.29
N GLY A 226 33.31 32.18 30.76
CA GLY A 226 33.50 30.84 30.28
C GLY A 226 33.84 30.65 28.82
N ILE A 227 33.74 31.69 28.04
CA ILE A 227 34.04 31.57 26.63
C ILE A 227 35.16 32.51 26.26
N PRO A 228 36.36 31.97 25.99
CA PRO A 228 37.57 32.73 25.61
C PRO A 228 37.72 33.32 24.18
N THR A 229 36.64 33.77 23.55
CA THR A 229 36.73 34.37 22.22
C THR A 229 35.96 35.70 22.23
N ASP A 230 34.83 35.71 22.93
CA ASP A 230 34.01 36.91 23.08
C ASP A 230 34.64 37.62 24.28
N LYS A 231 35.66 38.44 24.04
CA LYS A 231 36.35 39.13 25.13
C LYS A 231 35.57 40.24 25.80
N GLY A 232 34.43 40.62 25.21
CA GLY A 232 33.60 41.67 25.78
C GLY A 232 33.36 42.83 24.85
N PRO A 233 32.26 43.58 25.04
CA PRO A 233 31.95 44.74 24.19
C PRO A 233 32.96 45.88 24.38
N ARG A 234 33.29 46.59 23.31
CA ARG A 234 34.22 47.71 23.40
C ARG A 234 33.51 49.09 23.53
N PHE A 235 32.19 49.11 23.45
CA PHE A 235 31.40 50.35 23.57
C PHE A 235 30.92 50.60 25.00
N ARG A 236 31.33 51.74 25.57
CA ARG A 236 30.93 52.11 26.92
C ARG A 236 30.41 53.51 27.01
N LYS A 237 29.26 53.65 27.64
CA LYS A 237 28.67 54.95 27.82
C LYS A 237 29.27 55.41 29.15
N LEU A 238 29.82 56.62 29.17
CA LEU A 238 30.37 57.12 30.43
C LEU A 238 29.22 57.47 31.36
N THR A 239 29.44 57.32 32.64
CA THR A 239 28.41 57.63 33.60
C THR A 239 28.57 59.10 33.94
N SER A 240 27.53 59.66 34.54
CA SER A 240 27.57 61.07 34.94
C SER A 240 28.87 61.34 35.72
N GLN A 241 29.10 60.54 36.75
CA GLN A 241 30.28 60.68 37.60
C GLN A 241 31.58 60.63 36.79
N GLU A 242 31.69 59.67 35.88
CA GLU A 242 32.91 59.57 35.10
C GLU A 242 33.18 60.82 34.28
N ILE A 243 32.12 61.47 33.81
CA ILE A 243 32.30 62.70 33.03
C ILE A 243 32.83 63.79 33.96
N ASN A 244 32.11 64.02 35.08
CA ASN A 244 32.50 65.04 36.07
C ASN A 244 33.97 64.93 36.50
N ASP A 245 34.44 63.72 36.78
CA ASP A 245 35.84 63.48 37.19
C ASP A 245 36.85 64.04 36.17
N ARG A 246 36.40 64.25 34.94
CA ARG A 246 37.27 64.82 33.92
C ARG A 246 36.93 66.29 33.75
N LEU A 247 35.71 66.66 34.13
CA LEU A 247 35.25 68.04 34.05
C LEU A 247 35.98 68.84 35.09
N GLU A 248 36.11 68.27 36.27
CA GLU A 248 36.80 68.90 37.38
C GLU A 248 38.33 68.89 37.16
N ALA A 249 38.74 68.65 35.92
CA ALA A 249 40.14 68.63 35.50
C ALA A 249 40.13 69.34 34.15
N LEU A 250 39.50 70.52 34.15
CA LEU A 250 39.34 71.39 32.98
C LEU A 250 40.68 72.00 32.52
N GLY B 1 -6.60 65.10 -3.99
CA GLY B 1 -5.99 63.96 -4.74
C GLY B 1 -4.50 63.80 -4.50
N SER B 2 -3.87 62.76 -5.05
CA SER B 2 -2.44 62.47 -4.89
C SER B 2 -1.62 63.09 -6.01
N ARG B 3 -2.16 63.02 -7.22
CA ARG B 3 -1.52 63.55 -8.43
C ARG B 3 -0.96 64.93 -8.14
N ARG B 4 -1.74 65.69 -7.38
CA ARG B 4 -1.42 67.05 -7.01
C ARG B 4 0.04 67.29 -6.65
N TYR B 5 0.69 66.31 -6.03
CA TYR B 5 2.08 66.47 -5.63
C TYR B 5 3.12 65.71 -6.44
N ASP B 6 2.73 65.27 -7.63
CA ASP B 6 3.59 64.51 -8.50
C ASP B 6 4.42 65.38 -9.46
N SER B 7 5.74 65.23 -9.44
CA SER B 7 6.60 66.02 -10.31
C SER B 7 6.74 65.50 -11.75
N ARG B 8 6.23 64.29 -12.03
CA ARG B 8 6.33 63.70 -13.36
C ARG B 8 7.79 63.69 -13.80
N THR B 9 8.59 62.87 -13.13
CA THR B 9 10.00 62.81 -13.42
C THR B 9 10.40 62.22 -14.77
N THR B 10 9.47 61.64 -15.49
CA THR B 10 9.81 61.01 -16.77
C THR B 10 9.14 61.62 -17.96
N ILE B 11 8.98 62.94 -17.97
CA ILE B 11 8.35 63.50 -19.14
C ILE B 11 9.30 64.26 -20.03
N PHE B 12 8.87 64.47 -21.26
CA PHE B 12 9.63 65.16 -22.26
C PHE B 12 9.27 66.64 -22.24
N SER B 13 10.25 67.46 -22.54
CA SER B 13 10.05 68.90 -22.61
C SER B 13 9.48 69.10 -24.01
N PRO B 14 9.04 70.33 -24.35
CA PRO B 14 8.50 70.56 -25.69
C PRO B 14 9.60 70.43 -26.74
N GLU B 15 10.83 70.41 -26.28
CA GLU B 15 12.02 70.27 -27.12
C GLU B 15 12.50 68.80 -27.25
N GLY B 16 11.78 67.85 -26.64
CA GLY B 16 12.18 66.45 -26.70
C GLY B 16 13.41 66.14 -25.85
N ARG B 17 13.46 66.72 -24.67
CA ARG B 17 14.57 66.49 -23.77
C ARG B 17 13.93 66.07 -22.48
N LEU B 18 14.63 65.24 -21.73
CA LEU B 18 14.10 64.75 -20.48
C LEU B 18 14.59 65.68 -19.39
N TYR B 19 13.67 66.48 -18.85
CA TYR B 19 14.02 67.44 -17.81
C TYR B 19 15.01 66.88 -16.80
N GLN B 20 14.55 65.93 -16.00
CA GLN B 20 15.35 65.33 -14.94
C GLN B 20 16.69 64.80 -15.34
N VAL B 21 16.81 64.28 -16.54
CA VAL B 21 18.11 63.79 -16.95
C VAL B 21 19.00 64.99 -17.09
N GLU B 22 18.48 65.98 -17.81
CA GLU B 22 19.20 67.21 -18.04
C GLU B 22 19.60 67.81 -16.70
N TYR B 23 18.64 67.98 -15.82
CA TYR B 23 18.93 68.56 -14.51
C TYR B 23 19.90 67.70 -13.67
N ALA B 24 19.95 66.39 -13.92
CA ALA B 24 20.86 65.55 -13.17
C ALA B 24 22.26 65.76 -13.71
N LEU B 25 22.36 65.86 -15.04
CA LEU B 25 23.63 66.07 -15.72
C LEU B 25 24.27 67.35 -15.22
N GLU B 26 23.41 68.30 -14.85
CA GLU B 26 23.81 69.58 -14.31
C GLU B 26 24.42 69.33 -12.94
N SER B 27 23.68 68.63 -12.09
CA SER B 27 24.16 68.31 -10.75
C SER B 27 25.57 67.76 -10.85
N ILE B 28 25.73 66.84 -11.80
CA ILE B 28 27.01 66.18 -12.02
C ILE B 28 28.14 67.11 -12.39
N SER B 29 27.89 68.09 -13.23
CA SER B 29 28.94 68.99 -13.63
C SER B 29 29.52 69.78 -12.46
N HIS B 30 28.87 69.75 -11.31
CA HIS B 30 29.38 70.46 -10.13
C HIS B 30 30.28 69.54 -9.31
N ALA B 31 30.33 68.26 -9.69
CA ALA B 31 31.10 67.25 -8.96
C ALA B 31 32.56 67.14 -9.36
N GLY B 32 33.40 66.64 -8.45
CA GLY B 32 34.82 66.50 -8.74
C GLY B 32 35.09 65.85 -10.08
N THR B 33 36.16 66.28 -10.73
CA THR B 33 36.49 65.74 -12.04
C THR B 33 37.19 64.39 -11.95
N ALA B 34 36.76 63.47 -12.79
CA ALA B 34 37.34 62.14 -12.87
C ALA B 34 37.82 62.02 -14.29
N ILE B 35 38.94 61.34 -14.46
CA ILE B 35 39.51 61.18 -15.77
C ILE B 35 39.96 59.77 -15.96
N GLY B 36 39.77 59.29 -17.18
CA GLY B 36 40.18 57.95 -17.54
C GLY B 36 40.92 58.03 -18.84
N ILE B 37 42.13 57.47 -18.88
CA ILE B 37 42.95 57.46 -20.08
C ILE B 37 43.36 56.04 -20.42
N MET B 38 43.08 55.66 -21.66
CA MET B 38 43.33 54.33 -22.15
C MET B 38 44.60 54.24 -22.97
N ALA B 39 45.54 53.44 -22.49
CA ALA B 39 46.82 53.23 -23.13
C ALA B 39 46.88 51.92 -23.93
N SER B 40 48.08 51.54 -24.35
CA SER B 40 48.25 50.32 -25.12
C SER B 40 48.62 49.18 -24.20
N ASP B 41 48.79 49.48 -22.92
CA ASP B 41 49.16 48.47 -21.95
C ASP B 41 48.66 48.85 -20.57
N GLY B 42 47.56 49.59 -20.53
CA GLY B 42 47.00 50.01 -19.26
C GLY B 42 45.91 51.03 -19.44
N ILE B 43 45.25 51.38 -18.36
CA ILE B 43 44.23 52.37 -18.41
C ILE B 43 44.40 53.09 -17.11
N VAL B 44 44.17 54.39 -17.13
CA VAL B 44 44.33 55.15 -15.93
C VAL B 44 43.05 55.82 -15.61
N LEU B 45 42.74 55.83 -14.33
CA LEU B 45 41.55 56.48 -13.83
C LEU B 45 42.11 57.39 -12.77
N ALA B 46 41.68 58.64 -12.77
CA ALA B 46 42.18 59.59 -11.81
C ALA B 46 40.98 60.41 -11.42
N ALA B 47 40.92 60.82 -10.18
CA ALA B 47 39.79 61.60 -9.75
C ALA B 47 40.21 62.65 -8.75
N GLU B 48 39.56 63.79 -8.85
CA GLU B 48 39.75 64.97 -8.01
C GLU B 48 38.66 64.93 -6.96
N ARG B 49 39.03 64.99 -5.69
CA ARG B 49 38.07 64.95 -4.61
C ARG B 49 37.41 66.29 -4.28
N LYS B 50 36.12 66.24 -3.97
CA LYS B 50 35.34 67.40 -3.60
C LYS B 50 35.09 67.20 -2.09
N VAL B 51 35.04 68.29 -1.31
CA VAL B 51 34.82 68.27 0.16
C VAL B 51 36.07 67.74 0.89
N THR B 52 36.91 68.67 1.29
CA THR B 52 38.15 68.31 1.96
C THR B 52 38.31 69.03 3.27
N SER B 53 39.39 68.70 3.96
CA SER B 53 39.71 69.30 5.25
C SER B 53 41.00 68.68 5.77
N THR B 54 41.58 69.33 6.77
CA THR B 54 42.81 68.85 7.38
C THR B 54 42.48 67.55 8.12
N LEU B 55 41.28 67.50 8.70
CA LEU B 55 40.78 66.37 9.49
C LEU B 55 40.25 65.11 8.81
N LEU B 56 39.85 65.23 7.54
CA LEU B 56 39.33 64.11 6.81
C LEU B 56 40.40 63.06 6.66
N GLU B 57 40.02 61.79 6.84
CA GLU B 57 40.96 60.66 6.72
C GLU B 57 41.03 60.14 5.28
N GLN B 58 42.08 60.52 4.54
CA GLN B 58 42.26 60.10 3.14
C GLN B 58 42.79 58.67 2.99
N ASP B 59 43.48 58.16 4.01
CA ASP B 59 44.01 56.79 3.98
C ASP B 59 42.89 55.82 3.64
N THR B 60 42.01 55.58 4.62
CA THR B 60 40.87 54.68 4.50
C THR B 60 39.71 55.35 3.80
N SER B 61 39.97 55.95 2.65
CA SER B 61 38.93 56.62 1.91
C SER B 61 38.96 56.17 0.48
N THR B 62 37.78 56.10 -0.13
CA THR B 62 37.60 55.65 -1.50
C THR B 62 36.26 56.20 -1.98
N GLU B 63 36.18 57.52 -2.19
CA GLU B 63 34.90 58.08 -2.61
C GLU B 63 34.68 58.24 -4.11
N LYS B 64 35.66 57.88 -4.91
CA LYS B 64 35.48 58.06 -6.35
C LYS B 64 35.88 56.91 -7.24
N LEU B 65 36.80 56.07 -6.77
CA LEU B 65 37.27 54.94 -7.55
C LEU B 65 36.86 53.64 -6.91
N TYR B 66 36.03 52.86 -7.61
CA TYR B 66 35.58 51.59 -7.07
C TYR B 66 35.90 50.42 -7.98
N LYS B 67 36.11 49.27 -7.36
CA LYS B 67 36.43 48.05 -8.05
C LYS B 67 35.11 47.36 -8.33
N LEU B 68 34.82 47.07 -9.59
CA LEU B 68 33.56 46.39 -9.92
C LEU B 68 33.77 44.87 -9.89
N ASN B 69 34.98 44.45 -10.21
CA ASN B 69 35.36 43.05 -10.23
C ASN B 69 36.85 43.10 -10.47
N ASP B 70 37.52 41.97 -10.39
CA ASP B 70 38.98 41.97 -10.59
C ASP B 70 39.50 42.57 -11.90
N LYS B 71 38.67 42.69 -12.92
CA LYS B 71 39.12 43.22 -14.19
C LYS B 71 38.42 44.50 -14.62
N ILE B 72 37.61 45.08 -13.75
CA ILE B 72 36.85 46.27 -14.10
C ILE B 72 36.72 47.18 -12.92
N ALA B 73 36.78 48.49 -13.18
CA ALA B 73 36.60 49.48 -12.13
C ALA B 73 35.89 50.67 -12.73
N VAL B 74 35.36 51.52 -11.87
CA VAL B 74 34.67 52.71 -12.31
C VAL B 74 35.08 53.91 -11.50
N ALA B 75 35.02 55.07 -12.13
CA ALA B 75 35.31 56.35 -11.49
C ALA B 75 33.92 56.98 -11.50
N VAL B 76 33.55 57.62 -10.41
CA VAL B 76 32.24 58.22 -10.28
C VAL B 76 32.21 59.74 -10.25
N ALA B 77 31.09 60.30 -10.67
CA ALA B 77 30.93 61.73 -10.62
C ALA B 77 29.48 61.92 -10.31
N GLY B 78 29.19 62.39 -9.11
CA GLY B 78 27.81 62.62 -8.74
C GLY B 78 27.61 62.26 -7.29
N LEU B 79 26.35 62.03 -6.94
CA LEU B 79 25.98 61.68 -5.59
C LEU B 79 26.71 60.42 -5.27
N THR B 80 27.59 60.45 -4.28
CA THR B 80 28.34 59.26 -3.92
C THR B 80 27.41 58.14 -3.49
N ALA B 81 26.28 58.50 -2.90
CA ALA B 81 25.33 57.50 -2.43
C ALA B 81 24.58 56.85 -3.58
N ASP B 82 24.04 57.68 -4.49
CA ASP B 82 23.33 57.17 -5.65
C ASP B 82 24.27 56.18 -6.32
N ALA B 83 25.54 56.53 -6.36
CA ALA B 83 26.53 55.69 -6.97
C ALA B 83 26.61 54.32 -6.35
N GLU B 84 26.82 54.26 -5.05
CA GLU B 84 26.94 52.97 -4.39
C GLU B 84 25.83 52.03 -4.79
N ILE B 85 24.60 52.52 -4.82
CA ILE B 85 23.48 51.67 -5.22
C ILE B 85 23.74 50.98 -6.56
N LEU B 86 24.12 51.74 -7.57
CA LEU B 86 24.38 51.21 -8.89
C LEU B 86 25.55 50.28 -8.85
N ILE B 87 26.58 50.66 -8.10
CA ILE B 87 27.78 49.86 -7.98
C ILE B 87 27.50 48.51 -7.35
N ASN B 88 26.69 48.48 -6.30
CA ASN B 88 26.41 47.22 -5.67
C ASN B 88 25.68 46.37 -6.68
N THR B 89 24.71 46.93 -7.39
CA THR B 89 24.03 46.09 -8.34
C THR B 89 24.95 45.67 -9.46
N ALA B 90 25.87 46.51 -9.88
CA ALA B 90 26.77 46.12 -10.96
C ALA B 90 27.70 45.02 -10.52
N ARG B 91 28.09 45.02 -9.26
CA ARG B 91 28.98 44.00 -8.72
C ARG B 91 28.33 42.61 -8.74
N ILE B 92 27.04 42.58 -8.45
CA ILE B 92 26.29 41.34 -8.47
C ILE B 92 26.18 40.82 -9.92
N HIS B 93 25.69 41.63 -10.85
CA HIS B 93 25.56 41.15 -12.23
C HIS B 93 26.86 40.55 -12.72
N ALA B 94 28.00 41.07 -12.27
CA ALA B 94 29.27 40.51 -12.69
C ALA B 94 29.36 39.09 -12.22
N GLN B 95 29.02 38.87 -10.95
CA GLN B 95 29.07 37.55 -10.35
C GLN B 95 28.01 36.61 -10.91
N ASN B 96 26.87 37.14 -11.29
CA ASN B 96 25.83 36.30 -11.89
C ASN B 96 26.35 35.77 -13.22
N TYR B 97 26.90 36.65 -14.05
CA TYR B 97 27.44 36.24 -15.34
C TYR B 97 28.51 35.18 -15.09
N LEU B 98 29.36 35.40 -14.09
CA LEU B 98 30.39 34.42 -13.80
C LEU B 98 29.77 33.05 -13.51
N LYS B 99 28.84 33.00 -12.56
CA LYS B 99 28.18 31.75 -12.20
C LYS B 99 27.55 31.07 -13.41
N THR B 100 26.85 31.84 -14.22
CA THR B 100 26.19 31.29 -15.37
C THR B 100 27.09 30.78 -16.49
N TYR B 101 28.17 31.46 -16.79
CA TYR B 101 29.00 31.07 -17.92
C TYR B 101 30.40 30.61 -17.54
N ASN B 102 30.77 30.79 -16.30
CA ASN B 102 32.11 30.44 -15.88
C ASN B 102 33.23 31.13 -16.64
N GLU B 103 32.97 32.38 -17.01
CA GLU B 103 33.91 33.25 -17.70
C GLU B 103 33.69 34.62 -17.09
N ASP B 104 34.72 35.46 -17.01
CA ASP B 104 34.54 36.81 -16.46
C ASP B 104 33.62 37.60 -17.38
N ILE B 105 32.86 38.54 -16.85
CA ILE B 105 31.93 39.28 -17.71
C ILE B 105 32.64 40.26 -18.59
N PRO B 106 32.22 40.33 -19.85
CA PRO B 106 32.79 41.26 -20.81
C PRO B 106 32.44 42.68 -20.39
N VAL B 107 33.44 43.55 -20.38
CA VAL B 107 33.27 44.94 -19.96
C VAL B 107 32.03 45.61 -20.49
N GLU B 108 31.78 45.50 -21.78
CA GLU B 108 30.61 46.15 -22.33
C GLU B 108 29.33 45.59 -21.77
N ILE B 109 29.29 44.29 -21.52
CA ILE B 109 28.06 43.70 -21.02
C ILE B 109 27.75 44.30 -19.68
N LEU B 110 28.77 44.41 -18.84
CA LEU B 110 28.56 44.98 -17.52
C LEU B 110 28.01 46.39 -17.70
N VAL B 111 28.70 47.17 -18.53
CA VAL B 111 28.35 48.54 -18.83
C VAL B 111 26.92 48.69 -19.32
N ARG B 112 26.59 47.98 -20.39
CA ARG B 112 25.26 48.07 -20.96
C ARG B 112 24.21 47.80 -19.92
N ARG B 113 24.44 46.81 -19.07
CA ARG B 113 23.44 46.49 -18.08
C ARG B 113 23.19 47.65 -17.17
N LEU B 114 24.26 48.21 -16.62
CA LEU B 114 24.14 49.38 -15.75
C LEU B 114 23.37 50.50 -16.41
N SER B 115 23.74 50.80 -17.66
CA SER B 115 23.09 51.86 -18.43
C SER B 115 21.61 51.61 -18.64
N ASP B 116 21.23 50.36 -18.79
CA ASP B 116 19.83 50.07 -18.98
C ASP B 116 19.04 50.33 -17.73
N ILE B 117 19.65 50.16 -16.57
CA ILE B 117 18.95 50.41 -15.32
C ILE B 117 18.68 51.89 -15.22
N LYS B 118 19.65 52.68 -15.62
CA LYS B 118 19.53 54.14 -15.64
C LYS B 118 18.40 54.55 -16.57
N GLN B 119 18.41 54.03 -17.78
CA GLN B 119 17.37 54.35 -18.74
C GLN B 119 16.00 54.08 -18.16
N GLY B 120 15.92 53.13 -17.25
CA GLY B 120 14.64 52.78 -16.67
C GLY B 120 14.02 53.93 -15.93
N TYR B 121 14.82 54.52 -15.06
CA TYR B 121 14.39 55.66 -14.26
C TYR B 121 13.98 56.82 -15.15
N THR B 122 14.43 56.76 -16.38
CA THR B 122 14.15 57.73 -17.42
C THR B 122 12.80 57.53 -18.07
N GLN B 123 12.36 56.28 -18.21
CA GLN B 123 11.10 56.01 -18.93
C GLN B 123 9.84 55.56 -18.21
N HIS B 124 9.98 55.06 -17.00
CA HIS B 124 8.80 54.64 -16.28
C HIS B 124 9.15 54.60 -14.84
N GLY B 125 8.15 54.66 -13.98
CA GLY B 125 8.44 54.61 -12.57
C GLY B 125 8.03 55.84 -11.82
N GLY B 126 8.44 57.01 -12.28
CA GLY B 126 8.08 58.22 -11.59
C GLY B 126 9.04 58.52 -10.48
N LEU B 127 10.28 58.09 -10.62
CA LEU B 127 11.27 58.36 -9.58
C LEU B 127 12.38 59.22 -10.16
N ARG B 128 13.17 59.84 -9.29
CA ARG B 128 14.24 60.68 -9.78
C ARG B 128 15.32 59.73 -10.27
N PRO B 129 16.10 60.16 -11.26
CA PRO B 129 17.17 59.32 -11.79
C PRO B 129 18.27 59.37 -10.80
N PHE B 130 19.42 58.81 -11.16
CA PHE B 130 20.53 58.83 -10.24
C PHE B 130 21.44 59.91 -10.69
N GLY B 131 21.86 60.77 -9.77
CA GLY B 131 22.74 61.84 -10.16
C GLY B 131 24.12 61.29 -10.25
N VAL B 132 24.40 60.44 -11.22
CA VAL B 132 25.73 59.85 -11.31
C VAL B 132 26.22 59.61 -12.72
N SER B 133 27.54 59.66 -12.93
CA SER B 133 28.15 59.38 -14.22
C SER B 133 29.38 58.58 -13.90
N PHE B 134 29.63 57.56 -14.69
CA PHE B 134 30.77 56.69 -14.49
C PHE B 134 31.65 56.65 -15.70
N ILE B 135 32.90 56.30 -15.44
CA ILE B 135 33.90 56.04 -16.46
C ILE B 135 34.28 54.61 -16.05
N TYR B 136 34.21 53.66 -16.97
CA TYR B 136 34.56 52.29 -16.64
C TYR B 136 35.85 51.96 -17.29
N ALA B 137 36.76 51.40 -16.50
CA ALA B 137 38.06 51.00 -16.97
C ALA B 137 38.08 49.50 -16.75
N GLY B 138 38.18 48.72 -17.83
CA GLY B 138 38.19 47.29 -17.67
C GLY B 138 38.94 46.60 -18.77
N TYR B 139 39.24 45.32 -18.56
CA TYR B 139 39.96 44.51 -19.54
C TYR B 139 39.23 43.22 -19.85
N ASP B 140 39.35 42.75 -21.09
CA ASP B 140 38.74 41.48 -21.44
C ASP B 140 39.31 40.84 -22.68
N ASP B 141 39.17 39.53 -22.76
CA ASP B 141 39.66 38.71 -23.88
C ASP B 141 39.22 39.12 -25.29
N ARG B 142 38.08 39.79 -25.40
CA ARG B 142 37.54 40.16 -26.71
C ARG B 142 38.04 41.48 -27.27
N TYR B 143 38.13 42.48 -26.41
CA TYR B 143 38.53 43.80 -26.85
C TYR B 143 39.75 44.36 -26.10
N GLY B 144 40.12 43.72 -24.99
CA GLY B 144 41.26 44.18 -24.23
C GLY B 144 40.92 45.32 -23.30
N TYR B 145 41.66 46.41 -23.45
CA TYR B 145 41.51 47.58 -22.63
C TYR B 145 40.36 48.39 -23.14
N GLN B 146 39.46 48.75 -22.23
CA GLN B 146 38.30 49.51 -22.61
C GLN B 146 38.00 50.60 -21.60
N LEU B 147 37.43 51.68 -22.09
CA LEU B 147 37.11 52.81 -21.26
C LEU B 147 35.76 53.19 -21.79
N TYR B 148 34.79 53.36 -20.91
CA TYR B 148 33.47 53.73 -21.37
C TYR B 148 32.94 54.77 -20.44
N THR B 149 31.73 55.23 -20.70
CA THR B 149 31.14 56.22 -19.84
C THR B 149 29.62 56.16 -19.91
N SER B 150 28.97 56.41 -18.80
CA SER B 150 27.52 56.39 -18.76
C SER B 150 27.09 57.55 -17.89
N ASN B 151 25.86 57.99 -18.10
CA ASN B 151 25.32 59.13 -17.40
C ASN B 151 23.84 58.92 -17.17
N PRO B 152 23.18 59.82 -16.42
CA PRO B 152 21.75 59.70 -16.14
C PRO B 152 20.76 59.26 -17.22
N SER B 153 21.02 59.57 -18.48
CA SER B 153 20.09 59.21 -19.54
C SER B 153 20.20 57.75 -19.85
N GLY B 154 21.29 57.15 -19.42
CA GLY B 154 21.53 55.75 -19.67
C GLY B 154 22.23 55.52 -20.99
N ASN B 155 22.78 56.56 -21.58
CA ASN B 155 23.47 56.37 -22.84
C ASN B 155 24.91 56.11 -22.46
N TYR B 156 25.60 55.26 -23.20
CA TYR B 156 27.00 54.98 -22.92
C TYR B 156 27.74 55.03 -24.23
N THR B 157 29.05 55.28 -24.14
CA THR B 157 29.91 55.39 -25.31
C THR B 157 31.33 55.04 -24.88
N GLY B 158 32.21 54.72 -25.85
CA GLY B 158 33.58 54.35 -25.52
C GLY B 158 34.64 55.40 -25.86
N TRP B 159 35.74 55.42 -25.12
CA TRP B 159 36.74 56.43 -25.35
C TRP B 159 38.18 55.99 -25.25
N LYS B 160 39.08 56.84 -25.73
CA LYS B 160 40.50 56.56 -25.63
C LYS B 160 40.99 57.36 -24.44
N ALA B 161 40.26 58.43 -24.12
CA ALA B 161 40.53 59.28 -22.96
C ALA B 161 39.26 60.05 -22.72
N ILE B 162 38.88 60.27 -21.48
CA ILE B 162 37.64 60.99 -21.25
C ILE B 162 37.66 61.53 -19.84
N SER B 163 36.66 62.36 -19.53
CA SER B 163 36.57 62.96 -18.22
C SER B 163 35.10 63.20 -17.96
N VAL B 164 34.75 63.34 -16.70
CA VAL B 164 33.38 63.55 -16.33
C VAL B 164 33.43 64.44 -15.13
N GLY B 165 32.30 65.05 -14.84
CA GLY B 165 32.21 65.95 -13.70
C GLY B 165 32.37 67.40 -14.14
N ALA B 166 33.02 68.18 -13.29
CA ALA B 166 33.25 69.58 -13.58
C ALA B 166 34.37 69.77 -14.58
N ASN B 167 34.25 70.84 -15.36
CA ASN B 167 35.25 71.24 -16.35
C ASN B 167 35.53 70.20 -17.40
N THR B 168 34.48 69.54 -17.87
CA THR B 168 34.67 68.53 -18.88
C THR B 168 35.27 69.15 -20.13
N SER B 169 34.61 70.19 -20.66
CA SER B 169 35.06 70.86 -21.88
C SER B 169 36.51 71.23 -21.84
N ALA B 170 36.95 71.78 -20.71
CA ALA B 170 38.33 72.17 -20.55
C ALA B 170 39.24 70.96 -20.67
N ALA B 171 39.04 69.99 -19.77
CA ALA B 171 39.86 68.78 -19.73
C ALA B 171 39.84 68.04 -21.06
N GLN B 172 38.68 67.95 -21.67
CA GLN B 172 38.53 67.26 -22.95
C GLN B 172 39.42 67.91 -23.99
N THR B 173 39.32 69.23 -24.13
CA THR B 173 40.15 69.95 -25.09
C THR B 173 41.62 69.65 -24.82
N LEU B 174 42.00 69.73 -23.55
CA LEU B 174 43.39 69.48 -23.17
C LEU B 174 43.76 68.06 -23.51
N LEU B 175 42.82 67.15 -23.34
CA LEU B 175 43.04 65.74 -23.65
C LEU B 175 43.18 65.55 -25.14
N GLN B 176 42.32 66.21 -25.91
CA GLN B 176 42.38 66.08 -27.36
C GLN B 176 43.68 66.68 -27.87
N MET B 177 44.24 67.59 -27.10
CA MET B 177 45.47 68.24 -27.46
C MET B 177 46.73 67.39 -27.34
N ASP B 178 46.98 66.82 -26.16
CA ASP B 178 48.19 66.01 -25.99
C ASP B 178 48.11 64.46 -26.02
N TYR B 179 46.91 63.89 -26.22
CA TYR B 179 46.78 62.44 -26.28
C TYR B 179 47.13 61.93 -27.66
N LYS B 180 47.79 60.77 -27.71
CA LYS B 180 48.17 60.16 -28.98
C LYS B 180 48.03 58.65 -28.93
N ASP B 181 47.40 58.09 -29.96
CA ASP B 181 47.12 56.67 -30.08
C ASP B 181 48.10 55.63 -29.55
N ASP B 182 49.41 55.84 -29.68
CA ASP B 182 50.36 54.86 -29.19
C ASP B 182 51.05 55.26 -27.89
N MET B 183 50.29 55.79 -26.94
CA MET B 183 50.85 56.21 -25.66
C MET B 183 51.32 55.06 -24.77
N LYS B 184 51.63 55.36 -23.50
CA LYS B 184 52.10 54.37 -22.55
C LYS B 184 51.52 54.73 -21.16
N VAL B 185 51.27 53.73 -20.31
CA VAL B 185 50.70 53.96 -19.00
C VAL B 185 51.35 55.08 -18.20
N ASP B 186 52.64 54.93 -17.93
CA ASP B 186 53.35 55.96 -17.17
C ASP B 186 53.10 57.34 -17.75
N ASP B 187 52.93 57.42 -19.07
CA ASP B 187 52.68 58.70 -19.74
C ASP B 187 51.25 59.17 -19.53
N ALA B 188 50.32 58.22 -19.64
CA ALA B 188 48.90 58.52 -19.47
C ALA B 188 48.69 59.08 -18.09
N ILE B 189 49.46 58.55 -17.15
CA ILE B 189 49.38 59.01 -15.79
C ILE B 189 49.63 60.51 -15.81
N GLU B 190 50.81 60.87 -16.27
CA GLU B 190 51.21 62.27 -16.35
C GLU B 190 50.11 63.10 -16.97
N LEU B 191 49.68 62.70 -18.16
CA LEU B 191 48.66 63.44 -18.83
C LEU B 191 47.46 63.63 -17.94
N ALA B 192 47.01 62.53 -17.33
CA ALA B 192 45.85 62.60 -16.45
C ALA B 192 46.04 63.64 -15.39
N LEU B 193 47.18 63.55 -14.71
CA LEU B 193 47.49 64.48 -13.64
C LEU B 193 47.48 65.88 -14.19
N LYS B 194 48.22 66.08 -15.26
CA LYS B 194 48.32 67.37 -15.91
C LYS B 194 46.93 67.92 -16.12
N THR B 195 46.11 67.15 -16.82
CA THR B 195 44.77 67.58 -17.09
C THR B 195 44.05 68.01 -15.85
N LEU B 196 44.10 67.19 -14.81
CA LEU B 196 43.40 67.57 -13.58
C LEU B 196 43.96 68.90 -13.12
N SER B 197 45.29 69.00 -13.16
CA SER B 197 46.00 70.22 -12.76
C SER B 197 45.49 71.50 -13.40
N LYS B 198 45.16 71.45 -14.68
CA LYS B 198 44.69 72.65 -15.37
C LYS B 198 43.17 72.86 -15.37
N THR B 199 42.45 72.04 -14.61
CA THR B 199 41.00 72.17 -14.52
C THR B 199 40.57 72.39 -13.09
N THR B 200 41.44 72.02 -12.16
CA THR B 200 41.16 72.17 -10.74
C THR B 200 40.68 73.57 -10.38
N ASP B 201 39.67 73.63 -9.52
CA ASP B 201 39.12 74.89 -9.07
C ASP B 201 39.78 75.24 -7.74
N SER B 202 40.85 74.53 -7.40
CA SER B 202 41.60 74.74 -6.17
C SER B 202 43.00 75.27 -6.50
N SER B 203 43.76 75.62 -5.48
CA SER B 203 45.10 76.16 -5.66
C SER B 203 46.08 75.18 -6.30
N ALA B 204 46.43 74.13 -5.57
CA ALA B 204 47.37 73.14 -6.06
C ALA B 204 46.83 71.73 -5.93
N LEU B 205 47.31 70.88 -6.83
CA LEU B 205 46.90 69.50 -6.85
C LEU B 205 47.73 68.68 -5.88
N THR B 206 47.22 68.54 -4.67
CA THR B 206 47.91 67.80 -3.63
C THR B 206 47.39 66.39 -3.59
N TYR B 207 48.20 65.49 -3.05
CA TYR B 207 47.82 64.08 -2.97
C TYR B 207 46.48 63.86 -2.28
N ASP B 208 46.30 64.50 -1.13
CA ASP B 208 45.08 64.38 -0.37
C ASP B 208 43.81 64.73 -1.14
N ARG B 209 43.97 65.33 -2.31
CA ARG B 209 42.80 65.70 -3.09
C ARG B 209 42.61 64.78 -4.29
N LEU B 210 43.43 63.76 -4.39
CA LEU B 210 43.36 62.89 -5.54
C LEU B 210 43.11 61.41 -5.29
N GLU B 211 42.63 60.75 -6.32
CA GLU B 211 42.40 59.33 -6.29
C GLU B 211 42.95 58.88 -7.62
N PHE B 212 43.81 57.86 -7.59
CA PHE B 212 44.45 57.35 -8.79
C PHE B 212 44.39 55.85 -8.90
N ALA B 213 44.17 55.35 -10.11
CA ALA B 213 44.08 53.91 -10.35
C ALA B 213 44.51 53.54 -11.74
N THR B 214 45.17 52.40 -11.85
CA THR B 214 45.61 51.90 -13.14
C THR B 214 45.28 50.42 -13.27
N ILE B 215 45.04 49.99 -14.49
CA ILE B 215 44.74 48.59 -14.73
C ILE B 215 45.83 48.14 -15.69
N ARG B 216 46.83 47.44 -15.17
CA ARG B 216 47.95 46.99 -15.99
C ARG B 216 47.99 45.49 -16.20
N LYS B 217 48.33 45.08 -17.42
CA LYS B 217 48.48 43.66 -17.73
C LYS B 217 49.98 43.43 -17.78
N GLY B 218 50.58 43.24 -16.60
CA GLY B 218 52.02 43.01 -16.51
C GLY B 218 52.51 41.91 -17.43
N ALA B 219 53.66 42.11 -18.07
CA ALA B 219 54.25 41.13 -19.00
C ALA B 219 54.69 39.84 -18.30
N ASN B 220 55.30 40.00 -17.12
CA ASN B 220 55.78 38.88 -16.31
C ASN B 220 54.67 38.41 -15.35
N ASP B 221 53.63 37.80 -15.93
CA ASP B 221 52.48 37.30 -15.18
C ASP B 221 51.43 36.79 -16.17
N GLY B 222 50.54 37.68 -16.61
CA GLY B 222 49.49 37.31 -17.54
C GLY B 222 48.12 37.81 -17.09
N GLU B 223 47.90 37.82 -15.78
CA GLU B 223 46.64 38.28 -15.20
C GLU B 223 46.64 39.82 -15.18
N VAL B 224 45.47 40.41 -15.41
CA VAL B 224 45.31 41.87 -15.41
C VAL B 224 45.29 42.38 -13.96
N TYR B 225 46.31 43.15 -13.59
CA TYR B 225 46.41 43.68 -12.26
C TYR B 225 45.71 45.04 -12.16
N GLN B 226 44.86 45.16 -11.16
CA GLN B 226 44.10 46.36 -10.88
C GLN B 226 44.74 46.93 -9.62
N LYS B 227 45.30 48.13 -9.70
CA LYS B 227 45.95 48.74 -8.54
C LYS B 227 45.37 50.10 -8.21
N ILE B 228 44.81 50.23 -7.01
CA ILE B 228 44.25 51.50 -6.57
C ILE B 228 45.35 52.17 -5.77
N PHE B 229 45.92 53.22 -6.33
CA PHE B 229 47.02 53.94 -5.69
C PHE B 229 46.73 54.32 -4.26
N LYS B 230 47.74 54.11 -3.41
CA LYS B 230 47.66 54.45 -2.00
C LYS B 230 48.24 55.86 -1.86
N PRO B 231 47.62 56.70 -1.00
CA PRO B 231 48.06 58.08 -0.78
C PRO B 231 49.55 58.30 -1.01
N GLN B 232 50.39 57.62 -0.25
CA GLN B 232 51.83 57.81 -0.43
C GLN B 232 52.25 57.69 -1.90
N GLU B 233 51.69 56.72 -2.60
CA GLU B 233 52.01 56.49 -3.99
C GLU B 233 51.53 57.62 -4.89
N ILE B 234 50.42 58.24 -4.53
CA ILE B 234 49.88 59.36 -5.31
C ILE B 234 50.91 60.49 -5.19
N LYS B 235 51.29 60.80 -3.96
CA LYS B 235 52.26 61.86 -3.68
C LYS B 235 53.53 61.61 -4.50
N ASP B 236 53.98 60.36 -4.54
CA ASP B 236 55.17 59.98 -5.29
C ASP B 236 55.02 60.26 -6.79
N ILE B 237 54.01 59.66 -7.41
CA ILE B 237 53.76 59.86 -8.83
C ILE B 237 53.55 61.35 -9.15
N LEU B 238 52.99 62.07 -8.18
CA LEU B 238 52.72 63.51 -8.31
C LEU B 238 54.04 64.27 -8.36
N VAL B 239 55.03 63.76 -7.63
CA VAL B 239 56.36 64.35 -7.60
C VAL B 239 57.09 64.07 -8.92
N LYS B 240 57.10 62.80 -9.32
CA LYS B 240 57.77 62.38 -10.55
C LYS B 240 57.33 63.28 -11.70
N THR B 241 56.02 63.44 -11.85
CA THR B 241 55.47 64.28 -12.89
C THR B 241 55.90 65.73 -12.75
N GLY B 242 56.16 66.16 -11.52
CA GLY B 242 56.62 67.52 -11.29
C GLY B 242 55.70 68.53 -10.60
N ILE B 243 54.43 68.18 -10.38
CA ILE B 243 53.52 69.12 -9.74
C ILE B 243 54.01 69.41 -8.32
N THR B 244 54.51 68.38 -7.65
CA THR B 244 55.02 68.50 -6.27
C THR B 244 53.90 69.02 -5.36
N GLY C 1 2.71 50.33 -9.17
CA GLY C 1 1.85 51.33 -8.49
C GLY C 1 1.79 52.64 -9.24
N TYR C 2 2.92 53.05 -9.82
CA TYR C 2 2.97 54.30 -10.57
C TYR C 2 2.19 54.17 -11.86
N ASP C 3 1.03 54.79 -11.95
CA ASP C 3 0.23 54.67 -13.15
C ASP C 3 -0.37 55.96 -13.69
N ARG C 4 0.35 57.06 -13.60
CA ARG C 4 -0.16 58.34 -14.07
C ARG C 4 -0.21 58.35 -15.57
N ALA C 5 -1.30 58.86 -16.12
CA ALA C 5 -1.43 58.95 -17.57
C ALA C 5 -0.49 60.05 -18.07
N LEU C 6 0.58 59.67 -18.75
CA LEU C 6 1.50 60.68 -19.25
C LEU C 6 1.16 61.12 -20.66
N SER C 7 0.73 60.19 -21.50
CA SER C 7 0.34 60.55 -22.84
C SER C 7 -1.16 60.65 -22.75
N ILE C 8 -1.68 61.86 -22.89
CA ILE C 8 -3.11 62.07 -22.84
C ILE C 8 -3.45 63.05 -23.92
N PHE C 9 -4.73 63.34 -24.07
CA PHE C 9 -5.15 64.24 -25.12
C PHE C 9 -5.26 65.65 -24.63
N SER C 10 -4.79 66.60 -25.44
CA SER C 10 -4.91 68.02 -25.10
C SER C 10 -6.11 68.54 -25.90
N PRO C 11 -6.63 69.73 -25.59
CA PRO C 11 -7.79 70.32 -26.27
C PRO C 11 -7.90 70.31 -27.81
N ASP C 12 -6.79 70.25 -28.52
CA ASP C 12 -6.80 70.25 -29.99
C ASP C 12 -6.69 68.87 -30.64
N GLY C 13 -6.57 67.83 -29.80
CA GLY C 13 -6.44 66.46 -30.29
C GLY C 13 -5.01 65.94 -30.43
N HIS C 14 -4.10 66.52 -29.66
CA HIS C 14 -2.72 66.09 -29.77
C HIS C 14 -2.29 65.39 -28.51
N ILE C 15 -1.32 64.52 -28.64
CA ILE C 15 -0.84 63.87 -27.47
C ILE C 15 0.56 64.42 -27.42
N PHE C 16 0.73 65.40 -26.57
CA PHE C 16 2.01 66.08 -26.46
C PHE C 16 3.20 65.22 -26.27
N GLN C 17 3.19 64.39 -25.25
CA GLN C 17 4.33 63.55 -25.02
C GLN C 17 4.74 62.78 -26.25
N VAL C 18 3.78 62.38 -27.08
CA VAL C 18 4.10 61.64 -28.30
C VAL C 18 4.76 62.61 -29.26
N GLU C 19 4.15 63.77 -29.42
CA GLU C 19 4.70 64.78 -30.31
C GLU C 19 6.06 65.26 -29.89
N TYR C 20 6.26 65.37 -28.59
CA TYR C 20 7.54 65.81 -28.07
C TYR C 20 8.55 64.71 -28.29
N ALA C 21 8.08 63.45 -28.35
CA ALA C 21 8.97 62.32 -28.59
C ALA C 21 9.52 62.49 -30.00
N LEU C 22 8.66 62.94 -30.90
CA LEU C 22 9.05 63.19 -32.29
C LEU C 22 10.19 64.18 -32.36
N GLU C 23 10.12 65.20 -31.50
CA GLU C 23 11.15 66.22 -31.44
C GLU C 23 12.50 65.64 -31.03
N ALA C 24 12.48 64.70 -30.10
CA ALA C 24 13.71 64.04 -29.66
C ALA C 24 14.33 63.32 -30.86
N VAL C 25 13.48 62.88 -31.77
CA VAL C 25 13.92 62.21 -32.98
C VAL C 25 14.64 63.20 -33.86
N LYS C 26 14.02 64.35 -34.08
CA LYS C 26 14.58 65.42 -34.91
C LYS C 26 15.96 65.91 -34.46
N ARG C 27 16.28 65.67 -33.20
CA ARG C 27 17.58 66.07 -32.65
C ARG C 27 18.63 64.97 -32.83
N GLY C 28 18.19 63.79 -33.23
CA GLY C 28 19.12 62.69 -33.38
C GLY C 28 19.78 62.67 -34.72
N THR C 29 20.99 62.11 -34.79
CA THR C 29 21.71 62.05 -36.04
C THR C 29 20.84 61.42 -37.12
N CYS C 30 21.18 61.73 -38.35
CA CYS C 30 20.45 61.25 -39.50
C CYS C 30 20.73 59.81 -39.82
N ALA C 31 19.68 59.14 -40.22
CA ALA C 31 19.73 57.75 -40.61
C ALA C 31 19.00 57.75 -41.91
N VAL C 32 19.54 57.02 -42.88
CA VAL C 32 18.91 56.94 -44.19
C VAL C 32 18.96 55.48 -44.60
N GLY C 33 17.93 55.09 -45.33
CA GLY C 33 17.85 53.74 -45.82
C GLY C 33 17.23 53.86 -47.19
N VAL C 34 17.86 53.26 -48.18
CA VAL C 34 17.30 53.31 -49.53
C VAL C 34 17.48 51.92 -50.04
N LYS C 35 16.49 51.43 -50.74
CA LYS C 35 16.59 50.09 -51.24
C LYS C 35 16.80 49.98 -52.73
N GLY C 36 17.71 49.08 -53.10
CA GLY C 36 18.00 48.85 -54.50
C GLY C 36 17.03 47.85 -55.10
N LYS C 37 17.53 47.11 -56.09
CA LYS C 37 16.73 46.10 -56.79
C LYS C 37 17.05 44.73 -56.21
N ASN C 38 18.22 44.63 -55.59
CA ASN C 38 18.69 43.40 -54.98
C ASN C 38 19.46 43.72 -53.69
N CYS C 39 19.04 44.77 -52.98
CA CYS C 39 19.72 45.14 -51.73
C CYS C 39 19.04 46.31 -51.06
N VAL C 40 19.46 46.62 -49.83
CA VAL C 40 18.95 47.78 -49.10
C VAL C 40 20.15 48.29 -48.35
N VAL C 41 20.33 49.60 -48.36
CA VAL C 41 21.47 50.18 -47.69
C VAL C 41 20.96 51.13 -46.63
N LEU C 42 21.67 51.17 -45.51
CA LEU C 42 21.31 52.03 -44.40
C LEU C 42 22.54 52.81 -43.99
N GLY C 43 22.46 54.12 -44.09
CA GLY C 43 23.57 54.97 -43.71
C GLY C 43 23.17 55.88 -42.58
N CYS C 44 24.14 56.26 -41.76
CA CYS C 44 23.87 57.13 -40.62
C CYS C 44 25.01 58.10 -40.39
N GLU C 45 24.70 59.27 -39.82
CA GLU C 45 25.74 60.25 -39.53
C GLU C 45 26.21 60.09 -38.09
N ARG C 46 27.43 60.54 -37.81
CA ARG C 46 28.02 60.43 -36.47
C ARG C 46 27.96 61.71 -35.62
N ARG C 47 27.46 61.54 -34.41
CA ARG C 47 27.29 62.60 -33.41
C ARG C 47 28.63 63.29 -33.17
N SER C 48 28.56 64.50 -32.58
CA SER C 48 29.75 65.31 -32.27
C SER C 48 29.62 66.23 -31.01
N THR C 49 29.29 65.64 -29.84
CA THR C 49 29.16 66.39 -28.56
C THR C 49 30.56 66.49 -27.87
N LEU C 50 31.42 65.51 -28.17
CA LEU C 50 32.82 65.39 -27.70
C LEU C 50 33.51 64.47 -28.77
N LYS C 51 34.85 64.49 -28.87
CA LYS C 51 35.56 63.61 -29.83
C LYS C 51 36.94 63.19 -29.29
N LEU C 52 37.23 61.90 -29.41
CA LEU C 52 38.46 61.25 -28.95
C LEU C 52 37.98 59.81 -28.64
N GLN C 53 36.93 59.43 -29.37
CA GLN C 53 36.25 58.14 -29.25
C GLN C 53 37.02 56.93 -29.68
N ASP C 54 36.62 55.79 -29.10
CA ASP C 54 37.22 54.52 -29.42
C ASP C 54 36.23 53.88 -30.38
N THR C 55 36.45 54.11 -31.66
CA THR C 55 35.60 53.58 -32.73
C THR C 55 35.36 52.06 -32.68
N ARG C 56 36.33 51.33 -32.16
CA ARG C 56 36.27 49.88 -32.05
C ARG C 56 35.05 49.33 -31.33
N ILE C 57 34.77 49.93 -30.18
CA ILE C 57 33.68 49.49 -29.33
C ILE C 57 32.32 50.16 -29.37
N THR C 58 32.27 51.49 -29.44
CA THR C 58 31.00 52.24 -29.45
C THR C 58 29.88 51.62 -30.27
N PRO C 59 28.73 51.35 -29.63
CA PRO C 59 27.60 50.76 -30.33
C PRO C 59 27.22 51.59 -31.56
N SER C 60 27.32 50.94 -32.71
CA SER C 60 26.99 51.59 -33.95
C SER C 60 25.50 51.85 -34.00
N LYS C 61 25.07 52.57 -35.03
CA LYS C 61 23.67 52.89 -35.18
C LYS C 61 22.89 51.77 -35.87
N VAL C 62 23.56 50.87 -36.57
CA VAL C 62 22.84 49.77 -37.22
C VAL C 62 23.01 48.48 -36.43
N SER C 63 21.88 47.93 -35.97
CA SER C 63 21.88 46.71 -35.21
C SER C 63 21.10 45.58 -35.89
N LYS C 64 21.62 44.36 -35.77
CA LYS C 64 20.98 43.18 -36.35
C LYS C 64 19.84 42.68 -35.46
N ILE C 65 18.62 42.58 -35.98
CA ILE C 65 17.56 42.02 -35.17
C ILE C 65 17.71 40.51 -35.31
N ASP C 66 18.15 40.06 -36.48
CA ASP C 66 18.38 38.65 -36.74
C ASP C 66 19.37 38.60 -37.89
N SER C 67 19.82 37.40 -38.27
CA SER C 67 20.77 37.23 -39.36
C SER C 67 20.34 37.86 -40.69
N HIS C 68 19.10 38.30 -40.80
CA HIS C 68 18.63 38.85 -42.05
C HIS C 68 17.88 40.17 -41.89
N VAL C 69 17.91 40.77 -40.72
CA VAL C 69 17.16 41.99 -40.51
C VAL C 69 17.96 42.93 -39.63
N VAL C 70 18.01 44.19 -40.05
CA VAL C 70 18.72 45.21 -39.32
C VAL C 70 17.78 46.32 -38.97
N LEU C 71 18.22 47.12 -38.02
CA LEU C 71 17.44 48.25 -37.55
C LEU C 71 18.36 49.39 -37.16
N SER C 72 18.10 50.56 -37.73
CA SER C 72 18.84 51.78 -37.40
C SER C 72 17.76 52.70 -36.90
N PHE C 73 18.17 53.70 -36.14
CA PHE C 73 17.24 54.64 -35.55
C PHE C 73 17.80 56.06 -35.47
N SER C 74 16.94 56.96 -35.00
CA SER C 74 17.28 58.37 -34.77
C SER C 74 16.52 58.70 -33.51
N GLY C 75 17.23 59.21 -32.52
CA GLY C 75 16.59 59.58 -31.26
C GLY C 75 17.44 59.31 -30.05
N LEU C 76 16.78 59.02 -28.94
CA LEU C 76 17.44 58.72 -27.69
C LEU C 76 18.14 57.37 -27.85
N ASN C 77 19.46 57.38 -27.80
CA ASN C 77 20.25 56.17 -27.93
C ASN C 77 19.77 55.13 -26.95
N ALA C 78 19.70 55.53 -25.69
CA ALA C 78 19.23 54.63 -24.63
C ALA C 78 17.87 54.02 -24.96
N ASP C 79 16.91 54.84 -25.35
CA ASP C 79 15.58 54.32 -25.67
C ASP C 79 15.64 53.26 -26.76
N SER C 80 16.58 53.39 -27.70
CA SER C 80 16.67 52.43 -28.77
C SER C 80 17.04 51.05 -28.26
N ARG C 81 18.01 51.00 -27.34
CA ARG C 81 18.44 49.74 -26.77
C ARG C 81 17.27 48.87 -26.38
N ILE C 82 16.29 49.46 -25.71
CA ILE C 82 15.09 48.72 -25.31
C ILE C 82 14.36 48.15 -26.51
N LEU C 83 14.13 48.96 -27.54
CA LEU C 83 13.42 48.47 -28.71
C LEU C 83 14.15 47.34 -29.43
N ILE C 84 15.43 47.50 -29.59
CA ILE C 84 16.21 46.49 -30.25
C ILE C 84 16.14 45.16 -29.54
N GLU C 85 16.53 45.11 -28.27
CA GLU C 85 16.48 43.87 -27.51
C GLU C 85 15.11 43.23 -27.64
N LYS C 86 14.07 43.97 -27.36
CA LYS C 86 12.75 43.38 -27.49
C LYS C 86 12.55 42.77 -28.87
N ALA C 87 13.07 43.41 -29.89
CA ALA C 87 12.87 42.90 -31.24
C ALA C 87 13.64 41.63 -31.47
N ARG C 88 14.86 41.60 -30.98
CA ARG C 88 15.71 40.43 -31.12
C ARG C 88 15.01 39.25 -30.49
N VAL C 89 14.52 39.43 -29.27
CA VAL C 89 13.81 38.38 -28.57
C VAL C 89 12.67 37.85 -29.43
N GLU C 90 11.78 38.72 -29.85
CA GLU C 90 10.69 38.25 -30.67
C GLU C 90 11.24 37.59 -31.92
N ALA C 91 12.43 37.94 -32.33
CA ALA C 91 12.99 37.33 -33.53
C ALA C 91 13.22 35.85 -33.28
N GLN C 92 13.70 35.54 -32.08
CA GLN C 92 13.94 34.17 -31.67
C GLN C 92 12.62 33.47 -31.34
N SER C 93 11.75 34.09 -30.56
CA SER C 93 10.47 33.47 -30.23
C SER C 93 9.75 33.06 -31.49
N HIS C 94 9.71 33.94 -32.48
CA HIS C 94 9.04 33.63 -33.73
C HIS C 94 9.70 32.39 -34.36
N ARG C 95 11.03 32.33 -34.33
CA ARG C 95 11.74 31.19 -34.91
C ARG C 95 11.41 29.88 -34.19
N LEU C 96 11.29 29.96 -32.87
CA LEU C 96 11.00 28.81 -32.04
C LEU C 96 9.61 28.24 -32.21
N THR C 97 8.62 29.08 -32.48
CA THR C 97 7.26 28.60 -32.60
C THR C 97 6.71 28.43 -33.99
N LEU C 98 7.24 29.17 -34.96
CA LEU C 98 6.72 29.05 -36.33
C LEU C 98 7.72 28.33 -37.18
N GLU C 99 8.92 28.13 -36.65
CA GLU C 99 9.97 27.44 -37.39
C GLU C 99 10.25 28.15 -38.70
N ASP C 100 10.41 29.47 -38.62
CA ASP C 100 10.68 30.34 -39.77
C ASP C 100 11.01 31.74 -39.27
N PRO C 101 12.18 32.29 -39.65
CA PRO C 101 12.49 33.64 -39.17
C PRO C 101 11.44 34.62 -39.62
N VAL C 102 11.34 35.74 -38.91
CA VAL C 102 10.37 36.79 -39.17
C VAL C 102 10.53 37.49 -40.50
N THR C 103 9.42 38.05 -40.96
CA THR C 103 9.42 38.86 -42.18
C THR C 103 9.74 40.23 -41.62
N VAL C 104 10.40 41.08 -42.40
CA VAL C 104 10.73 42.41 -41.92
C VAL C 104 9.44 43.12 -41.51
N GLU C 105 8.37 42.87 -42.23
CA GLU C 105 7.10 43.49 -41.90
C GLU C 105 6.65 43.10 -40.51
N TYR C 106 6.82 41.83 -40.18
CA TYR C 106 6.41 41.31 -38.89
C TYR C 106 7.24 42.02 -37.87
N LEU C 107 8.55 41.88 -38.00
CA LEU C 107 9.46 42.49 -37.07
C LEU C 107 9.03 43.92 -36.83
N THR C 108 8.79 44.60 -37.93
CA THR C 108 8.37 45.99 -37.92
C THR C 108 7.08 46.16 -37.14
N ARG C 109 6.07 45.38 -37.49
CA ARG C 109 4.79 45.47 -36.80
C ARG C 109 4.95 45.20 -35.31
N TYR C 110 5.99 44.47 -34.96
CA TYR C 110 6.21 44.18 -33.58
C TYR C 110 6.74 45.39 -32.87
N VAL C 111 7.89 45.89 -33.34
CA VAL C 111 8.54 47.08 -32.77
C VAL C 111 7.56 48.24 -32.70
N ALA C 112 6.78 48.39 -33.74
CA ALA C 112 5.79 49.44 -33.80
C ALA C 112 4.77 49.26 -32.69
N GLY C 113 4.28 48.03 -32.56
CA GLY C 113 3.28 47.75 -31.55
C GLY C 113 3.79 48.12 -30.18
N VAL C 114 5.08 47.92 -29.96
CA VAL C 114 5.63 48.26 -28.66
C VAL C 114 5.54 49.78 -28.49
N GLN C 115 6.03 50.53 -29.47
CA GLN C 115 5.98 51.98 -29.39
C GLN C 115 4.58 52.48 -29.12
N GLN C 116 3.60 51.98 -29.86
CA GLN C 116 2.25 52.43 -29.60
C GLN C 116 1.88 52.23 -28.16
N ARG C 117 2.09 51.02 -27.66
CA ARG C 117 1.76 50.65 -26.29
C ARG C 117 2.22 51.70 -25.31
N TYR C 118 3.48 52.11 -25.42
CA TYR C 118 4.00 53.13 -24.51
C TYR C 118 3.31 54.48 -24.65
N THR C 119 2.46 54.66 -25.65
CA THR C 119 1.77 55.93 -25.77
C THR C 119 0.39 55.87 -25.18
N GLN C 120 0.02 54.72 -24.61
CA GLN C 120 -1.28 54.67 -23.97
C GLN C 120 -1.39 53.76 -22.77
N SER C 121 -0.28 53.63 -22.07
CA SER C 121 -0.18 52.84 -20.85
C SER C 121 0.27 53.81 -19.76
N GLY C 122 -0.23 53.63 -18.54
CA GLY C 122 0.16 54.55 -17.48
C GLY C 122 1.58 54.40 -17.00
N GLY C 123 2.14 55.48 -16.49
CA GLY C 123 3.48 55.43 -15.94
C GLY C 123 4.65 55.41 -16.87
N VAL C 124 4.42 55.50 -18.18
CA VAL C 124 5.53 55.51 -19.11
C VAL C 124 5.47 56.64 -20.13
N ARG C 125 6.64 57.06 -20.61
CA ARG C 125 6.68 58.10 -21.61
C ARG C 125 6.96 57.36 -22.90
N PRO C 126 6.49 57.88 -24.02
CA PRO C 126 6.70 57.28 -25.33
C PRO C 126 8.16 57.12 -25.59
N PHE C 127 8.48 56.26 -26.55
CA PHE C 127 9.88 56.05 -26.88
C PHE C 127 10.29 57.21 -27.73
N GLY C 128 11.40 57.86 -27.40
CA GLY C 128 11.84 58.97 -28.24
C GLY C 128 12.72 58.42 -29.34
N VAL C 129 12.16 57.56 -30.20
CA VAL C 129 12.92 56.92 -31.27
C VAL C 129 12.05 56.62 -32.47
N SER C 130 12.68 56.65 -33.64
CA SER C 130 12.02 56.28 -34.87
C SER C 130 13.03 55.36 -35.48
N THR C 131 12.56 54.36 -36.20
CA THR C 131 13.50 53.39 -36.72
C THR C 131 13.32 53.12 -38.17
N LEU C 132 14.36 52.52 -38.73
CA LEU C 132 14.39 52.10 -40.12
C LEU C 132 14.75 50.67 -39.95
N ILE C 133 13.88 49.78 -40.39
CA ILE C 133 14.11 48.33 -40.28
C ILE C 133 14.20 47.80 -41.69
N ALA C 134 15.30 47.14 -42.03
CA ALA C 134 15.44 46.67 -43.38
C ALA C 134 16.00 45.27 -43.44
N GLY C 135 15.70 44.57 -44.53
CA GLY C 135 16.16 43.22 -44.72
C GLY C 135 15.34 42.49 -45.78
N PHE C 136 15.45 41.17 -45.80
CA PHE C 136 14.72 40.34 -46.76
C PHE C 136 13.93 39.25 -46.06
N ASP C 137 12.65 39.13 -46.40
CA ASP C 137 11.81 38.10 -45.82
C ASP C 137 12.50 36.77 -46.11
N PRO C 138 12.30 35.75 -45.26
CA PRO C 138 12.92 34.44 -45.48
C PRO C 138 12.62 33.88 -46.89
N ARG C 139 13.67 33.40 -47.57
CA ARG C 139 13.54 32.83 -48.90
C ARG C 139 13.06 33.76 -50.04
N ASP C 140 12.97 35.06 -49.78
CA ASP C 140 12.53 36.03 -50.79
C ASP C 140 13.68 36.95 -51.14
N ASP C 141 13.69 37.45 -52.38
CA ASP C 141 14.74 38.34 -52.86
C ASP C 141 14.35 39.80 -53.03
N GLU C 142 13.15 40.14 -52.60
CA GLU C 142 12.66 41.49 -52.70
C GLU C 142 13.09 42.25 -51.45
N PRO C 143 13.87 43.32 -51.60
CA PRO C 143 14.34 44.11 -50.45
C PRO C 143 13.20 44.78 -49.71
N LYS C 144 13.34 44.93 -48.40
CA LYS C 144 12.31 45.57 -47.60
C LYS C 144 12.92 46.67 -46.76
N LEU C 145 12.17 47.76 -46.63
CA LEU C 145 12.59 48.90 -45.83
C LEU C 145 11.32 49.47 -45.25
N TYR C 146 11.27 49.58 -43.93
CA TYR C 146 10.11 50.13 -43.20
C TYR C 146 10.60 51.16 -42.17
N GLN C 147 9.69 51.99 -41.70
CA GLN C 147 10.04 53.00 -40.73
C GLN C 147 8.96 53.07 -39.67
N THR C 148 9.34 53.34 -38.43
CA THR C 148 8.36 53.41 -37.36
C THR C 148 8.60 54.68 -36.60
N GLU C 149 7.55 55.22 -36.02
CA GLU C 149 7.69 56.41 -35.23
C GLU C 149 7.09 56.26 -33.83
N PRO C 150 7.47 57.14 -32.91
CA PRO C 150 6.95 57.06 -31.54
C PRO C 150 5.48 56.81 -31.38
N SER C 151 4.67 57.26 -32.32
CA SER C 151 3.23 57.08 -32.17
C SER C 151 2.87 55.63 -32.36
N GLY C 152 3.79 54.90 -32.96
CA GLY C 152 3.55 53.51 -33.23
C GLY C 152 3.07 53.28 -34.66
N ILE C 153 3.08 54.34 -35.47
CA ILE C 153 2.66 54.23 -36.86
C ILE C 153 3.88 53.67 -37.60
N TYR C 154 3.64 52.89 -38.67
CA TYR C 154 4.72 52.31 -39.47
C TYR C 154 4.29 52.21 -40.91
N SER C 155 5.27 52.04 -41.81
CA SER C 155 5.00 51.92 -43.24
C SER C 155 6.30 51.63 -43.99
N SER C 156 6.21 51.28 -45.28
CA SER C 156 7.42 50.96 -46.09
C SER C 156 7.89 52.06 -47.04
N TRP C 157 9.17 52.05 -47.37
CA TRP C 157 9.72 53.08 -48.20
C TRP C 157 10.69 52.59 -49.24
N SER C 158 10.74 53.28 -50.37
CA SER C 158 11.69 52.95 -51.42
C SER C 158 12.99 53.45 -50.84
N ALA C 159 12.91 54.64 -50.23
CA ALA C 159 14.05 55.28 -49.57
C ALA C 159 13.45 56.20 -48.54
N GLN C 160 14.21 56.47 -47.50
CA GLN C 160 13.73 57.33 -46.45
C GLN C 160 14.84 57.68 -45.48
N THR C 161 14.57 58.66 -44.64
CA THR C 161 15.53 59.15 -43.68
C THR C 161 14.79 59.77 -42.49
N ILE C 162 15.44 59.77 -41.34
CA ILE C 162 14.88 60.31 -40.11
C ILE C 162 16.04 60.92 -39.37
N GLY C 163 15.71 61.75 -38.39
CA GLY C 163 16.76 62.40 -37.61
C GLY C 163 16.88 63.85 -38.03
N ARG C 164 17.92 64.54 -37.57
CA ARG C 164 18.11 65.94 -37.89
C ARG C 164 18.38 66.19 -39.37
N ASN C 165 17.74 67.22 -39.90
CA ASN C 165 17.90 67.60 -41.30
C ASN C 165 17.40 66.54 -42.27
N SER C 166 16.62 65.60 -41.77
CA SER C 166 16.08 64.58 -42.65
C SER C 166 15.24 65.25 -43.71
N LYS C 167 14.67 66.41 -43.39
CA LYS C 167 13.86 67.14 -44.35
C LYS C 167 14.68 67.45 -45.59
N THR C 168 15.92 67.84 -45.35
CA THR C 168 16.84 68.15 -46.42
C THR C 168 17.20 66.91 -47.22
N VAL C 169 17.82 65.94 -46.55
CA VAL C 169 18.25 64.70 -47.22
C VAL C 169 17.09 63.92 -47.85
N ARG C 170 15.90 64.04 -47.30
CA ARG C 170 14.76 63.36 -47.89
C ARG C 170 14.59 63.94 -49.28
N GLU C 171 14.71 65.26 -49.36
CA GLU C 171 14.59 65.97 -50.63
C GLU C 171 15.56 65.41 -51.66
N PHE C 172 16.84 65.27 -51.30
CA PHE C 172 17.83 64.73 -52.23
C PHE C 172 17.39 63.38 -52.82
N LEU C 173 16.82 62.53 -51.97
CA LEU C 173 16.35 61.21 -52.39
C LEU C 173 15.11 61.30 -53.27
N GLU C 174 14.17 62.16 -52.91
CA GLU C 174 12.96 62.30 -53.72
C GLU C 174 13.30 62.63 -55.18
N LYS C 175 14.38 63.39 -55.37
CA LYS C 175 14.79 63.78 -56.70
C LYS C 175 15.67 62.72 -57.36
N ASN C 176 16.68 62.23 -56.63
CA ASN C 176 17.58 61.25 -57.21
C ASN C 176 17.10 59.79 -57.26
N TYR C 177 16.04 59.46 -56.52
CA TYR C 177 15.56 58.09 -56.55
C TYR C 177 14.36 57.98 -57.47
N ASP C 178 14.51 57.12 -58.47
CA ASP C 178 13.45 56.87 -59.43
C ASP C 178 13.00 55.44 -59.17
N ARG C 179 11.72 55.28 -58.83
CA ARG C 179 11.13 53.96 -58.55
C ARG C 179 11.06 53.04 -59.77
N LYS C 180 11.31 53.59 -60.95
CA LYS C 180 11.29 52.82 -62.19
C LYS C 180 12.60 52.05 -62.36
N GLU C 181 13.64 52.51 -61.67
CA GLU C 181 14.95 51.87 -61.70
C GLU C 181 15.67 52.21 -60.40
N PRO C 182 15.32 51.52 -59.31
CA PRO C 182 15.96 51.78 -58.03
C PRO C 182 17.43 51.49 -58.26
N PRO C 183 18.34 52.13 -57.50
CA PRO C 183 19.79 51.92 -57.63
C PRO C 183 20.07 50.47 -57.93
N ALA C 184 20.06 50.16 -59.23
CA ALA C 184 20.26 48.81 -59.75
C ALA C 184 21.47 48.01 -59.28
N THR C 185 22.19 48.49 -58.27
CA THR C 185 23.36 47.77 -57.79
C THR C 185 23.71 48.18 -56.36
N VAL C 186 24.50 47.32 -55.72
CA VAL C 186 25.01 47.54 -54.38
C VAL C 186 25.72 48.89 -54.43
N GLU C 187 26.66 49.00 -55.39
CA GLU C 187 27.46 50.20 -55.58
C GLU C 187 26.61 51.44 -55.77
N GLU C 188 25.76 51.46 -56.78
CA GLU C 188 24.94 52.65 -56.99
C GLU C 188 24.00 52.94 -55.84
N CYS C 189 23.59 51.89 -55.13
CA CYS C 189 22.70 52.10 -54.00
C CYS C 189 23.50 52.78 -52.92
N VAL C 190 24.71 52.31 -52.68
CA VAL C 190 25.56 52.92 -51.66
C VAL C 190 25.86 54.37 -52.02
N LYS C 191 26.30 54.59 -53.25
CA LYS C 191 26.63 55.92 -53.73
C LYS C 191 25.45 56.84 -53.46
N LEU C 192 24.29 56.51 -54.01
CA LEU C 192 23.11 57.33 -53.80
C LEU C 192 22.92 57.66 -52.33
N THR C 193 23.17 56.68 -51.47
CA THR C 193 23.02 56.87 -50.04
C THR C 193 24.05 57.86 -49.52
N VAL C 194 25.32 57.65 -49.86
CA VAL C 194 26.35 58.55 -49.39
C VAL C 194 26.05 59.94 -49.92
N ARG C 195 25.69 60.02 -51.19
CA ARG C 195 25.37 61.29 -51.81
C ARG C 195 24.36 61.96 -50.91
N SER C 196 23.21 61.33 -50.72
CA SER C 196 22.18 61.91 -49.88
C SER C 196 22.75 62.28 -48.53
N LEU C 197 23.58 61.43 -47.96
CA LEU C 197 24.14 61.76 -46.67
C LEU C 197 25.02 62.98 -46.75
N LEU C 198 25.86 63.05 -47.77
CA LEU C 198 26.78 64.16 -47.94
C LEU C 198 26.12 65.51 -47.91
N GLU C 199 24.94 65.59 -48.53
CA GLU C 199 24.20 66.85 -48.58
C GLU C 199 23.97 67.48 -47.20
N VAL C 200 24.03 66.67 -46.15
CA VAL C 200 23.80 67.19 -44.80
C VAL C 200 24.89 66.84 -43.80
N VAL C 201 25.55 65.71 -44.00
CA VAL C 201 26.62 65.30 -43.10
C VAL C 201 27.70 66.36 -43.13
N GLN C 202 27.89 66.92 -44.32
CA GLN C 202 28.87 67.97 -44.60
C GLN C 202 30.30 67.41 -44.56
N THR C 203 30.72 66.94 -45.73
CA THR C 203 32.05 66.36 -45.99
C THR C 203 32.81 65.85 -44.76
N GLY C 204 32.53 64.59 -44.43
CA GLY C 204 33.18 63.96 -43.29
C GLY C 204 33.17 62.45 -43.47
N ALA C 205 34.29 61.90 -43.92
CA ALA C 205 34.42 60.46 -44.13
C ALA C 205 34.08 59.73 -42.82
N LYS C 206 34.83 60.03 -41.76
CA LYS C 206 34.60 59.42 -40.46
C LYS C 206 33.27 59.86 -39.87
N ASN C 207 32.48 60.63 -40.62
CA ASN C 207 31.18 61.09 -40.17
C ASN C 207 30.06 60.24 -40.76
N ILE C 208 30.39 59.35 -41.68
CA ILE C 208 29.40 58.51 -42.32
C ILE C 208 29.66 57.04 -42.05
N GLU C 209 28.61 56.29 -41.80
CA GLU C 209 28.72 54.86 -41.65
C GLU C 209 27.56 54.26 -42.46
N ILE C 210 27.90 53.29 -43.30
CA ILE C 210 26.96 52.64 -44.19
C ILE C 210 26.92 51.12 -44.01
N THR C 211 25.74 50.55 -44.16
CA THR C 211 25.58 49.11 -44.07
C THR C 211 24.79 48.60 -45.25
N VAL C 212 25.19 47.45 -45.76
CA VAL C 212 24.53 46.84 -46.91
C VAL C 212 23.95 45.53 -46.49
N VAL C 213 22.69 45.30 -46.80
CA VAL C 213 22.07 44.03 -46.47
C VAL C 213 21.64 43.40 -47.79
N LYS C 214 22.10 42.17 -48.02
CA LYS C 214 21.80 41.38 -49.23
C LYS C 214 20.91 40.20 -48.82
N PRO C 215 20.35 39.44 -49.79
CA PRO C 215 19.51 38.29 -49.47
C PRO C 215 20.24 37.17 -48.72
N ASP C 216 19.45 36.27 -48.13
CA ASP C 216 19.95 35.13 -47.37
C ASP C 216 21.04 35.42 -46.33
N SER C 217 20.73 36.32 -45.40
CA SER C 217 21.61 36.64 -44.30
C SER C 217 23.00 37.25 -44.59
N ASP C 218 23.18 37.86 -45.74
CA ASP C 218 24.48 38.48 -46.01
C ASP C 218 24.39 39.96 -45.66
N ILE C 219 24.85 40.32 -44.47
CA ILE C 219 24.79 41.71 -44.02
C ILE C 219 26.19 42.19 -43.76
N VAL C 220 26.54 43.34 -44.31
CA VAL C 220 27.88 43.85 -44.15
C VAL C 220 27.97 45.37 -43.98
N ALA C 221 28.84 45.77 -43.06
CA ALA C 221 29.07 47.17 -42.76
C ALA C 221 30.41 47.57 -43.37
N LEU C 222 30.41 48.64 -44.17
CA LEU C 222 31.63 49.08 -44.84
C LEU C 222 32.73 49.63 -43.92
N SER C 223 33.96 49.49 -44.39
CA SER C 223 35.16 49.97 -43.68
C SER C 223 35.24 51.48 -43.83
N SER C 224 35.77 52.17 -42.81
CA SER C 224 35.89 53.63 -42.82
C SER C 224 36.43 54.14 -44.16
N GLU C 225 37.16 53.28 -44.84
CA GLU C 225 37.80 53.58 -46.10
C GLU C 225 36.95 53.40 -47.36
N GLU C 226 36.32 52.24 -47.55
CA GLU C 226 35.49 52.01 -48.73
C GLU C 226 34.49 53.14 -48.93
N ILE C 227 33.99 53.67 -47.81
CA ILE C 227 33.06 54.77 -47.85
C ILE C 227 33.81 55.97 -48.36
N ASN C 228 34.96 56.26 -47.73
CA ASN C 228 35.78 57.40 -48.12
C ASN C 228 35.99 57.38 -49.62
N GLN C 229 36.12 56.19 -50.19
CA GLN C 229 36.30 56.05 -51.63
C GLN C 229 35.06 56.59 -52.30
N TYR C 230 33.90 56.26 -51.74
CA TYR C 230 32.65 56.75 -52.29
C TYR C 230 32.63 58.27 -52.16
N VAL C 231 32.96 58.79 -50.98
CA VAL C 231 32.98 60.25 -50.76
C VAL C 231 33.84 60.89 -51.85
N THR C 232 34.97 60.26 -52.13
CA THR C 232 35.90 60.72 -53.15
C THR C 232 35.28 60.75 -54.53
N GLN C 233 34.85 59.60 -55.00
CA GLN C 233 34.25 59.50 -56.31
C GLN C 233 33.03 60.41 -56.43
N ILE C 234 32.32 60.60 -55.31
CA ILE C 234 31.14 61.45 -55.29
C ILE C 234 31.46 62.94 -55.42
N GLU C 235 32.53 63.40 -54.75
CA GLU C 235 32.92 64.81 -54.82
C GLU C 235 33.32 65.18 -56.25
N GLN C 236 33.51 64.17 -57.10
CA GLN C 236 33.86 64.42 -58.49
C GLN C 236 32.59 64.61 -59.34
N GLU C 237 31.50 63.91 -58.99
CA GLU C 237 30.23 64.07 -59.71
C GLU C 237 29.55 65.35 -59.14
N LYS C 238 30.31 66.44 -59.14
CA LYS C 238 29.91 67.75 -58.63
C LYS C 238 31.00 68.72 -59.09
N GLN C 239 32.24 68.24 -59.09
CA GLN C 239 33.41 69.02 -59.50
C GLN C 239 33.69 69.02 -61.01
N GLU C 240 33.37 67.93 -61.71
CA GLU C 240 33.59 67.86 -63.17
C GLU C 240 32.50 68.67 -63.84
N GLN C 241 32.56 69.99 -63.69
CA GLN C 241 31.53 70.84 -64.28
C GLN C 241 31.94 72.32 -64.31
N ASP D 1 -3.13 69.93 -12.51
CA ASP D 1 -3.86 69.32 -13.65
C ASP D 1 -5.04 68.56 -13.05
N ARG D 2 -5.92 68.03 -13.91
CA ARG D 2 -7.09 67.28 -13.46
C ARG D 2 -7.05 65.86 -14.02
N GLY D 3 -7.87 64.98 -13.45
CA GLY D 3 -7.91 63.59 -13.86
C GLY D 3 -8.32 63.37 -15.30
N VAL D 4 -8.17 62.14 -15.75
CA VAL D 4 -8.50 61.79 -17.11
C VAL D 4 -9.96 61.40 -17.30
N SER D 5 -10.68 61.25 -16.20
CA SER D 5 -12.08 60.88 -16.28
C SER D 5 -12.97 61.95 -15.65
N THR D 6 -12.57 63.20 -15.81
CA THR D 6 -13.32 64.31 -15.25
C THR D 6 -14.38 64.75 -16.23
N PHE D 7 -15.52 65.19 -15.72
CA PHE D 7 -16.59 65.68 -16.57
C PHE D 7 -16.46 67.19 -16.67
N SER D 8 -16.81 67.76 -17.82
CA SER D 8 -16.78 69.19 -18.01
C SER D 8 -18.09 69.66 -17.37
N PRO D 9 -18.24 70.97 -17.14
CA PRO D 9 -19.48 71.47 -16.53
C PRO D 9 -20.69 71.32 -17.45
N GLU D 10 -20.43 70.87 -18.66
CA GLU D 10 -21.48 70.66 -19.65
C GLU D 10 -21.98 69.21 -19.61
N GLY D 11 -21.29 68.35 -18.87
CA GLY D 11 -21.69 66.95 -18.77
C GLY D 11 -21.10 66.06 -19.87
N ARG D 12 -19.79 66.19 -20.08
CA ARG D 12 -19.09 65.41 -21.08
C ARG D 12 -17.70 65.07 -20.54
N LEU D 13 -17.13 63.98 -21.02
CA LEU D 13 -15.82 63.58 -20.55
C LEU D 13 -14.79 64.24 -21.42
N PHE D 14 -14.00 65.12 -20.81
CA PHE D 14 -12.97 65.85 -21.51
C PHE D 14 -12.17 65.04 -22.51
N GLN D 15 -11.46 64.03 -22.02
CA GLN D 15 -10.65 63.20 -22.89
C GLN D 15 -11.39 62.56 -24.08
N VAL D 16 -12.69 62.29 -23.94
CA VAL D 16 -13.46 61.70 -25.04
C VAL D 16 -13.57 62.77 -26.15
N GLU D 17 -14.08 63.95 -25.78
CA GLU D 17 -14.25 65.06 -26.72
C GLU D 17 -12.94 65.33 -27.40
N TYR D 18 -11.89 65.46 -26.63
CA TYR D 18 -10.60 65.70 -27.20
C TYR D 18 -10.23 64.62 -28.22
N SER D 19 -10.39 63.35 -27.87
CA SER D 19 -10.05 62.27 -28.80
C SER D 19 -10.81 62.49 -30.09
N LEU D 20 -12.07 62.86 -29.93
CA LEU D 20 -12.94 63.14 -31.05
C LEU D 20 -12.34 64.22 -31.95
N GLU D 21 -11.56 65.12 -31.37
CA GLU D 21 -10.93 66.16 -32.17
C GLU D 21 -9.83 65.56 -33.01
N ALA D 22 -9.03 64.69 -32.42
CA ALA D 22 -7.92 64.07 -33.14
C ALA D 22 -8.45 63.27 -34.30
N ILE D 23 -9.65 62.76 -34.13
CA ILE D 23 -10.27 61.97 -35.18
C ILE D 23 -10.69 62.83 -36.38
N LYS D 24 -10.98 64.11 -36.14
CA LYS D 24 -11.36 65.01 -37.23
C LYS D 24 -10.20 65.23 -38.19
N LEU D 25 -8.99 64.96 -37.76
CA LEU D 25 -7.81 65.15 -38.59
C LEU D 25 -7.41 63.92 -39.38
N GLY D 26 -8.20 62.85 -39.28
CA GLY D 26 -7.84 61.64 -39.97
C GLY D 26 -8.29 61.56 -41.41
N SER D 27 -7.77 60.59 -42.16
CA SER D 27 -8.13 60.39 -43.54
C SER D 27 -9.59 60.01 -43.60
N THR D 28 -10.27 60.42 -44.65
CA THR D 28 -11.68 60.09 -44.76
C THR D 28 -11.87 58.58 -44.94
N ALA D 29 -12.98 58.11 -44.41
CA ALA D 29 -13.36 56.73 -44.52
C ALA D 29 -14.83 56.91 -44.73
N ILE D 30 -15.36 56.18 -45.70
CA ILE D 30 -16.77 56.24 -46.02
C ILE D 30 -17.24 54.81 -46.20
N GLY D 31 -18.44 54.55 -45.72
CA GLY D 31 -19.05 53.26 -45.83
C GLY D 31 -20.51 53.46 -46.14
N ILE D 32 -20.99 52.70 -47.10
CA ILE D 32 -22.37 52.78 -47.52
C ILE D 32 -22.89 51.37 -47.51
N ALA D 33 -24.10 51.19 -47.00
CA ALA D 33 -24.67 49.87 -46.89
C ALA D 33 -25.95 49.66 -47.71
N THR D 34 -25.89 48.77 -48.69
CA THR D 34 -27.02 48.48 -49.56
C THR D 34 -27.48 47.03 -49.43
N LYS D 35 -28.61 46.72 -50.04
CA LYS D 35 -29.14 45.36 -50.01
C LYS D 35 -28.34 44.37 -50.88
N GLU D 36 -27.18 44.78 -51.36
CA GLU D 36 -26.34 43.92 -52.18
C GLU D 36 -24.94 43.91 -51.56
N GLY D 37 -24.79 44.64 -50.46
CA GLY D 37 -23.49 44.70 -49.80
C GLY D 37 -23.17 45.99 -49.07
N VAL D 38 -21.92 46.10 -48.61
CA VAL D 38 -21.51 47.30 -47.93
C VAL D 38 -20.16 47.69 -48.47
N VAL D 39 -20.05 48.96 -48.87
CA VAL D 39 -18.78 49.45 -49.40
C VAL D 39 -18.13 50.23 -48.29
N LEU D 40 -16.82 50.10 -48.23
CA LEU D 40 -16.00 50.77 -47.25
C LEU D 40 -14.85 51.24 -48.09
N GLY D 41 -14.68 52.55 -48.11
CA GLY D 41 -13.59 53.14 -48.88
C GLY D 41 -12.88 54.11 -47.98
N VAL D 42 -11.59 54.28 -48.25
CA VAL D 42 -10.78 55.18 -47.47
C VAL D 42 -9.76 55.86 -48.35
N GLU D 43 -9.24 56.97 -47.85
CA GLU D 43 -8.22 57.74 -48.53
C GLU D 43 -6.89 57.36 -47.91
N LYS D 44 -6.00 56.79 -48.70
CA LYS D 44 -4.69 56.39 -48.19
C LYS D 44 -3.96 57.55 -47.54
N ARG D 45 -3.76 58.62 -48.30
CA ARG D 45 -3.07 59.82 -47.84
C ARG D 45 -1.59 59.63 -47.54
N ALA D 46 -0.84 59.32 -48.56
CA ALA D 46 0.59 59.15 -48.40
C ALA D 46 1.14 60.53 -48.08
N THR D 47 2.06 60.62 -47.11
CA THR D 47 2.64 61.89 -46.71
C THR D 47 3.94 62.20 -47.44
N SER D 48 4.19 61.46 -48.52
CA SER D 48 5.39 61.63 -49.31
C SER D 48 5.29 60.69 -50.49
N PRO D 49 5.98 61.00 -51.59
CA PRO D 49 5.93 60.14 -52.75
C PRO D 49 6.80 58.89 -52.72
N LEU D 50 7.70 58.79 -51.73
CA LEU D 50 8.57 57.61 -51.61
C LEU D 50 7.91 56.47 -50.82
N LEU D 51 6.85 56.82 -50.12
CA LEU D 51 6.10 55.89 -49.31
C LEU D 51 5.38 54.95 -50.28
N GLU D 52 5.41 53.65 -49.99
CA GLU D 52 4.74 52.66 -50.84
C GLU D 52 3.26 52.52 -50.47
N SER D 53 2.44 53.38 -51.05
CA SER D 53 0.99 53.43 -50.83
C SER D 53 0.29 52.14 -50.47
N ASP D 54 0.66 51.03 -51.09
CA ASP D 54 0.00 49.77 -50.81
C ASP D 54 0.24 49.22 -49.40
N SER D 55 1.17 49.84 -48.69
CA SER D 55 1.47 49.44 -47.33
C SER D 55 0.66 50.30 -46.36
N ILE D 56 -0.47 50.83 -46.80
CA ILE D 56 -1.32 51.62 -45.93
C ILE D 56 -2.59 50.83 -45.68
N GLU D 57 -2.73 50.31 -44.47
CA GLU D 57 -3.86 49.49 -44.08
C GLU D 57 -4.90 50.25 -43.32
N LYS D 58 -5.93 50.72 -43.98
CA LYS D 58 -6.94 51.43 -43.24
C LYS D 58 -8.28 50.72 -43.32
N ILE D 59 -8.30 49.63 -44.08
CA ILE D 59 -9.48 48.79 -44.19
C ILE D 59 -8.96 47.40 -43.81
N VAL D 60 -9.53 46.80 -42.78
CA VAL D 60 -9.10 45.47 -42.36
C VAL D 60 -10.27 44.53 -42.21
N GLU D 61 -9.94 43.25 -42.31
CA GLU D 61 -10.91 42.17 -42.16
C GLU D 61 -10.96 41.75 -40.71
N ILE D 62 -12.15 41.70 -40.17
CA ILE D 62 -12.27 41.25 -38.81
C ILE D 62 -12.57 39.78 -38.97
N ASP D 63 -13.55 39.45 -39.80
CA ASP D 63 -13.84 38.05 -40.07
C ASP D 63 -14.31 37.98 -41.49
N ARG D 64 -14.52 36.77 -42.01
CA ARG D 64 -14.98 36.66 -43.37
C ARG D 64 -16.24 37.46 -43.58
N HIS D 65 -17.05 37.62 -42.56
CA HIS D 65 -18.26 38.37 -42.76
C HIS D 65 -18.24 39.75 -42.14
N ILE D 66 -17.06 40.24 -41.79
CA ILE D 66 -16.97 41.54 -41.16
C ILE D 66 -15.68 42.23 -41.49
N GLY D 67 -15.80 43.45 -41.98
CA GLY D 67 -14.64 44.22 -42.32
C GLY D 67 -14.77 45.54 -41.60
N CYS D 68 -13.68 46.27 -41.51
CA CYS D 68 -13.78 47.53 -40.86
C CYS D 68 -12.76 48.53 -41.38
N ALA D 69 -13.15 49.80 -41.36
CA ALA D 69 -12.32 50.89 -41.82
C ALA D 69 -12.10 51.81 -40.64
N MET D 70 -10.92 52.37 -40.59
CA MET D 70 -10.54 53.24 -39.50
C MET D 70 -10.23 54.65 -39.96
N SER D 71 -10.33 55.59 -39.03
CA SER D 71 -10.02 56.98 -39.33
C SER D 71 -9.56 57.65 -38.04
N GLY D 72 -8.33 58.16 -38.03
CA GLY D 72 -7.80 58.82 -36.84
C GLY D 72 -6.37 58.42 -36.59
N LEU D 73 -5.99 58.34 -35.32
CA LEU D 73 -4.64 57.89 -34.95
C LEU D 73 -4.72 56.38 -35.19
N THR D 74 -4.42 55.96 -36.41
CA THR D 74 -4.52 54.56 -36.78
C THR D 74 -3.71 53.52 -36.02
N ALA D 75 -2.68 53.92 -35.31
CA ALA D 75 -1.90 52.93 -34.55
C ALA D 75 -2.79 52.44 -33.42
N ASP D 76 -3.57 53.34 -32.85
CA ASP D 76 -4.48 53.04 -31.76
C ASP D 76 -5.46 51.95 -32.15
N ALA D 77 -5.66 51.76 -33.44
CA ALA D 77 -6.61 50.76 -33.90
C ALA D 77 -6.13 49.32 -33.84
N ARG D 78 -4.84 49.10 -33.83
CA ARG D 78 -4.35 47.73 -33.80
C ARG D 78 -4.95 46.88 -32.67
N SER D 79 -4.76 47.27 -31.42
CA SER D 79 -5.31 46.51 -30.31
C SER D 79 -6.82 46.34 -30.42
N MET D 80 -7.50 47.22 -31.15
CA MET D 80 -8.95 47.09 -31.29
C MET D 80 -9.26 46.05 -32.35
N ILE D 81 -8.47 46.02 -33.43
CA ILE D 81 -8.69 45.04 -34.47
C ILE D 81 -8.49 43.66 -33.85
N GLU D 82 -7.35 43.49 -33.18
CA GLU D 82 -7.01 42.23 -32.52
C GLU D 82 -8.16 41.73 -31.65
N HIS D 83 -8.67 42.57 -30.78
CA HIS D 83 -9.79 42.18 -29.96
C HIS D 83 -11.01 41.78 -30.79
N ALA D 84 -11.31 42.54 -31.84
CA ALA D 84 -12.48 42.22 -32.65
C ALA D 84 -12.32 40.88 -33.37
N ARG D 85 -11.12 40.61 -33.84
CA ARG D 85 -10.86 39.35 -34.52
C ARG D 85 -11.08 38.24 -33.52
N THR D 86 -10.35 38.32 -32.41
CA THR D 86 -10.45 37.34 -31.34
C THR D 86 -11.86 37.14 -30.85
N ALA D 87 -12.64 38.20 -30.79
CA ALA D 87 -14.02 38.08 -30.32
C ALA D 87 -14.89 37.33 -31.28
N ALA D 88 -14.59 37.45 -32.56
CA ALA D 88 -15.37 36.78 -33.57
C ALA D 88 -14.99 35.33 -33.64
N VAL D 89 -13.71 35.07 -33.74
CA VAL D 89 -13.22 33.72 -33.81
C VAL D 89 -13.67 33.00 -32.56
N THR D 90 -13.36 33.57 -31.41
CA THR D 90 -13.78 32.95 -30.18
C THR D 90 -15.26 32.65 -30.17
N HIS D 91 -16.09 33.51 -30.77
CA HIS D 91 -17.54 33.26 -30.76
C HIS D 91 -17.89 32.01 -31.53
N ASN D 92 -17.18 31.81 -32.63
CA ASN D 92 -17.39 30.67 -33.49
C ASN D 92 -17.00 29.43 -32.72
N LEU D 93 -15.90 29.52 -31.96
CA LEU D 93 -15.44 28.40 -31.14
C LEU D 93 -16.48 27.96 -30.12
N TYR D 94 -17.03 28.88 -29.34
CA TYR D 94 -18.03 28.53 -28.32
C TYR D 94 -19.44 28.32 -28.80
N TYR D 95 -19.75 28.64 -30.06
CA TYR D 95 -21.13 28.49 -30.51
C TYR D 95 -21.34 27.95 -31.89
N ASP D 96 -20.26 27.62 -32.58
CA ASP D 96 -20.38 27.06 -33.92
C ASP D 96 -21.34 27.87 -34.80
N GLU D 97 -20.98 29.14 -35.04
CA GLU D 97 -21.77 30.06 -35.86
C GLU D 97 -20.96 31.34 -35.97
N ASP D 98 -21.46 32.29 -36.78
CA ASP D 98 -20.82 33.59 -36.98
C ASP D 98 -21.38 34.56 -35.96
N ILE D 99 -20.50 35.39 -35.41
CA ILE D 99 -20.93 36.39 -34.45
C ILE D 99 -21.72 37.45 -35.18
N ASN D 100 -22.78 37.92 -34.55
CA ASN D 100 -23.59 38.96 -35.15
C ASN D 100 -22.73 40.18 -35.29
N VAL D 101 -23.01 40.99 -36.29
CA VAL D 101 -22.23 42.20 -36.50
C VAL D 101 -22.43 43.19 -35.35
N GLU D 102 -23.67 43.40 -34.91
CA GLU D 102 -23.85 44.32 -33.80
C GLU D 102 -22.96 43.85 -32.67
N SER D 103 -23.14 42.60 -32.28
CA SER D 103 -22.38 41.95 -31.21
C SER D 103 -20.90 42.15 -31.34
N LEU D 104 -20.36 41.99 -32.53
CA LEU D 104 -18.94 42.23 -32.69
C LEU D 104 -18.66 43.69 -32.34
N THR D 105 -19.43 44.58 -32.94
CA THR D 105 -19.28 45.99 -32.71
C THR D 105 -19.38 46.30 -31.22
N GLN D 106 -20.50 45.92 -30.62
CA GLN D 106 -20.74 46.13 -29.20
C GLN D 106 -19.56 45.66 -28.31
N SER D 107 -18.86 44.63 -28.74
CA SER D 107 -17.74 44.14 -27.96
C SER D 107 -16.59 45.13 -28.05
N VAL D 108 -16.37 45.69 -29.24
CA VAL D 108 -15.31 46.67 -29.47
C VAL D 108 -15.58 47.94 -28.66
N CYS D 109 -16.83 48.38 -28.66
CA CYS D 109 -17.22 49.56 -27.91
C CYS D 109 -17.11 49.37 -26.41
N ASP D 110 -16.99 48.13 -25.98
CA ASP D 110 -16.83 47.84 -24.55
C ASP D 110 -15.42 48.24 -24.09
N LEU D 111 -14.48 48.33 -25.01
CA LEU D 111 -13.12 48.72 -24.66
C LEU D 111 -13.03 50.23 -24.46
N ALA D 112 -13.71 50.95 -25.34
CA ALA D 112 -13.72 52.40 -25.35
C ALA D 112 -13.46 53.13 -24.04
N LEU D 113 -14.43 53.11 -23.14
CA LEU D 113 -14.27 53.81 -21.87
C LEU D 113 -13.42 53.17 -20.76
N ARG D 114 -12.63 52.14 -21.10
CA ARG D 114 -11.77 51.50 -20.12
C ARG D 114 -10.42 52.20 -20.00
N PHE D 115 -10.45 53.48 -19.68
CA PHE D 115 -9.23 54.26 -19.51
C PHE D 115 -9.36 54.94 -18.16
N GLY D 116 -8.24 55.28 -17.53
CA GLY D 116 -8.32 55.93 -16.22
C GLY D 116 -7.07 55.84 -15.37
N GLU D 117 -7.19 56.19 -14.10
CA GLU D 117 -6.04 56.14 -13.18
C GLU D 117 -6.33 55.55 -11.81
N GLY D 118 -7.26 54.60 -11.75
CA GLY D 118 -7.65 53.99 -10.48
C GLY D 118 -9.12 54.25 -10.15
N ALA D 119 -9.92 54.34 -11.22
CA ALA D 119 -11.36 54.61 -11.15
C ALA D 119 -12.15 53.44 -10.52
N SER D 120 -12.48 53.58 -9.24
CA SER D 120 -13.22 52.56 -8.49
C SER D 120 -14.57 52.15 -9.11
N GLY D 121 -14.49 51.33 -10.17
CA GLY D 121 -15.65 50.84 -10.88
C GLY D 121 -15.39 49.43 -11.40
N GLU D 122 -14.10 49.15 -11.68
CA GLU D 122 -13.59 47.84 -12.17
C GLU D 122 -12.04 48.00 -12.26
N GLU D 123 -11.38 47.42 -13.27
CA GLU D 123 -9.92 47.59 -13.44
C GLU D 123 -9.57 48.14 -14.85
N ARG D 124 -9.77 49.45 -15.01
CA ARG D 124 -9.52 50.18 -16.28
C ARG D 124 -8.02 50.47 -16.47
N LEU D 125 -7.34 49.59 -17.19
CA LEU D 125 -5.89 49.72 -17.41
C LEU D 125 -5.53 50.27 -18.82
N MET D 126 -5.79 51.55 -19.05
CA MET D 126 -5.48 52.20 -20.32
C MET D 126 -5.42 53.69 -19.97
N SER D 127 -4.33 54.36 -20.33
CA SER D 127 -4.17 55.74 -19.94
C SER D 127 -4.99 56.80 -20.62
N ARG D 128 -5.53 56.52 -21.81
CA ARG D 128 -6.32 57.52 -22.53
C ARG D 128 -7.25 56.83 -23.48
N PRO D 129 -8.35 57.49 -23.86
CA PRO D 129 -9.25 56.83 -24.79
C PRO D 129 -8.51 56.54 -26.10
N PHE D 130 -9.18 55.87 -27.02
CA PHE D 130 -8.59 55.56 -28.30
C PHE D 130 -8.73 56.81 -29.15
N GLY D 131 -7.69 57.13 -29.91
CA GLY D 131 -7.81 58.29 -30.76
C GLY D 131 -8.14 57.87 -32.16
N VAL D 132 -9.21 57.07 -32.33
CA VAL D 132 -9.58 56.56 -33.64
C VAL D 132 -11.04 56.15 -33.69
N ALA D 133 -11.65 56.26 -34.85
CA ALA D 133 -13.04 55.88 -35.02
C ALA D 133 -13.04 54.79 -36.05
N LEU D 134 -13.98 53.87 -35.91
CA LEU D 134 -14.09 52.74 -36.79
C LEU D 134 -15.41 52.67 -37.49
N LEU D 135 -15.34 52.15 -38.70
CA LEU D 135 -16.49 51.95 -39.51
C LEU D 135 -16.46 50.44 -39.60
N ILE D 136 -17.48 49.81 -39.04
CA ILE D 136 -17.54 48.39 -39.02
C ILE D 136 -18.71 48.01 -39.83
N ALA D 137 -18.47 47.21 -40.84
CA ALA D 137 -19.54 46.78 -41.68
C ALA D 137 -19.39 45.31 -41.91
N GLY D 138 -20.53 44.64 -41.98
CA GLY D 138 -20.52 43.22 -42.20
C GLY D 138 -21.91 42.73 -42.49
N HIS D 139 -22.07 41.41 -42.40
CA HIS D 139 -23.35 40.76 -42.66
C HIS D 139 -23.54 39.52 -41.80
N ASP D 140 -24.77 39.35 -41.33
CA ASP D 140 -25.17 38.18 -40.55
C ASP D 140 -26.58 37.82 -41.03
N ALA D 141 -27.03 36.60 -40.75
CA ALA D 141 -28.35 36.16 -41.20
C ALA D 141 -29.59 36.78 -40.57
N ASP D 142 -29.50 37.33 -39.36
CA ASP D 142 -30.68 37.92 -38.70
C ASP D 142 -31.02 39.38 -39.06
N ASP D 143 -30.03 40.16 -39.45
CA ASP D 143 -30.27 41.56 -39.81
C ASP D 143 -29.64 42.08 -41.10
N GLY D 144 -29.24 41.17 -41.96
CA GLY D 144 -28.66 41.56 -43.23
C GLY D 144 -27.41 42.37 -43.13
N TYR D 145 -27.21 43.21 -44.14
CA TYR D 145 -26.02 44.05 -44.22
C TYR D 145 -26.12 45.22 -43.28
N GLN D 146 -25.02 45.51 -42.59
CA GLN D 146 -25.00 46.59 -41.63
C GLN D 146 -23.67 47.34 -41.59
N LEU D 147 -23.79 48.64 -41.35
CA LEU D 147 -22.64 49.53 -41.26
C LEU D 147 -22.68 50.12 -39.87
N PHE D 148 -21.53 50.16 -39.21
CA PHE D 148 -21.46 50.68 -37.88
C PHE D 148 -20.34 51.66 -37.74
N HIS D 149 -20.59 52.68 -36.93
CA HIS D 149 -19.61 53.70 -36.65
C HIS D 149 -19.35 53.56 -35.17
N ALA D 150 -18.10 53.26 -34.82
CA ALA D 150 -17.70 53.10 -33.44
C ALA D 150 -16.79 54.24 -32.98
N GLU D 151 -17.24 55.01 -31.99
CA GLU D 151 -16.49 56.16 -31.45
C GLU D 151 -15.83 55.83 -30.11
N PRO D 152 -14.78 56.59 -29.73
CA PRO D 152 -14.04 56.40 -28.48
C PRO D 152 -14.86 56.69 -27.22
N SER D 153 -16.14 57.02 -27.38
CA SER D 153 -16.99 57.30 -26.25
C SER D 153 -17.79 56.06 -25.88
N GLY D 154 -17.57 54.97 -26.62
CA GLY D 154 -18.29 53.75 -26.32
C GLY D 154 -19.59 53.64 -27.06
N THR D 155 -20.11 54.76 -27.58
CA THR D 155 -21.36 54.71 -28.32
C THR D 155 -21.03 54.34 -29.77
N PHE D 156 -21.97 53.68 -30.41
CA PHE D 156 -21.79 53.27 -31.78
C PHE D 156 -23.19 53.36 -32.34
N TYR D 157 -23.29 53.69 -33.62
CA TYR D 157 -24.59 53.83 -34.28
C TYR D 157 -24.56 53.03 -35.57
N ARG D 158 -25.75 52.68 -36.04
CA ARG D 158 -25.94 51.97 -37.29
C ARG D 158 -26.34 53.06 -38.34
N TYR D 159 -25.65 53.07 -39.48
CA TYR D 159 -25.90 54.06 -40.55
C TYR D 159 -26.16 53.40 -41.91
N ASN D 160 -27.01 54.04 -42.70
CA ASN D 160 -27.26 53.55 -44.03
C ASN D 160 -26.03 53.89 -44.86
N ALA D 161 -25.30 54.93 -44.42
CA ALA D 161 -24.05 55.40 -45.04
C ALA D 161 -23.43 56.37 -44.07
N LYS D 162 -22.11 56.45 -44.05
CA LYS D 162 -21.46 57.37 -43.13
C LYS D 162 -20.03 57.63 -43.53
N ALA D 163 -19.59 58.84 -43.23
CA ALA D 163 -18.25 59.28 -43.52
C ALA D 163 -17.63 59.74 -42.23
N ILE D 164 -16.34 59.48 -42.08
CA ILE D 164 -15.63 59.86 -40.90
C ILE D 164 -14.26 60.33 -41.32
N GLY D 165 -13.69 61.22 -40.49
CA GLY D 165 -12.38 61.80 -40.74
C GLY D 165 -12.47 63.25 -41.20
N SER D 166 -11.40 63.75 -41.78
CA SER D 166 -11.38 65.13 -42.24
C SER D 166 -12.62 65.59 -43.02
N GLY D 167 -12.82 65.10 -44.23
CA GLY D 167 -13.97 65.57 -44.97
C GLY D 167 -15.36 65.19 -44.47
N SER D 168 -15.52 64.83 -43.21
CA SER D 168 -16.83 64.39 -42.71
C SER D 168 -18.09 65.20 -42.98
N GLU D 169 -18.28 66.36 -42.36
CA GLU D 169 -19.52 67.15 -42.55
C GLU D 169 -19.90 67.34 -44.01
N GLY D 170 -18.90 67.51 -44.85
CA GLY D 170 -19.16 67.70 -46.26
C GLY D 170 -19.66 66.39 -46.81
N ALA D 171 -18.82 65.37 -46.73
CA ALA D 171 -19.15 64.04 -47.24
C ALA D 171 -20.45 63.49 -46.70
N GLN D 172 -20.72 63.75 -45.44
CA GLN D 172 -21.95 63.27 -44.85
C GLN D 172 -23.13 63.93 -45.52
N ALA D 173 -23.02 65.24 -45.69
CA ALA D 173 -24.08 66.03 -46.32
C ALA D 173 -24.36 65.47 -47.70
N GLU D 174 -23.30 65.14 -48.41
CA GLU D 174 -23.40 64.56 -49.74
C GLU D 174 -24.18 63.22 -49.63
N LEU D 175 -23.63 62.28 -48.86
CA LEU D 175 -24.25 60.95 -48.65
C LEU D 175 -25.73 61.06 -48.34
N LEU D 176 -26.09 61.97 -47.46
CA LEU D 176 -27.46 62.16 -47.07
C LEU D 176 -28.38 62.29 -48.29
N ASN D 177 -27.94 63.05 -49.28
CA ASN D 177 -28.73 63.28 -50.48
C ASN D 177 -28.80 62.14 -51.49
N GLU D 178 -27.63 61.62 -51.87
CA GLU D 178 -27.56 60.54 -52.84
C GLU D 178 -28.16 59.19 -52.44
N TRP D 179 -28.10 58.84 -51.15
CA TRP D 179 -28.59 57.54 -50.64
C TRP D 179 -30.07 57.24 -50.76
N HIS D 180 -30.36 55.98 -51.09
CA HIS D 180 -31.72 55.51 -51.21
C HIS D 180 -31.76 54.00 -51.07
N SER D 181 -32.88 53.53 -50.52
CA SER D 181 -33.12 52.12 -50.28
C SER D 181 -32.72 51.17 -51.40
N SER D 182 -33.12 51.50 -52.63
CA SER D 182 -32.83 50.65 -53.77
C SER D 182 -31.53 50.89 -54.52
N LEU D 183 -30.45 51.16 -53.80
CA LEU D 183 -29.15 51.39 -54.41
C LEU D 183 -28.50 50.07 -54.85
N THR D 184 -27.41 50.14 -55.61
CA THR D 184 -26.75 48.92 -56.06
C THR D 184 -25.29 48.93 -55.62
N LEU D 185 -24.65 47.77 -55.59
CA LEU D 185 -23.26 47.70 -55.18
C LEU D 185 -22.40 48.64 -56.02
N LYS D 186 -22.52 48.53 -57.34
CA LYS D 186 -21.74 49.36 -58.21
C LYS D 186 -22.03 50.84 -57.99
N GLU D 187 -23.29 51.18 -57.80
CA GLU D 187 -23.65 52.56 -57.53
C GLU D 187 -22.90 53.04 -56.28
N ALA D 188 -23.05 52.29 -55.18
CA ALA D 188 -22.38 52.64 -53.92
C ALA D 188 -20.89 52.80 -54.07
N GLU D 189 -20.26 51.87 -54.77
CA GLU D 189 -18.83 51.94 -54.97
C GLU D 189 -18.55 53.30 -55.55
N LEU D 190 -19.31 53.63 -56.59
CA LEU D 190 -19.18 54.90 -57.26
C LEU D 190 -19.29 56.05 -56.31
N LEU D 191 -20.43 56.14 -55.63
CA LEU D 191 -20.62 57.20 -54.68
C LEU D 191 -19.43 57.33 -53.79
N VAL D 192 -19.03 56.25 -53.15
CA VAL D 192 -17.89 56.34 -52.28
C VAL D 192 -16.75 56.97 -53.03
N LEU D 193 -16.47 56.42 -54.19
CA LEU D 193 -15.39 56.91 -55.02
C LEU D 193 -15.53 58.40 -55.40
N LYS D 194 -16.76 58.79 -55.76
CA LYS D 194 -17.05 60.15 -56.16
C LYS D 194 -16.79 61.06 -54.99
N ILE D 195 -17.48 60.76 -53.90
CA ILE D 195 -17.35 61.54 -52.69
C ILE D 195 -15.93 61.60 -52.15
N LEU D 196 -15.16 60.53 -52.29
CA LEU D 196 -13.79 60.60 -51.81
C LEU D 196 -13.04 61.61 -52.67
N LYS D 197 -13.33 61.59 -53.96
CA LYS D 197 -12.71 62.51 -54.93
C LYS D 197 -12.93 63.94 -54.49
N GLN D 198 -14.17 64.27 -54.16
CA GLN D 198 -14.47 65.61 -53.71
C GLN D 198 -13.67 66.11 -52.52
N VAL D 199 -13.74 65.41 -51.39
CA VAL D 199 -13.04 65.82 -50.18
C VAL D 199 -11.53 65.61 -50.17
N MET D 200 -11.01 64.77 -51.03
CA MET D 200 -9.57 64.56 -51.03
C MET D 200 -8.79 65.76 -51.56
N GLU D 201 -7.66 66.10 -50.96
CA GLU D 201 -6.87 67.21 -51.46
C GLU D 201 -6.17 66.80 -52.74
N GLU D 202 -5.34 65.77 -52.68
CA GLU D 202 -4.65 65.30 -53.90
C GLU D 202 -5.68 64.65 -54.85
N LYS D 203 -5.30 64.40 -56.12
CA LYS D 203 -6.22 63.81 -57.10
C LYS D 203 -6.33 62.31 -56.94
N LEU D 204 -7.53 61.87 -56.62
CA LEU D 204 -7.83 60.47 -56.40
C LEU D 204 -7.50 59.60 -57.59
N ASP D 205 -6.86 58.47 -57.30
CA ASP D 205 -6.49 57.49 -58.31
C ASP D 205 -6.35 56.20 -57.54
N GLU D 206 -5.95 55.14 -58.21
CA GLU D 206 -5.81 53.85 -57.55
C GLU D 206 -4.81 53.76 -56.38
N ASN D 207 -3.81 54.63 -56.35
CA ASN D 207 -2.80 54.58 -55.29
C ASN D 207 -3.03 55.44 -54.07
N ASN D 208 -4.20 56.03 -53.93
CA ASN D 208 -4.38 56.86 -52.77
C ASN D 208 -5.76 56.71 -52.19
N ALA D 209 -6.57 55.87 -52.81
CA ALA D 209 -7.90 55.60 -52.29
C ALA D 209 -8.02 54.10 -52.34
N GLN D 210 -8.74 53.53 -51.39
CA GLN D 210 -8.93 52.11 -51.34
C GLN D 210 -10.38 51.84 -50.98
N LEU D 211 -10.96 50.92 -51.75
CA LEU D 211 -12.35 50.49 -51.64
C LEU D 211 -12.43 49.05 -51.18
N SER D 212 -13.58 48.68 -50.67
CA SER D 212 -13.77 47.32 -50.23
C SER D 212 -15.26 47.16 -50.05
N CYS D 213 -15.66 45.89 -50.08
CA CYS D 213 -17.06 45.53 -49.90
C CYS D 213 -17.08 44.19 -49.18
N ILE D 214 -18.22 43.89 -48.59
CA ILE D 214 -18.38 42.62 -47.93
C ILE D 214 -19.75 42.21 -48.45
N THR D 215 -19.84 40.98 -48.92
CA THR D 215 -21.09 40.47 -49.47
C THR D 215 -21.36 39.08 -48.94
N LYS D 216 -22.63 38.68 -48.93
CA LYS D 216 -23.03 37.36 -48.45
C LYS D 216 -22.27 36.27 -49.22
N GLN D 217 -22.23 36.41 -50.53
CA GLN D 217 -21.56 35.40 -51.33
C GLN D 217 -20.06 35.26 -51.10
N ASP D 218 -19.30 36.32 -51.31
CA ASP D 218 -17.86 36.20 -51.18
C ASP D 218 -17.23 36.79 -49.92
N GLY D 219 -18.05 37.41 -49.08
CA GLY D 219 -17.55 37.99 -47.85
C GLY D 219 -16.83 39.31 -47.98
N PHE D 220 -15.96 39.61 -47.01
CA PHE D 220 -15.20 40.83 -47.00
C PHE D 220 -14.03 40.74 -47.96
N LYS D 221 -14.03 41.63 -48.94
CA LYS D 221 -12.97 41.69 -49.95
C LYS D 221 -12.41 43.10 -50.08
N ILE D 222 -11.10 43.21 -50.06
CA ILE D 222 -10.45 44.50 -50.23
C ILE D 222 -10.14 44.54 -51.73
N TYR D 223 -10.79 45.47 -52.46
CA TYR D 223 -10.61 45.59 -53.91
C TYR D 223 -9.18 45.87 -54.28
N ASP D 224 -8.65 45.13 -55.25
CA ASP D 224 -7.27 45.34 -55.70
C ASP D 224 -7.18 46.58 -56.58
N ASN D 225 -6.01 47.19 -56.63
CA ASN D 225 -5.82 48.40 -57.41
C ASN D 225 -6.45 48.45 -58.80
N GLU D 226 -6.27 47.39 -59.58
CA GLU D 226 -6.80 47.30 -60.92
C GLU D 226 -8.32 47.39 -60.94
N LYS D 227 -8.99 46.66 -60.06
CA LYS D 227 -10.44 46.70 -60.06
C LYS D 227 -10.89 48.11 -59.75
N THR D 228 -10.27 48.75 -58.78
CA THR D 228 -10.66 50.11 -58.41
C THR D 228 -10.40 51.09 -59.54
N ALA D 229 -9.20 51.03 -60.11
CA ALA D 229 -8.82 51.91 -61.20
C ALA D 229 -9.92 51.90 -62.28
N GLU D 230 -10.39 50.71 -62.64
CA GLU D 230 -11.45 50.60 -63.63
C GLU D 230 -12.61 51.44 -63.15
N LEU D 231 -12.92 51.33 -61.87
CA LEU D 231 -14.04 52.07 -61.29
C LEU D 231 -13.84 53.58 -61.35
N ILE D 232 -12.61 54.00 -61.08
CA ILE D 232 -12.28 55.41 -61.11
C ILE D 232 -12.53 55.88 -62.53
N LYS D 233 -12.09 55.09 -63.50
CA LYS D 233 -12.29 55.40 -64.90
C LYS D 233 -13.79 55.47 -65.19
N GLU D 234 -14.55 54.50 -64.74
CA GLU D 234 -15.99 54.51 -64.96
C GLU D 234 -16.67 55.72 -64.29
N LEU D 235 -15.99 56.39 -63.37
CA LEU D 235 -16.55 57.56 -62.70
C LEU D 235 -16.28 58.84 -63.51
N LYS D 236 -15.05 59.00 -63.99
CA LYS D 236 -14.68 60.16 -64.80
C LYS D 236 -15.75 60.31 -65.88
N GLU D 237 -16.09 59.22 -66.53
CA GLU D 237 -17.10 59.24 -67.56
C GLU D 237 -18.49 59.55 -67.04
N LYS D 238 -18.86 59.01 -65.88
CA LYS D 238 -20.20 59.29 -65.33
C LYS D 238 -20.35 60.77 -65.00
N GLU D 239 -19.32 61.34 -64.39
CA GLU D 239 -19.34 62.75 -64.01
C GLU D 239 -19.19 63.64 -65.24
N ALA D 240 -18.32 63.22 -66.16
CA ALA D 240 -18.06 63.97 -67.39
C ALA D 240 -19.21 64.00 -68.40
N ALA D 241 -20.44 64.01 -67.89
CA ALA D 241 -21.61 64.08 -68.74
C ALA D 241 -22.41 65.25 -68.19
N GLU D 242 -23.25 64.98 -67.19
CA GLU D 242 -24.07 65.99 -66.54
C GLU D 242 -24.42 65.42 -65.15
N PHE E 1 -13.16 79.90 -7.31
CA PHE E 1 -14.44 79.20 -6.96
C PHE E 1 -14.44 77.87 -7.74
N ARG E 2 -15.62 77.29 -8.01
CA ARG E 2 -15.78 76.01 -8.74
C ARG E 2 -14.54 75.40 -9.37
N ASN E 3 -13.93 76.12 -10.29
CA ASN E 3 -12.73 75.69 -11.01
C ASN E 3 -11.66 75.01 -10.13
N ASN E 4 -11.70 75.27 -8.84
CA ASN E 4 -10.72 74.68 -7.92
C ASN E 4 -11.30 73.46 -7.22
N TYR E 5 -12.62 73.47 -7.04
CA TYR E 5 -13.33 72.41 -6.35
C TYR E 5 -14.04 71.32 -7.18
N ASP E 6 -14.08 71.48 -8.50
CA ASP E 6 -14.75 70.50 -9.36
C ASP E 6 -13.76 69.52 -9.98
N GLY E 7 -12.51 69.57 -9.55
CA GLY E 7 -11.47 68.70 -10.08
C GLY E 7 -11.62 67.19 -9.90
N ASP E 8 -12.48 66.75 -8.98
CA ASP E 8 -12.68 65.33 -8.73
C ASP E 8 -13.81 65.08 -7.76
N THR E 9 -14.22 63.82 -7.63
CA THR E 9 -15.31 63.44 -6.76
C THR E 9 -14.95 63.27 -5.31
N VAL E 10 -13.69 63.49 -5.01
CA VAL E 10 -13.20 63.35 -3.66
C VAL E 10 -13.00 64.73 -3.02
N THR E 11 -13.66 65.73 -3.56
CA THR E 11 -13.51 67.06 -3.03
C THR E 11 -14.87 67.71 -2.81
N PHE E 12 -15.09 68.22 -1.61
CA PHE E 12 -16.36 68.88 -1.29
C PHE E 12 -16.14 70.37 -1.56
N SER E 13 -17.16 71.08 -2.02
CA SER E 13 -17.03 72.53 -2.23
C SER E 13 -17.29 73.20 -0.88
N PRO E 14 -16.91 74.47 -0.71
CA PRO E 14 -17.16 75.13 0.59
C PRO E 14 -18.64 75.23 0.99
N THR E 15 -19.54 74.87 0.07
CA THR E 15 -20.98 74.89 0.31
C THR E 15 -21.48 73.49 0.65
N GLY E 16 -20.62 72.48 0.44
CA GLY E 16 -20.96 71.09 0.71
C GLY E 16 -21.52 70.38 -0.51
N ARG E 17 -21.03 70.78 -1.68
CA ARG E 17 -21.49 70.21 -2.92
C ARG E 17 -20.41 69.34 -3.51
N LEU E 18 -20.84 68.47 -4.41
CA LEU E 18 -19.93 67.56 -5.08
C LEU E 18 -20.11 67.92 -6.53
N PHE E 19 -19.15 68.64 -7.07
CA PHE E 19 -19.25 69.10 -8.43
C PHE E 19 -19.17 68.07 -9.52
N GLN E 20 -18.30 67.10 -9.35
CA GLN E 20 -18.20 66.07 -10.37
C GLN E 20 -19.54 65.34 -10.49
N VAL E 21 -20.17 65.11 -9.35
CA VAL E 21 -21.45 64.44 -9.34
C VAL E 21 -22.44 65.34 -10.05
N GLU E 22 -22.44 66.61 -9.69
CA GLU E 22 -23.36 67.56 -10.33
C GLU E 22 -23.17 67.65 -11.84
N TYR E 23 -21.92 67.66 -12.29
CA TYR E 23 -21.65 67.72 -13.71
C TYR E 23 -22.21 66.46 -14.34
N ALA E 24 -22.09 65.35 -13.63
CA ALA E 24 -22.61 64.08 -14.12
C ALA E 24 -24.10 64.21 -14.36
N LEU E 25 -24.82 64.69 -13.37
CA LEU E 25 -26.26 64.85 -13.49
C LEU E 25 -26.62 65.66 -14.71
N GLU E 26 -25.71 66.52 -15.15
CA GLU E 26 -25.98 67.38 -16.31
C GLU E 26 -26.09 66.61 -17.62
N ALA E 27 -25.28 65.56 -17.78
CA ALA E 27 -25.34 64.77 -19.01
C ALA E 27 -26.70 64.13 -19.14
N ILE E 28 -27.31 63.84 -18.00
CA ILE E 28 -28.61 63.24 -17.99
C ILE E 28 -29.57 64.24 -18.64
N LYS E 29 -29.49 65.49 -18.20
CA LYS E 29 -30.34 66.58 -18.72
C LYS E 29 -30.16 66.74 -20.22
N GLN E 30 -28.96 66.44 -20.68
CA GLN E 30 -28.61 66.52 -22.10
C GLN E 30 -29.25 65.38 -22.92
N GLY E 31 -29.54 64.26 -22.25
CA GLY E 31 -30.11 63.12 -22.94
C GLY E 31 -31.57 63.21 -23.33
N SER E 32 -32.05 62.26 -24.11
CA SER E 32 -33.43 62.28 -24.54
C SER E 32 -34.38 62.01 -23.37
N VAL E 33 -35.65 62.32 -23.56
CA VAL E 33 -36.64 62.14 -22.52
C VAL E 33 -37.22 60.75 -22.47
N THR E 34 -37.57 60.34 -21.26
CA THR E 34 -38.20 59.07 -21.05
C THR E 34 -39.11 59.23 -19.84
N VAL E 35 -40.21 58.51 -19.86
CA VAL E 35 -41.21 58.57 -18.81
C VAL E 35 -41.50 57.18 -18.27
N GLY E 36 -41.85 57.13 -17.00
CA GLY E 36 -42.20 55.88 -16.39
C GLY E 36 -43.45 56.19 -15.61
N LEU E 37 -44.37 55.25 -15.53
CA LEU E 37 -45.59 55.46 -14.76
C LEU E 37 -46.14 54.09 -14.49
N ARG E 38 -46.71 53.92 -13.31
CA ARG E 38 -47.27 52.64 -12.93
C ARG E 38 -48.68 52.77 -12.37
N SER E 39 -49.46 51.70 -12.55
CA SER E 39 -50.81 51.60 -12.00
C SER E 39 -50.60 50.63 -10.84
N ASN E 40 -51.62 49.88 -10.46
CA ASN E 40 -51.45 48.91 -9.39
C ASN E 40 -51.20 47.53 -10.01
N THR E 41 -51.36 47.42 -11.32
CA THR E 41 -51.16 46.16 -12.01
C THR E 41 -50.03 46.11 -13.04
N HIS E 42 -49.68 47.25 -13.62
CA HIS E 42 -48.59 47.30 -14.60
C HIS E 42 -47.76 48.54 -14.40
N ALA E 43 -46.63 48.58 -15.09
CA ALA E 43 -45.72 49.71 -15.04
C ALA E 43 -45.23 49.86 -16.47
N VAL E 44 -45.23 51.09 -16.99
CA VAL E 44 -44.79 51.26 -18.35
C VAL E 44 -43.65 52.21 -18.47
N LEU E 45 -42.93 52.07 -19.55
CA LEU E 45 -41.82 52.93 -19.87
C LEU E 45 -42.04 53.32 -21.30
N VAL E 46 -41.97 54.62 -21.55
CA VAL E 46 -42.12 55.15 -22.88
C VAL E 46 -40.91 56.05 -22.96
N ALA E 47 -40.19 55.96 -24.05
CA ALA E 47 -39.01 56.76 -24.15
C ALA E 47 -38.84 57.26 -25.56
N LEU E 48 -38.42 58.51 -25.67
CA LEU E 48 -38.21 59.05 -26.96
C LEU E 48 -36.79 58.68 -27.33
N LYS E 49 -36.64 57.97 -28.42
CA LYS E 49 -35.32 57.57 -28.87
C LYS E 49 -34.79 58.70 -29.73
N ARG E 50 -33.48 58.90 -29.70
CA ARG E 50 -32.84 59.98 -30.45
C ARG E 50 -31.86 59.50 -31.50
N ASN E 51 -32.08 59.92 -32.74
CA ASN E 51 -31.19 59.58 -33.86
C ASN E 51 -30.07 60.61 -33.95
N ALA E 52 -29.10 60.40 -34.83
CA ALA E 52 -27.99 61.34 -35.00
C ALA E 52 -28.16 62.15 -36.30
N ASP E 53 -28.50 61.43 -37.37
CA ASP E 53 -28.75 61.98 -38.70
C ASP E 53 -30.08 61.34 -39.13
N GLU E 54 -30.56 61.67 -40.32
CA GLU E 54 -31.80 61.05 -40.80
C GLU E 54 -31.37 59.78 -41.52
N LEU E 55 -30.05 59.52 -41.43
CA LEU E 55 -29.40 58.37 -42.02
C LEU E 55 -28.87 57.35 -40.99
N SER E 56 -29.35 57.42 -39.74
CA SER E 56 -28.89 56.49 -38.71
C SER E 56 -30.01 55.94 -37.85
N SER E 57 -29.63 55.02 -36.96
CA SER E 57 -30.55 54.38 -36.02
C SER E 57 -30.84 55.29 -34.82
N TYR E 58 -31.94 55.03 -34.11
CA TYR E 58 -32.27 55.81 -32.92
C TYR E 58 -31.78 54.99 -31.73
N GLN E 59 -30.78 55.50 -31.01
CA GLN E 59 -30.18 54.82 -29.86
C GLN E 59 -31.21 54.16 -28.95
N LYS E 60 -31.04 52.86 -28.72
CA LYS E 60 -31.99 52.13 -27.86
C LYS E 60 -31.87 52.68 -26.45
N LYS E 61 -33.01 52.95 -25.82
CA LYS E 61 -33.01 53.49 -24.47
C LYS E 61 -33.58 52.59 -23.40
N ILE E 62 -34.17 51.44 -23.78
CA ILE E 62 -34.72 50.53 -22.78
C ILE E 62 -33.99 49.20 -22.77
N ILE E 63 -33.74 48.69 -21.58
CA ILE E 63 -33.03 47.42 -21.42
C ILE E 63 -33.81 46.52 -20.47
N LYS E 64 -33.85 45.24 -20.81
CA LYS E 64 -34.54 44.24 -20.01
C LYS E 64 -33.50 43.71 -19.05
N CYS E 65 -33.83 43.66 -17.76
CA CYS E 65 -32.90 43.15 -16.75
C CYS E 65 -33.16 41.70 -16.38
N ASP E 66 -34.44 41.37 -16.23
CA ASP E 66 -34.88 40.02 -15.93
C ASP E 66 -36.27 39.97 -16.50
N GLU E 67 -36.94 38.85 -16.33
CA GLU E 67 -38.27 38.72 -16.87
C GLU E 67 -39.22 39.63 -16.14
N HIS E 68 -38.83 40.11 -14.97
CA HIS E 68 -39.70 40.97 -14.17
C HIS E 68 -39.18 42.38 -13.90
N MET E 69 -38.08 42.77 -14.52
CA MET E 69 -37.53 44.08 -14.23
C MET E 69 -36.84 44.62 -15.46
N GLY E 70 -36.92 45.93 -15.63
CA GLY E 70 -36.29 46.56 -16.77
C GLY E 70 -36.17 48.04 -16.56
N LEU E 71 -35.41 48.70 -17.42
CA LEU E 71 -35.22 50.13 -17.23
C LEU E 71 -35.05 50.91 -18.50
N SER E 72 -35.17 52.23 -18.38
CA SER E 72 -34.95 53.12 -19.49
C SER E 72 -33.84 54.04 -19.01
N LEU E 73 -32.95 54.38 -19.92
CA LEU E 73 -31.78 55.21 -19.64
C LEU E 73 -31.83 56.61 -20.24
N ALA E 74 -31.18 57.55 -19.57
CA ALA E 74 -31.12 58.93 -20.04
C ALA E 74 -29.74 59.43 -19.74
N GLY E 75 -28.91 59.52 -20.75
CA GLY E 75 -27.55 60.00 -20.52
C GLY E 75 -26.52 59.20 -21.28
N LEU E 76 -25.39 58.99 -20.63
CA LEU E 76 -24.27 58.25 -21.18
C LEU E 76 -24.67 56.79 -21.31
N ALA E 77 -24.82 56.33 -22.55
CA ALA E 77 -25.20 54.95 -22.83
C ALA E 77 -24.24 53.91 -22.26
N PRO E 78 -22.92 54.06 -22.46
CA PRO E 78 -22.02 53.05 -21.91
C PRO E 78 -22.31 52.80 -20.44
N ASP E 79 -22.49 53.87 -19.68
CA ASP E 79 -22.77 53.74 -18.26
C ASP E 79 -24.06 52.98 -17.95
N ALA E 80 -25.03 53.04 -18.85
CA ALA E 80 -26.27 52.34 -18.61
C ALA E 80 -25.99 50.89 -18.84
N ARG E 81 -25.16 50.60 -19.85
CA ARG E 81 -24.83 49.22 -20.15
C ARG E 81 -24.21 48.67 -18.89
N VAL E 82 -23.12 49.28 -18.42
CA VAL E 82 -22.47 48.81 -17.22
C VAL E 82 -23.43 48.63 -16.05
N LEU E 83 -24.37 49.54 -15.87
CA LEU E 83 -25.31 49.43 -14.77
C LEU E 83 -26.42 48.42 -14.98
N SER E 84 -26.86 48.24 -16.22
CA SER E 84 -27.92 47.28 -16.46
C SER E 84 -27.36 45.88 -16.24
N ASN E 85 -26.14 45.67 -16.71
CA ASN E 85 -25.44 44.41 -16.56
C ASN E 85 -25.45 44.05 -15.08
N TYR E 86 -25.01 44.98 -14.24
CA TYR E 86 -24.97 44.76 -12.80
C TYR E 86 -26.35 44.38 -12.30
N LEU E 87 -27.36 45.09 -12.75
CA LEU E 87 -28.68 44.77 -12.30
C LEU E 87 -29.04 43.39 -12.85
N ARG E 88 -28.48 43.04 -14.00
CA ARG E 88 -28.77 41.75 -14.60
C ARG E 88 -28.19 40.67 -13.71
N GLN E 89 -26.93 40.84 -13.33
CA GLN E 89 -26.25 39.89 -12.48
C GLN E 89 -26.95 39.71 -11.15
N GLN E 90 -27.23 40.80 -10.44
CA GLN E 90 -27.88 40.72 -9.15
C GLN E 90 -29.21 40.02 -9.24
N CYS E 91 -29.88 40.14 -10.39
CA CYS E 91 -31.17 39.49 -10.58
C CYS E 91 -30.96 38.01 -10.74
N ASN E 92 -29.88 37.68 -11.43
CA ASN E 92 -29.48 36.29 -11.70
C ASN E 92 -29.15 35.60 -10.38
N TYR E 93 -28.26 36.20 -9.62
CA TYR E 93 -27.86 35.65 -8.36
C TYR E 93 -29.07 35.33 -7.51
N SER E 94 -29.99 36.28 -7.35
CA SER E 94 -31.16 36.03 -6.53
C SER E 94 -31.86 34.78 -6.98
N SER E 95 -32.00 34.62 -8.28
CA SER E 95 -32.64 33.45 -8.83
C SER E 95 -31.86 32.18 -8.55
N LEU E 96 -30.62 32.14 -8.99
CA LEU E 96 -29.81 30.96 -8.83
C LEU E 96 -29.61 30.49 -7.40
N VAL E 97 -29.27 31.40 -6.51
CA VAL E 97 -28.98 31.06 -5.15
C VAL E 97 -30.12 30.94 -4.21
N PHE E 98 -31.15 31.76 -4.41
CA PHE E 98 -32.30 31.76 -3.53
C PHE E 98 -33.60 31.40 -4.23
N ASN E 99 -33.54 31.17 -5.53
CA ASN E 99 -34.73 30.85 -6.30
C ASN E 99 -35.78 31.89 -5.91
N ARG E 100 -35.38 33.16 -6.00
CA ARG E 100 -36.23 34.31 -5.63
C ARG E 100 -36.09 35.44 -6.62
N LYS E 101 -37.20 36.04 -7.03
CA LYS E 101 -37.13 37.15 -7.96
C LYS E 101 -36.75 38.38 -7.15
N LEU E 102 -35.67 39.01 -7.59
CA LEU E 102 -35.14 40.18 -6.94
C LEU E 102 -36.18 41.25 -6.77
N ALA E 103 -36.31 41.78 -5.55
CA ALA E 103 -37.27 42.83 -5.25
C ALA E 103 -36.80 44.13 -5.88
N VAL E 104 -37.71 44.85 -6.55
CA VAL E 104 -37.36 46.10 -7.22
C VAL E 104 -36.75 47.05 -6.22
N GLU E 105 -37.31 47.06 -5.02
CA GLU E 105 -36.83 47.91 -3.95
C GLU E 105 -35.37 47.58 -3.65
N ARG E 106 -35.05 46.31 -3.70
CA ARG E 106 -33.68 45.90 -3.42
C ARG E 106 -32.80 46.23 -4.61
N ALA E 107 -33.35 46.07 -5.82
CA ALA E 107 -32.62 46.38 -7.06
C ALA E 107 -32.20 47.83 -6.93
N GLY E 108 -33.10 48.61 -6.35
CA GLY E 108 -32.84 50.01 -6.12
C GLY E 108 -31.67 50.13 -5.19
N HIS E 109 -31.81 49.64 -3.96
CA HIS E 109 -30.73 49.72 -2.95
C HIS E 109 -29.36 49.31 -3.49
N LEU E 110 -29.33 48.32 -4.37
CA LEU E 110 -28.10 47.83 -4.94
C LEU E 110 -27.47 48.81 -5.91
N LEU E 111 -28.30 49.43 -6.74
CA LEU E 111 -27.80 50.41 -7.69
C LEU E 111 -27.22 51.59 -6.95
N CYS E 112 -28.01 52.13 -6.03
CA CYS E 112 -27.56 53.26 -5.23
C CYS E 112 -26.16 53.04 -4.67
N ASP E 113 -25.96 51.90 -4.02
CA ASP E 113 -24.67 51.55 -3.44
C ASP E 113 -23.59 51.40 -4.51
N LYS E 114 -23.97 51.01 -5.73
CA LYS E 114 -22.97 50.84 -6.79
C LYS E 114 -22.45 52.18 -7.27
N ALA E 115 -23.36 53.13 -7.48
CA ALA E 115 -22.99 54.47 -7.91
C ALA E 115 -22.11 55.17 -6.88
N GLN E 116 -22.61 55.20 -5.64
CA GLN E 116 -21.95 55.85 -4.54
C GLN E 116 -20.45 55.62 -4.45
N LYS E 117 -20.00 54.43 -4.83
CA LYS E 117 -18.57 54.17 -4.75
C LYS E 117 -17.78 55.11 -5.64
N ASN E 118 -18.32 55.42 -6.81
CA ASN E 118 -17.64 56.30 -7.73
C ASN E 118 -17.79 57.76 -7.33
N THR E 119 -18.45 58.03 -6.21
CA THR E 119 -18.66 59.40 -5.75
C THR E 119 -17.99 59.75 -4.40
N GLN E 120 -16.96 58.97 -4.03
CA GLN E 120 -16.19 59.18 -2.79
C GLN E 120 -14.80 58.58 -3.01
N SER E 121 -14.60 58.03 -4.22
CA SER E 121 -13.35 57.39 -4.61
C SER E 121 -12.52 58.17 -5.60
N TYR E 122 -11.22 58.17 -5.35
CA TYR E 122 -10.23 58.85 -6.16
C TYR E 122 -10.14 58.31 -7.58
N GLY E 123 -9.87 59.22 -8.52
CA GLY E 123 -9.72 58.86 -9.93
C GLY E 123 -10.90 58.21 -10.64
N GLY E 124 -11.92 57.82 -9.88
CA GLY E 124 -13.09 57.20 -10.46
C GLY E 124 -13.90 58.31 -11.06
N ARG E 125 -15.10 57.99 -11.51
CA ARG E 125 -15.94 59.02 -12.06
C ARG E 125 -17.36 58.62 -11.85
N PRO E 126 -18.20 59.56 -11.49
CA PRO E 126 -19.58 59.21 -11.28
C PRO E 126 -20.11 58.61 -12.56
N TYR E 127 -21.30 58.04 -12.50
CA TYR E 127 -21.90 57.48 -13.68
C TYR E 127 -22.63 58.61 -14.31
N GLY E 128 -22.69 58.64 -15.63
CA GLY E 128 -23.36 59.74 -16.28
C GLY E 128 -24.64 59.31 -16.91
N VAL E 129 -25.57 58.82 -16.11
CA VAL E 129 -26.84 58.40 -16.69
C VAL E 129 -27.84 58.20 -15.58
N GLY E 130 -29.09 58.54 -15.85
CA GLY E 130 -30.16 58.36 -14.88
C GLY E 130 -30.92 57.16 -15.41
N LEU E 131 -31.73 56.51 -14.59
CA LEU E 131 -32.44 55.34 -15.07
C LEU E 131 -33.81 55.28 -14.51
N LEU E 132 -34.76 54.82 -15.31
CA LEU E 132 -36.14 54.66 -14.87
C LEU E 132 -36.34 53.16 -14.84
N ILE E 133 -36.53 52.62 -13.64
CA ILE E 133 -36.67 51.20 -13.47
C ILE E 133 -38.07 50.80 -13.16
N ILE E 134 -38.57 49.77 -13.82
CA ILE E 134 -39.92 49.29 -13.55
C ILE E 134 -39.86 47.78 -13.28
N GLY E 135 -40.84 47.29 -12.55
CA GLY E 135 -40.85 45.86 -12.25
C GLY E 135 -42.11 45.40 -11.55
N TYR E 136 -42.41 44.12 -11.71
CA TYR E 136 -43.57 43.51 -11.07
C TYR E 136 -43.03 42.40 -10.22
N ASP E 137 -43.40 42.40 -8.95
CA ASP E 137 -42.91 41.38 -8.06
C ASP E 137 -43.93 40.96 -7.03
N LYS E 138 -43.45 40.29 -5.99
CA LYS E 138 -44.31 39.81 -4.92
C LYS E 138 -45.18 40.88 -4.24
N SER E 139 -44.87 42.16 -4.43
CA SER E 139 -45.69 43.19 -3.83
C SER E 139 -46.30 44.15 -4.84
N GLY E 140 -46.43 43.70 -6.09
CA GLY E 140 -47.03 44.53 -7.11
C GLY E 140 -46.12 45.27 -8.06
N ALA E 141 -46.64 46.36 -8.62
CA ALA E 141 -45.90 47.19 -9.58
C ALA E 141 -45.01 48.24 -8.94
N HIS E 142 -43.90 48.52 -9.60
CA HIS E 142 -42.94 49.48 -9.10
C HIS E 142 -42.29 50.27 -10.18
N LEU E 143 -41.86 51.47 -9.83
CA LEU E 143 -41.15 52.35 -10.72
C LEU E 143 -40.16 53.07 -9.83
N LEU E 144 -38.89 53.01 -10.20
CA LEU E 144 -37.82 53.62 -9.46
C LEU E 144 -37.06 54.59 -10.36
N GLU E 145 -36.56 55.67 -9.77
CA GLU E 145 -35.78 56.66 -10.51
C GLU E 145 -34.42 56.64 -9.91
N PHE E 146 -33.40 56.48 -10.74
CA PHE E 146 -32.04 56.46 -10.27
C PHE E 146 -31.24 57.64 -10.82
N GLN E 147 -30.46 58.27 -9.94
CA GLN E 147 -29.60 59.40 -10.31
C GLN E 147 -28.15 59.07 -9.88
N PRO E 148 -27.15 59.37 -10.72
CA PRO E 148 -25.74 59.10 -10.42
C PRO E 148 -25.22 59.63 -9.08
N SER E 149 -25.98 60.51 -8.45
CA SER E 149 -25.59 61.04 -7.17
C SER E 149 -25.66 59.89 -6.19
N GLY E 150 -26.51 58.92 -6.53
CA GLY E 150 -26.73 57.74 -5.71
C GLY E 150 -28.15 57.67 -5.18
N ASN E 151 -28.93 58.72 -5.46
CA ASN E 151 -30.30 58.76 -5.00
C ASN E 151 -31.25 57.98 -5.88
N VAL E 152 -31.97 57.05 -5.27
CA VAL E 152 -32.96 56.24 -5.96
C VAL E 152 -34.29 56.46 -5.26
N THR E 153 -35.34 56.66 -6.05
CA THR E 153 -36.64 56.96 -5.51
C THR E 153 -37.75 56.17 -6.19
N GLU E 154 -38.75 55.80 -5.42
CA GLU E 154 -39.89 55.06 -5.96
C GLU E 154 -41.06 56.00 -6.13
N LEU E 155 -41.64 56.01 -7.32
CA LEU E 155 -42.75 56.89 -7.62
C LEU E 155 -43.88 56.21 -8.33
N TYR E 156 -44.98 56.93 -8.49
CA TYR E 156 -46.10 56.40 -9.21
C TYR E 156 -45.75 56.65 -10.67
N GLY E 157 -44.92 57.67 -10.90
CA GLY E 157 -44.53 57.98 -12.26
C GLY E 157 -43.52 59.09 -12.26
N THR E 158 -42.92 59.33 -13.40
CA THR E 158 -41.95 60.40 -13.55
C THR E 158 -41.31 60.34 -14.92
N ALA E 159 -40.42 61.27 -15.19
CA ALA E 159 -39.73 61.31 -16.46
C ALA E 159 -38.40 61.99 -16.25
N ILE E 160 -37.46 61.72 -17.15
CA ILE E 160 -36.15 62.30 -17.04
C ILE E 160 -35.63 62.50 -18.45
N GLY E 161 -34.58 63.33 -18.54
CA GLY E 161 -33.99 63.65 -19.82
C GLY E 161 -34.38 65.09 -20.12
N ALA E 162 -34.04 65.56 -21.32
CA ALA E 162 -34.34 66.94 -21.71
C ALA E 162 -35.85 67.20 -21.76
N ARG E 163 -36.23 68.37 -21.28
CA ARG E 163 -37.63 68.80 -21.26
C ARG E 163 -38.49 67.91 -20.40
N SER E 164 -37.85 67.04 -19.61
CA SER E 164 -38.55 66.10 -18.75
C SER E 164 -39.63 66.75 -17.90
N GLN E 165 -39.40 68.00 -17.49
CA GLN E 165 -40.36 68.70 -16.65
C GLN E 165 -41.78 68.77 -17.21
N GLY E 166 -41.88 68.65 -18.55
CA GLY E 166 -43.18 68.70 -19.17
C GLY E 166 -44.05 67.57 -18.62
N ALA E 167 -43.67 66.35 -18.96
CA ALA E 167 -44.38 65.15 -18.53
C ALA E 167 -44.46 65.02 -17.01
N LYS E 168 -43.40 65.42 -16.32
CA LYS E 168 -43.39 65.34 -14.86
C LYS E 168 -44.58 66.10 -14.26
N THR E 169 -44.86 67.29 -14.77
CA THR E 169 -45.99 68.05 -14.25
C THR E 169 -47.29 67.39 -14.72
N TYR E 170 -47.28 66.91 -15.96
CA TYR E 170 -48.42 66.22 -16.55
C TYR E 170 -48.88 65.09 -15.63
N LEU E 171 -48.01 64.10 -15.43
CA LEU E 171 -48.33 62.96 -14.59
C LEU E 171 -48.76 63.48 -13.23
N GLU E 172 -48.02 64.44 -12.69
CA GLU E 172 -48.32 65.00 -11.37
C GLU E 172 -49.77 65.43 -11.23
N ARG E 173 -50.44 65.68 -12.35
CA ARG E 173 -51.85 66.06 -12.31
C ARG E 173 -52.64 64.82 -12.68
N THR E 174 -52.19 64.14 -13.74
CA THR E 174 -52.82 62.93 -14.25
C THR E 174 -52.82 61.74 -13.30
N LEU E 175 -52.14 61.87 -12.17
CA LEU E 175 -52.04 60.79 -11.18
C LEU E 175 -53.34 60.07 -10.82
N ASP E 176 -54.25 60.75 -10.11
CA ASP E 176 -55.52 60.18 -9.70
C ASP E 176 -56.16 59.33 -10.81
N THR E 177 -55.91 59.71 -12.06
CA THR E 177 -56.45 59.01 -13.22
C THR E 177 -55.65 57.75 -13.55
N PHE E 178 -54.36 57.88 -13.88
CA PHE E 178 -53.58 56.69 -14.25
C PHE E 178 -53.35 55.59 -13.20
N ILE E 179 -53.21 55.96 -11.92
CA ILE E 179 -52.99 54.97 -10.87
C ILE E 179 -54.15 53.97 -10.76
N LYS E 180 -55.24 54.26 -11.45
CA LYS E 180 -56.43 53.41 -11.43
C LYS E 180 -56.60 52.60 -12.72
N ILE E 181 -55.65 52.71 -13.65
CA ILE E 181 -55.73 51.97 -14.90
C ILE E 181 -55.26 50.53 -14.63
N ASP E 182 -56.06 49.80 -13.88
CA ASP E 182 -55.74 48.42 -13.53
C ASP E 182 -56.36 47.44 -14.50
N GLY E 183 -55.56 46.50 -14.97
CA GLY E 183 -56.06 45.50 -15.88
C GLY E 183 -56.28 45.96 -17.30
N ASN E 184 -55.67 47.08 -17.70
CA ASN E 184 -55.79 47.57 -19.06
C ASN E 184 -54.46 48.14 -19.50
N PRO E 185 -53.54 47.27 -19.92
CA PRO E 185 -52.20 47.68 -20.37
C PRO E 185 -52.22 48.82 -21.42
N ASP E 186 -52.88 48.60 -22.56
CA ASP E 186 -52.93 49.60 -23.62
C ASP E 186 -53.24 51.03 -23.14
N GLU E 187 -54.13 51.17 -22.16
CA GLU E 187 -54.48 52.48 -21.62
C GLU E 187 -53.30 53.14 -20.93
N LEU E 188 -52.67 52.42 -20.00
CA LEU E 188 -51.52 52.94 -19.25
C LEU E 188 -50.51 53.44 -20.27
N ILE E 189 -50.28 52.62 -21.28
CA ILE E 189 -49.35 52.97 -22.34
C ILE E 189 -49.74 54.32 -22.91
N LYS E 190 -51.00 54.47 -23.29
CA LYS E 190 -51.47 55.74 -23.82
C LYS E 190 -51.10 56.83 -22.84
N ALA E 191 -51.45 56.64 -21.57
CA ALA E 191 -51.14 57.61 -20.51
C ALA E 191 -49.67 57.96 -20.50
N GLY E 192 -48.84 56.97 -20.77
CA GLY E 192 -47.41 57.18 -20.84
C GLY E 192 -47.05 58.01 -22.06
N VAL E 193 -47.57 57.62 -23.22
CA VAL E 193 -47.31 58.33 -24.46
C VAL E 193 -47.72 59.79 -24.34
N GLU E 194 -48.95 60.01 -23.86
CA GLU E 194 -49.48 61.34 -23.66
C GLU E 194 -48.39 62.07 -22.88
N ALA E 195 -48.12 61.55 -21.69
CA ALA E 195 -47.09 62.12 -20.84
C ALA E 195 -45.87 62.48 -21.65
N ILE E 196 -45.28 61.51 -22.34
CA ILE E 196 -44.07 61.78 -23.10
C ILE E 196 -44.25 62.91 -24.10
N SER E 197 -45.47 63.07 -24.61
CA SER E 197 -45.77 64.13 -25.58
C SER E 197 -45.58 65.55 -24.99
N GLN E 198 -45.75 65.68 -23.69
CA GLN E 198 -45.61 66.96 -23.02
C GLN E 198 -44.19 67.49 -22.96
N SER E 199 -43.22 66.65 -23.31
CA SER E 199 -41.82 67.06 -23.29
C SER E 199 -41.27 67.05 -24.72
N LEU E 200 -42.14 67.37 -25.67
CA LEU E 200 -41.76 67.42 -27.07
C LEU E 200 -41.70 68.87 -27.56
N ARG E 201 -40.96 69.09 -28.64
CA ARG E 201 -40.77 70.40 -29.27
C ARG E 201 -40.34 70.16 -30.71
N ASP E 202 -39.38 69.24 -30.86
CA ASP E 202 -38.78 68.81 -32.13
C ASP E 202 -39.83 68.52 -33.22
N GLU E 203 -40.29 67.29 -33.26
CA GLU E 203 -41.29 66.82 -34.22
C GLU E 203 -42.14 65.79 -33.48
N SER E 204 -43.30 65.44 -34.03
CA SER E 204 -44.20 64.49 -33.39
C SER E 204 -43.57 63.10 -33.32
N LEU E 205 -43.80 62.39 -32.22
CA LEU E 205 -43.26 61.05 -32.00
C LEU E 205 -43.69 60.07 -33.10
N THR E 206 -42.71 59.46 -33.75
CA THR E 206 -42.96 58.54 -34.86
C THR E 206 -42.57 57.10 -34.60
N VAL E 207 -42.63 56.30 -35.66
CA VAL E 207 -42.28 54.89 -35.63
C VAL E 207 -40.83 54.64 -35.25
N ASP E 208 -39.90 55.34 -35.87
CA ASP E 208 -38.49 55.14 -35.55
C ASP E 208 -38.13 55.89 -34.26
N ASN E 209 -39.01 56.78 -33.84
CA ASN E 209 -38.82 57.64 -32.68
C ASN E 209 -39.16 57.13 -31.28
N LEU E 210 -40.23 56.36 -31.17
CA LEU E 210 -40.70 55.85 -29.89
C LEU E 210 -40.19 54.48 -29.40
N SER E 211 -40.23 54.33 -28.08
CA SER E 211 -39.81 53.12 -27.41
C SER E 211 -40.71 52.98 -26.19
N ILE E 212 -41.32 51.82 -26.04
CA ILE E 212 -42.16 51.61 -24.88
C ILE E 212 -41.89 50.25 -24.32
N ALA E 213 -42.07 50.08 -23.03
CA ALA E 213 -41.83 48.82 -22.40
C ALA E 213 -42.88 48.66 -21.34
N ILE E 214 -43.28 47.41 -21.12
CA ILE E 214 -44.29 47.11 -20.10
C ILE E 214 -44.02 45.79 -19.35
N VAL E 215 -44.32 45.79 -18.06
CA VAL E 215 -44.15 44.64 -17.18
C VAL E 215 -45.40 44.66 -16.31
N GLY E 216 -45.83 43.50 -15.84
CA GLY E 216 -47.00 43.47 -14.98
C GLY E 216 -47.41 42.09 -14.51
N LYS E 217 -48.53 42.04 -13.80
CA LYS E 217 -49.12 40.82 -13.25
C LYS E 217 -48.87 39.61 -14.11
N ASP E 218 -49.52 39.55 -15.26
CA ASP E 218 -49.36 38.42 -16.17
C ASP E 218 -48.67 38.86 -17.46
N THR E 219 -47.80 39.85 -17.34
CA THR E 219 -47.10 40.34 -18.53
C THR E 219 -45.61 40.47 -18.27
N PRO E 220 -44.78 39.61 -18.90
CA PRO E 220 -43.34 39.67 -18.71
C PRO E 220 -42.79 40.93 -19.37
N PHE E 221 -41.74 41.47 -18.77
CA PHE E 221 -41.11 42.68 -19.27
C PHE E 221 -40.86 42.56 -20.76
N THR E 222 -41.64 43.29 -21.55
CA THR E 222 -41.49 43.21 -22.97
C THR E 222 -41.25 44.55 -23.69
N ILE E 223 -40.30 44.51 -24.62
CA ILE E 223 -39.89 45.67 -25.40
C ILE E 223 -40.63 45.82 -26.71
N TYR E 224 -41.35 46.93 -26.85
CA TYR E 224 -42.09 47.24 -28.06
C TYR E 224 -41.38 48.40 -28.72
N ASP E 225 -40.94 48.17 -29.96
CA ASP E 225 -40.25 49.18 -30.73
C ASP E 225 -40.71 49.23 -32.17
N GLY E 226 -40.87 50.45 -32.68
CA GLY E 226 -41.28 50.67 -34.05
C GLY E 226 -42.62 50.14 -34.53
N GLU E 227 -42.53 49.26 -35.52
CA GLU E 227 -43.69 48.63 -36.15
C GLU E 227 -44.85 48.32 -35.20
N ALA E 228 -44.55 48.01 -33.94
CA ALA E 228 -45.58 47.67 -32.99
C ALA E 228 -46.11 48.79 -32.12
N VAL E 229 -45.40 49.91 -32.06
CA VAL E 229 -45.87 51.03 -31.24
C VAL E 229 -46.84 51.92 -32.02
N ALA E 230 -47.02 51.60 -33.29
CA ALA E 230 -47.89 52.32 -34.21
C ALA E 230 -49.25 52.70 -33.64
N LYS E 231 -49.92 51.75 -33.03
CA LYS E 231 -51.25 52.00 -32.48
C LYS E 231 -51.31 53.00 -31.32
N TYR E 232 -50.17 53.30 -30.71
CA TYR E 232 -50.15 54.19 -29.54
C TYR E 232 -49.92 55.69 -29.75
N ILE E 233 -49.76 56.13 -31.00
CA ILE E 233 -49.52 57.55 -31.31
C ILE E 233 -50.82 58.39 -31.29
N GLY F 1 -0.28 81.44 2.95
CA GLY F 1 -1.02 81.23 1.66
C GLY F 1 -2.31 80.45 1.91
N THR F 2 -2.86 79.87 0.85
CA THR F 2 -4.10 79.09 0.97
C THR F 2 -4.03 77.75 0.21
N GLY F 3 -5.20 77.19 -0.06
CA GLY F 3 -5.28 75.91 -0.75
C GLY F 3 -5.38 74.79 0.27
N TYR F 4 -5.33 75.16 1.55
CA TYR F 4 -5.42 74.20 2.62
C TYR F 4 -6.72 73.44 2.66
N ASP F 5 -7.62 73.74 1.73
CA ASP F 5 -8.91 73.06 1.72
C ASP F 5 -9.20 72.30 0.44
N LEU F 6 -8.16 71.95 -0.30
CA LEU F 6 -8.37 71.21 -1.54
C LEU F 6 -8.09 69.71 -1.37
N SER F 7 -7.56 69.34 -0.21
CA SER F 7 -7.23 67.97 0.12
C SER F 7 -7.73 67.62 1.51
N ASN F 8 -8.35 66.45 1.60
CA ASN F 8 -8.96 65.92 2.82
C ASN F 8 -8.10 65.65 4.03
N SER F 9 -6.85 65.31 3.91
CA SER F 9 -6.16 65.06 5.17
C SER F 9 -5.34 66.20 5.68
N VAL F 10 -5.30 67.31 4.92
CA VAL F 10 -4.48 68.46 5.27
C VAL F 10 -4.93 69.24 6.47
N PHE F 11 -3.97 69.59 7.29
CA PHE F 11 -4.25 70.39 8.47
C PHE F 11 -4.03 71.83 8.04
N SER F 12 -4.95 72.72 8.38
CA SER F 12 -4.79 74.14 8.07
C SER F 12 -3.85 74.75 9.12
N PRO F 13 -3.43 76.01 8.95
CA PRO F 13 -2.52 76.55 9.98
C PRO F 13 -3.17 76.65 11.36
N ASP F 14 -4.50 76.63 11.39
CA ASP F 14 -5.23 76.69 12.65
C ASP F 14 -5.53 75.27 13.20
N GLY F 15 -5.05 74.25 12.51
CA GLY F 15 -5.25 72.86 12.92
C GLY F 15 -6.60 72.29 12.58
N ARG F 16 -7.23 72.84 11.55
CA ARG F 16 -8.54 72.38 11.12
C ARG F 16 -8.42 71.53 9.88
N ASN F 17 -9.46 70.75 9.62
CA ASN F 17 -9.48 69.92 8.44
C ASN F 17 -10.69 70.41 7.68
N PHE F 18 -10.44 71.42 6.85
CA PHE F 18 -11.49 72.04 6.06
C PHE F 18 -12.44 71.09 5.33
N GLN F 19 -11.91 70.06 4.65
CA GLN F 19 -12.78 69.13 3.94
C GLN F 19 -13.84 68.53 4.86
N VAL F 20 -13.44 68.22 6.09
CA VAL F 20 -14.39 67.67 7.04
C VAL F 20 -15.46 68.71 7.30
N GLU F 21 -15.02 69.96 7.43
CA GLU F 21 -15.93 71.06 7.67
C GLU F 21 -16.88 71.35 6.51
N TYR F 22 -16.45 71.21 5.27
CA TYR F 22 -17.36 71.44 4.14
C TYR F 22 -18.39 70.30 4.09
N ALA F 23 -17.95 69.13 4.54
CA ALA F 23 -18.79 67.95 4.57
C ALA F 23 -19.97 68.30 5.45
N VAL F 24 -19.67 68.91 6.59
CA VAL F 24 -20.71 69.31 7.54
C VAL F 24 -21.80 70.13 6.88
N LYS F 25 -21.42 71.09 6.04
CA LYS F 25 -22.40 71.91 5.37
C LYS F 25 -23.38 71.05 4.56
N ALA F 26 -22.85 70.01 3.91
CA ALA F 26 -23.68 69.12 3.10
C ALA F 26 -24.76 68.52 4.00
N VAL F 27 -24.35 68.28 5.24
CA VAL F 27 -25.25 67.74 6.25
C VAL F 27 -26.33 68.77 6.52
N GLU F 28 -25.89 69.94 6.98
CA GLU F 28 -26.77 71.06 7.33
C GLU F 28 -27.84 71.33 6.28
N ASN F 29 -27.54 71.03 5.02
CA ASN F 29 -28.48 71.24 3.95
C ASN F 29 -29.52 70.12 3.84
N GLY F 30 -29.41 69.14 4.72
CA GLY F 30 -30.31 68.02 4.66
C GLY F 30 -31.44 68.07 5.67
N THR F 31 -32.34 67.13 5.51
CA THR F 31 -33.51 66.95 6.36
C THR F 31 -33.19 66.76 7.84
N THR F 32 -34.15 67.05 8.71
CA THR F 32 -33.89 66.84 10.12
C THR F 32 -34.31 65.45 10.55
N SER F 33 -33.62 64.99 11.57
CA SER F 33 -33.87 63.70 12.13
C SER F 33 -33.37 63.81 13.57
N ILE F 34 -34.04 63.12 14.49
CA ILE F 34 -33.65 63.18 15.89
C ILE F 34 -33.70 61.82 16.52
N GLY F 35 -33.28 61.78 17.77
CA GLY F 35 -33.29 60.54 18.51
C GLY F 35 -33.50 60.98 19.93
N ILE F 36 -34.43 60.33 20.60
CA ILE F 36 -34.71 60.67 21.96
C ILE F 36 -34.50 59.42 22.75
N LYS F 37 -33.64 59.49 23.74
CA LYS F 37 -33.41 58.34 24.58
C LYS F 37 -34.53 58.39 25.60
N CYS F 38 -34.96 57.22 26.07
CA CYS F 38 -36.01 57.14 27.08
C CYS F 38 -35.63 56.18 28.20
N ASN F 39 -36.54 55.98 29.14
CA ASN F 39 -36.29 55.14 30.33
C ASN F 39 -35.85 53.71 30.08
N ASP F 40 -36.07 53.20 28.87
CA ASP F 40 -35.70 51.84 28.52
C ASP F 40 -35.53 51.59 27.02
N GLY F 41 -35.19 52.63 26.26
CA GLY F 41 -35.03 52.46 24.84
C GLY F 41 -34.66 53.76 24.17
N VAL F 42 -34.82 53.82 22.86
CA VAL F 42 -34.51 55.01 22.09
C VAL F 42 -35.53 55.08 20.96
N VAL F 43 -35.86 56.30 20.56
CA VAL F 43 -36.78 56.47 19.46
C VAL F 43 -36.07 57.32 18.47
N PHE F 44 -36.35 57.07 17.22
CA PHE F 44 -35.75 57.81 16.15
C PHE F 44 -36.92 58.23 15.29
N ALA F 45 -36.80 59.42 14.70
CA ALA F 45 -37.81 59.94 13.81
C ALA F 45 -37.06 60.82 12.84
N VAL F 46 -37.60 60.96 11.64
CA VAL F 46 -36.98 61.80 10.63
C VAL F 46 -38.06 62.44 9.79
N GLU F 47 -37.73 63.63 9.30
CA GLU F 47 -38.61 64.38 8.44
C GLU F 47 -38.35 63.83 7.06
N LYS F 48 -39.37 63.63 6.26
CA LYS F 48 -39.14 63.13 4.91
C LYS F 48 -39.78 64.09 3.95
N LEU F 49 -38.96 64.85 3.23
CA LEU F 49 -39.50 65.81 2.30
C LEU F 49 -40.23 65.21 1.14
N ILE F 50 -41.50 65.58 1.03
CA ILE F 50 -42.35 65.12 -0.03
C ILE F 50 -42.14 66.05 -1.23
N THR F 51 -41.10 65.75 -2.00
CA THR F 51 -40.75 66.52 -3.18
C THR F 51 -41.95 66.68 -4.15
N SER F 52 -42.84 65.70 -4.19
CA SER F 52 -43.98 65.77 -5.11
C SER F 52 -45.05 64.73 -4.77
N LYS F 53 -46.24 64.89 -5.35
CA LYS F 53 -47.33 63.93 -5.10
C LYS F 53 -47.02 62.60 -5.80
N LEU F 54 -46.13 62.63 -6.80
CA LEU F 54 -45.73 61.44 -7.55
C LEU F 54 -45.01 60.41 -6.69
N LEU F 55 -44.45 60.88 -5.59
CA LEU F 55 -43.75 60.02 -4.64
C LEU F 55 -44.79 59.11 -3.98
N VAL F 56 -44.55 57.79 -4.03
CA VAL F 56 -45.47 56.84 -3.41
C VAL F 56 -45.37 56.98 -1.89
N PRO F 57 -46.52 57.19 -1.22
CA PRO F 57 -46.54 57.35 0.23
C PRO F 57 -45.99 56.16 1.01
N GLN F 58 -45.22 56.49 2.03
CA GLN F 58 -44.64 55.51 2.94
C GLN F 58 -43.70 54.46 2.34
N LYS F 59 -43.10 54.75 1.18
CA LYS F 59 -42.20 53.77 0.58
C LYS F 59 -40.70 54.06 0.59
N ASN F 60 -40.32 55.31 0.42
CA ASN F 60 -38.89 55.60 0.44
C ASN F 60 -38.36 55.70 1.86
N VAL F 61 -38.27 54.56 2.52
CA VAL F 61 -37.80 54.45 3.90
C VAL F 61 -36.38 54.99 4.11
N LYS F 62 -36.18 55.70 5.22
CA LYS F 62 -34.89 56.27 5.50
C LYS F 62 -34.18 55.71 6.71
N ILE F 63 -34.92 55.38 7.76
CA ILE F 63 -34.32 54.83 8.98
C ILE F 63 -33.88 53.40 8.66
N GLN F 64 -32.77 52.97 9.22
CA GLN F 64 -32.26 51.63 8.96
C GLN F 64 -31.88 50.87 10.20
N VAL F 65 -32.08 49.56 10.17
CA VAL F 65 -31.73 48.74 11.30
C VAL F 65 -30.44 48.05 11.03
N VAL F 66 -29.63 47.95 12.06
CA VAL F 66 -28.37 47.28 11.96
C VAL F 66 -28.62 46.13 12.91
N ASP F 67 -28.31 44.93 12.43
CA ASP F 67 -28.48 43.72 13.21
C ASP F 67 -29.99 43.57 13.43
N ARG F 68 -30.42 43.50 14.69
CA ARG F 68 -31.83 43.37 15.04
C ARG F 68 -32.19 44.33 16.18
N HIS F 69 -31.17 44.92 16.81
CA HIS F 69 -31.42 45.81 17.92
C HIS F 69 -30.91 47.22 17.74
N ILE F 70 -30.44 47.60 16.54
CA ILE F 70 -29.90 48.94 16.37
C ILE F 70 -30.60 49.74 15.30
N GLY F 71 -30.94 50.96 15.63
CA GLY F 71 -31.60 51.83 14.67
C GLY F 71 -30.63 52.92 14.27
N CYS F 72 -30.61 53.21 12.97
CA CYS F 72 -29.74 54.23 12.44
C CYS F 72 -30.52 55.17 11.58
N VAL F 73 -30.27 56.46 11.79
CA VAL F 73 -30.89 57.52 11.01
C VAL F 73 -29.80 58.58 10.82
N TYR F 74 -29.77 59.19 9.65
CA TYR F 74 -28.77 60.21 9.31
C TYR F 74 -29.35 61.31 8.42
N SER F 75 -28.70 62.47 8.42
CA SER F 75 -29.14 63.60 7.60
C SER F 75 -27.96 63.98 6.71
N GLY F 76 -28.23 64.32 5.46
CA GLY F 76 -27.17 64.74 4.56
C GLY F 76 -27.23 64.00 3.25
N LEU F 77 -26.05 63.53 2.82
CA LEU F 77 -25.96 62.79 1.60
C LEU F 77 -26.46 61.39 1.96
N ILE F 78 -27.68 61.07 1.55
CA ILE F 78 -28.28 59.78 1.86
C ILE F 78 -27.35 58.58 1.58
N PRO F 79 -26.82 58.45 0.35
CA PRO F 79 -25.93 57.35 0.03
C PRO F 79 -24.79 57.22 1.00
N ASP F 80 -24.20 58.33 1.42
CA ASP F 80 -23.09 58.25 2.38
C ASP F 80 -23.55 57.55 3.65
N GLY F 81 -24.78 57.83 4.04
CA GLY F 81 -25.35 57.20 5.22
C GLY F 81 -25.51 55.72 4.97
N ARG F 82 -26.06 55.38 3.83
CA ARG F 82 -26.22 53.99 3.46
C ARG F 82 -24.85 53.29 3.52
N HIS F 83 -23.83 53.95 2.98
CA HIS F 83 -22.48 53.39 2.99
C HIS F 83 -22.08 53.09 4.42
N LEU F 84 -22.29 54.04 5.32
CA LEU F 84 -21.95 53.86 6.73
C LEU F 84 -22.71 52.70 7.36
N VAL F 85 -23.98 52.53 6.99
CA VAL F 85 -24.81 51.45 7.53
C VAL F 85 -24.36 50.08 7.05
N ASN F 86 -24.08 49.94 5.76
CA ASN F 86 -23.58 48.68 5.27
C ASN F 86 -22.39 48.27 6.12
N ARG F 87 -21.44 49.18 6.30
CA ARG F 87 -20.30 48.83 7.12
C ARG F 87 -20.78 48.54 8.55
N GLY F 88 -21.76 49.31 9.02
CA GLY F 88 -22.27 49.07 10.35
C GLY F 88 -22.72 47.63 10.46
N ARG F 89 -23.44 47.20 9.45
CA ARG F 89 -23.96 45.86 9.39
C ARG F 89 -22.88 44.79 9.34
N GLU F 90 -21.85 45.02 8.55
CA GLU F 90 -20.76 44.07 8.43
C GLU F 90 -19.99 43.97 9.73
N GLU F 91 -19.83 45.10 10.40
CA GLU F 91 -19.07 45.14 11.64
C GLU F 91 -19.81 44.41 12.77
N ALA F 92 -21.13 44.50 12.77
CA ALA F 92 -21.95 43.84 13.78
C ALA F 92 -21.79 42.32 13.61
N ALA F 93 -22.02 41.84 12.39
CA ALA F 93 -21.88 40.43 12.05
C ALA F 93 -20.50 39.92 12.48
N SER F 94 -19.45 40.61 12.09
CA SER F 94 -18.12 40.20 12.48
C SER F 94 -18.05 40.01 13.98
N PHE F 95 -18.60 40.96 14.72
CA PHE F 95 -18.60 40.89 16.18
C PHE F 95 -19.43 39.71 16.71
N LYS F 96 -20.60 39.48 16.13
CA LYS F 96 -21.49 38.40 16.55
C LYS F 96 -20.91 37.03 16.22
N LYS F 97 -20.30 36.91 15.06
CA LYS F 97 -19.69 35.69 14.61
C LYS F 97 -18.62 35.22 15.58
N LEU F 98 -17.79 36.15 16.04
CA LEU F 98 -16.72 35.80 16.95
C LEU F 98 -17.06 35.76 18.43
N TYR F 99 -18.05 36.53 18.86
CA TYR F 99 -18.41 36.60 20.27
C TYR F 99 -19.82 36.13 20.62
N LYS F 100 -20.60 35.78 19.61
CA LYS F 100 -21.96 35.25 19.81
C LYS F 100 -23.03 36.25 20.24
N THR F 101 -22.71 37.12 21.18
CA THR F 101 -23.68 38.10 21.63
C THR F 101 -23.78 39.22 20.59
N PRO F 102 -24.99 39.76 20.36
CA PRO F 102 -25.07 40.84 19.38
C PRO F 102 -24.24 42.04 19.88
N ILE F 103 -23.78 42.89 18.95
CA ILE F 103 -22.95 44.04 19.31
C ILE F 103 -23.53 45.09 20.21
N PRO F 104 -22.85 45.34 21.32
CA PRO F 104 -23.23 46.32 22.33
C PRO F 104 -23.16 47.68 21.66
N ILE F 105 -24.12 48.54 21.95
CA ILE F 105 -24.18 49.86 21.34
C ILE F 105 -22.86 50.64 21.41
N PRO F 106 -22.28 50.78 22.61
CA PRO F 106 -21.02 51.52 22.71
C PRO F 106 -20.00 50.98 21.76
N ALA F 107 -19.95 49.67 21.65
CA ALA F 107 -19.01 48.99 20.76
C ALA F 107 -19.35 49.30 19.32
N PHE F 108 -20.64 49.20 19.00
CA PHE F 108 -21.11 49.45 17.65
C PHE F 108 -20.70 50.85 17.24
N ALA F 109 -20.99 51.79 18.14
CA ALA F 109 -20.68 53.18 17.93
C ALA F 109 -19.24 53.37 17.61
N ASP F 110 -18.34 52.98 18.52
CA ASP F 110 -16.94 53.18 18.24
C ASP F 110 -16.59 52.60 16.90
N ARG F 111 -17.22 51.48 16.54
CA ARG F 111 -16.94 50.87 15.25
C ARG F 111 -17.23 51.86 14.11
N LEU F 112 -18.37 52.55 14.21
CA LEU F 112 -18.74 53.53 13.17
C LEU F 112 -17.75 54.67 13.21
N GLY F 113 -17.46 55.11 14.43
CA GLY F 113 -16.55 56.22 14.63
C GLY F 113 -15.22 56.05 13.96
N GLN F 114 -14.58 54.92 14.22
CA GLN F 114 -13.26 54.63 13.67
C GLN F 114 -13.28 54.53 12.16
N TYR F 115 -14.44 54.22 11.60
CA TYR F 115 -14.54 54.10 10.16
C TYR F 115 -14.57 55.49 9.55
N VAL F 116 -15.36 56.37 10.15
CA VAL F 116 -15.48 57.75 9.67
C VAL F 116 -14.17 58.50 9.87
N GLN F 117 -13.62 58.40 11.06
CA GLN F 117 -12.37 59.06 11.38
C GLN F 117 -11.35 58.68 10.37
N ALA F 118 -11.40 57.43 9.94
CA ALA F 118 -10.45 56.92 8.97
C ALA F 118 -10.59 57.73 7.69
N HIS F 119 -11.82 58.12 7.39
CA HIS F 119 -12.09 58.88 6.18
C HIS F 119 -11.67 60.34 6.25
N THR F 120 -10.79 60.67 7.18
CA THR F 120 -10.30 62.02 7.30
C THR F 120 -8.80 61.91 7.46
N LEU F 121 -8.25 60.74 7.12
CA LEU F 121 -6.81 60.54 7.28
C LEU F 121 -6.01 60.53 5.98
N TYR F 122 -6.71 60.41 4.86
CA TYR F 122 -6.04 60.32 3.57
C TYR F 122 -6.70 61.28 2.58
N ASN F 123 -5.94 61.69 1.58
CA ASN F 123 -6.47 62.60 0.58
C ASN F 123 -7.08 61.90 -0.62
N SER F 124 -7.18 60.58 -0.54
CA SER F 124 -7.76 59.80 -1.63
C SER F 124 -9.18 59.35 -1.33
N VAL F 125 -9.77 59.98 -0.31
CA VAL F 125 -11.15 59.71 0.08
C VAL F 125 -11.71 61.02 0.65
N ARG F 126 -13.00 61.24 0.49
CA ARG F 126 -13.58 62.44 1.05
C ARG F 126 -14.37 62.02 2.26
N PRO F 127 -14.42 62.87 3.29
CA PRO F 127 -15.18 62.53 4.49
C PRO F 127 -16.63 62.23 4.15
N PHE F 128 -17.38 61.73 5.12
CA PHE F 128 -18.77 61.42 4.88
C PHE F 128 -19.59 62.70 4.98
N GLY F 129 -20.60 62.82 4.15
CA GLY F 129 -21.46 63.99 4.18
C GLY F 129 -22.75 63.68 4.90
N VAL F 130 -22.63 63.11 6.12
CA VAL F 130 -23.79 62.76 6.96
C VAL F 130 -23.42 62.75 8.44
N SER F 131 -24.44 62.93 9.26
CA SER F 131 -24.29 62.85 10.69
C SER F 131 -25.29 61.74 10.94
N THR F 132 -24.94 60.80 11.80
CA THR F 132 -25.80 59.68 12.06
C THR F 132 -26.22 59.65 13.51
N ILE F 133 -27.52 59.49 13.71
CA ILE F 133 -28.07 59.36 15.05
C ILE F 133 -28.46 57.89 15.02
N PHE F 134 -28.06 57.14 16.03
CA PHE F 134 -28.36 55.73 16.02
C PHE F 134 -28.19 55.24 17.42
N GLY F 135 -28.63 54.02 17.66
CA GLY F 135 -28.50 53.44 18.98
C GLY F 135 -29.43 52.26 19.04
N GLY F 136 -29.60 51.75 20.25
CA GLY F 136 -30.47 50.61 20.45
C GLY F 136 -30.37 50.17 21.91
N VAL F 137 -30.82 48.94 22.18
CA VAL F 137 -30.82 48.37 23.54
C VAL F 137 -29.90 47.17 23.65
N ASP F 138 -29.10 47.12 24.69
CA ASP F 138 -28.24 45.98 24.81
C ASP F 138 -28.27 45.34 26.19
N LYS F 139 -27.22 44.57 26.48
CA LYS F 139 -27.07 43.86 27.75
C LYS F 139 -27.35 44.73 28.95
N ASN F 140 -27.10 46.03 28.83
CA ASN F 140 -27.32 46.95 29.94
C ASN F 140 -27.89 48.31 29.59
N GLY F 141 -29.13 48.32 29.14
CA GLY F 141 -29.76 49.58 28.85
C GLY F 141 -29.77 50.10 27.45
N ALA F 142 -30.34 51.29 27.32
CA ALA F 142 -30.49 52.00 26.07
C ALA F 142 -29.27 52.87 25.83
N HIS F 143 -29.05 53.20 24.56
CA HIS F 143 -27.94 54.05 24.18
C HIS F 143 -28.32 54.78 22.90
N LEU F 144 -28.23 56.11 22.94
CA LEU F 144 -28.52 56.96 21.79
C LEU F 144 -27.20 57.57 21.43
N TYR F 145 -26.92 57.70 20.14
CA TYR F 145 -25.65 58.26 19.71
C TYR F 145 -25.76 59.14 18.48
N MET F 146 -24.76 59.99 18.30
CA MET F 146 -24.67 60.87 17.14
C MET F 146 -23.21 60.96 16.71
N LEU F 147 -23.00 60.77 15.41
CA LEU F 147 -21.68 60.77 14.80
C LEU F 147 -21.56 61.83 13.72
N GLU F 148 -20.48 62.61 13.80
CA GLU F 148 -20.22 63.70 12.85
C GLU F 148 -19.18 63.28 11.83
N PRO F 149 -19.09 64.00 10.72
CA PRO F 149 -18.13 63.68 9.68
C PRO F 149 -16.67 63.62 10.13
N SER F 150 -16.35 64.25 11.25
CA SER F 150 -14.98 64.23 11.72
C SER F 150 -14.70 62.89 12.40
N GLY F 151 -15.77 62.18 12.73
CA GLY F 151 -15.66 60.91 13.42
C GLY F 151 -16.02 61.06 14.90
N SER F 152 -16.25 62.27 15.33
CA SER F 152 -16.61 62.51 16.71
C SER F 152 -18.02 61.98 16.95
N TYR F 153 -18.23 61.42 18.15
CA TYR F 153 -19.53 60.88 18.58
C TYR F 153 -19.47 60.86 20.09
N TRP F 154 -20.62 61.01 20.72
CA TRP F 154 -20.73 60.98 22.19
C TRP F 154 -22.15 60.44 22.42
N GLY F 155 -22.47 60.11 23.67
CA GLY F 155 -23.80 59.62 23.98
C GLY F 155 -24.76 60.77 24.25
N TYR F 156 -26.03 60.63 23.88
CA TYR F 156 -27.01 61.71 24.05
C TYR F 156 -28.30 61.34 24.76
N LYS F 157 -28.85 62.30 25.49
CA LYS F 157 -30.13 62.12 26.18
C LYS F 157 -31.20 62.31 25.11
N GLY F 158 -30.83 63.07 24.10
CA GLY F 158 -31.70 63.35 22.99
C GLY F 158 -30.73 63.92 21.98
N ALA F 159 -31.06 63.85 20.69
CA ALA F 159 -30.16 64.37 19.68
C ALA F 159 -30.95 64.67 18.45
N ALA F 160 -30.47 65.64 17.69
CA ALA F 160 -31.12 66.05 16.48
C ALA F 160 -30.08 66.60 15.55
N THR F 161 -30.43 66.61 14.27
CA THR F 161 -29.53 67.08 13.24
C THR F 161 -30.32 67.38 11.97
N GLY F 162 -29.69 68.18 11.10
CA GLY F 162 -30.30 68.62 9.83
C GLY F 162 -30.71 70.08 9.90
N LYS F 163 -31.46 70.55 8.92
CA LYS F 163 -31.92 71.94 8.91
C LYS F 163 -32.69 72.37 10.16
N GLY F 164 -33.57 71.52 10.67
CA GLY F 164 -34.35 71.88 11.85
C GLY F 164 -33.62 71.68 13.17
N ARG F 165 -32.36 71.29 13.07
CA ARG F 165 -31.51 71.02 14.22
C ARG F 165 -31.75 71.85 15.48
N GLN F 166 -31.62 73.17 15.36
CA GLN F 166 -31.78 74.10 16.49
C GLN F 166 -33.14 74.10 17.17
N SER F 167 -34.22 74.20 16.41
CA SER F 167 -35.53 74.16 17.06
C SER F 167 -35.68 72.82 17.75
N ALA F 168 -35.22 71.77 17.07
CA ALA F 168 -35.31 70.42 17.61
C ALA F 168 -34.58 70.35 18.95
N LYS F 169 -33.29 70.66 18.94
CA LYS F 169 -32.53 70.64 20.16
C LYS F 169 -33.24 71.50 21.19
N ALA F 170 -33.88 72.58 20.75
CA ALA F 170 -34.59 73.44 21.66
C ALA F 170 -35.60 72.59 22.38
N GLU F 171 -36.46 71.94 21.62
CA GLU F 171 -37.50 71.06 22.16
C GLU F 171 -36.88 69.95 23.00
N LEU F 172 -35.86 69.30 22.45
CA LEU F 172 -35.18 68.22 23.13
C LEU F 172 -34.75 68.70 24.51
N GLU F 173 -34.15 69.88 24.58
CA GLU F 173 -33.70 70.45 25.86
C GLU F 173 -34.87 70.68 26.81
N LYS F 174 -36.02 71.06 26.25
CA LYS F 174 -37.24 71.27 27.04
C LYS F 174 -37.53 69.96 27.75
N LEU F 175 -37.62 68.90 26.96
CA LEU F 175 -37.91 67.58 27.47
C LEU F 175 -36.94 67.15 28.56
N VAL F 176 -35.64 67.28 28.33
CA VAL F 176 -34.65 66.90 29.34
C VAL F 176 -34.83 67.67 30.64
N ASP F 177 -35.12 68.97 30.53
CA ASP F 177 -35.32 69.84 31.70
C ASP F 177 -36.61 69.50 32.46
N HIS F 178 -37.71 69.35 31.72
CA HIS F 178 -39.00 69.03 32.33
C HIS F 178 -39.17 67.61 32.88
N HIS F 179 -38.65 66.61 32.16
CA HIS F 179 -38.79 65.20 32.56
C HIS F 179 -37.44 64.55 32.96
N PRO F 180 -36.88 64.93 34.14
CA PRO F 180 -35.59 64.38 34.59
C PRO F 180 -35.72 62.90 35.00
N GLU F 181 -36.96 62.48 35.10
CA GLU F 181 -37.35 61.12 35.46
C GLU F 181 -37.06 60.16 34.30
N GLY F 182 -37.16 60.69 33.09
CA GLY F 182 -36.97 59.89 31.89
C GLY F 182 -38.28 60.02 31.16
N LEU F 183 -38.49 59.22 30.14
CA LEU F 183 -39.73 59.29 29.36
C LEU F 183 -40.13 57.88 28.93
N SER F 184 -41.43 57.59 28.91
CA SER F 184 -41.86 56.27 28.50
C SER F 184 -41.77 56.29 26.98
N ALA F 185 -41.28 55.20 26.39
CA ALA F 185 -41.14 55.13 24.95
C ALA F 185 -42.40 55.57 24.23
N ARG F 186 -43.56 55.31 24.84
CA ARG F 186 -44.83 55.69 24.27
C ARG F 186 -44.85 57.24 24.13
N GLU F 187 -44.47 57.94 25.19
CA GLU F 187 -44.43 59.40 25.16
C GLU F 187 -43.40 59.90 24.15
N ALA F 188 -42.19 59.34 24.23
CA ALA F 188 -41.09 59.71 23.35
C ALA F 188 -41.53 59.67 21.90
N VAL F 189 -42.23 58.60 21.53
CA VAL F 189 -42.71 58.48 20.17
C VAL F 189 -43.48 59.74 19.81
N LYS F 190 -44.42 60.10 20.67
CA LYS F 190 -45.25 61.30 20.46
C LYS F 190 -44.36 62.55 20.38
N GLN F 191 -43.58 62.75 21.43
CA GLN F 191 -42.70 63.89 21.54
C GLN F 191 -41.79 63.98 20.32
N ALA F 192 -41.38 62.83 19.80
CA ALA F 192 -40.52 62.79 18.62
C ALA F 192 -41.30 63.41 17.49
N ALA F 193 -42.50 62.88 17.25
CA ALA F 193 -43.37 63.37 16.19
C ALA F 193 -43.52 64.89 16.34
N LYS F 194 -43.63 65.34 17.58
CA LYS F 194 -43.77 66.77 17.83
C LYS F 194 -42.50 67.45 17.34
N ILE F 195 -41.39 67.18 18.01
CA ILE F 195 -40.13 67.80 17.66
C ILE F 195 -39.90 67.79 16.17
N ILE F 196 -40.31 66.74 15.49
CA ILE F 196 -40.10 66.71 14.05
C ILE F 196 -41.01 67.74 13.42
N TYR F 197 -42.28 67.69 13.77
CA TYR F 197 -43.27 68.61 13.24
C TYR F 197 -42.82 70.05 13.36
N LEU F 198 -42.39 70.41 14.58
CA LEU F 198 -41.90 71.76 14.84
C LEU F 198 -40.63 72.00 14.00
N ALA F 199 -39.72 71.04 13.99
CA ALA F 199 -38.49 71.15 13.22
C ALA F 199 -38.79 71.32 11.74
N HIS F 200 -39.99 70.94 11.32
CA HIS F 200 -40.35 71.08 9.92
C HIS F 200 -40.59 72.55 9.55
N GLU F 201 -40.87 73.40 10.54
CA GLU F 201 -41.11 74.83 10.31
C GLU F 201 -39.89 75.55 9.70
N ASP F 202 -38.69 75.10 10.05
CA ASP F 202 -37.44 75.68 9.53
C ASP F 202 -37.31 75.37 8.04
N ASN F 203 -38.37 74.77 7.50
CA ASN F 203 -38.44 74.33 6.11
C ASN F 203 -39.93 74.29 5.73
N LYS F 204 -40.72 75.17 6.35
CA LYS F 204 -42.17 75.22 6.14
C LYS F 204 -42.78 75.23 4.74
N GLU F 205 -41.94 75.18 3.70
CA GLU F 205 -42.41 75.22 2.30
C GLU F 205 -43.03 73.97 1.67
N LYS F 206 -42.36 72.82 1.81
CA LYS F 206 -42.82 71.55 1.25
C LYS F 206 -43.53 70.68 2.32
N ASP F 207 -44.50 69.86 1.91
CA ASP F 207 -45.19 69.01 2.89
C ASP F 207 -44.22 67.87 3.26
N PHE F 208 -44.44 67.25 4.42
CA PHE F 208 -43.55 66.19 4.87
C PHE F 208 -44.25 64.93 5.30
N GLU F 209 -43.48 63.84 5.27
CA GLU F 209 -43.94 62.54 5.70
C GLU F 209 -43.14 62.20 6.92
N LEU F 210 -43.84 61.89 8.00
CA LEU F 210 -43.21 61.58 9.25
C LEU F 210 -42.79 60.13 9.29
N GLU F 211 -41.64 59.86 9.92
CA GLU F 211 -41.15 58.49 10.10
C GLU F 211 -40.54 58.30 11.47
N ILE F 212 -41.09 57.35 12.21
CA ILE F 212 -40.58 57.07 13.53
C ILE F 212 -40.27 55.60 13.59
N SER F 213 -39.46 55.25 14.58
CA SER F 213 -39.04 53.89 14.83
C SER F 213 -38.52 53.86 16.26
N TRP F 214 -38.64 52.71 16.90
CA TRP F 214 -38.16 52.57 18.26
C TRP F 214 -37.57 51.21 18.57
N CYS F 215 -36.95 51.18 19.71
CA CYS F 215 -36.31 50.00 20.22
C CYS F 215 -36.51 50.22 21.72
N SER F 216 -37.33 49.37 22.34
CA SER F 216 -37.61 49.48 23.76
C SER F 216 -37.65 48.09 24.45
N LEU F 217 -37.06 48.02 25.63
CA LEU F 217 -36.99 46.80 26.41
C LEU F 217 -38.33 46.21 26.81
N SER F 218 -39.41 46.97 26.68
CA SER F 218 -40.72 46.43 27.06
C SER F 218 -41.81 46.64 26.02
N GLU F 219 -41.58 47.50 25.05
CA GLU F 219 -42.58 47.73 24.00
C GLU F 219 -42.28 47.00 22.69
N THR F 220 -40.99 46.74 22.43
CA THR F 220 -40.55 46.01 21.22
C THR F 220 -39.55 44.89 21.56
N ASN F 221 -39.44 44.57 22.85
CA ASN F 221 -38.57 43.50 23.33
C ASN F 221 -37.09 43.73 23.24
N GLY F 222 -36.69 44.93 22.83
CA GLY F 222 -35.26 45.21 22.71
C GLY F 222 -34.83 45.07 21.28
N LEU F 223 -35.82 44.94 20.39
CA LEU F 223 -35.62 44.80 18.97
C LEU F 223 -36.07 46.07 18.28
N HIS F 224 -35.41 46.41 17.18
CA HIS F 224 -35.74 47.61 16.44
C HIS F 224 -36.95 47.30 15.57
N LYS F 225 -37.96 48.14 15.67
CA LYS F 225 -39.15 47.97 14.86
C LYS F 225 -39.67 49.35 14.55
N PHE F 226 -40.27 49.49 13.39
CA PHE F 226 -40.84 50.75 12.96
C PHE F 226 -42.20 50.93 13.58
N VAL F 227 -42.66 52.17 13.64
CA VAL F 227 -43.96 52.49 14.20
C VAL F 227 -44.93 52.53 13.03
N LYS F 228 -45.94 51.66 13.06
CA LYS F 228 -46.92 51.60 11.99
C LYS F 228 -48.33 51.64 12.54
N GLY F 229 -49.27 51.81 11.61
CA GLY F 229 -50.69 51.84 11.92
C GLY F 229 -51.17 52.68 13.09
N ASP F 230 -51.98 52.05 13.93
CA ASP F 230 -52.55 52.70 15.12
C ASP F 230 -51.55 53.58 15.84
N LEU F 231 -50.45 52.99 16.25
CA LEU F 231 -49.43 53.71 16.98
C LEU F 231 -48.85 54.89 16.23
N LEU F 232 -48.91 54.86 14.90
CA LEU F 232 -48.39 55.98 14.10
C LEU F 232 -49.34 57.17 14.10
N GLN F 233 -50.62 56.92 13.80
CA GLN F 233 -51.61 58.01 13.76
C GLN F 233 -51.71 58.81 15.07
N GLU F 234 -51.69 58.10 16.20
CA GLU F 234 -51.76 58.67 17.55
C GLU F 234 -50.75 59.82 17.69
N ALA F 235 -49.50 59.57 17.29
CA ALA F 235 -48.44 60.57 17.37
C ALA F 235 -48.62 61.66 16.31
N ILE F 236 -49.01 61.29 15.10
CA ILE F 236 -49.23 62.28 14.07
C ILE F 236 -50.25 63.26 14.59
N ASP F 237 -51.29 62.73 15.24
CA ASP F 237 -52.35 63.55 15.81
C ASP F 237 -51.83 64.44 16.93
N PHE F 238 -51.27 63.83 17.98
CA PHE F 238 -50.73 64.57 19.12
C PHE F 238 -49.85 65.69 18.58
N ALA F 239 -49.18 65.41 17.46
CA ALA F 239 -48.32 66.39 16.81
C ALA F 239 -49.13 67.53 16.19
N GLN F 240 -49.95 67.22 15.19
CA GLN F 240 -50.75 68.24 14.54
C GLN F 240 -51.55 69.06 15.53
N LYS F 241 -51.81 68.49 16.71
CA LYS F 241 -52.53 69.17 17.77
C LYS F 241 -51.73 70.29 18.43
N GLU F 242 -50.60 69.94 19.07
CA GLU F 242 -49.74 70.93 19.75
C GLU F 242 -48.97 71.94 18.87
N ILE F 243 -49.17 71.86 17.55
CA ILE F 243 -48.51 72.75 16.61
C ILE F 243 -49.13 74.15 16.76
N ASN F 244 -50.34 74.18 17.34
CA ASN F 244 -51.08 75.41 17.60
C ASN F 244 -51.37 75.51 19.11
N ALA G 1 6.99 71.84 -4.57
CA ALA G 1 7.08 73.34 -4.47
C ALA G 1 6.28 73.88 -3.27
N GLY G 2 5.53 74.97 -3.46
CA GLY G 2 4.72 75.56 -2.38
C GLY G 2 3.73 74.65 -1.67
N TYR G 3 3.70 73.40 -2.10
CA TYR G 3 2.82 72.39 -1.51
C TYR G 3 3.45 71.86 -0.25
N ASP G 4 4.70 72.26 0.03
CA ASP G 4 5.39 71.78 1.21
C ASP G 4 4.67 72.10 2.50
N ARG G 5 3.52 72.74 2.40
CA ARG G 5 2.74 73.06 3.56
C ARG G 5 1.50 72.19 3.57
N HIS G 6 1.46 71.20 2.70
CA HIS G 6 0.31 70.30 2.61
C HIS G 6 0.63 68.87 3.02
N ILE G 7 1.80 68.40 2.66
CA ILE G 7 2.21 67.07 2.99
C ILE G 7 3.49 67.15 3.78
N THR G 8 3.75 66.11 4.55
CA THR G 8 4.91 66.07 5.40
C THR G 8 6.25 66.01 4.74
N ILE G 9 6.61 67.10 4.05
CA ILE G 9 7.93 67.21 3.41
C ILE G 9 8.56 68.47 3.95
N PHE G 10 9.88 68.54 3.90
CA PHE G 10 10.59 69.66 4.42
C PHE G 10 10.29 71.00 3.73
N SER G 11 10.36 72.08 4.50
CA SER G 11 10.20 73.44 3.96
C SER G 11 11.67 73.91 3.84
N PRO G 12 11.94 75.03 3.14
CA PRO G 12 13.33 75.52 2.99
C PRO G 12 14.07 75.82 4.29
N GLU G 13 13.32 76.04 5.37
CA GLU G 13 13.93 76.31 6.65
C GLU G 13 14.23 75.00 7.38
N GLY G 14 13.77 73.91 6.77
CA GLY G 14 13.96 72.57 7.30
C GLY G 14 12.88 72.22 8.29
N ARG G 15 11.65 72.59 7.98
CA ARG G 15 10.58 72.34 8.91
C ARG G 15 9.42 71.63 8.27
N LEU G 16 8.59 70.98 9.09
CA LEU G 16 7.46 70.25 8.60
C LEU G 16 6.25 70.92 9.16
N TYR G 17 5.63 71.73 8.33
CA TYR G 17 4.48 72.48 8.78
C TYR G 17 3.30 71.65 9.15
N GLN G 18 3.05 70.57 8.43
CA GLN G 18 1.91 69.75 8.79
C GLN G 18 2.09 69.18 10.17
N VAL G 19 3.33 68.94 10.56
CA VAL G 19 3.59 68.45 11.89
C VAL G 19 3.20 69.56 12.84
N GLU G 20 3.69 70.77 12.55
CA GLU G 20 3.40 71.93 13.38
C GLU G 20 1.90 72.27 13.49
N TYR G 21 1.18 72.17 12.40
CA TYR G 21 -0.23 72.48 12.47
C TYR G 21 -0.93 71.42 13.28
N ALA G 22 -0.39 70.21 13.30
CA ALA G 22 -0.99 69.13 14.06
C ALA G 22 -0.94 69.45 15.56
N PHE G 23 0.21 69.96 16.02
CA PHE G 23 0.41 70.34 17.41
C PHE G 23 -0.61 71.39 17.81
N LYS G 24 -0.98 72.24 16.88
CA LYS G 24 -1.97 73.25 17.20
C LYS G 24 -3.36 72.64 17.35
N ALA G 25 -3.58 71.53 16.66
CA ALA G 25 -4.87 70.85 16.71
C ALA G 25 -5.11 70.27 18.09
N THR G 26 -4.02 69.86 18.73
CA THR G 26 -4.13 69.27 20.04
C THR G 26 -4.86 70.15 21.02
N ASN G 27 -4.75 71.45 20.86
CA ASN G 27 -5.40 72.37 21.79
C ASN G 27 -6.88 72.63 21.52
N GLN G 28 -7.39 72.15 20.39
CA GLN G 28 -8.79 72.39 20.01
C GLN G 28 -9.88 72.09 21.04
N THR G 29 -9.60 71.19 21.97
CA THR G 29 -10.58 70.81 23.00
C THR G 29 -10.69 71.73 24.22
N ASN G 30 -9.58 72.39 24.56
CA ASN G 30 -9.50 73.31 25.70
C ASN G 30 -9.46 72.58 27.06
N ILE G 31 -8.84 71.39 27.09
CA ILE G 31 -8.72 70.58 28.30
C ILE G 31 -7.28 70.51 28.78
N ASN G 32 -7.03 70.70 30.07
CA ASN G 32 -5.67 70.64 30.61
C ASN G 32 -5.58 69.40 31.45
N SER G 33 -4.43 68.78 31.44
CA SER G 33 -4.25 67.59 32.22
C SER G 33 -2.86 67.63 32.78
N LEU G 34 -2.65 66.85 33.82
CA LEU G 34 -1.35 66.78 34.41
C LEU G 34 -1.30 65.43 35.02
N ALA G 35 -0.09 65.00 35.28
CA ALA G 35 0.16 63.72 35.87
C ALA G 35 1.36 63.86 36.76
N VAL G 36 1.29 63.18 37.88
CA VAL G 36 2.36 63.21 38.84
C VAL G 36 2.55 61.80 39.36
N ARG G 37 3.75 61.58 39.87
CA ARG G 37 4.13 60.31 40.42
C ARG G 37 4.17 60.30 41.95
N GLY G 38 3.47 59.32 42.52
CA GLY G 38 3.43 59.13 43.96
C GLY G 38 4.60 58.24 44.35
N LYS G 39 4.58 57.68 45.56
CA LYS G 39 5.67 56.84 46.00
C LYS G 39 5.59 55.48 45.31
N ASP G 40 4.37 55.10 44.95
CA ASP G 40 4.12 53.86 44.25
C ASP G 40 2.78 53.89 43.52
N CYS G 41 2.53 54.98 42.81
CA CYS G 41 1.31 55.15 42.03
C CYS G 41 1.60 56.25 41.03
N THR G 42 0.62 56.60 40.23
CA THR G 42 0.82 57.65 39.26
C THR G 42 -0.56 58.15 39.01
N VAL G 43 -0.75 59.46 39.12
CA VAL G 43 -2.08 60.02 38.93
C VAL G 43 -2.05 61.01 37.83
N VAL G 44 -3.17 61.08 37.11
CA VAL G 44 -3.31 62.02 36.06
C VAL G 44 -4.67 62.57 36.27
N ILE G 45 -4.73 63.86 36.06
CA ILE G 45 -5.94 64.58 36.18
C ILE G 45 -6.04 65.31 34.87
N SER G 46 -7.27 65.45 34.42
CA SER G 46 -7.60 66.14 33.21
C SER G 46 -8.97 66.71 33.48
N GLN G 47 -9.21 67.90 32.96
CA GLN G 47 -10.47 68.57 33.13
C GLN G 47 -11.48 67.88 32.29
N LYS G 48 -12.72 68.04 32.69
CA LYS G 48 -13.79 67.44 31.96
C LYS G 48 -14.75 68.57 31.74
N LYS G 49 -15.07 68.83 30.49
CA LYS G 49 -16.00 69.90 30.21
C LYS G 49 -17.14 69.38 29.37
N VAL G 50 -18.32 69.34 29.96
CA VAL G 50 -19.52 68.87 29.28
C VAL G 50 -20.44 70.08 29.09
N PRO G 51 -20.37 70.76 27.93
CA PRO G 51 -21.19 71.94 27.63
C PRO G 51 -22.64 71.68 27.35
N ASP G 52 -22.91 70.78 26.42
CA ASP G 52 -24.28 70.45 26.03
C ASP G 52 -25.06 69.65 27.11
N LYS G 53 -26.27 70.12 27.43
CA LYS G 53 -27.10 69.44 28.42
C LYS G 53 -27.72 68.16 27.86
N LEU G 54 -27.64 68.02 26.54
CA LEU G 54 -28.18 66.85 25.85
C LEU G 54 -27.21 65.69 25.72
N LEU G 55 -26.05 65.83 26.32
CA LEU G 55 -25.05 64.80 26.27
C LEU G 55 -25.14 63.92 27.50
N ASP G 56 -24.64 62.70 27.37
CA ASP G 56 -24.60 61.75 28.47
C ASP G 56 -23.17 61.92 28.96
N PRO G 57 -23.00 62.63 30.08
CA PRO G 57 -21.78 62.98 30.82
C PRO G 57 -20.79 61.85 31.01
N THR G 58 -21.32 60.64 31.14
CA THR G 58 -20.47 59.49 31.35
C THR G 58 -19.78 58.99 30.10
N THR G 59 -20.22 59.47 28.94
CA THR G 59 -19.60 59.08 27.69
C THR G 59 -18.53 60.06 27.22
N VAL G 60 -18.21 61.07 28.03
CA VAL G 60 -17.19 62.08 27.68
C VAL G 60 -15.87 61.89 28.43
N SER G 61 -14.86 61.36 27.77
CA SER G 61 -13.60 61.20 28.45
C SER G 61 -12.50 61.20 27.46
N TYR G 62 -11.33 61.61 27.93
CA TYR G 62 -10.13 61.62 27.11
C TYR G 62 -9.13 60.77 27.89
N ILE G 63 -9.69 60.00 28.82
CA ILE G 63 -8.91 59.06 29.60
C ILE G 63 -9.32 57.67 29.11
N PHE G 64 -8.31 56.88 28.79
CA PHE G 64 -8.53 55.54 28.29
C PHE G 64 -7.72 54.52 29.06
N CYS G 65 -8.35 53.39 29.29
CA CYS G 65 -7.74 52.29 30.01
C CYS G 65 -7.15 51.42 28.88
N ILE G 66 -5.83 51.46 28.74
CA ILE G 66 -5.14 50.74 27.68
C ILE G 66 -4.93 49.24 27.93
N SER G 67 -4.38 48.91 29.10
CA SER G 67 -4.12 47.54 29.48
C SER G 67 -4.33 47.51 30.99
N ARG G 68 -4.36 46.31 31.57
CA ARG G 68 -4.54 46.17 33.01
C ARG G 68 -3.60 47.14 33.73
N THR G 69 -2.44 47.41 33.16
CA THR G 69 -1.52 48.30 33.84
C THR G 69 -1.33 49.71 33.27
N ILE G 70 -1.53 49.87 31.97
CA ILE G 70 -1.33 51.15 31.36
C ILE G 70 -2.58 51.98 31.16
N GLY G 71 -2.45 53.26 31.51
CA GLY G 71 -3.54 54.21 31.34
C GLY G 71 -3.01 55.35 30.49
N MET G 72 -3.87 55.94 29.68
CA MET G 72 -3.44 57.03 28.83
C MET G 72 -4.44 58.15 28.74
N VAL G 73 -3.92 59.38 28.75
CA VAL G 73 -4.76 60.56 28.64
C VAL G 73 -4.36 61.25 27.35
N VAL G 74 -5.38 61.66 26.59
CA VAL G 74 -5.17 62.35 25.33
C VAL G 74 -5.60 63.79 25.35
N ASN G 75 -4.71 64.63 24.84
CA ASN G 75 -4.99 66.04 24.70
C ASN G 75 -5.05 66.17 23.19
N GLY G 76 -6.27 66.25 22.66
CA GLY G 76 -6.50 66.37 21.24
C GLY G 76 -7.97 66.13 20.97
N PRO G 77 -8.44 66.22 19.71
CA PRO G 77 -9.85 65.99 19.38
C PRO G 77 -10.17 64.52 19.61
N ILE G 78 -11.45 64.23 19.82
CA ILE G 78 -11.83 62.88 20.11
C ILE G 78 -11.58 61.87 19.00
N PRO G 79 -12.07 62.12 17.76
CA PRO G 79 -11.77 61.07 16.78
C PRO G 79 -10.29 60.72 16.59
N ASP G 80 -9.37 61.67 16.69
CA ASP G 80 -7.97 61.28 16.57
C ASP G 80 -7.50 60.63 17.85
N ALA G 81 -8.14 60.95 18.96
CA ALA G 81 -7.75 60.40 20.25
C ALA G 81 -8.11 58.91 20.34
N ARG G 82 -9.34 58.60 19.99
CA ARG G 82 -9.80 57.24 20.01
C ARG G 82 -9.00 56.38 19.02
N ASN G 83 -8.72 56.92 17.85
CA ASN G 83 -7.92 56.23 16.84
C ASN G 83 -6.59 55.85 17.48
N ALA G 84 -6.06 56.70 18.35
CA ALA G 84 -4.78 56.40 18.97
C ALA G 84 -4.92 55.39 20.12
N ALA G 85 -6.08 55.39 20.77
CA ALA G 85 -6.33 54.48 21.88
C ALA G 85 -6.39 53.02 21.36
N LEU G 86 -7.27 52.79 20.41
CA LEU G 86 -7.45 51.48 19.80
C LEU G 86 -6.12 50.87 19.45
N ARG G 87 -5.30 51.61 18.73
CA ARG G 87 -4.02 51.08 18.36
C ARG G 87 -3.18 50.79 19.59
N ALA G 88 -3.27 51.63 20.62
CA ALA G 88 -2.47 51.40 21.82
C ALA G 88 -2.90 50.09 22.43
N LYS G 89 -4.20 49.90 22.51
CA LYS G 89 -4.70 48.66 23.06
C LYS G 89 -4.15 47.51 22.20
N ALA G 90 -4.42 47.56 20.90
CA ALA G 90 -3.95 46.52 20.00
C ALA G 90 -2.48 46.21 20.19
N GLU G 91 -1.63 47.23 20.31
CA GLU G 91 -0.21 47.00 20.49
C GLU G 91 0.11 46.36 21.82
N ALA G 92 -0.60 46.76 22.87
CA ALA G 92 -0.32 46.20 24.18
C ALA G 92 -0.67 44.73 24.25
N ALA G 93 -1.78 44.36 23.61
CA ALA G 93 -2.24 42.96 23.55
C ALA G 93 -1.23 42.16 22.77
N GLU G 94 -0.93 42.62 21.56
CA GLU G 94 0.04 41.90 20.76
C GLU G 94 1.35 41.72 21.48
N PHE G 95 1.78 42.71 22.26
CA PHE G 95 3.05 42.59 22.98
C PHE G 95 3.03 41.46 24.01
N ARG G 96 1.92 41.37 24.73
CA ARG G 96 1.78 40.37 25.77
C ARG G 96 1.84 38.96 25.16
N TYR G 97 1.07 38.78 24.09
CA TYR G 97 0.99 37.52 23.38
C TYR G 97 2.33 37.06 22.84
N LYS G 98 3.06 37.96 22.22
CA LYS G 98 4.33 37.60 21.65
C LYS G 98 5.45 37.48 22.62
N TYR G 99 5.47 38.33 23.64
CA TYR G 99 6.62 38.36 24.57
C TYR G 99 6.47 37.79 25.95
N GLY G 100 5.24 37.49 26.34
CA GLY G 100 5.02 36.86 27.62
C GLY G 100 4.92 37.69 28.85
N TYR G 101 5.01 39.00 28.71
CA TYR G 101 4.87 39.89 29.85
C TYR G 101 4.14 41.11 29.39
N ASP G 102 3.57 41.85 30.33
CA ASP G 102 2.79 43.04 30.00
C ASP G 102 3.64 44.14 29.43
N MET G 103 3.15 44.83 28.39
CA MET G 103 3.93 45.90 27.77
C MET G 103 4.20 47.04 28.72
N PRO G 104 5.47 47.44 28.85
CA PRO G 104 5.81 48.54 29.75
C PRO G 104 5.31 49.84 29.16
N CYS G 105 5.08 50.81 30.04
CA CYS G 105 4.62 52.15 29.69
C CYS G 105 5.55 52.80 28.68
N ASP G 106 6.82 52.90 29.02
CA ASP G 106 7.76 53.51 28.12
C ASP G 106 7.81 52.83 26.78
N VAL G 107 7.73 51.51 26.77
CA VAL G 107 7.77 50.80 25.51
C VAL G 107 6.51 51.07 24.72
N LEU G 108 5.36 51.08 25.37
CA LEU G 108 4.15 51.35 24.61
C LEU G 108 4.29 52.72 24.03
N ALA G 109 4.77 53.66 24.85
CA ALA G 109 4.95 55.03 24.37
C ALA G 109 5.83 55.02 23.13
N LYS G 110 7.07 54.57 23.28
CA LYS G 110 8.02 54.53 22.16
C LYS G 110 7.41 53.98 20.93
N ARG G 111 6.67 52.89 21.09
CA ARG G 111 6.04 52.31 19.93
C ARG G 111 5.09 53.35 19.35
N MET G 112 4.25 53.92 20.19
CA MET G 112 3.32 54.91 19.71
C MET G 112 4.00 56.10 19.06
N ALA G 113 5.17 56.48 19.55
CA ALA G 113 5.91 57.61 18.98
C ALA G 113 6.36 57.22 17.61
N ASN G 114 6.96 56.04 17.49
CA ASN G 114 7.45 55.54 16.21
C ASN G 114 6.41 55.59 15.12
N LEU G 115 5.17 55.25 15.45
CA LEU G 115 4.13 55.29 14.43
C LEU G 115 4.02 56.70 13.98
N SER G 116 4.06 57.62 14.95
CA SER G 116 3.95 59.04 14.66
C SER G 116 5.11 59.50 13.80
N GLN G 117 6.32 59.12 14.17
CA GLN G 117 7.44 59.50 13.35
C GLN G 117 7.11 59.13 11.92
N ILE G 118 6.48 58.00 11.68
CA ILE G 118 6.16 57.60 10.30
C ILE G 118 5.20 58.54 9.55
N TYR G 119 4.21 59.08 10.22
CA TYR G 119 3.30 59.98 9.52
C TYR G 119 4.05 61.30 9.15
N THR G 120 5.11 61.54 9.89
CA THR G 120 6.00 62.67 9.73
C THR G 120 6.87 62.49 8.48
N GLN G 121 7.00 61.24 8.00
CA GLN G 121 7.86 60.95 6.85
C GLN G 121 7.18 60.47 5.60
N ARG G 122 5.97 59.97 5.74
CA ARG G 122 5.28 59.48 4.57
C ARG G 122 4.18 60.44 4.24
N ALA G 123 4.18 60.86 3.00
CA ALA G 123 3.22 61.81 2.50
C ALA G 123 1.77 61.42 2.70
N TYR G 124 1.42 60.17 2.42
CA TYR G 124 0.02 59.76 2.54
C TYR G 124 -0.59 59.74 3.93
N MET G 125 0.24 59.67 4.96
CA MET G 125 -0.29 59.65 6.31
C MET G 125 -0.24 61.05 6.96
N ARG G 126 -1.36 61.47 7.54
CA ARG G 126 -1.41 62.75 8.22
C ARG G 126 -1.12 62.48 9.69
N PRO G 127 -0.37 63.37 10.33
CA PRO G 127 -0.12 63.10 11.74
C PRO G 127 -1.46 63.16 12.43
N LEU G 128 -1.54 62.70 13.67
CA LEU G 128 -2.81 62.79 14.38
C LEU G 128 -2.60 63.99 15.25
N GLY G 129 -3.67 64.76 15.46
CA GLY G 129 -3.53 65.95 16.28
C GLY G 129 -3.76 65.67 17.74
N VAL G 130 -2.82 64.99 18.37
CA VAL G 130 -3.00 64.63 19.78
C VAL G 130 -1.67 64.40 20.47
N ILE G 131 -1.67 64.62 21.77
CA ILE G 131 -0.49 64.36 22.59
C ILE G 131 -0.99 63.26 23.50
N LEU G 132 -0.15 62.26 23.73
CA LEU G 132 -0.53 61.10 24.52
C LEU G 132 0.32 61.01 25.75
N THR G 133 -0.34 60.89 26.90
CA THR G 133 0.37 60.78 28.17
C THR G 133 0.06 59.39 28.72
N PHE G 134 1.09 58.57 28.79
CA PHE G 134 0.94 57.22 29.29
C PHE G 134 1.47 57.15 30.69
N VAL G 135 0.67 56.58 31.56
CA VAL G 135 1.06 56.44 32.95
C VAL G 135 0.80 55.02 33.40
N SER G 136 1.54 54.60 34.42
CA SER G 136 1.44 53.28 35.00
C SER G 136 2.48 53.23 36.12
N VAL G 137 2.54 52.08 36.81
CA VAL G 137 3.52 51.82 37.85
C VAL G 137 4.20 50.57 37.28
N ASP G 138 5.28 50.80 36.54
CA ASP G 138 6.01 49.74 35.90
C ASP G 138 6.60 48.78 36.91
N GLU G 139 6.49 47.47 36.65
CA GLU G 139 7.03 46.47 37.55
C GLU G 139 8.55 46.56 37.59
N GLU G 140 9.14 47.24 36.63
CA GLU G 140 10.58 47.32 36.64
C GLU G 140 11.14 48.72 36.92
N LEU G 141 10.36 49.75 36.64
CA LEU G 141 10.84 51.13 36.82
C LEU G 141 10.15 52.02 37.86
N GLY G 142 9.01 51.61 38.37
CA GLY G 142 8.34 52.43 39.36
C GLY G 142 7.27 53.22 38.67
N PRO G 143 6.59 54.13 39.36
CA PRO G 143 5.52 54.92 38.72
C PRO G 143 6.15 55.60 37.51
N SER G 144 5.38 55.72 36.43
CA SER G 144 5.89 56.28 35.19
C SER G 144 4.88 57.13 34.47
N ILE G 145 5.41 58.06 33.68
CA ILE G 145 4.64 58.98 32.84
C ILE G 145 5.50 59.26 31.62
N TYR G 146 5.01 58.83 30.46
CA TYR G 146 5.68 59.01 29.17
C TYR G 146 4.70 59.69 28.27
N LYS G 147 5.19 60.71 27.57
CA LYS G 147 4.32 61.48 26.69
C LYS G 147 4.91 61.51 25.28
N THR G 148 4.03 61.43 24.29
CA THR G 148 4.44 61.44 22.90
C THR G 148 3.59 62.48 22.22
N ASP G 149 4.12 63.01 21.12
CA ASP G 149 3.45 64.08 20.34
C ASP G 149 3.53 63.82 18.85
N PRO G 150 2.86 64.65 18.04
CA PRO G 150 2.84 64.53 16.58
C PRO G 150 4.15 64.55 15.87
N ALA G 151 5.18 65.04 16.51
CA ALA G 151 6.50 65.08 15.88
C ALA G 151 7.16 63.73 16.04
N GLY G 152 6.58 62.89 16.89
CA GLY G 152 7.12 61.56 17.13
C GLY G 152 8.12 61.56 18.25
N TYR G 153 8.03 62.55 19.12
CA TYR G 153 8.93 62.69 20.26
C TYR G 153 8.21 62.09 21.44
N TYR G 154 8.97 61.49 22.35
CA TYR G 154 8.37 60.92 23.53
C TYR G 154 9.46 60.99 24.58
N VAL G 155 9.07 61.17 25.84
CA VAL G 155 10.06 61.20 26.91
C VAL G 155 9.40 60.96 28.24
N GLY G 156 10.21 60.71 29.27
CA GLY G 156 9.71 60.47 30.62
C GLY G 156 9.75 61.68 31.54
N TYR G 157 8.70 61.84 32.35
CA TYR G 157 8.60 62.98 33.26
C TYR G 157 8.49 62.69 34.76
N LYS G 158 8.96 63.63 35.57
CA LYS G 158 8.83 63.50 37.01
C LYS G 158 7.36 63.78 37.24
N ALA G 159 6.81 64.62 36.38
CA ALA G 159 5.40 65.02 36.39
C ALA G 159 5.29 65.86 35.15
N THR G 160 4.08 66.09 34.67
CA THR G 160 3.93 66.85 33.44
C THR G 160 2.52 67.37 33.35
N ALA G 161 2.30 68.24 32.37
CA ALA G 161 0.99 68.82 32.17
C ALA G 161 0.91 69.08 30.71
N THR G 162 -0.31 69.19 30.21
CA THR G 162 -0.49 69.39 28.80
C THR G 162 -1.81 70.09 28.60
N GLY G 163 -1.84 70.92 27.56
CA GLY G 163 -3.02 71.72 27.20
C GLY G 163 -2.67 73.18 26.94
N PRO G 164 -3.68 74.04 26.76
CA PRO G 164 -3.48 75.47 26.51
C PRO G 164 -2.69 76.15 27.62
N LYS G 165 -2.98 75.77 28.87
CA LYS G 165 -2.31 76.34 30.03
C LYS G 165 -1.21 75.46 30.58
N GLN G 166 -0.56 74.75 29.65
CA GLN G 166 0.54 73.86 29.94
C GLN G 166 1.56 74.54 30.81
N GLN G 167 2.04 75.69 30.34
CA GLN G 167 3.06 76.45 31.04
C GLN G 167 2.70 76.89 32.46
N GLU G 168 1.46 77.28 32.67
CA GLU G 168 1.02 77.71 33.99
C GLU G 168 1.25 76.58 34.94
N ILE G 169 0.59 75.47 34.66
CA ILE G 169 0.68 74.25 35.48
C ILE G 169 2.13 73.78 35.60
N THR G 170 2.83 73.78 34.47
CA THR G 170 4.22 73.35 34.45
C THR G 170 5.06 74.09 35.47
N THR G 171 5.10 75.42 35.35
CA THR G 171 5.87 76.27 36.27
C THR G 171 5.46 76.06 37.75
N ASN G 172 4.16 75.96 38.00
CA ASN G 172 3.69 75.70 39.35
C ASN G 172 4.35 74.39 39.84
N LEU G 173 4.21 73.33 39.04
CA LEU G 173 4.78 72.04 39.38
C LEU G 173 6.29 72.09 39.52
N GLU G 174 6.97 72.71 38.55
CA GLU G 174 8.42 72.82 38.57
C GLU G 174 8.84 73.40 39.90
N ASN G 175 8.11 74.41 40.34
CA ASN G 175 8.42 75.03 41.61
C ASN G 175 8.23 74.06 42.77
N HIS G 176 7.12 73.32 42.79
CA HIS G 176 6.92 72.33 43.86
C HIS G 176 8.13 71.41 43.98
N PHE G 177 8.64 70.94 42.84
CA PHE G 177 9.78 70.02 42.83
C PHE G 177 11.14 70.61 43.20
N LYS G 178 11.31 71.91 43.00
CA LYS G 178 12.54 72.58 43.38
C LYS G 178 12.55 72.64 44.91
N LYS G 179 11.34 72.78 45.47
CA LYS G 179 11.08 72.86 46.92
C LYS G 179 11.37 71.53 47.63
N SER G 180 10.73 70.45 47.18
CA SER G 180 10.90 69.12 47.77
C SER G 180 12.24 68.43 47.48
N LYS G 181 12.76 68.64 46.25
CA LYS G 181 14.05 68.07 45.80
C LYS G 181 14.02 66.61 45.38
N ILE G 182 12.88 65.97 45.59
CA ILE G 182 12.71 64.58 45.22
C ILE G 182 11.96 64.55 43.89
N ASP G 183 11.89 63.38 43.27
CA ASP G 183 11.19 63.26 41.98
C ASP G 183 9.85 62.55 42.11
N HIS G 184 8.98 63.01 42.99
CA HIS G 184 7.67 62.38 43.17
C HIS G 184 7.03 62.89 44.44
N ILE G 185 5.70 62.92 44.48
CA ILE G 185 5.00 63.37 45.66
C ILE G 185 5.36 62.33 46.72
N ASN G 186 5.78 62.77 47.90
CA ASN G 186 6.15 61.83 48.95
C ASN G 186 4.93 61.44 49.76
N GLU G 187 4.00 60.74 49.13
CA GLU G 187 2.78 60.31 49.78
C GLU G 187 2.57 58.80 49.65
N GLU G 188 1.96 58.22 50.68
CA GLU G 188 1.71 56.79 50.74
C GLU G 188 0.47 56.42 49.97
N SER G 189 -0.62 57.16 50.14
CA SER G 189 -1.83 56.78 49.42
C SER G 189 -2.02 57.56 48.15
N TRP G 190 -2.65 56.89 47.19
CA TRP G 190 -2.94 57.48 45.91
C TRP G 190 -4.04 58.51 46.13
N GLU G 191 -4.89 58.27 47.14
CA GLU G 191 -5.97 59.20 47.44
C GLU G 191 -5.42 60.58 47.76
N LYS G 192 -4.27 60.59 48.44
CA LYS G 192 -3.63 61.85 48.78
C LYS G 192 -2.95 62.43 47.56
N VAL G 193 -2.29 61.58 46.78
CA VAL G 193 -1.64 62.06 45.58
C VAL G 193 -2.67 62.65 44.63
N VAL G 194 -3.85 62.05 44.58
CA VAL G 194 -4.89 62.59 43.73
C VAL G 194 -5.21 63.99 44.23
N GLU G 195 -5.26 64.12 45.55
CA GLU G 195 -5.54 65.42 46.15
C GLU G 195 -4.50 66.44 45.68
N PHE G 196 -3.23 66.19 45.98
CA PHE G 196 -2.15 67.06 45.58
C PHE G 196 -2.34 67.48 44.16
N ALA G 197 -2.65 66.51 43.32
CA ALA G 197 -2.85 66.79 41.91
C ALA G 197 -3.93 67.81 41.72
N ILE G 198 -5.14 67.52 42.17
CA ILE G 198 -6.21 68.49 41.98
C ILE G 198 -5.84 69.81 42.63
N THR G 199 -5.27 69.75 43.82
CA THR G 199 -4.87 70.95 44.56
C THR G 199 -4.02 71.82 43.67
N HIS G 200 -2.93 71.27 43.17
CA HIS G 200 -2.08 72.06 42.34
C HIS G 200 -2.71 72.51 41.05
N MET G 201 -3.65 71.74 40.50
CA MET G 201 -4.26 72.22 39.28
C MET G 201 -5.04 73.48 39.63
N ILE G 202 -5.64 73.51 40.81
CA ILE G 202 -6.41 74.65 41.26
C ILE G 202 -5.50 75.85 41.47
N ASP G 203 -4.45 75.67 42.27
CA ASP G 203 -3.48 76.71 42.57
C ASP G 203 -2.86 77.32 41.32
N ALA G 204 -2.74 76.55 40.26
CA ALA G 204 -2.14 77.08 39.05
C ALA G 204 -3.14 77.65 38.06
N LEU G 205 -4.30 77.03 37.92
CA LEU G 205 -5.30 77.53 36.97
C LEU G 205 -6.17 78.53 37.64
N GLY G 206 -5.94 78.74 38.93
CA GLY G 206 -6.73 79.68 39.68
C GLY G 206 -8.22 79.38 39.61
N THR G 207 -8.56 78.11 39.53
CA THR G 207 -9.97 77.78 39.45
C THR G 207 -10.36 76.72 40.46
N GLU G 208 -11.62 76.78 40.87
CA GLU G 208 -12.22 75.86 41.83
C GLU G 208 -12.88 74.78 40.96
N PHE G 209 -13.00 73.55 41.47
CA PHE G 209 -13.61 72.44 40.71
C PHE G 209 -14.80 71.79 41.38
N SER G 210 -15.70 71.24 40.59
CA SER G 210 -16.84 70.50 41.12
C SER G 210 -16.53 69.06 40.68
N LYS G 211 -17.35 68.10 41.09
CA LYS G 211 -17.11 66.70 40.73
C LYS G 211 -17.26 66.37 39.24
N ASN G 212 -18.07 67.14 38.51
CA ASN G 212 -18.26 66.88 37.09
C ASN G 212 -17.30 67.70 36.23
N ASP G 213 -16.29 68.28 36.86
CA ASP G 213 -15.31 69.11 36.15
C ASP G 213 -13.97 68.40 36.03
N LEU G 214 -13.85 67.28 36.72
CA LEU G 214 -12.62 66.54 36.68
C LEU G 214 -12.78 65.13 36.15
N GLU G 215 -11.65 64.55 35.83
CA GLU G 215 -11.56 63.21 35.32
C GLU G 215 -10.21 62.87 35.88
N VAL G 216 -10.16 61.82 36.70
CA VAL G 216 -8.92 61.43 37.32
C VAL G 216 -8.65 59.99 36.99
N GLY G 217 -7.38 59.66 36.91
CA GLY G 217 -6.99 58.30 36.61
C GLY G 217 -5.77 58.05 37.45
N VAL G 218 -5.73 56.87 38.06
CA VAL G 218 -4.62 56.47 38.92
C VAL G 218 -4.07 55.15 38.45
N ALA G 219 -2.79 54.94 38.74
CA ALA G 219 -2.12 53.72 38.36
C ALA G 219 -1.33 53.22 39.55
N THR G 220 -1.65 52.01 40.01
CA THR G 220 -0.97 51.34 41.14
C THR G 220 -0.40 50.02 40.66
N LYS G 221 0.36 49.35 41.53
CA LYS G 221 0.94 48.07 41.16
C LYS G 221 -0.15 47.12 40.71
N ASP G 222 -0.02 46.71 39.46
CA ASP G 222 -0.92 45.79 38.81
C ASP G 222 -2.35 46.27 38.55
N LYS G 223 -2.52 47.57 38.41
CA LYS G 223 -3.81 48.12 38.05
C LYS G 223 -3.84 49.62 37.82
N PHE G 224 -4.71 50.02 36.90
CA PHE G 224 -4.96 51.42 36.56
C PHE G 224 -6.47 51.55 36.51
N PHE G 225 -7.01 52.64 37.05
CA PHE G 225 -8.45 52.85 37.05
C PHE G 225 -8.84 54.33 37.04
N THR G 226 -10.08 54.59 36.66
CA THR G 226 -10.56 55.95 36.61
C THR G 226 -11.47 56.12 37.80
N LEU G 227 -11.45 57.31 38.41
CA LEU G 227 -12.29 57.57 39.57
C LEU G 227 -13.74 57.86 39.23
N SER G 228 -14.59 57.65 40.20
CA SER G 228 -16.00 57.93 40.02
C SER G 228 -16.23 59.37 40.43
N ALA G 229 -17.33 59.95 39.99
CA ALA G 229 -17.66 61.33 40.37
C ALA G 229 -17.57 61.41 41.89
N GLU G 230 -18.03 60.34 42.55
CA GLU G 230 -18.05 60.26 44.00
C GLU G 230 -16.67 60.15 44.62
N ASN G 231 -15.81 59.30 44.08
CA ASN G 231 -14.46 59.19 44.63
C ASN G 231 -13.78 60.55 44.51
N ILE G 232 -13.97 61.20 43.37
CA ILE G 232 -13.39 62.52 43.12
C ILE G 232 -13.93 63.44 44.22
N GLU G 233 -15.23 63.47 44.40
CA GLU G 233 -15.80 64.32 45.44
C GLU G 233 -15.11 64.09 46.76
N GLU G 234 -14.95 62.84 47.19
CA GLU G 234 -14.27 62.54 48.45
C GLU G 234 -12.92 63.24 48.46
N ARG G 235 -12.35 63.45 47.28
CA ARG G 235 -11.08 64.15 47.11
C ARG G 235 -11.34 65.66 47.22
N LEU G 236 -12.36 66.13 46.52
CA LEU G 236 -12.76 67.54 46.49
C LEU G 236 -13.10 68.06 47.90
N VAL G 237 -13.68 67.20 48.72
CA VAL G 237 -14.02 67.54 50.09
C VAL G 237 -12.76 67.54 50.95
N ALA G 238 -11.94 66.50 50.85
CA ALA G 238 -10.70 66.41 51.60
C ALA G 238 -9.80 67.63 51.40
N ILE G 239 -9.91 68.25 50.23
CA ILE G 239 -9.12 69.44 49.93
C ILE G 239 -9.80 70.71 50.46
N ALA G 240 -11.14 70.79 50.35
CA ALA G 240 -11.89 71.94 50.84
C ALA G 240 -12.03 71.95 52.36
N GLU G 241 -11.00 71.45 53.04
CA GLU G 241 -10.93 71.39 54.51
C GLU G 241 -9.45 71.45 54.86
N GLN G 242 -8.65 71.86 53.87
CA GLN G 242 -7.22 72.00 53.99
C GLN G 242 -6.90 73.43 53.49
N ASP G 243 -7.55 73.83 52.39
CA ASP G 243 -7.39 75.14 51.75
C ASP G 243 -8.68 75.97 51.92
N THR H 1 22.03 12.24 22.67
CA THR H 1 22.17 13.56 23.31
C THR H 1 21.51 13.53 24.68
N THR H 2 21.60 13.90 25.76
CA THR H 2 21.25 13.93 27.21
C THR H 2 21.38 15.34 27.78
N ILE H 3 20.25 15.99 28.10
CA ILE H 3 20.26 17.32 28.66
C ILE H 3 19.35 17.47 29.88
N VAL H 4 19.78 18.30 30.84
CA VAL H 4 19.01 18.51 32.05
C VAL H 4 19.11 19.92 32.57
N GLY H 5 18.15 20.23 33.45
CA GLY H 5 18.04 21.50 34.10
C GLY H 5 17.53 21.27 35.52
N VAL H 6 18.18 21.89 36.48
CA VAL H 6 17.79 21.73 37.86
C VAL H 6 17.83 23.09 38.51
N LYS H 7 16.68 23.48 39.04
CA LYS H 7 16.56 24.76 39.70
C LYS H 7 17.08 24.59 41.11
N PHE H 8 17.77 25.60 41.63
CA PHE H 8 18.26 25.55 43.00
C PHE H 8 17.74 26.75 43.79
N ASN H 9 18.19 26.92 45.04
CA ASN H 9 17.67 28.00 45.89
C ASN H 9 17.72 29.43 45.34
N ASN H 10 18.80 29.79 44.66
CA ASN H 10 18.90 31.15 44.11
C ASN H 10 19.24 31.15 42.62
N GLY H 11 18.70 30.19 41.87
CA GLY H 11 19.03 30.14 40.46
C GLY H 11 18.59 28.87 39.76
N VAL H 12 19.38 28.46 38.78
CA VAL H 12 19.10 27.28 38.00
C VAL H 12 20.33 26.92 37.22
N VAL H 13 20.60 25.64 37.09
CA VAL H 13 21.78 25.19 36.37
C VAL H 13 21.33 24.21 35.32
N ILE H 14 22.11 24.04 34.26
CA ILE H 14 21.74 23.10 33.22
C ILE H 14 23.00 22.44 32.77
N ALA H 15 22.82 21.25 32.23
CA ALA H 15 23.96 20.53 31.79
C ALA H 15 23.52 19.73 30.62
N ALA H 16 24.50 19.15 29.94
CA ALA H 16 24.25 18.35 28.77
C ALA H 16 25.52 17.61 28.43
N ASP H 17 25.39 16.49 27.70
CA ASP H 17 26.55 15.69 27.29
C ASP H 17 27.15 16.34 26.03
N THR H 18 28.13 15.70 25.38
CA THR H 18 28.76 16.29 24.21
C THR H 18 28.91 15.39 22.98
N ARG H 19 28.03 14.41 22.85
CA ARG H 19 28.07 13.47 21.73
C ARG H 19 27.04 13.80 20.66
N SER H 20 27.45 13.77 19.39
CA SER H 20 26.54 14.01 18.27
C SER H 20 26.64 12.78 17.37
N THR H 21 25.52 12.34 16.81
CA THR H 21 25.55 11.14 15.97
C THR H 21 24.85 11.23 14.64
N GLN H 22 25.43 10.53 13.66
CA GLN H 22 24.88 10.45 12.30
C GLN H 22 24.56 8.95 12.32
N GLY H 23 23.42 8.61 12.87
CA GLY H 23 23.09 7.20 12.95
C GLY H 23 23.82 6.53 14.12
N PRO H 24 24.56 5.42 13.91
CA PRO H 24 25.27 4.78 15.01
C PRO H 24 26.73 5.24 15.03
N ILE H 25 27.04 6.20 14.19
CA ILE H 25 28.38 6.73 14.15
C ILE H 25 28.50 8.02 14.92
N VAL H 26 29.59 8.18 15.68
CA VAL H 26 29.82 9.39 16.45
C VAL H 26 30.41 10.44 15.55
N ALA H 27 29.59 11.43 15.20
CA ALA H 27 30.00 12.53 14.35
C ALA H 27 30.92 13.45 15.11
N ASP H 28 30.44 13.94 16.24
CA ASP H 28 31.26 14.83 17.07
C ASP H 28 31.40 14.27 18.50
N LYS H 29 32.65 14.04 18.91
CA LYS H 29 32.95 13.54 20.24
C LYS H 29 32.88 14.63 21.31
N ASN H 30 32.69 15.88 20.89
CA ASN H 30 32.63 16.99 21.83
C ASN H 30 31.94 18.21 21.27
N CYS H 31 30.68 18.10 20.89
CA CYS H 31 30.03 19.26 20.38
C CYS H 31 29.47 19.99 21.58
N ALA H 32 29.06 21.25 21.39
CA ALA H 32 28.52 22.07 22.48
C ALA H 32 27.01 22.12 22.41
N LYS H 33 26.33 21.56 23.40
CA LYS H 33 24.87 21.53 23.39
C LYS H 33 24.20 22.64 24.17
N LEU H 34 25.01 23.43 24.87
CA LEU H 34 24.53 24.57 25.65
C LEU H 34 24.65 25.82 24.77
N HIS H 35 23.57 26.58 24.67
CA HIS H 35 23.55 27.78 23.84
C HIS H 35 23.18 29.06 24.60
N ARG H 36 23.93 30.12 24.36
CA ARG H 36 23.65 31.40 25.01
C ARG H 36 22.57 32.10 24.22
N ILE H 37 21.42 32.31 24.82
CA ILE H 37 20.37 33.02 24.14
C ILE H 37 20.61 34.51 24.37
N SER H 38 20.97 34.86 25.61
CA SER H 38 21.28 36.22 26.00
C SER H 38 22.31 35.99 27.09
N PRO H 39 22.92 37.05 27.61
CA PRO H 39 23.93 36.80 28.64
C PRO H 39 23.48 35.91 29.79
N LYS H 40 22.25 36.06 30.26
CA LYS H 40 21.82 35.27 31.39
C LYS H 40 20.67 34.31 31.11
N ILE H 41 20.52 33.95 29.84
CA ILE H 41 19.47 33.01 29.46
C ILE H 41 20.09 32.00 28.56
N TRP H 42 20.18 30.77 29.03
CA TRP H 42 20.76 29.68 28.25
C TRP H 42 19.77 28.55 28.02
N CYS H 43 20.03 27.83 26.95
CA CYS H 43 19.19 26.72 26.53
C CYS H 43 20.03 25.52 26.22
N ALA H 44 19.54 24.36 26.64
CA ALA H 44 20.20 23.09 26.36
C ALA H 44 19.31 22.49 25.29
N GLY H 45 19.92 22.00 24.23
CA GLY H 45 19.12 21.41 23.16
C GLY H 45 19.50 20.00 22.72
N ALA H 46 18.48 19.23 22.31
CA ALA H 46 18.66 17.88 21.82
C ALA H 46 17.66 17.73 20.70
N GLY H 47 17.93 16.83 19.77
CA GLY H 47 17.02 16.65 18.66
C GLY H 47 17.93 16.81 17.47
N THR H 48 17.44 17.46 16.42
CA THR H 48 18.26 17.68 15.24
C THR H 48 19.29 18.76 15.55
N ALA H 49 20.57 18.41 15.43
CA ALA H 49 21.63 19.34 15.74
C ALA H 49 21.47 20.74 15.16
N ALA H 50 21.38 20.84 13.85
CA ALA H 50 21.26 22.12 13.20
C ALA H 50 19.99 22.85 13.62
N ASP H 51 18.90 22.16 13.88
CA ASP H 51 17.71 22.89 14.28
C ASP H 51 17.87 23.55 15.62
N THR H 52 18.42 22.82 16.59
CA THR H 52 18.57 23.41 17.89
C THR H 52 19.45 24.65 17.81
N GLU H 53 20.50 24.61 17.02
CA GLU H 53 21.39 25.76 16.89
C GLU H 53 20.71 26.89 16.11
N ALA H 54 20.03 26.55 15.04
CA ALA H 54 19.35 27.55 14.25
C ALA H 54 18.26 28.25 15.01
N VAL H 55 17.38 27.49 15.63
CA VAL H 55 16.30 28.10 16.35
C VAL H 55 16.83 28.88 17.53
N THR H 56 17.97 28.47 18.05
CA THR H 56 18.60 29.14 19.19
C THR H 56 19.23 30.47 18.78
N GLN H 57 19.95 30.47 17.68
CA GLN H 57 20.57 31.67 17.18
C GLN H 57 19.47 32.65 16.82
N LEU H 58 18.50 32.23 16.04
CA LEU H 58 17.40 33.09 15.62
C LEU H 58 16.73 33.78 16.79
N ILE H 59 16.19 33.03 17.74
CA ILE H 59 15.53 33.64 18.88
C ILE H 59 16.51 34.48 19.73
N GLY H 60 17.78 34.08 19.80
CA GLY H 60 18.75 34.86 20.55
C GLY H 60 18.92 36.22 19.91
N SER H 61 18.95 36.22 18.57
CA SER H 61 19.08 37.43 17.79
C SER H 61 17.85 38.27 18.11
N ASN H 62 16.65 37.83 17.75
CA ASN H 62 15.50 38.64 18.07
C ASN H 62 15.41 39.07 19.51
N ILE H 63 16.02 38.32 20.43
CA ILE H 63 15.99 38.68 21.85
C ILE H 63 16.90 39.84 22.09
N GLU H 64 18.09 39.81 21.49
CA GLU H 64 19.07 40.90 21.60
C GLU H 64 18.41 42.20 21.13
N LEU H 65 17.71 42.14 20.01
CA LEU H 65 17.03 43.30 19.46
C LEU H 65 15.85 43.80 20.31
N HIS H 66 15.22 42.92 21.07
CA HIS H 66 14.10 43.34 21.92
C HIS H 66 14.69 44.07 23.15
N SER H 67 15.82 43.59 23.63
CA SER H 67 16.51 44.17 24.77
C SER H 67 16.89 45.63 24.43
N LEU H 68 17.64 45.79 23.36
CA LEU H 68 18.04 47.10 22.85
C LEU H 68 16.81 48.01 22.66
N TYR H 69 15.74 47.51 22.05
CA TYR H 69 14.54 48.32 21.82
C TYR H 69 13.79 48.74 23.09
N THR H 70 13.81 47.90 24.11
CA THR H 70 13.10 48.19 25.36
C THR H 70 13.98 48.66 26.49
N SER H 71 15.28 48.65 26.28
CA SER H 71 16.22 49.11 27.27
C SER H 71 16.12 48.30 28.55
N ARG H 72 15.78 47.02 28.40
CA ARG H 72 15.63 46.09 29.54
C ARG H 72 16.35 44.76 29.29
N GLU H 73 16.73 44.06 30.36
CA GLU H 73 17.38 42.74 30.24
C GLU H 73 16.30 41.76 29.79
N PRO H 74 16.65 40.80 28.93
CA PRO H 74 15.70 39.82 28.41
C PRO H 74 15.07 38.95 29.50
N ARG H 75 13.83 38.52 29.28
CA ARG H 75 13.15 37.65 30.23
C ARG H 75 12.95 36.25 29.64
N VAL H 76 13.08 35.21 30.46
CA VAL H 76 12.93 33.84 29.99
C VAL H 76 11.59 33.57 29.36
N VAL H 77 10.52 34.11 29.94
CA VAL H 77 9.24 33.85 29.34
C VAL H 77 9.17 34.40 27.95
N SER H 78 10.04 35.33 27.61
CA SER H 78 9.99 35.86 26.27
C SER H 78 10.64 34.84 25.37
N ALA H 79 11.85 34.39 25.70
CA ALA H 79 12.53 33.38 24.88
C ALA H 79 11.60 32.18 24.79
N LEU H 80 11.01 31.84 25.92
CA LEU H 80 10.09 30.74 25.99
C LEU H 80 8.94 30.92 25.02
N GLN H 81 8.27 32.06 25.05
CA GLN H 81 7.14 32.31 24.18
C GLN H 81 7.50 32.37 22.70
N MET H 82 8.67 32.89 22.41
CA MET H 82 9.11 33.01 21.03
C MET H 82 9.49 31.63 20.46
N LEU H 83 10.26 30.85 21.22
CA LEU H 83 10.67 29.51 20.80
C LEU H 83 9.43 28.71 20.53
N LYS H 84 8.58 28.64 21.54
CA LYS H 84 7.36 27.90 21.44
C LYS H 84 6.59 28.28 20.18
N GLN H 85 6.36 29.55 19.98
CA GLN H 85 5.57 29.99 18.82
C GLN H 85 6.25 29.70 17.50
N HIS H 86 7.57 29.73 17.46
CA HIS H 86 8.26 29.43 16.22
C HIS H 86 8.04 27.95 15.95
N LEU H 87 8.44 27.12 16.91
CA LEU H 87 8.34 25.68 16.81
C LEU H 87 6.94 25.31 16.48
N PHE H 88 5.97 25.83 17.18
CA PHE H 88 4.60 25.48 16.83
C PHE H 88 4.22 25.78 15.40
N LYS H 89 4.68 26.90 14.86
CA LYS H 89 4.35 27.26 13.49
C LYS H 89 4.80 26.18 12.54
N TYR H 90 5.97 25.59 12.84
CA TYR H 90 6.54 24.54 12.03
C TYR H 90 6.02 23.11 12.24
N GLN H 91 4.94 22.99 12.98
CA GLN H 91 4.30 21.70 13.24
C GLN H 91 5.26 20.53 13.54
N GLY H 92 6.37 20.82 14.20
CA GLY H 92 7.27 19.76 14.57
C GLY H 92 8.37 19.45 13.61
N HIS H 93 8.39 20.15 12.49
CA HIS H 93 9.41 19.88 11.52
C HIS H 93 10.74 20.39 11.96
N ILE H 94 10.74 21.32 12.91
CA ILE H 94 12.01 21.80 13.45
C ILE H 94 12.17 20.95 14.69
N GLY H 95 12.98 19.90 14.56
CA GLY H 95 13.19 18.97 15.64
C GLY H 95 14.03 19.48 16.75
N ALA H 96 13.52 20.50 17.43
CA ALA H 96 14.22 21.10 18.53
C ALA H 96 13.50 20.75 19.80
N TYR H 97 14.26 20.21 20.74
CA TYR H 97 13.75 19.84 22.06
C TYR H 97 14.69 20.61 22.97
N LEU H 98 14.14 21.50 23.79
CA LEU H 98 15.04 22.30 24.59
C LEU H 98 14.62 22.55 26.01
N ILE H 99 15.63 22.79 26.84
CA ILE H 99 15.44 23.13 28.25
C ILE H 99 16.01 24.57 28.33
N VAL H 100 15.12 25.53 28.48
CA VAL H 100 15.57 26.92 28.53
C VAL H 100 15.48 27.45 29.93
N ALA H 101 16.62 27.93 30.42
CA ALA H 101 16.72 28.46 31.78
C ALA H 101 17.60 29.70 31.81
N GLY H 102 17.53 30.41 32.92
CA GLY H 102 18.34 31.60 33.10
C GLY H 102 17.69 32.52 34.11
N VAL H 103 18.40 33.59 34.45
CA VAL H 103 17.89 34.56 35.41
C VAL H 103 17.60 35.90 34.77
N ASP H 104 16.54 36.52 35.22
CA ASP H 104 16.19 37.80 34.70
C ASP H 104 15.57 38.61 35.85
N PRO H 105 15.29 39.89 35.64
CA PRO H 105 14.69 40.73 36.68
C PRO H 105 13.53 40.14 37.49
N THR H 106 12.87 39.11 36.97
CA THR H 106 11.75 38.54 37.68
C THR H 106 12.07 37.30 38.51
N GLY H 107 13.32 36.83 38.44
CA GLY H 107 13.71 35.67 39.20
C GLY H 107 14.48 34.66 38.38
N SER H 108 14.44 33.40 38.82
CA SER H 108 15.12 32.30 38.12
C SER H 108 14.01 31.46 37.49
N HIS H 109 14.25 30.95 36.29
CA HIS H 109 13.24 30.18 35.59
C HIS H 109 13.77 28.92 34.95
N LEU H 110 12.90 27.92 34.84
CA LEU H 110 13.24 26.65 34.22
C LEU H 110 12.05 26.10 33.51
N PHE H 111 12.18 25.94 32.19
CA PHE H 111 11.13 25.40 31.35
C PHE H 111 11.71 24.45 30.33
N SER H 112 10.82 23.77 29.63
CA SER H 112 11.21 22.84 28.57
C SER H 112 10.25 23.04 27.40
N ILE H 113 10.80 22.93 26.19
CA ILE H 113 10.05 23.09 24.96
C ILE H 113 10.30 21.90 24.04
N HIS H 114 9.20 21.36 23.54
CA HIS H 114 9.22 20.24 22.62
C HIS H 114 9.00 20.77 21.19
N ALA H 115 9.62 20.13 20.22
CA ALA H 115 9.52 20.51 18.82
C ALA H 115 8.15 20.82 18.26
N HIS H 116 7.08 20.44 18.93
CA HIS H 116 5.76 20.77 18.43
C HIS H 116 5.25 22.03 19.09
N GLY H 117 6.05 22.57 20.00
CA GLY H 117 5.71 23.81 20.69
C GLY H 117 4.88 23.78 21.95
N SER H 118 5.11 22.78 22.79
CA SER H 118 4.39 22.66 24.04
C SER H 118 5.48 22.97 25.03
N THR H 119 5.10 23.59 26.13
CA THR H 119 6.09 23.96 27.12
C THR H 119 5.74 23.42 28.47
N ASP H 120 6.77 23.27 29.29
CA ASP H 120 6.65 22.74 30.64
C ASP H 120 7.52 23.57 31.54
N VAL H 121 7.21 23.50 32.81
CA VAL H 121 7.95 24.21 33.84
C VAL H 121 8.12 23.21 34.99
N GLY H 122 9.29 23.20 35.60
CA GLY H 122 9.52 22.30 36.71
C GLY H 122 10.82 22.62 37.40
N TYR H 123 11.08 21.94 38.51
CA TYR H 123 12.29 22.19 39.28
C TYR H 123 13.47 21.44 38.76
N TYR H 124 13.21 20.42 37.95
CA TYR H 124 14.24 19.60 37.32
C TYR H 124 13.55 18.99 36.14
N LEU H 125 14.30 18.91 35.05
CA LEU H 125 13.80 18.38 33.81
C LEU H 125 14.98 17.78 33.09
N SER H 126 14.65 16.92 32.15
CA SER H 126 15.65 16.28 31.31
C SER H 126 14.95 15.95 30.03
N LEU H 127 15.74 15.86 28.96
CA LEU H 127 15.26 15.54 27.64
C LEU H 127 16.40 14.85 26.91
N GLY H 128 16.05 14.16 25.84
CA GLY H 128 17.06 13.45 25.07
C GLY H 128 16.94 11.93 25.16
N SER H 129 17.71 11.21 24.34
CA SER H 129 17.68 9.76 24.36
C SER H 129 18.02 9.34 25.78
N GLY H 130 18.86 10.13 26.44
CA GLY H 130 19.25 9.86 27.80
C GLY H 130 18.28 10.39 28.86
N SER H 131 17.17 10.94 28.41
CA SER H 131 16.17 11.47 29.31
C SER H 131 15.78 10.53 30.46
N LEU H 132 15.70 9.23 30.20
CA LEU H 132 15.27 8.30 31.24
C LEU H 132 16.32 7.99 32.27
N ALA H 133 17.56 7.79 31.82
CA ALA H 133 18.63 7.51 32.76
C ALA H 133 18.80 8.72 33.67
N ALA H 134 18.70 9.91 33.09
CA ALA H 134 18.83 11.14 33.86
C ALA H 134 17.65 11.32 34.78
N MET H 135 16.45 11.27 34.25
CA MET H 135 15.32 11.46 35.12
C MET H 135 15.32 10.48 36.27
N ALA H 136 15.75 9.26 36.01
CA ALA H 136 15.78 8.25 37.06
C ALA H 136 16.56 8.84 38.21
N VAL H 137 17.77 9.27 37.91
CA VAL H 137 18.64 9.87 38.90
C VAL H 137 17.95 11.06 39.58
N LEU H 138 17.44 11.98 38.78
CA LEU H 138 16.78 13.16 39.32
C LEU H 138 15.67 12.76 40.26
N GLU H 139 14.85 11.82 39.86
CA GLU H 139 13.78 11.40 40.73
C GLU H 139 14.31 10.71 41.98
N SER H 140 15.58 10.29 41.98
CA SER H 140 16.17 9.61 43.13
C SER H 140 16.80 10.55 44.14
N HIS H 141 17.48 11.57 43.64
CA HIS H 141 18.19 12.49 44.51
C HIS H 141 17.78 13.93 44.69
N TRP H 142 16.82 14.42 43.91
CA TRP H 142 16.39 15.81 44.06
C TRP H 142 15.60 15.99 45.35
N LYS H 143 15.67 17.21 45.86
CA LYS H 143 15.01 17.65 47.08
C LYS H 143 14.93 19.15 46.89
N GLN H 144 13.99 19.79 47.58
CA GLN H 144 13.89 21.24 47.44
C GLN H 144 14.97 21.95 48.26
N ASP H 145 15.35 23.14 47.82
CA ASP H 145 16.35 23.96 48.49
C ASP H 145 17.75 23.38 48.37
N LEU H 146 18.17 23.18 47.14
CA LEU H 146 19.49 22.66 46.87
C LEU H 146 20.44 23.85 46.77
N THR H 147 21.70 23.64 47.13
CA THR H 147 22.67 24.70 47.03
C THR H 147 23.21 24.67 45.60
N LYS H 148 23.87 25.74 45.19
CA LYS H 148 24.48 25.82 43.86
C LYS H 148 25.33 24.56 43.72
N GLU H 149 26.04 24.25 44.79
CA GLU H 149 26.94 23.11 44.83
C GLU H 149 26.21 21.77 44.63
N GLU H 150 25.10 21.59 45.34
CA GLU H 150 24.32 20.37 45.23
C GLU H 150 23.69 20.21 43.85
N ALA H 151 23.08 21.28 43.35
CA ALA H 151 22.46 21.25 42.03
C ALA H 151 23.49 20.90 40.96
N ILE H 152 24.64 21.55 40.98
CA ILE H 152 25.65 21.24 39.99
C ILE H 152 25.92 19.74 39.96
N LYS H 153 26.03 19.12 41.15
CA LYS H 153 26.29 17.69 41.28
C LYS H 153 25.12 16.93 40.71
N LEU H 154 23.94 17.23 41.21
CA LEU H 154 22.74 16.58 40.75
C LEU H 154 22.72 16.57 39.23
N ALA H 155 22.83 17.74 38.61
CA ALA H 155 22.80 17.83 37.16
C ALA H 155 23.90 17.02 36.54
N SER H 156 25.11 17.16 37.08
CA SER H 156 26.26 16.46 36.56
C SER H 156 26.07 14.94 36.57
N ASP H 157 25.61 14.41 37.70
CA ASP H 157 25.37 12.98 37.84
C ASP H 157 24.39 12.53 36.75
N ALA H 158 23.22 13.16 36.70
CA ALA H 158 22.20 12.84 35.71
C ALA H 158 22.79 12.71 34.31
N ILE H 159 23.58 13.69 33.91
CA ILE H 159 24.19 13.61 32.61
C ILE H 159 25.06 12.37 32.55
N GLN H 160 25.70 12.05 33.67
CA GLN H 160 26.55 10.86 33.70
C GLN H 160 25.72 9.59 33.50
N ALA H 161 24.52 9.59 34.06
CA ALA H 161 23.66 8.45 33.90
C ALA H 161 23.50 8.23 32.42
N GLY H 162 23.23 9.32 31.71
CA GLY H 162 23.03 9.20 30.27
C GLY H 162 24.27 8.77 29.54
N ILE H 163 25.38 9.38 29.89
CA ILE H 163 26.61 9.03 29.22
C ILE H 163 26.89 7.55 29.26
N TRP H 164 26.68 6.98 30.44
CA TRP H 164 26.94 5.58 30.72
C TRP H 164 25.94 4.58 30.21
N ASN H 165 24.68 4.82 30.53
CA ASN H 165 23.61 3.92 30.16
C ASN H 165 22.89 4.19 28.84
N ASP H 166 23.29 5.24 28.12
CA ASP H 166 22.64 5.55 26.85
C ASP H 166 23.67 5.69 25.78
N LEU H 167 23.51 4.87 24.76
CA LEU H 167 24.38 4.84 23.61
C LEU H 167 24.23 6.15 22.84
N GLY H 168 23.06 6.78 23.02
CA GLY H 168 22.74 8.02 22.37
C GLY H 168 23.31 9.20 23.14
N SER H 169 24.35 8.95 23.93
CA SER H 169 24.99 9.99 24.70
C SER H 169 26.40 9.59 25.01
N GLY H 170 27.21 10.56 25.41
CA GLY H 170 28.58 10.23 25.72
C GLY H 170 29.53 11.40 25.93
N SER H 171 30.81 11.06 25.92
CA SER H 171 31.90 11.99 26.11
C SER H 171 31.93 12.80 27.39
N ASN H 172 31.76 14.12 27.31
CA ASN H 172 31.87 14.93 28.51
C ASN H 172 30.59 15.57 28.95
N VAL H 173 30.69 16.31 30.05
CA VAL H 173 29.54 17.01 30.61
C VAL H 173 29.82 18.51 30.65
N ASP H 174 28.84 19.31 30.20
CA ASP H 174 28.91 20.76 30.17
C ASP H 174 27.83 21.29 31.07
N VAL H 175 28.17 22.32 31.84
CA VAL H 175 27.26 22.94 32.78
C VAL H 175 27.24 24.44 32.62
N CYS H 176 26.10 25.01 32.95
CA CYS H 176 25.94 26.44 32.93
C CYS H 176 25.11 26.73 34.13
N VAL H 177 25.70 27.48 35.06
CA VAL H 177 25.04 27.86 36.28
C VAL H 177 24.62 29.29 36.09
N MET H 178 23.36 29.56 36.38
CA MET H 178 22.83 30.90 36.27
C MET H 178 22.32 31.24 37.64
N GLU H 179 23.14 31.97 38.39
CA GLU H 179 22.80 32.40 39.76
C GLU H 179 22.25 33.82 39.72
N ILE H 180 21.20 34.07 40.50
CA ILE H 180 20.53 35.37 40.54
C ILE H 180 21.36 36.66 40.56
N GLY H 181 22.41 36.72 41.36
CA GLY H 181 23.15 37.95 41.36
C GLY H 181 24.36 37.99 40.45
N LYS H 182 25.12 36.91 40.46
CA LYS H 182 26.35 36.87 39.70
C LYS H 182 26.19 36.72 38.17
N ASP H 183 27.32 36.83 37.47
CA ASP H 183 27.33 36.68 36.02
C ASP H 183 27.17 35.19 35.81
N ALA H 184 26.41 34.80 34.79
CA ALA H 184 26.19 33.40 34.47
C ALA H 184 27.53 32.72 34.19
N GLU H 185 27.74 31.51 34.72
CA GLU H 185 29.02 30.86 34.44
C GLU H 185 28.85 29.58 33.66
N TYR H 186 29.54 29.57 32.54
CA TYR H 186 29.51 28.46 31.62
C TYR H 186 30.75 27.63 31.91
N LEU H 187 30.51 26.40 32.33
CA LEU H 187 31.58 25.48 32.64
C LEU H 187 31.62 24.44 31.51
N ARG H 188 32.33 24.77 30.44
CA ARG H 188 32.47 23.88 29.30
C ARG H 188 33.45 22.77 29.69
N ASN H 189 33.00 21.53 29.55
CA ASN H 189 33.80 20.36 29.90
C ASN H 189 34.11 20.32 31.38
N TYR H 190 33.04 20.49 32.13
CA TYR H 190 33.07 20.47 33.58
C TYR H 190 33.73 19.18 33.93
N LEU H 191 33.21 18.11 33.34
CA LEU H 191 33.73 16.78 33.57
C LEU H 191 34.11 16.12 32.27
N THR H 192 35.26 15.45 32.28
CA THR H 192 35.77 14.75 31.12
C THR H 192 36.23 13.34 31.53
N PRO H 193 35.28 12.41 31.64
CA PRO H 193 35.63 11.05 32.05
C PRO H 193 35.86 10.03 30.97
N ASN H 194 35.85 10.45 29.72
CA ASN H 194 36.04 9.48 28.64
C ASN H 194 37.25 9.73 27.78
N VAL H 195 38.37 9.95 28.44
CA VAL H 195 39.61 10.21 27.72
C VAL H 195 40.16 8.92 27.10
N ARG H 196 40.44 8.94 25.80
CA ARG H 196 40.97 7.75 25.10
C ARG H 196 42.37 7.41 25.59
N GLU H 197 42.59 6.14 25.92
CA GLU H 197 43.88 5.66 26.40
C GLU H 197 44.97 5.76 25.34
N GLU H 198 46.22 5.89 25.77
CA GLU H 198 47.33 6.02 24.85
C GLU H 198 47.40 4.84 23.90
N LYS H 199 47.53 5.14 22.60
CA LYS H 199 47.63 4.11 21.60
C LYS H 199 48.85 3.19 21.83
N GLN H 200 48.68 1.93 21.46
CA GLN H 200 49.71 0.91 21.62
C GLN H 200 50.92 1.08 20.68
N LYS H 201 50.66 1.53 19.47
CA LYS H 201 51.69 1.69 18.46
C LYS H 201 51.53 3.10 17.87
N SER H 202 52.45 3.51 17.01
CA SER H 202 52.37 4.79 16.34
C SER H 202 52.45 4.42 14.88
N TYR H 203 51.59 5.02 14.08
CA TYR H 203 51.56 4.68 12.68
C TYR H 203 52.20 5.69 11.78
N LYS H 204 53.11 6.46 12.36
CA LYS H 204 53.87 7.47 11.64
C LYS H 204 54.58 6.66 10.56
N PHE H 205 54.08 6.76 9.34
CA PHE H 205 54.64 6.06 8.21
C PHE H 205 55.98 6.64 7.81
N PRO H 206 56.91 5.78 7.44
CA PRO H 206 58.19 6.33 7.01
C PRO H 206 57.90 7.13 5.73
N ARG H 207 58.47 8.31 5.61
CA ARG H 207 58.24 9.17 4.44
C ARG H 207 58.65 8.49 3.14
N GLY H 208 57.76 8.51 2.16
CA GLY H 208 58.03 7.88 0.88
C GLY H 208 57.10 6.69 0.66
N THR H 209 56.37 6.32 1.71
CA THR H 209 55.43 5.21 1.66
C THR H 209 54.38 5.39 0.58
N THR H 210 53.93 6.62 0.37
CA THR H 210 52.89 6.90 -0.61
C THR H 210 53.42 7.21 -1.99
N ALA H 211 52.78 6.64 -3.01
CA ALA H 211 53.17 6.84 -4.39
C ALA H 211 52.51 8.09 -5.01
N VAL H 212 53.34 9.08 -5.33
CA VAL H 212 52.88 10.33 -5.90
C VAL H 212 53.12 10.31 -7.38
N LEU H 213 52.20 10.89 -8.14
CA LEU H 213 52.28 10.92 -9.61
C LEU H 213 52.91 12.21 -10.17
N LYS H 214 52.28 13.34 -9.86
CA LYS H 214 52.73 14.66 -10.30
C LYS H 214 52.59 15.55 -9.07
N GLU H 215 53.47 16.54 -8.97
CA GLU H 215 53.50 17.46 -7.84
C GLU H 215 53.51 18.91 -8.37
N SER H 216 52.72 19.79 -7.74
CA SER H 216 52.65 21.20 -8.15
C SER H 216 52.27 22.15 -7.01
N ILE H 217 52.57 23.44 -7.20
CA ILE H 217 52.28 24.45 -6.18
C ILE H 217 50.98 25.18 -6.52
N VAL H 218 50.23 25.52 -5.47
CA VAL H 218 48.97 26.23 -5.65
C VAL H 218 49.14 27.71 -5.40
N ASN H 219 48.39 28.51 -6.18
CA ASN H 219 48.41 29.95 -6.06
C ASN H 219 47.25 30.33 -5.13
N ILE H 220 47.55 30.98 -4.02
CA ILE H 220 46.53 31.34 -3.04
C ILE H 220 46.02 32.78 -3.01
N CYS H 221 46.81 33.70 -3.55
CA CYS H 221 46.43 35.12 -3.54
C CYS H 221 45.80 35.58 -4.88
N ASP H 222 45.62 36.90 -5.05
CA ASP H 222 45.01 37.48 -6.25
C ASP H 222 45.98 38.31 -7.12
N SER I 1 18.19 6.33 -6.02
CA SER I 1 17.37 7.27 -5.20
C SER I 1 18.08 8.05 -4.06
N ASP I 2 18.95 7.41 -3.26
CA ASP I 2 19.67 8.16 -2.20
C ASP I 2 20.64 9.08 -2.91
N PRO I 3 20.30 10.37 -3.01
CA PRO I 3 21.12 11.38 -3.67
C PRO I 3 22.56 11.30 -3.27
N SER I 4 22.80 11.07 -2.00
CA SER I 4 24.16 10.98 -1.50
C SER I 4 25.00 9.79 -1.94
N SER I 5 24.41 8.82 -2.66
CA SER I 5 25.12 7.62 -3.12
C SER I 5 25.15 7.36 -4.64
N ILE I 6 24.75 8.33 -5.45
CA ILE I 6 24.73 8.17 -6.89
C ILE I 6 26.08 8.30 -7.57
N ASN I 7 26.80 9.38 -7.25
CA ASN I 7 28.08 9.64 -7.89
C ASN I 7 29.31 9.12 -7.16
N GLY I 8 29.23 9.04 -5.84
CA GLY I 8 30.36 8.53 -5.08
C GLY I 8 31.49 9.53 -4.84
N GLY I 9 32.32 9.28 -3.84
CA GLY I 9 33.44 10.18 -3.58
C GLY I 9 33.63 10.42 -2.11
N ILE I 10 34.84 10.83 -1.75
CA ILE I 10 35.19 11.09 -0.37
C ILE I 10 36.16 12.26 -0.28
N VAL I 11 36.18 12.87 0.91
CA VAL I 11 37.04 13.99 1.24
C VAL I 11 37.42 13.82 2.72
N VAL I 12 38.64 14.23 3.07
CA VAL I 12 39.12 14.17 4.45
C VAL I 12 40.18 15.26 4.63
N ALA I 13 40.13 15.90 5.79
CA ALA I 13 41.08 16.95 6.08
C ALA I 13 41.58 16.73 7.50
N MET I 14 42.84 17.01 7.73
CA MET I 14 43.39 16.85 9.05
C MET I 14 44.19 18.11 9.32
N THR I 15 44.59 18.28 10.57
CA THR I 15 45.39 19.43 11.00
C THR I 15 46.73 18.93 11.54
N GLY I 16 47.80 19.62 11.22
CA GLY I 16 49.12 19.22 11.70
C GLY I 16 49.76 20.31 12.51
N LYS I 17 51.08 20.40 12.45
CA LYS I 17 51.82 21.42 13.17
C LYS I 17 51.94 22.59 12.20
N ASP I 18 51.12 23.60 12.46
CA ASP I 18 51.06 24.82 11.65
C ASP I 18 50.71 24.49 10.22
N CYS I 19 49.83 23.52 10.04
CA CYS I 19 49.39 23.10 8.72
C CYS I 19 48.07 22.34 8.78
N VAL I 20 47.48 22.10 7.62
CA VAL I 20 46.27 21.32 7.54
C VAL I 20 46.48 20.62 6.23
N ALA I 21 45.65 19.64 5.96
CA ALA I 21 45.76 18.95 4.70
C ALA I 21 44.36 18.52 4.44
N ILE I 22 44.02 18.46 3.17
CA ILE I 22 42.69 18.05 2.79
C ILE I 22 42.92 17.33 1.49
N ALA I 23 42.29 16.17 1.35
CA ALA I 23 42.45 15.37 0.16
C ALA I 23 41.13 14.83 -0.28
N CYS I 24 41.10 14.25 -1.48
CA CYS I 24 39.87 13.70 -2.03
C CYS I 24 40.18 12.68 -3.12
N ASP I 25 39.16 11.94 -3.55
CA ASP I 25 39.31 10.96 -4.63
C ASP I 25 38.76 11.62 -5.90
N LEU I 26 39.12 11.10 -7.07
CA LEU I 26 38.71 11.72 -8.31
C LEU I 26 37.52 11.12 -9.02
N ARG I 27 36.84 10.18 -8.42
CA ARG I 27 35.76 9.54 -9.15
C ARG I 27 34.44 10.26 -9.24
N LEU I 28 33.76 10.01 -10.36
CA LEU I 28 32.42 10.50 -10.63
C LEU I 28 31.79 9.41 -11.48
N GLY I 29 30.73 8.81 -10.98
CA GLY I 29 30.09 7.78 -11.78
C GLY I 29 28.61 7.85 -11.61
N SER I 30 27.90 6.96 -12.28
CA SER I 30 26.46 6.87 -12.17
C SER I 30 26.23 5.43 -11.73
N GLN I 31 26.11 5.25 -10.41
CA GLN I 31 25.92 3.94 -9.82
C GLN I 31 27.14 3.10 -10.15
N SER I 32 26.98 2.03 -10.92
CA SER I 32 28.12 1.16 -11.19
C SER I 32 29.07 1.69 -12.24
N LEU I 33 28.52 2.48 -13.15
CA LEU I 33 29.30 3.01 -14.23
C LEU I 33 30.23 4.13 -13.81
N GLY I 34 31.53 3.92 -13.95
CA GLY I 34 32.45 4.98 -13.63
C GLY I 34 32.38 5.87 -14.85
N VAL I 35 32.28 7.17 -14.67
CA VAL I 35 32.17 8.05 -15.82
C VAL I 35 33.36 8.97 -15.95
N SER I 36 33.76 9.60 -14.87
CA SER I 36 34.89 10.52 -14.92
C SER I 36 35.95 10.18 -13.96
N ASN I 37 37.18 10.15 -14.47
CA ASN I 37 38.35 9.84 -13.68
C ASN I 37 39.02 11.16 -13.31
N LYS I 38 38.36 12.27 -13.63
CA LYS I 38 38.94 13.59 -13.37
C LYS I 38 38.06 14.54 -12.57
N PHE I 39 37.29 14.05 -11.61
CA PHE I 39 36.39 14.94 -10.87
C PHE I 39 36.89 15.38 -9.52
N GLU I 40 37.54 16.55 -9.44
CA GLU I 40 38.05 17.05 -8.17
C GLU I 40 36.95 17.64 -7.33
N LYS I 41 37.07 17.49 -6.03
CA LYS I 41 36.06 17.96 -5.11
C LYS I 41 36.59 18.94 -4.08
N ILE I 42 37.82 19.38 -4.27
CA ILE I 42 38.37 20.34 -3.33
C ILE I 42 38.44 21.65 -4.08
N PHE I 43 37.96 22.69 -3.42
CA PHE I 43 37.95 24.03 -4.01
C PHE I 43 38.53 25.01 -3.01
N HIS I 44 38.92 26.19 -3.47
CA HIS I 44 39.44 27.16 -2.55
C HIS I 44 39.16 28.53 -3.03
N TYR I 45 38.78 29.35 -2.07
CA TYR I 45 38.46 30.74 -2.31
C TYR I 45 39.56 31.43 -1.52
N GLY I 46 40.58 31.86 -2.23
CA GLY I 46 41.72 32.48 -1.56
C GLY I 46 42.47 31.41 -0.82
N HIS I 47 42.68 31.59 0.47
CA HIS I 47 43.40 30.61 1.27
C HIS I 47 42.47 29.70 2.08
N VAL I 48 41.19 29.70 1.75
CA VAL I 48 40.26 28.85 2.45
C VAL I 48 39.83 27.78 1.49
N PHE I 49 39.96 26.54 1.94
CA PHE I 49 39.59 25.40 1.15
C PHE I 49 38.29 24.76 1.59
N LEU I 50 37.56 24.26 0.61
CA LEU I 50 36.31 23.63 0.87
C LEU I 50 36.23 22.41 -0.01
N GLY I 51 36.06 21.24 0.57
CA GLY I 51 35.91 20.02 -0.20
C GLY I 51 34.44 19.68 -0.05
N ILE I 52 33.82 19.12 -1.08
CA ILE I 52 32.40 18.78 -0.98
C ILE I 52 32.17 17.38 -1.57
N THR I 53 31.49 16.52 -0.83
CA THR I 53 31.17 15.18 -1.34
C THR I 53 29.66 15.19 -1.40
N GLY I 54 29.10 14.28 -2.18
CA GLY I 54 27.65 14.19 -2.32
C GLY I 54 27.26 14.12 -3.78
N LEU I 55 26.04 14.58 -4.06
CA LEU I 55 25.47 14.62 -5.40
C LEU I 55 26.29 15.61 -6.20
N ALA I 56 26.98 15.12 -7.23
CA ALA I 56 27.84 15.97 -8.04
C ALA I 56 27.19 17.27 -8.50
N THR I 57 25.93 17.23 -8.92
CA THR I 57 25.30 18.45 -9.39
C THR I 57 25.29 19.49 -8.29
N ASP I 58 25.07 19.06 -7.06
CA ASP I 58 25.05 19.96 -5.95
C ASP I 58 26.47 20.39 -5.59
N VAL I 59 27.40 19.47 -5.69
CA VAL I 59 28.78 19.83 -5.42
C VAL I 59 29.11 21.02 -6.29
N THR I 60 28.93 20.87 -7.61
CA THR I 60 29.22 21.94 -8.55
C THR I 60 28.44 23.20 -8.20
N THR I 61 27.14 23.08 -8.03
CA THR I 61 26.33 24.23 -7.68
C THR I 61 26.83 25.01 -6.48
N LEU I 62 27.17 24.34 -5.39
CA LEU I 62 27.66 25.03 -4.21
C LEU I 62 29.01 25.65 -4.39
N ASN I 63 29.84 25.08 -5.24
CA ASN I 63 31.12 25.70 -5.43
C ASN I 63 30.82 27.03 -6.03
N GLU I 64 30.09 27.00 -7.12
CA GLU I 64 29.72 28.20 -7.82
C GLU I 64 29.14 29.19 -6.86
N MET I 65 28.24 28.74 -5.99
CA MET I 65 27.64 29.62 -4.99
C MET I 65 28.68 30.22 -4.03
N PHE I 66 29.62 29.43 -3.57
CA PHE I 66 30.59 29.98 -2.66
C PHE I 66 31.60 30.89 -3.32
N ARG I 67 31.82 30.71 -4.62
CA ARG I 67 32.77 31.58 -5.30
C ARG I 67 32.14 32.97 -5.30
N TYR I 68 30.89 33.01 -5.75
CA TYR I 68 30.09 34.21 -5.84
C TYR I 68 30.06 34.87 -4.50
N LYS I 69 29.60 34.16 -3.49
CA LYS I 69 29.53 34.73 -2.17
C LYS I 69 30.90 35.18 -1.69
N THR I 70 31.98 34.45 -1.96
CA THR I 70 33.28 34.91 -1.47
C THR I 70 33.77 36.13 -2.22
N ASN I 71 33.52 36.16 -3.51
CA ASN I 71 33.92 37.28 -4.31
C ASN I 71 33.31 38.58 -3.81
N LEU I 72 32.00 38.64 -3.74
CA LEU I 72 31.35 39.83 -3.23
C LEU I 72 31.89 40.23 -1.90
N TYR I 73 32.02 39.25 -1.02
CA TYR I 73 32.52 39.50 0.29
C TYR I 73 33.80 40.29 0.16
N LYS I 74 34.75 39.80 -0.61
CA LYS I 74 36.03 40.46 -0.75
C LYS I 74 35.95 41.91 -1.21
N LEU I 75 34.97 42.19 -2.07
CA LEU I 75 34.80 43.52 -2.58
C LEU I 75 34.25 44.44 -1.50
N LYS I 76 33.30 43.96 -0.71
CA LYS I 76 32.73 44.80 0.34
C LYS I 76 33.68 44.96 1.52
N GLU I 77 34.23 43.85 1.99
CA GLU I 77 35.11 43.85 3.15
C GLU I 77 36.55 44.22 2.87
N GLU I 78 37.00 44.03 1.64
CA GLU I 78 38.36 44.37 1.25
C GLU I 78 39.49 43.58 1.91
N ARG I 79 39.24 42.29 2.08
CA ARG I 79 40.19 41.31 2.65
C ARG I 79 39.59 39.96 2.33
N ALA I 80 40.44 38.95 2.16
CA ALA I 80 39.96 37.61 1.84
C ALA I 80 39.26 36.99 3.05
N ILE I 81 38.15 36.31 2.82
CA ILE I 81 37.37 35.66 3.89
C ILE I 81 38.23 34.67 4.64
N GLU I 82 37.95 34.55 5.92
CA GLU I 82 38.68 33.64 6.79
C GLU I 82 37.94 32.32 6.99
N PRO I 83 38.67 31.25 7.34
CA PRO I 83 38.08 29.95 7.55
C PRO I 83 36.93 29.98 8.56
N GLU I 84 37.17 30.53 9.75
CA GLU I 84 36.15 30.58 10.78
C GLU I 84 34.86 31.20 10.25
N THR I 85 35.02 32.21 9.40
CA THR I 85 33.92 32.94 8.84
C THR I 85 33.25 32.22 7.69
N PHE I 86 34.07 31.69 6.79
CA PHE I 86 33.56 30.95 5.66
C PHE I 86 32.68 29.81 6.17
N THR I 87 33.15 29.14 7.22
CA THR I 87 32.43 28.04 7.84
C THR I 87 31.03 28.45 8.21
N GLN I 88 30.90 29.65 8.76
CA GLN I 88 29.61 30.17 9.14
C GLN I 88 28.78 30.48 7.91
N LEU I 89 29.46 30.91 6.85
CA LEU I 89 28.74 31.22 5.64
C LEU I 89 28.18 29.92 5.09
N VAL I 90 29.03 28.90 5.03
CA VAL I 90 28.59 27.60 4.52
C VAL I 90 27.40 27.07 5.33
N SER I 91 27.55 27.06 6.64
CA SER I 91 26.51 26.60 7.53
C SER I 91 25.16 27.24 7.23
N SER I 92 25.13 28.57 7.27
CA SER I 92 23.90 29.34 7.03
C SER I 92 23.34 29.19 5.66
N SER I 93 24.26 29.06 4.68
CA SER I 93 23.88 28.86 3.28
C SER I 93 23.19 27.51 3.17
N LEU I 94 23.64 26.54 3.95
CA LEU I 94 23.03 25.21 3.96
C LEU I 94 21.71 25.23 4.70
N TYR I 95 21.68 25.83 5.88
CA TYR I 95 20.43 25.83 6.61
C TYR I 95 19.32 26.61 5.92
N GLU I 96 19.70 27.47 4.98
CA GLU I 96 18.74 28.28 4.26
C GLU I 96 17.78 27.38 3.51
N ARG I 97 18.29 26.22 3.09
CA ARG I 97 17.50 25.25 2.37
C ARG I 97 17.19 24.04 3.27
N ARG I 98 16.89 24.29 4.54
CA ARG I 98 16.58 23.26 5.52
C ARG I 98 15.63 22.16 5.06
N PHE I 99 14.55 22.53 4.36
CA PHE I 99 13.57 21.55 3.93
C PHE I 99 13.62 21.12 2.45
N GLY I 100 14.79 21.21 1.86
CA GLY I 100 14.99 20.79 0.48
C GLY I 100 16.48 20.99 0.23
N PRO I 101 17.31 20.48 1.14
CA PRO I 101 18.77 20.58 1.12
C PRO I 101 19.52 20.16 -0.09
N TYR I 102 20.77 20.56 -0.09
CA TYR I 102 21.69 20.21 -1.13
C TYR I 102 22.25 18.94 -0.51
N PHE I 103 22.26 17.86 -1.28
CA PHE I 103 22.75 16.59 -0.77
C PHE I 103 24.26 16.55 -0.84
N VAL I 104 24.91 17.22 0.11
CA VAL I 104 26.35 17.30 0.13
C VAL I 104 26.88 17.20 1.54
N GLY I 105 28.19 17.07 1.64
CA GLY I 105 28.86 16.98 2.92
C GLY I 105 30.12 17.80 2.72
N PRO I 106 30.08 19.10 3.00
CA PRO I 106 31.23 19.97 2.84
C PRO I 106 32.25 19.80 3.92
N VAL I 107 33.48 20.17 3.62
CA VAL I 107 34.60 20.14 4.56
C VAL I 107 35.43 21.39 4.29
N VAL I 108 35.73 22.15 5.33
CA VAL I 108 36.51 23.37 5.21
C VAL I 108 37.85 23.17 5.84
N ALA I 109 38.89 23.67 5.19
CA ALA I 109 40.24 23.55 5.73
C ALA I 109 41.03 24.79 5.34
N GLY I 110 41.92 25.24 6.22
CA GLY I 110 42.71 26.41 5.92
C GLY I 110 43.44 26.87 7.15
N ILE I 111 44.15 27.98 7.03
CA ILE I 111 44.93 28.56 8.13
C ILE I 111 44.60 30.06 8.22
N ASN I 112 44.10 30.46 9.37
CA ASN I 112 43.76 31.87 9.60
C ASN I 112 45.03 32.70 9.35
N SER I 113 44.98 33.64 8.42
CA SER I 113 46.14 34.47 8.09
C SER I 113 46.56 35.39 9.24
N LYS I 114 45.60 35.70 10.09
CA LYS I 114 45.83 36.56 11.24
C LYS I 114 46.54 35.80 12.37
N SER I 115 45.87 34.77 12.91
CA SER I 115 46.43 33.99 14.02
C SER I 115 47.35 32.85 13.62
N GLY I 116 47.23 32.39 12.38
CA GLY I 116 48.06 31.31 11.90
C GLY I 116 47.68 29.90 12.36
N LYS I 117 46.68 29.79 13.23
CA LYS I 117 46.28 28.49 13.72
C LYS I 117 45.57 27.71 12.61
N PRO I 118 45.85 26.41 12.50
CA PRO I 118 45.24 25.56 11.48
C PRO I 118 43.78 25.36 11.83
N PHE I 119 42.93 25.30 10.81
CA PHE I 119 41.49 25.13 11.02
C PHE I 119 40.87 24.24 9.95
N ILE I 120 39.92 23.41 10.39
CA ILE I 120 39.18 22.49 9.53
C ILE I 120 37.80 22.31 10.17
N ALA I 121 36.80 21.96 9.36
CA ALA I 121 35.43 21.69 9.86
C ALA I 121 34.60 20.91 8.84
N GLY I 122 33.51 20.30 9.30
CA GLY I 122 32.63 19.54 8.43
C GLY I 122 31.20 19.87 8.80
N PHE I 123 30.27 19.63 7.87
CA PHE I 123 28.87 19.95 8.13
C PHE I 123 27.95 18.89 7.59
N ASP I 124 26.78 18.72 8.18
CA ASP I 124 25.84 17.77 7.63
C ASP I 124 25.15 18.48 6.49
N LEU I 125 24.29 17.81 5.76
CA LEU I 125 23.64 18.48 4.65
C LEU I 125 22.75 19.67 5.02
N ILE I 126 22.41 19.86 6.30
CA ILE I 126 21.58 21.01 6.65
C ILE I 126 22.27 22.06 7.51
N GLY I 127 23.59 21.96 7.62
CA GLY I 127 24.29 22.98 8.38
C GLY I 127 24.84 22.67 9.75
N CYS I 128 24.57 21.52 10.35
CA CYS I 128 25.17 21.30 11.65
C CYS I 128 26.66 21.46 11.40
N ILE I 129 27.32 22.22 12.25
CA ILE I 129 28.76 22.45 12.14
C ILE I 129 29.52 21.57 13.10
N ASP I 130 30.52 20.88 12.59
CA ASP I 130 31.33 20.05 13.43
C ASP I 130 32.77 20.55 13.32
N GLU I 131 33.21 21.34 14.30
CA GLU I 131 34.58 21.88 14.30
C GLU I 131 35.40 20.95 15.16
N ALA I 132 36.41 20.33 14.56
CA ALA I 132 37.23 19.39 15.28
C ALA I 132 38.68 19.77 15.23
N LYS I 133 39.44 19.29 16.21
CA LYS I 133 40.85 19.56 16.27
C LYS I 133 41.69 18.55 15.48
N ASP I 134 41.18 17.33 15.33
CA ASP I 134 41.91 16.26 14.63
C ASP I 134 41.69 16.06 13.17
N PHE I 135 40.52 15.59 12.79
CA PHE I 135 40.26 15.33 11.38
C PHE I 135 38.78 15.41 11.10
N ILE I 136 38.44 15.49 9.82
CA ILE I 136 37.05 15.54 9.34
C ILE I 136 37.03 14.61 8.14
N VAL I 137 35.98 13.81 8.06
CA VAL I 137 35.84 12.84 6.98
C VAL I 137 34.47 13.01 6.39
N SER I 138 34.35 12.65 5.12
CA SER I 138 33.07 12.80 4.41
C SER I 138 33.04 11.95 3.15
N GLY I 139 31.84 11.59 2.73
CA GLY I 139 31.69 10.80 1.53
C GLY I 139 31.02 9.45 1.72
N THR I 140 31.10 8.64 0.67
CA THR I 140 30.53 7.31 0.69
C THR I 140 31.34 6.42 1.64
N ALA I 141 32.65 6.67 1.72
CA ALA I 141 33.51 5.91 2.61
C ALA I 141 33.70 6.64 3.94
N SER I 142 32.66 7.27 4.47
CA SER I 142 32.84 7.97 5.73
C SER I 142 33.29 7.03 6.83
N ASP I 143 32.57 5.93 7.01
CA ASP I 143 32.92 4.91 8.02
C ASP I 143 34.37 4.49 7.89
N GLN I 144 34.78 4.05 6.70
CA GLN I 144 36.14 3.62 6.50
C GLN I 144 37.14 4.71 6.92
N LEU I 145 36.90 5.94 6.49
CA LEU I 145 37.76 7.06 6.82
C LEU I 145 37.81 7.27 8.31
N PHE I 146 36.66 7.19 8.95
CA PHE I 146 36.62 7.36 10.39
C PHE I 146 37.50 6.29 10.99
N GLY I 147 37.53 5.13 10.35
CA GLY I 147 38.34 4.03 10.82
C GLY I 147 39.83 4.28 10.66
N MET I 148 40.22 4.71 9.48
CA MET I 148 41.62 4.97 9.22
C MET I 148 42.13 6.10 10.08
N CYS I 149 41.38 7.19 10.08
CA CYS I 149 41.77 8.36 10.83
C CYS I 149 41.93 8.06 12.30
N GLU I 150 40.85 7.63 12.92
CA GLU I 150 40.86 7.38 14.35
C GLU I 150 42.08 6.63 14.79
N SER I 151 42.55 5.69 13.98
CA SER I 151 43.74 4.94 14.33
C SER I 151 45.03 5.61 13.92
N LEU I 152 45.18 5.88 12.63
CA LEU I 152 46.39 6.49 12.08
C LEU I 152 46.78 7.88 12.62
N TYR I 153 45.80 8.62 13.07
CA TYR I 153 46.05 9.96 13.54
C TYR I 153 46.74 10.17 14.87
N GLU I 154 47.60 11.19 14.90
CA GLU I 154 48.29 11.60 16.12
C GLU I 154 48.62 13.10 15.98
N PRO I 155 48.39 13.90 17.04
CA PRO I 155 48.62 15.34 17.11
C PRO I 155 49.95 15.92 16.62
N ASN I 156 49.91 17.18 16.18
CA ASN I 156 51.08 17.94 15.75
C ASN I 156 52.11 17.31 14.83
N LEU I 157 51.66 16.70 13.73
CA LEU I 157 52.58 16.10 12.78
C LEU I 157 53.09 17.20 11.84
N GLU I 158 54.29 17.04 11.31
CA GLU I 158 54.83 18.02 10.40
C GLU I 158 54.22 17.77 9.03
N PRO I 159 54.15 18.79 8.18
CA PRO I 159 53.61 18.74 6.82
C PRO I 159 53.95 17.48 6.04
N GLU I 160 55.24 17.19 5.97
CA GLU I 160 55.74 16.03 5.24
C GLU I 160 55.16 14.72 5.80
N ASP I 161 54.96 14.66 7.12
CA ASP I 161 54.41 13.47 7.75
C ASP I 161 52.88 13.41 7.54
N LEU I 162 52.19 14.49 7.89
CA LEU I 162 50.74 14.56 7.73
C LEU I 162 50.32 14.08 6.35
N PHE I 163 51.14 14.41 5.38
CA PHE I 163 50.86 14.01 4.03
C PHE I 163 50.64 12.52 3.97
N GLU I 164 51.65 11.77 4.45
CA GLU I 164 51.59 10.30 4.43
C GLU I 164 50.32 9.82 5.08
N THR I 165 50.11 10.28 6.30
CA THR I 165 48.94 9.91 7.05
C THR I 165 47.65 10.17 6.29
N ILE I 166 47.38 11.43 5.98
CA ILE I 166 46.16 11.72 5.27
C ILE I 166 46.06 10.82 4.05
N SER I 167 47.15 10.68 3.32
CA SER I 167 47.15 9.85 2.14
C SER I 167 46.80 8.40 2.37
N GLN I 168 47.42 7.79 3.35
CA GLN I 168 47.13 6.39 3.63
C GLN I 168 45.70 6.27 4.09
N ALA I 169 45.24 7.26 4.86
CA ALA I 169 43.87 7.25 5.34
C ALA I 169 42.92 7.23 4.17
N LEU I 170 43.07 8.18 3.28
CA LEU I 170 42.20 8.25 2.14
C LEU I 170 42.33 6.99 1.30
N LEU I 171 43.55 6.73 0.83
CA LEU I 171 43.83 5.59 -0.04
C LEU I 171 43.18 4.28 0.40
N ASN I 172 43.52 3.83 1.60
CA ASN I 172 42.97 2.58 2.08
C ASN I 172 41.46 2.59 2.32
N ALA I 173 40.90 3.73 2.70
CA ALA I 173 39.46 3.78 2.94
C ALA I 173 38.73 3.69 1.62
N ALA I 174 39.35 4.22 0.58
CA ALA I 174 38.75 4.22 -0.74
C ALA I 174 38.68 2.83 -1.32
N ASP I 175 39.75 2.07 -1.10
CA ASP I 175 39.81 0.72 -1.60
C ASP I 175 38.77 -0.26 -1.06
N ARG I 176 38.11 0.11 0.03
CA ARG I 176 37.05 -0.70 0.62
C ARG I 176 35.69 -0.12 0.23
N ASP I 177 35.67 0.80 -0.74
CA ASP I 177 34.43 1.44 -1.16
C ASP I 177 34.39 1.41 -2.66
N ALA I 178 33.31 0.88 -3.17
CA ALA I 178 33.14 0.72 -4.59
C ALA I 178 32.96 2.03 -5.36
N LEU I 179 32.20 2.94 -4.77
CA LEU I 179 31.89 4.21 -5.39
C LEU I 179 32.94 5.29 -5.28
N SER I 180 34.04 5.03 -4.61
CA SER I 180 35.09 6.02 -4.50
C SER I 180 36.38 5.51 -5.10
N GLY I 181 37.38 6.36 -5.25
CA GLY I 181 38.65 5.94 -5.80
C GLY I 181 38.98 6.54 -7.14
N TRP I 182 39.49 5.72 -8.05
CA TRP I 182 39.84 6.17 -9.39
C TRP I 182 40.80 7.36 -9.40
N GLY I 183 41.64 7.46 -8.39
CA GLY I 183 42.60 8.55 -8.38
C GLY I 183 42.38 9.39 -7.14
N ALA I 184 43.40 10.07 -6.68
CA ALA I 184 43.28 10.88 -5.48
C ALA I 184 44.18 12.10 -5.54
N VAL I 185 43.85 13.11 -4.74
CA VAL I 185 44.58 14.37 -4.68
C VAL I 185 44.69 14.85 -3.23
N VAL I 186 45.85 15.34 -2.84
CA VAL I 186 46.05 15.82 -1.47
C VAL I 186 46.62 17.23 -1.47
N TYR I 187 46.06 18.07 -0.61
CA TYR I 187 46.54 19.43 -0.46
C TYR I 187 47.17 19.58 0.87
N ILE I 188 48.43 20.00 0.88
CA ILE I 188 49.16 20.25 2.11
C ILE I 188 49.15 21.74 2.24
N ILE I 189 48.63 22.23 3.35
CA ILE I 189 48.49 23.64 3.52
C ILE I 189 49.33 24.26 4.61
N LYS I 190 50.07 25.30 4.22
CA LYS I 190 50.91 26.11 5.11
C LYS I 190 50.67 27.58 4.78
N LYS I 191 50.85 28.43 5.80
CA LYS I 191 50.66 29.88 5.69
C LYS I 191 51.14 30.45 4.37
N ASP I 192 52.43 30.24 4.18
CA ASP I 192 53.15 30.69 3.02
C ASP I 192 52.72 29.95 1.76
N GLU I 193 52.92 28.64 1.73
CA GLU I 193 52.58 27.87 0.55
C GLU I 193 51.67 26.68 0.78
N VAL I 194 51.16 26.19 -0.34
CA VAL I 194 50.26 25.07 -0.33
C VAL I 194 50.69 24.19 -1.48
N VAL I 195 50.81 22.89 -1.22
CA VAL I 195 51.23 21.93 -2.22
C VAL I 195 50.09 20.98 -2.56
N LYS I 196 50.03 20.61 -3.83
CA LYS I 196 49.01 19.71 -4.33
C LYS I 196 49.74 18.50 -4.93
N ARG I 197 49.47 17.29 -4.42
CA ARG I 197 50.10 16.08 -4.95
C ARG I 197 49.04 15.06 -5.36
N TYR I 198 49.26 14.40 -6.50
CA TYR I 198 48.34 13.37 -6.98
C TYR I 198 48.90 12.03 -6.56
N LEU I 199 48.03 11.08 -6.22
CA LEU I 199 48.43 9.76 -5.74
C LEU I 199 48.16 8.61 -6.69
N LYS I 200 49.08 7.65 -6.73
CA LYS I 200 48.95 6.47 -7.58
C LYS I 200 48.10 5.56 -6.75
N MET I 201 47.04 5.02 -7.31
CA MET I 201 46.20 4.16 -6.52
C MET I 201 45.53 3.19 -7.43
N ARG I 202 45.00 2.12 -6.85
CA ARG I 202 44.31 1.09 -7.61
C ARG I 202 43.28 1.76 -8.50
N GLN I 203 43.22 1.38 -9.77
CA GLN I 203 42.25 1.99 -10.67
C GLN I 203 41.00 1.13 -10.93
N ASP I 204 40.51 0.49 -9.88
CA ASP I 204 39.33 -0.38 -9.95
C ASP I 204 38.24 0.03 -8.95
N MET J 1 17.25 2.72 -24.09
CA MET J 1 17.15 4.17 -24.42
C MET J 1 17.73 4.36 -25.82
N ASP J 2 17.76 5.61 -26.27
CA ASP J 2 18.30 5.97 -27.58
C ASP J 2 19.78 6.07 -27.36
N ILE J 3 20.55 6.02 -28.43
CA ILE J 3 22.00 6.09 -28.33
C ILE J 3 22.56 7.47 -28.57
N ILE J 4 23.48 7.87 -27.69
CA ILE J 4 24.15 9.17 -27.75
C ILE J 4 25.59 8.97 -27.36
N LEU J 5 26.50 9.10 -28.31
CA LEU J 5 27.92 8.93 -28.03
C LEU J 5 28.61 10.14 -28.59
N GLY J 6 29.77 10.41 -28.05
CA GLY J 6 30.54 11.53 -28.54
C GLY J 6 31.99 11.19 -28.32
N ILE J 7 32.82 11.58 -29.25
CA ILE J 7 34.21 11.30 -29.07
C ILE J 7 35.00 12.48 -29.61
N ARG J 8 35.83 13.00 -28.72
CA ARG J 8 36.70 14.10 -29.05
C ARG J 8 38.03 13.52 -29.49
N VAL J 9 38.40 13.82 -30.74
CA VAL J 9 39.68 13.38 -31.30
C VAL J 9 40.63 14.57 -31.13
N GLN J 10 41.67 14.68 -31.95
CA GLN J 10 42.61 15.79 -31.81
C GLN J 10 42.11 17.10 -32.33
N ASP J 11 41.50 17.09 -33.50
CA ASP J 11 41.02 18.33 -34.07
C ASP J 11 39.52 18.41 -34.30
N SER J 12 38.74 17.61 -33.58
CA SER J 12 37.29 17.62 -33.75
C SER J 12 36.53 16.79 -32.74
N VAL J 13 35.22 16.95 -32.74
CA VAL J 13 34.35 16.22 -31.83
C VAL J 13 33.34 15.53 -32.70
N ILE J 14 33.19 14.24 -32.51
CA ILE J 14 32.24 13.51 -33.31
C ILE J 14 31.13 13.01 -32.43
N LEU J 15 29.92 13.37 -32.80
CA LEU J 15 28.74 12.96 -32.07
C LEU J 15 28.00 11.99 -32.97
N ALA J 16 27.59 10.85 -32.41
CA ALA J 16 26.88 9.82 -33.14
C ALA J 16 25.62 9.62 -32.32
N SER J 17 24.46 9.59 -32.96
CA SER J 17 23.18 9.48 -32.27
C SER J 17 22.18 8.61 -33.02
N SER J 18 21.48 7.70 -32.33
CA SER J 18 20.54 6.79 -32.96
C SER J 18 19.39 7.45 -33.67
N LYS J 19 18.99 6.88 -34.80
CA LYS J 19 17.93 7.42 -35.63
C LYS J 19 16.54 6.98 -35.33
N ALA J 20 16.37 6.14 -34.32
CA ALA J 20 15.02 5.64 -34.04
C ALA J 20 14.19 6.34 -33.00
N VAL J 21 12.89 6.44 -33.25
CA VAL J 21 11.94 7.01 -32.30
C VAL J 21 10.86 5.98 -32.20
N THR J 22 10.76 5.41 -31.02
CA THR J 22 9.82 4.34 -30.78
C THR J 22 8.85 4.76 -29.74
N ARG J 23 7.63 4.28 -29.84
CA ARG J 23 6.67 4.56 -28.82
C ARG J 23 5.83 3.33 -28.67
N GLY J 24 5.94 2.72 -27.50
CA GLY J 24 5.18 1.52 -27.21
C GLY J 24 5.72 0.36 -28.00
N ILE J 25 4.86 -0.14 -28.88
CA ILE J 25 5.16 -1.32 -29.70
C ILE J 25 5.69 -1.05 -31.11
N SER J 26 5.67 0.20 -31.54
CA SER J 26 6.10 0.51 -32.90
C SER J 26 7.17 1.56 -33.00
N VAL J 27 8.01 1.41 -34.02
CA VAL J 27 9.07 2.36 -34.32
C VAL J 27 8.41 3.36 -35.25
N LEU J 28 8.21 4.56 -34.74
CA LEU J 28 7.54 5.61 -35.48
C LEU J 28 8.36 6.26 -36.56
N LYS J 29 9.66 6.29 -36.39
CA LYS J 29 10.51 6.95 -37.37
C LYS J 29 11.91 6.39 -37.24
N ASP J 30 12.61 6.29 -38.37
CA ASP J 30 13.97 5.73 -38.44
C ASP J 30 15.03 6.68 -38.95
N SER J 31 14.74 7.98 -38.87
CA SER J 31 15.66 8.97 -39.38
C SER J 31 15.76 10.24 -38.54
N ASP J 32 15.41 10.12 -37.26
CA ASP J 32 15.41 11.24 -36.35
C ASP J 32 16.78 11.80 -36.12
N ASP J 33 16.86 13.11 -35.96
CA ASP J 33 18.12 13.77 -35.69
C ASP J 33 18.03 14.28 -34.25
N LYS J 34 18.75 13.64 -33.34
CA LYS J 34 18.72 13.98 -31.92
C LYS J 34 19.80 14.97 -31.63
N THR J 35 19.82 16.02 -32.45
CA THR J 35 20.84 17.06 -32.35
C THR J 35 20.29 18.45 -32.73
N ARG J 36 20.87 19.51 -32.17
CA ARG J 36 20.53 20.90 -32.50
C ARG J 36 21.86 21.63 -32.46
N GLN J 37 22.06 22.52 -33.42
CA GLN J 37 23.28 23.32 -33.49
C GLN J 37 23.04 24.53 -32.59
N LEU J 38 23.85 24.66 -31.55
CA LEU J 38 23.68 25.76 -30.63
C LEU J 38 24.31 27.01 -31.22
N SER J 39 25.44 26.82 -31.89
CA SER J 39 26.12 27.93 -32.52
C SER J 39 26.99 27.23 -33.53
N PRO J 40 27.40 27.94 -34.58
CA PRO J 40 28.24 27.37 -35.63
C PRO J 40 29.44 26.50 -35.25
N HIS J 41 29.79 26.40 -33.97
CA HIS J 41 30.90 25.53 -33.60
C HIS J 41 30.50 24.74 -32.36
N THR J 42 29.21 24.69 -32.09
CA THR J 42 28.69 24.00 -30.93
C THR J 42 27.41 23.30 -31.25
N LEU J 43 27.48 21.99 -31.07
CA LEU J 43 26.41 21.06 -31.34
C LEU J 43 26.12 20.35 -30.05
N MET J 44 24.84 20.09 -29.83
CA MET J 44 24.38 19.41 -28.64
C MET J 44 23.46 18.26 -29.01
N SER J 45 23.78 17.07 -28.52
CA SER J 45 22.96 15.88 -28.78
C SER J 45 22.16 15.65 -27.53
N PHE J 46 20.98 15.08 -27.67
CA PHE J 46 20.14 14.87 -26.52
C PHE J 46 19.34 13.57 -26.48
N ALA J 47 18.98 13.12 -25.27
CA ALA J 47 18.18 11.90 -25.08
C ALA J 47 17.44 11.93 -23.77
N GLY J 48 16.21 11.45 -23.75
CA GLY J 48 15.45 11.43 -22.50
C GLY J 48 13.96 11.24 -22.71
N GLU J 49 13.15 11.86 -21.87
CA GLU J 49 11.71 11.73 -21.98
C GLU J 49 11.13 12.36 -23.25
N ALA J 50 10.11 11.72 -23.80
CA ALA J 50 9.41 12.13 -25.01
C ALA J 50 9.42 13.57 -25.53
N GLY J 51 8.65 14.43 -24.89
CA GLY J 51 8.62 15.82 -25.36
C GLY J 51 9.79 16.66 -24.87
N ASP J 52 10.10 16.54 -23.59
CA ASP J 52 11.17 17.28 -22.94
C ASP J 52 12.38 17.41 -23.78
N THR J 53 12.72 16.31 -24.42
CA THR J 53 13.88 16.22 -25.24
C THR J 53 14.08 17.36 -26.23
N VAL J 54 13.22 17.44 -27.22
CA VAL J 54 13.32 18.46 -28.24
C VAL J 54 13.04 19.82 -27.60
N GLN J 55 12.02 19.90 -26.75
CA GLN J 55 11.67 21.14 -26.09
C GLN J 55 12.84 21.76 -25.39
N PHE J 56 13.60 20.96 -24.68
CA PHE J 56 14.74 21.50 -23.97
C PHE J 56 15.76 21.96 -25.00
N ALA J 57 16.09 21.10 -25.94
CA ALA J 57 17.08 21.45 -26.92
C ALA J 57 16.79 22.76 -27.66
N GLU J 58 15.59 22.87 -28.22
CA GLU J 58 15.20 24.07 -28.96
C GLU J 58 15.25 25.31 -28.09
N TYR J 59 14.87 25.19 -26.83
CA TYR J 59 14.93 26.31 -25.89
C TYR J 59 16.39 26.77 -25.71
N ILE J 60 17.29 25.85 -25.38
CA ILE J 60 18.71 26.21 -25.24
C ILE J 60 19.22 26.82 -26.56
N GLN J 61 18.71 26.33 -27.68
CA GLN J 61 19.13 26.85 -28.99
C GLN J 61 18.78 28.33 -29.04
N ALA J 62 17.49 28.63 -28.93
CA ALA J 62 17.00 29.98 -28.93
C ALA J 62 17.91 30.90 -28.09
N ASN J 63 18.09 30.55 -26.82
CA ASN J 63 18.93 31.33 -25.92
C ASN J 63 20.33 31.53 -26.40
N ILE J 64 20.97 30.52 -26.94
CA ILE J 64 22.32 30.73 -27.40
C ILE J 64 22.32 31.60 -28.65
N GLN J 65 21.31 31.42 -29.50
CA GLN J 65 21.22 32.19 -30.72
C GLN J 65 21.04 33.63 -30.38
N LEU J 66 20.17 33.91 -29.43
CA LEU J 66 19.91 35.27 -28.97
C LEU J 66 21.18 35.95 -28.49
N TYR J 67 21.94 35.26 -27.66
CA TYR J 67 23.17 35.82 -27.15
C TYR J 67 24.07 36.17 -28.30
N SER J 68 24.30 35.21 -29.19
CA SER J 68 25.18 35.39 -30.33
C SER J 68 24.88 36.68 -31.03
N ILE J 69 23.61 36.95 -31.25
CA ILE J 69 23.22 38.17 -31.90
C ILE J 69 23.48 39.39 -31.04
N ARG J 70 22.90 39.41 -29.84
CA ARG J 70 23.08 40.55 -28.96
C ARG J 70 24.50 40.98 -28.82
N GLU J 71 25.41 40.02 -28.91
CA GLU J 71 26.82 40.31 -28.77
C GLU J 71 27.67 40.12 -30.02
N ASP J 72 27.03 39.73 -31.13
CA ASP J 72 27.73 39.45 -32.39
C ASP J 72 29.02 38.70 -32.07
N TYR J 73 28.89 37.61 -31.33
CA TYR J 73 30.04 36.82 -30.91
C TYR J 73 29.56 35.41 -30.61
N GLU J 74 30.49 34.47 -30.62
CA GLU J 74 30.19 33.07 -30.34
C GLU J 74 30.78 32.62 -29.02
N LEU J 75 29.90 32.31 -28.06
CA LEU J 75 30.31 31.85 -26.74
C LEU J 75 31.21 30.65 -26.90
N SER J 76 32.15 30.49 -25.99
CA SER J 76 33.05 29.36 -26.08
C SER J 76 32.21 28.14 -25.74
N PRO J 77 32.64 26.97 -26.20
CA PRO J 77 31.90 25.74 -25.90
C PRO J 77 31.71 25.67 -24.38
N GLN J 78 32.79 25.87 -23.64
CA GLN J 78 32.75 25.83 -22.19
C GLN J 78 31.63 26.73 -21.67
N ALA J 79 31.42 27.83 -22.36
CA ALA J 79 30.40 28.74 -21.92
C ALA J 79 29.03 28.18 -22.16
N VAL J 80 28.78 27.67 -23.35
CA VAL J 80 27.46 27.13 -23.62
C VAL J 80 27.08 26.04 -22.65
N SER J 81 28.01 25.13 -22.41
CA SER J 81 27.76 24.02 -21.52
C SER J 81 27.36 24.49 -20.13
N SER J 82 28.18 25.34 -19.50
CA SER J 82 27.88 25.85 -18.16
C SER J 82 26.49 26.43 -18.13
N PHE J 83 26.14 27.09 -19.22
CA PHE J 83 24.84 27.70 -19.31
C PHE J 83 23.86 26.56 -19.26
N VAL J 84 24.09 25.56 -20.10
CA VAL J 84 23.21 24.41 -20.17
C VAL J 84 23.09 23.71 -18.81
N ARG J 85 24.22 23.45 -18.18
CA ARG J 85 24.22 22.80 -16.88
C ARG J 85 23.31 23.56 -15.92
N GLN J 86 23.43 24.89 -15.89
CA GLN J 86 22.63 25.68 -15.00
C GLN J 86 21.16 25.61 -15.32
N GLU J 87 20.81 25.50 -16.57
CA GLU J 87 19.41 25.39 -16.89
C GLU J 87 18.89 24.07 -16.38
N LEU J 88 19.72 23.04 -16.41
CA LEU J 88 19.28 21.75 -15.93
C LEU J 88 19.30 21.74 -14.42
N ALA J 89 20.40 22.13 -13.82
CA ALA J 89 20.50 22.14 -12.37
C ALA J 89 19.41 22.93 -11.70
N LYS J 90 18.81 23.87 -12.39
CA LYS J 90 17.72 24.65 -11.79
C LYS J 90 16.43 23.91 -12.03
N SER J 91 16.40 23.14 -13.11
CA SER J 91 15.21 22.40 -13.47
C SER J 91 14.97 21.23 -12.53
N ILE J 92 16.02 20.53 -12.12
CA ILE J 92 15.84 19.38 -11.22
C ILE J 92 15.04 19.68 -9.98
N ARG J 93 15.03 20.94 -9.56
CA ARG J 93 14.28 21.29 -8.36
C ARG J 93 13.02 22.07 -8.70
N SER J 94 12.53 21.90 -9.93
CA SER J 94 11.33 22.59 -10.36
C SER J 94 10.15 21.64 -10.20
N ARG J 95 8.97 22.05 -10.66
CA ARG J 95 7.78 21.24 -10.55
C ARG J 95 7.87 20.01 -11.44
N ARG J 96 8.30 20.22 -12.68
CA ARG J 96 8.42 19.12 -13.63
C ARG J 96 9.76 19.24 -14.32
N PRO J 97 10.79 18.63 -13.73
CA PRO J 97 12.14 18.68 -14.29
C PRO J 97 12.21 18.26 -15.74
N TYR J 98 13.18 18.82 -16.45
CA TYR J 98 13.38 18.43 -17.82
C TYR J 98 14.11 17.15 -17.63
N GLN J 99 13.60 16.08 -18.23
CA GLN J 99 14.27 14.81 -18.13
C GLN J 99 15.07 14.59 -19.41
N VAL J 100 16.16 15.31 -19.55
CA VAL J 100 16.97 15.23 -20.74
C VAL J 100 18.43 15.13 -20.36
N ASN J 101 19.20 14.46 -21.19
CA ASN J 101 20.63 14.29 -20.94
C ASN J 101 21.24 14.80 -22.21
N VAL J 102 22.36 15.48 -22.14
CA VAL J 102 22.92 16.02 -23.35
C VAL J 102 24.41 15.86 -23.41
N LEU J 103 24.95 15.89 -24.62
CA LEU J 103 26.39 15.81 -24.86
C LEU J 103 26.57 17.06 -25.66
N ILE J 104 27.57 17.84 -25.34
CA ILE J 104 27.79 19.06 -26.08
C ILE J 104 29.18 18.98 -26.67
N GLY J 105 29.26 19.12 -27.98
CA GLY J 105 30.53 19.03 -28.65
C GLY J 105 30.71 20.32 -29.41
N GLY J 106 31.80 21.00 -29.09
CA GLY J 106 32.07 22.25 -29.73
C GLY J 106 33.55 22.41 -30.02
N TYR J 107 33.84 23.27 -30.98
CA TYR J 107 35.22 23.55 -31.34
C TYR J 107 35.48 24.94 -30.85
N ASP J 108 36.37 25.08 -29.86
CA ASP J 108 36.71 26.37 -29.29
C ASP J 108 37.67 27.13 -30.22
N LYS J 109 37.13 28.07 -31.01
CA LYS J 109 37.93 28.86 -31.96
C LYS J 109 39.05 29.68 -31.33
N LYS J 110 38.87 30.09 -30.09
CA LYS J 110 39.87 30.86 -29.40
C LYS J 110 41.05 29.98 -29.02
N LYS J 111 40.77 28.90 -28.30
CA LYS J 111 41.82 27.97 -27.86
C LYS J 111 42.23 27.06 -28.99
N ASN J 112 41.41 27.02 -30.04
CA ASN J 112 41.62 26.20 -31.21
C ASN J 112 41.72 24.73 -30.79
N LYS J 113 40.76 24.30 -29.97
CA LYS J 113 40.68 22.93 -29.45
C LYS J 113 39.24 22.45 -29.38
N PRO J 114 39.00 21.19 -29.76
CA PRO J 114 37.64 20.61 -29.73
C PRO J 114 37.32 20.24 -28.30
N GLU J 115 36.04 20.29 -27.93
CA GLU J 115 35.63 19.96 -26.57
C GLU J 115 34.30 19.23 -26.58
N LEU J 116 34.14 18.32 -25.63
CA LEU J 116 32.96 17.50 -25.48
C LEU J 116 32.65 17.50 -24.01
N TYR J 117 31.39 17.76 -23.71
CA TYR J 117 30.93 17.84 -22.36
C TYR J 117 29.70 16.98 -22.28
N GLN J 118 29.58 16.27 -21.16
CA GLN J 118 28.46 15.40 -20.90
C GLN J 118 27.80 16.03 -19.70
N ILE J 119 26.49 16.18 -19.76
CA ILE J 119 25.72 16.79 -18.68
C ILE J 119 24.44 15.97 -18.63
N ASP J 120 24.02 15.54 -17.43
CA ASP J 120 22.80 14.74 -17.31
C ASP J 120 21.65 15.60 -16.85
N TYR J 121 20.46 15.04 -16.80
CA TYR J 121 19.26 15.78 -16.38
C TYR J 121 19.35 16.42 -15.01
N LEU J 122 20.35 16.06 -14.23
CA LEU J 122 20.53 16.61 -12.89
C LEU J 122 21.45 17.83 -12.93
N GLY J 123 22.11 18.03 -14.07
CA GLY J 123 23.02 19.12 -14.15
C GLY J 123 24.35 18.59 -13.69
N THR J 124 24.65 17.35 -14.00
CA THR J 124 25.93 16.79 -13.61
C THR J 124 26.76 16.93 -14.87
N LYS J 125 27.72 17.82 -14.86
CA LYS J 125 28.52 17.99 -16.04
C LYS J 125 29.94 17.61 -15.83
N VAL J 126 30.57 17.15 -16.89
CA VAL J 126 31.97 16.77 -16.82
C VAL J 126 32.51 16.85 -18.24
N GLU J 127 33.82 17.10 -18.38
CA GLU J 127 34.46 17.20 -19.71
C GLU J 127 35.25 15.93 -19.99
N LEU J 128 35.08 15.37 -21.20
CA LEU J 128 35.70 14.08 -21.55
C LEU J 128 36.19 13.83 -22.98
N PRO J 129 37.11 12.86 -23.14
CA PRO J 129 37.68 12.48 -24.43
C PRO J 129 36.55 11.86 -25.23
N TYR J 130 35.70 11.11 -24.54
CA TYR J 130 34.55 10.49 -25.18
C TYR J 130 33.56 10.22 -24.08
N GLY J 131 32.28 10.18 -24.43
CA GLY J 131 31.26 9.94 -23.43
C GLY J 131 30.01 9.37 -24.05
N ALA J 132 29.02 9.04 -23.22
CA ALA J 132 27.77 8.47 -23.71
C ALA J 132 26.71 8.56 -22.65
N HIS J 133 25.45 8.52 -23.04
CA HIS J 133 24.37 8.56 -22.08
C HIS J 133 23.58 7.30 -22.23
N GLY J 134 22.88 6.89 -21.19
CA GLY J 134 22.08 5.68 -21.28
C GLY J 134 22.87 4.42 -21.00
N TYR J 135 22.51 3.34 -21.68
CA TYR J 135 23.18 2.06 -21.51
C TYR J 135 24.40 1.91 -22.42
N SER J 136 24.41 2.62 -23.54
CA SER J 136 25.50 2.57 -24.50
C SER J 136 26.85 2.66 -23.83
N GLY J 137 26.95 3.58 -22.89
CA GLY J 137 28.20 3.78 -22.19
C GLY J 137 28.68 2.46 -21.66
N PHE J 138 27.75 1.66 -21.18
CA PHE J 138 28.05 0.36 -20.60
C PHE J 138 28.83 -0.61 -21.46
N TYR J 139 28.99 -0.33 -22.74
CA TYR J 139 29.79 -1.19 -23.60
C TYR J 139 30.93 -0.38 -24.17
N THR J 140 30.58 0.82 -24.65
CA THR J 140 31.55 1.72 -25.28
C THR J 140 32.66 2.27 -24.42
N PHE J 141 32.42 2.58 -23.16
CA PHE J 141 33.51 3.15 -22.38
C PHE J 141 34.71 2.24 -22.26
N SER J 142 34.46 0.95 -22.17
CA SER J 142 35.52 -0.04 -22.03
C SER J 142 36.14 -0.22 -23.41
N LEU J 143 35.30 -0.24 -24.41
CA LEU J 143 35.81 -0.37 -25.73
C LEU J 143 36.74 0.81 -26.00
N LEU J 144 36.28 2.03 -25.76
CA LEU J 144 37.08 3.23 -26.00
C LEU J 144 38.22 3.31 -25.02
N ASP J 145 37.99 2.80 -23.81
CA ASP J 145 39.04 2.81 -22.81
C ASP J 145 40.26 2.09 -23.36
N HIS J 146 40.00 1.16 -24.27
CA HIS J 146 41.04 0.35 -24.89
C HIS J 146 41.59 0.87 -26.22
N HIS J 147 40.71 1.15 -27.18
CA HIS J 147 41.14 1.61 -28.51
C HIS J 147 41.41 3.11 -28.75
N TYR J 148 41.04 3.97 -27.80
CA TYR J 148 41.23 5.40 -27.97
C TYR J 148 42.64 5.91 -27.77
N ARG J 149 43.02 6.90 -28.57
CA ARG J 149 44.32 7.55 -28.47
C ARG J 149 44.03 9.03 -28.69
N PRO J 150 44.60 9.93 -27.86
CA PRO J 150 44.39 11.39 -27.95
C PRO J 150 44.73 12.11 -29.27
N ASP J 151 45.73 11.58 -30.01
CA ASP J 151 46.17 12.17 -31.29
C ASP J 151 45.51 11.63 -32.56
N MET J 152 44.38 10.96 -32.40
CA MET J 152 43.65 10.39 -33.53
C MET J 152 43.17 11.43 -34.52
N THR J 153 43.05 11.04 -35.78
CA THR J 153 42.59 11.96 -36.79
C THR J 153 41.10 11.84 -36.79
N THR J 154 40.44 12.76 -37.49
CA THR J 154 38.99 12.69 -37.54
C THR J 154 38.61 11.35 -38.16
N GLU J 155 39.35 10.92 -39.16
CA GLU J 155 39.04 9.64 -39.79
C GLU J 155 39.17 8.53 -38.75
N GLU J 156 40.29 8.51 -38.05
CA GLU J 156 40.50 7.49 -37.04
C GLU J 156 39.35 7.44 -36.02
N GLY J 157 38.85 8.61 -35.65
CA GLY J 157 37.76 8.66 -34.70
C GLY J 157 36.50 8.06 -35.29
N LEU J 158 36.26 8.32 -36.56
CA LEU J 158 35.09 7.77 -37.20
C LEU J 158 35.14 6.27 -37.14
N ASP J 159 36.30 5.69 -37.46
CA ASP J 159 36.44 4.23 -37.43
C ASP J 159 36.19 3.68 -36.02
N LEU J 160 36.69 4.40 -35.03
CA LEU J 160 36.51 4.03 -33.63
C LEU J 160 35.01 4.06 -33.32
N LEU J 161 34.31 5.09 -33.78
CA LEU J 161 32.88 5.17 -33.53
C LEU J 161 32.19 3.98 -34.13
N LYS J 162 32.68 3.58 -35.30
CA LYS J 162 32.15 2.47 -36.04
C LYS J 162 32.17 1.28 -35.13
N LEU J 163 33.34 0.99 -34.59
CA LEU J 163 33.50 -0.11 -33.67
C LEU J 163 32.39 0.00 -32.62
N CYS J 164 32.33 1.14 -31.96
CA CYS J 164 31.32 1.39 -30.94
C CYS J 164 29.96 1.05 -31.45
N VAL J 165 29.68 1.45 -32.66
CA VAL J 165 28.37 1.17 -33.22
C VAL J 165 28.15 -0.31 -33.47
N GLN J 166 29.15 -1.00 -34.00
CA GLN J 166 29.03 -2.44 -34.27
C GLN J 166 28.78 -3.23 -33.00
N GLU J 167 29.50 -2.89 -31.95
CA GLU J 167 29.32 -3.57 -30.68
C GLU J 167 27.91 -3.36 -30.17
N LEU J 168 27.42 -2.14 -30.25
CA LEU J 168 26.08 -1.84 -29.78
C LEU J 168 25.05 -2.62 -30.58
N GLU J 169 25.23 -2.72 -31.89
CA GLU J 169 24.28 -3.47 -32.72
C GLU J 169 24.34 -4.98 -32.37
N LYS J 170 25.52 -5.44 -32.02
CA LYS J 170 25.69 -6.82 -31.67
C LYS J 170 25.03 -7.19 -30.36
N ARG J 171 25.31 -6.43 -29.30
CA ARG J 171 24.79 -6.72 -27.97
C ARG J 171 23.56 -6.01 -27.37
N MET J 172 23.18 -4.84 -27.86
CA MET J 172 22.02 -4.14 -27.29
C MET J 172 20.74 -4.78 -27.77
N PRO J 173 19.73 -4.86 -26.92
CA PRO J 173 18.43 -5.45 -27.22
C PRO J 173 17.55 -4.73 -28.19
N MET J 174 17.64 -3.41 -28.19
CA MET J 174 16.80 -2.60 -29.05
C MET J 174 17.41 -2.33 -30.41
N ASP J 175 16.58 -2.25 -31.42
CA ASP J 175 17.05 -1.94 -32.76
C ASP J 175 16.90 -0.43 -32.77
N PHE J 176 18.02 0.27 -32.70
CA PHE J 176 17.98 1.72 -32.70
C PHE J 176 18.07 2.31 -34.09
N LYS J 177 18.10 1.45 -35.09
CA LYS J 177 18.13 1.87 -36.48
C LYS J 177 19.34 2.65 -36.94
N GLY J 178 20.50 2.41 -36.36
CA GLY J 178 21.68 3.12 -36.79
C GLY J 178 21.82 4.49 -36.16
N VAL J 179 22.89 5.20 -36.52
CA VAL J 179 23.13 6.53 -35.97
C VAL J 179 23.37 7.56 -37.05
N ILE J 180 23.46 8.82 -36.61
CA ILE J 180 23.76 9.93 -37.49
C ILE J 180 25.01 10.48 -36.91
N VAL J 181 26.05 10.59 -37.71
CA VAL J 181 27.29 11.11 -37.18
C VAL J 181 27.50 12.54 -37.60
N LYS J 182 28.14 13.32 -36.74
CA LYS J 182 28.42 14.71 -37.05
C LYS J 182 29.77 15.06 -36.48
N ILE J 183 30.51 15.86 -37.24
CA ILE J 183 31.83 16.29 -36.83
C ILE J 183 31.84 17.77 -36.61
N VAL J 184 32.36 18.19 -35.47
CA VAL J 184 32.44 19.58 -35.12
C VAL J 184 33.92 19.91 -35.07
N ASP J 185 34.37 20.77 -35.98
CA ASP J 185 35.77 21.17 -36.03
C ASP J 185 35.90 22.65 -36.37
N LYS J 186 37.13 23.10 -36.64
CA LYS J 186 37.42 24.49 -36.97
C LYS J 186 36.54 25.12 -38.05
N ASP J 187 36.15 24.33 -39.03
CA ASP J 187 35.33 24.81 -40.12
C ASP J 187 33.84 24.70 -39.84
N GLY J 188 33.49 24.32 -38.61
CA GLY J 188 32.09 24.21 -38.26
C GLY J 188 31.58 22.82 -37.95
N ILE J 189 30.42 22.53 -38.51
CA ILE J 189 29.72 21.28 -38.27
C ILE J 189 29.24 20.67 -39.56
N ARG J 190 29.58 19.41 -39.80
CA ARG J 190 29.13 18.72 -40.99
C ARG J 190 28.67 17.33 -40.64
N GLN J 191 27.67 16.84 -41.37
CA GLN J 191 27.09 15.52 -41.15
C GLN J 191 27.70 14.53 -42.07
N VAL J 192 28.22 13.45 -41.50
CA VAL J 192 28.81 12.41 -42.30
C VAL J 192 27.63 11.71 -42.93
N ASP J 193 27.38 11.98 -44.20
CA ASP J 193 26.25 11.36 -44.91
C ASP J 193 26.52 9.91 -45.28
N ASP J 194 27.79 9.49 -45.13
CA ASP J 194 28.23 8.12 -45.41
C ASP J 194 28.74 7.33 -44.19
N PHE J 195 27.81 6.90 -43.33
CA PHE J 195 28.16 6.12 -42.14
C PHE J 195 27.35 4.83 -42.05
N GLN J 196 26.22 4.82 -42.75
CA GLN J 196 25.34 3.65 -42.80
C GLN J 196 26.12 2.51 -43.49
N ALA J 197 27.19 2.91 -44.19
CA ALA J 197 28.11 2.02 -44.91
C ALA J 197 29.33 2.85 -45.37
N GLN J 198 30.41 2.81 -44.58
CA GLN J 198 31.64 3.55 -44.88
C GLN J 198 32.79 2.60 -45.25
N THR K 1 -7.92 3.69 -30.87
CA THR K 1 -8.55 3.81 -32.26
C THR K 1 -7.73 3.40 -33.49
N THR K 2 -8.17 3.65 -34.88
CA THR K 2 -7.19 3.36 -35.98
C THR K 2 -7.22 4.49 -37.03
N THR K 3 -6.07 5.14 -37.25
CA THR K 3 -5.96 6.23 -38.21
C THR K 3 -4.62 6.14 -38.91
N LEU K 4 -4.56 6.63 -40.14
CA LEU K 4 -3.33 6.66 -40.89
C LEU K 4 -3.33 7.80 -41.87
N ALA K 5 -2.12 8.17 -42.26
CA ALA K 5 -1.90 9.20 -43.22
C ALA K 5 -0.56 8.83 -43.78
N PHE K 6 -0.43 8.95 -45.09
CA PHE K 6 0.83 8.69 -45.73
C PHE K 6 0.96 9.55 -46.96
N ARG K 7 2.22 9.77 -47.31
CA ARG K 7 2.63 10.60 -48.43
C ARG K 7 3.07 9.83 -49.67
N PHE K 8 2.87 10.43 -50.83
CA PHE K 8 3.22 9.83 -52.10
C PHE K 8 3.09 10.82 -53.27
N GLN K 9 3.48 10.35 -54.46
CA GLN K 9 3.40 11.10 -55.73
C GLN K 9 2.19 12.01 -55.82
N GLY K 10 1.00 11.45 -55.69
CA GLY K 10 -0.23 12.22 -55.82
C GLY K 10 -0.71 12.97 -54.61
N GLY K 11 0.13 13.07 -53.58
CA GLY K 11 -0.27 13.80 -52.39
C GLY K 11 -0.18 13.08 -51.06
N ILE K 12 -1.30 13.06 -50.35
CA ILE K 12 -1.38 12.44 -49.05
C ILE K 12 -2.70 11.70 -48.96
N ILE K 13 -2.68 10.55 -48.28
CA ILE K 13 -3.91 9.82 -48.06
C ILE K 13 -4.13 9.89 -46.58
N VAL K 14 -5.39 10.04 -46.19
CA VAL K 14 -5.74 10.12 -44.80
C VAL K 14 -6.95 9.25 -44.71
N ALA K 15 -6.83 8.17 -43.93
CA ALA K 15 -7.91 7.22 -43.74
C ALA K 15 -7.98 6.93 -42.26
N VAL K 16 -9.19 6.88 -41.73
CA VAL K 16 -9.40 6.65 -40.32
C VAL K 16 -10.62 5.77 -40.14
N ASP K 17 -10.78 5.13 -38.99
CA ASP K 17 -11.97 4.32 -38.75
C ASP K 17 -12.98 5.26 -38.14
N SER K 18 -13.99 4.73 -37.46
CA SER K 18 -14.97 5.61 -36.86
C SER K 18 -15.67 5.02 -35.65
N ARG K 19 -14.94 4.24 -34.86
CA ARG K 19 -15.50 3.60 -33.68
C ARG K 19 -15.08 4.30 -32.41
N ALA K 20 -16.05 4.50 -31.52
CA ALA K 20 -15.81 5.15 -30.23
C ALA K 20 -16.14 4.12 -29.16
N THR K 21 -15.18 3.85 -28.29
CA THR K 21 -15.35 2.86 -27.24
C THR K 21 -15.23 3.34 -25.81
N ALA K 22 -16.05 2.81 -24.91
CA ALA K 22 -15.95 3.10 -23.47
C ALA K 22 -15.50 1.73 -22.89
N GLY K 23 -14.22 1.41 -23.03
CA GLY K 23 -13.72 0.13 -22.57
C GLY K 23 -14.08 -0.95 -23.59
N ASN K 24 -14.98 -1.86 -23.25
CA ASN K 24 -15.37 -2.91 -24.17
C ASN K 24 -16.74 -2.62 -24.77
N TRP K 25 -17.36 -1.56 -24.28
CA TRP K 25 -18.64 -1.11 -24.78
C TRP K 25 -18.40 -0.30 -26.06
N VAL K 26 -19.20 -0.53 -27.10
CA VAL K 26 -19.07 0.24 -28.33
C VAL K 26 -20.00 1.43 -28.18
N ALA K 27 -19.38 2.57 -27.89
CA ALA K 27 -20.10 3.81 -27.66
C ALA K 27 -20.70 4.41 -28.91
N SER K 28 -20.01 4.24 -30.03
CA SER K 28 -20.51 4.75 -31.29
C SER K 28 -19.71 4.22 -32.45
N GLN K 29 -20.35 4.20 -33.62
CA GLN K 29 -19.68 3.75 -34.83
C GLN K 29 -19.74 4.86 -35.89
N THR K 30 -20.26 6.02 -35.50
CA THR K 30 -20.43 7.13 -36.41
C THR K 30 -19.65 8.41 -36.06
N VAL K 31 -18.43 8.26 -35.55
CA VAL K 31 -17.61 9.40 -35.14
C VAL K 31 -16.68 9.90 -36.24
N LYS K 32 -16.61 11.21 -36.44
CA LYS K 32 -15.70 11.81 -37.44
C LYS K 32 -14.39 12.00 -36.74
N LYS K 33 -13.37 11.27 -37.16
CA LYS K 33 -12.07 11.37 -36.52
C LYS K 33 -11.11 12.23 -37.29
N VAL K 34 -11.58 12.82 -38.37
CA VAL K 34 -10.74 13.72 -39.16
C VAL K 34 -11.37 15.06 -39.01
N ILE K 35 -10.58 16.04 -38.61
CA ILE K 35 -11.09 17.37 -38.48
C ILE K 35 -10.56 18.20 -39.62
N GLU K 36 -11.48 18.87 -40.33
CA GLU K 36 -11.19 19.73 -41.48
C GLU K 36 -10.88 21.15 -40.97
N ILE K 37 -9.60 21.47 -40.79
CA ILE K 37 -9.20 22.77 -40.25
C ILE K 37 -9.41 23.89 -41.24
N ASN K 38 -8.78 23.75 -42.39
CA ASN K 38 -8.91 24.69 -43.48
C ASN K 38 -8.78 23.84 -44.73
N PRO K 39 -9.25 24.33 -45.86
CA PRO K 39 -9.18 23.60 -47.13
C PRO K 39 -7.86 22.95 -47.52
N PHE K 40 -6.82 23.12 -46.72
CA PHE K 40 -5.53 22.53 -46.99
C PHE K 40 -4.93 21.88 -45.75
N LEU K 41 -5.74 21.75 -44.71
CA LEU K 41 -5.29 21.18 -43.46
C LEU K 41 -6.30 20.27 -42.83
N LEU K 42 -5.79 19.08 -42.50
CA LEU K 42 -6.57 18.04 -41.83
C LEU K 42 -5.83 17.58 -40.57
N GLY K 43 -6.62 17.22 -39.56
CA GLY K 43 -6.04 16.68 -38.34
C GLY K 43 -6.81 15.41 -38.04
N THR K 44 -6.08 14.36 -37.67
CA THR K 44 -6.69 13.07 -37.33
C THR K 44 -6.70 12.94 -35.81
N MET K 45 -7.71 12.28 -35.29
CA MET K 45 -7.81 12.13 -33.86
C MET K 45 -7.68 10.68 -33.36
N ALA K 46 -7.06 10.50 -32.18
CA ALA K 46 -6.89 9.18 -31.55
C ALA K 46 -6.53 9.45 -30.11
N GLY K 47 -7.25 8.82 -29.17
CA GLY K 47 -6.98 9.00 -27.75
C GLY K 47 -8.31 9.40 -27.12
N GLY K 48 -8.30 10.28 -26.13
CA GLY K 48 -9.56 10.69 -25.53
C GLY K 48 -10.34 11.45 -26.57
N ALA K 49 -11.64 11.18 -26.67
CA ALA K 49 -12.49 11.86 -27.65
C ALA K 49 -12.52 13.39 -27.44
N ALA K 50 -13.01 13.82 -26.29
CA ALA K 50 -13.07 15.23 -25.96
C ALA K 50 -11.73 15.89 -26.16
N ASP K 51 -10.68 15.37 -25.53
CA ASP K 51 -9.34 15.97 -25.66
C ASP K 51 -9.03 16.24 -27.09
N CYS K 52 -9.37 15.29 -27.95
CA CYS K 52 -9.09 15.45 -29.36
C CYS K 52 -10.01 16.47 -30.03
N GLN K 53 -11.33 16.23 -29.98
CA GLN K 53 -12.27 17.13 -30.59
C GLN K 53 -11.95 18.53 -30.16
N PHE K 54 -11.90 18.71 -28.85
CA PHE K 54 -11.65 20.00 -28.25
C PHE K 54 -10.37 20.65 -28.68
N TRP K 55 -9.24 20.08 -28.36
CA TRP K 55 -8.01 20.73 -28.75
C TRP K 55 -7.77 20.83 -30.23
N GLU K 56 -8.47 20.05 -31.04
CA GLU K 56 -8.26 20.17 -32.45
C GLU K 56 -9.20 21.21 -33.02
N THR K 57 -10.39 21.30 -32.47
CA THR K 57 -11.29 22.32 -32.93
C THR K 57 -10.59 23.65 -32.57
N TRP K 58 -10.01 23.72 -31.39
CA TRP K 58 -9.29 24.91 -30.95
C TRP K 58 -8.13 25.19 -31.90
N LEU K 59 -7.39 24.16 -32.28
CA LEU K 59 -6.29 24.37 -33.21
C LEU K 59 -6.83 25.13 -34.43
N GLY K 60 -8.02 24.74 -34.88
CA GLY K 60 -8.64 25.36 -36.03
C GLY K 60 -8.73 26.84 -35.86
N SER K 61 -9.20 27.25 -34.69
CA SER K 61 -9.32 28.67 -34.40
C SER K 61 -7.99 29.35 -34.41
N GLN K 62 -7.00 28.77 -33.78
CA GLN K 62 -5.71 29.41 -33.76
C GLN K 62 -5.17 29.58 -35.17
N CYS K 63 -5.49 28.63 -36.03
CA CYS K 63 -5.05 28.65 -37.43
C CYS K 63 -5.72 29.77 -38.19
N ARG K 64 -7.02 29.98 -37.95
CA ARG K 64 -7.77 31.03 -38.59
C ARG K 64 -7.22 32.38 -38.17
N LEU K 65 -6.98 32.55 -36.89
CA LEU K 65 -6.42 33.79 -36.36
C LEU K 65 -5.13 34.15 -37.09
N HIS K 66 -4.25 33.18 -37.27
CA HIS K 66 -2.99 33.43 -37.96
C HIS K 66 -3.25 33.96 -39.38
N GLU K 67 -4.33 33.50 -40.00
CA GLU K 67 -4.68 33.95 -41.34
C GLU K 67 -4.97 35.42 -41.29
N LEU K 68 -5.92 35.80 -40.46
CA LEU K 68 -6.27 37.19 -40.31
C LEU K 68 -5.04 38.02 -39.96
N ARG K 69 -4.23 37.55 -39.03
CA ARG K 69 -3.07 38.30 -38.60
C ARG K 69 -1.95 38.42 -39.62
N GLU K 70 -1.68 37.37 -40.36
CA GLU K 70 -0.59 37.42 -41.31
C GLU K 70 -1.00 37.43 -42.78
N LYS K 71 -2.29 37.36 -43.04
CA LYS K 71 -2.79 37.33 -44.41
C LYS K 71 -2.35 36.09 -45.22
N GLU K 72 -1.41 35.31 -44.69
CA GLU K 72 -0.89 34.09 -45.31
C GLU K 72 -1.54 32.91 -44.58
N ARG K 73 -1.60 31.74 -45.23
CA ARG K 73 -2.19 30.55 -44.62
C ARG K 73 -1.13 29.90 -43.74
N ILE K 74 -1.54 29.40 -42.58
CA ILE K 74 -0.61 28.78 -41.65
C ILE K 74 0.06 27.58 -42.24
N SER K 75 1.35 27.43 -42.00
CA SER K 75 2.03 26.28 -42.52
C SER K 75 1.59 25.07 -41.73
N VAL K 76 2.00 23.89 -42.18
CA VAL K 76 1.63 22.69 -41.49
C VAL K 76 2.55 22.60 -40.30
N ALA K 77 3.82 22.90 -40.52
CA ALA K 77 4.79 22.84 -39.45
C ALA K 77 4.33 23.69 -38.29
N ALA K 78 3.81 24.86 -38.58
CA ALA K 78 3.35 25.76 -37.55
C ALA K 78 2.02 25.32 -36.99
N ALA K 79 1.12 24.88 -37.86
CA ALA K 79 -0.17 24.43 -37.38
C ALA K 79 0.03 23.32 -36.35
N SER K 80 0.99 22.43 -36.63
CA SER K 80 1.31 21.30 -35.77
C SER K 80 1.98 21.71 -34.44
N LYS K 81 2.99 22.58 -34.50
CA LYS K 81 3.68 23.04 -33.29
C LYS K 81 2.76 23.78 -32.34
N ILE K 82 1.70 24.36 -32.83
CA ILE K 82 0.78 25.02 -31.94
C ILE K 82 0.23 23.92 -31.06
N LEU K 83 -0.44 22.94 -31.65
CA LEU K 83 -1.02 21.82 -30.90
C LEU K 83 0.04 21.12 -30.08
N SER K 84 1.22 20.91 -30.65
CA SER K 84 2.26 20.27 -29.95
C SER K 84 2.61 21.03 -28.70
N ASN K 85 2.89 22.32 -28.83
CA ASN K 85 3.27 23.17 -27.69
C ASN K 85 2.15 23.29 -26.67
N LEU K 86 0.90 23.33 -27.12
CA LEU K 86 -0.21 23.43 -26.18
C LEU K 86 -0.23 22.17 -25.34
N VAL K 87 -0.23 21.05 -26.04
CA VAL K 87 -0.26 19.75 -25.44
C VAL K 87 0.90 19.62 -24.47
N TYR K 88 2.08 20.13 -24.82
CA TYR K 88 3.21 20.04 -23.89
C TYR K 88 3.04 20.90 -22.64
N GLN K 89 2.20 21.91 -22.70
CA GLN K 89 2.00 22.73 -21.51
C GLN K 89 1.23 21.93 -20.49
N TYR K 90 0.26 21.17 -20.95
CA TYR K 90 -0.53 20.34 -20.06
C TYR K 90 0.16 19.01 -19.71
N LYS K 91 1.41 18.85 -20.13
CA LYS K 91 2.13 17.60 -19.89
C LYS K 91 2.05 17.19 -18.46
N GLY K 92 1.61 15.95 -18.27
CA GLY K 92 1.50 15.38 -16.95
C GLY K 92 0.11 15.58 -16.36
N ALA K 93 -0.82 16.15 -17.12
CA ALA K 93 -2.15 16.35 -16.57
C ALA K 93 -3.09 15.26 -16.98
N GLY K 94 -2.64 14.41 -17.88
CA GLY K 94 -3.47 13.31 -18.33
C GLY K 94 -4.19 13.49 -19.65
N LEU K 95 -3.70 14.38 -20.51
CA LEU K 95 -4.32 14.59 -21.82
C LEU K 95 -3.94 13.38 -22.62
N SER K 96 -4.89 12.80 -23.34
CA SER K 96 -4.62 11.60 -24.13
C SER K 96 -5.01 11.83 -25.57
N MET K 97 -3.99 11.99 -26.41
CA MET K 97 -4.18 12.22 -27.82
C MET K 97 -2.93 11.95 -28.69
N GLY K 98 -3.19 11.22 -29.79
CA GLY K 98 -2.21 10.84 -30.78
C GLY K 98 -2.88 11.37 -32.02
N THR K 99 -2.21 12.28 -32.71
CA THR K 99 -2.83 12.93 -33.86
C THR K 99 -1.86 13.17 -34.99
N MET K 100 -2.41 13.37 -36.18
CA MET K 100 -1.60 13.67 -37.34
C MET K 100 -2.15 14.93 -37.95
N ILE K 101 -1.24 15.84 -38.28
CA ILE K 101 -1.58 17.11 -38.91
C ILE K 101 -1.04 16.99 -40.33
N CYS K 102 -1.97 16.82 -41.26
CA CYS K 102 -1.61 16.62 -42.65
C CYS K 102 -2.11 17.75 -43.52
N GLY K 103 -1.26 18.17 -44.45
CA GLY K 103 -1.67 19.24 -45.32
C GLY K 103 -0.67 19.64 -46.38
N TYR K 104 -1.07 20.63 -47.19
CA TYR K 104 -0.22 21.13 -48.27
C TYR K 104 -0.14 22.64 -48.26
N THR K 105 1.07 23.14 -48.45
CA THR K 105 1.28 24.57 -48.51
C THR K 105 2.31 24.74 -49.60
N ARG K 106 2.21 25.84 -50.34
CA ARG K 106 3.13 26.12 -51.44
C ARG K 106 4.58 26.01 -50.98
N LYS K 107 4.82 26.43 -49.75
CA LYS K 107 6.15 26.46 -49.18
C LYS K 107 6.72 25.10 -48.79
N GLU K 108 5.92 24.28 -48.11
CA GLU K 108 6.36 22.97 -47.63
C GLU K 108 6.08 21.79 -48.56
N GLY K 109 4.95 21.83 -49.24
CA GLY K 109 4.60 20.73 -50.11
C GLY K 109 3.60 19.90 -49.33
N PRO K 110 3.39 18.62 -49.68
CA PRO K 110 2.44 17.82 -48.91
C PRO K 110 3.21 17.54 -47.62
N THR K 111 2.57 17.70 -46.47
CA THR K 111 3.26 17.49 -45.21
C THR K 111 2.40 16.85 -44.13
N ILE K 112 3.03 15.93 -43.40
CA ILE K 112 2.38 15.23 -42.31
C ILE K 112 3.20 15.33 -41.05
N TYR K 113 2.52 15.67 -39.97
CA TYR K 113 3.14 15.79 -38.67
C TYR K 113 2.40 14.93 -37.67
N TYR K 114 3.19 14.21 -36.89
CA TYR K 114 2.66 13.37 -35.83
C TYR K 114 2.88 14.18 -34.57
N VAL K 115 1.82 14.31 -33.77
CA VAL K 115 1.86 15.06 -32.53
C VAL K 115 1.08 14.26 -31.49
N ASP K 116 1.69 13.92 -30.36
CA ASP K 116 0.94 13.20 -29.30
C ASP K 116 0.98 13.94 -27.97
N SER K 117 0.15 13.50 -27.03
CA SER K 117 0.10 14.14 -25.73
C SER K 117 1.39 14.09 -24.92
N ASP K 118 2.37 13.32 -25.35
CA ASP K 118 3.64 13.28 -24.63
C ASP K 118 4.49 14.48 -25.07
N GLY K 119 4.08 15.11 -26.16
CA GLY K 119 4.82 16.25 -26.69
C GLY K 119 5.78 15.87 -27.78
N THR K 120 5.62 14.70 -28.35
CA THR K 120 6.49 14.30 -29.43
C THR K 120 5.80 14.80 -30.67
N ARG K 121 6.59 15.42 -31.52
CA ARG K 121 6.10 15.96 -32.76
C ARG K 121 7.14 15.48 -33.71
N LEU K 122 6.68 14.87 -34.79
CA LEU K 122 7.57 14.31 -35.81
C LEU K 122 7.04 14.51 -37.21
N LYS K 123 7.97 14.74 -38.13
CA LYS K 123 7.60 14.87 -39.52
C LYS K 123 7.97 13.55 -40.18
N GLY K 124 7.09 13.03 -41.03
CA GLY K 124 7.38 11.78 -41.69
C GLY K 124 6.43 11.56 -42.82
N ASP K 125 6.67 10.50 -43.57
CA ASP K 125 5.84 10.16 -44.72
C ASP K 125 4.67 9.21 -44.41
N ILE K 126 4.86 8.30 -43.46
CA ILE K 126 3.81 7.36 -43.11
C ILE K 126 3.63 7.27 -41.61
N PHE K 127 2.39 7.32 -41.17
CA PHE K 127 2.12 7.19 -39.76
C PHE K 127 0.82 6.51 -39.59
N CYS K 128 0.80 5.53 -38.69
CA CYS K 128 -0.42 4.81 -38.34
C CYS K 128 -0.47 5.09 -36.86
N VAL K 129 -1.65 5.46 -36.38
CA VAL K 129 -1.79 5.84 -34.99
C VAL K 129 -3.07 5.29 -34.41
N GLY K 130 -2.97 4.75 -33.19
CA GLY K 130 -4.12 4.20 -32.50
C GLY K 130 -3.92 2.75 -32.04
N SER K 131 -4.89 2.21 -31.30
CA SER K 131 -4.82 0.85 -30.79
C SER K 131 -4.59 -0.11 -31.94
N GLY K 132 -5.08 0.23 -33.12
CA GLY K 132 -4.93 -0.64 -34.28
C GLY K 132 -3.82 -0.24 -35.22
N GLN K 133 -2.94 0.63 -34.79
CA GLN K 133 -1.88 1.07 -35.67
C GLN K 133 -1.06 -0.06 -36.28
N THR K 134 -0.80 -1.09 -35.48
CA THR K 134 0.01 -2.21 -35.92
C THR K 134 -0.66 -2.98 -37.05
N PHE K 135 -1.96 -3.16 -36.96
CA PHE K 135 -2.66 -3.85 -38.00
C PHE K 135 -2.57 -3.10 -39.32
N ALA K 136 -2.67 -1.77 -39.26
CA ALA K 136 -2.59 -0.93 -40.46
C ALA K 136 -1.17 -0.94 -40.95
N TYR K 137 -0.22 -0.70 -40.06
CA TYR K 137 1.15 -0.70 -40.49
C TYR K 137 1.49 -1.97 -41.22
N GLY K 138 0.96 -3.09 -40.75
CA GLY K 138 1.24 -4.39 -41.37
C GLY K 138 0.85 -4.46 -42.83
N VAL K 139 -0.38 -4.06 -43.11
CA VAL K 139 -0.89 -4.03 -44.46
C VAL K 139 -0.26 -2.85 -45.24
N LEU K 140 -0.33 -1.65 -44.68
CA LEU K 140 0.22 -0.47 -45.32
C LEU K 140 1.66 -0.61 -45.79
N ASP K 141 2.57 -0.90 -44.87
CA ASP K 141 3.99 -1.03 -45.20
C ASP K 141 4.31 -2.01 -46.32
N SER K 142 3.61 -3.14 -46.33
CA SER K 142 3.89 -4.20 -47.30
C SER K 142 3.42 -3.91 -48.72
N ASN K 143 2.40 -3.08 -48.86
CA ASN K 143 1.91 -2.73 -50.17
C ASN K 143 2.24 -1.29 -50.57
N TYR K 144 2.87 -0.54 -49.67
CA TYR K 144 3.21 0.84 -49.93
C TYR K 144 4.44 0.95 -50.81
N LYS K 145 4.36 1.85 -51.77
CA LYS K 145 5.44 2.15 -52.69
C LYS K 145 5.22 3.62 -53.10
N TRP K 146 6.29 4.40 -53.27
CA TRP K 146 6.14 5.82 -53.62
C TRP K 146 5.34 6.07 -54.90
N ASP K 147 5.65 5.35 -55.97
CA ASP K 147 4.98 5.52 -57.27
C ASP K 147 3.55 5.00 -57.41
N LEU K 148 2.75 5.07 -56.35
CA LEU K 148 1.38 4.61 -56.40
C LEU K 148 0.47 5.61 -57.11
N SER K 149 -0.66 5.12 -57.60
CA SER K 149 -1.63 5.96 -58.29
C SER K 149 -2.63 6.46 -57.27
N VAL K 150 -3.18 7.64 -57.50
CA VAL K 150 -4.16 8.21 -56.58
C VAL K 150 -5.26 7.21 -56.25
N GLU K 151 -5.58 6.34 -57.21
CA GLU K 151 -6.61 5.33 -57.01
C GLU K 151 -6.16 4.19 -56.10
N ASP K 152 -4.96 3.68 -56.35
CA ASP K 152 -4.41 2.59 -55.56
C ASP K 152 -4.12 3.03 -54.14
N ALA K 153 -3.62 4.26 -54.00
CA ALA K 153 -3.31 4.84 -52.71
C ALA K 153 -4.58 4.91 -51.90
N LEU K 154 -5.61 5.51 -52.47
CA LEU K 154 -6.87 5.59 -51.77
C LEU K 154 -7.25 4.20 -51.28
N TYR K 155 -7.21 3.23 -52.18
CA TYR K 155 -7.54 1.86 -51.85
C TYR K 155 -6.66 1.35 -50.71
N LEU K 156 -5.36 1.42 -50.92
CA LEU K 156 -4.43 0.97 -49.93
C LEU K 156 -4.75 1.51 -48.54
N GLY K 157 -4.89 2.82 -48.41
CA GLY K 157 -5.19 3.38 -47.11
C GLY K 157 -6.45 2.72 -46.60
N LYS K 158 -7.47 2.74 -47.42
CA LYS K 158 -8.77 2.17 -47.10
C LYS K 158 -8.63 0.75 -46.59
N ARG K 159 -7.88 -0.06 -47.33
CA ARG K 159 -7.70 -1.45 -47.00
C ARG K 159 -7.02 -1.63 -45.65
N SER K 160 -6.10 -0.74 -45.33
CA SER K 160 -5.39 -0.81 -44.07
C SER K 160 -6.31 -0.52 -42.90
N ILE K 161 -7.19 0.44 -43.04
CA ILE K 161 -8.10 0.69 -41.96
C ILE K 161 -8.99 -0.54 -41.92
N LEU K 162 -9.16 -1.19 -43.06
CA LEU K 162 -9.98 -2.39 -43.11
C LEU K 162 -9.34 -3.45 -42.25
N ALA K 163 -8.09 -3.75 -42.56
CA ALA K 163 -7.31 -4.71 -41.83
C ALA K 163 -7.53 -4.52 -40.34
N ALA K 164 -7.18 -3.34 -39.86
CA ALA K 164 -7.31 -2.98 -38.46
C ALA K 164 -8.71 -3.15 -37.93
N ALA K 165 -9.69 -2.74 -38.70
CA ALA K 165 -11.07 -2.84 -38.24
C ALA K 165 -11.41 -4.29 -37.92
N HIS K 166 -10.78 -5.20 -38.66
CA HIS K 166 -11.02 -6.63 -38.48
C HIS K 166 -10.34 -7.22 -37.26
N ARG K 167 -9.02 -7.16 -37.24
CA ARG K 167 -8.25 -7.71 -36.17
C ARG K 167 -8.41 -7.03 -34.82
N ASP K 168 -8.26 -5.71 -34.78
CA ASP K 168 -8.36 -4.97 -33.54
C ASP K 168 -9.79 -4.78 -33.15
N ALA K 169 -10.14 -5.26 -31.97
CA ALA K 169 -11.50 -5.18 -31.48
C ALA K 169 -11.95 -3.78 -31.24
N TYR K 170 -10.99 -2.90 -31.01
CA TYR K 170 -11.30 -1.53 -30.71
C TYR K 170 -11.49 -0.56 -31.87
N SER K 171 -11.39 -1.04 -33.10
CA SER K 171 -11.60 -0.21 -34.27
C SER K 171 -12.71 -0.80 -35.06
N GLY K 172 -13.32 0.00 -35.91
CA GLY K 172 -14.42 -0.51 -36.70
C GLY K 172 -15.36 0.59 -37.10
N GLY K 173 -16.59 0.22 -37.44
CA GLY K 173 -17.58 1.18 -37.86
C GLY K 173 -17.49 1.38 -39.38
N SER K 174 -16.73 2.37 -39.82
CA SER K 174 -16.55 2.68 -41.24
C SER K 174 -15.27 3.44 -41.47
N VAL K 175 -14.76 3.41 -42.69
CA VAL K 175 -13.54 4.10 -43.05
C VAL K 175 -13.88 5.43 -43.68
N ASN K 176 -13.10 6.47 -43.36
CA ASN K 176 -13.26 7.81 -43.92
C ASN K 176 -11.96 8.14 -44.62
N LEU K 177 -12.07 8.34 -45.93
CA LEU K 177 -10.94 8.62 -46.80
C LEU K 177 -10.79 10.08 -47.18
N TYR K 178 -9.54 10.53 -47.32
CA TYR K 178 -9.24 11.90 -47.69
C TYR K 178 -7.98 11.90 -48.50
N HIS K 179 -7.98 12.71 -49.55
CA HIS K 179 -6.83 12.86 -50.43
C HIS K 179 -6.43 14.31 -50.33
N VAL K 180 -5.14 14.56 -50.08
CA VAL K 180 -4.68 15.94 -49.99
C VAL K 180 -3.74 16.22 -51.15
N THR K 181 -4.15 17.16 -51.98
CA THR K 181 -3.38 17.55 -53.16
C THR K 181 -2.93 18.98 -53.11
N GLU K 182 -2.24 19.36 -54.18
CA GLU K 182 -1.75 20.72 -54.37
C GLU K 182 -2.92 21.71 -54.33
N ASP K 183 -4.14 21.22 -54.58
CA ASP K 183 -5.36 22.03 -54.59
C ASP K 183 -6.27 21.85 -53.38
N GLY K 184 -5.77 21.20 -52.32
CA GLY K 184 -6.55 20.99 -51.11
C GLY K 184 -6.99 19.55 -50.89
N TRP K 185 -7.67 19.30 -49.78
CA TRP K 185 -8.15 17.97 -49.46
C TRP K 185 -9.40 17.62 -50.21
N ILE K 186 -9.54 16.34 -50.56
CA ILE K 186 -10.70 15.87 -51.30
C ILE K 186 -11.22 14.67 -50.54
N TYR K 187 -12.49 14.73 -50.16
CA TYR K 187 -13.13 13.66 -49.41
C TYR K 187 -13.51 12.55 -50.36
N HIS K 188 -13.10 11.33 -50.01
CA HIS K 188 -13.40 10.20 -50.87
C HIS K 188 -14.31 9.16 -50.27
N GLY K 189 -15.27 9.64 -49.49
CA GLY K 189 -16.28 8.78 -48.89
C GLY K 189 -16.15 8.12 -47.52
N ASN K 190 -17.31 7.70 -47.03
CA ASN K 190 -17.48 7.01 -45.75
C ASN K 190 -17.88 5.58 -46.14
N HIS K 191 -17.01 4.62 -45.90
CA HIS K 191 -17.28 3.23 -46.27
C HIS K 191 -17.57 2.27 -45.09
N ASP K 192 -18.83 1.90 -44.90
CA ASP K 192 -19.26 1.01 -43.83
C ASP K 192 -18.57 -0.35 -43.90
N VAL K 193 -17.88 -0.73 -42.85
CA VAL K 193 -17.18 -2.01 -42.81
C VAL K 193 -18.18 -3.17 -42.88
N GLY K 194 -19.38 -2.91 -42.38
CA GLY K 194 -20.43 -3.90 -42.43
C GLY K 194 -20.68 -4.43 -43.84
N GLU K 195 -20.32 -3.63 -44.85
CA GLU K 195 -20.50 -4.01 -46.26
C GLU K 195 -19.15 -4.06 -46.97
N LEU K 196 -18.25 -3.17 -46.61
CA LEU K 196 -16.94 -3.14 -47.24
C LEU K 196 -16.13 -4.41 -47.10
N PHE K 197 -16.19 -5.04 -45.93
CA PHE K 197 -15.43 -6.27 -45.68
C PHE K 197 -15.75 -7.32 -46.73
N TRP K 198 -17.03 -7.69 -46.74
CA TRP K 198 -17.55 -8.69 -47.67
C TRP K 198 -17.12 -8.42 -49.11
N LYS K 199 -17.35 -7.19 -49.58
CA LYS K 199 -16.96 -6.81 -50.93
C LYS K 199 -15.48 -7.08 -51.14
N VAL K 200 -14.65 -6.59 -50.25
CA VAL K 200 -13.23 -6.79 -50.41
C VAL K 200 -12.85 -8.26 -50.40
N LYS K 201 -13.53 -9.06 -49.59
CA LYS K 201 -13.20 -10.48 -49.53
C LYS K 201 -13.42 -11.15 -50.90
N GLU K 202 -14.63 -11.03 -51.40
CA GLU K 202 -15.00 -11.62 -52.68
C GLU K 202 -14.10 -11.15 -53.83
N GLU K 203 -14.00 -9.84 -54.04
CA GLU K 203 -13.19 -9.30 -55.14
C GLU K 203 -11.70 -9.56 -55.03
N GLU K 204 -11.15 -9.33 -53.85
CA GLU K 204 -9.72 -9.50 -53.63
C GLU K 204 -9.30 -10.93 -53.40
N GLY K 205 -10.22 -11.67 -52.77
CA GLY K 205 -9.98 -13.07 -52.45
C GLY K 205 -9.08 -13.20 -51.25
N SER K 206 -9.27 -12.31 -50.27
CA SER K 206 -8.47 -12.32 -49.06
C SER K 206 -9.42 -12.56 -47.89
N PHE K 207 -8.90 -12.50 -46.66
CA PHE K 207 -9.70 -12.76 -45.46
C PHE K 207 -10.25 -14.17 -45.50
N ASN K 208 -9.38 -15.12 -45.83
CA ASN K 208 -9.76 -16.52 -45.90
C ASN K 208 -9.87 -17.22 -44.56
N ASN K 209 -9.60 -16.46 -43.51
CA ASN K 209 -9.70 -16.94 -42.14
C ASN K 209 -11.20 -16.77 -41.79
N VAL K 210 -12.01 -16.57 -42.82
CA VAL K 210 -13.42 -16.39 -42.63
C VAL K 210 -14.05 -17.11 -43.81
N ILE K 211 -15.32 -17.47 -43.67
CA ILE K 211 -16.08 -18.15 -44.72
C ILE K 211 -17.40 -17.42 -44.87
N GLY K 212 -17.91 -17.39 -46.11
CA GLY K 212 -19.18 -16.75 -46.38
C GLY K 212 -19.41 -16.53 -47.87
N GLN L 1 -12.10 8.35 3.12
CA GLN L 1 -11.92 9.72 2.57
C GLN L 1 -13.27 10.19 2.02
N PHE L 2 -13.40 11.48 1.75
CA PHE L 2 -14.63 12.02 1.18
C PHE L 2 -14.62 11.73 -0.30
N ASN L 3 -15.72 11.18 -0.78
CA ASN L 3 -15.84 10.88 -2.18
C ASN L 3 -16.81 11.90 -2.68
N PRO L 4 -16.34 12.78 -3.57
CA PRO L 4 -17.10 13.86 -4.17
C PRO L 4 -18.24 13.44 -5.07
N TYR L 5 -18.21 12.21 -5.54
CA TYR L 5 -19.23 11.72 -6.46
C TYR L 5 -20.21 10.73 -5.88
N GLY L 6 -21.32 10.56 -6.59
CA GLY L 6 -22.38 9.66 -6.20
C GLY L 6 -22.98 9.15 -7.49
N ASP L 7 -23.99 8.29 -7.41
CA ASP L 7 -24.64 7.74 -8.60
C ASP L 7 -26.09 7.67 -8.22
N ASN L 8 -26.94 8.34 -8.98
CA ASN L 8 -28.33 8.36 -8.64
C ASN L 8 -29.20 7.54 -9.55
N GLY L 9 -28.57 6.69 -10.35
CA GLY L 9 -29.29 5.82 -11.27
C GLY L 9 -30.02 6.52 -12.39
N GLY L 10 -31.20 6.01 -12.74
CA GLY L 10 -31.96 6.62 -13.80
C GLY L 10 -31.41 6.27 -15.16
N THR L 11 -32.20 6.56 -16.19
CA THR L 11 -31.85 6.29 -17.57
C THR L 11 -32.65 7.24 -18.44
N ILE L 12 -32.04 7.66 -19.55
CA ILE L 12 -32.65 8.60 -20.46
C ILE L 12 -32.48 8.11 -21.87
N LEU L 13 -33.39 8.49 -22.73
CA LEU L 13 -33.37 8.08 -24.10
C LEU L 13 -33.81 9.22 -24.98
N GLY L 14 -33.16 9.37 -26.13
CA GLY L 14 -33.51 10.42 -27.05
C GLY L 14 -33.66 9.88 -28.46
N ILE L 15 -34.78 10.22 -29.08
CA ILE L 15 -35.06 9.77 -30.44
C ILE L 15 -35.51 10.95 -31.26
N ALA L 16 -34.85 11.13 -32.38
CA ALA L 16 -35.14 12.23 -33.27
C ALA L 16 -35.97 11.75 -34.42
N GLY L 17 -37.10 12.41 -34.65
CA GLY L 17 -37.97 12.10 -35.79
C GLY L 17 -37.76 13.14 -36.88
N GLU L 18 -38.45 13.02 -38.02
CA GLU L 18 -38.30 13.97 -39.13
C GLU L 18 -38.62 15.41 -38.78
N ASP L 19 -39.68 15.63 -38.03
CA ASP L 19 -40.04 16.98 -37.63
C ASP L 19 -40.35 17.09 -36.14
N PHE L 20 -39.68 16.26 -35.35
CA PHE L 20 -39.90 16.25 -33.90
C PHE L 20 -38.74 15.46 -33.34
N ALA L 21 -38.62 15.47 -32.03
CA ALA L 21 -37.56 14.74 -31.37
C ALA L 21 -38.07 14.56 -29.97
N VAL L 22 -37.74 13.43 -29.35
CA VAL L 22 -38.18 13.22 -27.98
C VAL L 22 -37.01 12.90 -27.10
N LEU L 23 -37.19 13.26 -25.85
CA LEU L 23 -36.20 13.00 -24.83
C LEU L 23 -37.02 12.47 -23.67
N ALA L 24 -36.82 11.18 -23.39
CA ALA L 24 -37.52 10.52 -22.31
C ALA L 24 -36.49 10.07 -21.30
N GLY L 25 -36.92 9.92 -20.06
CA GLY L 25 -36.02 9.49 -19.02
C GLY L 25 -36.90 8.97 -17.91
N ASP L 26 -36.41 8.04 -17.12
CA ASP L 26 -37.24 7.54 -16.06
C ASP L 26 -37.32 8.56 -14.96
N THR L 27 -38.15 8.27 -13.97
CA THR L 27 -38.42 9.17 -12.87
C THR L 27 -37.94 8.75 -11.47
N ARG L 28 -37.32 7.59 -11.39
CA ARG L 28 -36.83 7.12 -10.12
C ARG L 28 -35.44 7.71 -9.87
N ASN L 29 -35.17 8.08 -8.61
CA ASN L 29 -33.86 8.62 -8.20
C ASN L 29 -33.43 7.72 -7.04
N ILE L 30 -32.22 7.16 -7.12
CA ILE L 30 -31.76 6.24 -6.10
C ILE L 30 -30.39 6.53 -5.53
N THR L 31 -30.07 5.83 -4.46
CA THR L 31 -28.78 5.95 -3.81
C THR L 31 -28.55 4.56 -3.27
N ASP L 32 -27.53 3.90 -3.79
CA ASP L 32 -27.21 2.54 -3.38
C ASP L 32 -28.42 1.64 -3.60
N TYR L 33 -29.06 1.21 -2.53
CA TYR L 33 -30.22 0.34 -2.66
C TYR L 33 -31.50 0.98 -2.22
N SER L 34 -31.45 2.25 -1.91
CA SER L 34 -32.64 2.94 -1.51
C SER L 34 -33.19 3.79 -2.63
N ILE L 35 -34.50 3.98 -2.58
CA ILE L 35 -35.22 4.80 -3.52
C ILE L 35 -35.32 6.13 -2.82
N ASN L 36 -34.77 7.16 -3.44
CA ASN L 36 -34.79 8.52 -2.91
C ASN L 36 -36.14 9.15 -3.26
N SER L 37 -36.57 9.02 -4.51
CA SER L 37 -37.87 9.53 -4.92
C SER L 37 -38.32 8.76 -6.11
N ARG L 38 -39.63 8.56 -6.16
CA ARG L 38 -40.23 7.85 -7.25
C ARG L 38 -40.52 8.82 -8.37
N TYR L 39 -40.53 10.12 -8.05
CA TYR L 39 -40.79 11.13 -9.07
C TYR L 39 -39.86 12.28 -8.96
N GLU L 40 -38.74 12.21 -9.65
CA GLU L 40 -37.78 13.29 -9.63
C GLU L 40 -37.34 13.48 -11.07
N PRO L 41 -37.96 14.44 -11.79
CA PRO L 41 -37.67 14.75 -13.20
C PRO L 41 -36.25 15.09 -13.46
N LYS L 42 -35.76 14.59 -14.57
CA LYS L 42 -34.41 14.87 -14.93
C LYS L 42 -34.32 15.21 -16.39
N VAL L 43 -35.46 15.52 -17.00
CA VAL L 43 -35.54 15.93 -18.40
C VAL L 43 -36.23 17.28 -18.37
N PHE L 44 -35.53 18.32 -18.77
CA PHE L 44 -36.10 19.66 -18.69
C PHE L 44 -36.15 20.47 -19.98
N ASP L 45 -37.06 21.43 -19.99
CA ASP L 45 -37.27 22.36 -21.10
C ASP L 45 -36.38 23.55 -20.81
N CYS L 46 -35.42 23.80 -21.69
CA CYS L 46 -34.50 24.88 -21.47
C CYS L 46 -34.88 26.17 -22.17
N GLY L 47 -36.01 26.17 -22.84
CA GLY L 47 -36.40 27.35 -23.58
C GLY L 47 -35.74 27.18 -24.94
N ASP L 48 -36.21 27.94 -25.92
CA ASP L 48 -35.69 27.88 -27.27
C ASP L 48 -35.91 26.56 -27.99
N ASN L 49 -36.91 25.82 -27.53
CA ASN L 49 -37.26 24.53 -28.11
C ASN L 49 -36.10 23.55 -27.96
N ILE L 50 -35.53 23.48 -26.76
CA ILE L 50 -34.42 22.58 -26.46
C ILE L 50 -34.66 21.90 -25.14
N VAL L 51 -34.57 20.58 -25.16
CA VAL L 51 -34.75 19.77 -23.97
C VAL L 51 -33.41 19.17 -23.67
N MET L 52 -33.15 19.02 -22.40
CA MET L 52 -31.87 18.49 -22.01
C MET L 52 -32.03 17.61 -20.79
N SER L 53 -31.05 16.72 -20.61
CA SER L 53 -30.97 15.81 -19.48
C SER L 53 -29.50 15.48 -19.35
N ALA L 54 -29.02 15.52 -18.11
CA ALA L 54 -27.64 15.20 -17.81
C ALA L 54 -27.84 14.15 -16.75
N ASN L 55 -27.74 12.89 -17.14
CA ASN L 55 -27.95 11.78 -16.23
C ASN L 55 -26.68 11.13 -15.67
N GLY L 56 -26.73 10.82 -14.38
CA GLY L 56 -25.60 10.22 -13.67
C GLY L 56 -25.65 10.68 -12.22
N PHE L 57 -24.67 11.49 -11.81
CA PHE L 57 -24.62 12.03 -10.48
C PHE L 57 -25.57 13.22 -10.52
N ALA L 58 -26.69 13.12 -9.85
CA ALA L 58 -27.68 14.18 -9.86
C ALA L 58 -27.18 15.57 -9.58
N ALA L 59 -26.41 15.74 -8.51
CA ALA L 59 -25.89 17.06 -8.20
C ALA L 59 -25.20 17.64 -9.42
N ASP L 60 -24.34 16.84 -10.07
CA ASP L 60 -23.65 17.30 -11.25
C ASP L 60 -24.64 17.55 -12.36
N GLY L 61 -25.61 16.68 -12.53
CA GLY L 61 -26.58 16.92 -13.57
C GLY L 61 -27.32 18.23 -13.37
N ASP L 62 -27.78 18.45 -12.15
CA ASP L 62 -28.50 19.66 -11.78
C ASP L 62 -27.67 20.90 -12.06
N ALA L 63 -26.40 20.85 -11.68
CA ALA L 63 -25.49 21.96 -11.89
C ALA L 63 -25.43 22.26 -13.36
N LEU L 64 -25.12 21.24 -14.14
CA LEU L 64 -24.98 21.40 -15.59
C LEU L 64 -26.19 22.04 -16.15
N VAL L 65 -27.33 21.41 -15.94
CA VAL L 65 -28.56 21.96 -16.47
C VAL L 65 -28.72 23.41 -16.07
N LYS L 66 -28.47 23.72 -14.81
CA LYS L 66 -28.58 25.09 -14.30
C LYS L 66 -27.68 26.04 -15.10
N ARG L 67 -26.40 25.69 -15.24
CA ARG L 67 -25.47 26.52 -15.99
C ARG L 67 -25.88 26.68 -17.44
N PHE L 68 -26.41 25.64 -18.07
CA PHE L 68 -26.80 25.76 -19.45
C PHE L 68 -27.98 26.70 -19.61
N LYS L 69 -29.02 26.47 -18.85
CA LYS L 69 -30.18 27.32 -18.94
C LYS L 69 -29.72 28.78 -18.82
N ASN L 70 -28.85 29.04 -17.86
CA ASN L 70 -28.32 30.37 -17.65
C ASN L 70 -27.64 30.81 -18.94
N SER L 71 -26.85 29.94 -19.54
CA SER L 71 -26.18 30.27 -20.78
C SER L 71 -27.15 30.71 -21.85
N VAL L 72 -28.33 30.13 -21.84
CA VAL L 72 -29.32 30.54 -22.82
C VAL L 72 -29.77 31.95 -22.47
N LYS L 73 -30.08 32.19 -21.20
CA LYS L 73 -30.54 33.50 -20.72
C LYS L 73 -29.59 34.59 -21.19
N TRP L 74 -28.30 34.40 -20.97
CA TRP L 74 -27.30 35.37 -21.37
C TRP L 74 -27.06 35.41 -22.87
N TYR L 75 -27.44 34.37 -23.60
CA TYR L 75 -27.26 34.38 -25.06
C TYR L 75 -28.19 35.44 -25.58
N HIS L 76 -29.41 35.41 -25.09
CA HIS L 76 -30.41 36.39 -25.48
C HIS L 76 -29.89 37.80 -25.15
N PHE L 77 -29.42 38.01 -23.92
CA PHE L 77 -28.88 39.29 -23.48
C PHE L 77 -27.76 39.78 -24.39
N ASP L 78 -26.65 39.08 -24.38
CA ASP L 78 -25.52 39.47 -25.18
C ASP L 78 -25.74 39.51 -26.70
N HIS L 79 -26.68 38.74 -27.24
CA HIS L 79 -26.85 38.75 -28.70
C HIS L 79 -28.25 39.07 -29.19
N ASN L 80 -28.82 40.11 -28.61
CA ASN L 80 -30.13 40.59 -28.99
C ASN L 80 -31.17 39.52 -29.29
N ASP L 81 -31.72 38.94 -28.23
CA ASP L 81 -32.75 37.91 -28.30
C ASP L 81 -32.67 36.84 -29.39
N LYS L 82 -31.48 36.61 -29.92
CA LYS L 82 -31.30 35.58 -30.95
C LYS L 82 -31.55 34.18 -30.37
N LYS L 83 -32.23 33.34 -31.14
CA LYS L 83 -32.56 31.98 -30.72
C LYS L 83 -31.33 31.12 -30.84
N LEU L 84 -31.03 30.42 -29.76
CA LEU L 84 -29.89 29.53 -29.70
C LEU L 84 -30.32 28.28 -30.44
N SER L 85 -29.68 28.01 -31.56
CA SER L 85 -29.99 26.84 -32.35
C SER L 85 -29.37 25.66 -31.61
N ILE L 86 -30.00 24.51 -31.75
CA ILE L 86 -29.55 23.30 -31.08
C ILE L 86 -28.07 22.99 -31.36
N ASN L 87 -27.59 23.28 -32.56
CA ASN L 87 -26.18 22.98 -32.85
C ASN L 87 -25.27 23.83 -32.01
N SER L 88 -25.69 25.07 -31.77
CA SER L 88 -24.90 26.00 -30.98
C SER L 88 -25.03 25.66 -29.50
N ALA L 89 -26.22 25.30 -29.05
CA ALA L 89 -26.40 24.90 -27.66
C ALA L 89 -25.39 23.78 -27.43
N ALA L 90 -25.31 22.86 -28.39
CA ALA L 90 -24.39 21.74 -28.35
C ALA L 90 -22.95 22.14 -28.09
N ARG L 91 -22.37 22.92 -28.99
CA ARG L 91 -20.98 23.36 -28.82
C ARG L 91 -20.81 24.14 -27.51
N ASN L 92 -21.88 24.76 -27.09
CA ASN L 92 -21.83 25.52 -25.87
C ASN L 92 -21.57 24.53 -24.74
N ILE L 93 -22.44 23.54 -24.59
CA ILE L 93 -22.31 22.52 -23.55
C ILE L 93 -20.98 21.78 -23.57
N GLN L 94 -20.42 21.54 -24.74
CA GLN L 94 -19.12 20.89 -24.81
C GLN L 94 -18.19 21.72 -23.97
N HIS L 95 -18.24 23.04 -24.15
CA HIS L 95 -17.38 23.93 -23.39
C HIS L 95 -17.65 23.87 -21.89
N LEU L 96 -18.92 23.79 -21.51
CA LEU L 96 -19.25 23.71 -20.08
C LEU L 96 -18.60 22.47 -19.54
N LEU L 97 -18.83 21.37 -20.22
CA LEU L 97 -18.31 20.09 -19.82
C LEU L 97 -16.82 20.10 -19.78
N TYR L 98 -16.19 20.45 -20.89
CA TYR L 98 -14.75 20.39 -20.90
C TYR L 98 -14.15 21.37 -19.97
N GLY L 99 -14.96 22.33 -19.54
CA GLY L 99 -14.46 23.30 -18.61
C GLY L 99 -13.98 22.54 -17.40
N LYS L 100 -14.74 21.52 -17.00
CA LYS L 100 -14.40 20.71 -15.83
C LYS L 100 -13.65 19.43 -16.18
N ARG L 101 -12.88 19.45 -17.25
CA ARG L 101 -12.16 18.28 -17.68
C ARG L 101 -11.30 17.64 -16.61
N PHE L 102 -10.98 18.39 -15.57
CA PHE L 102 -10.13 17.86 -14.52
C PHE L 102 -10.80 17.67 -13.15
N PHE L 103 -12.12 17.65 -13.15
CA PHE L 103 -12.97 17.42 -11.99
C PHE L 103 -14.28 17.43 -12.75
N PRO L 104 -14.47 16.40 -13.58
CA PRO L 104 -15.66 16.26 -14.42
C PRO L 104 -16.98 16.26 -13.76
N TYR L 105 -17.96 16.53 -14.59
CA TYR L 105 -19.36 16.50 -14.22
C TYR L 105 -19.57 15.04 -14.56
N TYR L 106 -19.88 14.24 -13.55
CA TYR L 106 -20.08 12.82 -13.75
C TYR L 106 -21.48 12.59 -14.31
N VAL L 107 -21.69 13.00 -15.55
CA VAL L 107 -22.98 12.79 -16.18
C VAL L 107 -22.81 12.52 -17.65
N HIS L 108 -23.86 11.97 -18.21
CA HIS L 108 -23.95 11.67 -19.63
C HIS L 108 -25.16 12.52 -19.97
N THR L 109 -24.94 13.52 -20.80
CA THR L 109 -26.01 14.44 -21.17
C THR L 109 -26.45 14.36 -22.62
N ILE L 110 -27.73 14.71 -22.80
CA ILE L 110 -28.37 14.70 -24.10
C ILE L 110 -29.36 15.86 -24.14
N ILE L 111 -29.54 16.39 -25.34
CA ILE L 111 -30.50 17.47 -25.58
C ILE L 111 -31.17 17.12 -26.85
N ALA L 112 -32.38 17.61 -26.98
CA ALA L 112 -33.13 17.36 -28.18
C ALA L 112 -33.88 18.62 -28.58
N GLY L 113 -34.22 18.67 -29.87
CA GLY L 113 -34.95 19.78 -30.44
C GLY L 113 -35.01 19.65 -31.96
N LEU L 114 -35.11 20.78 -32.65
CA LEU L 114 -35.15 20.80 -34.11
C LEU L 114 -33.96 21.61 -34.54
N ASP L 115 -33.38 21.26 -35.67
CA ASP L 115 -32.24 22.01 -36.17
C ASP L 115 -32.72 23.26 -36.92
N GLU L 116 -31.78 23.94 -37.55
CA GLU L 116 -32.07 25.16 -38.29
C GLU L 116 -33.13 24.95 -39.38
N ASP L 117 -33.12 23.77 -40.02
CA ASP L 117 -34.08 23.43 -41.08
C ASP L 117 -35.41 22.86 -40.58
N GLY L 118 -35.56 22.73 -39.27
CA GLY L 118 -36.79 22.18 -38.73
C GLY L 118 -36.80 20.66 -38.56
N LYS L 119 -35.76 19.97 -39.01
CA LYS L 119 -35.72 18.51 -38.86
C LYS L 119 -35.35 18.22 -37.42
N GLY L 120 -35.84 17.09 -36.89
CA GLY L 120 -35.55 16.71 -35.52
C GLY L 120 -34.07 16.49 -35.26
N ALA L 121 -33.62 16.78 -34.04
CA ALA L 121 -32.23 16.63 -33.70
C ALA L 121 -31.99 16.20 -32.26
N VAL L 122 -30.99 15.33 -32.11
CA VAL L 122 -30.57 14.79 -30.83
C VAL L 122 -29.05 14.85 -30.83
N TYR L 123 -28.49 15.34 -29.72
CA TYR L 123 -27.03 15.44 -29.54
C TYR L 123 -26.72 14.78 -28.21
N SER L 124 -25.60 14.09 -28.11
CA SER L 124 -25.25 13.44 -26.86
C SER L 124 -23.80 13.68 -26.47
N PHE L 125 -23.56 13.87 -25.17
CA PHE L 125 -22.22 14.14 -24.69
C PHE L 125 -21.65 13.14 -23.71
N ASP L 126 -20.33 13.05 -23.77
CA ASP L 126 -19.51 12.25 -22.91
C ASP L 126 -19.28 13.19 -21.71
N PRO L 127 -19.04 12.66 -20.51
CA PRO L 127 -18.83 13.56 -19.38
C PRO L 127 -17.82 14.69 -19.52
N VAL L 128 -16.86 14.59 -20.41
CA VAL L 128 -16.00 15.73 -20.53
C VAL L 128 -16.08 16.46 -21.86
N GLY L 129 -17.27 16.46 -22.46
CA GLY L 129 -17.40 17.20 -23.70
C GLY L 129 -17.60 16.55 -25.05
N SER L 130 -16.92 15.46 -25.39
CA SER L 130 -17.09 14.83 -26.71
C SER L 130 -18.57 14.75 -27.03
N TYR L 131 -18.92 15.25 -28.22
CA TYR L 131 -20.32 15.24 -28.63
C TYR L 131 -20.49 14.91 -30.11
N GLU L 132 -21.70 14.49 -30.48
CA GLU L 132 -22.05 14.13 -31.86
C GLU L 132 -23.58 14.19 -32.00
N ARG L 133 -24.07 14.44 -33.20
CA ARG L 133 -25.51 14.50 -33.43
C ARG L 133 -25.89 13.10 -33.78
N GLU L 134 -27.04 12.66 -33.32
CA GLU L 134 -27.45 11.29 -33.58
C GLU L 134 -28.94 11.13 -33.80
N GLN L 135 -29.29 9.97 -34.36
CA GLN L 135 -30.67 9.63 -34.64
C GLN L 135 -31.39 9.34 -33.34
N CYS L 136 -30.65 8.74 -32.41
CA CYS L 136 -31.15 8.34 -31.10
C CYS L 136 -29.97 7.95 -30.20
N ARG L 137 -30.21 7.93 -28.89
CA ARG L 137 -29.19 7.56 -27.96
C ARG L 137 -29.79 7.46 -26.60
N ALA L 138 -29.39 6.42 -25.87
CA ALA L 138 -29.85 6.18 -24.53
C ALA L 138 -28.61 6.37 -23.67
N GLY L 139 -28.80 6.88 -22.46
CA GLY L 139 -27.67 7.12 -21.59
C GLY L 139 -28.07 6.83 -20.16
N GLY L 140 -27.09 6.51 -19.34
CA GLY L 140 -27.40 6.19 -17.96
C GLY L 140 -27.14 4.72 -17.69
N ALA L 141 -27.82 4.20 -16.68
CA ALA L 141 -27.65 2.81 -16.28
C ALA L 141 -28.13 1.73 -17.29
N ALA L 142 -29.39 1.77 -17.69
CA ALA L 142 -29.91 0.77 -18.63
C ALA L 142 -29.53 1.09 -20.06
N ALA L 143 -28.53 1.93 -20.24
CA ALA L 143 -28.11 2.29 -21.58
C ALA L 143 -27.72 1.07 -22.38
N SER L 144 -26.84 0.25 -21.82
CA SER L 144 -26.36 -0.95 -22.49
C SER L 144 -27.49 -1.90 -22.85
N LEU L 145 -28.65 -1.73 -22.25
CA LEU L 145 -29.78 -2.57 -22.56
C LEU L 145 -30.54 -1.97 -23.69
N ILE L 146 -30.90 -0.70 -23.51
CA ILE L 146 -31.68 0.01 -24.49
C ILE L 146 -31.01 0.34 -25.81
N MET L 147 -29.73 0.66 -25.79
CA MET L 147 -29.05 0.99 -27.03
C MET L 147 -29.13 -0.02 -28.16
N PRO L 148 -28.86 -1.29 -27.90
CA PRO L 148 -28.93 -2.23 -29.02
C PRO L 148 -30.33 -2.26 -29.61
N PHE L 149 -31.34 -2.22 -28.76
CA PHE L 149 -32.72 -2.26 -29.23
C PHE L 149 -32.93 -1.18 -30.25
N LEU L 150 -32.43 0.01 -29.94
CA LEU L 150 -32.58 1.15 -30.83
C LEU L 150 -31.84 0.98 -32.12
N ASP L 151 -30.61 0.48 -32.07
CA ASP L 151 -29.86 0.27 -33.31
C ASP L 151 -30.65 -0.65 -34.21
N ASN L 152 -31.47 -1.49 -33.61
CA ASN L 152 -32.25 -2.43 -34.39
C ASN L 152 -33.58 -1.89 -34.79
N GLN L 153 -34.36 -1.43 -33.83
CA GLN L 153 -35.68 -0.91 -34.12
C GLN L 153 -35.79 0.51 -34.67
N VAL L 154 -34.75 1.32 -34.51
CA VAL L 154 -34.77 2.70 -35.01
C VAL L 154 -33.88 2.82 -36.23
N ASN L 155 -32.65 2.31 -36.17
CA ASN L 155 -31.75 2.40 -37.31
C ASN L 155 -31.77 1.18 -38.20
N PHE L 156 -32.60 0.21 -37.82
CA PHE L 156 -32.76 -1.02 -38.58
C PHE L 156 -31.48 -1.80 -38.89
N LYS L 157 -30.52 -1.78 -38.00
CA LYS L 157 -29.27 -2.51 -38.23
C LYS L 157 -29.52 -4.02 -38.25
N ASN L 158 -28.66 -4.75 -38.96
CA ASN L 158 -28.76 -6.20 -39.09
C ASN L 158 -30.05 -6.77 -39.71
N GLN L 159 -31.02 -5.90 -39.99
CA GLN L 159 -32.24 -6.36 -40.63
C GLN L 159 -32.01 -6.17 -42.12
N TYR L 160 -32.23 -7.20 -42.91
CA TYR L 160 -32.09 -7.10 -44.36
C TYR L 160 -33.49 -7.27 -44.98
N GLU L 161 -33.61 -7.15 -46.31
CA GLU L 161 -34.90 -7.32 -47.00
C GLU L 161 -35.10 -8.82 -47.37
N PRO L 162 -36.22 -9.44 -46.94
CA PRO L 162 -36.53 -10.85 -47.21
C PRO L 162 -36.22 -11.35 -48.62
N GLY L 163 -35.67 -12.56 -48.71
CA GLY L 163 -35.37 -13.15 -50.00
C GLY L 163 -34.40 -12.45 -50.93
N THR L 164 -33.41 -11.75 -50.38
CA THR L 164 -32.43 -11.06 -51.21
C THR L 164 -31.01 -11.58 -51.00
N ASN L 165 -30.91 -12.77 -50.39
CA ASN L 165 -29.61 -13.39 -50.08
C ASN L 165 -28.79 -12.41 -49.22
N GLY L 166 -29.49 -11.65 -48.40
CA GLY L 166 -28.85 -10.68 -47.51
C GLY L 166 -27.90 -9.72 -48.18
N LYS L 167 -28.32 -9.18 -49.31
CA LYS L 167 -27.50 -8.23 -50.05
C LYS L 167 -28.15 -6.86 -50.11
N VAL L 168 -29.33 -6.75 -49.53
CA VAL L 168 -30.05 -5.49 -49.54
C VAL L 168 -30.58 -5.12 -48.16
N LYS L 169 -30.13 -3.98 -47.64
CA LYS L 169 -30.56 -3.50 -46.31
C LYS L 169 -32.01 -3.05 -46.33
N LYS L 170 -32.69 -3.19 -45.20
CA LYS L 170 -34.08 -2.77 -45.08
C LYS L 170 -34.16 -1.26 -45.35
N PRO L 171 -35.18 -0.81 -46.10
CA PRO L 171 -35.32 0.62 -46.40
C PRO L 171 -35.37 1.47 -45.13
N LEU L 172 -34.39 2.36 -44.98
CA LEU L 172 -34.29 3.24 -43.82
C LEU L 172 -35.37 4.33 -43.67
N LYS L 173 -36.62 3.92 -43.52
CA LYS L 173 -37.75 4.86 -43.37
C LYS L 173 -37.60 5.63 -42.05
N TYR L 174 -38.43 6.65 -41.83
CA TYR L 174 -38.37 7.38 -40.57
C TYR L 174 -39.69 7.24 -39.85
N LEU L 175 -39.59 6.87 -38.57
CA LEU L 175 -40.72 6.61 -37.70
C LEU L 175 -41.55 7.84 -37.40
N SER L 176 -42.81 7.61 -37.06
CA SER L 176 -43.71 8.70 -36.72
C SER L 176 -43.55 8.93 -35.23
N VAL L 177 -44.02 10.07 -34.75
CA VAL L 177 -43.91 10.37 -33.33
C VAL L 177 -44.53 9.20 -32.56
N GLU L 178 -45.68 8.76 -33.05
CA GLU L 178 -46.42 7.68 -32.44
C GLU L 178 -45.57 6.42 -32.26
N GLU L 179 -44.91 5.96 -33.32
CA GLU L 179 -44.09 4.77 -33.20
C GLU L 179 -42.89 5.05 -32.27
N VAL L 180 -42.34 6.26 -32.33
CA VAL L 180 -41.22 6.59 -31.46
C VAL L 180 -41.65 6.46 -30.03
N ILE L 181 -42.85 6.91 -29.71
CA ILE L 181 -43.27 6.78 -28.34
C ILE L 181 -43.41 5.33 -27.93
N LYS L 182 -43.93 4.50 -28.83
CA LYS L 182 -44.07 3.07 -28.54
C LYS L 182 -42.70 2.56 -28.15
N LEU L 183 -41.73 2.75 -29.02
CA LEU L 183 -40.37 2.31 -28.75
C LEU L 183 -39.87 2.81 -27.40
N VAL L 184 -40.07 4.08 -27.12
CA VAL L 184 -39.62 4.64 -25.89
C VAL L 184 -40.19 3.79 -24.77
N ARG L 185 -41.50 3.62 -24.77
CA ARG L 185 -42.17 2.86 -23.73
C ARG L 185 -41.67 1.45 -23.57
N ASP L 186 -41.42 0.78 -24.68
CA ASP L 186 -40.93 -0.57 -24.60
C ASP L 186 -39.52 -0.56 -24.09
N SER L 187 -38.68 0.29 -24.63
CA SER L 187 -37.31 0.36 -24.18
C SER L 187 -37.30 0.52 -22.70
N PHE L 188 -38.25 1.30 -22.19
CA PHE L 188 -38.29 1.54 -20.76
C PHE L 188 -38.77 0.43 -19.90
N THR L 189 -39.83 -0.25 -20.33
CA THR L 189 -40.36 -1.36 -19.55
C THR L 189 -39.35 -2.49 -19.54
N SER L 190 -38.70 -2.74 -20.66
CA SER L 190 -37.71 -3.77 -20.66
C SER L 190 -36.64 -3.38 -19.68
N ALA L 191 -36.15 -2.16 -19.76
CA ALA L 191 -35.12 -1.70 -18.84
C ALA L 191 -35.53 -1.88 -17.39
N THR L 192 -36.78 -1.60 -17.07
CA THR L 192 -37.27 -1.73 -15.70
C THR L 192 -37.26 -3.18 -15.25
N GLU L 193 -37.44 -4.08 -16.20
CA GLU L 193 -37.46 -5.49 -15.91
C GLU L 193 -36.09 -5.97 -15.48
N ARG L 194 -35.04 -5.57 -16.19
CA ARG L 194 -33.73 -6.05 -15.82
C ARG L 194 -32.84 -5.16 -15.00
N HIS L 195 -33.19 -3.89 -14.82
CA HIS L 195 -32.35 -3.00 -14.02
C HIS L 195 -33.09 -2.56 -12.78
N ILE L 196 -32.42 -2.69 -11.64
CA ILE L 196 -33.00 -2.33 -10.34
C ILE L 196 -33.06 -0.82 -10.11
N GLN L 197 -32.27 -0.07 -10.87
CA GLN L 197 -32.26 1.38 -10.72
C GLN L 197 -33.37 2.02 -11.55
N VAL L 198 -33.80 1.33 -12.60
CA VAL L 198 -34.79 1.87 -13.49
C VAL L 198 -36.19 1.43 -13.12
N GLY L 199 -37.12 2.38 -13.09
CA GLY L 199 -38.48 2.06 -12.75
C GLY L 199 -39.24 3.26 -12.24
N ASP L 200 -40.40 3.02 -11.65
CA ASP L 200 -41.26 4.04 -11.07
C ASP L 200 -42.10 4.85 -12.04
N GLY L 201 -41.45 5.57 -12.97
CA GLY L 201 -42.18 6.38 -13.92
C GLY L 201 -41.36 6.80 -15.12
N LEU L 202 -42.03 7.15 -16.22
CA LEU L 202 -41.38 7.60 -17.44
C LEU L 202 -42.00 8.92 -17.86
N GLU L 203 -41.15 9.92 -18.11
CA GLU L 203 -41.61 11.22 -18.54
C GLU L 203 -40.94 11.48 -19.85
N ILE L 204 -41.72 11.77 -20.88
CA ILE L 204 -41.19 12.03 -22.20
C ILE L 204 -41.44 13.47 -22.59
N LEU L 205 -40.43 14.10 -23.16
CA LEU L 205 -40.58 15.46 -23.62
C LEU L 205 -40.49 15.40 -25.15
N ILE L 206 -41.59 15.77 -25.78
CA ILE L 206 -41.72 15.78 -27.23
C ILE L 206 -41.47 17.19 -27.71
N VAL L 207 -40.66 17.33 -28.76
CA VAL L 207 -40.34 18.63 -29.32
C VAL L 207 -40.71 18.80 -30.80
N THR L 208 -41.52 19.81 -31.10
CA THR L 208 -41.94 20.13 -32.45
C THR L 208 -41.99 21.64 -32.59
N LYS L 209 -42.14 22.11 -33.82
CA LYS L 209 -42.22 23.55 -34.11
C LYS L 209 -43.33 24.23 -33.32
N ASP L 210 -44.19 23.46 -32.71
CA ASP L 210 -45.30 24.00 -31.93
C ASP L 210 -44.97 24.06 -30.43
N GLY L 211 -43.70 23.81 -30.09
CA GLY L 211 -43.30 23.87 -28.71
C GLY L 211 -42.76 22.57 -28.15
N VAL L 212 -43.04 22.35 -26.88
CA VAL L 212 -42.60 21.18 -26.14
C VAL L 212 -43.76 20.59 -25.35
N ARG L 213 -44.06 19.32 -25.60
CA ARG L 213 -45.15 18.61 -24.94
C ARG L 213 -44.59 17.51 -24.04
N LYS L 214 -45.22 17.31 -22.88
CA LYS L 214 -44.78 16.31 -21.90
C LYS L 214 -45.77 15.15 -21.81
N GLU L 215 -45.26 13.93 -21.90
CA GLU L 215 -46.12 12.75 -21.75
C GLU L 215 -45.56 11.94 -20.58
N PHE L 216 -46.44 11.35 -19.76
CA PHE L 216 -46.01 10.58 -18.60
C PHE L 216 -46.68 9.23 -18.47
N TYR L 217 -45.89 8.22 -18.19
CA TYR L 217 -46.38 6.87 -18.04
C TYR L 217 -45.76 6.15 -16.81
N GLU L 218 -46.59 5.37 -16.09
CA GLU L 218 -46.13 4.64 -14.91
C GLU L 218 -45.23 3.48 -15.27
N LEU L 219 -44.33 3.14 -14.36
CA LEU L 219 -43.44 2.02 -14.55
C LEU L 219 -43.52 1.21 -13.25
N LYS L 220 -42.94 0.01 -13.26
CA LYS L 220 -42.93 -0.87 -12.09
C LYS L 220 -42.12 -0.28 -10.95
N ARG L 221 -42.70 -0.32 -9.75
CA ARG L 221 -42.12 0.26 -8.56
C ARG L 221 -41.35 -0.63 -7.60
N ASP L 222 -40.91 -1.80 -8.07
CA ASP L 222 -40.16 -2.75 -7.26
C ASP L 222 -38.64 -2.61 -7.49
N THR M 1 -11.98 17.74 3.31
CA THR M 1 -11.26 16.53 3.75
C THR M 1 -11.51 16.34 5.24
N GLN M 2 -12.72 15.96 5.61
CA GLN M 2 -13.02 15.78 7.01
C GLN M 2 -13.67 14.44 7.30
N GLN M 3 -13.90 14.18 8.57
CA GLN M 3 -14.56 12.97 9.03
C GLN M 3 -15.39 13.48 10.15
N PRO M 4 -16.65 13.12 10.17
CA PRO M 4 -17.56 13.58 11.22
C PRO M 4 -17.16 13.13 12.63
N ILE M 5 -17.53 13.91 13.64
CA ILE M 5 -17.22 13.57 15.02
C ILE M 5 -18.54 13.46 15.79
N VAL M 6 -18.93 14.47 16.52
CA VAL M 6 -20.20 14.36 17.24
C VAL M 6 -21.25 14.29 16.17
N THR M 7 -22.17 13.33 16.21
CA THR M 7 -23.22 13.20 15.17
C THR M 7 -24.66 13.07 15.62
N GLY M 8 -25.58 13.24 14.68
CA GLY M 8 -27.00 13.15 14.93
C GLY M 8 -27.60 12.18 13.91
N THR M 9 -28.54 11.34 14.34
CA THR M 9 -29.10 10.34 13.45
C THR M 9 -30.26 10.81 12.57
N SER M 10 -31.11 9.89 12.17
CA SER M 10 -32.22 10.17 11.29
C SER M 10 -33.08 11.36 11.58
N VAL M 11 -33.67 11.90 10.51
CA VAL M 11 -34.60 13.02 10.55
C VAL M 11 -35.66 12.47 9.62
N ILE M 12 -36.92 12.51 10.03
CA ILE M 12 -37.96 11.95 9.17
C ILE M 12 -39.02 12.97 8.95
N SER M 13 -39.69 12.86 7.82
CA SER M 13 -40.71 13.81 7.50
C SER M 13 -41.59 13.32 6.39
N MET M 14 -42.75 13.94 6.29
CA MET M 14 -43.67 13.58 5.27
C MET M 14 -44.62 14.74 5.19
N LYS M 15 -45.38 14.81 4.11
CA LYS M 15 -46.33 15.89 3.97
C LYS M 15 -47.72 15.33 3.99
N TYR M 16 -48.68 16.18 4.32
CA TYR M 16 -50.07 15.80 4.38
C TYR M 16 -50.95 16.85 3.71
N ASP M 17 -52.25 16.59 3.67
CA ASP M 17 -53.23 17.46 3.01
C ASP M 17 -53.06 18.96 3.17
N ASN M 18 -52.64 19.38 4.36
CA ASN M 18 -52.49 20.79 4.68
C ASN M 18 -51.18 21.20 5.30
N GLY M 19 -50.11 20.46 5.07
CA GLY M 19 -48.85 20.87 5.67
C GLY M 19 -47.81 19.78 5.61
N VAL M 20 -46.89 19.79 6.57
CA VAL M 20 -45.83 18.81 6.64
C VAL M 20 -45.44 18.55 8.07
N ILE M 21 -44.79 17.43 8.29
CA ILE M 21 -44.30 17.09 9.61
C ILE M 21 -42.88 16.65 9.43
N ILE M 22 -42.10 16.83 10.47
CA ILE M 22 -40.72 16.44 10.43
C ILE M 22 -40.35 16.21 11.88
N ALA M 23 -39.43 15.30 12.12
CA ALA M 23 -39.00 15.02 13.48
C ALA M 23 -37.59 14.52 13.47
N ALA M 24 -36.98 14.50 14.63
CA ALA M 24 -35.61 14.05 14.81
C ALA M 24 -35.39 13.90 16.28
N ASP M 25 -34.46 13.05 16.71
CA ASP M 25 -34.23 12.89 18.14
C ASP M 25 -33.32 13.98 18.70
N ASN M 26 -32.99 13.85 19.98
CA ASN M 26 -32.19 14.84 20.65
C ASN M 26 -30.86 14.32 21.04
N LEU M 27 -30.19 13.61 20.14
CA LEU M 27 -28.94 13.05 20.55
C LEU M 27 -27.77 13.41 19.67
N GLY M 28 -26.61 13.47 20.32
CA GLY M 28 -25.38 13.74 19.62
C GLY M 28 -24.45 12.63 20.07
N SER M 29 -24.23 11.63 19.22
CA SER M 29 -23.37 10.50 19.56
C SER M 29 -21.94 10.87 19.26
N TYR M 30 -21.01 10.20 19.91
CA TYR M 30 -19.61 10.44 19.67
C TYR M 30 -19.10 9.04 19.38
N GLY M 31 -19.45 8.53 18.20
CA GLY M 31 -19.05 7.18 17.87
C GLY M 31 -20.09 6.33 18.54
N SER M 32 -19.66 5.36 19.34
CA SER M 32 -20.59 4.47 20.03
C SER M 32 -21.02 5.03 21.36
N LEU M 33 -20.50 6.19 21.70
CA LEU M 33 -20.83 6.84 22.95
C LEU M 33 -21.98 7.77 22.73
N LEU M 34 -23.09 7.51 23.40
CA LEU M 34 -24.25 8.37 23.28
C LEU M 34 -23.93 9.54 24.20
N ARG M 35 -23.13 10.48 23.71
CA ARG M 35 -22.63 11.61 24.51
C ARG M 35 -23.49 12.77 24.99
N PHE M 36 -24.24 13.39 24.11
CA PHE M 36 -25.03 14.54 24.50
C PHE M 36 -26.47 14.20 24.32
N ASN M 37 -27.27 14.47 25.35
CA ASN M 37 -28.70 14.13 25.33
C ASN M 37 -29.74 15.23 25.22
N GLY M 38 -29.36 16.46 24.94
CA GLY M 38 -30.36 17.51 24.84
C GLY M 38 -30.15 18.32 23.59
N VAL M 39 -29.92 17.64 22.49
CA VAL M 39 -29.64 18.30 21.24
C VAL M 39 -30.81 18.51 20.32
N GLU M 40 -31.25 19.74 20.20
CA GLU M 40 -32.35 20.00 19.30
C GLU M 40 -31.72 19.99 17.93
N ARG M 41 -32.32 19.26 17.01
CA ARG M 41 -31.80 19.14 15.66
C ARG M 41 -32.80 19.64 14.65
N LEU M 42 -33.94 20.12 15.11
CA LEU M 42 -34.97 20.69 14.23
C LEU M 42 -34.80 22.21 14.35
N ILE M 43 -34.37 22.86 13.28
CA ILE M 43 -34.14 24.30 13.28
C ILE M 43 -35.23 25.07 12.60
N PRO M 44 -36.05 25.78 13.39
CA PRO M 44 -37.16 26.57 12.86
C PRO M 44 -36.63 27.88 12.31
N VAL M 45 -37.03 28.21 11.08
CA VAL M 45 -36.62 29.44 10.42
C VAL M 45 -37.88 30.22 10.06
N GLY M 46 -38.20 31.21 10.87
CA GLY M 46 -39.39 31.97 10.59
C GLY M 46 -40.65 31.32 11.14
N ASP M 47 -41.71 31.37 10.36
CA ASP M 47 -43.02 30.84 10.77
C ASP M 47 -43.53 29.76 9.83
N ASN M 48 -42.82 29.52 8.75
CA ASN M 48 -43.29 28.55 7.79
C ASN M 48 -42.26 27.53 7.36
N THR M 49 -41.19 27.38 8.12
CA THR M 49 -40.13 26.47 7.73
C THR M 49 -39.35 25.87 8.89
N VAL M 50 -39.00 24.59 8.78
CA VAL M 50 -38.16 23.90 9.76
C VAL M 50 -37.13 23.12 8.96
N VAL M 51 -35.89 23.20 9.42
CA VAL M 51 -34.80 22.53 8.75
C VAL M 51 -34.25 21.47 9.69
N GLY M 52 -34.44 20.20 9.35
CA GLY M 52 -33.94 19.11 10.16
C GLY M 52 -32.57 18.68 9.65
N ILE M 53 -31.60 18.55 10.56
CA ILE M 53 -30.25 18.20 10.13
C ILE M 53 -29.65 16.99 10.82
N SER M 54 -28.95 16.17 10.07
CA SER M 54 -28.31 15.01 10.62
C SER M 54 -26.92 15.01 10.04
N GLY M 55 -25.98 14.52 10.80
CA GLY M 55 -24.62 14.48 10.32
C GLY M 55 -23.83 15.15 11.41
N ASP M 56 -22.66 15.66 11.06
CA ASP M 56 -21.79 16.33 12.03
C ASP M 56 -22.49 17.49 12.73
N ILE M 57 -22.44 17.49 14.04
CA ILE M 57 -23.06 18.53 14.82
C ILE M 57 -22.33 19.86 14.68
N SER M 58 -21.00 19.85 14.71
CA SER M 58 -20.27 21.09 14.54
C SER M 58 -20.74 21.82 13.27
N ASP M 59 -21.02 21.07 12.21
CA ASP M 59 -21.45 21.68 10.97
C ASP M 59 -22.90 22.06 11.06
N MET M 60 -23.65 21.38 11.91
CA MET M 60 -25.05 21.73 12.05
C MET M 60 -25.09 23.10 12.72
N GLN M 61 -24.39 23.22 13.84
CA GLN M 61 -24.32 24.45 14.59
C GLN M 61 -23.94 25.58 13.65
N HIS M 62 -23.05 25.29 12.70
CA HIS M 62 -22.65 26.29 11.72
C HIS M 62 -23.81 26.63 10.79
N ILE M 63 -24.62 25.66 10.42
CA ILE M 63 -25.76 25.93 9.54
C ILE M 63 -26.82 26.71 10.32
N GLU M 64 -26.79 26.56 11.64
CA GLU M 64 -27.73 27.29 12.48
C GLU M 64 -27.40 28.76 12.33
N ARG M 65 -26.10 29.05 12.50
CA ARG M 65 -25.59 30.40 12.39
C ARG M 65 -25.96 30.93 11.02
N LEU M 66 -25.60 30.20 9.97
CA LEU M 66 -25.92 30.67 8.63
C LEU M 66 -27.39 31.02 8.50
N LEU M 67 -28.24 30.17 9.04
CA LEU M 67 -29.66 30.40 8.93
C LEU M 67 -30.10 31.68 9.65
N LYS M 68 -29.56 31.92 10.83
CA LYS M 68 -29.92 33.12 11.59
C LYS M 68 -29.52 34.35 10.78
N ASP M 69 -28.32 34.31 10.19
CA ASP M 69 -27.85 35.41 9.37
C ASP M 69 -28.78 35.58 8.18
N LEU M 70 -29.17 34.48 7.55
CA LEU M 70 -30.05 34.56 6.40
C LEU M 70 -31.32 35.29 6.76
N VAL M 71 -31.74 35.21 8.01
CA VAL M 71 -32.95 35.89 8.48
C VAL M 71 -32.69 37.36 8.83
N THR M 72 -31.60 37.63 9.53
CA THR M 72 -31.21 38.99 9.91
C THR M 72 -31.05 39.86 8.68
N GLU M 73 -30.36 39.32 7.69
CA GLU M 73 -30.08 40.04 6.47
C GLU M 73 -31.27 40.21 5.55
N ASN M 74 -32.37 39.53 5.84
CA ASN M 74 -33.53 39.68 4.96
C ASN M 74 -34.37 40.83 5.48
N ALA M 75 -34.30 41.05 6.79
CA ALA M 75 -35.03 42.12 7.43
C ALA M 75 -34.49 43.45 6.90
N TYR M 76 -33.17 43.53 6.73
CA TYR M 76 -32.49 44.70 6.20
C TYR M 76 -33.17 45.36 5.01
N ASP M 77 -33.40 46.68 5.14
CA ASP M 77 -34.02 47.52 4.12
C ASP M 77 -35.11 46.75 3.41
N ASN M 78 -35.81 45.96 4.20
CA ASN M 78 -36.87 45.18 3.64
C ASN M 78 -38.08 45.56 4.44
N PRO M 79 -38.92 46.42 3.87
CA PRO M 79 -40.12 46.84 4.59
C PRO M 79 -41.08 45.66 4.77
N LEU M 80 -41.00 44.70 3.83
CA LEU M 80 -41.87 43.54 3.85
C LEU M 80 -41.27 42.26 4.48
N ALA M 81 -40.34 42.43 5.41
CA ALA M 81 -39.66 41.30 6.08
C ALA M 81 -40.57 40.36 6.86
N ASP M 82 -41.65 40.88 7.43
CA ASP M 82 -42.56 40.02 8.16
C ASP M 82 -43.85 39.76 7.39
N ALA M 83 -43.75 39.82 6.07
CA ALA M 83 -44.89 39.60 5.19
C ALA M 83 -44.41 39.28 3.77
N GLU M 84 -45.01 39.88 2.76
CA GLU M 84 -44.67 39.63 1.36
C GLU M 84 -43.25 39.30 0.94
N GLU M 85 -42.25 39.75 1.68
CA GLU M 85 -40.90 39.43 1.30
C GLU M 85 -40.15 38.69 2.40
N ALA M 86 -40.89 37.89 3.17
CA ALA M 86 -40.30 37.09 4.24
C ALA M 86 -39.72 35.81 3.60
N LEU M 87 -38.74 35.21 4.26
CA LEU M 87 -38.07 34.00 3.78
C LEU M 87 -39.05 32.85 3.59
N GLU M 88 -39.01 32.23 2.40
CA GLU M 88 -39.88 31.11 2.06
C GLU M 88 -39.05 29.84 2.19
N PRO M 89 -39.75 28.69 2.39
CA PRO M 89 -39.03 27.42 2.51
C PRO M 89 -38.14 27.24 1.28
N SER M 90 -38.65 27.52 0.10
CA SER M 90 -37.86 27.35 -1.09
C SER M 90 -36.60 28.20 -1.17
N TYR M 91 -36.63 29.36 -0.50
CA TYR M 91 -35.48 30.29 -0.49
C TYR M 91 -34.40 29.74 0.41
N ILE M 92 -34.80 29.28 1.59
CA ILE M 92 -33.89 28.71 2.56
C ILE M 92 -33.22 27.46 2.00
N PHE M 93 -34.03 26.62 1.37
CA PHE M 93 -33.54 25.39 0.78
C PHE M 93 -32.50 25.64 -0.29
N GLU M 94 -32.91 26.36 -1.34
CA GLU M 94 -32.02 26.66 -2.44
C GLU M 94 -30.70 27.25 -1.96
N TYR M 95 -30.75 28.05 -0.89
CA TYR M 95 -29.53 28.62 -0.34
C TYR M 95 -28.67 27.46 0.19
N LEU M 96 -29.24 26.69 1.10
CA LEU M 96 -28.54 25.57 1.68
C LEU M 96 -28.00 24.64 0.59
N ALA M 97 -28.84 24.28 -0.36
CA ALA M 97 -28.40 23.40 -1.44
C ALA M 97 -27.16 23.95 -2.10
N THR M 98 -27.19 25.26 -2.38
CA THR M 98 -26.09 25.94 -3.04
C THR M 98 -24.83 25.82 -2.24
N VAL M 99 -24.96 26.00 -0.95
CA VAL M 99 -23.81 25.90 -0.07
C VAL M 99 -23.27 24.48 -0.04
N MET M 100 -24.16 23.51 0.11
CA MET M 100 -23.73 22.12 0.17
C MET M 100 -22.96 21.72 -1.08
N TYR M 101 -23.47 22.12 -2.25
CA TYR M 101 -22.79 21.78 -3.49
C TYR M 101 -21.48 22.52 -3.69
N GLN M 102 -21.39 23.73 -3.16
CA GLN M 102 -20.17 24.49 -3.31
C GLN M 102 -19.09 23.92 -2.40
N ARG M 103 -19.46 23.53 -1.17
CA ARG M 103 -18.47 22.93 -0.26
C ARG M 103 -17.97 21.56 -0.76
N ARG M 104 -18.85 20.77 -1.35
CA ARG M 104 -18.44 19.47 -1.86
C ARG M 104 -17.49 19.69 -3.01
N SER M 105 -17.82 20.64 -3.89
CA SER M 105 -16.97 20.95 -5.03
C SER M 105 -15.61 21.48 -4.60
N LYS M 106 -15.51 22.02 -3.38
CA LYS M 106 -14.23 22.51 -2.85
C LYS M 106 -13.52 21.41 -2.06
N MET M 107 -14.17 20.27 -1.93
CA MET M 107 -13.60 19.14 -1.22
C MET M 107 -13.49 19.38 0.27
N ASN M 108 -14.42 20.15 0.83
CA ASN M 108 -14.41 20.43 2.24
C ASN M 108 -15.87 20.62 2.54
N PRO M 109 -16.61 19.52 2.48
CA PRO M 109 -18.04 19.46 2.70
C PRO M 109 -18.53 19.75 4.09
N LEU M 110 -19.83 20.04 4.17
CA LEU M 110 -20.51 20.23 5.43
C LEU M 110 -21.16 18.84 5.54
N TRP M 111 -20.57 17.97 6.35
CA TRP M 111 -20.98 16.59 6.51
C TRP M 111 -22.34 16.37 7.08
N ASN M 112 -23.39 16.72 6.33
CA ASN M 112 -24.72 16.57 6.83
C ASN M 112 -25.62 16.07 5.75
N ALA M 113 -26.88 16.01 6.13
CA ALA M 113 -27.96 15.59 5.27
C ALA M 113 -29.03 16.44 5.89
N ILE M 114 -29.81 17.12 5.08
CA ILE M 114 -30.82 18.04 5.59
C ILE M 114 -32.16 17.95 4.89
N ILE M 115 -33.22 18.24 5.64
CA ILE M 115 -34.54 18.23 5.05
C ILE M 115 -35.18 19.53 5.42
N VAL M 116 -35.62 20.25 4.40
CA VAL M 116 -36.26 21.50 4.65
C VAL M 116 -37.74 21.25 4.47
N ALA M 117 -38.48 21.41 5.56
CA ALA M 117 -39.92 21.19 5.53
C ALA M 117 -40.60 22.48 5.85
N GLY M 118 -41.61 22.80 5.08
CA GLY M 118 -42.33 24.02 5.33
C GLY M 118 -43.46 24.23 4.36
N VAL M 119 -44.19 25.31 4.57
CA VAL M 119 -45.30 25.64 3.69
C VAL M 119 -45.00 27.00 3.06
N GLN M 120 -45.27 27.13 1.78
CA GLN M 120 -45.01 28.37 1.07
C GLN M 120 -46.15 29.40 1.23
N SER M 121 -45.90 30.62 0.79
CA SER M 121 -46.86 31.73 0.87
C SER M 121 -48.26 31.38 0.38
N ASN M 122 -48.30 30.71 -0.77
CA ASN M 122 -49.54 30.31 -1.42
C ASN M 122 -50.21 29.06 -0.82
N GLY M 123 -49.61 28.50 0.23
CA GLY M 123 -50.19 27.33 0.88
C GLY M 123 -49.67 25.96 0.50
N ASP M 124 -48.82 25.88 -0.53
CA ASP M 124 -48.27 24.60 -0.96
C ASP M 124 -47.29 24.02 0.05
N GLN M 125 -47.26 22.69 0.17
CA GLN M 125 -46.36 22.04 1.11
C GLN M 125 -44.99 22.04 0.49
N PHE M 126 -43.96 22.15 1.31
CA PHE M 126 -42.61 22.14 0.81
C PHE M 126 -41.82 21.17 1.63
N LEU M 127 -41.09 20.29 0.96
CA LEU M 127 -40.29 19.30 1.65
C LEU M 127 -39.24 18.88 0.64
N ARG M 128 -37.97 19.08 0.96
CA ARG M 128 -36.90 18.69 0.05
C ARG M 128 -35.63 18.39 0.82
N TYR M 129 -34.78 17.56 0.24
CA TYR M 129 -33.56 17.08 0.86
C TYR M 129 -32.34 17.49 0.09
N VAL M 130 -31.25 17.70 0.79
CA VAL M 130 -29.96 18.03 0.17
C VAL M 130 -28.94 17.46 1.12
N ASN M 131 -27.77 17.07 0.62
CA ASN M 131 -26.78 16.52 1.52
C ASN M 131 -25.36 16.92 1.20
N LEU M 132 -24.44 16.40 1.99
CA LEU M 132 -23.04 16.72 1.82
C LEU M 132 -22.49 16.65 0.39
N LEU M 133 -23.24 16.12 -0.55
CA LEU M 133 -22.76 16.02 -1.92
C LEU M 133 -23.51 16.99 -2.83
N GLY M 134 -24.54 17.60 -2.30
CA GLY M 134 -25.32 18.53 -3.08
C GLY M 134 -26.41 17.81 -3.84
N VAL M 135 -26.61 16.56 -3.50
CA VAL M 135 -27.65 15.77 -4.14
C VAL M 135 -28.93 16.28 -3.53
N THR M 136 -29.95 16.53 -4.34
CA THR M 136 -31.22 17.06 -3.87
C THR M 136 -32.37 16.25 -4.45
N TYR M 137 -33.43 16.09 -3.68
CA TYR M 137 -34.60 15.38 -4.15
C TYR M 137 -35.81 15.66 -3.26
N SER M 138 -37.00 15.39 -3.76
CA SER M 138 -38.21 15.58 -3.00
C SER M 138 -39.18 14.41 -3.19
N SER M 139 -39.97 14.12 -2.15
CA SER M 139 -40.93 13.03 -2.15
C SER M 139 -41.92 13.30 -1.05
N PRO M 140 -43.12 12.70 -1.14
CA PRO M 140 -44.15 12.90 -0.11
C PRO M 140 -43.65 12.51 1.27
N THR M 141 -42.57 11.75 1.31
CA THR M 141 -41.96 11.36 2.57
C THR M 141 -40.51 11.43 2.28
N LEU M 142 -39.73 11.72 3.30
CA LEU M 142 -38.29 11.81 3.16
C LEU M 142 -37.69 11.57 4.52
N ALA M 143 -36.48 11.03 4.53
CA ALA M 143 -35.77 10.79 5.77
C ALA M 143 -34.31 10.53 5.42
N THR M 144 -33.44 10.64 6.42
CA THR M 144 -32.01 10.44 6.24
C THR M 144 -31.57 9.25 7.11
N GLY M 145 -30.35 8.76 6.88
CA GLY M 145 -29.82 7.65 7.66
C GLY M 145 -30.74 6.46 7.79
N PHE M 146 -30.79 5.85 8.97
CA PHE M 146 -31.66 4.71 9.17
C PHE M 146 -33.11 5.03 8.81
N GLY M 147 -33.52 6.25 9.05
CA GLY M 147 -34.88 6.65 8.74
C GLY M 147 -35.23 6.36 7.31
N ALA M 148 -34.21 6.37 6.46
CA ALA M 148 -34.43 6.13 5.04
C ALA M 148 -34.85 4.69 4.81
N HIS M 149 -34.16 3.78 5.49
CA HIS M 149 -34.44 2.37 5.36
C HIS M 149 -35.69 1.91 6.03
N MET M 150 -35.90 2.37 7.25
CA MET M 150 -37.05 1.95 8.04
C MET M 150 -38.26 2.85 8.05
N ALA M 151 -38.06 4.16 8.16
CA ALA M 151 -39.17 5.09 8.19
C ALA M 151 -39.93 5.23 6.90
N ASN M 152 -39.20 5.48 5.84
CA ASN M 152 -39.84 5.65 4.54
C ASN M 152 -40.78 4.55 4.23
N PRO M 153 -40.35 3.30 4.44
CA PRO M 153 -41.23 2.18 4.15
C PRO M 153 -42.54 2.31 4.88
N LEU M 154 -42.47 2.75 6.11
CA LEU M 154 -43.67 2.89 6.90
C LEU M 154 -44.47 4.08 6.45
N LEU M 155 -43.82 5.25 6.45
CA LEU M 155 -44.43 6.53 6.06
C LEU M 155 -45.07 6.44 4.70
N ARG M 156 -44.46 5.65 3.81
CA ARG M 156 -44.97 5.46 2.46
C ARG M 156 -46.25 4.63 2.39
N LYS M 157 -46.55 3.84 3.41
CA LYS M 157 -47.77 3.03 3.41
C LYS M 157 -48.99 3.91 3.69
N VAL M 158 -48.71 5.18 3.96
CA VAL M 158 -49.74 6.19 4.22
C VAL M 158 -49.85 7.07 2.97
N VAL M 159 -48.71 7.56 2.47
CA VAL M 159 -48.64 8.42 1.27
C VAL M 159 -47.73 7.75 0.23
N ASP M 160 -48.32 6.87 -0.57
CA ASP M 160 -47.55 6.14 -1.56
C ASP M 160 -47.26 7.00 -2.78
N ARG M 161 -48.11 7.98 -3.04
CA ARG M 161 -47.90 8.88 -4.17
C ARG M 161 -48.55 10.23 -3.93
N GLU M 162 -48.32 11.18 -4.84
CA GLU M 162 -48.86 12.53 -4.70
C GLU M 162 -50.34 12.55 -4.33
N SER M 163 -51.14 11.83 -5.10
CA SER M 163 -52.58 11.77 -4.90
C SER M 163 -53.03 11.45 -3.49
N ASP M 164 -52.21 10.75 -2.74
CA ASP M 164 -52.58 10.38 -1.40
C ASP M 164 -52.51 11.54 -0.43
N ILE M 165 -51.70 12.54 -0.75
CA ILE M 165 -51.52 13.68 0.16
C ILE M 165 -52.81 14.34 0.60
N PRO M 166 -53.64 14.80 -0.34
CA PRO M 166 -54.87 15.45 0.11
C PRO M 166 -55.79 14.57 0.94
N LYS M 167 -55.58 13.26 0.91
CA LYS M 167 -56.42 12.33 1.67
C LYS M 167 -55.90 12.00 3.07
N THR M 168 -54.71 12.51 3.39
CA THR M 168 -54.07 12.23 4.66
C THR M 168 -54.24 13.35 5.67
N THR M 169 -54.59 12.99 6.90
CA THR M 169 -54.80 13.97 7.95
C THR M 169 -53.60 14.15 8.88
N VAL M 170 -53.60 15.26 9.64
CA VAL M 170 -52.53 15.58 10.60
C VAL M 170 -52.43 14.44 11.61
N GLN M 171 -53.59 13.99 12.09
CA GLN M 171 -53.64 12.93 13.06
C GLN M 171 -52.94 11.71 12.51
N VAL M 172 -53.37 11.25 11.33
CA VAL M 172 -52.79 10.09 10.67
C VAL M 172 -51.26 10.25 10.57
N ALA M 173 -50.87 11.33 9.91
CA ALA M 173 -49.46 11.61 9.71
C ALA M 173 -48.70 11.61 11.00
N GLU M 174 -49.16 12.40 11.96
CA GLU M 174 -48.44 12.47 13.21
C GLU M 174 -48.23 11.11 13.76
N GLU M 175 -49.30 10.32 13.74
CA GLU M 175 -49.25 8.95 14.23
C GLU M 175 -48.13 8.21 13.52
N ALA M 176 -48.14 8.27 12.19
CA ALA M 176 -47.13 7.61 11.40
C ALA M 176 -45.73 8.01 11.84
N ILE M 177 -45.49 9.31 11.88
CA ILE M 177 -44.20 9.83 12.26
C ILE M 177 -43.73 9.25 13.57
N VAL M 178 -44.60 9.28 14.57
CA VAL M 178 -44.24 8.78 15.88
C VAL M 178 -43.86 7.29 15.86
N ASN M 179 -44.70 6.48 15.23
CA ASN M 179 -44.40 5.05 15.17
C ASN M 179 -43.03 4.85 14.55
N ALA M 180 -42.77 5.54 13.44
CA ALA M 180 -41.48 5.43 12.78
C ALA M 180 -40.39 5.75 13.77
N MET M 181 -40.64 6.73 14.63
CA MET M 181 -39.64 7.13 15.61
C MET M 181 -39.38 5.99 16.54
N ARG M 182 -40.45 5.35 16.97
CA ARG M 182 -40.31 4.22 17.86
C ARG M 182 -39.46 3.13 17.24
N VAL M 183 -39.89 2.70 16.06
CA VAL M 183 -39.20 1.67 15.37
C VAL M 183 -37.71 1.96 15.35
N LEU M 184 -37.36 3.16 14.94
CA LEU M 184 -35.97 3.54 14.89
C LEU M 184 -35.30 3.35 16.24
N TYR M 185 -36.05 3.59 17.32
CA TYR M 185 -35.44 3.44 18.63
C TYR M 185 -35.10 2.00 18.87
N TYR M 186 -35.97 1.13 18.40
CA TYR M 186 -35.78 -0.31 18.56
C TYR M 186 -34.58 -0.75 17.76
N ARG M 187 -34.52 -0.32 16.51
CA ARG M 187 -33.46 -0.80 15.64
C ARG M 187 -32.17 -0.02 15.36
N ASP M 188 -32.13 1.28 15.69
CA ASP M 188 -30.95 2.11 15.46
C ASP M 188 -30.12 2.21 16.72
N ALA M 189 -28.90 1.70 16.66
CA ALA M 189 -28.02 1.72 17.82
C ALA M 189 -27.63 3.11 18.26
N ARG M 190 -27.88 4.07 17.38
CA ARG M 190 -27.52 5.45 17.67
C ARG M 190 -28.72 6.34 17.94
N SER M 191 -29.92 5.78 18.08
CA SER M 191 -31.09 6.60 18.32
C SER M 191 -31.23 6.90 19.79
N SER M 192 -32.26 7.62 20.13
CA SER M 192 -32.50 7.99 21.51
C SER M 192 -33.97 7.95 21.61
N ARG M 193 -34.43 7.88 22.85
CA ARG M 193 -35.85 7.84 23.11
C ARG M 193 -36.54 9.21 22.99
N ASN M 194 -35.81 10.25 23.38
CA ASN M 194 -36.32 11.62 23.39
C ASN M 194 -36.18 12.23 22.04
N PHE M 195 -37.21 12.95 21.60
CA PHE M 195 -37.16 13.60 20.29
C PHE M 195 -38.03 14.83 20.21
N SER M 196 -37.92 15.53 19.08
CA SER M 196 -38.66 16.76 18.80
C SER M 196 -39.42 16.53 17.53
N LEU M 197 -40.63 17.08 17.45
CA LEU M 197 -41.47 16.92 16.26
C LEU M 197 -42.08 18.28 15.91
N ALA M 198 -42.21 18.57 14.63
CA ALA M 198 -42.78 19.83 14.25
C ALA M 198 -43.66 19.65 13.05
N ILE M 199 -44.78 20.34 13.10
CA ILE M 199 -45.77 20.30 12.05
C ILE M 199 -45.84 21.73 11.52
N ILE M 200 -46.07 21.87 10.23
CA ILE M 200 -46.19 23.18 9.64
C ILE M 200 -47.42 23.05 8.78
N ASP M 201 -48.52 23.59 9.31
CA ASP M 201 -49.82 23.55 8.67
C ASP M 201 -50.23 24.90 8.09
N LYS M 202 -50.80 24.86 6.89
CA LYS M 202 -51.21 26.07 6.19
C LYS M 202 -52.29 26.87 6.93
N ASN M 203 -52.81 26.33 8.02
CA ASN M 203 -53.82 27.01 8.79
C ASN M 203 -53.31 27.29 10.19
N THR M 204 -52.97 26.24 10.95
CA THR M 204 -52.48 26.41 12.32
C THR M 204 -51.08 27.01 12.37
N GLY M 205 -50.43 27.11 11.21
CA GLY M 205 -49.09 27.67 11.17
C GLY M 205 -48.04 26.68 11.66
N LEU M 206 -47.05 27.17 12.38
CA LEU M 206 -46.00 26.28 12.86
C LEU M 206 -46.19 25.88 14.30
N THR M 207 -46.27 24.58 14.53
CA THR M 207 -46.40 24.03 15.88
C THR M 207 -45.12 23.23 16.10
N PHE M 208 -44.36 23.57 17.13
CA PHE M 208 -43.11 22.89 17.41
C PHE M 208 -43.24 22.24 18.78
N LYS M 209 -43.17 20.92 18.82
CA LYS M 209 -43.30 20.15 20.06
C LYS M 209 -41.94 19.67 20.54
N LYS M 210 -41.55 20.09 21.73
CA LYS M 210 -40.27 19.68 22.30
C LYS M 210 -40.47 18.63 23.44
N ASN M 211 -39.46 17.81 23.67
CA ASN M 211 -39.49 16.77 24.70
C ASN M 211 -40.47 15.63 24.56
N LEU M 212 -40.52 15.04 23.37
CA LEU M 212 -41.39 13.91 23.11
C LEU M 212 -40.62 12.64 23.42
N GLN M 213 -41.35 11.56 23.68
CA GLN M 213 -40.75 10.29 24.01
C GLN M 213 -41.45 9.14 23.32
N VAL M 214 -40.69 8.08 23.11
CA VAL M 214 -41.22 6.89 22.50
C VAL M 214 -41.98 6.17 23.61
N GLU M 215 -43.25 5.89 23.33
CA GLU M 215 -44.12 5.22 24.28
C GLU M 215 -44.79 4.05 23.55
N ASN M 216 -45.50 3.21 24.31
CA ASN M 216 -46.21 2.04 23.77
C ASN M 216 -45.21 0.97 23.35
N MET M 217 -44.14 0.83 24.13
CA MET M 217 -43.10 -0.15 23.83
C MET M 217 -43.35 -1.59 24.25
N LYS M 218 -43.32 -2.46 23.25
CA LYS M 218 -43.50 -3.89 23.44
C LYS M 218 -42.12 -4.51 23.66
N TRP M 219 -41.86 -4.87 24.89
CA TRP M 219 -40.61 -5.50 25.26
C TRP M 219 -40.94 -6.79 26.04
N ASP M 220 -42.18 -6.88 26.50
CA ASP M 220 -42.68 -8.03 27.28
C ASP M 220 -42.28 -9.40 26.73
N PHE M 221 -42.40 -9.60 25.42
CA PHE M 221 -42.07 -10.87 24.77
C PHE M 221 -40.64 -11.39 24.96
N ALA M 222 -39.73 -10.56 25.42
CA ALA M 222 -38.34 -10.96 25.61
C ALA M 222 -38.12 -12.04 26.66
N LYS M 223 -39.09 -12.23 27.57
CA LYS M 223 -38.96 -13.22 28.63
C LYS M 223 -38.98 -14.69 28.17
N ASP M 224 -39.62 -14.96 27.04
CA ASP M 224 -39.75 -16.32 26.51
C ASP M 224 -38.59 -16.73 25.65
N ILE M 225 -37.56 -15.90 25.64
CA ILE M 225 -36.40 -16.18 24.83
C ILE M 225 -35.26 -16.58 25.74
N LYS M 226 -34.65 -17.72 25.43
CA LYS M 226 -33.55 -18.26 26.21
C LYS M 226 -32.66 -19.00 25.23
N GLY M 227 -31.35 -18.81 25.35
CA GLY M 227 -30.41 -19.46 24.46
C GLY M 227 -30.44 -18.93 23.02
N TYR M 228 -29.85 -19.69 22.10
CA TYR M 228 -29.80 -19.30 20.70
C TYR M 228 -30.04 -20.50 19.81
N GLY M 229 -30.91 -21.39 20.25
CA GLY M 229 -31.22 -22.57 19.47
C GLY M 229 -31.65 -23.75 20.29
N THR M 230 -30.68 -24.56 20.73
CA THR M 230 -30.94 -25.77 21.49
C THR M 230 -31.21 -25.65 22.99
N GLN M 231 -30.86 -24.52 23.61
CA GLN M 231 -31.08 -24.35 25.06
C GLN M 231 -32.58 -24.37 25.38
N LYS M 232 -32.94 -25.08 26.46
CA LYS M 232 -34.35 -25.21 26.91
C LYS M 232 -34.80 -24.13 27.92
N ILE M 233 -33.94 -23.84 28.90
CA ILE M 233 -34.21 -22.85 29.96
C ILE M 233 -33.14 -21.75 30.05
N THR N 1 -4.86 12.02 29.98
CA THR N 1 -5.46 13.26 30.54
C THR N 1 -6.91 13.05 31.00
N SER N 2 -7.43 13.50 32.26
CA SER N 2 -8.69 13.37 33.09
C SER N 2 -9.05 14.79 33.55
N ILE N 3 -10.16 15.33 33.05
CA ILE N 3 -10.60 16.68 33.37
C ILE N 3 -12.11 16.80 33.45
N MET N 4 -12.59 17.74 34.24
CA MET N 4 -14.02 17.95 34.36
C MET N 4 -14.26 19.33 34.96
N ALA N 5 -15.48 19.81 34.82
CA ALA N 5 -15.86 21.10 35.36
C ALA N 5 -17.28 20.96 35.86
N VAL N 6 -17.50 21.39 37.09
CA VAL N 6 -18.81 21.26 37.72
C VAL N 6 -19.33 22.57 38.27
N THR N 7 -20.50 22.96 37.81
CA THR N 7 -21.12 24.18 38.31
C THR N 7 -21.85 23.80 39.56
N PHE N 8 -22.08 24.78 40.43
CA PHE N 8 -22.83 24.57 41.65
C PHE N 8 -23.42 25.89 42.11
N LYS N 9 -24.17 25.85 43.20
CA LYS N 9 -24.84 27.04 43.71
C LYS N 9 -24.01 28.31 43.75
N ASP N 10 -22.76 28.18 44.18
CA ASP N 10 -21.88 29.33 44.29
C ASP N 10 -21.07 29.66 43.06
N GLY N 11 -21.02 28.76 42.09
CA GLY N 11 -20.22 29.04 40.92
C GLY N 11 -19.92 27.81 40.12
N VAL N 12 -18.64 27.44 40.05
CA VAL N 12 -18.21 26.26 39.32
C VAL N 12 -16.80 25.88 39.70
N ILE N 13 -16.46 24.60 39.61
CA ILE N 13 -15.10 24.21 39.93
C ILE N 13 -14.59 23.40 38.76
N LEU N 14 -13.31 23.55 38.48
CA LEU N 14 -12.67 22.86 37.40
C LEU N 14 -11.69 21.92 38.04
N GLY N 15 -11.67 20.67 37.60
CA GLY N 15 -10.75 19.73 38.18
C GLY N 15 -10.03 19.00 37.08
N ALA N 16 -8.82 18.52 37.37
CA ALA N 16 -8.03 17.81 36.38
C ALA N 16 -6.90 17.05 37.03
N ASP N 17 -6.31 16.09 36.34
CA ASP N 17 -5.16 15.37 36.90
C ASP N 17 -3.93 16.17 36.52
N SER N 18 -2.74 15.57 36.57
CA SER N 18 -1.56 16.34 36.27
C SER N 18 -0.54 15.54 35.53
N ARG N 19 -1.00 14.65 34.68
CA ARG N 19 -0.12 13.79 33.94
C ARG N 19 -0.04 14.13 32.46
N THR N 20 1.17 14.13 31.94
CA THR N 20 1.41 14.34 30.54
C THR N 20 2.33 13.20 30.12
N THR N 21 1.94 12.53 29.03
CA THR N 21 2.68 11.38 28.56
C THR N 21 3.04 11.44 27.08
N THR N 22 4.09 10.72 26.74
CA THR N 22 4.55 10.53 25.37
C THR N 22 4.45 9.01 25.26
N GLY N 23 3.26 8.53 24.96
CA GLY N 23 3.05 7.11 24.88
C GLY N 23 2.80 6.62 26.29
N ALA N 24 3.73 5.87 26.86
CA ALA N 24 3.54 5.36 28.20
C ALA N 24 4.55 5.97 29.17
N TYR N 25 5.38 6.88 28.68
CA TYR N 25 6.35 7.53 29.55
C TYR N 25 5.63 8.71 30.12
N ILE N 26 5.94 9.08 31.34
CA ILE N 26 5.28 10.23 31.94
C ILE N 26 6.25 11.39 31.79
N ALA N 27 5.93 12.27 30.84
CA ALA N 27 6.73 13.44 30.51
C ALA N 27 6.79 14.37 31.69
N ASN N 28 5.63 14.59 32.28
CA ASN N 28 5.54 15.46 33.43
C ASN N 28 4.41 14.92 34.27
N ARG N 29 4.69 14.69 35.54
CA ARG N 29 3.67 14.20 36.44
C ARG N 29 3.02 15.28 37.27
N VAL N 30 3.46 16.52 37.10
CA VAL N 30 2.92 17.62 37.89
C VAL N 30 2.41 18.78 37.05
N THR N 31 1.91 18.48 35.86
CA THR N 31 1.38 19.47 34.94
C THR N 31 0.17 20.22 35.45
N ASP N 32 -0.07 21.40 34.87
CA ASP N 32 -1.22 22.18 35.25
C ASP N 32 -2.02 22.28 33.97
N LYS N 33 -3.12 21.55 33.93
CA LYS N 33 -3.96 21.51 32.74
C LYS N 33 -5.15 22.39 32.92
N LEU N 34 -5.12 23.18 33.99
CA LEU N 34 -6.19 24.13 34.28
C LEU N 34 -5.56 25.51 33.92
N THR N 35 -6.07 26.12 32.85
CA THR N 35 -5.52 27.37 32.35
C THR N 35 -6.50 28.55 32.31
N ARG N 36 -6.00 29.71 32.72
CA ARG N 36 -6.78 30.94 32.78
C ARG N 36 -6.76 31.68 31.48
N VAL N 37 -7.92 32.04 30.99
CA VAL N 37 -8.00 32.80 29.77
C VAL N 37 -8.50 34.19 30.14
N HIS N 38 -9.11 34.29 31.32
CA HIS N 38 -9.60 35.55 31.88
C HIS N 38 -9.73 35.37 33.39
N ASP N 39 -9.72 36.49 34.12
CA ASP N 39 -9.80 36.49 35.59
C ASP N 39 -10.72 35.40 36.16
N LYS N 40 -11.89 35.25 35.58
CA LYS N 40 -12.82 34.24 36.03
C LYS N 40 -13.40 33.39 34.91
N ILE N 41 -12.53 33.03 33.98
CA ILE N 41 -12.89 32.18 32.86
C ILE N 41 -11.65 31.34 32.67
N TRP N 42 -11.79 30.08 33.00
CA TRP N 42 -10.69 29.17 32.88
C TRP N 42 -11.12 28.01 31.98
N CYS N 43 -10.14 27.23 31.54
CA CYS N 43 -10.43 26.11 30.67
C CYS N 43 -9.61 24.91 31.11
N CYS N 44 -10.17 23.73 30.90
CA CYS N 44 -9.49 22.48 31.20
C CYS N 44 -9.05 22.03 29.84
N ARG N 45 -7.78 21.66 29.75
CA ARG N 45 -7.19 21.21 28.51
C ARG N 45 -6.93 19.68 28.36
N SER N 46 -7.36 19.07 27.24
CA SER N 46 -7.12 17.63 26.95
C SER N 46 -6.86 17.37 25.47
N GLY N 47 -5.76 16.69 25.17
CA GLY N 47 -5.42 16.37 23.79
C GLY N 47 -3.95 16.66 23.64
N SER N 48 -3.59 17.31 22.54
CA SER N 48 -2.23 17.70 22.25
C SER N 48 -1.85 18.82 23.23
N ALA N 49 -0.64 18.80 23.76
CA ALA N 49 -0.26 19.85 24.68
C ALA N 49 -0.07 21.09 23.84
N ALA N 50 0.76 20.99 22.80
CA ALA N 50 1.02 22.09 21.89
C ALA N 50 -0.26 22.71 21.40
N ASP N 51 -1.12 21.92 20.77
CA ASP N 51 -2.36 22.47 20.27
C ASP N 51 -3.12 23.23 21.32
N THR N 52 -3.31 22.65 22.48
CA THR N 52 -4.07 23.34 23.52
C THR N 52 -3.38 24.57 24.10
N GLN N 53 -2.07 24.53 24.24
CA GLN N 53 -1.34 25.67 24.74
C GLN N 53 -1.55 26.73 23.68
N ALA N 54 -1.20 26.41 22.45
CA ALA N 54 -1.39 27.34 21.35
C ALA N 54 -2.79 27.95 21.38
N ILE N 55 -3.82 27.14 21.43
CA ILE N 55 -5.17 27.69 21.45
C ILE N 55 -5.43 28.57 22.65
N ALA N 56 -5.12 28.07 23.83
CA ALA N 56 -5.38 28.84 25.02
C ALA N 56 -4.67 30.18 24.93
N ASP N 57 -3.40 30.17 24.56
CA ASP N 57 -2.63 31.40 24.45
C ASP N 57 -3.32 32.42 23.59
N ILE N 58 -3.92 31.97 22.49
CA ILE N 58 -4.62 32.85 21.59
C ILE N 58 -5.94 33.34 22.19
N VAL N 59 -6.67 32.49 22.87
CA VAL N 59 -7.95 32.92 23.44
C VAL N 59 -7.76 33.96 24.52
N GLN N 60 -6.66 33.83 25.24
CA GLN N 60 -6.33 34.77 26.29
C GLN N 60 -6.16 36.12 25.61
N TYR N 61 -5.35 36.15 24.56
CA TYR N 61 -5.10 37.36 23.77
C TYR N 61 -6.41 37.96 23.31
N HIS N 62 -7.18 37.23 22.53
CA HIS N 62 -8.45 37.77 22.05
C HIS N 62 -9.29 38.33 23.19
N LEU N 63 -9.32 37.65 24.32
CA LEU N 63 -10.11 38.12 25.44
C LEU N 63 -9.52 39.38 26.07
N GLU N 64 -8.20 39.44 26.17
CA GLU N 64 -7.54 40.61 26.71
C GLU N 64 -7.95 41.82 25.91
N LEU N 65 -7.82 41.72 24.58
CA LEU N 65 -8.18 42.78 23.67
C LEU N 65 -9.67 43.06 23.80
N TYR N 66 -10.46 42.01 23.98
CA TYR N 66 -11.90 42.21 24.11
C TYR N 66 -12.11 43.11 25.30
N THR N 67 -11.47 42.76 26.41
CA THR N 67 -11.59 43.52 27.63
C THR N 67 -11.30 45.00 27.40
N SER N 68 -10.07 45.32 27.06
CA SER N 68 -9.69 46.69 26.79
C SER N 68 -10.74 47.44 26.00
N GLN N 69 -11.22 46.84 24.91
CA GLN N 69 -12.21 47.47 24.05
C GLN N 69 -13.67 47.52 24.50
N TYR N 70 -14.21 46.40 24.95
CA TYR N 70 -15.62 46.36 25.32
C TYR N 70 -15.96 45.90 26.73
N GLY N 71 -14.94 45.76 27.56
CA GLY N 71 -15.14 45.33 28.93
C GLY N 71 -15.03 43.83 29.18
N THR N 72 -15.47 43.42 30.36
CA THR N 72 -15.47 42.03 30.78
C THR N 72 -16.31 41.08 29.85
N PRO N 73 -15.66 40.02 29.32
CA PRO N 73 -16.30 39.06 28.44
C PRO N 73 -17.04 37.97 29.19
N SER N 74 -18.19 37.59 28.67
CA SER N 74 -19.00 36.55 29.28
C SER N 74 -18.28 35.24 29.07
N THR N 75 -18.70 34.20 29.79
CA THR N 75 -18.08 32.90 29.62
C THR N 75 -18.46 32.44 28.23
N GLU N 76 -19.73 32.62 27.91
CA GLU N 76 -20.23 32.23 26.62
C GLU N 76 -19.33 32.73 25.50
N THR N 77 -18.87 33.97 25.62
CA THR N 77 -17.98 34.57 24.65
C THR N 77 -16.62 33.89 24.66
N ALA N 78 -16.14 33.48 25.82
CA ALA N 78 -14.86 32.79 25.91
C ALA N 78 -14.99 31.52 25.09
N ALA N 79 -16.14 30.86 25.26
CA ALA N 79 -16.41 29.61 24.56
C ALA N 79 -16.43 29.82 23.06
N SER N 80 -17.11 30.86 22.62
CA SER N 80 -17.21 31.15 21.20
C SER N 80 -15.86 31.33 20.53
N VAL N 81 -14.93 31.96 21.22
CA VAL N 81 -13.62 32.14 20.67
C VAL N 81 -13.01 30.77 20.48
N PHE N 82 -13.02 29.97 21.55
CA PHE N 82 -12.50 28.61 21.49
C PHE N 82 -13.14 27.84 20.37
N LYS N 83 -14.46 27.83 20.34
CA LYS N 83 -15.18 27.11 19.32
C LYS N 83 -14.64 27.50 17.96
N GLU N 84 -14.59 28.80 17.71
CA GLU N 84 -14.12 29.36 16.45
C GLU N 84 -12.80 28.78 16.00
N LEU N 85 -11.82 28.81 16.89
CA LEU N 85 -10.53 28.24 16.59
C LEU N 85 -10.61 26.74 16.34
N CYS N 86 -11.30 26.01 17.23
CA CYS N 86 -11.41 24.57 17.13
C CYS N 86 -12.17 24.08 15.94
N TYR N 87 -13.19 24.82 15.57
CA TYR N 87 -14.01 24.42 14.44
C TYR N 87 -13.35 24.78 13.12
N GLU N 88 -12.97 26.03 12.99
CA GLU N 88 -12.38 26.49 11.77
C GLU N 88 -11.08 25.79 11.47
N ASN N 89 -10.42 25.25 12.48
CA ASN N 89 -9.15 24.54 12.25
C ASN N 89 -9.21 23.05 12.62
N LYS N 90 -10.38 22.44 12.49
CA LYS N 90 -10.59 21.02 12.85
C LYS N 90 -9.59 20.02 12.25
N ASP N 91 -9.20 20.22 11.01
CA ASP N 91 -8.28 19.28 10.39
C ASP N 91 -6.88 19.28 10.98
N ASN N 92 -6.50 20.28 11.74
CA ASN N 92 -5.13 20.30 12.26
C ASN N 92 -5.02 20.29 13.76
N LEU N 93 -6.14 20.12 14.46
CA LEU N 93 -6.10 20.13 15.90
C LEU N 93 -6.66 18.91 16.58
N THR N 94 -6.04 18.54 17.68
CA THR N 94 -6.48 17.44 18.51
C THR N 94 -6.59 18.14 19.86
N ALA N 95 -7.76 18.69 20.14
CA ALA N 95 -7.98 19.40 21.37
C ALA N 95 -9.44 19.31 21.80
N GLY N 96 -9.67 18.86 23.02
CA GLY N 96 -11.02 18.77 23.52
C GLY N 96 -10.89 19.66 24.70
N ILE N 97 -11.69 20.72 24.76
CA ILE N 97 -11.56 21.66 25.85
C ILE N 97 -12.83 21.96 26.58
N ILE N 98 -12.68 22.15 27.88
CA ILE N 98 -13.82 22.50 28.70
C ILE N 98 -13.58 23.92 29.18
N VAL N 99 -14.58 24.78 28.99
CA VAL N 99 -14.50 26.19 29.38
C VAL N 99 -15.50 26.42 30.49
N ALA N 100 -15.03 27.06 31.56
CA ALA N 100 -15.89 27.32 32.70
C ALA N 100 -15.49 28.67 33.29
N GLY N 101 -16.48 29.42 33.74
CA GLY N 101 -16.17 30.70 34.33
C GLY N 101 -17.28 31.16 35.22
N TYR N 102 -16.99 32.13 36.10
CA TYR N 102 -18.02 32.66 37.00
C TYR N 102 -18.36 34.11 36.64
N ASP N 103 -19.63 34.43 36.77
CA ASP N 103 -20.14 35.74 36.46
C ASP N 103 -21.23 36.08 37.47
N ASP N 104 -21.43 37.38 37.73
CA ASP N 104 -22.46 37.84 38.69
C ASP N 104 -23.92 37.56 38.34
N LYS N 105 -24.27 37.76 37.08
CA LYS N 105 -25.64 37.53 36.63
C LYS N 105 -25.90 36.04 36.34
N ASN N 106 -24.96 35.41 35.62
CA ASN N 106 -25.10 34.00 35.22
C ASN N 106 -24.62 32.93 36.21
N LYS N 107 -24.01 33.36 37.32
CA LYS N 107 -23.49 32.44 38.33
C LYS N 107 -22.37 31.60 37.67
N GLY N 108 -22.45 30.27 37.75
CA GLY N 108 -21.41 29.41 37.16
C GLY N 108 -21.82 28.82 35.83
N GLU N 109 -20.86 28.63 34.91
CA GLU N 109 -21.15 28.05 33.60
C GLU N 109 -20.06 27.19 33.01
N VAL N 110 -20.49 26.13 32.34
CA VAL N 110 -19.60 25.16 31.72
C VAL N 110 -20.01 24.87 30.26
N TYR N 111 -19.03 24.98 29.36
CA TYR N 111 -19.18 24.72 27.93
C TYR N 111 -18.10 23.71 27.59
N THR N 112 -18.47 22.68 26.82
CA THR N 112 -17.53 21.67 26.40
C THR N 112 -17.42 21.76 24.90
N ILE N 113 -16.17 21.77 24.44
CA ILE N 113 -15.84 21.83 23.03
C ILE N 113 -15.04 20.57 22.71
N PRO N 114 -15.73 19.57 22.15
CA PRO N 114 -15.16 18.29 21.77
C PRO N 114 -14.42 18.44 20.47
N LEU N 115 -13.82 17.35 19.99
CA LEU N 115 -13.05 17.34 18.76
C LEU N 115 -13.61 17.97 17.50
N GLY N 116 -14.89 17.81 17.21
CA GLY N 116 -15.35 18.44 15.99
C GLY N 116 -15.45 19.96 16.03
N GLY N 117 -15.25 20.55 17.19
CA GLY N 117 -15.38 21.98 17.30
C GLY N 117 -16.81 22.41 17.62
N SER N 118 -17.67 21.46 17.99
CA SER N 118 -19.04 21.81 18.34
C SER N 118 -18.96 22.37 19.77
N VAL N 119 -20.00 23.08 20.23
CA VAL N 119 -19.96 23.60 21.59
C VAL N 119 -21.22 23.15 22.27
N HIS N 120 -21.05 22.73 23.52
CA HIS N 120 -22.17 22.25 24.31
C HIS N 120 -22.12 22.83 25.73
N LYS N 121 -23.24 23.40 26.17
CA LYS N 121 -23.32 23.98 27.51
C LYS N 121 -24.01 22.96 28.40
N LEU N 122 -23.39 22.67 29.53
CA LEU N 122 -23.91 21.63 30.39
C LEU N 122 -23.68 21.94 31.83
N PRO N 123 -24.47 21.32 32.74
CA PRO N 123 -24.39 21.48 34.19
C PRO N 123 -23.02 21.13 34.66
N TYR N 124 -22.39 20.20 33.97
CA TYR N 124 -21.02 19.81 34.26
C TYR N 124 -20.58 19.02 33.05
N ALA N 125 -19.29 18.75 32.97
CA ALA N 125 -18.81 18.00 31.82
C ALA N 125 -17.53 17.34 32.23
N ILE N 126 -17.24 16.26 31.52
CA ILE N 126 -16.03 15.51 31.77
C ILE N 126 -15.42 15.19 30.43
N ALA N 127 -14.11 15.10 30.38
CA ALA N 127 -13.45 14.79 29.15
C ALA N 127 -12.04 14.33 29.45
N GLY N 128 -11.32 13.89 28.43
CA GLY N 128 -9.99 13.34 28.62
C GLY N 128 -10.10 11.82 28.54
N SER N 129 -9.00 11.14 28.24
CA SER N 129 -8.98 9.69 28.13
C SER N 129 -9.63 8.98 29.31
N GLY N 130 -9.25 9.36 30.52
CA GLY N 130 -9.84 8.73 31.68
C GLY N 130 -11.31 8.99 31.87
N SER N 131 -11.91 9.86 31.08
CA SER N 131 -13.31 10.12 31.33
C SER N 131 -14.28 8.99 31.11
N THR N 132 -14.05 8.16 30.10
CA THR N 132 -14.98 7.08 29.78
C THR N 132 -15.42 6.31 30.99
N PHE N 133 -14.47 6.04 31.85
CA PHE N 133 -14.71 5.29 33.07
C PHE N 133 -15.67 5.86 34.09
N ILE N 134 -15.80 7.17 34.11
CA ILE N 134 -16.68 7.77 35.09
C ILE N 134 -17.99 8.24 34.55
N TYR N 135 -18.33 7.91 33.32
CA TYR N 135 -19.63 8.34 32.84
C TYR N 135 -20.70 7.84 33.79
N GLY N 136 -20.57 6.59 34.20
CA GLY N 136 -21.52 6.00 35.11
C GLY N 136 -21.57 6.69 36.44
N TYR N 137 -20.44 6.71 37.13
CA TYR N 137 -20.36 7.33 38.43
C TYR N 137 -20.89 8.75 38.39
N CYS N 138 -20.29 9.61 37.57
CA CYS N 138 -20.74 10.99 37.49
C CYS N 138 -22.22 11.12 37.21
N ASP N 139 -22.77 10.35 36.29
CA ASP N 139 -24.20 10.46 35.99
C ASP N 139 -25.03 10.04 37.17
N LYS N 140 -24.45 9.23 38.04
CA LYS N 140 -25.15 8.74 39.22
C LYS N 140 -25.02 9.66 40.44
N ASN N 141 -23.81 10.14 40.69
CA ASN N 141 -23.52 11.01 41.84
C ASN N 141 -23.57 12.53 41.64
N PHE N 142 -24.10 13.02 40.53
CA PHE N 142 -24.17 14.46 40.33
C PHE N 142 -25.58 15.00 40.45
N ARG N 143 -25.73 16.01 41.31
CA ARG N 143 -27.00 16.70 41.56
C ARG N 143 -26.70 18.20 41.40
N GLU N 144 -27.72 18.98 41.05
CA GLU N 144 -27.53 20.42 40.89
C GLU N 144 -27.57 21.23 42.22
N ASN N 145 -27.00 22.42 42.17
CA ASN N 145 -26.95 23.34 43.33
C ASN N 145 -26.24 22.80 44.55
N MET N 146 -25.23 21.98 44.32
CA MET N 146 -24.43 21.42 45.38
C MET N 146 -23.71 22.57 46.05
N SER N 147 -22.94 22.23 47.08
CA SER N 147 -22.18 23.19 47.85
C SER N 147 -20.73 23.02 47.50
N LYS N 148 -19.93 24.05 47.73
CA LYS N 148 -18.52 23.99 47.44
C LYS N 148 -17.94 22.69 47.94
N GLU N 149 -18.15 22.43 49.22
CA GLU N 149 -17.66 21.23 49.88
C GLU N 149 -18.10 19.94 49.17
N GLU N 150 -19.38 19.87 48.81
CA GLU N 150 -19.91 18.71 48.11
C GLU N 150 -19.26 18.53 46.73
N THR N 151 -19.28 19.62 45.96
CA THR N 151 -18.73 19.66 44.62
C THR N 151 -17.27 19.28 44.61
N VAL N 152 -16.52 19.77 45.59
CA VAL N 152 -15.11 19.45 45.64
C VAL N 152 -14.97 17.95 45.78
N ASP N 153 -15.86 17.33 46.55
CA ASP N 153 -15.83 15.87 46.74
C ASP N 153 -16.14 15.10 45.47
N PHE N 154 -17.29 15.38 44.87
CA PHE N 154 -17.71 14.74 43.63
C PHE N 154 -16.59 14.77 42.60
N ILE N 155 -15.95 15.92 42.44
CA ILE N 155 -14.85 16.02 41.52
C ILE N 155 -13.71 15.15 42.00
N LYS N 156 -13.40 15.24 43.29
CA LYS N 156 -12.31 14.46 43.86
C LYS N 156 -12.50 12.95 43.71
N HIS N 157 -13.73 12.49 43.86
CA HIS N 157 -14.03 11.08 43.72
C HIS N 157 -14.03 10.70 42.27
N SER N 158 -14.75 11.46 41.45
CA SER N 158 -14.77 11.16 40.05
C SER N 158 -13.36 11.05 39.49
N LEU N 159 -12.56 12.08 39.67
CA LEU N 159 -11.22 12.01 39.12
C LEU N 159 -10.36 10.93 39.73
N SER N 160 -10.63 10.55 40.97
CA SER N 160 -9.82 9.52 41.60
C SER N 160 -10.04 8.19 40.89
N GLN N 161 -11.29 7.93 40.53
CA GLN N 161 -11.61 6.72 39.82
C GLN N 161 -10.91 6.76 38.47
N ALA N 162 -11.14 7.85 37.73
CA ALA N 162 -10.54 8.04 36.42
C ALA N 162 -9.05 7.79 36.49
N ILE N 163 -8.40 8.32 37.52
CA ILE N 163 -6.96 8.12 37.67
C ILE N 163 -6.61 6.65 37.94
N LYS N 164 -7.54 5.96 38.60
CA LYS N 164 -7.38 4.58 38.98
C LYS N 164 -7.27 3.68 37.79
N TRP N 165 -8.28 3.80 36.94
CA TRP N 165 -8.37 2.99 35.76
C TRP N 165 -7.51 3.40 34.58
N ASP N 166 -7.52 4.69 34.24
CA ASP N 166 -6.75 5.18 33.12
C ASP N 166 -5.29 5.32 33.44
N GLY N 167 -4.44 4.77 32.58
CA GLY N 167 -3.02 4.85 32.81
C GLY N 167 -2.48 6.15 32.28
N SER N 168 -3.34 6.84 31.56
CA SER N 168 -2.95 8.11 30.99
C SER N 168 -3.30 9.26 31.92
N SER N 169 -3.69 8.93 33.14
CA SER N 169 -4.01 9.95 34.12
C SER N 169 -3.25 9.61 35.35
N GLY N 170 -3.07 10.58 36.23
CA GLY N 170 -2.34 10.30 37.43
C GLY N 170 -1.79 11.58 37.97
N GLY N 171 -0.88 11.45 38.93
CA GLY N 171 -0.27 12.62 39.53
C GLY N 171 -1.13 13.08 40.67
N VAL N 172 -1.39 14.39 40.71
CA VAL N 172 -2.20 15.01 41.76
C VAL N 172 -3.47 15.53 41.14
N ILE N 173 -4.47 15.85 41.94
CA ILE N 173 -5.71 16.39 41.40
C ILE N 173 -5.76 17.90 41.66
N ARG N 174 -5.80 18.69 40.61
CA ARG N 174 -5.88 20.12 40.77
C ARG N 174 -7.29 20.55 40.51
N MET N 175 -7.71 21.54 41.27
CA MET N 175 -9.02 22.10 41.07
C MET N 175 -8.83 23.59 41.11
N VAL N 176 -9.85 24.27 40.63
CA VAL N 176 -9.89 25.71 40.58
C VAL N 176 -11.34 26.07 40.89
N VAL N 177 -11.54 26.79 42.00
CA VAL N 177 -12.87 27.19 42.42
C VAL N 177 -13.13 28.62 41.97
N LEU N 178 -14.23 28.83 41.28
CA LEU N 178 -14.58 30.15 40.77
C LEU N 178 -15.91 30.58 41.30
N THR N 179 -15.91 31.56 42.20
CA THR N 179 -17.13 32.13 42.77
C THR N 179 -16.94 33.62 42.92
N ALA N 180 -17.98 34.30 43.42
CA ALA N 180 -17.94 35.75 43.64
C ALA N 180 -16.78 36.02 44.59
N ALA N 181 -16.56 35.08 45.49
CA ALA N 181 -15.48 35.18 46.46
C ALA N 181 -14.12 35.24 45.78
N GLY N 182 -14.08 34.97 44.48
CA GLY N 182 -12.81 35.00 43.79
C GLY N 182 -12.39 33.73 43.09
N VAL N 183 -11.11 33.41 43.28
CA VAL N 183 -10.43 32.29 42.64
C VAL N 183 -9.52 31.52 43.62
N GLU N 184 -9.85 30.26 43.91
CA GLU N 184 -9.04 29.45 44.83
C GLU N 184 -8.39 28.29 44.10
N ARG N 185 -7.16 27.99 44.50
CA ARG N 185 -6.39 26.92 43.92
C ARG N 185 -6.31 25.73 44.87
N LEU N 186 -6.87 24.61 44.46
CA LEU N 186 -6.86 23.41 45.28
C LEU N 186 -6.00 22.35 44.65
N ILE N 187 -5.44 21.51 45.49
CA ILE N 187 -4.62 20.42 45.04
C ILE N 187 -4.84 19.28 46.04
N PHE N 188 -4.76 18.04 45.57
CA PHE N 188 -4.94 16.86 46.41
C PHE N 188 -3.92 15.83 46.00
N TYR N 189 -3.15 15.35 46.96
CA TYR N 189 -2.10 14.37 46.70
C TYR N 189 -2.59 12.92 46.55
N PRO N 190 -1.79 12.06 45.91
CA PRO N 190 -2.17 10.67 45.73
C PRO N 190 -2.50 9.96 47.03
N ASP N 191 -1.61 10.08 48.00
CA ASP N 191 -1.82 9.45 49.30
C ASP N 191 -3.15 9.79 49.94
N GLU N 192 -3.91 10.73 49.39
CA GLU N 192 -5.20 11.07 49.96
C GLU N 192 -6.32 10.58 49.05
N TYR N 193 -6.24 10.90 47.75
CA TYR N 193 -7.27 10.49 46.81
C TYR N 193 -7.26 8.99 46.51
N GLU N 194 -6.08 8.39 46.44
CA GLU N 194 -5.98 6.98 46.13
C GLU N 194 -6.90 6.13 46.98
N GLN N 195 -6.78 6.24 48.30
CA GLN N 195 -7.65 5.44 49.15
C GLN N 195 -8.87 6.21 49.62
N LEU N 196 -9.78 6.45 48.67
CA LEU N 196 -11.02 7.14 48.94
C LEU N 196 -12.16 6.13 48.85
N MET O 1 -0.04 -52.60 17.28
CA MET O 1 -1.42 -52.08 17.06
C MET O 1 -1.60 -51.96 15.55
N THR O 2 -2.79 -51.51 15.12
CA THR O 2 -3.15 -51.30 13.71
C THR O 2 -3.63 -52.57 12.98
N ASP O 3 -4.62 -52.41 12.09
CA ASP O 3 -5.18 -53.51 11.31
C ASP O 3 -4.10 -53.99 10.35
N ARG O 4 -3.32 -54.96 10.77
CA ARG O 4 -2.28 -55.50 9.93
C ARG O 4 -2.82 -56.60 8.98
N TYR O 5 -4.12 -56.87 9.09
CA TYR O 5 -4.78 -57.85 8.25
C TYR O 5 -5.02 -57.22 6.88
N SER O 6 -3.96 -57.05 6.12
CA SER O 6 -4.06 -56.42 4.82
C SER O 6 -4.19 -57.37 3.64
N PHE O 7 -4.42 -58.65 3.89
CA PHE O 7 -4.51 -59.62 2.82
C PHE O 7 -5.92 -60.12 2.73
N SER O 8 -6.28 -60.72 1.60
CA SER O 8 -7.63 -61.23 1.42
C SER O 8 -7.93 -62.41 2.35
N LEU O 9 -9.14 -62.42 2.89
CA LEU O 9 -9.57 -63.50 3.75
C LEU O 9 -10.44 -64.47 2.96
N THR O 10 -10.67 -64.13 1.70
CA THR O 10 -11.43 -64.95 0.78
C THR O 10 -10.48 -65.17 -0.39
N THR O 11 -10.02 -66.38 -0.57
CA THR O 11 -9.11 -66.67 -1.65
C THR O 11 -9.67 -67.78 -2.51
N PHE O 12 -8.89 -68.27 -3.45
CA PHE O 12 -9.37 -69.35 -4.32
C PHE O 12 -8.86 -70.73 -3.85
N SER O 13 -9.77 -71.71 -3.80
CA SER O 13 -9.39 -73.06 -3.41
C SER O 13 -8.96 -73.73 -4.68
N PRO O 14 -8.26 -74.88 -4.60
CA PRO O 14 -7.83 -75.56 -5.83
C PRO O 14 -8.95 -76.04 -6.78
N SER O 15 -10.18 -76.05 -6.28
CA SER O 15 -11.31 -76.44 -7.09
C SER O 15 -11.94 -75.19 -7.71
N GLY O 16 -11.31 -74.04 -7.48
CA GLY O 16 -11.79 -72.78 -8.00
C GLY O 16 -12.92 -72.17 -7.19
N LYS O 17 -13.14 -72.66 -5.99
CA LYS O 17 -14.22 -72.09 -5.19
C LYS O 17 -13.69 -71.03 -4.26
N LEU O 18 -14.59 -70.12 -3.93
CA LEU O 18 -14.28 -69.07 -3.02
C LEU O 18 -15.03 -69.50 -1.76
N GLY O 19 -14.31 -70.20 -0.91
CA GLY O 19 -14.86 -70.73 0.31
C GLY O 19 -15.78 -69.80 1.08
N GLN O 20 -15.22 -68.70 1.56
CA GLN O 20 -15.98 -67.76 2.35
C GLN O 20 -17.28 -67.37 1.72
N ILE O 21 -17.31 -67.31 0.39
CA ILE O 21 -18.55 -66.92 -0.29
C ILE O 21 -19.59 -68.03 -0.20
N ASP O 22 -19.17 -69.26 -0.48
CA ASP O 22 -20.10 -70.40 -0.39
C ASP O 22 -20.65 -70.47 1.03
N TYR O 23 -19.75 -70.35 1.99
CA TYR O 23 -20.13 -70.37 3.40
C TYR O 23 -21.18 -69.31 3.72
N ALA O 24 -20.98 -68.08 3.22
CA ALA O 24 -21.95 -67.00 3.45
C ALA O 24 -23.30 -67.38 2.88
N LEU O 25 -23.27 -68.07 1.74
CA LEU O 25 -24.50 -68.52 1.12
C LEU O 25 -25.18 -69.55 2.04
N THR O 26 -24.40 -70.29 2.82
CA THR O 26 -25.01 -71.24 3.73
C THR O 26 -25.71 -70.48 4.84
N ALA O 27 -25.02 -69.49 5.38
CA ALA O 27 -25.59 -68.67 6.43
C ALA O 27 -26.93 -68.12 5.95
N VAL O 28 -26.96 -67.73 4.68
CA VAL O 28 -28.17 -67.19 4.11
C VAL O 28 -29.25 -68.25 4.19
N LYS O 29 -28.88 -69.46 3.77
CA LYS O 29 -29.78 -70.63 3.77
C LYS O 29 -30.45 -70.84 5.14
N GLN O 30 -29.68 -70.66 6.21
CA GLN O 30 -30.20 -70.83 7.55
C GLN O 30 -31.14 -69.69 7.94
N GLY O 31 -31.16 -68.60 7.17
CA GLY O 31 -32.00 -67.48 7.53
C GLY O 31 -33.46 -67.60 7.15
N VAL O 32 -34.34 -66.91 7.85
CA VAL O 32 -35.77 -66.97 7.58
C VAL O 32 -36.11 -66.63 6.13
N THR O 33 -37.26 -67.10 5.66
CA THR O 33 -37.68 -66.89 4.29
C THR O 33 -38.17 -65.47 4.03
N SER O 34 -37.86 -64.96 2.85
CA SER O 34 -38.28 -63.64 2.45
C SER O 34 -38.49 -63.76 0.97
N LEU O 35 -39.49 -63.08 0.46
CA LEU O 35 -39.76 -63.16 -0.95
C LEU O 35 -40.18 -61.83 -1.52
N GLY O 36 -40.27 -61.82 -2.84
CA GLY O 36 -40.67 -60.64 -3.55
C GLY O 36 -41.30 -61.11 -4.84
N ILE O 37 -42.45 -60.55 -5.15
CA ILE O 37 -43.17 -60.89 -6.36
C ILE O 37 -43.33 -59.57 -7.07
N LYS O 38 -43.19 -59.57 -8.38
CA LYS O 38 -43.35 -58.36 -9.14
C LYS O 38 -44.68 -58.37 -9.89
N ALA O 39 -45.49 -57.32 -9.76
CA ALA O 39 -46.78 -57.21 -10.46
C ALA O 39 -46.62 -56.32 -11.70
N THR O 40 -47.74 -56.01 -12.36
CA THR O 40 -47.68 -55.15 -13.55
C THR O 40 -47.68 -53.75 -13.04
N ASN O 41 -48.41 -53.53 -11.94
CA ASN O 41 -48.51 -52.21 -11.36
C ASN O 41 -48.00 -52.12 -9.93
N GLY O 42 -47.03 -52.95 -9.58
CA GLY O 42 -46.49 -52.91 -8.24
C GLY O 42 -45.50 -54.02 -7.97
N VAL O 43 -44.96 -54.07 -6.77
CA VAL O 43 -44.04 -55.11 -6.35
C VAL O 43 -44.23 -55.22 -4.86
N VAL O 44 -44.12 -56.44 -4.37
CA VAL O 44 -44.29 -56.69 -2.96
C VAL O 44 -43.14 -57.52 -2.48
N ILE O 45 -42.70 -57.23 -1.28
CA ILE O 45 -41.63 -57.96 -0.68
C ILE O 45 -42.17 -58.18 0.67
N ALA O 46 -41.93 -59.37 1.16
CA ALA O 46 -42.42 -59.72 2.46
C ALA O 46 -41.50 -60.72 3.05
N THR O 47 -41.73 -60.95 4.32
CA THR O 47 -40.95 -61.87 5.07
C THR O 47 -41.65 -62.09 6.40
N GLU O 48 -41.08 -62.97 7.21
CA GLU O 48 -41.65 -63.30 8.50
C GLU O 48 -40.90 -62.59 9.62
N LYS O 49 -41.62 -62.24 10.68
CA LYS O 49 -41.03 -61.59 11.83
C LYS O 49 -40.80 -62.64 12.87
N LYS O 50 -39.61 -63.22 12.84
CA LYS O 50 -39.25 -64.28 13.77
C LYS O 50 -39.03 -63.72 15.17
N SER O 51 -40.12 -63.37 15.84
CA SER O 51 -40.02 -62.83 17.18
C SER O 51 -39.22 -63.82 18.01
N SER O 52 -37.98 -63.46 18.36
CA SER O 52 -37.08 -64.31 19.15
C SER O 52 -37.39 -64.48 20.69
N SER O 53 -38.63 -64.11 21.08
CA SER O 53 -39.17 -64.17 22.45
C SER O 53 -40.46 -63.33 22.42
N PRO O 54 -41.47 -63.68 23.22
CA PRO O 54 -42.71 -62.89 23.21
C PRO O 54 -42.54 -61.62 24.02
N LEU O 55 -41.42 -61.52 24.75
CA LEU O 55 -41.14 -60.34 25.55
C LEU O 55 -40.61 -59.23 24.68
N ALA O 56 -39.96 -59.61 23.57
CA ALA O 56 -39.41 -58.67 22.64
C ALA O 56 -40.58 -58.00 21.94
N MET O 57 -40.35 -56.79 21.44
CA MET O 57 -41.38 -56.00 20.75
C MET O 57 -41.11 -56.04 19.26
N SER O 58 -41.95 -56.79 18.54
CA SER O 58 -41.82 -56.99 17.09
C SER O 58 -41.65 -55.75 16.22
N GLU O 59 -42.49 -54.76 16.46
CA GLU O 59 -42.48 -53.52 15.72
C GLU O 59 -41.12 -52.83 15.71
N THR O 60 -40.36 -52.92 16.80
CA THR O 60 -39.05 -52.29 16.92
C THR O 60 -37.94 -53.00 16.15
N LEU O 61 -38.28 -53.47 14.95
CA LEU O 61 -37.30 -54.17 14.13
C LEU O 61 -37.86 -54.20 12.73
N SER O 62 -37.24 -53.45 11.84
CA SER O 62 -37.71 -53.42 10.46
C SER O 62 -36.80 -54.32 9.65
N LYS O 63 -37.34 -55.45 9.19
CA LYS O 63 -36.55 -56.31 8.34
C LYS O 63 -36.68 -55.80 6.91
N VAL O 64 -37.76 -55.06 6.68
CA VAL O 64 -38.02 -54.43 5.38
C VAL O 64 -37.62 -52.96 5.54
N SER O 65 -36.71 -52.49 4.68
CA SER O 65 -36.25 -51.14 4.78
C SER O 65 -36.43 -50.31 3.52
N LEU O 66 -36.78 -49.05 3.70
CA LEU O 66 -36.94 -48.14 2.58
C LEU O 66 -35.58 -47.60 2.29
N LEU O 67 -35.13 -47.69 1.06
CA LEU O 67 -33.82 -47.19 0.71
C LEU O 67 -34.01 -45.75 0.19
N THR O 68 -34.97 -45.55 -0.71
CA THR O 68 -35.27 -44.23 -1.24
C THR O 68 -36.76 -44.22 -1.22
N PRO O 69 -37.39 -43.10 -1.56
CA PRO O 69 -38.87 -43.16 -1.52
C PRO O 69 -39.56 -44.03 -2.55
N ASP O 70 -38.78 -44.74 -3.34
CA ASP O 70 -39.33 -45.62 -4.39
C ASP O 70 -38.60 -46.95 -4.39
N ILE O 71 -37.79 -47.22 -3.36
CA ILE O 71 -37.05 -48.46 -3.29
C ILE O 71 -37.02 -49.05 -1.90
N GLY O 72 -37.14 -50.37 -1.86
CA GLY O 72 -37.10 -51.12 -0.62
C GLY O 72 -36.20 -52.34 -0.76
N ALA O 73 -35.86 -52.92 0.39
CA ALA O 73 -35.02 -54.10 0.42
C ALA O 73 -35.44 -54.94 1.60
N VAL O 74 -35.36 -56.25 1.44
CA VAL O 74 -35.68 -57.22 2.48
C VAL O 74 -34.55 -58.21 2.32
N TYR O 75 -34.35 -59.05 3.32
CA TYR O 75 -33.24 -59.99 3.26
C TYR O 75 -33.49 -61.38 3.87
N SER O 76 -32.40 -62.14 3.99
CA SER O 76 -32.40 -63.46 4.61
C SER O 76 -30.95 -63.76 4.86
N GLY O 77 -30.62 -64.06 6.12
CA GLY O 77 -29.24 -64.33 6.49
C GLY O 77 -28.94 -63.67 7.83
N MET O 78 -27.80 -63.01 7.94
CA MET O 78 -27.43 -62.35 9.18
C MET O 78 -27.91 -60.90 9.28
N GLY O 79 -29.00 -60.68 10.02
CA GLY O 79 -29.57 -59.35 10.22
C GLY O 79 -28.60 -58.18 10.42
N PRO O 80 -27.64 -58.27 11.34
CA PRO O 80 -26.72 -57.17 11.52
C PRO O 80 -26.05 -56.83 10.22
N ASP O 81 -25.53 -57.84 9.53
CA ASP O 81 -24.90 -57.59 8.26
C ASP O 81 -25.84 -56.79 7.38
N TYR O 82 -27.13 -57.08 7.47
CA TYR O 82 -28.12 -56.37 6.67
C TYR O 82 -28.24 -54.93 7.09
N ARG O 83 -28.57 -54.71 8.37
CA ARG O 83 -28.74 -53.38 8.93
C ARG O 83 -27.63 -52.43 8.48
N VAL O 84 -26.37 -52.84 8.60
CA VAL O 84 -25.33 -51.96 8.15
C VAL O 84 -25.37 -51.73 6.63
N LEU O 85 -25.84 -52.70 5.87
CA LEU O 85 -25.91 -52.56 4.41
C LEU O 85 -26.98 -51.56 4.03
N VAL O 86 -28.02 -51.46 4.83
CA VAL O 86 -29.08 -50.51 4.57
C VAL O 86 -28.52 -49.11 4.79
N ASP O 87 -27.86 -48.91 5.92
CA ASP O 87 -27.24 -47.65 6.25
C ASP O 87 -26.45 -47.20 5.02
N LYS O 88 -25.43 -47.97 4.68
CA LYS O 88 -24.59 -47.66 3.53
C LYS O 88 -25.43 -47.44 2.28
N SER O 89 -26.29 -48.39 1.94
CA SER O 89 -27.11 -48.24 0.74
C SER O 89 -27.90 -46.96 0.73
N ARG O 90 -28.38 -46.54 1.89
CA ARG O 90 -29.13 -45.33 1.98
C ARG O 90 -28.22 -44.15 1.78
N LYS O 91 -27.00 -44.24 2.30
CA LYS O 91 -26.08 -43.15 2.15
C LYS O 91 -25.65 -43.01 0.69
N VAL O 92 -25.20 -44.10 0.09
CA VAL O 92 -24.72 -44.09 -1.30
C VAL O 92 -25.73 -43.55 -2.33
N ALA O 93 -27.00 -43.73 -2.03
CA ALA O 93 -28.08 -43.25 -2.90
C ALA O 93 -28.02 -41.72 -2.95
N HIS O 94 -27.38 -41.12 -1.95
CA HIS O 94 -27.23 -39.68 -1.89
C HIS O 94 -25.86 -39.33 -2.41
N THR O 95 -24.83 -39.75 -1.74
CA THR O 95 -23.49 -39.39 -2.19
C THR O 95 -23.18 -39.68 -3.66
N SER O 96 -23.63 -40.83 -4.19
CA SER O 96 -23.32 -41.13 -5.58
C SER O 96 -24.44 -40.86 -6.53
N TYR O 97 -25.46 -40.16 -6.08
CA TYR O 97 -26.55 -39.88 -6.96
C TYR O 97 -27.40 -38.67 -6.66
N LYS O 98 -28.13 -38.60 -5.55
CA LYS O 98 -28.93 -37.39 -5.32
C LYS O 98 -28.14 -36.09 -5.16
N ARG O 99 -26.89 -36.18 -4.69
CA ARG O 99 -26.04 -35.00 -4.52
C ARG O 99 -25.34 -34.59 -5.82
N ILE O 100 -25.67 -35.26 -6.92
CA ILE O 100 -25.04 -34.97 -8.21
C ILE O 100 -26.05 -34.74 -9.30
N TYR O 101 -27.20 -35.39 -9.22
CA TYR O 101 -28.22 -35.27 -10.26
C TYR O 101 -29.53 -34.70 -9.72
N GLY O 102 -29.61 -34.47 -8.42
CA GLY O 102 -30.83 -33.90 -7.89
C GLY O 102 -32.05 -34.78 -7.90
N GLU O 103 -31.87 -36.06 -8.20
CA GLU O 103 -32.96 -37.04 -8.20
C GLU O 103 -32.44 -38.35 -7.64
N TYR O 104 -33.34 -39.15 -7.07
CA TYR O 104 -32.96 -40.42 -6.50
C TYR O 104 -32.53 -41.36 -7.60
N PRO O 105 -31.58 -42.26 -7.28
CA PRO O 105 -31.04 -43.24 -8.22
C PRO O 105 -32.06 -44.29 -8.61
N PRO O 106 -31.89 -44.87 -9.79
CA PRO O 106 -32.81 -45.90 -10.27
C PRO O 106 -32.43 -47.24 -9.62
N THR O 107 -33.45 -48.07 -9.41
CA THR O 107 -33.27 -49.37 -8.79
C THR O 107 -31.98 -50.09 -9.18
N LYS O 108 -31.83 -50.41 -10.46
CA LYS O 108 -30.64 -51.14 -10.90
C LYS O 108 -29.33 -50.50 -10.56
N LEU O 109 -29.32 -49.17 -10.47
CA LEU O 109 -28.08 -48.49 -10.17
C LEU O 109 -27.81 -48.56 -8.72
N LEU O 110 -28.85 -48.34 -7.93
CA LEU O 110 -28.69 -48.42 -6.49
C LEU O 110 -28.25 -49.82 -6.17
N VAL O 111 -28.92 -50.77 -6.79
CA VAL O 111 -28.62 -52.15 -6.61
C VAL O 111 -27.17 -52.36 -6.97
N SER O 112 -26.80 -51.79 -8.10
CA SER O 112 -25.45 -51.87 -8.61
C SER O 112 -24.48 -51.35 -7.54
N GLU O 113 -24.90 -50.33 -6.81
CA GLU O 113 -24.04 -49.76 -5.80
C GLU O 113 -23.92 -50.74 -4.66
N VAL O 114 -25.07 -51.17 -4.12
CA VAL O 114 -25.06 -52.13 -3.01
C VAL O 114 -24.18 -53.31 -3.34
N ALA O 115 -24.40 -53.87 -4.51
CA ALA O 115 -23.63 -55.02 -4.96
C ALA O 115 -22.15 -54.79 -4.90
N LYS O 116 -21.71 -53.62 -5.33
CA LYS O 116 -20.29 -53.33 -5.33
C LYS O 116 -19.71 -53.43 -3.94
N ILE O 117 -20.49 -53.02 -2.93
CA ILE O 117 -19.98 -53.06 -1.55
C ILE O 117 -19.75 -54.49 -1.15
N MET O 118 -20.77 -55.31 -1.38
CA MET O 118 -20.70 -56.70 -1.05
C MET O 118 -19.47 -57.32 -1.72
N GLN O 119 -19.24 -57.00 -2.98
CA GLN O 119 -18.07 -57.55 -3.68
C GLN O 119 -16.84 -57.22 -2.92
N GLU O 120 -16.71 -55.98 -2.49
CA GLU O 120 -15.51 -55.57 -1.79
C GLU O 120 -15.17 -56.40 -0.58
N ALA O 121 -16.21 -56.86 0.10
CA ALA O 121 -16.08 -57.71 1.29
C ALA O 121 -15.60 -59.10 0.92
N THR O 122 -15.55 -59.36 -0.38
CA THR O 122 -15.13 -60.62 -0.95
C THR O 122 -13.67 -60.53 -1.38
N GLN O 123 -13.12 -59.34 -1.43
CA GLN O 123 -11.75 -59.24 -1.90
C GLN O 123 -10.85 -58.35 -1.08
N SER O 124 -11.41 -57.31 -0.47
CA SER O 124 -10.61 -56.38 0.37
C SER O 124 -9.86 -57.17 1.43
N GLY O 125 -8.72 -56.64 1.85
CA GLY O 125 -7.93 -57.29 2.86
C GLY O 125 -8.68 -57.19 4.17
N GLY O 126 -8.50 -58.20 5.04
CA GLY O 126 -9.09 -58.21 6.36
C GLY O 126 -10.56 -58.34 6.64
N VAL O 127 -11.40 -58.66 5.67
CA VAL O 127 -12.82 -58.81 6.01
C VAL O 127 -13.37 -60.14 5.53
N ARG O 128 -14.60 -60.43 5.96
CA ARG O 128 -15.33 -61.65 5.61
C ARG O 128 -16.57 -61.21 4.82
N PRO O 129 -16.98 -61.97 3.80
CA PRO O 129 -18.16 -61.56 3.05
C PRO O 129 -19.35 -61.32 3.95
N PHE O 130 -20.37 -60.67 3.42
CA PHE O 130 -21.56 -60.40 4.21
C PHE O 130 -22.34 -61.68 4.18
N GLY O 131 -22.95 -62.03 5.30
CA GLY O 131 -23.74 -63.24 5.34
C GLY O 131 -25.19 -62.95 5.03
N VAL O 132 -25.44 -62.24 3.93
CA VAL O 132 -26.82 -61.94 3.54
C VAL O 132 -27.04 -61.99 2.04
N SER O 133 -28.32 -61.98 1.68
CA SER O 133 -28.80 -61.97 0.30
C SER O 133 -29.97 -60.99 0.44
N LEU O 134 -30.15 -60.08 -0.52
CA LEU O 134 -31.26 -59.15 -0.40
C LEU O 134 -32.13 -59.13 -1.61
N LEU O 135 -33.35 -58.70 -1.39
CA LEU O 135 -34.30 -58.57 -2.46
C LEU O 135 -34.60 -57.12 -2.39
N ILE O 136 -34.27 -56.43 -3.47
CA ILE O 136 -34.50 -55.02 -3.56
C ILE O 136 -35.54 -54.77 -4.63
N ALA O 137 -36.58 -54.05 -4.24
CA ALA O 137 -37.66 -53.77 -5.15
C ALA O 137 -37.87 -52.26 -5.27
N GLY O 138 -38.05 -51.79 -6.49
CA GLY O 138 -38.25 -50.38 -6.68
C GLY O 138 -38.92 -50.06 -7.98
N HIS O 139 -38.93 -48.78 -8.26
CA HIS O 139 -39.53 -48.24 -9.45
C HIS O 139 -38.82 -46.96 -9.77
N ASP O 140 -38.75 -46.64 -11.04
CA ASP O 140 -38.10 -45.41 -11.43
C ASP O 140 -38.73 -45.03 -12.75
N GLU O 141 -38.95 -43.73 -12.94
CA GLU O 141 -39.59 -43.22 -14.15
C GLU O 141 -39.22 -43.90 -15.46
N PHE O 142 -37.95 -44.27 -15.63
CA PHE O 142 -37.51 -44.87 -16.90
C PHE O 142 -37.41 -46.40 -17.06
N ASN O 143 -37.53 -47.16 -15.98
CA ASN O 143 -37.45 -48.61 -16.07
C ASN O 143 -38.71 -49.30 -15.60
N GLY O 144 -39.62 -48.51 -15.05
CA GLY O 144 -40.87 -49.08 -14.56
C GLY O 144 -40.58 -49.74 -13.24
N PHE O 145 -41.18 -50.91 -13.02
CA PHE O 145 -41.01 -51.66 -11.77
C PHE O 145 -39.96 -52.75 -11.91
N SER O 146 -39.21 -52.99 -10.84
CA SER O 146 -38.22 -54.06 -10.87
C SER O 146 -38.09 -54.76 -9.52
N LEU O 147 -37.32 -55.85 -9.51
CA LEU O 147 -37.10 -56.66 -8.32
C LEU O 147 -35.74 -57.31 -8.51
N TYR O 148 -34.84 -57.13 -7.56
CA TYR O 148 -33.51 -57.69 -7.69
C TYR O 148 -33.09 -58.45 -6.45
N GLN O 149 -32.19 -59.40 -6.67
CA GLN O 149 -31.66 -60.21 -5.61
C GLN O 149 -30.16 -59.98 -5.68
N VAL O 150 -29.53 -59.79 -4.53
CA VAL O 150 -28.08 -59.57 -4.47
C VAL O 150 -27.44 -60.55 -3.48
N ASP O 151 -26.48 -61.33 -3.98
CA ASP O 151 -25.83 -62.36 -3.17
C ASP O 151 -24.52 -61.87 -2.62
N PRO O 152 -24.03 -62.55 -1.59
CA PRO O 152 -22.77 -62.25 -0.92
C PRO O 152 -21.58 -62.17 -1.86
N SER O 153 -21.68 -62.76 -3.04
CA SER O 153 -20.55 -62.71 -3.95
C SER O 153 -20.56 -61.33 -4.57
N GLY O 154 -21.75 -60.75 -4.60
CA GLY O 154 -21.97 -59.45 -5.17
C GLY O 154 -22.71 -59.56 -6.49
N SER O 155 -23.23 -60.73 -6.80
CA SER O 155 -23.98 -60.89 -8.03
C SER O 155 -25.41 -60.48 -7.76
N TYR O 156 -26.07 -59.92 -8.76
CA TYR O 156 -27.47 -59.53 -8.62
C TYR O 156 -28.17 -59.94 -9.90
N PHE O 157 -29.47 -60.17 -9.82
CA PHE O 157 -30.26 -60.57 -11.01
C PHE O 157 -31.67 -60.15 -10.74
N PRO O 158 -32.41 -59.80 -11.81
CA PRO O 158 -33.80 -59.37 -11.71
C PRO O 158 -34.70 -60.58 -11.76
N TRP O 159 -35.84 -60.48 -11.10
CA TRP O 159 -36.78 -61.58 -11.02
C TRP O 159 -38.22 -61.15 -11.27
N LYS O 160 -39.04 -62.11 -11.71
CA LYS O 160 -40.45 -61.86 -11.94
C LYS O 160 -41.02 -62.08 -10.56
N ALA O 161 -40.36 -62.97 -9.83
CA ALA O 161 -40.70 -63.33 -8.46
C ALA O 161 -39.61 -64.29 -8.02
N THR O 162 -39.40 -64.38 -6.71
CA THR O 162 -38.43 -65.31 -6.12
C THR O 162 -38.59 -65.26 -4.62
N ALA O 163 -37.83 -66.10 -3.95
CA ALA O 163 -37.82 -66.18 -2.50
C ALA O 163 -36.40 -66.61 -2.17
N ILE O 164 -35.97 -66.30 -0.95
CA ILE O 164 -34.62 -66.66 -0.53
C ILE O 164 -34.67 -67.14 0.89
N GLY O 165 -33.64 -67.86 1.30
CA GLY O 165 -33.55 -68.39 2.64
C GLY O 165 -34.12 -69.80 2.81
N LYS O 166 -34.43 -70.14 4.06
CA LYS O 166 -34.99 -71.43 4.49
C LYS O 166 -35.86 -72.16 3.44
N GLY O 167 -37.12 -71.73 3.34
CA GLY O 167 -38.03 -72.36 2.42
C GLY O 167 -37.95 -71.79 1.03
N SER O 168 -36.73 -71.51 0.56
CA SER O 168 -36.59 -70.96 -0.77
C SER O 168 -37.17 -71.89 -1.82
N VAL O 169 -36.53 -73.03 -2.03
CA VAL O 169 -36.98 -73.94 -3.05
C VAL O 169 -38.47 -74.19 -3.11
N ALA O 170 -39.07 -74.55 -2.00
CA ALA O 170 -40.50 -74.79 -2.01
C ALA O 170 -41.24 -73.58 -2.52
N ALA O 171 -40.86 -72.43 -1.99
CA ALA O 171 -41.47 -71.15 -2.35
C ALA O 171 -41.23 -70.78 -3.80
N LYS O 172 -40.00 -70.96 -4.27
CA LYS O 172 -39.68 -70.65 -5.65
C LYS O 172 -40.66 -71.48 -6.49
N THR O 173 -40.80 -72.75 -6.12
CA THR O 173 -41.69 -73.66 -6.83
C THR O 173 -43.15 -73.20 -6.74
N PHE O 174 -43.60 -72.76 -5.57
CA PHE O 174 -44.98 -72.30 -5.47
C PHE O 174 -45.26 -71.07 -6.35
N LEU O 175 -44.31 -70.14 -6.39
CA LEU O 175 -44.47 -68.93 -7.20
C LEU O 175 -44.57 -69.23 -8.71
N GLU O 176 -43.70 -70.11 -9.22
CA GLU O 176 -43.69 -70.49 -10.64
C GLU O 176 -45.04 -70.90 -11.22
N LYS O 177 -45.95 -71.38 -10.38
CA LYS O 177 -47.28 -71.80 -10.82
C LYS O 177 -48.29 -70.66 -10.81
N ARG O 178 -48.28 -69.88 -9.73
CA ARG O 178 -49.18 -68.76 -9.57
C ARG O 178 -48.85 -67.53 -10.42
N TRP O 179 -47.57 -67.21 -10.54
CA TRP O 179 -47.15 -66.04 -11.29
C TRP O 179 -47.49 -66.06 -12.77
N ASN O 180 -47.75 -64.87 -13.29
CA ASN O 180 -48.06 -64.65 -14.69
C ASN O 180 -47.91 -63.14 -14.91
N ASP O 181 -47.74 -62.70 -16.16
CA ASP O 181 -47.56 -61.28 -16.41
C ASP O 181 -48.77 -60.33 -16.51
N GLU O 182 -49.86 -60.65 -15.82
CA GLU O 182 -51.04 -59.78 -15.84
C GLU O 182 -51.59 -59.62 -14.42
N LEU O 183 -50.71 -59.81 -13.45
CA LEU O 183 -51.04 -59.72 -12.05
C LEU O 183 -51.16 -58.29 -11.52
N GLU O 184 -52.29 -57.98 -10.93
CA GLU O 184 -52.48 -56.67 -10.36
C GLU O 184 -51.95 -56.80 -8.93
N LEU O 185 -51.23 -55.80 -8.45
CA LEU O 185 -50.65 -55.83 -7.12
C LEU O 185 -51.42 -56.57 -6.01
N GLU O 186 -52.71 -56.28 -5.82
CA GLU O 186 -53.49 -56.95 -4.78
C GLU O 186 -53.36 -58.46 -4.83
N ASP O 187 -53.36 -58.98 -6.05
CA ASP O 187 -53.26 -60.40 -6.29
C ASP O 187 -51.88 -60.92 -5.93
N ALA O 188 -50.84 -60.14 -6.21
CA ALA O 188 -49.48 -60.55 -5.87
C ALA O 188 -49.31 -60.52 -4.36
N ILE O 189 -49.92 -59.55 -3.73
CA ILE O 189 -49.85 -59.42 -2.29
C ILE O 189 -50.38 -60.73 -1.79
N HIS O 190 -51.58 -61.03 -2.25
CA HIS O 190 -52.28 -62.25 -1.92
C HIS O 190 -51.33 -63.43 -2.08
N ILE O 191 -50.83 -63.62 -3.30
CA ILE O 191 -49.90 -64.71 -3.57
C ILE O 191 -48.74 -64.72 -2.59
N ALA O 192 -48.17 -63.54 -2.35
CA ALA O 192 -47.05 -63.43 -1.43
C ALA O 192 -47.50 -63.96 -0.08
N LEU O 193 -48.70 -63.57 0.32
CA LEU O 193 -49.22 -64.02 1.60
C LEU O 193 -49.33 -65.51 1.65
N LEU O 194 -49.78 -66.10 0.55
CA LEU O 194 -49.94 -67.55 0.48
C LEU O 194 -48.58 -68.18 0.59
N THR O 195 -47.69 -67.77 -0.30
CA THR O 195 -46.33 -68.28 -0.31
C THR O 195 -45.68 -68.20 1.05
N LEU O 196 -45.87 -67.06 1.70
CA LEU O 196 -45.28 -66.86 2.99
C LEU O 196 -45.86 -67.85 3.99
N LYS O 197 -47.18 -68.04 3.93
CA LYS O 197 -47.84 -68.95 4.85
C LYS O 197 -47.18 -70.32 4.93
N GLU O 198 -46.86 -70.91 3.79
CA GLU O 198 -46.25 -72.25 3.77
C GLU O 198 -44.87 -72.37 4.43
N SER O 199 -44.11 -71.28 4.51
CA SER O 199 -42.80 -71.32 5.14
C SER O 199 -42.98 -71.11 6.64
N VAL O 200 -43.92 -70.24 6.98
CA VAL O 200 -44.23 -69.92 8.36
C VAL O 200 -44.69 -71.17 9.09
N GLU O 201 -43.93 -71.49 10.13
CA GLU O 201 -44.19 -72.65 10.97
C GLU O 201 -45.40 -72.48 11.89
N GLY O 202 -45.45 -71.41 12.68
CA GLY O 202 -46.56 -71.20 13.61
C GLY O 202 -47.61 -70.13 13.38
N GLU O 203 -47.52 -69.04 14.14
CA GLU O 203 -48.46 -67.91 14.06
C GLU O 203 -48.35 -67.19 12.73
N PHE O 204 -49.47 -66.76 12.19
CA PHE O 204 -49.44 -66.08 10.92
C PHE O 204 -50.49 -65.00 11.00
N ASN O 205 -50.02 -63.76 11.04
CA ASN O 205 -50.87 -62.59 11.11
C ASN O 205 -50.01 -61.34 10.93
N GLY O 206 -50.65 -60.18 10.87
CA GLY O 206 -49.92 -58.95 10.69
C GLY O 206 -48.83 -58.63 11.71
N ASP O 207 -48.79 -59.38 12.81
CA ASP O 207 -47.80 -59.11 13.85
C ASP O 207 -46.57 -59.98 13.67
N THR O 208 -46.61 -60.86 12.67
CA THR O 208 -45.52 -61.77 12.41
C THR O 208 -45.09 -61.70 10.97
N ILE O 209 -45.80 -60.92 10.18
CA ILE O 209 -45.51 -60.77 8.78
C ILE O 209 -45.15 -59.33 8.51
N GLU O 210 -44.08 -59.13 7.76
CA GLU O 210 -43.65 -57.80 7.39
C GLU O 210 -43.68 -57.83 5.89
N LEU O 211 -44.67 -57.18 5.34
CA LEU O 211 -44.84 -57.14 3.91
C LEU O 211 -44.92 -55.70 3.51
N ALA O 212 -44.16 -55.39 2.48
CA ALA O 212 -44.13 -54.04 1.97
C ALA O 212 -44.28 -54.08 0.48
N ILE O 213 -44.74 -52.96 -0.06
CA ILE O 213 -44.96 -52.83 -1.50
C ILE O 213 -44.30 -51.59 -2.07
N ILE O 214 -44.15 -51.60 -3.38
CA ILE O 214 -43.60 -50.50 -4.16
C ILE O 214 -44.71 -50.37 -5.20
N GLY O 215 -45.58 -49.36 -5.09
CA GLY O 215 -46.65 -49.22 -6.05
C GLY O 215 -46.96 -47.83 -6.59
N ASP O 216 -48.20 -47.41 -6.41
CA ASP O 216 -48.64 -46.10 -6.85
C ASP O 216 -48.08 -45.00 -5.96
N GLU O 217 -48.12 -43.76 -6.44
CA GLU O 217 -47.62 -42.63 -5.67
C GLU O 217 -48.61 -42.23 -4.57
N ASN O 218 -48.08 -42.03 -3.37
CA ASN O 218 -48.85 -41.67 -2.18
C ASN O 218 -48.57 -40.27 -1.64
N PRO O 219 -49.31 -39.26 -2.10
CA PRO O 219 -49.11 -37.89 -1.64
C PRO O 219 -49.40 -37.66 -0.15
N ASP O 220 -50.30 -38.42 0.44
CA ASP O 220 -50.61 -38.24 1.85
C ASP O 220 -49.44 -38.58 2.77
N LEU O 221 -48.39 -39.16 2.19
CA LEU O 221 -47.23 -39.54 2.96
C LEU O 221 -46.03 -38.63 2.70
N LEU O 222 -46.22 -37.62 1.85
CA LEU O 222 -45.16 -36.67 1.50
C LEU O 222 -44.81 -35.76 2.66
N GLY O 223 -45.84 -35.26 3.32
CA GLY O 223 -45.62 -34.39 4.47
C GLY O 223 -45.76 -32.92 4.16
N TYR O 224 -45.92 -32.60 2.87
CA TYR O 224 -46.08 -31.22 2.40
C TYR O 224 -46.86 -31.15 1.11
N THR O 225 -47.45 -29.99 0.85
CA THR O 225 -48.20 -29.78 -0.38
C THR O 225 -47.73 -28.48 -1.02
N GLY O 226 -47.85 -28.40 -2.33
CA GLY O 226 -47.45 -27.20 -3.05
C GLY O 226 -46.46 -27.34 -4.20
N ILE O 227 -45.89 -28.53 -4.39
CA ILE O 227 -44.94 -28.74 -5.48
C ILE O 227 -45.40 -29.90 -6.38
N PRO O 228 -45.90 -29.60 -7.59
CA PRO O 228 -46.38 -30.60 -8.58
C PRO O 228 -45.40 -31.44 -9.43
N THR O 229 -44.31 -31.92 -8.83
CA THR O 229 -43.34 -32.77 -9.54
C THR O 229 -43.04 -33.94 -8.59
N ASP O 230 -42.95 -33.61 -7.31
CA ASP O 230 -42.72 -34.59 -6.25
C ASP O 230 -44.15 -35.06 -5.93
N LYS O 231 -44.60 -36.12 -6.60
CA LYS O 231 -45.95 -36.67 -6.42
C LYS O 231 -46.17 -37.56 -5.18
N GLY O 232 -45.07 -37.97 -4.53
CA GLY O 232 -45.18 -38.80 -3.35
C GLY O 232 -44.37 -40.08 -3.46
N PRO O 233 -43.99 -40.69 -2.31
CA PRO O 233 -43.21 -41.93 -2.31
C PRO O 233 -44.05 -43.12 -2.76
N ARG O 234 -43.45 -44.02 -3.53
CA ARG O 234 -44.16 -45.20 -4.00
C ARG O 234 -44.07 -46.41 -3.05
N PHE O 235 -43.13 -46.37 -2.12
CA PHE O 235 -42.92 -47.45 -1.18
C PHE O 235 -43.83 -47.31 0.01
N ARG O 236 -44.54 -48.36 0.34
CA ARG O 236 -45.43 -48.30 1.50
C ARG O 236 -45.26 -49.58 2.28
N LYS O 237 -45.15 -49.46 3.59
CA LYS O 237 -45.05 -50.64 4.43
C LYS O 237 -46.51 -50.91 4.81
N LEU O 238 -46.95 -52.15 4.64
CA LEU O 238 -48.34 -52.49 4.98
C LEU O 238 -48.51 -52.55 6.50
N THR O 239 -49.66 -52.12 7.00
CA THR O 239 -49.89 -52.17 8.44
C THR O 239 -50.35 -53.55 8.87
N SER O 240 -50.26 -53.83 10.17
CA SER O 240 -50.69 -55.10 10.68
C SER O 240 -52.12 -55.29 10.20
N GLN O 241 -52.98 -54.31 10.50
CA GLN O 241 -54.38 -54.37 10.08
C GLN O 241 -54.55 -54.70 8.60
N GLU O 242 -53.89 -53.94 7.73
CA GLU O 242 -54.01 -54.18 6.30
C GLU O 242 -53.62 -55.60 5.89
N ILE O 243 -52.67 -56.19 6.60
CA ILE O 243 -52.27 -57.55 6.30
C ILE O 243 -53.41 -58.49 6.71
N ASN O 244 -53.88 -58.37 7.95
CA ASN O 244 -54.97 -59.22 8.43
C ASN O 244 -56.18 -59.22 7.53
N ASP O 245 -56.58 -58.05 7.05
CA ASP O 245 -57.74 -57.94 6.16
C ASP O 245 -57.58 -58.82 4.93
N ARG O 246 -56.34 -59.04 4.53
CA ARG O 246 -56.08 -59.87 3.38
C ARG O 246 -55.90 -61.30 3.85
N LEU O 247 -55.55 -61.48 5.12
CA LEU O 247 -55.36 -62.82 5.68
C LEU O 247 -56.72 -63.47 5.85
N GLU O 248 -57.68 -62.67 6.28
CA GLU O 248 -59.05 -63.13 6.48
C GLU O 248 -59.79 -63.35 5.15
N ALA O 249 -59.02 -63.44 4.08
CA ALA O 249 -59.53 -63.68 2.72
C ALA O 249 -58.51 -64.65 2.13
N LEU O 250 -58.29 -65.74 2.86
CA LEU O 250 -57.35 -66.80 2.52
C LEU O 250 -57.85 -67.72 1.40
N GLY P 1 0.28 -63.44 16.44
CA GLY P 1 0.44 -62.36 15.40
C GLY P 1 -0.64 -62.33 14.34
N SER P 2 -0.37 -61.70 13.21
CA SER P 2 -1.36 -61.62 12.14
C SER P 2 -0.93 -62.48 10.95
N ARG P 3 0.38 -62.61 10.72
CA ARG P 3 0.92 -63.42 9.62
C ARG P 3 0.24 -64.78 9.62
N ARG P 4 -0.07 -65.26 10.82
CA ARG P 4 -0.72 -66.54 11.03
C ARG P 4 -1.85 -66.83 10.03
N TYR P 5 -2.68 -65.83 9.76
CA TYR P 5 -3.83 -66.02 8.88
C TYR P 5 -3.64 -65.53 7.45
N ASP P 6 -2.40 -65.42 6.99
CA ASP P 6 -2.12 -64.95 5.64
C ASP P 6 -1.91 -66.08 4.62
N SER P 7 -2.73 -66.07 3.57
CA SER P 7 -2.65 -67.09 2.52
C SER P 7 -1.56 -66.89 1.46
N ARG P 8 -0.94 -65.72 1.41
CA ARG P 8 0.12 -65.42 0.44
C ARG P 8 -0.40 -65.63 -0.99
N THR P 9 -1.37 -64.83 -1.39
CA THR P 9 -1.95 -64.97 -2.70
C THR P 9 -1.06 -64.70 -3.91
N THR P 10 0.15 -64.20 -3.72
CA THR P 10 0.99 -63.89 -4.87
C THR P 10 2.29 -64.62 -4.85
N ILE P 11 2.27 -65.87 -4.46
CA ILE P 11 3.52 -66.60 -4.44
C ILE P 11 3.60 -67.64 -5.57
N PHE P 12 4.83 -68.10 -5.79
CA PHE P 12 5.14 -69.09 -6.80
C PHE P 12 5.15 -70.51 -6.22
N SER P 13 4.72 -71.47 -7.02
CA SER P 13 4.75 -72.86 -6.61
C SER P 13 6.19 -73.30 -6.89
N PRO P 14 6.57 -74.52 -6.49
CA PRO P 14 7.95 -74.96 -6.76
C PRO P 14 8.14 -75.09 -8.26
N GLU P 15 7.00 -75.16 -8.94
CA GLU P 15 6.94 -75.29 -10.39
C GLU P 15 6.85 -73.94 -11.14
N GLY P 16 7.01 -72.84 -10.43
CA GLY P 16 6.97 -71.54 -11.10
C GLY P 16 5.62 -71.18 -11.65
N ARG P 17 4.57 -71.53 -10.93
CA ARG P 17 3.22 -71.23 -11.35
C ARG P 17 2.61 -70.45 -10.21
N LEU P 18 1.58 -69.66 -10.53
CA LEU P 18 0.92 -68.86 -9.53
C LEU P 18 -0.37 -69.51 -9.09
N TYR P 19 -0.35 -70.08 -7.90
CA TYR P 19 -1.50 -70.76 -7.34
C TYR P 19 -2.78 -70.03 -7.64
N GLN P 20 -2.98 -68.91 -6.96
CA GLN P 20 -4.19 -68.13 -7.14
C GLN P 20 -4.61 -67.87 -8.56
N VAL P 21 -3.65 -67.75 -9.47
CA VAL P 21 -4.00 -67.53 -10.86
C VAL P 21 -4.56 -68.84 -11.42
N GLU P 22 -3.78 -69.91 -11.28
CA GLU P 22 -4.20 -71.23 -11.75
C GLU P 22 -5.56 -71.57 -11.17
N TYR P 23 -5.73 -71.36 -9.87
CA TYR P 23 -6.99 -71.67 -9.23
C TYR P 23 -8.15 -70.80 -9.69
N ALA P 24 -7.86 -69.58 -10.12
CA ALA P 24 -8.90 -68.65 -10.61
C ALA P 24 -9.39 -69.14 -11.98
N LEU P 25 -8.42 -69.52 -12.83
CA LEU P 25 -8.70 -70.04 -14.15
C LEU P 25 -9.70 -71.19 -14.01
N GLU P 26 -9.43 -72.06 -13.04
CA GLU P 26 -10.30 -73.19 -12.76
C GLU P 26 -11.72 -72.70 -12.43
N SER P 27 -11.82 -71.66 -11.64
CA SER P 27 -13.12 -71.12 -11.27
C SER P 27 -13.81 -70.74 -12.56
N ILE P 28 -13.08 -70.07 -13.42
CA ILE P 28 -13.63 -69.59 -14.67
C ILE P 28 -14.15 -70.68 -15.59
N SER P 29 -13.47 -71.82 -15.61
CA SER P 29 -13.92 -72.93 -16.46
C SER P 29 -15.30 -73.49 -16.08
N HIS P 30 -15.86 -73.07 -14.95
CA HIS P 30 -17.19 -73.55 -14.58
C HIS P 30 -18.25 -72.53 -14.99
N ALA P 31 -17.77 -71.45 -15.61
CA ALA P 31 -18.66 -70.37 -16.03
C ALA P 31 -19.23 -70.53 -17.41
N GLY P 32 -20.39 -69.92 -17.62
CA GLY P 32 -21.06 -69.95 -18.91
C GLY P 32 -20.08 -69.69 -20.02
N THR P 33 -20.27 -70.36 -21.15
CA THR P 33 -19.37 -70.19 -22.26
C THR P 33 -19.62 -68.88 -23.02
N ALA P 34 -18.53 -68.21 -23.37
CA ALA P 34 -18.61 -66.98 -24.13
C ALA P 34 -17.74 -67.19 -25.32
N ILE P 35 -18.19 -66.66 -26.44
CA ILE P 35 -17.49 -66.82 -27.67
C ILE P 35 -17.39 -65.51 -28.41
N GLY P 36 -16.29 -65.37 -29.11
CA GLY P 36 -16.06 -64.22 -29.94
C GLY P 36 -15.57 -64.66 -31.30
N ILE P 37 -16.25 -64.24 -32.37
CA ILE P 37 -15.82 -64.61 -33.71
C ILE P 37 -15.67 -63.35 -34.54
N MET P 38 -14.48 -63.22 -35.11
CA MET P 38 -14.14 -62.07 -35.90
C MET P 38 -14.32 -62.35 -37.39
N ALA P 39 -15.09 -61.49 -38.03
CA ALA P 39 -15.37 -61.58 -39.45
C ALA P 39 -14.61 -60.51 -40.22
N SER P 40 -14.93 -60.36 -41.50
CA SER P 40 -14.28 -59.37 -42.37
C SER P 40 -15.05 -58.07 -42.37
N ASP P 41 -16.20 -58.08 -41.74
CA ASP P 41 -17.05 -56.92 -41.71
C ASP P 41 -17.80 -56.91 -40.40
N GLY P 42 -17.16 -57.42 -39.37
CA GLY P 42 -17.82 -57.46 -38.08
C GLY P 42 -17.18 -58.43 -37.11
N ILE P 43 -17.77 -58.48 -35.92
CA ILE P 43 -17.33 -59.35 -34.84
C ILE P 43 -18.59 -59.75 -34.09
N VAL P 44 -18.66 -61.03 -33.71
CA VAL P 44 -19.82 -61.53 -32.98
C VAL P 44 -19.35 -61.96 -31.65
N LEU P 45 -20.15 -61.67 -30.66
CA LEU P 45 -19.86 -62.05 -29.31
C LEU P 45 -21.14 -62.71 -28.96
N ALA P 46 -21.02 -63.91 -28.41
CA ALA P 46 -22.18 -64.69 -27.99
C ALA P 46 -21.80 -65.34 -26.69
N ALA P 47 -22.77 -65.46 -25.80
CA ALA P 47 -22.54 -66.07 -24.52
C ALA P 47 -23.76 -66.83 -24.06
N GLU P 48 -23.47 -67.91 -23.34
CA GLU P 48 -24.43 -68.83 -22.79
C GLU P 48 -24.54 -68.43 -21.32
N ARG P 49 -25.75 -68.17 -20.87
CA ARG P 49 -25.97 -67.78 -19.48
C ARG P 49 -26.05 -68.95 -18.50
N LYS P 50 -25.48 -68.75 -17.31
CA LYS P 50 -25.48 -69.74 -16.22
C LYS P 50 -26.47 -69.19 -15.18
N VAL P 51 -27.23 -70.06 -14.53
CA VAL P 51 -28.25 -69.70 -13.52
C VAL P 51 -29.50 -69.14 -14.23
N THR P 52 -30.46 -70.04 -14.43
CA THR P 52 -31.70 -69.71 -15.12
C THR P 52 -32.93 -70.24 -14.37
N SER P 53 -34.10 -69.75 -14.75
CA SER P 53 -35.35 -70.16 -14.13
C SER P 53 -36.47 -69.60 -14.95
N THR P 54 -37.67 -70.09 -14.68
CA THR P 54 -38.86 -69.66 -15.38
C THR P 54 -39.08 -68.19 -15.02
N LEU P 55 -38.77 -67.85 -13.78
CA LEU P 55 -38.97 -66.50 -13.25
C LEU P 55 -37.93 -65.41 -13.53
N LEU P 56 -36.71 -65.80 -13.89
CA LEU P 56 -35.68 -64.82 -14.16
C LEU P 56 -36.08 -63.91 -15.34
N GLU P 57 -36.00 -62.61 -15.16
CA GLU P 57 -36.36 -61.66 -16.21
C GLU P 57 -35.22 -61.50 -17.19
N GLN P 58 -35.36 -62.03 -18.40
CA GLN P 58 -34.28 -61.90 -19.39
C GLN P 58 -34.29 -60.57 -20.15
N ASP P 59 -35.45 -59.93 -20.22
CA ASP P 59 -35.61 -58.66 -20.93
C ASP P 59 -34.56 -57.65 -20.49
N THR P 60 -34.73 -57.16 -19.26
CA THR P 60 -33.83 -56.19 -18.68
C THR P 60 -32.66 -56.89 -17.96
N SER P 61 -31.89 -57.67 -18.71
CA SER P 61 -30.74 -58.38 -18.16
C SER P 61 -29.55 -58.30 -19.09
N THR P 62 -28.38 -58.25 -18.48
CA THR P 62 -27.12 -58.15 -19.21
C THR P 62 -26.06 -58.63 -18.23
N GLU P 63 -25.90 -59.94 -18.15
CA GLU P 63 -24.92 -60.48 -17.23
C GLU P 63 -23.65 -60.97 -17.88
N LYS P 64 -23.51 -60.83 -19.20
CA LYS P 64 -22.29 -61.32 -19.84
C LYS P 64 -21.67 -60.48 -20.94
N LEU P 65 -22.49 -59.63 -21.57
CA LEU P 65 -22.04 -58.77 -22.66
C LEU P 65 -22.13 -57.32 -22.23
N TYR P 66 -20.98 -56.66 -22.13
CA TYR P 66 -20.95 -55.29 -21.69
C TYR P 66 -20.27 -54.38 -22.68
N LYS P 67 -20.81 -53.17 -22.72
CA LYS P 67 -20.33 -52.11 -23.60
C LYS P 67 -19.24 -51.35 -22.84
N LEU P 68 -18.05 -51.25 -23.42
CA LEU P 68 -16.95 -50.53 -22.78
C LEU P 68 -16.95 -49.08 -23.23
N ASN P 69 -17.26 -48.86 -24.51
CA ASN P 69 -17.32 -47.54 -25.12
C ASN P 69 -18.03 -47.80 -26.43
N ASP P 70 -18.36 -46.78 -27.20
CA ASP P 70 -19.08 -47.01 -28.46
C ASP P 70 -18.39 -47.91 -29.53
N LYS P 71 -17.10 -48.20 -29.38
CA LYS P 71 -16.41 -49.03 -30.37
C LYS P 71 -15.85 -50.33 -29.82
N ILE P 72 -16.09 -50.63 -28.55
CA ILE P 72 -15.53 -51.81 -27.93
C ILE P 72 -16.48 -52.38 -26.93
N ALA P 73 -16.54 -53.71 -26.84
CA ALA P 73 -17.40 -54.36 -25.87
C ALA P 73 -16.64 -55.57 -25.42
N VAL P 74 -17.07 -56.15 -24.30
CA VAL P 74 -16.45 -57.33 -23.75
C VAL P 74 -17.51 -58.36 -23.41
N ALA P 75 -17.09 -59.64 -23.43
CA ALA P 75 -17.94 -60.77 -23.01
C ALA P 75 -17.19 -61.28 -21.79
N VAL P 76 -17.94 -61.60 -20.74
CA VAL P 76 -17.38 -62.05 -19.47
C VAL P 76 -17.53 -63.52 -19.12
N ALA P 77 -16.51 -64.09 -18.49
CA ALA P 77 -16.58 -65.48 -18.01
C ALA P 77 -15.99 -65.49 -16.62
N GLY P 78 -16.83 -65.58 -15.60
CA GLY P 78 -16.29 -65.62 -14.27
C GLY P 78 -17.29 -65.05 -13.31
N LEU P 79 -16.79 -64.44 -12.25
CA LEU P 79 -17.63 -63.84 -11.23
C LEU P 79 -18.18 -62.56 -11.83
N THR P 80 -19.49 -62.42 -11.86
CA THR P 80 -20.06 -61.23 -12.45
C THR P 80 -19.71 -59.95 -11.71
N ALA P 81 -19.58 -60.04 -10.39
CA ALA P 81 -19.26 -58.85 -9.64
C ALA P 81 -17.82 -58.43 -9.91
N ASP P 82 -16.87 -59.34 -9.81
CA ASP P 82 -15.46 -59.02 -10.08
C ASP P 82 -15.39 -58.38 -11.47
N ALA P 83 -16.29 -58.81 -12.34
CA ALA P 83 -16.33 -58.30 -13.69
C ALA P 83 -16.64 -56.83 -13.67
N GLU P 84 -17.78 -56.48 -13.09
CA GLU P 84 -18.20 -55.10 -13.03
C GLU P 84 -17.12 -54.15 -12.51
N ILE P 85 -16.35 -54.59 -11.54
CA ILE P 85 -15.28 -53.74 -11.03
C ILE P 85 -14.31 -53.39 -12.14
N LEU P 86 -13.85 -54.39 -12.88
CA LEU P 86 -12.90 -54.15 -13.96
C LEU P 86 -13.48 -53.35 -15.14
N ILE P 87 -14.77 -53.56 -15.36
CA ILE P 87 -15.49 -52.89 -16.43
C ILE P 87 -15.58 -51.42 -16.11
N ASN P 88 -16.10 -51.10 -14.94
CA ASN P 88 -16.24 -49.71 -14.59
C ASN P 88 -14.92 -49.00 -14.69
N THR P 89 -13.82 -49.66 -14.39
CA THR P 89 -12.56 -48.96 -14.53
C THR P 89 -12.07 -48.89 -15.96
N ALA P 90 -12.42 -49.88 -16.75
CA ALA P 90 -11.97 -49.87 -18.13
C ALA P 90 -12.69 -48.78 -18.88
N ARG P 91 -13.98 -48.63 -18.59
CA ARG P 91 -14.81 -47.62 -19.20
C ARG P 91 -14.17 -46.25 -18.95
N ILE P 92 -13.72 -46.03 -17.72
CA ILE P 92 -13.07 -44.80 -17.31
C ILE P 92 -11.75 -44.60 -18.05
N HIS P 93 -10.87 -45.58 -18.07
CA HIS P 93 -9.63 -45.38 -18.80
C HIS P 93 -9.91 -45.03 -20.25
N ALA P 94 -11.06 -45.45 -20.77
CA ALA P 94 -11.42 -45.12 -22.15
C ALA P 94 -11.64 -43.61 -22.25
N GLN P 95 -12.53 -43.11 -21.41
CA GLN P 95 -12.85 -41.71 -21.36
C GLN P 95 -11.64 -40.84 -21.07
N ASN P 96 -10.73 -41.28 -20.21
CA ASN P 96 -9.53 -40.48 -19.96
C ASN P 96 -8.74 -40.31 -21.24
N TYR P 97 -8.46 -41.42 -21.94
CA TYR P 97 -7.71 -41.38 -23.21
C TYR P 97 -8.36 -40.37 -24.15
N LEU P 98 -9.67 -40.43 -24.23
CA LEU P 98 -10.44 -39.55 -25.06
C LEU P 98 -10.16 -38.09 -24.67
N LYS P 99 -10.47 -37.71 -23.43
CA LYS P 99 -10.21 -36.34 -22.98
C LYS P 99 -8.79 -35.92 -23.27
N THR P 100 -7.83 -36.74 -22.89
CA THR P 100 -6.46 -36.38 -23.13
C THR P 100 -6.06 -36.18 -24.57
N TYR P 101 -6.54 -37.05 -25.47
CA TYR P 101 -6.10 -36.98 -26.86
C TYR P 101 -7.19 -36.68 -27.87
N ASN P 102 -8.40 -36.58 -27.40
CA ASN P 102 -9.53 -36.33 -28.27
C ASN P 102 -9.72 -37.33 -29.42
N GLU P 103 -9.28 -38.55 -29.19
CA GLU P 103 -9.41 -39.64 -30.14
C GLU P 103 -9.94 -40.79 -29.33
N ASP P 104 -10.74 -41.67 -29.94
CA ASP P 104 -11.23 -42.81 -29.21
C ASP P 104 -9.99 -43.67 -28.91
N ILE P 105 -10.04 -44.42 -27.82
CA ILE P 105 -8.92 -45.27 -27.44
C ILE P 105 -8.74 -46.54 -28.25
N PRO P 106 -7.50 -46.79 -28.71
CA PRO P 106 -7.17 -47.98 -29.49
C PRO P 106 -7.52 -49.20 -28.65
N VAL P 107 -8.20 -50.15 -29.25
CA VAL P 107 -8.64 -51.34 -28.56
C VAL P 107 -7.55 -51.99 -27.74
N GLU P 108 -6.39 -52.16 -28.32
CA GLU P 108 -5.32 -52.83 -27.61
C GLU P 108 -4.85 -52.09 -26.41
N ILE P 109 -4.85 -50.77 -26.47
CA ILE P 109 -4.39 -49.99 -25.33
C ILE P 109 -5.35 -50.25 -24.20
N LEU P 110 -6.63 -50.14 -24.46
CA LEU P 110 -7.62 -50.36 -23.43
C LEU P 110 -7.37 -51.73 -22.83
N VAL P 111 -7.27 -52.73 -23.70
CA VAL P 111 -7.02 -54.12 -23.32
C VAL P 111 -5.76 -54.26 -22.48
N ARG P 112 -4.64 -53.77 -22.99
CA ARG P 112 -3.39 -53.87 -22.26
C ARG P 112 -3.51 -53.26 -20.88
N ARG P 113 -4.20 -52.13 -20.77
CA ARG P 113 -4.32 -51.50 -19.49
C ARG P 113 -5.03 -52.45 -18.53
N LEU P 114 -6.15 -53.01 -18.96
CA LEU P 114 -6.94 -53.93 -18.13
C LEU P 114 -6.10 -55.11 -17.74
N SER P 115 -5.34 -55.64 -18.69
CA SER P 115 -4.48 -56.77 -18.38
C SER P 115 -3.45 -56.42 -17.34
N ASP P 116 -3.01 -55.16 -17.33
CA ASP P 116 -2.03 -54.68 -16.36
C ASP P 116 -2.61 -54.57 -14.97
N ILE P 117 -3.87 -54.23 -14.87
CA ILE P 117 -4.53 -54.16 -13.57
C ILE P 117 -4.57 -55.55 -12.95
N LYS P 118 -4.86 -56.56 -13.78
CA LYS P 118 -4.90 -57.97 -13.35
C LYS P 118 -3.52 -58.45 -12.96
N GLN P 119 -2.51 -58.22 -13.79
CA GLN P 119 -1.16 -58.63 -13.42
C GLN P 119 -0.74 -58.11 -12.06
N GLY P 120 -1.32 -56.99 -11.64
CA GLY P 120 -0.96 -56.43 -10.35
C GLY P 120 -1.30 -57.36 -9.21
N TYR P 121 -2.55 -57.78 -9.18
CA TYR P 121 -3.04 -58.68 -8.16
C TYR P 121 -2.20 -59.96 -8.16
N THR P 122 -1.45 -60.18 -9.22
CA THR P 122 -0.56 -61.32 -9.40
C THR P 122 0.78 -61.13 -8.74
N GLN P 123 1.21 -59.88 -8.61
CA GLN P 123 2.53 -59.65 -8.09
C GLN P 123 2.68 -58.91 -6.80
N HIS P 124 1.63 -58.25 -6.34
CA HIS P 124 1.78 -57.55 -5.08
C HIS P 124 0.45 -57.20 -4.50
N GLY P 125 0.44 -56.90 -3.21
CA GLY P 125 -0.80 -56.52 -2.57
C GLY P 125 -1.39 -57.54 -1.62
N GLY P 126 -1.21 -58.82 -1.93
CA GLY P 126 -1.74 -59.89 -1.08
C GLY P 126 -3.25 -60.12 -1.14
N LEU P 127 -3.86 -59.81 -2.29
CA LEU P 127 -5.31 -59.99 -2.46
C LEU P 127 -5.60 -61.07 -3.49
N ARG P 128 -6.81 -61.63 -3.46
CA ARG P 128 -7.15 -62.67 -4.41
C ARG P 128 -7.37 -61.98 -5.72
N PRO P 129 -7.05 -62.65 -6.84
CA PRO P 129 -7.23 -62.09 -8.18
C PRO P 129 -8.70 -61.97 -8.47
N PHE P 130 -9.04 -61.53 -9.67
CA PHE P 130 -10.44 -61.45 -10.04
C PHE P 130 -10.67 -62.72 -10.80
N GLY P 131 -11.78 -63.40 -10.51
CA GLY P 131 -12.08 -64.63 -11.22
C GLY P 131 -12.85 -64.28 -12.46
N VAL P 132 -12.17 -63.65 -13.39
CA VAL P 132 -12.80 -63.19 -14.63
C VAL P 132 -11.88 -63.29 -15.81
N SER P 133 -12.49 -63.53 -16.97
CA SER P 133 -11.75 -63.59 -18.22
C SER P 133 -12.60 -62.83 -19.18
N PHE P 134 -11.95 -62.12 -20.08
CA PHE P 134 -12.64 -61.30 -21.05
C PHE P 134 -12.30 -61.59 -22.47
N ILE P 135 -13.31 -61.38 -23.31
CA ILE P 135 -13.18 -61.47 -24.75
C ILE P 135 -13.60 -60.05 -25.14
N TYR P 136 -12.70 -59.28 -25.73
CA TYR P 136 -12.99 -57.91 -26.12
C TYR P 136 -13.24 -57.89 -27.59
N ALA P 137 -14.30 -57.21 -28.00
CA ALA P 137 -14.60 -57.08 -29.41
C ALA P 137 -14.55 -55.58 -29.67
N GLY P 138 -13.61 -55.15 -30.49
CA GLY P 138 -13.53 -53.73 -30.74
C GLY P 138 -13.00 -53.32 -32.09
N TYR P 139 -13.27 -52.09 -32.45
CA TYR P 139 -12.83 -51.53 -33.73
C TYR P 139 -11.97 -50.29 -33.56
N ASP P 140 -11.00 -50.10 -34.44
CA ASP P 140 -10.18 -48.91 -34.40
C ASP P 140 -9.48 -48.59 -35.69
N ASP P 141 -9.24 -47.31 -35.94
CA ASP P 141 -8.59 -46.80 -37.15
C ASP P 141 -7.24 -47.41 -37.48
N ARG P 142 -6.58 -48.05 -36.51
CA ARG P 142 -5.26 -48.62 -36.77
C ARG P 142 -5.20 -50.12 -37.07
N TYR P 143 -6.21 -50.88 -36.65
CA TYR P 143 -6.22 -52.31 -36.89
C TYR P 143 -7.59 -52.83 -37.26
N GLY P 144 -8.57 -51.95 -37.24
CA GLY P 144 -9.92 -52.31 -37.57
C GLY P 144 -10.62 -53.23 -36.58
N TYR P 145 -10.93 -54.42 -37.05
CA TYR P 145 -11.60 -55.40 -36.24
C TYR P 145 -10.60 -56.16 -35.44
N GLN P 146 -10.88 -56.23 -34.14
CA GLN P 146 -10.01 -56.92 -33.22
C GLN P 146 -10.80 -57.68 -32.21
N LEU P 147 -10.19 -58.79 -31.78
CA LEU P 147 -10.75 -59.69 -30.78
C LEU P 147 -9.53 -60.11 -29.97
N TYR P 148 -9.64 -59.89 -28.66
CA TYR P 148 -8.56 -60.22 -27.73
C TYR P 148 -9.18 -60.96 -26.58
N THR P 149 -8.31 -61.44 -25.72
CA THR P 149 -8.79 -62.15 -24.56
C THR P 149 -7.81 -61.90 -23.40
N SER P 150 -8.34 -61.81 -22.19
CA SER P 150 -7.50 -61.61 -21.02
C SER P 150 -8.09 -62.50 -19.94
N ASN P 151 -7.19 -62.94 -19.06
CA ASN P 151 -7.53 -63.82 -17.94
C ASN P 151 -6.77 -63.36 -16.69
N PRO P 152 -7.02 -63.99 -15.54
CA PRO P 152 -6.39 -63.68 -14.26
C PRO P 152 -4.88 -63.48 -14.18
N SER P 153 -4.12 -64.06 -15.10
CA SER P 153 -2.68 -63.91 -15.04
C SER P 153 -2.26 -62.60 -15.64
N GLY P 154 -3.22 -61.86 -16.17
CA GLY P 154 -2.92 -60.57 -16.78
C GLY P 154 -2.29 -60.68 -18.17
N ASN P 155 -2.40 -61.86 -18.75
CA ASN P 155 -1.86 -62.07 -20.08
C ASN P 155 -3.01 -61.90 -21.07
N TYR P 156 -2.71 -61.33 -22.24
CA TYR P 156 -3.72 -61.12 -23.28
C TYR P 156 -3.13 -61.50 -24.63
N THR P 157 -4.03 -61.83 -25.57
CA THR P 157 -3.64 -62.26 -26.91
C THR P 157 -4.80 -61.97 -27.84
N GLY P 158 -4.51 -61.95 -29.14
CA GLY P 158 -5.53 -61.68 -30.16
C GLY P 158 -6.06 -62.92 -30.85
N TRP P 159 -7.30 -62.90 -31.30
CA TRP P 159 -7.91 -64.07 -31.92
C TRP P 159 -8.83 -63.83 -33.12
N LYS P 160 -8.99 -64.87 -33.96
CA LYS P 160 -9.88 -64.80 -35.11
C LYS P 160 -11.25 -65.27 -34.62
N ALA P 161 -11.22 -66.23 -33.70
CA ALA P 161 -12.44 -66.74 -33.07
C ALA P 161 -11.90 -67.30 -31.76
N ILE P 162 -12.69 -67.21 -30.71
CA ILE P 162 -12.22 -67.70 -29.45
C ILE P 162 -13.39 -67.85 -28.50
N SER P 163 -13.12 -68.50 -27.39
CA SER P 163 -14.15 -68.75 -26.41
C SER P 163 -13.48 -68.80 -25.05
N VAL P 164 -14.28 -68.57 -24.02
CA VAL P 164 -13.78 -68.63 -22.67
C VAL P 164 -14.91 -69.19 -21.83
N GLY P 165 -14.54 -69.72 -20.67
CA GLY P 165 -15.52 -70.30 -19.78
C GLY P 165 -15.47 -71.81 -19.83
N ALA P 166 -16.65 -72.42 -19.73
CA ALA P 166 -16.77 -73.86 -19.76
C ALA P 166 -16.62 -74.44 -21.14
N ASN P 167 -16.00 -75.61 -21.21
CA ASN P 167 -15.84 -76.34 -22.48
C ASN P 167 -15.00 -75.68 -23.56
N THR P 168 -13.98 -74.95 -23.15
CA THR P 168 -13.14 -74.28 -24.12
C THR P 168 -12.55 -75.22 -25.15
N SER P 169 -11.99 -76.33 -24.70
CA SER P 169 -11.39 -77.30 -25.61
C SER P 169 -12.37 -77.81 -26.65
N ALA P 170 -13.60 -78.08 -26.22
CA ALA P 170 -14.61 -78.56 -27.14
C ALA P 170 -14.88 -77.49 -28.20
N ALA P 171 -15.33 -76.34 -27.73
CA ALA P 171 -15.65 -75.21 -28.57
C ALA P 171 -14.49 -74.81 -29.45
N GLN P 172 -13.31 -74.75 -28.86
CA GLN P 172 -12.16 -74.37 -29.63
C GLN P 172 -12.00 -75.33 -30.79
N THR P 173 -12.08 -76.61 -30.50
CA THR P 173 -11.94 -77.62 -31.54
C THR P 173 -12.98 -77.41 -32.63
N LEU P 174 -14.23 -77.17 -32.25
CA LEU P 174 -15.27 -76.93 -33.24
C LEU P 174 -15.00 -75.69 -34.08
N LEU P 175 -14.48 -74.63 -33.45
CA LEU P 175 -14.18 -73.38 -34.14
C LEU P 175 -13.03 -73.59 -35.12
N GLN P 176 -11.98 -74.30 -34.71
CA GLN P 176 -10.84 -74.59 -35.59
C GLN P 176 -11.32 -75.42 -36.80
N MET P 177 -12.43 -76.11 -36.60
CA MET P 177 -13.02 -76.95 -37.62
C MET P 177 -13.69 -76.16 -38.74
N ASP P 178 -14.73 -75.40 -38.39
CA ASP P 178 -15.50 -74.62 -39.37
C ASP P 178 -15.17 -73.13 -39.67
N TYR P 179 -14.17 -72.55 -39.01
CA TYR P 179 -13.83 -71.14 -39.26
C TYR P 179 -12.87 -71.01 -40.43
N LYS P 180 -13.07 -69.95 -41.23
CA LYS P 180 -12.22 -69.67 -42.38
C LYS P 180 -11.99 -68.15 -42.57
N ASP P 181 -10.73 -67.77 -42.76
CA ASP P 181 -10.33 -66.37 -42.93
C ASP P 181 -11.30 -65.41 -43.56
N ASP P 182 -11.96 -65.84 -44.63
CA ASP P 182 -12.90 -64.96 -45.30
C ASP P 182 -14.36 -65.17 -44.95
N MET P 183 -14.67 -65.16 -43.66
CA MET P 183 -16.06 -65.33 -43.24
C MET P 183 -16.84 -64.02 -43.30
N LYS P 184 -18.11 -64.08 -42.95
CA LYS P 184 -18.97 -62.91 -42.98
C LYS P 184 -19.81 -62.93 -41.71
N VAL P 185 -20.20 -61.76 -41.22
CA VAL P 185 -20.97 -61.63 -39.99
C VAL P 185 -22.16 -62.58 -39.83
N ASP P 186 -23.06 -62.61 -40.80
CA ASP P 186 -24.22 -63.49 -40.73
C ASP P 186 -23.80 -64.95 -40.59
N ASP P 187 -22.63 -65.28 -41.12
CA ASP P 187 -22.11 -66.64 -41.03
C ASP P 187 -21.48 -66.91 -39.65
N ALA P 188 -20.69 -65.96 -39.15
CA ALA P 188 -20.04 -66.08 -37.84
C ALA P 188 -21.05 -66.23 -36.74
N ILE P 189 -22.19 -65.56 -36.90
CA ILE P 189 -23.25 -65.66 -35.92
C ILE P 189 -23.66 -67.11 -35.85
N GLU P 190 -23.97 -67.67 -37.02
CA GLU P 190 -24.35 -69.06 -37.15
C GLU P 190 -23.30 -69.90 -36.44
N LEU P 191 -22.04 -69.77 -36.85
CA LEU P 191 -20.96 -70.53 -36.24
C LEU P 191 -21.02 -70.37 -34.73
N ALA P 192 -21.02 -69.14 -34.26
CA ALA P 192 -21.07 -68.84 -32.85
C ALA P 192 -22.14 -69.68 -32.20
N LEU P 193 -23.35 -69.59 -32.73
CA LEU P 193 -24.49 -70.35 -32.21
C LEU P 193 -24.31 -71.86 -32.24
N LYS P 194 -23.82 -72.37 -33.37
CA LYS P 194 -23.59 -73.79 -33.51
C LYS P 194 -22.67 -74.23 -32.39
N THR P 195 -21.54 -73.57 -32.29
CA THR P 195 -20.58 -73.94 -31.27
C THR P 195 -21.25 -74.00 -29.91
N LEU P 196 -21.97 -72.95 -29.55
CA LEU P 196 -22.62 -72.97 -28.25
C LEU P 196 -23.49 -74.21 -28.17
N SER P 197 -24.28 -74.46 -29.20
CA SER P 197 -25.16 -75.63 -29.28
C SER P 197 -24.57 -76.98 -28.90
N LYS P 198 -23.32 -77.20 -29.28
CA LYS P 198 -22.69 -78.47 -29.00
C LYS P 198 -21.85 -78.54 -27.72
N THR P 199 -21.69 -77.41 -27.04
CA THR P 199 -20.93 -77.38 -25.79
C THR P 199 -21.87 -77.16 -24.61
N THR P 200 -23.06 -76.68 -24.88
CA THR P 200 -24.03 -76.43 -23.83
C THR P 200 -24.18 -77.63 -22.91
N ASP P 201 -24.19 -77.39 -21.60
CA ASP P 201 -24.37 -78.48 -20.63
C ASP P 201 -25.85 -78.67 -20.38
N SER P 202 -26.68 -78.03 -21.21
CA SER P 202 -28.13 -78.14 -21.07
C SER P 202 -28.72 -78.92 -22.23
N SER P 203 -30.05 -79.07 -22.21
CA SER P 203 -30.79 -79.79 -23.24
C SER P 203 -30.78 -79.10 -24.61
N ALA P 204 -31.42 -77.93 -24.68
CA ALA P 204 -31.49 -77.17 -25.91
C ALA P 204 -31.14 -75.70 -25.68
N LEU P 205 -30.54 -75.11 -26.71
CA LEU P 205 -30.14 -73.73 -26.65
C LEU P 205 -31.37 -72.89 -26.91
N THR P 206 -31.89 -72.27 -25.86
CA THR P 206 -33.04 -71.40 -25.99
C THR P 206 -32.60 -69.92 -25.99
N TYR P 207 -33.49 -69.03 -26.40
CA TYR P 207 -33.20 -67.60 -26.46
C TYR P 207 -32.88 -67.03 -25.09
N ASP P 208 -33.72 -67.34 -24.12
CA ASP P 208 -33.54 -66.86 -22.78
C ASP P 208 -32.19 -67.25 -22.17
N ARG P 209 -31.49 -68.21 -22.78
CA ARG P 209 -30.21 -68.64 -22.26
C ARG P 209 -29.05 -68.02 -23.02
N LEU P 210 -29.37 -67.09 -23.90
CA LEU P 210 -28.31 -66.50 -24.66
C LEU P 210 -28.21 -64.99 -24.61
N GLU P 211 -27.04 -64.51 -24.96
CA GLU P 211 -26.77 -63.11 -25.04
C GLU P 211 -25.93 -63.08 -26.31
N PHE P 212 -26.31 -62.19 -27.22
CA PHE P 212 -25.60 -62.08 -28.48
C PHE P 212 -25.26 -60.63 -28.75
N ALA P 213 -24.13 -60.41 -29.41
CA ALA P 213 -23.69 -59.05 -29.72
C ALA P 213 -22.85 -59.00 -30.97
N THR P 214 -23.03 -57.93 -31.75
CA THR P 214 -22.29 -57.74 -32.97
C THR P 214 -21.78 -56.32 -33.11
N ILE P 215 -20.62 -56.18 -33.72
CA ILE P 215 -20.00 -54.90 -33.95
C ILE P 215 -19.82 -54.78 -35.47
N ARG P 216 -20.79 -54.15 -36.13
CA ARG P 216 -20.74 -53.99 -37.60
C ARG P 216 -20.44 -52.59 -38.08
N LYS P 217 -19.64 -52.49 -39.15
CA LYS P 217 -19.31 -51.21 -39.76
C LYS P 217 -20.17 -51.14 -41.02
N GLY P 218 -21.45 -50.84 -40.84
CA GLY P 218 -22.38 -50.75 -41.96
C GLY P 218 -21.86 -49.87 -43.08
N ALA P 219 -22.07 -50.28 -44.34
CA ALA P 219 -21.60 -49.53 -45.51
C ALA P 219 -22.28 -48.16 -45.73
N ASN P 220 -23.59 -48.11 -45.50
CA ASN P 220 -24.36 -46.86 -45.66
C ASN P 220 -24.38 -46.11 -44.33
N ASP P 221 -23.25 -45.49 -43.98
CA ASP P 221 -23.09 -44.73 -42.74
C ASP P 221 -21.62 -44.30 -42.59
N GLY P 222 -20.82 -45.14 -41.93
CA GLY P 222 -19.41 -44.85 -41.68
C GLY P 222 -19.02 -45.15 -40.24
N GLU P 223 -19.94 -44.88 -39.31
CA GLU P 223 -19.72 -45.10 -37.87
C GLU P 223 -19.91 -46.59 -37.53
N VAL P 224 -19.00 -47.12 -36.74
CA VAL P 224 -19.06 -48.51 -36.34
C VAL P 224 -20.26 -48.65 -35.41
N TYR P 225 -21.21 -49.49 -35.78
CA TYR P 225 -22.39 -49.68 -34.95
C TYR P 225 -22.21 -50.89 -34.02
N GLN P 226 -22.70 -50.75 -32.80
CA GLN P 226 -22.65 -51.79 -31.80
C GLN P 226 -24.09 -52.11 -31.52
N LYS P 227 -24.45 -53.37 -31.72
CA LYS P 227 -25.82 -53.77 -31.49
C LYS P 227 -25.81 -54.93 -30.54
N ILE P 228 -26.41 -54.73 -29.37
CA ILE P 228 -26.52 -55.79 -28.39
C ILE P 228 -27.94 -56.33 -28.59
N PHE P 229 -28.00 -57.53 -29.16
CA PHE P 229 -29.24 -58.20 -29.50
C PHE P 229 -30.25 -58.30 -28.37
N LYS P 230 -31.50 -58.00 -28.70
CA LYS P 230 -32.61 -58.05 -27.76
C LYS P 230 -33.24 -59.44 -27.83
N PRO P 231 -33.73 -59.96 -26.70
CA PRO P 231 -34.37 -61.27 -26.61
C PRO P 231 -35.11 -61.74 -27.86
N GLN P 232 -36.05 -60.93 -28.33
CA GLN P 232 -36.81 -61.30 -29.52
C GLN P 232 -35.86 -61.59 -30.68
N GLU P 233 -34.85 -60.76 -30.84
CA GLU P 233 -33.87 -60.91 -31.93
C GLU P 233 -32.98 -62.14 -31.81
N ILE P 234 -32.73 -62.60 -30.58
CA ILE P 234 -31.93 -63.81 -30.37
C ILE P 234 -32.81 -64.94 -30.87
N LYS P 235 -34.07 -64.96 -30.43
CA LYS P 235 -35.04 -65.97 -30.83
C LYS P 235 -35.04 -66.07 -32.36
N ASP P 236 -35.13 -64.91 -33.01
CA ASP P 236 -35.13 -64.85 -34.46
C ASP P 236 -33.87 -65.43 -35.08
N ILE P 237 -32.73 -64.83 -34.77
CA ILE P 237 -31.46 -65.29 -35.33
C ILE P 237 -31.29 -66.79 -35.08
N LEU P 238 -31.92 -67.28 -34.01
CA LEU P 238 -31.85 -68.70 -33.64
C LEU P 238 -32.68 -69.59 -34.57
N VAL P 239 -33.85 -69.10 -34.96
CA VAL P 239 -34.74 -69.84 -35.86
C VAL P 239 -34.13 -69.89 -37.25
N LYS P 240 -33.61 -68.74 -37.67
CA LYS P 240 -32.98 -68.63 -38.97
C LYS P 240 -31.96 -69.76 -39.07
N THR P 241 -31.05 -69.81 -38.10
CA THR P 241 -30.02 -70.83 -38.06
C THR P 241 -30.62 -72.24 -37.99
N GLY P 242 -31.86 -72.33 -37.54
CA GLY P 242 -32.53 -73.62 -37.49
C GLY P 242 -32.54 -74.34 -36.17
N ILE P 243 -31.84 -73.82 -35.16
CA ILE P 243 -31.84 -74.47 -33.85
C ILE P 243 -33.27 -74.46 -33.35
N THR P 244 -33.97 -73.36 -33.66
CA THR P 244 -35.38 -73.16 -33.30
C THR P 244 -35.61 -73.10 -31.77
N GLY Q 1 0.22 -51.11 2.94
CA GLY Q 1 0.01 -51.93 4.14
C GLY Q 1 0.58 -53.33 3.98
N TYR Q 2 0.29 -53.98 2.86
CA TYR Q 2 0.78 -55.31 2.66
C TYR Q 2 2.29 -55.35 2.51
N ASP Q 3 2.99 -55.85 3.52
CA ASP Q 3 4.44 -55.89 3.51
C ASP Q 3 5.08 -57.23 3.93
N ARG Q 4 4.41 -58.35 3.69
CA ARG Q 4 4.96 -59.66 4.06
C ARG Q 4 6.25 -59.95 3.31
N ALA Q 5 7.26 -60.45 4.01
CA ALA Q 5 8.51 -60.79 3.36
C ALA Q 5 8.24 -62.09 2.61
N LEU Q 6 8.21 -62.03 1.29
CA LEU Q 6 7.97 -63.23 0.51
C LEU Q 6 9.29 -63.86 0.10
N SER Q 7 10.25 -63.06 -0.35
CA SER Q 7 11.53 -63.64 -0.69
C SER Q 7 12.28 -63.61 0.63
N ILE Q 8 12.60 -64.77 1.18
CA ILE Q 8 13.33 -64.83 2.44
C ILE Q 8 14.28 -65.96 2.34
N PHE Q 9 15.16 -66.07 3.32
CA PHE Q 9 16.14 -67.13 3.30
C PHE Q 9 15.61 -68.38 3.95
N SER Q 10 16.01 -69.52 3.40
CA SER Q 10 15.62 -70.83 3.94
C SER Q 10 16.91 -71.43 4.50
N PRO Q 11 16.80 -72.39 5.43
CA PRO Q 11 17.94 -73.06 6.07
C PRO Q 11 19.24 -73.28 5.28
N ASP Q 12 19.15 -73.42 3.96
CA ASP Q 12 20.34 -73.68 3.16
C ASP Q 12 20.96 -72.49 2.42
N GLY Q 13 20.36 -71.30 2.56
CA GLY Q 13 20.87 -70.10 1.89
C GLY Q 13 20.25 -69.84 0.53
N HIS Q 14 19.03 -70.29 0.34
CA HIS Q 14 18.36 -70.10 -0.93
C HIS Q 14 17.18 -69.20 -0.72
N ILE Q 15 16.82 -68.48 -1.76
CA ILE Q 15 15.68 -67.64 -1.65
C ILE Q 15 14.78 -68.34 -2.61
N PHE Q 16 13.89 -69.12 -2.03
CA PHE Q 16 13.01 -69.90 -2.85
C PHE Q 16 12.27 -69.14 -3.89
N GLN Q 17 11.47 -68.15 -3.51
CA GLN Q 17 10.71 -67.41 -4.50
C GLN Q 17 11.53 -66.94 -5.67
N VAL Q 18 12.81 -66.65 -5.43
CA VAL Q 18 13.69 -66.22 -6.50
C VAL Q 18 13.96 -67.44 -7.38
N GLU Q 19 14.32 -68.53 -6.74
CA GLU Q 19 14.58 -69.76 -7.47
C GLU Q 19 13.36 -70.25 -8.23
N TYR Q 20 12.19 -70.24 -7.60
CA TYR Q 20 10.96 -70.66 -8.26
C TYR Q 20 10.65 -69.76 -9.44
N ALA Q 21 11.10 -68.51 -9.40
CA ALA Q 21 10.89 -67.60 -10.52
C ALA Q 21 11.76 -68.09 -11.70
N LEU Q 22 12.94 -68.60 -11.41
CA LEU Q 22 13.78 -69.14 -12.47
C LEU Q 22 13.04 -70.25 -13.20
N GLU Q 23 12.27 -71.05 -12.46
CA GLU Q 23 11.52 -72.14 -13.08
C GLU Q 23 10.52 -71.62 -14.08
N ALA Q 24 9.76 -70.61 -13.68
CA ALA Q 24 8.79 -70.03 -14.60
C ALA Q 24 9.54 -69.56 -15.84
N VAL Q 25 10.82 -69.26 -15.68
CA VAL Q 25 11.61 -68.84 -16.82
C VAL Q 25 11.85 -70.04 -17.70
N LYS Q 26 12.28 -71.14 -17.08
CA LYS Q 26 12.53 -72.39 -17.80
C LYS Q 26 11.28 -72.83 -18.54
N ARG Q 27 10.11 -72.58 -17.97
CA ARG Q 27 8.87 -72.97 -18.60
C ARG Q 27 8.46 -72.12 -19.79
N GLY Q 28 9.17 -71.00 -20.03
CA GLY Q 28 8.81 -70.13 -21.14
C GLY Q 28 9.56 -70.46 -22.42
N THR Q 29 9.00 -70.04 -23.56
CA THR Q 29 9.61 -70.31 -24.86
C THR Q 29 11.05 -69.86 -24.94
N CYS Q 30 11.80 -70.49 -25.82
CA CYS Q 30 13.18 -70.15 -25.92
C CYS Q 30 13.39 -68.81 -26.59
N ALA Q 31 14.50 -68.18 -26.25
CA ALA Q 31 14.88 -66.92 -26.82
C ALA Q 31 16.38 -67.03 -26.92
N VAL Q 32 16.93 -66.57 -28.02
CA VAL Q 32 18.35 -66.65 -28.24
C VAL Q 32 18.77 -65.33 -28.80
N GLY Q 33 20.00 -65.00 -28.53
CA GLY Q 33 20.56 -63.78 -29.03
C GLY Q 33 21.99 -64.17 -29.23
N VAL Q 34 22.53 -63.81 -30.37
CA VAL Q 34 23.92 -64.12 -30.66
C VAL Q 34 24.37 -62.86 -31.34
N LYS Q 35 25.60 -62.47 -31.10
CA LYS Q 35 26.07 -61.26 -31.70
C LYS Q 35 27.14 -61.51 -32.71
N GLY Q 36 27.02 -60.83 -33.83
CA GLY Q 36 27.96 -60.96 -34.92
C GLY Q 36 29.14 -60.03 -34.76
N LYS Q 37 29.69 -59.59 -35.87
CA LYS Q 37 30.83 -58.68 -35.87
C LYS Q 37 30.37 -57.24 -36.10
N ASN Q 38 29.14 -57.10 -36.58
CA ASN Q 38 28.55 -55.80 -36.87
C ASN Q 38 27.05 -55.87 -36.65
N CYS Q 39 26.63 -56.77 -35.77
CA CYS Q 39 25.21 -56.94 -35.51
C CYS Q 39 24.92 -57.80 -34.29
N VAL Q 40 23.63 -57.99 -34.03
CA VAL Q 40 23.19 -58.84 -32.94
C VAL Q 40 21.85 -59.37 -33.41
N VAL Q 41 21.63 -60.67 -33.25
CA VAL Q 41 20.37 -61.24 -33.66
C VAL Q 41 19.69 -61.82 -32.45
N LEU Q 42 18.38 -61.72 -32.43
CA LEU Q 42 17.61 -62.23 -31.33
C LEU Q 42 16.46 -63.05 -31.90
N GLY Q 43 16.46 -64.34 -31.62
CA GLY Q 43 15.40 -65.19 -32.12
C GLY Q 43 14.59 -65.73 -30.98
N CYS Q 44 13.35 -66.10 -31.27
CA CYS Q 44 12.45 -66.64 -30.26
C CYS Q 44 11.52 -67.68 -30.85
N GLU Q 45 11.23 -68.73 -30.07
CA GLU Q 45 10.34 -69.75 -30.55
C GLU Q 45 8.92 -69.33 -30.15
N ARG Q 46 7.92 -69.91 -30.81
CA ARG Q 46 6.53 -69.56 -30.52
C ARG Q 46 5.72 -70.60 -29.72
N ARG Q 47 5.00 -70.09 -28.71
CA ARG Q 47 4.14 -70.86 -27.79
C ARG Q 47 3.10 -71.72 -28.54
N SER Q 48 2.52 -72.72 -27.86
CA SER Q 48 1.52 -73.60 -28.46
C SER Q 48 0.46 -74.25 -27.52
N THR Q 49 -0.23 -73.43 -26.71
CA THR Q 49 -1.27 -73.93 -25.80
C THR Q 49 -2.62 -74.07 -26.57
N LEU Q 50 -2.80 -73.21 -27.57
CA LEU Q 50 -3.97 -73.15 -28.48
C LEU Q 50 -3.48 -72.43 -29.77
N LYS Q 51 -4.11 -72.65 -30.93
CA LYS Q 51 -3.70 -71.99 -32.19
C LYS Q 51 -4.93 -71.67 -33.05
N LEU Q 52 -4.92 -70.47 -33.63
CA LEU Q 52 -5.98 -69.89 -34.48
C LEU Q 52 -5.83 -68.37 -34.22
N GLN Q 53 -4.59 -68.01 -33.88
CA GLN Q 53 -4.20 -66.67 -33.53
C GLN Q 53 -4.19 -65.68 -34.66
N ASP Q 54 -4.18 -64.41 -34.27
CA ASP Q 54 -4.12 -63.31 -35.21
C ASP Q 54 -2.68 -62.78 -35.13
N THR Q 55 -1.79 -63.39 -35.90
CA THR Q 55 -0.37 -63.05 -35.95
C THR Q 55 -0.06 -61.55 -36.02
N ARG Q 56 -0.96 -60.80 -36.64
CA ARG Q 56 -0.82 -59.35 -36.83
C ARG Q 56 -0.63 -58.52 -35.55
N ILE Q 57 -1.53 -58.74 -34.60
CA ILE Q 57 -1.57 -57.97 -33.35
C ILE Q 57 -0.79 -58.44 -32.12
N THR Q 58 -0.87 -59.73 -31.79
CA THR Q 58 -0.20 -60.27 -30.61
C THR Q 58 1.22 -59.76 -30.38
N PRO Q 59 1.43 -59.16 -29.20
CA PRO Q 59 2.73 -58.60 -28.80
C PRO Q 59 3.84 -59.64 -28.97
N SER Q 60 4.72 -59.40 -29.93
CA SER Q 60 5.82 -60.31 -30.17
C SER Q 60 6.72 -60.35 -28.93
N LYS Q 61 7.73 -61.20 -28.97
CA LYS Q 61 8.65 -61.36 -27.84
C LYS Q 61 9.75 -60.29 -27.78
N VAL Q 62 10.15 -59.73 -28.91
CA VAL Q 62 11.20 -58.72 -28.89
C VAL Q 62 10.60 -57.33 -28.85
N SER Q 63 11.03 -56.53 -27.88
CA SER Q 63 10.55 -55.18 -27.75
C SER Q 63 11.67 -54.16 -27.79
N LYS Q 64 11.35 -52.99 -28.37
CA LYS Q 64 12.30 -51.87 -28.45
C LYS Q 64 12.14 -51.08 -27.16
N ILE Q 65 13.24 -50.90 -26.47
CA ILE Q 65 13.22 -50.13 -25.26
C ILE Q 65 13.40 -48.69 -25.75
N ASP Q 66 14.22 -48.56 -26.78
CA ASP Q 66 14.51 -47.29 -27.41
C ASP Q 66 14.88 -47.61 -28.86
N SER Q 67 15.04 -46.58 -29.68
CA SER Q 67 15.38 -46.72 -31.09
C SER Q 67 16.66 -47.49 -31.36
N HIS Q 68 17.36 -47.93 -30.33
CA HIS Q 68 18.61 -48.62 -30.56
C HIS Q 68 18.83 -49.79 -29.61
N VAL Q 69 17.80 -50.12 -28.84
CA VAL Q 69 17.92 -51.19 -27.87
C VAL Q 69 16.68 -52.01 -27.82
N VAL Q 70 16.90 -53.31 -27.83
CA VAL Q 70 15.80 -54.26 -27.78
C VAL Q 70 15.94 -55.19 -26.58
N LEU Q 71 14.82 -55.79 -26.21
CA LEU Q 71 14.77 -56.70 -25.10
C LEU Q 71 13.78 -57.83 -25.38
N SER Q 72 14.27 -59.06 -25.26
CA SER Q 72 13.44 -60.23 -25.42
C SER Q 72 13.53 -60.94 -24.09
N PHE Q 73 12.57 -61.80 -23.82
CA PHE Q 73 12.53 -62.48 -22.53
C PHE Q 73 12.01 -63.91 -22.65
N SER Q 74 12.00 -64.60 -21.52
CA SER Q 74 11.46 -65.95 -21.41
C SER Q 74 10.85 -65.91 -20.03
N GLY Q 75 9.56 -66.21 -19.94
CA GLY Q 75 8.94 -66.20 -18.62
C GLY Q 75 7.51 -65.79 -18.63
N LEU Q 76 7.05 -65.24 -17.52
CA LEU Q 76 5.68 -64.77 -17.45
C LEU Q 76 5.57 -63.59 -18.38
N ASN Q 77 4.71 -63.72 -19.38
CA ASN Q 77 4.54 -62.66 -20.36
C ASN Q 77 4.15 -61.41 -19.64
N ALA Q 78 3.10 -61.49 -18.84
CA ALA Q 78 2.64 -60.32 -18.12
C ALA Q 78 3.76 -59.70 -17.32
N ASP Q 79 4.54 -60.51 -16.62
CA ASP Q 79 5.62 -59.96 -15.83
C ASP Q 79 6.56 -59.16 -16.70
N SER Q 80 6.78 -59.57 -17.94
CA SER Q 80 7.71 -58.84 -18.77
C SER Q 80 7.20 -57.47 -19.14
N ARG Q 81 5.89 -57.33 -19.32
CA ARG Q 81 5.35 -56.03 -19.68
C ARG Q 81 5.84 -54.92 -18.74
N ILE Q 82 5.76 -55.17 -17.44
CA ILE Q 82 6.21 -54.22 -16.42
C ILE Q 82 7.67 -53.82 -16.59
N LEU Q 83 8.54 -54.79 -16.85
CA LEU Q 83 9.94 -54.45 -17.01
C LEU Q 83 10.20 -53.62 -18.24
N ILE Q 84 9.47 -53.91 -19.30
CA ILE Q 84 9.66 -53.18 -20.55
C ILE Q 84 9.34 -51.72 -20.36
N GLU Q 85 8.10 -51.46 -19.94
CA GLU Q 85 7.64 -50.10 -19.72
C GLU Q 85 8.63 -49.38 -18.84
N LYS Q 86 8.91 -49.95 -17.68
CA LYS Q 86 9.85 -49.32 -16.77
C LYS Q 86 11.17 -49.05 -17.47
N ALA Q 87 11.58 -49.93 -18.37
CA ALA Q 87 12.84 -49.73 -19.05
C ALA Q 87 12.72 -48.58 -20.04
N ARG Q 88 11.60 -48.52 -20.73
CA ARG Q 88 11.36 -47.49 -21.73
C ARG Q 88 11.41 -46.11 -21.10
N VAL Q 89 10.68 -45.95 -20.01
CA VAL Q 89 10.65 -44.70 -19.32
C VAL Q 89 12.07 -44.29 -19.01
N GLU Q 90 12.79 -45.08 -18.26
CA GLU Q 90 14.16 -44.73 -17.96
C GLU Q 90 14.92 -44.41 -19.24
N ALA Q 91 14.52 -45.01 -20.35
CA ALA Q 91 15.22 -44.74 -21.59
C ALA Q 91 14.99 -43.27 -21.96
N GLN Q 92 13.75 -42.82 -21.76
CA GLN Q 92 13.39 -41.43 -22.03
C GLN Q 92 14.00 -40.50 -20.99
N SER Q 93 13.74 -40.78 -19.73
CA SER Q 93 14.31 -39.98 -18.67
C SER Q 93 15.82 -39.79 -18.91
N HIS Q 94 16.57 -40.84 -19.16
CA HIS Q 94 18.00 -40.69 -19.37
C HIS Q 94 18.32 -39.71 -20.50
N ARG Q 95 17.52 -39.75 -21.55
CA ARG Q 95 17.72 -38.87 -22.69
C ARG Q 95 17.54 -37.44 -22.23
N LEU Q 96 16.45 -37.21 -21.50
CA LEU Q 96 16.09 -35.90 -21.00
C LEU Q 96 17.14 -35.22 -20.12
N THR Q 97 17.78 -35.99 -19.24
CA THR Q 97 18.76 -35.41 -18.33
C THR Q 97 20.23 -35.52 -18.67
N LEU Q 98 20.61 -36.47 -19.52
CA LEU Q 98 22.02 -36.62 -19.89
C LEU Q 98 22.20 -36.16 -21.34
N GLU Q 99 21.09 -35.97 -22.02
CA GLU Q 99 21.12 -35.56 -23.42
C GLU Q 99 21.99 -36.57 -24.16
N ASP Q 100 21.60 -37.84 -24.03
CA ASP Q 100 22.29 -38.94 -24.69
C ASP Q 100 21.50 -40.19 -24.39
N PRO Q 101 21.23 -41.03 -25.42
CA PRO Q 101 20.48 -42.27 -25.15
C PRO Q 101 21.31 -43.23 -24.32
N VAL Q 102 20.63 -44.13 -23.62
CA VAL Q 102 21.33 -45.09 -22.77
C VAL Q 102 22.23 -46.05 -23.52
N THR Q 103 23.20 -46.61 -22.80
CA THR Q 103 24.09 -47.62 -23.35
C THR Q 103 23.29 -48.89 -23.05
N VAL Q 104 23.54 -49.97 -23.78
CA VAL Q 104 22.80 -51.22 -23.53
C VAL Q 104 23.07 -51.63 -22.06
N GLU Q 105 24.31 -51.44 -21.64
CA GLU Q 105 24.73 -51.78 -20.28
C GLU Q 105 23.91 -51.03 -19.25
N TYR Q 106 23.74 -49.73 -19.45
CA TYR Q 106 22.98 -48.93 -18.51
C TYR Q 106 21.62 -49.52 -18.45
N LEU Q 107 20.98 -49.59 -19.59
CA LEU Q 107 19.62 -50.11 -19.65
C LEU Q 107 19.58 -51.48 -18.96
N THR Q 108 20.61 -52.27 -19.17
CA THR Q 108 20.67 -53.59 -18.56
C THR Q 108 20.71 -53.42 -17.04
N ARG Q 109 21.69 -52.66 -16.56
CA ARG Q 109 21.84 -52.41 -15.14
C ARG Q 109 20.57 -51.85 -14.52
N TYR Q 110 19.82 -51.12 -15.31
CA TYR Q 110 18.59 -50.57 -14.79
C TYR Q 110 17.62 -51.69 -14.55
N VAL Q 111 17.27 -52.42 -15.61
CA VAL Q 111 16.30 -53.52 -15.54
C VAL Q 111 16.73 -54.52 -14.48
N ALA Q 112 18.01 -54.85 -14.50
CA ALA Q 112 18.54 -55.77 -13.53
C ALA Q 112 18.17 -55.33 -12.10
N GLY Q 113 18.51 -54.09 -11.75
CA GLY Q 113 18.24 -53.58 -10.42
C GLY Q 113 16.79 -53.62 -10.02
N VAL Q 114 15.90 -53.52 -10.99
CA VAL Q 114 14.49 -53.56 -10.67
C VAL Q 114 14.15 -54.96 -10.24
N GLN Q 115 14.76 -55.93 -10.91
CA GLN Q 115 14.52 -57.32 -10.58
C GLN Q 115 15.05 -57.59 -9.15
N GLN Q 116 16.31 -57.28 -8.92
CA GLN Q 116 16.89 -57.48 -7.60
C GLN Q 116 16.00 -56.91 -6.54
N ARG Q 117 15.58 -55.67 -6.75
CA ARG Q 117 14.72 -54.95 -5.82
C ARG Q 117 13.48 -55.74 -5.41
N TYR Q 118 12.84 -56.40 -6.37
CA TYR Q 118 11.64 -57.20 -6.09
C TYR Q 118 11.94 -58.48 -5.29
N THR Q 119 13.21 -58.82 -5.14
CA THR Q 119 13.59 -59.99 -4.40
C THR Q 119 13.86 -59.65 -2.97
N GLN Q 120 13.64 -58.40 -2.57
CA GLN Q 120 13.86 -58.03 -1.17
C GLN Q 120 13.08 -56.84 -0.66
N SER Q 121 11.85 -56.75 -1.14
CA SER Q 121 10.94 -55.70 -0.75
C SER Q 121 9.71 -56.43 -0.29
N GLY Q 122 9.02 -55.89 0.70
CA GLY Q 122 7.86 -56.57 1.20
C GLY Q 122 6.63 -56.51 0.33
N GLY Q 123 5.81 -57.55 0.39
CA GLY Q 123 4.58 -57.57 -0.37
C GLY Q 123 4.70 -57.95 -1.81
N VAL Q 124 5.89 -58.29 -2.31
CA VAL Q 124 5.99 -58.64 -3.71
C VAL Q 124 6.76 -59.92 -4.01
N ARG Q 125 6.43 -60.53 -5.14
CA ARG Q 125 7.10 -61.76 -5.55
C ARG Q 125 8.05 -61.35 -6.65
N PRO Q 126 9.15 -62.09 -6.82
CA PRO Q 126 10.10 -61.73 -7.88
C PRO Q 126 9.48 -61.81 -9.26
N PHE Q 127 10.15 -61.18 -10.21
CA PHE Q 127 9.67 -61.20 -11.56
C PHE Q 127 9.98 -62.56 -12.08
N GLY Q 128 8.98 -63.20 -12.66
CA GLY Q 128 9.22 -64.51 -13.26
C GLY Q 128 9.69 -64.29 -14.69
N VAL Q 129 10.84 -63.65 -14.87
CA VAL Q 129 11.34 -63.30 -16.21
C VAL Q 129 12.84 -63.20 -16.28
N SER Q 130 13.42 -63.52 -17.44
CA SER Q 130 14.85 -63.38 -17.66
C SER Q 130 14.87 -62.67 -18.99
N THR Q 131 15.85 -61.81 -19.23
CA THR Q 131 15.85 -61.05 -20.46
C THR Q 131 17.16 -61.03 -21.16
N LEU Q 132 17.07 -60.76 -22.45
CA LEU Q 132 18.21 -60.60 -23.34
C LEU Q 132 17.96 -59.19 -23.85
N ILE Q 133 18.95 -58.34 -23.64
CA ILE Q 133 18.83 -56.95 -24.04
C ILE Q 133 20.02 -56.71 -24.94
N ALA Q 134 19.75 -56.25 -26.13
CA ALA Q 134 20.83 -56.01 -27.06
C ALA Q 134 20.62 -54.79 -27.91
N GLY Q 135 21.73 -54.30 -28.40
CA GLY Q 135 21.71 -53.14 -29.25
C GLY Q 135 23.11 -52.59 -29.27
N PHE Q 136 23.23 -51.33 -29.65
CA PHE Q 136 24.53 -50.67 -29.70
C PHE Q 136 24.51 -49.37 -28.90
N ASP Q 137 25.61 -49.09 -28.22
CA ASP Q 137 25.78 -47.88 -27.42
C ASP Q 137 25.79 -46.70 -28.39
N PRO Q 138 25.24 -45.56 -27.97
CA PRO Q 138 25.21 -44.38 -28.84
C PRO Q 138 26.55 -44.11 -29.49
N ARG Q 139 26.52 -43.90 -30.80
CA ARG Q 139 27.70 -43.60 -31.61
C ARG Q 139 28.81 -44.65 -31.67
N ASP Q 140 28.54 -45.86 -31.19
CA ASP Q 140 29.52 -46.95 -31.20
C ASP Q 140 28.99 -48.03 -32.15
N ASP Q 141 29.90 -48.84 -32.70
CA ASP Q 141 29.52 -49.93 -33.63
C ASP Q 141 29.70 -51.36 -33.08
N GLU Q 142 30.23 -51.47 -31.86
CA GLU Q 142 30.47 -52.75 -31.19
C GLU Q 142 29.14 -53.26 -30.62
N PRO Q 143 28.62 -54.39 -31.12
CA PRO Q 143 27.34 -54.96 -30.65
C PRO Q 143 27.32 -55.31 -29.17
N LYS Q 144 26.13 -55.19 -28.58
CA LYS Q 144 25.94 -55.46 -27.17
C LYS Q 144 24.86 -56.49 -26.94
N LEU Q 145 25.18 -57.50 -26.12
CA LEU Q 145 24.23 -58.53 -25.74
C LEU Q 145 24.40 -58.75 -24.24
N TYR Q 146 23.29 -58.65 -23.52
CA TYR Q 146 23.30 -58.83 -22.08
C TYR Q 146 22.08 -59.66 -21.73
N GLN Q 147 22.15 -60.29 -20.56
CA GLN Q 147 21.08 -61.12 -20.06
C GLN Q 147 20.88 -60.81 -18.59
N THR Q 148 19.63 -60.83 -18.14
CA THR Q 148 19.31 -60.58 -16.74
C THR Q 148 18.40 -61.69 -16.22
N GLU Q 149 18.47 -61.95 -14.91
CA GLU Q 149 17.62 -62.99 -14.32
C GLU Q 149 16.86 -62.49 -13.10
N PRO Q 150 15.82 -63.20 -12.67
CA PRO Q 150 15.03 -62.77 -11.51
C PRO Q 150 15.83 -62.42 -10.27
N SER Q 151 17.02 -63.00 -10.10
CA SER Q 151 17.80 -62.69 -8.91
C SER Q 151 18.20 -61.25 -9.00
N GLY Q 152 18.43 -60.81 -10.23
CA GLY Q 152 18.84 -59.46 -10.47
C GLY Q 152 20.25 -59.47 -11.04
N ILE Q 153 20.86 -60.64 -11.09
CA ILE Q 153 22.22 -60.72 -11.61
C ILE Q 153 22.19 -60.45 -13.13
N TYR Q 154 23.27 -59.89 -13.68
CA TYR Q 154 23.34 -59.62 -15.13
C TYR Q 154 24.77 -59.73 -15.60
N SER Q 155 24.95 -59.80 -16.92
CA SER Q 155 26.30 -59.92 -17.51
C SER Q 155 26.15 -60.02 -19.02
N SER Q 156 27.27 -59.97 -19.75
CA SER Q 156 27.18 -60.02 -21.21
C SER Q 156 27.58 -61.35 -21.89
N TRP Q 157 27.13 -61.52 -23.12
CA TRP Q 157 27.38 -62.73 -23.84
C TRP Q 157 27.64 -62.55 -25.32
N SER Q 158 28.48 -63.43 -25.87
CA SER Q 158 28.77 -63.43 -27.30
C SER Q 158 27.51 -64.02 -27.93
N ALA Q 159 26.92 -64.95 -27.21
CA ALA Q 159 25.68 -65.56 -27.66
C ALA Q 159 25.07 -66.19 -26.42
N GLN Q 160 23.76 -66.30 -26.38
CA GLN Q 160 23.14 -66.86 -25.21
C GLN Q 160 21.67 -67.13 -25.46
N THR Q 161 21.05 -67.89 -24.57
CA THR Q 161 19.65 -68.24 -24.71
C THR Q 161 19.10 -68.47 -23.32
N ILE Q 162 17.78 -68.43 -23.23
CA ILE Q 162 17.05 -68.59 -21.99
C ILE Q 162 15.72 -69.20 -22.41
N GLY Q 163 15.00 -69.76 -21.43
CA GLY Q 163 13.74 -70.39 -21.74
C GLY Q 163 13.86 -71.92 -21.79
N ARG Q 164 12.75 -72.59 -22.07
CA ARG Q 164 12.72 -74.04 -22.14
C ARG Q 164 13.71 -74.57 -23.15
N ASN Q 165 14.43 -75.61 -22.74
CA ASN Q 165 15.41 -76.28 -23.59
C ASN Q 165 16.57 -75.39 -23.95
N SER Q 166 16.77 -74.31 -23.19
CA SER Q 166 17.89 -73.43 -23.44
C SER Q 166 19.18 -74.22 -23.21
N LYS Q 167 19.10 -75.23 -22.36
CA LYS Q 167 20.27 -76.06 -22.07
C LYS Q 167 20.79 -76.76 -23.33
N THR Q 168 19.87 -77.21 -24.17
CA THR Q 168 20.18 -77.88 -25.43
C THR Q 168 20.75 -76.91 -26.50
N VAL Q 169 20.02 -75.82 -26.76
CA VAL Q 169 20.46 -74.81 -27.74
C VAL Q 169 21.76 -74.09 -27.32
N ARG Q 170 21.95 -73.92 -26.01
CA ARG Q 170 23.15 -73.26 -25.51
C ARG Q 170 24.31 -74.07 -26.04
N GLU Q 171 24.20 -75.38 -25.87
CA GLU Q 171 25.21 -76.30 -26.35
C GLU Q 171 25.50 -76.06 -27.82
N PHE Q 172 24.45 -76.03 -28.65
CA PHE Q 172 24.67 -75.77 -30.06
C PHE Q 172 25.51 -74.50 -30.27
N LEU Q 173 25.18 -73.44 -29.54
CA LEU Q 173 25.90 -72.17 -29.66
C LEU Q 173 27.31 -72.32 -29.19
N GLU Q 174 27.48 -73.03 -28.08
CA GLU Q 174 28.79 -73.24 -27.51
C GLU Q 174 29.71 -73.89 -28.53
N LYS Q 175 29.13 -74.79 -29.32
CA LYS Q 175 29.90 -75.52 -30.33
C LYS Q 175 30.08 -74.74 -31.65
N ASN Q 176 29.00 -74.12 -32.13
CA ASN Q 176 29.04 -73.36 -33.39
C ASN Q 176 29.50 -71.88 -33.36
N TYR Q 177 29.64 -71.30 -32.18
CA TYR Q 177 30.09 -69.90 -32.09
C TYR Q 177 31.53 -69.88 -31.64
N ASP Q 178 32.39 -69.36 -32.51
CA ASP Q 178 33.80 -69.23 -32.21
C ASP Q 178 34.03 -67.76 -31.94
N ARG Q 179 34.60 -67.43 -30.78
CA ARG Q 179 34.89 -66.04 -30.41
C ARG Q 179 35.99 -65.38 -31.23
N LYS Q 180 36.68 -66.18 -32.03
CA LYS Q 180 37.75 -65.68 -32.90
C LYS Q 180 37.17 -65.12 -34.21
N GLU Q 181 35.94 -65.55 -34.54
CA GLU Q 181 35.23 -65.11 -35.73
C GLU Q 181 33.70 -65.22 -35.54
N PRO Q 182 33.10 -64.25 -34.83
CA PRO Q 182 31.65 -64.30 -34.62
C PRO Q 182 31.04 -64.18 -36.00
N PRO Q 183 29.84 -64.74 -36.20
CA PRO Q 183 29.15 -64.68 -37.48
C PRO Q 183 29.34 -63.30 -38.11
N ALA Q 184 30.43 -63.18 -38.89
CA ALA Q 184 30.84 -61.95 -39.56
C ALA Q 184 29.86 -61.27 -40.49
N THR Q 185 28.60 -61.68 -40.46
CA THR Q 185 27.62 -61.07 -41.34
C THR Q 185 26.24 -61.26 -40.81
N VAL Q 186 25.37 -60.34 -41.20
CA VAL Q 186 23.97 -60.38 -40.83
C VAL Q 186 23.40 -61.75 -41.19
N GLU Q 187 23.71 -62.21 -42.40
CA GLU Q 187 23.25 -63.51 -42.90
C GLU Q 187 23.69 -64.72 -42.07
N GLU Q 188 25.01 -64.93 -41.98
CA GLU Q 188 25.51 -66.06 -41.20
C GLU Q 188 25.11 -66.03 -39.74
N CYS Q 189 24.97 -64.83 -39.19
CA CYS Q 189 24.55 -64.68 -37.81
C CYS Q 189 23.10 -65.14 -37.73
N VAL Q 190 22.27 -64.68 -38.65
CA VAL Q 190 20.86 -65.10 -38.65
C VAL Q 190 20.80 -66.61 -38.76
N LYS Q 191 21.54 -67.13 -39.72
CA LYS Q 191 21.61 -68.57 -39.96
C LYS Q 191 21.93 -69.27 -38.65
N LEU Q 192 23.13 -69.01 -38.10
CA LEU Q 192 23.54 -69.63 -36.85
C LEU Q 192 22.46 -69.53 -35.79
N THR Q 193 21.74 -68.42 -35.75
CA THR Q 193 20.66 -68.23 -34.79
C THR Q 193 19.52 -69.19 -35.12
N VAL Q 194 19.22 -69.33 -36.40
CA VAL Q 194 18.15 -70.23 -36.81
C VAL Q 194 18.57 -71.68 -36.59
N ARG Q 195 19.79 -72.03 -36.98
CA ARG Q 195 20.31 -73.37 -36.79
C ARG Q 195 20.08 -73.71 -35.34
N SER Q 196 20.63 -72.88 -34.45
CA SER Q 196 20.46 -73.10 -33.02
C SER Q 196 19.00 -73.29 -32.65
N LEU Q 197 18.14 -72.36 -33.05
CA LEU Q 197 16.72 -72.48 -32.73
C LEU Q 197 16.12 -73.78 -33.23
N LEU Q 198 16.47 -74.18 -34.44
CA LEU Q 198 15.96 -75.40 -35.03
C LEU Q 198 16.15 -76.62 -34.15
N GLU Q 199 17.37 -76.77 -33.63
CA GLU Q 199 17.72 -77.90 -32.76
C GLU Q 199 16.70 -78.20 -31.71
N VAL Q 200 15.85 -77.22 -31.41
CA VAL Q 200 14.84 -77.42 -30.39
C VAL Q 200 13.45 -76.96 -30.78
N VAL Q 201 13.38 -75.95 -31.65
CA VAL Q 201 12.07 -75.45 -32.08
C VAL Q 201 11.35 -76.62 -32.74
N GLN Q 202 12.17 -77.45 -33.38
CA GLN Q 202 11.73 -78.64 -34.10
C GLN Q 202 10.94 -78.26 -35.35
N THR Q 203 11.69 -78.09 -36.44
CA THR Q 203 11.19 -77.74 -37.78
C THR Q 203 9.82 -77.03 -37.80
N GLY Q 204 9.84 -75.71 -37.66
CA GLY Q 204 8.61 -74.95 -37.67
C GLY Q 204 8.92 -73.53 -38.07
N ALA Q 205 8.68 -73.21 -39.34
CA ALA Q 205 8.91 -71.87 -39.84
C ALA Q 205 8.12 -70.87 -39.01
N LYS Q 206 6.80 -71.04 -38.95
CA LYS Q 206 5.93 -70.14 -38.19
C LYS Q 206 6.17 -70.28 -36.69
N ASN Q 207 7.14 -71.08 -36.32
CA ASN Q 207 7.47 -71.29 -34.91
C ASN Q 207 8.65 -70.41 -34.50
N ILE Q 208 9.27 -69.76 -35.48
CA ILE Q 208 10.41 -68.92 -35.21
C ILE Q 208 10.18 -67.48 -35.64
N GLU Q 209 10.74 -66.55 -34.88
CA GLU Q 209 10.71 -65.14 -35.23
C GLU Q 209 12.08 -64.62 -34.87
N ILE Q 210 12.69 -63.92 -35.82
CA ILE Q 210 14.03 -63.41 -35.63
C ILE Q 210 14.08 -61.91 -35.83
N THR Q 211 14.95 -61.24 -35.07
CA THR Q 211 15.15 -59.80 -35.16
C THR Q 211 16.63 -59.47 -35.21
N VAL Q 212 16.96 -58.52 -36.06
CA VAL Q 212 18.34 -58.11 -36.23
C VAL Q 212 18.47 -56.63 -35.86
N VAL Q 213 19.53 -56.32 -35.13
CA VAL Q 213 19.78 -54.96 -34.74
C VAL Q 213 21.17 -54.60 -35.24
N LYS Q 214 21.22 -53.52 -36.03
CA LYS Q 214 22.46 -52.99 -36.60
C LYS Q 214 22.72 -51.64 -35.91
N PRO Q 215 23.91 -51.03 -36.11
CA PRO Q 215 24.21 -49.75 -35.48
C PRO Q 215 23.27 -48.62 -35.92
N ASP Q 216 23.32 -47.53 -35.17
CA ASP Q 216 22.50 -46.35 -35.44
C ASP Q 216 21.02 -46.55 -35.71
N SER Q 217 20.33 -47.06 -34.70
CA SER Q 217 18.89 -47.26 -34.76
C SER Q 217 18.29 -48.10 -35.88
N ASP Q 218 19.09 -48.99 -36.48
CA ASP Q 218 18.56 -49.88 -37.54
C ASP Q 218 18.13 -51.22 -36.92
N ILE Q 219 16.85 -51.37 -36.63
CA ILE Q 219 16.35 -52.60 -36.05
C ILE Q 219 15.27 -53.10 -36.96
N VAL Q 220 15.42 -54.35 -37.39
CA VAL Q 220 14.48 -54.97 -38.32
C VAL Q 220 14.08 -56.41 -37.98
N ALA Q 221 12.77 -56.67 -38.01
CA ALA Q 221 12.21 -57.98 -37.74
C ALA Q 221 12.03 -58.68 -39.07
N LEU Q 222 12.52 -59.91 -39.18
CA LEU Q 222 12.38 -60.65 -40.43
C LEU Q 222 10.95 -61.10 -40.68
N SER Q 223 10.65 -61.27 -41.96
CA SER Q 223 9.34 -61.72 -42.42
C SER Q 223 9.22 -63.23 -42.23
N SER Q 224 8.01 -63.71 -41.93
CA SER Q 224 7.77 -65.13 -41.73
C SER Q 224 8.49 -65.95 -42.84
N GLU Q 225 8.55 -65.36 -44.02
CA GLU Q 225 9.16 -65.95 -45.19
C GLU Q 225 10.70 -65.94 -45.22
N GLU Q 226 11.34 -64.77 -45.07
CA GLU Q 226 12.82 -64.69 -45.08
C GLU Q 226 13.44 -65.71 -44.11
N ILE Q 227 12.73 -65.96 -43.00
CA ILE Q 227 13.18 -66.94 -42.02
C ILE Q 227 13.01 -68.31 -42.63
N ASN Q 228 11.83 -68.54 -43.21
CA ASN Q 228 11.51 -69.82 -43.85
C ASN Q 228 12.60 -70.17 -44.86
N GLN Q 229 13.19 -69.15 -45.48
CA GLN Q 229 14.30 -69.34 -46.43
C GLN Q 229 15.53 -69.84 -45.67
N TYR Q 230 15.71 -69.31 -44.47
CA TYR Q 230 16.83 -69.71 -43.62
C TYR Q 230 16.61 -71.17 -43.19
N VAL Q 231 15.39 -71.49 -42.77
CA VAL Q 231 15.05 -72.86 -42.36
C VAL Q 231 15.37 -73.84 -43.52
N THR Q 232 14.98 -73.44 -44.74
CA THR Q 232 15.20 -74.23 -45.97
C THR Q 232 16.67 -74.47 -46.27
N GLN Q 233 17.43 -73.40 -46.48
CA GLN Q 233 18.86 -73.52 -46.77
C GLN Q 233 19.56 -74.29 -45.64
N ILE Q 234 19.10 -74.11 -44.39
CA ILE Q 234 19.69 -74.79 -43.22
C ILE Q 234 19.45 -76.29 -43.21
N GLU Q 235 18.25 -76.72 -43.59
CA GLU Q 235 17.96 -78.16 -43.63
C GLU Q 235 18.84 -78.83 -44.69
N GLN Q 236 19.49 -78.04 -45.53
CA GLN Q 236 20.41 -78.56 -46.55
C GLN Q 236 21.81 -78.75 -45.96
N GLU Q 237 22.19 -77.91 -44.98
CA GLU Q 237 23.50 -78.04 -44.32
C GLU Q 237 23.31 -79.07 -43.20
N LYS Q 238 22.79 -80.24 -43.61
CA LYS Q 238 22.49 -81.37 -42.73
C LYS Q 238 22.13 -82.53 -43.70
N GLN Q 239 21.36 -82.21 -44.74
CA GLN Q 239 20.90 -83.18 -45.77
C GLN Q 239 21.96 -83.57 -46.82
N GLU Q 240 22.83 -82.63 -47.18
CA GLU Q 240 23.89 -82.89 -48.15
C GLU Q 240 25.01 -83.71 -47.48
N GLN Q 241 24.70 -84.96 -47.13
CA GLN Q 241 25.67 -85.81 -46.46
C GLN Q 241 25.23 -87.27 -46.40
N ASP R 1 4.38 -70.23 9.74
CA ASP R 1 5.77 -69.74 9.58
C ASP R 1 6.00 -68.75 10.71
N ARG R 2 7.22 -68.24 10.82
CA ARG R 2 7.56 -67.27 11.85
C ARG R 2 8.22 -66.06 11.19
N GLY R 3 8.28 -64.95 11.91
CA GLY R 3 8.86 -63.71 11.39
C GLY R 3 10.29 -63.80 10.87
N VAL R 4 10.77 -62.72 10.27
CA VAL R 4 12.11 -62.70 9.72
C VAL R 4 13.17 -62.21 10.70
N SER R 5 12.72 -61.70 11.83
CA SER R 5 13.64 -61.20 12.84
C SER R 5 13.50 -62.03 14.12
N THR R 6 13.26 -63.33 13.96
CA THR R 6 13.11 -64.22 15.12
C THR R 6 14.47 -64.77 15.57
N PHE R 7 14.62 -64.90 16.89
CA PHE R 7 15.84 -65.42 17.50
C PHE R 7 15.69 -66.92 17.71
N SER R 8 16.74 -67.67 17.36
CA SER R 8 16.73 -69.11 17.57
C SER R 8 16.94 -69.35 19.06
N PRO R 9 16.71 -70.57 19.55
CA PRO R 9 16.90 -70.86 20.98
C PRO R 9 18.37 -70.77 21.38
N GLU R 10 19.25 -70.57 20.42
CA GLU R 10 20.68 -70.47 20.69
C GLU R 10 21.12 -69.02 20.68
N GLY R 11 20.17 -68.11 20.50
CA GLY R 11 20.48 -66.69 20.52
C GLY R 11 21.15 -66.16 19.28
N ARG R 12 20.52 -66.38 18.14
CA ARG R 12 21.02 -65.89 16.87
C ARG R 12 19.82 -65.60 15.97
N LEU R 13 20.01 -64.71 15.01
CA LEU R 13 18.95 -64.34 14.10
C LEU R 13 18.99 -65.24 12.89
N PHE R 14 17.98 -66.09 12.81
CA PHE R 14 17.85 -67.05 11.74
C PHE R 14 18.26 -66.50 10.39
N GLN R 15 17.47 -65.57 9.87
CA GLN R 15 17.73 -64.98 8.57
C GLN R 15 19.18 -64.55 8.38
N VAL R 16 19.82 -64.15 9.47
CA VAL R 16 21.21 -63.75 9.40
C VAL R 16 22.08 -64.97 9.15
N GLU R 17 21.87 -66.01 9.95
CA GLU R 17 22.65 -67.26 9.78
C GLU R 17 22.44 -67.79 8.38
N TYR R 18 21.18 -67.89 7.97
CA TYR R 18 20.83 -68.38 6.65
C TYR R 18 21.52 -67.61 5.53
N SER R 19 21.53 -66.28 5.61
CA SER R 19 22.19 -65.51 4.57
C SER R 19 23.68 -65.84 4.60
N LEU R 20 24.24 -65.98 5.80
CA LEU R 20 25.65 -66.32 5.95
C LEU R 20 25.95 -67.63 5.22
N GLU R 21 24.94 -68.49 5.13
CA GLU R 21 25.10 -69.75 4.42
C GLU R 21 25.22 -69.48 2.95
N ALA R 22 24.25 -68.74 2.41
CA ALA R 22 24.23 -68.39 1.00
C ALA R 22 25.56 -67.79 0.59
N ILE R 23 26.17 -67.10 1.54
CA ILE R 23 27.44 -66.46 1.30
C ILE R 23 28.57 -67.49 1.14
N LYS R 24 28.42 -68.66 1.75
CA LYS R 24 29.42 -69.71 1.66
C LYS R 24 29.56 -70.27 0.24
N LEU R 25 28.54 -70.08 -0.58
CA LEU R 25 28.55 -70.58 -1.97
C LEU R 25 29.14 -69.60 -3.00
N GLY R 26 29.60 -68.43 -2.55
CA GLY R 26 30.12 -67.45 -3.49
C GLY R 26 31.55 -67.64 -3.94
N SER R 27 31.92 -66.91 -4.97
CA SER R 27 33.26 -66.95 -5.52
C SER R 27 34.17 -66.42 -4.46
N THR R 28 35.35 -66.98 -4.39
CA THR R 28 36.29 -66.55 -3.38
C THR R 28 36.74 -65.14 -3.64
N ALA R 29 37.01 -64.44 -2.54
CA ALA R 29 37.50 -63.07 -2.55
C ALA R 29 38.52 -63.07 -1.43
N ILE R 30 39.71 -62.59 -1.72
CA ILE R 30 40.76 -62.56 -0.72
C ILE R 30 41.32 -61.18 -0.72
N GLY R 31 41.67 -60.72 0.46
CA GLY R 31 42.25 -59.42 0.59
C GLY R 31 43.35 -59.56 1.59
N ILE R 32 44.48 -58.94 1.31
CA ILE R 32 45.57 -59.00 2.26
C ILE R 32 45.98 -57.56 2.38
N ALA R 33 46.32 -57.16 3.60
CA ALA R 33 46.69 -55.78 3.89
C ALA R 33 48.14 -55.58 4.37
N THR R 34 48.95 -54.89 3.58
CA THR R 34 50.36 -54.64 3.94
C THR R 34 50.70 -53.17 4.06
N LYS R 35 51.89 -52.88 4.61
CA LYS R 35 52.36 -51.51 4.77
C LYS R 35 52.67 -50.80 3.43
N GLU R 36 52.37 -51.46 2.31
CA GLU R 36 52.63 -50.90 1.00
C GLU R 36 51.35 -50.90 0.18
N GLY R 37 50.25 -51.33 0.80
CA GLY R 37 48.98 -51.38 0.09
C GLY R 37 48.09 -52.54 0.53
N VAL R 38 46.95 -52.69 -0.10
CA VAL R 38 46.04 -53.77 0.24
C VAL R 38 45.66 -54.44 -1.06
N VAL R 39 45.71 -55.76 -1.08
CA VAL R 39 45.32 -56.48 -2.28
C VAL R 39 43.99 -57.10 -2.04
N LEU R 40 43.21 -57.12 -3.09
CA LEU R 40 41.88 -57.67 -3.08
C LEU R 40 41.89 -58.45 -4.37
N GLY R 41 41.66 -59.75 -4.30
CA GLY R 41 41.64 -60.54 -5.50
C GLY R 41 40.38 -61.35 -5.41
N VAL R 42 39.81 -61.71 -6.55
CA VAL R 42 38.61 -62.49 -6.51
C VAL R 42 38.62 -63.46 -7.66
N GLU R 43 37.73 -64.44 -7.58
CA GLU R 43 37.57 -65.44 -8.59
C GLU R 43 36.33 -65.09 -9.42
N LYS R 44 36.49 -64.73 -10.68
CA LYS R 44 35.33 -64.41 -11.52
C LYS R 44 34.27 -65.51 -11.47
N ARG R 45 34.63 -66.71 -11.92
CA ARG R 45 33.71 -67.85 -11.95
C ARG R 45 32.60 -67.79 -13.00
N ALA R 46 33.00 -67.83 -14.25
CA ALA R 46 32.06 -67.80 -15.37
C ALA R 46 31.26 -69.10 -15.39
N THR R 47 29.93 -69.02 -15.53
CA THR R 47 29.11 -70.23 -15.55
C THR R 47 28.91 -70.77 -16.95
N SER R 48 29.79 -70.39 -17.86
CA SER R 48 29.73 -70.81 -19.26
C SER R 48 30.85 -70.10 -20.03
N PRO R 49 31.46 -70.78 -21.01
CA PRO R 49 32.55 -70.15 -21.78
C PRO R 49 32.15 -69.02 -22.74
N LEU R 50 30.85 -68.84 -22.97
CA LEU R 50 30.34 -67.78 -23.87
C LEU R 50 30.17 -66.44 -23.14
N LEU R 51 30.21 -66.48 -21.82
CA LEU R 51 30.08 -65.30 -20.99
C LEU R 51 31.42 -64.55 -21.05
N GLU R 52 31.33 -63.25 -21.32
CA GLU R 52 32.51 -62.43 -21.45
C GLU R 52 33.10 -62.07 -20.10
N SER R 53 34.00 -62.92 -19.63
CA SER R 53 34.69 -62.77 -18.33
C SER R 53 34.95 -61.36 -17.77
N ASP R 54 35.36 -60.43 -18.64
CA ASP R 54 35.63 -59.06 -18.21
C ASP R 54 34.37 -58.33 -17.73
N SER R 55 33.19 -58.87 -18.03
CA SER R 55 31.91 -58.30 -17.63
C SER R 55 31.49 -58.80 -16.25
N ILE R 56 32.47 -59.20 -15.45
CA ILE R 56 32.23 -59.67 -14.10
C ILE R 56 32.88 -58.69 -13.16
N GLU R 57 32.01 -57.95 -12.48
CA GLU R 57 32.38 -56.90 -11.54
C GLU R 57 32.25 -57.38 -10.11
N LYS R 58 33.34 -57.84 -9.52
CA LYS R 58 33.26 -58.28 -8.14
C LYS R 58 34.16 -57.48 -7.24
N ILE R 59 34.94 -56.59 -7.86
CA ILE R 59 35.84 -55.67 -7.14
C ILE R 59 35.42 -54.26 -7.61
N VAL R 60 34.89 -53.46 -6.69
CA VAL R 60 34.47 -52.11 -7.04
C VAL R 60 35.18 -51.05 -6.22
N GLU R 61 35.23 -49.85 -6.78
CA GLU R 61 35.82 -48.69 -6.12
C GLU R 61 34.68 -47.97 -5.45
N ILE R 62 34.94 -47.57 -4.22
CA ILE R 62 33.96 -46.84 -3.45
C ILE R 62 34.38 -45.39 -3.61
N ASP R 63 35.67 -45.14 -3.44
CA ASP R 63 36.22 -43.81 -3.61
C ASP R 63 37.66 -44.02 -4.04
N ARG R 64 38.35 -42.97 -4.42
CA ARG R 64 39.73 -43.12 -4.85
C ARG R 64 40.57 -43.81 -3.80
N HIS R 65 40.18 -43.65 -2.53
CA HIS R 65 40.92 -44.24 -1.41
C HIS R 65 40.27 -45.50 -0.76
N ILE R 66 39.22 -46.02 -1.38
CA ILE R 66 38.52 -47.17 -0.84
C ILE R 66 38.03 -48.04 -1.96
N GLY R 67 38.33 -49.32 -1.89
CA GLY R 67 37.88 -50.27 -2.91
C GLY R 67 37.14 -51.35 -2.20
N CYS R 68 36.51 -52.24 -2.94
CA CYS R 68 35.75 -53.28 -2.28
C CYS R 68 35.50 -54.52 -3.14
N ALA R 69 35.58 -55.69 -2.52
CA ALA R 69 35.34 -56.97 -3.17
C ALA R 69 34.16 -57.63 -2.49
N MET R 70 33.31 -58.23 -3.29
CA MET R 70 32.13 -58.87 -2.76
C MET R 70 32.17 -60.38 -2.91
N SER R 71 31.26 -61.06 -2.22
CA SER R 71 31.18 -62.50 -2.27
C SER R 71 29.80 -62.91 -1.82
N GLY R 72 29.08 -63.64 -2.68
CA GLY R 72 27.73 -64.07 -2.33
C GLY R 72 26.80 -63.78 -3.47
N LEU R 73 25.54 -63.48 -3.14
CA LEU R 73 24.54 -63.15 -4.14
C LEU R 73 24.89 -61.73 -4.58
N THR R 74 25.85 -61.61 -5.49
CA THR R 74 26.32 -60.31 -5.92
C THR R 74 25.33 -59.24 -6.38
N ALA R 75 24.09 -59.59 -6.67
CA ALA R 75 23.13 -58.55 -7.07
C ALA R 75 22.73 -57.70 -5.86
N ASP R 76 22.73 -58.33 -4.69
CA ASP R 76 22.37 -57.67 -3.43
C ASP R 76 23.38 -56.58 -3.06
N ALA R 77 24.58 -56.65 -3.63
CA ALA R 77 25.60 -55.67 -3.29
C ALA R 77 25.44 -54.32 -3.96
N ARG R 78 24.70 -54.26 -5.06
CA ARG R 78 24.53 -53.00 -5.79
C ARG R 78 24.12 -51.86 -4.88
N SER R 79 23.00 -52.01 -4.18
CA SER R 79 22.57 -50.93 -3.31
C SER R 79 23.57 -50.65 -2.18
N MET R 80 24.40 -51.61 -1.84
CA MET R 80 25.36 -51.38 -0.78
C MET R 80 26.45 -50.49 -1.32
N ILE R 81 26.99 -50.83 -2.48
CA ILE R 81 28.07 -50.05 -3.05
C ILE R 81 27.60 -48.61 -3.21
N GLU R 82 26.43 -48.45 -3.82
CA GLU R 82 25.86 -47.13 -4.05
C GLU R 82 25.92 -46.38 -2.74
N HIS R 83 25.33 -46.93 -1.70
CA HIS R 83 25.37 -46.27 -0.42
C HIS R 83 26.81 -46.01 0.01
N ALA R 84 27.71 -46.93 -0.27
CA ALA R 84 29.08 -46.69 0.11
C ALA R 84 29.64 -45.47 -0.61
N ARG R 85 29.39 -45.38 -1.90
CA ARG R 85 29.89 -44.28 -2.71
C ARG R 85 29.33 -42.93 -2.26
N THR R 86 28.02 -42.85 -2.26
CA THR R 86 27.32 -41.65 -1.81
C THR R 86 27.83 -41.25 -0.43
N ALA R 87 28.01 -42.21 0.45
CA ALA R 87 28.47 -41.92 1.79
C ALA R 87 29.81 -41.25 1.81
N ALA R 88 30.69 -41.68 0.92
CA ALA R 88 32.05 -41.11 0.87
C ALA R 88 32.08 -39.77 0.17
N VAL R 89 31.39 -39.66 -0.94
CA VAL R 89 31.34 -38.40 -1.65
C VAL R 89 30.70 -37.39 -0.71
N THR R 90 29.53 -37.71 -0.20
CA THR R 90 28.86 -36.81 0.70
C THR R 90 29.75 -36.36 1.81
N HIS R 91 30.55 -37.26 2.36
CA HIS R 91 31.42 -36.87 3.44
C HIS R 91 32.39 -35.80 2.96
N ASN R 92 32.96 -35.99 1.77
CA ASN R 92 33.89 -35.01 1.21
C ASN R 92 33.22 -33.66 1.07
N LEU R 93 31.97 -33.67 0.67
CA LEU R 93 31.21 -32.43 0.53
C LEU R 93 31.03 -31.69 1.85
N TYR R 94 30.58 -32.40 2.89
CA TYR R 94 30.34 -31.78 4.19
C TYR R 94 31.57 -31.51 5.01
N TYR R 95 32.72 -32.06 4.67
CA TYR R 95 33.89 -31.83 5.50
C TYR R 95 35.18 -31.58 4.76
N ASP R 96 35.14 -31.51 3.44
CA ASP R 96 36.34 -31.25 2.66
C ASP R 96 37.52 -32.11 3.07
N GLU R 97 37.33 -33.42 2.95
CA GLU R 97 38.35 -34.42 3.29
C GLU R 97 37.76 -35.80 2.95
N ASP R 98 38.60 -36.84 3.05
CA ASP R 98 38.22 -38.22 2.79
C ASP R 98 37.58 -38.86 4.01
N ILE R 99 36.62 -39.72 3.77
CA ILE R 99 35.99 -40.44 4.87
C ILE R 99 36.94 -41.54 5.35
N ASN R 100 36.95 -41.76 6.64
CA ASN R 100 37.80 -42.78 7.17
C ASN R 100 37.23 -44.10 6.73
N VAL R 101 38.11 -45.03 6.39
CA VAL R 101 37.66 -46.34 5.93
C VAL R 101 36.76 -47.02 6.96
N GLU R 102 37.12 -46.94 8.24
CA GLU R 102 36.28 -47.57 9.26
C GLU R 102 34.92 -46.97 9.09
N SER R 103 34.88 -45.64 9.08
CA SER R 103 33.66 -44.88 8.95
C SER R 103 32.85 -45.27 7.74
N LEU R 104 33.50 -45.43 6.61
CA LEU R 104 32.75 -45.82 5.44
C LEU R 104 32.16 -47.20 5.73
N THR R 105 33.00 -48.11 6.16
CA THR R 105 32.59 -49.46 6.44
C THR R 105 31.41 -49.48 7.40
N GLN R 106 31.56 -48.79 8.51
CA GLN R 106 30.53 -48.68 9.55
C GLN R 106 29.20 -48.16 9.01
N SER R 107 29.29 -47.29 8.01
CA SER R 107 28.10 -46.73 7.41
C SER R 107 27.38 -47.82 6.64
N VAL R 108 28.15 -48.65 5.93
CA VAL R 108 27.60 -49.79 5.15
C VAL R 108 26.92 -50.81 6.07
N CYS R 109 27.58 -51.15 7.17
CA CYS R 109 27.01 -52.11 8.09
C CYS R 109 25.75 -51.61 8.79
N ASP R 110 25.52 -50.30 8.80
CA ASP R 110 24.32 -49.75 9.42
C ASP R 110 23.07 -50.21 8.64
N LEU R 111 23.27 -50.63 7.38
CA LEU R 111 22.16 -51.09 6.55
C LEU R 111 21.79 -52.50 6.93
N ALA R 112 22.82 -53.32 7.10
CA ALA R 112 22.70 -54.71 7.44
C ALA R 112 21.40 -55.17 8.10
N LEU R 113 21.23 -54.86 9.39
CA LEU R 113 20.03 -55.31 10.11
C LEU R 113 18.72 -54.54 9.90
N ARG R 114 18.67 -53.70 8.88
CA ARG R 114 17.45 -52.94 8.59
C ARG R 114 16.47 -53.75 7.75
N PHE R 115 16.10 -54.92 8.24
CA PHE R 115 15.14 -55.78 7.56
C PHE R 115 14.07 -56.14 8.57
N GLY R 116 12.86 -56.40 8.09
CA GLY R 116 11.78 -56.73 8.99
C GLY R 116 10.41 -56.52 8.39
N GLU R 117 9.36 -56.67 9.21
CA GLU R 117 7.95 -56.51 8.79
C GLU R 117 7.13 -55.64 9.73
N GLY R 118 7.71 -54.56 10.22
CA GLY R 118 7.03 -53.66 11.15
C GLY R 118 7.63 -53.80 12.53
N ALA R 119 8.95 -54.02 12.56
CA ALA R 119 9.73 -54.18 13.78
C ALA R 119 9.84 -52.87 14.55
N SER R 120 8.96 -52.71 15.56
CA SER R 120 8.94 -51.51 16.38
C SER R 120 10.31 -51.15 17.01
N GLY R 121 11.12 -50.44 16.23
CA GLY R 121 12.45 -49.98 16.62
C GLY R 121 12.86 -48.73 15.83
N GLU R 122 12.32 -48.60 14.62
CA GLU R 122 12.54 -47.49 13.67
C GLU R 122 11.68 -47.84 12.42
N GLU R 123 12.13 -47.51 11.21
CA GLU R 123 11.38 -47.88 9.98
C GLU R 123 12.27 -48.76 9.08
N ARG R 124 12.33 -50.06 9.42
CA ARG R 124 13.14 -51.06 8.69
C ARG R 124 12.41 -51.51 7.39
N LEU R 125 12.78 -50.91 6.25
CA LEU R 125 12.14 -51.23 4.97
C LEU R 125 13.00 -52.07 3.99
N MET R 126 13.18 -53.35 4.32
CA MET R 126 13.94 -54.30 3.50
C MET R 126 13.39 -55.62 4.00
N SER R 127 13.02 -56.53 3.09
CA SER R 127 12.42 -57.79 3.53
C SER R 127 13.35 -58.89 4.02
N ARG R 128 14.63 -58.80 3.73
CA ARG R 128 15.54 -59.85 4.12
C ARG R 128 16.94 -59.34 4.11
N PRO R 129 17.81 -59.96 4.92
CA PRO R 129 19.23 -59.58 5.00
C PRO R 129 19.88 -59.63 3.64
N PHE R 130 21.04 -59.02 3.57
CA PHE R 130 21.79 -59.00 2.35
C PHE R 130 22.37 -60.39 2.24
N GLY R 131 22.29 -60.96 1.05
CA GLY R 131 22.87 -62.26 0.84
C GLY R 131 24.28 -62.11 0.27
N VAL R 132 25.11 -61.26 0.87
CA VAL R 132 26.46 -61.08 0.34
C VAL R 132 27.33 -60.49 1.43
N ALA R 133 28.64 -60.65 1.29
CA ALA R 133 29.56 -60.12 2.27
C ALA R 133 30.58 -59.32 1.51
N LEU R 134 31.18 -58.33 2.15
CA LEU R 134 32.15 -57.52 1.45
C LEU R 134 33.47 -57.47 2.11
N LEU R 135 34.47 -57.23 1.30
CA LEU R 135 35.81 -57.06 1.77
C LEU R 135 36.02 -55.60 1.42
N ILE R 136 36.15 -54.75 2.41
CA ILE R 136 36.35 -53.34 2.19
C ILE R 136 37.75 -52.97 2.55
N ALA R 137 38.49 -52.47 1.59
CA ALA R 137 39.86 -52.11 1.86
C ALA R 137 40.13 -50.70 1.36
N GLY R 138 40.88 -49.95 2.13
CA GLY R 138 41.19 -48.61 1.72
C GLY R 138 42.31 -48.06 2.58
N HIS R 139 42.53 -46.75 2.51
CA HIS R 139 43.57 -46.10 3.28
C HIS R 139 43.19 -44.67 3.64
N ASP R 140 43.51 -44.29 4.86
CA ASP R 140 43.28 -42.94 5.29
C ASP R 140 44.54 -42.57 6.02
N ALA R 141 44.72 -41.30 6.33
CA ALA R 141 45.93 -40.90 7.00
C ALA R 141 46.02 -41.33 8.46
N ASP R 142 44.90 -41.41 9.15
CA ASP R 142 44.90 -41.76 10.57
C ASP R 142 45.29 -43.18 10.98
N ASP R 143 44.81 -44.17 10.23
CA ASP R 143 45.09 -45.56 10.56
C ASP R 143 45.66 -46.40 9.44
N GLY R 144 46.30 -45.76 8.47
CA GLY R 144 46.92 -46.50 7.39
C GLY R 144 46.01 -47.40 6.57
N TYR R 145 46.62 -48.35 5.87
CA TYR R 145 45.91 -49.31 5.00
C TYR R 145 45.05 -50.24 5.84
N GLN R 146 43.81 -50.47 5.42
CA GLN R 146 42.91 -51.31 6.19
C GLN R 146 42.02 -52.18 5.35
N LEU R 147 41.71 -53.35 5.89
CA LEU R 147 40.87 -54.31 5.22
C LEU R 147 39.78 -54.65 6.20
N PHE R 148 38.56 -54.68 5.71
CA PHE R 148 37.44 -54.96 6.56
C PHE R 148 36.54 -55.98 5.92
N HIS R 149 35.95 -56.82 6.75
CA HIS R 149 35.04 -57.83 6.27
C HIS R 149 33.70 -57.40 6.81
N ALA R 150 32.71 -57.18 5.94
CA ALA R 150 31.38 -56.75 6.36
C ALA R 150 30.35 -57.84 6.08
N GLU R 151 29.70 -58.36 7.13
CA GLU R 151 28.71 -59.42 7.02
C GLU R 151 27.31 -58.86 7.19
N PRO R 152 26.31 -59.58 6.68
CA PRO R 152 24.91 -59.16 6.79
C PRO R 152 24.35 -59.09 8.22
N SER R 153 25.21 -59.28 9.22
CA SER R 153 24.75 -59.26 10.60
C SER R 153 24.91 -57.89 11.20
N GLY R 154 25.63 -57.04 10.50
CA GLY R 154 25.86 -55.71 11.01
C GLY R 154 27.24 -55.61 11.62
N THR R 155 27.90 -56.74 11.84
CA THR R 155 29.25 -56.71 12.41
C THR R 155 30.27 -56.68 11.28
N PHE R 156 31.43 -56.12 11.55
CA PHE R 156 32.51 -56.04 10.58
C PHE R 156 33.78 -56.05 11.42
N TYR R 157 34.80 -56.72 10.92
CA TYR R 157 36.07 -56.86 11.64
C TYR R 157 37.17 -56.39 10.72
N ARG R 158 38.30 -56.02 11.29
CA ARG R 158 39.48 -55.59 10.53
C ARG R 158 40.42 -56.79 10.52
N TYR R 159 40.94 -57.14 9.35
CA TYR R 159 41.84 -58.29 9.18
C TYR R 159 43.15 -57.91 8.48
N ASN R 160 44.23 -58.62 8.80
CA ASN R 160 45.48 -58.36 8.13
C ASN R 160 45.33 -59.04 6.79
N ALA R 161 44.40 -59.98 6.73
CA ALA R 161 44.13 -60.71 5.52
C ALA R 161 42.87 -61.51 5.78
N LYS R 162 42.08 -61.74 4.74
CA LYS R 162 40.85 -62.49 4.92
C LYS R 162 40.34 -63.00 3.59
N ALA R 163 39.66 -64.14 3.69
CA ALA R 163 39.07 -64.79 2.53
C ALA R 163 37.61 -65.02 2.85
N ILE R 164 36.77 -64.83 1.84
CA ILE R 164 35.34 -65.03 2.00
C ILE R 164 34.89 -65.77 0.76
N GLY R 165 33.78 -66.48 0.90
CA GLY R 165 33.26 -67.25 -0.21
C GLY R 165 33.48 -68.75 0.02
N SER R 166 33.24 -69.54 -1.01
CA SER R 166 33.38 -70.99 -0.94
C SER R 166 34.67 -71.50 -0.27
N GLY R 167 35.83 -71.20 -0.86
CA GLY R 167 37.08 -71.67 -0.28
C GLY R 167 37.59 -70.94 0.95
N SER R 168 36.70 -70.30 1.73
CA SER R 168 37.08 -69.54 2.93
C SER R 168 37.95 -70.23 4.02
N GLU R 169 37.45 -71.31 4.62
CA GLU R 169 38.19 -72.00 5.68
C GLU R 169 39.57 -72.44 5.24
N GLY R 170 39.66 -73.00 4.05
CA GLY R 170 40.93 -73.43 3.54
C GLY R 170 41.85 -72.25 3.36
N ALA R 171 41.42 -71.32 2.51
CA ALA R 171 42.18 -70.12 2.21
C ALA R 171 42.54 -69.34 3.48
N GLN R 172 41.58 -69.22 4.39
CA GLN R 172 41.82 -68.50 5.61
C GLN R 172 43.01 -69.12 6.31
N ALA R 173 42.99 -70.44 6.41
CA ALA R 173 44.06 -71.19 7.03
C ALA R 173 45.40 -70.93 6.37
N GLU R 174 45.42 -70.94 5.04
CA GLU R 174 46.66 -70.70 4.33
C GLU R 174 47.16 -69.29 4.63
N LEU R 175 46.27 -68.31 4.50
CA LEU R 175 46.60 -66.90 4.76
C LEU R 175 47.28 -66.79 6.10
N LEU R 176 46.62 -67.36 7.10
CA LEU R 176 47.08 -67.36 8.47
C LEU R 176 48.55 -67.68 8.55
N ASN R 177 48.99 -68.68 7.79
CA ASN R 177 50.39 -69.09 7.80
C ASN R 177 51.31 -68.12 7.09
N GLU R 178 50.96 -67.85 5.84
CA GLU R 178 51.77 -67.00 4.98
C GLU R 178 51.96 -65.54 5.38
N TRP R 179 50.96 -64.97 6.05
CA TRP R 179 51.00 -63.56 6.46
C TRP R 179 52.01 -63.13 7.55
N HIS R 180 52.57 -61.94 7.38
CA HIS R 180 53.51 -61.37 8.35
C HIS R 180 53.66 -59.86 8.15
N SER R 181 53.92 -59.16 9.25
CA SER R 181 54.07 -57.71 9.25
C SER R 181 54.84 -57.14 8.06
N SER R 182 56.06 -57.61 7.83
CA SER R 182 56.88 -57.10 6.75
C SER R 182 56.68 -57.67 5.35
N LEU R 183 55.43 -57.90 4.97
CA LEU R 183 55.11 -58.41 3.63
C LEU R 183 55.31 -57.28 2.62
N THR R 184 55.25 -57.58 1.33
CA THR R 184 55.41 -56.53 0.32
C THR R 184 54.24 -56.61 -0.67
N LEU R 185 53.91 -55.51 -1.34
CA LEU R 185 52.78 -55.53 -2.27
C LEU R 185 52.81 -56.69 -3.24
N LYS R 186 53.98 -56.95 -3.83
CA LYS R 186 54.08 -58.03 -4.80
C LYS R 186 53.88 -59.40 -4.13
N GLU R 187 54.51 -59.61 -2.98
CA GLU R 187 54.37 -60.86 -2.26
C GLU R 187 52.87 -61.08 -2.06
N ALA R 188 52.17 -60.06 -1.58
CA ALA R 188 50.74 -60.15 -1.34
C ALA R 188 49.98 -60.51 -2.59
N GLU R 189 50.31 -59.85 -3.69
CA GLU R 189 49.61 -60.12 -4.95
C GLU R 189 49.74 -61.60 -5.18
N LEU R 190 50.96 -62.09 -5.03
CA LEU R 190 51.23 -63.49 -5.22
C LEU R 190 50.37 -64.38 -4.35
N LEU R 191 50.48 -64.24 -3.04
CA LEU R 191 49.68 -65.06 -2.15
C LEU R 191 48.24 -65.08 -2.57
N VAL R 192 47.67 -63.93 -2.83
CA VAL R 192 46.28 -63.91 -3.23
C VAL R 192 46.16 -64.76 -4.44
N LEU R 193 47.05 -64.55 -5.37
CA LEU R 193 47.02 -65.29 -6.62
C LEU R 193 47.21 -66.79 -6.41
N LYS R 194 48.13 -67.15 -5.51
CA LYS R 194 48.45 -68.53 -5.18
C LYS R 194 47.26 -69.19 -4.51
N ILE R 195 46.87 -68.62 -3.39
CA ILE R 195 45.76 -69.12 -2.62
C ILE R 195 44.49 -69.19 -3.45
N LEU R 196 44.32 -68.26 -4.39
CA LEU R 196 43.16 -68.30 -5.25
C LEU R 196 43.27 -69.59 -6.08
N LYS R 197 44.45 -69.77 -6.69
CA LYS R 197 44.76 -70.93 -7.53
C LYS R 197 44.29 -72.17 -6.81
N GLN R 198 44.74 -72.33 -5.57
CA GLN R 198 44.37 -73.48 -4.76
C GLN R 198 42.89 -73.74 -4.68
N VAL R 199 42.15 -72.83 -4.08
CA VAL R 199 40.71 -73.04 -3.91
C VAL R 199 39.84 -72.95 -5.16
N MET R 200 40.44 -72.57 -6.27
CA MET R 200 39.69 -72.47 -7.49
C MET R 200 39.55 -73.78 -8.25
N GLU R 201 38.31 -74.16 -8.57
CA GLU R 201 38.05 -75.39 -9.32
C GLU R 201 38.72 -75.34 -10.68
N GLU R 202 38.35 -74.36 -11.51
CA GLU R 202 38.98 -74.24 -12.83
C GLU R 202 40.40 -73.71 -12.65
N LYS R 203 41.25 -73.85 -13.67
CA LYS R 203 42.64 -73.38 -13.57
C LYS R 203 42.77 -71.86 -13.67
N LEU R 204 43.25 -71.24 -12.60
CA LEU R 204 43.45 -69.79 -12.54
C LEU R 204 44.31 -69.22 -13.66
N ASP R 205 43.76 -68.22 -14.34
CA ASP R 205 44.46 -67.54 -15.41
C ASP R 205 43.93 -66.10 -15.38
N GLU R 206 44.33 -65.29 -16.34
CA GLU R 206 43.89 -63.90 -16.41
C GLU R 206 42.39 -63.65 -16.67
N ASN R 207 41.67 -64.62 -17.21
CA ASN R 207 40.26 -64.43 -17.47
C ASN R 207 39.31 -64.95 -16.42
N ASN R 208 39.82 -65.34 -15.26
CA ASN R 208 38.92 -65.84 -14.23
C ASN R 208 39.28 -65.42 -12.83
N ALA R 209 40.42 -64.78 -12.67
CA ALA R 209 40.85 -64.29 -11.36
C ALA R 209 41.10 -62.82 -11.57
N GLN R 210 40.72 -62.00 -10.60
CA GLN R 210 40.93 -60.57 -10.75
C GLN R 210 41.60 -60.04 -9.52
N LEU R 211 42.67 -59.30 -9.74
CA LEU R 211 43.44 -58.67 -8.68
C LEU R 211 43.27 -57.14 -8.71
N SER R 212 43.48 -56.51 -7.56
CA SER R 212 43.39 -55.06 -7.47
C SER R 212 44.09 -54.68 -6.20
N CYS R 213 44.52 -53.44 -6.12
CA CYS R 213 45.20 -53.00 -4.91
C CYS R 213 44.85 -51.54 -4.70
N ILE R 214 45.13 -51.05 -3.51
CA ILE R 214 44.90 -49.65 -3.21
C ILE R 214 46.15 -49.19 -2.47
N THR R 215 46.72 -48.09 -2.92
CA THR R 215 47.93 -47.53 -2.33
C THR R 215 47.76 -46.01 -2.16
N LYS R 216 48.49 -45.43 -1.21
CA LYS R 216 48.42 -43.99 -0.95
C LYS R 216 48.73 -43.19 -2.20
N GLN R 217 49.79 -43.60 -2.90
CA GLN R 217 50.25 -42.93 -4.11
C GLN R 217 49.29 -42.95 -5.29
N ASP R 218 48.76 -44.10 -5.68
CA ASP R 218 47.87 -44.16 -6.85
C ASP R 218 46.40 -44.49 -6.62
N GLY R 219 46.03 -44.81 -5.39
CA GLY R 219 44.64 -45.14 -5.08
C GLY R 219 44.16 -46.51 -5.54
N PHE R 220 42.85 -46.71 -5.50
CA PHE R 220 42.26 -47.97 -5.91
C PHE R 220 42.41 -48.28 -7.38
N LYS R 221 43.24 -49.27 -7.67
CA LYS R 221 43.50 -49.69 -9.04
C LYS R 221 43.13 -51.14 -9.28
N ILE R 222 42.23 -51.37 -10.22
CA ILE R 222 41.83 -52.72 -10.59
C ILE R 222 42.82 -53.15 -11.67
N TYR R 223 43.63 -54.16 -11.35
CA TYR R 223 44.66 -54.66 -12.25
C TYR R 223 44.10 -55.12 -13.58
N ASP R 224 44.74 -54.64 -14.65
CA ASP R 224 44.33 -55.02 -15.99
C ASP R 224 44.84 -56.43 -16.30
N ASN R 225 44.04 -57.18 -17.07
CA ASN R 225 44.35 -58.56 -17.43
C ASN R 225 45.82 -58.84 -17.71
N GLU R 226 46.45 -57.98 -18.48
CA GLU R 226 47.87 -58.14 -18.83
C GLU R 226 48.77 -58.08 -17.60
N LYS R 227 48.53 -57.14 -16.70
CA LYS R 227 49.36 -57.04 -15.51
C LYS R 227 49.18 -58.29 -14.66
N THR R 228 47.93 -58.73 -14.48
CA THR R 228 47.68 -59.92 -13.66
C THR R 228 48.28 -61.17 -14.27
N ALA R 229 48.16 -61.33 -15.59
CA ALA R 229 48.74 -62.48 -16.26
C ALA R 229 50.25 -62.55 -15.97
N GLU R 230 50.96 -61.43 -16.08
CA GLU R 230 52.39 -61.42 -15.79
C GLU R 230 52.68 -61.98 -14.39
N LEU R 231 51.82 -61.62 -13.44
CA LEU R 231 51.97 -62.08 -12.06
C LEU R 231 51.69 -63.56 -11.95
N ILE R 232 50.67 -64.00 -12.67
CA ILE R 232 50.31 -65.40 -12.69
C ILE R 232 51.54 -66.14 -13.19
N LYS R 233 52.14 -65.68 -14.28
CA LYS R 233 53.34 -66.30 -14.81
C LYS R 233 54.45 -66.23 -13.76
N GLU R 234 54.67 -65.07 -13.15
CA GLU R 234 55.69 -64.95 -12.12
C GLU R 234 55.45 -65.95 -10.99
N LEU R 235 54.21 -66.42 -10.85
CA LEU R 235 53.87 -67.38 -9.81
C LEU R 235 54.23 -68.83 -10.20
N LYS R 236 53.83 -69.27 -11.41
CA LYS R 236 54.14 -70.64 -11.87
C LYS R 236 55.63 -70.92 -11.65
N GLU R 237 56.46 -69.90 -11.85
CA GLU R 237 57.88 -70.03 -11.66
C GLU R 237 58.27 -70.07 -10.19
N LYS R 238 57.66 -69.22 -9.36
CA LYS R 238 57.99 -69.25 -7.93
C LYS R 238 57.57 -70.60 -7.33
N GLU R 239 56.43 -71.13 -7.77
CA GLU R 239 55.93 -72.40 -7.28
C GLU R 239 56.68 -73.59 -7.91
N ALA R 240 57.03 -73.47 -9.19
CA ALA R 240 57.75 -74.55 -9.89
C ALA R 240 59.23 -74.72 -9.48
N ALA R 241 59.54 -74.49 -8.21
CA ALA R 241 60.90 -74.63 -7.68
C ALA R 241 60.87 -75.54 -6.45
N GLU R 242 60.62 -74.94 -5.28
CA GLU R 242 60.51 -75.66 -4.01
C GLU R 242 59.65 -74.84 -3.03
N PHE S 1 5.18 -77.87 22.79
CA PHE S 1 5.75 -76.98 23.86
C PHE S 1 6.53 -75.88 23.14
N ARG S 2 7.48 -75.25 23.84
CA ARG S 2 8.33 -74.16 23.34
C ARG S 2 8.18 -73.81 21.86
N ASN S 3 8.44 -74.78 20.98
CA ASN S 3 8.35 -74.61 19.53
C ASN S 3 7.05 -73.91 19.04
N ASN S 4 6.04 -73.86 19.89
CA ASN S 4 4.77 -73.21 19.56
C ASN S 4 4.66 -71.80 20.10
N TYR S 5 5.26 -71.57 21.26
CA TYR S 5 5.18 -70.27 21.91
C TYR S 5 6.42 -69.37 21.76
N ASP S 6 7.44 -69.83 21.03
CA ASP S 6 8.66 -69.03 20.84
C ASP S 6 8.75 -68.31 19.50
N GLY S 7 7.65 -68.29 18.78
CA GLY S 7 7.66 -67.65 17.48
C GLY S 7 7.85 -66.14 17.45
N ASP S 8 7.55 -65.46 18.55
CA ASP S 8 7.66 -64.00 18.60
C ASP S 8 7.54 -63.44 20.01
N THR S 9 7.84 -62.16 20.15
CA THR S 9 7.82 -61.49 21.45
C THR S 9 6.45 -61.07 21.91
N VAL S 10 5.45 -61.35 21.11
CA VAL S 10 4.12 -60.96 21.49
C VAL S 10 3.35 -62.17 22.03
N THR S 11 4.07 -63.23 22.37
CA THR S 11 3.42 -64.43 22.88
C THR S 11 3.99 -64.85 24.21
N PHE S 12 3.10 -65.08 25.16
CA PHE S 12 3.49 -65.51 26.48
C PHE S 12 3.38 -67.03 26.49
N SER S 13 4.30 -67.72 27.15
CA SER S 13 4.20 -69.18 27.24
C SER S 13 3.19 -69.47 28.32
N PRO S 14 2.79 -70.73 28.49
CA PRO S 14 1.80 -71.04 29.53
C PRO S 14 2.33 -70.90 30.95
N THR S 15 3.63 -70.66 31.07
CA THR S 15 4.27 -70.47 32.36
C THR S 15 4.37 -68.95 32.66
N GLY S 16 4.29 -68.12 31.62
CA GLY S 16 4.38 -66.67 31.78
C GLY S 16 5.78 -66.23 31.39
N ARG S 17 6.35 -66.95 30.44
CA ARG S 17 7.68 -66.65 29.94
C ARG S 17 7.60 -66.06 28.55
N LEU S 18 8.62 -65.30 28.21
CA LEU S 18 8.73 -64.65 26.92
C LEU S 18 9.98 -65.26 26.38
N PHE S 19 9.80 -66.21 25.50
CA PHE S 19 10.93 -66.91 24.94
C PHE S 19 11.85 -66.13 24.04
N GLN S 20 11.30 -65.28 23.20
CA GLN S 20 12.14 -64.49 22.32
C GLN S 20 13.08 -63.62 23.14
N VAL S 21 12.54 -63.08 24.23
CA VAL S 21 13.36 -62.27 25.11
C VAL S 21 14.44 -63.18 25.71
N GLU S 22 14.00 -64.35 26.19
CA GLU S 22 14.91 -65.33 26.80
C GLU S 22 16.02 -65.75 25.85
N TYR S 23 15.64 -65.99 24.60
CA TYR S 23 16.57 -66.36 23.55
C TYR S 23 17.54 -65.20 23.31
N ALA S 24 17.02 -63.98 23.45
CA ALA S 24 17.83 -62.78 23.30
C ALA S 24 18.92 -62.81 24.36
N LEU S 25 18.50 -63.02 25.60
CA LEU S 25 19.44 -63.08 26.71
C LEU S 25 20.59 -64.06 26.47
N GLU S 26 20.35 -65.09 25.66
CA GLU S 26 21.38 -66.08 25.40
C GLU S 26 22.54 -65.58 24.57
N ALA S 27 22.28 -64.68 23.62
CA ALA S 27 23.36 -64.18 22.79
C ALA S 27 24.35 -63.44 23.66
N ILE S 28 23.88 -62.98 24.82
CA ILE S 28 24.74 -62.25 25.74
C ILE S 28 25.73 -63.22 26.38
N LYS S 29 25.20 -64.32 26.90
CA LYS S 29 25.98 -65.37 27.53
C LYS S 29 27.02 -65.93 26.55
N GLN S 30 26.75 -65.79 25.24
CA GLN S 30 27.66 -66.23 24.17
C GLN S 30 28.81 -65.23 23.98
N GLY S 31 28.55 -63.96 24.31
CA GLY S 31 29.57 -62.94 24.14
C GLY S 31 30.78 -63.00 25.05
N SER S 32 31.80 -62.20 24.75
CA SER S 32 32.99 -62.18 25.59
C SER S 32 32.65 -61.61 26.93
N VAL S 33 33.63 -61.60 27.82
CA VAL S 33 33.38 -61.11 29.16
C VAL S 33 33.79 -59.67 29.43
N THR S 34 33.03 -59.01 30.28
CA THR S 34 33.35 -57.66 30.67
C THR S 34 32.93 -57.50 32.10
N VAL S 35 33.61 -56.62 32.80
CA VAL S 35 33.36 -56.37 34.20
C VAL S 35 33.29 -54.90 34.50
N GLY S 36 32.47 -54.58 35.49
CA GLY S 36 32.32 -53.23 35.95
C GLY S 36 32.40 -53.32 37.46
N LEU S 37 32.89 -52.25 38.07
CA LEU S 37 33.04 -52.15 39.51
C LEU S 37 33.30 -50.69 39.80
N ARG S 38 32.67 -50.17 40.84
CA ARG S 38 32.84 -48.77 41.20
C ARG S 38 33.25 -48.63 42.64
N SER S 39 33.95 -47.56 42.95
CA SER S 39 34.32 -47.28 44.32
C SER S 39 33.32 -46.17 44.62
N ASN S 40 33.70 -45.19 45.43
CA ASN S 40 32.79 -44.08 45.69
C ASN S 40 33.24 -42.88 44.84
N THR S 41 34.41 -42.98 44.18
CA THR S 41 34.96 -41.90 43.35
C THR S 41 35.18 -42.18 41.86
N HIS S 42 35.30 -43.44 41.50
CA HIS S 42 35.51 -43.82 40.09
C HIS S 42 34.68 -45.04 39.78
N ALA S 43 34.56 -45.34 38.49
CA ALA S 43 33.82 -46.49 38.02
C ALA S 43 34.68 -46.96 36.87
N VAL S 44 34.99 -48.26 36.86
CA VAL S 44 35.83 -48.78 35.81
C VAL S 44 35.12 -49.86 35.06
N LEU S 45 35.59 -50.06 33.85
CA LEU S 45 35.07 -51.09 33.01
C LEU S 45 36.28 -51.77 32.45
N VAL S 46 36.28 -53.08 32.55
CA VAL S 46 37.36 -53.88 32.00
C VAL S 46 36.57 -54.88 31.20
N ALA S 47 36.95 -55.07 29.96
CA ALA S 47 36.23 -56.00 29.13
C ALA S 47 37.25 -56.72 28.30
N LEU S 48 37.04 -58.01 28.13
CA LEU S 48 37.91 -58.84 27.31
C LEU S 48 37.40 -58.73 25.89
N LYS S 49 38.26 -58.27 24.98
CA LYS S 49 37.88 -58.14 23.60
C LYS S 49 38.12 -59.48 22.93
N ARG S 50 37.28 -59.82 21.95
CA ARG S 50 37.35 -61.10 21.25
C ARG S 50 37.62 -61.02 19.74
N ASN S 51 38.76 -61.57 19.34
CA ASN S 51 39.13 -61.61 17.92
C ASN S 51 38.40 -62.75 17.22
N ALA S 52 38.50 -62.82 15.89
CA ALA S 52 37.84 -63.88 15.11
C ALA S 52 38.88 -64.90 14.63
N ASP S 53 40.07 -64.39 14.30
CA ASP S 53 41.22 -65.17 13.85
C ASP S 53 42.46 -64.54 14.47
N GLU S 54 43.61 -65.15 14.30
CA GLU S 54 44.83 -64.58 14.84
C GLU S 54 45.26 -63.51 13.83
N LEU S 55 44.43 -63.35 12.82
CA LEU S 55 44.67 -62.39 11.74
C LEU S 55 43.69 -61.23 11.79
N SER S 56 42.98 -61.07 12.90
CA SER S 56 41.99 -59.99 13.04
C SER S 56 42.03 -59.12 14.31
N SER S 57 41.22 -58.07 14.29
CA SER S 57 41.09 -57.14 15.40
C SER S 57 40.20 -57.75 16.48
N TYR S 58 40.29 -57.20 17.70
CA TYR S 58 39.48 -57.65 18.84
C TYR S 58 38.29 -56.68 19.00
N GLN S 59 37.12 -57.13 18.57
CA GLN S 59 35.89 -56.34 18.60
C GLN S 59 35.79 -55.35 19.76
N LYS S 60 35.72 -54.06 19.44
CA LYS S 60 35.63 -53.02 20.46
C LYS S 60 34.36 -53.17 21.28
N LYS S 61 34.50 -53.24 22.59
CA LYS S 61 33.35 -53.45 23.45
C LYS S 61 32.94 -52.31 24.36
N ILE S 62 33.70 -51.23 24.35
CA ILE S 62 33.32 -50.10 25.20
C ILE S 62 33.03 -48.87 24.33
N ILE S 63 32.00 -48.13 24.72
CA ILE S 63 31.56 -46.95 24.01
C ILE S 63 31.32 -45.79 24.96
N LYS S 64 31.85 -44.64 24.57
CA LYS S 64 31.71 -43.42 25.34
C LYS S 64 30.41 -42.83 24.90
N CYS S 65 29.56 -42.50 25.85
CA CYS S 65 28.27 -41.91 25.51
C CYS S 65 28.31 -40.40 25.68
N ASP S 66 28.99 -39.93 26.72
CA ASP S 66 29.14 -38.50 27.00
C ASP S 66 30.47 -38.39 27.72
N GLU S 67 30.82 -37.19 28.17
CA GLU S 67 32.07 -37.01 28.88
C GLU S 67 31.94 -37.62 30.25
N HIS S 68 30.70 -37.86 30.67
CA HIS S 68 30.44 -38.44 31.99
C HIS S 68 29.80 -39.84 32.01
N MET S 69 29.67 -40.49 30.86
CA MET S 69 29.01 -41.77 30.83
C MET S 69 29.56 -42.63 29.73
N GLY S 70 29.43 -43.94 29.91
CA GLY S 70 29.92 -44.86 28.90
C GLY S 70 29.52 -46.25 29.29
N LEU S 71 29.72 -47.20 28.37
CA LEU S 71 29.33 -48.57 28.62
C LEU S 71 30.16 -49.60 27.85
N SER S 72 30.16 -50.82 28.36
CA SER S 72 30.85 -51.94 27.73
C SER S 72 29.69 -52.82 27.30
N LEU S 73 29.84 -53.43 26.13
CA LEU S 73 28.80 -54.27 25.54
C LEU S 73 29.14 -55.75 25.56
N ALA S 74 28.09 -56.56 25.61
CA ALA S 74 28.25 -57.99 25.56
C ALA S 74 27.13 -58.58 24.73
N GLY S 75 27.50 -59.04 23.54
CA GLY S 75 26.55 -59.66 22.65
C GLY S 75 26.59 -59.13 21.23
N LEU S 76 25.39 -58.91 20.70
CA LEU S 76 25.19 -58.39 19.36
C LEU S 76 25.61 -56.93 19.29
N ALA S 77 26.78 -56.68 18.70
CA ALA S 77 27.34 -55.34 18.55
C ALA S 77 26.38 -54.31 17.92
N PRO S 78 25.77 -54.64 16.77
CA PRO S 78 24.86 -53.68 16.15
C PRO S 78 23.90 -53.16 17.19
N ASP S 79 23.23 -54.06 17.88
CA ASP S 79 22.28 -53.62 18.87
C ASP S 79 22.93 -52.72 19.89
N ALA S 80 24.23 -52.90 20.09
CA ALA S 80 24.95 -52.08 21.04
C ALA S 80 25.02 -50.68 20.46
N ARG S 81 25.39 -50.61 19.18
CA ARG S 81 25.48 -49.32 18.51
C ARG S 81 24.13 -48.62 18.66
N VAL S 82 23.06 -49.23 18.16
CA VAL S 82 21.74 -48.64 18.25
C VAL S 82 21.42 -48.12 19.63
N LEU S 83 21.80 -48.88 20.66
CA LEU S 83 21.51 -48.44 22.02
C LEU S 83 22.41 -47.34 22.57
N SER S 84 23.70 -47.41 22.27
CA SER S 84 24.62 -46.41 22.77
C SER S 84 24.28 -45.11 22.05
N ASN S 85 23.97 -45.22 20.76
CA ASN S 85 23.60 -44.06 19.97
C ASN S 85 22.42 -43.40 20.66
N TYR S 86 21.45 -44.19 21.11
CA TYR S 86 20.32 -43.62 21.81
C TYR S 86 20.76 -42.98 23.10
N LEU S 87 21.71 -43.59 23.79
CA LEU S 87 22.22 -43.03 25.03
C LEU S 87 22.96 -41.73 24.75
N ARG S 88 23.61 -41.65 23.60
CA ARG S 88 24.32 -40.46 23.20
C ARG S 88 23.33 -39.29 22.99
N GLN S 89 22.25 -39.58 22.28
CA GLN S 89 21.23 -38.59 22.00
C GLN S 89 20.59 -38.05 23.28
N GLN S 90 20.15 -38.93 24.17
CA GLN S 90 19.54 -38.45 25.41
C GLN S 90 20.47 -37.62 26.28
N CYS S 91 21.77 -37.89 26.21
CA CYS S 91 22.78 -37.16 26.98
C CYS S 91 22.90 -35.79 26.38
N ASN S 92 22.89 -35.76 25.05
CA ASN S 92 22.98 -34.53 24.27
C ASN S 92 21.79 -33.65 24.59
N TYR S 93 20.59 -34.22 24.54
CA TYR S 93 19.40 -33.45 24.82
C TYR S 93 19.42 -32.78 26.17
N SER S 94 19.88 -33.48 27.21
CA SER S 94 19.93 -32.89 28.55
C SER S 94 20.87 -31.69 28.60
N SER S 95 22.03 -31.84 27.98
CA SER S 95 23.01 -30.78 27.94
C SER S 95 22.42 -29.57 27.20
N LEU S 96 21.94 -29.80 25.98
CA LEU S 96 21.37 -28.74 25.14
C LEU S 96 20.15 -28.06 25.71
N VAL S 97 19.13 -28.82 26.04
CA VAL S 97 17.90 -28.24 26.53
C VAL S 97 17.86 -27.82 28.00
N PHE S 98 18.72 -28.39 28.84
CA PHE S 98 18.68 -28.06 30.26
C PHE S 98 20.02 -27.67 30.82
N ASN S 99 21.07 -27.87 30.03
CA ASN S 99 22.44 -27.60 30.45
C ASN S 99 22.68 -28.40 31.74
N ARG S 100 22.30 -29.69 31.67
CA ARG S 100 22.37 -30.63 32.78
C ARG S 100 22.95 -31.95 32.35
N LYS S 101 23.94 -32.43 33.08
CA LYS S 101 24.51 -33.70 32.73
C LYS S 101 23.49 -34.73 33.16
N LEU S 102 23.19 -35.61 32.22
CA LEU S 102 22.21 -36.65 32.41
C LEU S 102 22.56 -37.58 33.54
N ALA S 103 21.57 -37.85 34.39
CA ALA S 103 21.72 -38.72 35.54
C ALA S 103 21.79 -40.17 35.08
N VAL S 104 22.82 -40.89 35.52
CA VAL S 104 22.97 -42.28 35.12
C VAL S 104 21.68 -43.02 35.45
N GLU S 105 21.12 -42.73 36.60
CA GLU S 105 19.89 -43.36 37.00
C GLU S 105 18.85 -43.14 35.90
N ARG S 106 18.81 -41.94 35.35
CA ARG S 106 17.84 -41.63 34.32
C ARG S 106 18.21 -42.30 33.02
N ALA S 107 19.50 -42.31 32.70
CA ALA S 107 19.97 -42.95 31.49
C ALA S 107 19.49 -44.41 31.56
N GLY S 108 19.58 -44.98 32.75
CA GLY S 108 19.14 -46.33 32.96
C GLY S 108 17.69 -46.41 32.62
N HIS S 109 16.88 -45.63 33.31
CA HIS S 109 15.44 -45.63 33.08
C HIS S 109 15.08 -45.51 31.60
N LEU S 110 15.87 -44.75 30.85
CA LEU S 110 15.58 -44.57 29.45
C LEU S 110 15.87 -45.78 28.63
N LEU S 111 17.00 -46.44 28.92
CA LEU S 111 17.36 -47.67 28.19
C LEU S 111 16.32 -48.76 28.40
N CYS S 112 15.93 -48.97 29.63
CA CYS S 112 14.91 -49.96 29.92
C CYS S 112 13.69 -49.72 29.03
N ASP S 113 13.15 -48.50 29.07
CA ASP S 113 11.96 -48.14 28.28
C ASP S 113 12.13 -48.35 26.77
N LYS S 114 13.35 -48.23 26.27
CA LYS S 114 13.54 -48.42 24.83
C LYS S 114 13.48 -49.90 24.45
N ALA S 115 14.20 -50.73 25.21
CA ALA S 115 14.20 -52.17 24.97
C ALA S 115 12.79 -52.74 25.09
N GLN S 116 12.09 -52.38 26.16
CA GLN S 116 10.75 -52.87 26.40
C GLN S 116 9.80 -52.78 25.22
N LYS S 117 9.97 -51.79 24.36
CA LYS S 117 9.08 -51.66 23.22
C LYS S 117 9.25 -52.81 22.24
N ASN S 118 10.46 -53.33 22.15
CA ASN S 118 10.75 -54.47 21.29
C ASN S 118 10.48 -55.79 22.01
N THR S 119 9.72 -55.75 23.10
CA THR S 119 9.37 -56.96 23.89
C THR S 119 7.87 -57.03 24.21
N GLN S 120 7.07 -56.33 23.39
CA GLN S 120 5.62 -56.30 23.55
C GLN S 120 5.03 -55.89 22.18
N SER S 121 5.91 -55.66 21.20
CA SER S 121 5.49 -55.25 19.86
C SER S 121 5.80 -56.26 18.74
N TYR S 122 4.78 -56.49 17.91
CA TYR S 122 4.81 -57.41 16.78
C TYR S 122 5.89 -57.15 15.72
N GLY S 123 6.43 -58.22 15.15
CA GLY S 123 7.46 -58.08 14.14
C GLY S 123 8.77 -57.50 14.65
N GLY S 124 8.76 -56.92 15.86
CA GLY S 124 9.95 -56.33 16.44
C GLY S 124 10.82 -57.42 17.02
N ARG S 125 11.99 -57.07 17.53
CA ARG S 125 12.82 -58.09 18.10
C ARG S 125 13.58 -57.52 19.26
N PRO S 126 13.68 -58.28 20.37
CA PRO S 126 14.41 -57.78 21.52
C PRO S 126 15.81 -57.48 21.09
N TYR S 127 16.49 -56.70 21.90
CA TYR S 127 17.86 -56.36 21.58
C TYR S 127 18.64 -57.54 22.06
N GLY S 128 19.75 -57.81 21.41
CA GLY S 128 20.56 -58.95 21.81
C GLY S 128 21.91 -58.54 22.31
N VAL S 129 21.91 -57.84 23.42
CA VAL S 129 23.16 -57.43 23.97
C VAL S 129 22.89 -56.93 25.35
N GLY S 130 23.83 -57.16 26.23
CA GLY S 130 23.70 -56.70 27.60
C GLY S 130 24.65 -55.55 27.67
N LEU S 131 24.44 -54.65 28.63
CA LEU S 131 25.31 -53.48 28.75
C LEU S 131 25.69 -53.14 30.17
N LEU S 132 26.95 -52.79 30.34
CA LEU S 132 27.47 -52.38 31.63
C LEU S 132 27.67 -50.88 31.45
N ILE S 133 27.03 -50.09 32.29
CA ILE S 133 27.11 -48.65 32.18
C ILE S 133 27.72 -48.03 33.40
N ILE S 134 28.67 -47.14 33.22
CA ILE S 134 29.29 -46.49 34.33
C ILE S 134 29.23 -45.01 34.11
N GLY S 135 29.32 -44.24 35.18
CA GLY S 135 29.28 -42.81 35.04
C GLY S 135 29.39 -42.07 36.34
N TYR S 136 29.88 -40.83 36.27
CA TYR S 136 30.01 -40.00 37.45
C TYR S 136 29.09 -38.80 37.26
N ASP S 137 28.34 -38.43 38.28
CA ASP S 137 27.46 -37.31 38.15
C ASP S 137 27.28 -36.57 39.47
N LYS S 138 26.24 -35.76 39.55
CA LYS S 138 25.96 -34.97 40.74
C LYS S 138 25.88 -35.77 42.04
N SER S 139 25.73 -37.10 41.94
CA SER S 139 25.67 -37.93 43.13
C SER S 139 26.72 -39.04 43.20
N GLY S 140 27.89 -38.79 42.64
CA GLY S 140 28.96 -39.75 42.73
C GLY S 140 29.10 -40.71 41.57
N ALA S 141 29.75 -41.84 41.82
CA ALA S 141 29.99 -42.85 40.80
C ALA S 141 28.86 -43.87 40.68
N HIS S 142 28.69 -44.41 39.48
CA HIS S 142 27.64 -45.38 39.22
C HIS S 142 28.04 -46.42 38.20
N LEU S 143 27.39 -47.57 38.32
CA LEU S 143 27.56 -48.71 37.45
C LEU S 143 26.17 -49.32 37.32
N LEU S 144 25.74 -49.51 36.08
CA LEU S 144 24.43 -50.02 35.80
C LEU S 144 24.57 -51.21 34.89
N GLU S 145 23.70 -52.20 35.07
CA GLU S 145 23.73 -53.39 34.22
C GLU S 145 22.40 -53.42 33.52
N PHE S 146 22.45 -53.51 32.19
CA PHE S 146 21.26 -53.55 31.33
C PHE S 146 21.07 -54.89 30.60
N GLN S 147 19.85 -55.42 30.65
CA GLN S 147 19.53 -56.68 29.99
C GLN S 147 18.35 -56.46 29.01
N PRO S 148 18.42 -57.09 27.80
CA PRO S 148 17.39 -57.00 26.77
C PRO S 148 15.99 -57.24 27.24
N SER S 149 15.83 -57.84 28.42
CA SER S 149 14.50 -58.09 28.96
C SER S 149 13.88 -56.77 29.30
N GLY S 150 14.76 -55.78 29.46
CA GLY S 150 14.39 -54.44 29.84
C GLY S 150 14.81 -54.12 31.26
N ASN S 151 15.33 -55.12 31.97
CA ASN S 151 15.75 -54.97 33.36
C ASN S 151 17.12 -54.27 33.48
N VAL S 152 17.16 -53.22 34.29
CA VAL S 152 18.39 -52.46 34.57
C VAL S 152 18.59 -52.38 36.08
N THR S 153 19.81 -52.68 36.49
CA THR S 153 20.15 -52.69 37.90
C THR S 153 21.46 -51.98 38.17
N GLU S 154 21.47 -51.24 39.27
CA GLU S 154 22.67 -50.51 39.69
C GLU S 154 23.38 -51.36 40.75
N LEU S 155 24.67 -51.60 40.54
CA LEU S 155 25.44 -52.44 41.43
C LEU S 155 26.81 -51.85 41.72
N TYR S 156 27.44 -52.31 42.79
CA TYR S 156 28.77 -51.86 43.17
C TYR S 156 29.71 -52.39 42.10
N GLY S 157 29.31 -53.45 41.45
CA GLY S 157 30.14 -54.05 40.42
C GLY S 157 29.40 -55.23 39.88
N THR S 158 29.94 -55.84 38.85
CA THR S 158 29.33 -57.01 38.25
C THR S 158 30.10 -57.36 36.99
N ALA S 159 29.65 -58.41 36.33
CA ALA S 159 30.29 -58.86 35.10
C ALA S 159 29.26 -59.58 34.26
N ILE S 160 29.48 -59.58 32.94
CA ILE S 160 28.56 -60.24 32.02
C ILE S 160 29.36 -60.84 30.88
N GLY S 161 28.71 -61.75 30.16
CA GLY S 161 29.36 -62.42 29.05
C GLY S 161 29.65 -63.87 29.46
N ALA S 162 30.33 -64.62 28.62
CA ALA S 162 30.68 -66.00 28.89
C ALA S 162 31.57 -66.08 30.14
N ARG S 163 31.25 -67.01 31.03
CA ARG S 163 32.01 -67.26 32.27
C ARG S 163 31.95 -66.10 33.27
N SER S 164 31.10 -65.12 32.98
CA SER S 164 30.93 -63.95 33.83
C SER S 164 30.86 -64.32 35.28
N GLN S 165 30.20 -65.44 35.56
CA GLN S 165 30.00 -65.87 36.92
C GLN S 165 31.26 -65.91 37.77
N GLY S 166 32.41 -66.09 37.11
CA GLY S 166 33.67 -66.12 37.84
C GLY S 166 33.83 -64.80 38.55
N ALA S 167 34.01 -63.76 37.74
CA ALA S 167 34.21 -62.41 38.26
C ALA S 167 33.04 -61.97 39.14
N LYS S 168 31.81 -62.27 38.74
CA LYS S 168 30.68 -61.84 39.53
C LYS S 168 30.77 -62.34 40.98
N THR S 169 31.29 -63.55 41.18
CA THR S 169 31.45 -64.09 42.53
C THR S 169 32.64 -63.41 43.19
N TYR S 170 33.75 -63.31 42.43
CA TYR S 170 34.97 -62.66 42.90
C TYR S 170 34.66 -61.31 43.53
N LEU S 171 34.02 -60.43 42.75
CA LEU S 171 33.65 -59.12 43.25
C LEU S 171 32.77 -59.28 44.48
N GLU S 172 31.79 -60.19 44.43
CA GLU S 172 30.87 -60.41 45.57
C GLU S 172 31.59 -60.61 46.91
N ARG S 173 32.85 -61.02 46.83
CA ARG S 173 33.67 -61.22 48.01
C ARG S 173 34.54 -59.96 48.16
N THR S 174 35.22 -59.60 47.06
CA THR S 174 36.11 -58.43 46.98
C THR S 174 35.45 -57.07 47.30
N LEU S 175 34.12 -57.07 47.44
CA LEU S 175 33.36 -55.85 47.71
C LEU S 175 33.97 -54.94 48.78
N ASP S 176 33.86 -55.36 50.04
CA ASP S 176 34.36 -54.58 51.17
C ASP S 176 35.71 -53.92 50.87
N THR S 177 36.48 -54.53 50.00
CA THR S 177 37.78 -53.98 49.62
C THR S 177 37.70 -52.87 48.57
N PHE S 178 37.30 -53.21 47.34
CA PHE S 178 37.25 -52.21 46.25
C PHE S 178 36.38 -50.99 46.45
N ILE S 179 35.24 -51.15 47.12
CA ILE S 179 34.35 -50.03 47.33
C ILE S 179 35.03 -48.92 48.12
N LYS S 180 36.18 -49.27 48.71
CA LYS S 180 36.96 -48.32 49.51
C LYS S 180 38.19 -47.81 48.75
N ILE S 181 38.32 -48.17 47.48
CA ILE S 181 39.45 -47.68 46.71
C ILE S 181 39.10 -46.28 46.21
N ASP S 182 39.15 -45.32 47.12
CA ASP S 182 38.82 -43.93 46.82
C ASP S 182 40.09 -43.13 46.51
N GLY S 183 40.06 -42.36 45.43
CA GLY S 183 41.21 -41.54 45.09
C GLY S 183 42.40 -42.26 44.50
N ASN S 184 42.21 -43.50 44.09
CA ASN S 184 43.30 -44.24 43.50
C ASN S 184 42.77 -44.98 42.28
N PRO S 185 42.80 -44.34 41.12
CA PRO S 185 42.32 -44.94 39.88
C PRO S 185 42.96 -46.29 39.51
N ASP S 186 44.27 -46.31 39.31
CA ASP S 186 44.96 -47.54 38.94
C ASP S 186 44.56 -48.79 39.75
N GLU S 187 44.36 -48.64 41.05
CA GLU S 187 43.96 -49.76 41.90
C GLU S 187 42.63 -50.36 41.45
N LEU S 188 41.60 -49.54 41.36
CA LEU S 188 40.28 -50.01 40.95
C LEU S 188 40.43 -50.74 39.65
N ILE S 189 41.21 -50.17 38.74
CA ILE S 189 41.43 -50.82 37.49
C ILE S 189 41.97 -52.21 37.79
N LYS S 190 43.05 -52.27 38.58
CA LYS S 190 43.67 -53.54 38.97
C LYS S 190 42.57 -54.48 39.45
N ALA S 191 41.80 -54.02 40.44
CA ALA S 191 40.71 -54.80 41.01
C ALA S 191 39.85 -55.31 39.87
N GLY S 192 39.59 -54.43 38.90
CA GLY S 192 38.80 -54.81 37.75
C GLY S 192 39.50 -55.94 37.02
N VAL S 193 40.76 -55.75 36.67
CA VAL S 193 41.53 -56.77 35.94
C VAL S 193 41.51 -58.13 36.65
N GLU S 194 41.76 -58.11 37.95
CA GLU S 194 41.75 -59.32 38.74
C GLU S 194 40.40 -59.96 38.50
N ALA S 195 39.34 -59.24 38.82
CA ALA S 195 37.98 -59.71 38.62
C ALA S 195 37.80 -60.30 37.23
N ILE S 196 38.23 -59.58 36.21
CA ILE S 196 38.07 -60.08 34.85
C ILE S 196 38.81 -61.38 34.68
N SER S 197 39.97 -61.50 35.31
CA SER S 197 40.71 -62.73 35.16
C SER S 197 40.00 -63.95 35.77
N GLN S 198 39.05 -63.71 36.66
CA GLN S 198 38.31 -64.81 37.28
C GLN S 198 37.36 -65.57 36.32
N SER S 199 37.13 -65.00 35.14
CA SER S 199 36.25 -65.62 34.16
C SER S 199 37.02 -66.02 32.90
N LEU S 200 38.31 -66.30 33.08
CA LEU S 200 39.16 -66.70 31.96
C LEU S 200 39.34 -68.23 31.88
N ARG S 201 39.90 -68.71 30.77
CA ARG S 201 40.15 -70.14 30.53
C ARG S 201 41.11 -70.21 29.33
N ASP S 202 40.73 -69.52 28.27
CA ASP S 202 41.46 -69.43 26.98
C ASP S 202 42.98 -69.25 27.16
N GLU S 203 43.39 -68.00 27.29
CA GLU S 203 44.77 -67.64 27.47
C GLU S 203 44.74 -66.41 28.38
N SER S 204 45.91 -65.96 28.83
CA SER S 204 45.99 -64.81 29.72
C SER S 204 45.66 -63.51 28.95
N LEU S 205 45.01 -62.56 29.64
CA LEU S 205 44.62 -61.28 29.04
C LEU S 205 45.84 -60.49 28.56
N THR S 206 45.86 -60.15 27.26
CA THR S 206 47.00 -59.43 26.67
C THR S 206 46.70 -58.02 26.20
N VAL S 207 47.61 -57.50 25.39
CA VAL S 207 47.52 -56.17 24.80
C VAL S 207 46.35 -56.02 23.84
N ASP S 208 46.26 -56.91 22.85
CA ASP S 208 45.18 -56.83 21.90
C ASP S 208 43.90 -57.35 22.54
N ASN S 209 44.07 -58.06 23.64
CA ASN S 209 42.98 -58.69 24.35
C ASN S 209 42.17 -57.86 25.35
N LEU S 210 42.85 -56.94 26.03
CA LEU S 210 42.19 -56.13 27.05
C LEU S 210 41.66 -54.77 26.62
N SER S 211 40.61 -54.34 27.32
CA SER S 211 39.92 -53.07 27.11
C SER S 211 39.42 -52.55 28.48
N ILE S 212 39.89 -51.38 28.88
CA ILE S 212 39.48 -50.77 30.15
C ILE S 212 39.01 -49.33 29.92
N ALA S 213 38.06 -48.90 30.74
CA ALA S 213 37.52 -47.57 30.63
C ALA S 213 37.29 -47.06 32.03
N ILE S 214 37.57 -45.79 32.22
CA ILE S 214 37.39 -45.21 33.53
C ILE S 214 36.76 -43.84 33.49
N VAL S 215 35.93 -43.60 34.49
CA VAL S 215 35.22 -42.34 34.66
C VAL S 215 35.27 -42.04 36.16
N GLY S 216 35.28 -40.75 36.53
CA GLY S 216 35.33 -40.38 37.94
C GLY S 216 35.38 -38.89 38.23
N LYS S 217 35.43 -38.56 39.51
CA LYS S 217 35.49 -37.18 40.04
C LYS S 217 36.13 -36.18 39.10
N ASP S 218 37.45 -36.26 38.93
CA ASP S 218 38.15 -35.33 38.05
C ASP S 218 38.73 -36.10 36.87
N THR S 219 37.97 -37.08 36.40
CA THR S 219 38.41 -37.92 35.30
C THR S 219 37.31 -38.11 34.29
N PRO S 220 37.47 -37.59 33.07
CA PRO S 220 36.44 -37.75 32.05
C PRO S 220 36.53 -39.17 31.46
N PHE S 221 35.38 -39.75 31.12
CA PHE S 221 35.28 -41.09 30.57
C PHE S 221 36.33 -41.31 29.51
N THR S 222 37.39 -42.00 29.87
CA THR S 222 38.45 -42.24 28.91
C THR S 222 38.72 -43.70 28.64
N ILE S 223 38.91 -43.98 27.35
CA ILE S 223 39.14 -45.33 26.87
C ILE S 223 40.60 -45.69 26.67
N TYR S 224 41.01 -46.70 27.41
CA TYR S 224 42.37 -47.21 27.36
C TYR S 224 42.35 -48.54 26.63
N ASP S 225 43.13 -48.63 25.55
CA ASP S 225 43.23 -49.84 24.76
C ASP S 225 44.66 -50.16 24.38
N GLY S 226 45.01 -51.45 24.46
CA GLY S 226 46.32 -51.93 24.10
C GLY S 226 47.55 -51.33 24.76
N GLU S 227 48.36 -50.67 23.96
CA GLU S 227 49.61 -50.03 24.38
C GLU S 227 49.56 -49.42 25.79
N ALA S 228 48.39 -48.91 26.18
CA ALA S 228 48.21 -48.28 27.50
C ALA S 228 47.70 -49.13 28.66
N VAL S 229 47.23 -50.36 28.39
CA VAL S 229 46.74 -51.24 29.48
C VAL S 229 47.86 -52.16 29.97
N ALA S 230 49.00 -52.11 29.30
CA ALA S 230 50.17 -52.92 29.61
C ALA S 230 50.47 -52.98 31.09
N LYS S 231 50.49 -51.83 31.74
CA LYS S 231 50.78 -51.77 33.17
C LYS S 231 49.72 -52.42 34.08
N TYR S 232 48.59 -52.85 33.51
CA TYR S 232 47.52 -53.44 34.32
C TYR S 232 47.38 -54.97 34.30
N ILE S 233 48.28 -55.67 33.61
CA ILE S 233 48.20 -57.13 33.56
C ILE S 233 48.83 -57.77 34.80
N GLY T 1 -10.82 -78.46 18.49
CA GLY T 1 -9.34 -78.40 18.30
C GLY T 1 -8.68 -77.50 19.33
N THR T 2 -7.41 -77.13 19.10
CA THR T 2 -6.70 -76.25 20.02
C THR T 2 -6.02 -75.10 19.28
N GLY T 3 -5.07 -74.46 19.96
CA GLY T 3 -4.35 -73.33 19.35
C GLY T 3 -4.94 -72.00 19.77
N TYR T 4 -6.03 -72.07 20.52
CA TYR T 4 -6.72 -70.87 21.00
C TYR T 4 -5.90 -70.06 21.99
N ASP T 5 -4.63 -70.38 22.10
CA ASP T 5 -3.79 -69.68 23.04
C ASP T 5 -2.50 -69.20 22.42
N LEU T 6 -2.49 -69.07 21.10
CA LEU T 6 -1.27 -68.60 20.47
C LEU T 6 -1.44 -67.15 20.08
N SER T 7 -2.67 -66.66 20.19
CA SER T 7 -2.98 -65.30 19.83
C SER T 7 -3.73 -64.57 20.92
N ASN T 8 -3.28 -63.36 21.20
CA ASN T 8 -3.83 -62.56 22.24
C ASN T 8 -5.30 -62.15 22.18
N SER T 9 -5.91 -61.99 21.04
CA SER T 9 -7.28 -61.56 21.15
C SER T 9 -8.30 -62.65 21.02
N VAL T 10 -7.84 -63.87 20.80
CA VAL T 10 -8.74 -65.00 20.59
C VAL T 10 -9.46 -65.54 21.81
N PHE T 11 -10.78 -65.67 21.68
CA PHE T 11 -11.61 -66.23 22.72
C PHE T 11 -11.50 -67.71 22.53
N SER T 12 -11.45 -68.44 23.64
CA SER T 12 -11.39 -69.91 23.63
C SER T 12 -12.84 -70.37 23.64
N PRO T 13 -13.09 -71.67 23.44
CA PRO T 13 -14.49 -72.11 23.44
C PRO T 13 -15.22 -71.88 24.77
N ASP T 14 -14.43 -71.73 25.84
CA ASP T 14 -14.97 -71.48 27.15
C ASP T 14 -15.05 -70.00 27.44
N GLY T 15 -14.75 -69.16 26.43
CA GLY T 15 -14.82 -67.72 26.58
C GLY T 15 -13.75 -67.02 27.41
N ARG T 16 -12.54 -67.53 27.34
CA ARG T 16 -11.48 -66.94 28.12
C ARG T 16 -10.46 -66.46 27.14
N ASN T 17 -9.54 -65.62 27.61
CA ASN T 17 -8.51 -65.12 26.74
C ASN T 17 -7.19 -65.62 27.27
N PHE T 18 -6.84 -66.82 26.87
CA PHE T 18 -5.63 -67.47 27.33
C PHE T 18 -4.37 -66.64 27.44
N GLN T 19 -4.07 -65.77 26.48
CA GLN T 19 -2.85 -65.00 26.64
C GLN T 19 -2.93 -64.08 27.87
N VAL T 20 -4.11 -63.58 28.20
CA VAL T 20 -4.30 -62.70 29.36
C VAL T 20 -3.95 -63.49 30.60
N GLU T 21 -4.43 -64.73 30.64
CA GLU T 21 -4.18 -65.63 31.76
C GLU T 21 -2.74 -66.09 31.84
N TYR T 22 -2.07 -66.30 30.72
CA TYR T 22 -0.67 -66.68 30.83
C TYR T 22 0.10 -65.51 31.39
N ALA T 23 -0.41 -64.30 31.12
CA ALA T 23 0.21 -63.06 31.59
C ALA T 23 0.22 -63.06 33.09
N VAL T 24 -0.94 -63.35 33.66
CA VAL T 24 -1.12 -63.43 35.10
C VAL T 24 -0.03 -64.31 35.72
N LYS T 25 0.33 -65.40 35.05
CA LYS T 25 1.35 -66.28 35.57
C LYS T 25 2.68 -65.54 35.73
N ALA T 26 3.04 -64.70 34.76
CA ALA T 26 4.29 -63.94 34.83
C ALA T 26 4.26 -63.08 36.08
N VAL T 27 3.06 -62.63 36.42
CA VAL T 27 2.79 -61.80 37.60
C VAL T 27 3.11 -62.65 38.84
N GLU T 28 2.37 -63.74 39.00
CA GLU T 28 2.53 -64.65 40.13
C GLU T 28 3.94 -65.08 40.40
N ASN T 29 4.78 -65.08 39.37
CA ASN T 29 6.17 -65.46 39.55
C ASN T 29 6.97 -64.26 40.04
N GLY T 30 6.26 -63.24 40.50
CA GLY T 30 6.96 -62.06 40.93
C GLY T 30 6.81 -61.65 42.37
N THR T 31 7.68 -60.73 42.77
CA THR T 31 7.75 -60.16 44.10
C THR T 31 6.40 -59.69 44.61
N THR T 32 6.25 -59.63 45.91
CA THR T 32 4.97 -59.18 46.41
C THR T 32 5.02 -57.70 46.73
N SER T 33 3.85 -57.11 46.79
CA SER T 33 3.71 -55.71 47.09
C SER T 33 2.27 -55.57 47.45
N ILE T 34 1.96 -54.64 48.34
CA ILE T 34 0.59 -54.50 48.75
C ILE T 34 0.22 -53.05 48.86
N GLY T 35 -1.02 -52.84 49.23
CA GLY T 35 -1.54 -51.52 49.41
C GLY T 35 -2.57 -51.62 50.51
N ILE T 36 -2.46 -50.75 51.49
CA ILE T 36 -3.42 -50.74 52.58
C ILE T 36 -4.03 -49.36 52.54
N LYS T 37 -5.33 -49.30 52.38
CA LYS T 37 -6.00 -48.02 52.38
C LYS T 37 -6.16 -47.71 53.86
N CYS T 38 -6.24 -46.42 54.21
CA CYS T 38 -6.42 -46.03 55.60
C CYS T 38 -7.40 -44.86 55.77
N ASN T 39 -7.61 -44.39 56.99
CA ASN T 39 -8.59 -43.32 57.27
C ASN T 39 -8.52 -42.01 56.47
N ASP T 40 -7.37 -41.74 55.87
CA ASP T 40 -7.19 -40.52 55.07
C ASP T 40 -6.04 -40.66 54.07
N GLY T 41 -5.73 -41.89 53.67
CA GLY T 41 -4.65 -42.08 52.73
C GLY T 41 -4.50 -43.54 52.35
N VAL T 42 -3.35 -43.88 51.80
CA VAL T 42 -3.06 -45.23 51.37
C VAL T 42 -1.57 -45.42 51.54
N VAL T 43 -1.16 -46.67 51.76
CA VAL T 43 0.25 -46.98 51.91
C VAL T 43 0.57 -48.09 50.95
N PHE T 44 1.78 -48.05 50.42
CA PHE T 44 2.22 -49.02 49.46
C PHE T 44 3.53 -49.50 49.96
N ALA T 45 3.82 -50.75 49.68
CA ALA T 45 5.06 -51.34 50.07
C ALA T 45 5.27 -52.55 49.19
N VAL T 46 6.53 -52.86 48.93
CA VAL T 46 6.87 -53.97 48.09
C VAL T 46 8.09 -54.69 48.62
N GLU T 47 8.17 -55.98 48.34
CA GLU T 47 9.29 -56.78 48.73
C GLU T 47 10.29 -56.48 47.61
N LYS T 48 11.57 -56.37 47.93
CA LYS T 48 12.55 -56.13 46.88
C LYS T 48 13.60 -57.17 47.09
N LEU T 49 13.55 -58.24 46.31
CA LEU T 49 14.52 -59.31 46.49
C LEU T 49 15.97 -58.90 46.26
N ILE T 50 16.80 -59.22 47.26
CA ILE T 50 18.21 -58.91 47.23
C ILE T 50 18.93 -60.03 46.53
N THR T 51 19.07 -59.91 45.22
CA THR T 51 19.73 -60.90 44.37
C THR T 51 21.21 -61.15 44.74
N SER T 52 21.88 -60.14 45.26
CA SER T 52 23.29 -60.26 45.59
C SER T 52 23.69 -59.08 46.47
N LYS T 53 24.87 -59.17 47.10
CA LYS T 53 25.36 -58.07 47.94
C LYS T 53 25.95 -56.99 47.03
N LEU T 54 26.16 -57.36 45.76
CA LEU T 54 26.69 -56.44 44.77
C LEU T 54 25.70 -55.31 44.50
N LEU T 55 24.43 -55.58 44.77
CA LEU T 55 23.40 -54.58 44.57
C LEU T 55 23.64 -53.45 45.54
N VAL T 56 23.58 -52.22 45.06
CA VAL T 56 23.76 -51.09 45.94
C VAL T 56 22.45 -50.91 46.70
N PRO T 57 22.49 -50.89 48.03
CA PRO T 57 21.31 -50.73 48.91
C PRO T 57 20.45 -49.49 48.71
N GLN T 58 19.14 -49.68 48.82
CA GLN T 58 18.15 -48.61 48.72
C GLN T 58 18.14 -47.81 47.39
N LYS T 59 18.79 -48.32 46.36
CA LYS T 59 18.86 -47.63 45.07
C LYS T 59 17.90 -48.05 43.98
N ASN T 60 17.74 -49.35 43.73
CA ASN T 60 16.86 -49.80 42.66
C ASN T 60 15.39 -49.66 43.07
N VAL T 61 14.93 -48.43 43.24
CA VAL T 61 13.57 -48.14 43.66
C VAL T 61 12.56 -48.79 42.75
N LYS T 62 11.40 -49.14 43.30
CA LYS T 62 10.38 -49.79 42.51
C LYS T 62 9.03 -49.11 42.53
N ILE T 63 8.67 -48.49 43.65
CA ILE T 63 7.39 -47.80 43.73
C ILE T 63 7.51 -46.55 42.86
N GLN T 64 6.43 -46.14 42.22
CA GLN T 64 6.47 -44.96 41.36
C GLN T 64 5.36 -44.02 41.62
N VAL T 65 5.65 -42.74 41.43
CA VAL T 65 4.66 -41.72 41.62
C VAL T 65 4.16 -41.28 40.26
N VAL T 66 2.90 -40.93 40.24
CA VAL T 66 2.24 -40.45 39.08
C VAL T 66 1.80 -39.06 39.52
N ASP T 67 2.21 -38.03 38.79
CA ASP T 67 1.85 -36.68 39.14
C ASP T 67 2.54 -36.39 40.47
N ARG T 68 1.77 -36.00 41.47
CA ARG T 68 2.34 -35.69 42.76
C ARG T 68 1.52 -36.29 43.89
N HIS T 69 0.34 -36.81 43.57
CA HIS T 69 -0.53 -37.39 44.59
C HIS T 69 -0.90 -38.87 44.36
N ILE T 70 -0.15 -39.57 43.52
CA ILE T 70 -0.47 -40.96 43.22
C ILE T 70 0.71 -41.86 43.27
N GLY T 71 0.54 -42.97 44.00
CA GLY T 71 1.59 -43.94 44.11
C GLY T 71 1.19 -45.15 43.30
N CYS T 72 2.18 -45.78 42.71
CA CYS T 72 1.95 -46.95 41.88
C CYS T 72 2.99 -48.00 42.21
N VAL T 73 2.52 -49.22 42.44
CA VAL T 73 3.39 -50.36 42.71
C VAL T 73 2.78 -51.52 41.97
N TYR T 74 3.64 -52.37 41.44
CA TYR T 74 3.19 -53.50 40.66
C TYR T 74 4.17 -54.67 40.86
N SER T 75 3.68 -55.87 40.57
CA SER T 75 4.49 -57.08 40.69
C SER T 75 4.48 -57.73 39.33
N GLY T 76 5.61 -58.26 38.92
CA GLY T 76 5.64 -58.92 37.64
C GLY T 76 6.84 -58.56 36.81
N LEU T 77 6.57 -58.35 35.53
CA LEU T 77 7.58 -57.94 34.57
C LEU T 77 7.68 -56.46 34.87
N ILE T 78 8.78 -56.07 35.49
CA ILE T 78 8.98 -54.67 35.87
C ILE T 78 8.76 -53.72 34.69
N PRO T 79 9.50 -53.93 33.59
CA PRO T 79 9.30 -53.04 32.45
C PRO T 79 7.83 -52.86 32.05
N ASP T 80 7.03 -53.92 32.01
CA ASP T 80 5.63 -53.74 31.64
C ASP T 80 4.96 -52.75 32.56
N GLY T 81 5.36 -52.81 33.83
CA GLY T 81 4.81 -51.91 34.81
C GLY T 81 5.24 -50.49 34.53
N ARG T 82 6.54 -50.28 34.30
CA ARG T 82 7.04 -48.95 33.97
C ARG T 82 6.27 -48.37 32.79
N HIS T 83 6.08 -49.18 31.76
CA HIS T 83 5.36 -48.78 30.58
C HIS T 83 4.02 -48.28 31.03
N LEU T 84 3.36 -49.06 31.85
CA LEU T 84 2.06 -48.67 32.36
C LEU T 84 2.09 -47.31 33.13
N VAL T 85 3.22 -47.00 33.80
CA VAL T 85 3.31 -45.75 34.54
C VAL T 85 3.53 -44.56 33.61
N ASN T 86 4.36 -44.73 32.58
CA ASN T 86 4.59 -43.67 31.60
C ASN T 86 3.23 -43.23 31.02
N ARG T 87 2.39 -44.17 30.64
CA ARG T 87 1.09 -43.79 30.13
C ARG T 87 0.30 -43.09 31.21
N GLY T 88 0.37 -43.60 32.44
CA GLY T 88 -0.36 -43.00 33.54
C GLY T 88 0.01 -41.55 33.68
N ARG T 89 1.31 -41.31 33.69
CA ARG T 89 1.82 -39.97 33.79
C ARG T 89 1.22 -39.08 32.69
N GLU T 90 1.38 -39.53 31.45
CA GLU T 90 0.87 -38.82 30.28
C GLU T 90 -0.61 -38.55 30.38
N GLU T 91 -1.34 -39.52 30.87
CA GLU T 91 -2.77 -39.38 30.98
C GLU T 91 -3.11 -38.43 32.13
N ALA T 92 -2.25 -38.35 33.13
CA ALA T 92 -2.47 -37.45 34.27
C ALA T 92 -2.32 -36.02 33.75
N ALA T 93 -1.19 -35.77 33.11
CA ALA T 93 -0.89 -34.48 32.50
C ALA T 93 -2.06 -34.04 31.61
N SER T 94 -2.40 -34.84 30.61
CA SER T 94 -3.52 -34.52 29.72
C SER T 94 -4.73 -34.06 30.54
N PHE T 95 -5.02 -34.72 31.65
CA PHE T 95 -6.20 -34.34 32.44
C PHE T 95 -6.04 -32.99 33.13
N LYS T 96 -4.84 -32.74 33.64
CA LYS T 96 -4.58 -31.51 34.34
C LYS T 96 -4.59 -30.32 33.37
N LYS T 97 -3.90 -30.48 32.25
CA LYS T 97 -3.82 -29.44 31.25
C LYS T 97 -5.20 -28.96 30.91
N LEU T 98 -6.07 -29.87 30.60
CA LEU T 98 -7.41 -29.49 30.21
C LEU T 98 -8.36 -29.12 31.33
N TYR T 99 -8.16 -29.65 32.53
CA TYR T 99 -9.08 -29.36 33.62
C TYR T 99 -8.53 -28.64 34.84
N LYS T 100 -7.22 -28.40 34.85
CA LYS T 100 -6.50 -27.69 35.92
C LYS T 100 -6.25 -28.50 37.18
N THR T 101 -7.31 -29.09 37.73
CA THR T 101 -7.20 -29.90 38.93
C THR T 101 -6.50 -31.21 38.63
N PRO T 102 -5.70 -31.72 39.58
CA PRO T 102 -4.99 -33.00 39.37
C PRO T 102 -5.98 -34.17 39.29
N ILE T 103 -5.64 -35.16 38.47
CA ILE T 103 -6.51 -36.31 38.21
C ILE T 103 -6.99 -37.11 39.38
N PRO T 104 -8.30 -37.18 39.57
CA PRO T 104 -8.99 -37.90 40.64
C PRO T 104 -8.62 -39.36 40.51
N ILE T 105 -8.54 -40.06 41.65
CA ILE T 105 -8.11 -41.45 41.60
C ILE T 105 -8.98 -42.38 40.79
N PRO T 106 -10.28 -42.35 41.00
CA PRO T 106 -11.14 -43.22 40.23
C PRO T 106 -10.83 -43.03 38.73
N ALA T 107 -10.81 -41.77 38.30
CA ALA T 107 -10.53 -41.38 36.93
C ALA T 107 -9.16 -41.87 36.51
N PHE T 108 -8.15 -41.70 37.34
CA PHE T 108 -6.84 -42.19 36.95
C PHE T 108 -6.92 -43.66 36.70
N ALA T 109 -7.52 -44.38 37.63
CA ALA T 109 -7.63 -45.83 37.50
C ALA T 109 -8.24 -46.21 36.18
N ASP T 110 -9.44 -45.71 35.89
CA ASP T 110 -10.09 -46.04 34.62
C ASP T 110 -9.19 -45.76 33.43
N ARG T 111 -8.43 -44.68 33.49
CA ARG T 111 -7.55 -44.38 32.37
C ARG T 111 -6.60 -45.54 32.22
N LEU T 112 -6.17 -46.10 33.34
CA LEU T 112 -5.26 -47.23 33.35
C LEU T 112 -5.95 -48.50 32.84
N GLY T 113 -7.13 -48.74 33.38
CA GLY T 113 -7.86 -49.90 32.97
C GLY T 113 -7.94 -49.96 31.46
N GLN T 114 -8.54 -48.92 30.91
CA GLN T 114 -8.78 -48.79 29.47
C GLN T 114 -7.56 -49.00 28.62
N TYR T 115 -6.40 -48.61 29.09
CA TYR T 115 -5.19 -48.79 28.29
C TYR T 115 -4.80 -50.26 28.35
N VAL T 116 -4.95 -50.88 29.52
CA VAL T 116 -4.64 -52.30 29.70
C VAL T 116 -5.63 -53.16 28.95
N GLN T 117 -6.92 -52.93 29.18
CA GLN T 117 -7.96 -53.67 28.49
C GLN T 117 -7.75 -53.64 27.01
N ALA T 118 -7.18 -52.54 26.52
CA ALA T 118 -6.90 -52.35 25.10
C ALA T 118 -5.87 -53.32 24.62
N HIS T 119 -5.03 -53.78 25.52
CA HIS T 119 -4.00 -54.73 25.17
C HIS T 119 -4.47 -56.18 25.13
N THR T 120 -5.79 -56.38 25.15
CA THR T 120 -6.38 -57.69 25.08
C THR T 120 -7.33 -57.68 23.89
N LEU T 121 -7.22 -56.65 23.05
CA LEU T 121 -8.11 -56.50 21.89
C LEU T 121 -7.52 -56.83 20.55
N TYR T 122 -6.21 -57.00 20.50
CA TYR T 122 -5.58 -57.25 19.22
C TYR T 122 -4.52 -58.30 19.41
N ASN T 123 -4.23 -59.07 18.37
CA ASN T 123 -3.22 -60.12 18.44
C ASN T 123 -1.83 -59.62 18.05
N SER T 124 -1.67 -58.32 17.94
CA SER T 124 -0.39 -57.78 17.54
C SER T 124 0.33 -57.23 18.71
N VAL T 125 -0.27 -57.37 19.88
CA VAL T 125 0.30 -56.87 21.13
C VAL T 125 0.06 -57.94 22.19
N ARG T 126 0.90 -58.01 23.22
CA ARG T 126 0.67 -58.98 24.28
C ARG T 126 0.16 -58.24 25.50
N PRO T 127 -0.66 -58.89 26.34
CA PRO T 127 -1.16 -58.16 27.51
C PRO T 127 0.00 -57.78 28.41
N PHE T 128 -0.33 -57.12 29.50
CA PHE T 128 0.67 -56.72 30.46
C PHE T 128 1.01 -57.84 31.42
N GLY T 129 2.30 -57.97 31.69
CA GLY T 129 2.76 -58.97 32.63
C GLY T 129 2.91 -58.39 34.03
N VAL T 130 1.94 -57.60 34.49
CA VAL T 130 1.99 -57.01 35.83
C VAL T 130 0.60 -56.75 36.35
N SER T 131 0.49 -56.70 37.68
CA SER T 131 -0.76 -56.35 38.34
C SER T 131 -0.30 -55.10 39.03
N THR T 132 -1.14 -54.07 39.11
CA THR T 132 -0.70 -52.84 39.72
C THR T 132 -1.62 -52.40 40.82
N ILE T 133 -0.98 -52.02 41.92
CA ILE T 133 -1.67 -51.52 43.10
C ILE T 133 -1.26 -50.07 43.09
N PHE T 134 -2.25 -49.19 43.12
CA PHE T 134 -1.98 -47.78 43.06
C PHE T 134 -3.12 -47.05 43.68
N GLY T 135 -2.89 -45.79 43.98
CA GLY T 135 -3.92 -44.99 44.58
C GLY T 135 -3.30 -43.71 45.11
N GLY T 136 -4.11 -42.97 45.83
CA GLY T 136 -3.62 -41.74 46.40
C GLY T 136 -4.77 -41.00 47.01
N VAL T 137 -4.59 -39.69 47.13
CA VAL T 137 -5.56 -38.81 47.75
C VAL T 137 -6.08 -37.74 46.78
N ASP T 138 -7.38 -37.49 46.82
CA ASP T 138 -7.98 -36.48 45.99
C ASP T 138 -9.09 -35.68 46.67
N LYS T 139 -9.73 -34.83 45.90
CA LYS T 139 -10.80 -33.96 46.37
C LYS T 139 -11.72 -34.59 47.41
N ASN T 140 -11.92 -35.90 47.34
CA ASN T 140 -12.82 -36.50 48.32
C ASN T 140 -12.48 -37.87 48.84
N GLY T 141 -11.28 -38.03 49.39
CA GLY T 141 -10.93 -39.31 49.97
C GLY T 141 -9.66 -39.97 49.48
N ALA T 142 -9.35 -41.10 50.10
CA ALA T 142 -8.19 -41.90 49.71
C ALA T 142 -8.76 -42.99 48.83
N HIS T 143 -7.93 -43.49 47.93
CA HIS T 143 -8.36 -44.53 47.03
C HIS T 143 -7.22 -45.46 46.74
N LEU T 144 -7.47 -46.75 46.92
CA LEU T 144 -6.49 -47.80 46.66
C LEU T 144 -7.10 -48.61 45.52
N TYR T 145 -6.27 -49.02 44.57
CA TYR T 145 -6.74 -49.76 43.40
C TYR T 145 -5.74 -50.80 42.99
N MET T 146 -6.23 -51.88 42.39
CA MET T 146 -5.37 -52.96 41.87
C MET T 146 -5.91 -53.29 40.50
N LEU T 147 -5.01 -53.44 39.55
CA LEU T 147 -5.39 -53.73 38.17
C LEU T 147 -4.70 -54.99 37.70
N GLU T 148 -5.45 -55.84 37.01
CA GLU T 148 -4.94 -57.13 36.50
C GLU T 148 -4.67 -57.06 34.98
N PRO T 149 -3.89 -58.02 34.44
CA PRO T 149 -3.64 -57.98 33.01
C PRO T 149 -4.90 -57.96 32.14
N SER T 150 -6.03 -58.39 32.68
CA SER T 150 -7.25 -58.37 31.88
C SER T 150 -7.80 -56.96 31.79
N GLY T 151 -7.25 -56.10 32.63
CA GLY T 151 -7.69 -54.73 32.66
C GLY T 151 -8.74 -54.58 33.74
N SER T 152 -9.00 -55.65 34.48
CA SER T 152 -9.98 -55.57 35.56
C SER T 152 -9.33 -54.87 36.72
N TYR T 153 -10.12 -54.06 37.40
CA TYR T 153 -9.66 -53.30 38.53
C TYR T 153 -10.87 -53.02 39.36
N TRP T 154 -10.65 -52.78 40.64
CA TRP T 154 -11.73 -52.43 41.56
C TRP T 154 -11.09 -51.66 42.74
N GLY T 155 -11.91 -51.08 43.61
CA GLY T 155 -11.37 -50.38 44.76
C GLY T 155 -11.15 -51.30 45.95
N TYR T 156 -10.03 -51.15 46.64
CA TYR T 156 -9.70 -52.02 47.77
C TYR T 156 -9.50 -51.35 49.11
N LYS T 157 -9.84 -52.10 50.17
CA LYS T 157 -9.65 -51.67 51.54
C LYS T 157 -8.18 -51.99 51.79
N GLY T 158 -7.70 -53.01 51.12
CA GLY T 158 -6.32 -53.39 51.23
C GLY T 158 -6.16 -54.24 50.00
N ALA T 159 -4.93 -54.45 49.55
CA ALA T 159 -4.72 -55.23 48.36
C ALA T 159 -3.29 -55.68 48.34
N ALA T 160 -3.06 -56.79 47.66
CA ALA T 160 -1.74 -57.36 47.58
C ALA T 160 -1.69 -58.23 46.36
N THR T 161 -0.47 -58.50 45.92
CA THR T 161 -0.28 -59.29 44.73
C THR T 161 1.20 -59.71 44.68
N GLY T 162 1.49 -60.75 43.90
CA GLY T 162 2.84 -61.30 43.81
C GLY T 162 2.87 -62.67 44.52
N LYS T 163 4.04 -63.26 44.66
CA LYS T 163 4.12 -64.56 45.33
C LYS T 163 3.48 -64.57 46.71
N GLY T 164 3.84 -63.63 47.57
CA GLY T 164 3.27 -63.66 48.91
C GLY T 164 1.81 -63.29 49.00
N ARG T 165 1.20 -63.11 47.84
CA ARG T 165 -0.18 -62.70 47.74
C ARG T 165 -1.15 -63.22 48.80
N GLN T 166 -1.22 -64.54 48.96
CA GLN T 166 -2.13 -65.22 49.92
C GLN T 166 -1.92 -64.87 51.39
N SER T 167 -0.69 -65.03 51.89
CA SER T 167 -0.40 -64.72 53.28
C SER T 167 -0.69 -63.24 53.49
N ALA T 168 -0.33 -62.45 52.49
CA ALA T 168 -0.56 -61.01 52.51
C ALA T 168 -2.05 -60.73 52.69
N LYS T 169 -2.87 -61.27 51.80
CA LYS T 169 -4.31 -61.06 51.89
C LYS T 169 -4.83 -61.61 53.20
N ALA T 170 -4.16 -62.65 53.72
CA ALA T 170 -4.57 -63.25 54.99
C ALA T 170 -4.45 -62.15 56.04
N GLU T 171 -3.24 -61.61 56.13
CA GLU T 171 -2.96 -60.55 57.07
C GLU T 171 -3.93 -59.41 56.86
N LEU T 172 -4.03 -58.96 55.61
CA LEU T 172 -4.92 -57.86 55.25
C LEU T 172 -6.35 -58.11 55.73
N GLU T 173 -6.86 -59.33 55.52
CA GLU T 173 -8.22 -59.68 55.95
C GLU T 173 -8.32 -59.57 57.46
N LYS T 174 -7.22 -59.91 58.14
CA LYS T 174 -7.15 -59.82 59.59
C LYS T 174 -7.45 -58.37 59.96
N LEU T 175 -6.60 -57.48 59.43
CA LEU T 175 -6.67 -56.04 59.66
C LEU T 175 -8.07 -55.48 59.42
N VAL T 176 -8.68 -55.80 58.28
CA VAL T 176 -10.01 -55.31 57.98
C VAL T 176 -11.04 -55.80 59.00
N ASP T 177 -10.90 -57.04 59.45
CA ASP T 177 -11.83 -57.61 60.43
C ASP T 177 -11.66 -56.99 61.81
N HIS T 178 -10.41 -56.88 62.26
CA HIS T 178 -10.11 -56.30 63.58
C HIS T 178 -10.28 -54.78 63.69
N HIS T 179 -9.90 -54.03 62.66
CA HIS T 179 -10.01 -52.56 62.68
C HIS T 179 -11.04 -51.97 61.70
N PRO T 180 -12.34 -52.15 61.96
CA PRO T 180 -13.39 -51.61 61.07
C PRO T 180 -13.46 -50.08 61.10
N GLU T 181 -12.76 -49.51 62.08
CA GLU T 181 -12.66 -48.07 62.34
C GLU T 181 -11.78 -47.36 61.29
N GLY T 182 -10.79 -48.11 60.81
CA GLY T 182 -9.85 -47.57 59.86
C GLY T 182 -8.51 -47.75 60.52
N LEU T 183 -7.47 -47.16 59.96
CA LEU T 183 -6.14 -47.30 60.49
C LEU T 183 -5.46 -45.97 60.28
N SER T 184 -4.59 -45.56 61.20
CA SER T 184 -3.89 -44.30 61.02
C SER T 184 -2.76 -44.64 60.05
N ALA T 185 -2.42 -43.69 59.17
CA ALA T 185 -1.36 -43.91 58.20
C ALA T 185 -0.09 -44.35 58.89
N ARG T 186 0.08 -43.91 60.13
CA ARG T 186 1.25 -44.26 60.91
C ARG T 186 1.20 -45.78 61.14
N GLU T 187 0.04 -46.28 61.59
CA GLU T 187 -0.15 -47.70 61.85
C GLU T 187 0.01 -48.56 60.59
N ALA T 188 -0.68 -48.16 59.54
CA ALA T 188 -0.64 -48.84 58.26
C ALA T 188 0.78 -49.02 57.77
N VAL T 189 1.61 -48.02 57.96
CA VAL T 189 2.99 -48.11 57.53
C VAL T 189 3.61 -49.32 58.21
N LYS T 190 3.37 -49.42 59.52
CA LYS T 190 3.90 -50.53 60.30
C LYS T 190 3.35 -51.82 59.73
N GLN T 191 2.03 -51.91 59.76
CA GLN T 191 1.31 -53.06 59.27
C GLN T 191 1.77 -53.51 57.91
N ALA T 192 2.02 -52.56 57.02
CA ALA T 192 2.49 -52.89 55.69
C ALA T 192 3.85 -53.59 55.82
N ALA T 193 4.72 -53.03 56.65
CA ALA T 193 6.05 -53.59 56.87
C ALA T 193 5.92 -55.04 57.33
N LYS T 194 4.93 -55.28 58.16
CA LYS T 194 4.66 -56.62 58.69
C LYS T 194 4.25 -57.53 57.54
N ILE T 195 3.10 -57.21 56.97
CA ILE T 195 2.56 -57.97 55.88
C ILE T 195 3.63 -58.31 54.88
N ILE T 196 4.49 -57.37 54.57
CA ILE T 196 5.54 -57.68 53.62
C ILE T 196 6.47 -58.72 54.21
N TYR T 197 6.84 -58.50 55.46
CA TYR T 197 7.72 -59.42 56.14
C TYR T 197 7.17 -60.84 56.14
N LEU T 198 5.92 -60.97 56.57
CA LEU T 198 5.28 -62.27 56.59
C LEU T 198 5.29 -62.81 55.18
N ALA T 199 4.78 -62.01 54.25
CA ALA T 199 4.72 -62.41 52.87
C ALA T 199 6.07 -62.82 52.30
N HIS T 200 7.16 -62.40 52.93
CA HIS T 200 8.45 -62.81 52.40
C HIS T 200 8.72 -64.27 52.69
N GLU T 201 8.00 -64.81 53.67
CA GLU T 201 8.14 -66.20 54.10
C GLU T 201 7.82 -67.21 52.98
N ASP T 202 6.93 -66.82 52.07
CA ASP T 202 6.55 -67.65 50.92
C ASP T 202 7.70 -67.61 49.88
N ASN T 203 8.84 -67.07 50.31
CA ASN T 203 10.00 -66.92 49.46
C ASN T 203 11.18 -66.74 50.43
N LYS T 204 11.08 -67.36 51.60
CA LYS T 204 12.09 -67.25 52.66
C LYS T 204 13.57 -67.55 52.36
N GLU T 205 13.89 -67.76 51.08
CA GLU T 205 15.26 -68.06 50.69
C GLU T 205 16.27 -66.90 50.62
N LYS T 206 15.95 -65.89 49.79
CA LYS T 206 16.82 -64.72 49.58
C LYS T 206 16.45 -63.59 50.54
N ASP T 207 17.43 -62.80 50.97
CA ASP T 207 17.13 -61.71 51.90
C ASP T 207 16.47 -60.57 51.12
N PHE T 208 15.71 -59.73 51.83
CA PHE T 208 15.00 -58.65 51.16
C PHE T 208 15.18 -57.25 51.68
N GLU T 209 14.86 -56.30 50.80
CA GLU T 209 14.91 -54.90 51.13
C GLU T 209 13.47 -54.43 51.14
N LEU T 210 13.03 -53.86 52.25
CA LEU T 210 11.68 -53.38 52.38
C LEU T 210 11.60 -51.97 51.76
N GLU T 211 10.44 -51.65 51.21
CA GLU T 211 10.20 -50.35 50.61
C GLU T 211 8.74 -49.96 50.77
N ILE T 212 8.51 -48.85 51.45
CA ILE T 212 7.17 -48.38 51.70
C ILE T 212 7.08 -46.98 51.15
N SER T 213 5.85 -46.50 51.02
CA SER T 213 5.59 -45.18 50.55
C SER T 213 4.16 -44.95 50.94
N TRP T 214 3.81 -43.69 51.18
CA TRP T 214 2.44 -43.37 51.56
C TRP T 214 1.98 -42.03 51.03
N CYS T 215 0.69 -41.82 51.15
CA CYS T 215 0.08 -40.61 50.70
C CYS T 215 -1.02 -40.47 51.72
N SER T 216 -0.91 -39.45 52.57
CA SER T 216 -1.88 -39.21 53.64
C SER T 216 -2.26 -37.72 53.78
N LEU T 217 -3.56 -37.47 53.94
CA LEU T 217 -4.12 -36.12 54.08
C LEU T 217 -3.60 -35.29 55.26
N SER T 218 -2.89 -35.90 56.20
CA SER T 218 -2.39 -35.16 57.35
C SER T 218 -0.93 -35.46 57.65
N GLU T 219 -0.41 -36.51 57.07
CA GLU T 219 0.97 -36.84 57.31
C GLU T 219 1.87 -36.41 56.17
N THR T 220 1.35 -36.43 54.93
CA THR T 220 2.15 -36.02 53.75
C THR T 220 1.46 -34.95 52.91
N ASN T 221 0.37 -34.39 53.44
CA ASN T 221 -0.42 -33.33 52.78
C ASN T 221 -1.21 -33.74 51.55
N GLY T 222 -1.25 -35.02 51.25
CA GLY T 222 -1.99 -35.47 50.09
C GLY T 222 -1.01 -35.69 48.98
N LEU T 223 0.25 -35.62 49.32
CA LEU T 223 1.29 -35.81 48.34
C LEU T 223 1.97 -37.11 48.63
N HIS T 224 2.38 -37.78 47.57
CA HIS T 224 3.06 -39.05 47.69
C HIS T 224 4.53 -38.82 48.01
N LYS T 225 4.97 -39.45 49.07
CA LYS T 225 6.35 -39.36 49.47
C LYS T 225 6.73 -40.74 49.96
N PHE T 226 8.00 -41.02 49.83
CA PHE T 226 8.50 -42.27 50.28
C PHE T 226 8.78 -42.17 51.77
N VAL T 227 8.88 -43.34 52.40
CA VAL T 227 9.17 -43.49 53.81
C VAL T 227 10.67 -43.72 53.92
N LYS T 228 11.36 -42.77 54.55
CA LYS T 228 12.80 -42.87 54.72
C LYS T 228 13.14 -42.60 56.18
N GLY T 229 14.37 -42.95 56.54
CA GLY T 229 14.90 -42.74 57.89
C GLY T 229 14.13 -43.18 59.12
N ASP T 230 14.07 -42.26 60.09
CA ASP T 230 13.40 -42.49 61.36
C ASP T 230 12.11 -43.27 61.21
N LEU T 231 11.23 -42.79 60.35
CA LEU T 231 9.96 -43.45 60.13
C LEU T 231 10.10 -44.82 59.47
N LEU T 232 11.16 -45.04 58.71
CA LEU T 232 11.35 -46.31 58.05
C LEU T 232 11.75 -47.37 59.08
N GLN T 233 12.81 -47.08 59.85
CA GLN T 233 13.30 -48.04 60.85
C GLN T 233 12.23 -48.48 61.84
N GLU T 234 11.41 -47.52 62.28
CA GLU T 234 10.34 -47.82 63.21
C GLU T 234 9.55 -49.02 62.67
N ALA T 235 9.16 -48.96 61.40
CA ALA T 235 8.40 -50.06 60.79
C ALA T 235 9.23 -51.32 60.58
N ILE T 236 10.47 -51.19 60.16
CA ILE T 236 11.31 -52.38 59.98
C ILE T 236 11.39 -53.11 61.31
N ASP T 237 11.53 -52.32 62.38
CA ASP T 237 11.62 -52.85 63.74
C ASP T 237 10.31 -53.54 64.10
N PHE T 238 9.20 -52.80 64.09
CA PHE T 238 7.88 -53.36 64.42
C PHE T 238 7.65 -54.66 63.66
N ALA T 239 8.26 -54.77 62.49
CA ALA T 239 8.16 -55.97 61.66
C ALA T 239 9.01 -57.12 62.23
N GLN T 240 10.34 -56.98 62.20
CA GLN T 240 11.22 -58.03 62.72
C GLN T 240 10.77 -58.54 64.09
N LYS T 241 10.08 -57.69 64.84
CA LYS T 241 9.58 -58.06 66.16
C LYS T 241 8.45 -59.09 66.05
N GLU T 242 7.32 -58.69 65.49
CA GLU T 242 6.19 -59.62 65.37
C GLU T 242 6.36 -60.79 64.40
N ILE T 243 7.55 -60.97 63.85
CA ILE T 243 7.80 -62.10 62.95
C ILE T 243 7.87 -63.38 63.80
N ASN T 244 8.19 -63.18 65.08
CA ASN T 244 8.29 -64.26 66.05
C ASN T 244 7.24 -64.01 67.15
N ALA U 1 -8.17 -71.45 6.41
CA ALA U 1 -8.35 -72.91 6.71
C ALA U 1 -8.83 -73.12 8.15
N GLY U 2 -8.28 -74.13 8.85
CA GLY U 2 -8.65 -74.42 10.24
C GLY U 2 -8.53 -73.31 11.28
N TYR U 3 -8.21 -72.11 10.80
CA TYR U 3 -8.07 -70.93 11.63
C TYR U 3 -9.38 -70.20 11.76
N ASP U 4 -10.39 -70.66 11.01
CA ASP U 4 -11.72 -70.06 11.04
C ASP U 4 -12.37 -70.03 12.42
N ARG U 5 -11.61 -70.47 13.42
CA ARG U 5 -12.07 -70.47 14.80
C ARG U 5 -11.23 -69.53 15.66
N HIS U 6 -10.51 -68.62 15.02
CA HIS U 6 -9.68 -67.66 15.74
C HIS U 6 -10.11 -66.24 15.46
N ILE U 7 -10.40 -65.97 14.18
CA ILE U 7 -10.80 -64.65 13.70
C ILE U 7 -12.21 -64.72 13.16
N THR U 8 -12.89 -63.59 13.14
CA THR U 8 -14.28 -63.57 12.70
C THR U 8 -14.55 -63.82 11.22
N ILE U 9 -14.28 -65.03 10.74
CA ILE U 9 -14.59 -65.38 9.35
C ILE U 9 -15.56 -66.53 9.43
N PHE U 10 -16.23 -66.83 8.33
CA PHE U 10 -17.21 -67.89 8.33
C PHE U 10 -16.61 -69.29 8.40
N SER U 11 -17.32 -70.19 9.09
CA SER U 11 -16.96 -71.61 9.22
C SER U 11 -17.81 -72.28 8.13
N PRO U 12 -17.44 -73.49 7.66
CA PRO U 12 -18.23 -74.16 6.61
C PRO U 12 -19.72 -74.29 6.83
N GLU U 13 -20.17 -74.13 8.05
CA GLU U 13 -21.60 -74.23 8.32
C GLU U 13 -22.21 -72.83 8.27
N GLY U 14 -21.34 -71.84 8.02
CA GLY U 14 -21.73 -70.45 7.93
C GLY U 14 -21.83 -69.81 9.31
N ARG U 15 -20.81 -70.03 10.12
CA ARG U 15 -20.86 -69.50 11.46
C ARG U 15 -19.58 -68.81 11.84
N LEU U 16 -19.73 -67.89 12.78
CA LEU U 16 -18.60 -67.15 13.27
C LEU U 16 -18.42 -67.63 14.68
N TYR U 17 -17.47 -68.53 14.85
CA TYR U 17 -17.19 -69.11 16.16
C TYR U 17 -16.80 -68.08 17.20
N GLN U 18 -15.92 -67.15 16.83
CA GLN U 18 -15.47 -66.14 17.77
C GLN U 18 -16.63 -65.37 18.32
N VAL U 19 -17.66 -65.17 17.55
CA VAL U 19 -18.82 -64.45 18.05
C VAL U 19 -19.50 -65.30 19.10
N GLU U 20 -19.61 -66.60 18.79
CA GLU U 20 -20.26 -67.58 19.67
C GLU U 20 -19.59 -67.68 21.02
N TYR U 21 -18.28 -67.83 20.98
CA TYR U 21 -17.54 -67.88 22.19
C TYR U 21 -17.74 -66.56 22.97
N ALA U 22 -17.70 -65.42 22.28
CA ALA U 22 -17.89 -64.13 22.93
C ALA U 22 -19.15 -64.18 23.73
N PHE U 23 -20.18 -64.85 23.22
CA PHE U 23 -21.43 -64.94 23.95
C PHE U 23 -21.26 -65.73 25.22
N LYS U 24 -20.45 -66.76 25.17
CA LYS U 24 -20.28 -67.57 26.35
C LYS U 24 -19.61 -66.75 27.43
N ALA U 25 -18.71 -65.87 27.00
CA ALA U 25 -17.98 -64.99 27.91
C ALA U 25 -18.90 -64.13 28.77
N THR U 26 -20.01 -63.69 28.21
CA THR U 26 -20.90 -62.84 28.96
C THR U 26 -21.34 -63.45 30.27
N ASN U 27 -21.27 -64.77 30.36
CA ASN U 27 -21.71 -65.45 31.57
C ASN U 27 -20.64 -65.59 32.63
N GLN U 28 -19.38 -65.36 32.28
CA GLN U 28 -18.27 -65.50 33.22
C GLN U 28 -18.51 -64.90 34.62
N THR U 29 -19.22 -63.79 34.69
CA THR U 29 -19.45 -63.13 35.97
C THR U 29 -20.49 -63.78 36.84
N ASN U 30 -21.38 -64.54 36.23
CA ASN U 30 -22.41 -65.24 36.98
C ASN U 30 -23.46 -64.32 37.60
N ILE U 31 -23.74 -63.19 36.96
CA ILE U 31 -24.73 -62.25 37.46
C ILE U 31 -25.95 -62.25 36.55
N ASN U 32 -27.12 -62.07 37.11
CA ASN U 32 -28.33 -62.04 36.31
C ASN U 32 -28.93 -60.65 36.47
N SER U 33 -29.57 -60.16 35.43
CA SER U 33 -30.18 -58.84 35.49
C SER U 33 -31.49 -58.89 34.76
N LEU U 34 -32.36 -57.96 35.08
CA LEU U 34 -33.63 -57.91 34.41
C LEU U 34 -34.01 -56.46 34.32
N ALA U 35 -34.93 -56.17 33.44
CA ALA U 35 -35.36 -54.80 33.30
C ALA U 35 -36.82 -54.84 32.96
N VAL U 36 -37.58 -53.93 33.54
CA VAL U 36 -38.99 -53.88 33.24
C VAL U 36 -39.39 -52.41 33.15
N ARG U 37 -40.44 -52.16 32.41
CA ARG U 37 -40.91 -50.82 32.22
C ARG U 37 -42.14 -50.60 33.03
N GLY U 38 -42.17 -49.45 33.70
CA GLY U 38 -43.31 -49.06 34.51
C GLY U 38 -44.26 -48.31 33.60
N LYS U 39 -45.17 -47.52 34.17
CA LYS U 39 -46.10 -46.76 33.37
C LYS U 39 -45.33 -45.60 32.77
N ASP U 40 -44.37 -45.07 33.53
CA ASP U 40 -43.52 -43.99 33.08
C ASP U 40 -42.13 -44.02 33.73
N CYS U 41 -41.54 -45.20 33.77
CA CYS U 41 -40.20 -45.41 34.33
C CYS U 41 -39.67 -46.72 33.77
N THR U 42 -38.43 -47.02 34.08
CA THR U 42 -37.81 -48.24 33.61
C THR U 42 -36.81 -48.66 34.67
N VAL U 43 -36.97 -49.87 35.17
CA VAL U 43 -36.09 -50.37 36.20
C VAL U 43 -35.31 -51.54 35.70
N VAL U 44 -34.08 -51.62 36.16
CA VAL U 44 -33.25 -52.74 35.81
C VAL U 44 -32.60 -53.13 37.11
N ILE U 45 -32.63 -54.43 37.36
CA ILE U 45 -32.06 -54.98 38.57
C ILE U 45 -30.97 -55.86 38.09
N SER U 46 -29.92 -55.92 38.85
CA SER U 46 -28.85 -56.79 38.50
C SER U 46 -28.35 -57.22 39.83
N GLN U 47 -27.95 -58.47 39.95
CA GLN U 47 -27.43 -58.94 41.20
C GLN U 47 -26.09 -58.28 41.35
N LYS U 48 -25.59 -58.30 42.58
CA LYS U 48 -24.30 -57.72 42.91
C LYS U 48 -23.63 -58.78 43.76
N LYS U 49 -22.47 -59.22 43.33
CA LYS U 49 -21.77 -60.24 44.07
C LYS U 49 -20.39 -59.80 44.46
N VAL U 50 -20.23 -59.55 45.76
CA VAL U 50 -18.95 -59.14 46.30
C VAL U 50 -18.41 -60.30 47.12
N PRO U 51 -17.51 -61.08 46.53
CA PRO U 51 -16.94 -62.22 47.24
C PRO U 51 -15.93 -61.80 48.29
N ASP U 52 -14.83 -61.19 47.84
CA ASP U 52 -13.74 -60.76 48.70
C ASP U 52 -14.14 -59.70 49.73
N LYS U 53 -13.61 -59.84 50.94
CA LYS U 53 -13.91 -58.86 52.00
C LYS U 53 -12.96 -57.68 51.84
N LEU U 54 -11.84 -57.91 51.14
CA LEU U 54 -10.80 -56.91 50.90
C LEU U 54 -11.09 -55.84 49.85
N LEU U 55 -12.30 -55.85 49.31
CA LEU U 55 -12.69 -54.90 48.30
C LEU U 55 -13.58 -53.84 48.89
N ASP U 56 -13.61 -52.71 48.21
CA ASP U 56 -14.44 -51.62 48.60
C ASP U 56 -15.70 -51.83 47.76
N PRO U 57 -16.70 -52.49 48.35
CA PRO U 57 -18.01 -52.84 47.81
C PRO U 57 -18.70 -51.81 46.95
N THR U 58 -18.42 -50.54 47.17
CA THR U 58 -19.09 -49.50 46.38
C THR U 58 -18.50 -49.33 44.97
N THR U 59 -17.29 -49.84 44.74
CA THR U 59 -16.65 -49.72 43.44
C THR U 59 -17.05 -50.86 42.54
N VAL U 60 -18.02 -51.66 42.96
CA VAL U 60 -18.45 -52.80 42.17
C VAL U 60 -19.80 -52.53 41.57
N SER U 61 -19.83 -52.46 40.24
CA SER U 61 -21.08 -52.25 39.57
C SER U 61 -20.96 -52.59 38.11
N TYR U 62 -22.07 -53.06 37.55
CA TYR U 62 -22.13 -53.40 36.15
C TYR U 62 -23.26 -52.54 35.60
N ILE U 63 -23.64 -51.54 36.37
CA ILE U 63 -24.64 -50.61 35.94
C ILE U 63 -23.86 -49.33 35.71
N PHE U 64 -24.14 -48.65 34.61
CA PHE U 64 -23.44 -47.42 34.30
C PHE U 64 -24.36 -46.30 33.91
N CYS U 65 -23.97 -45.10 34.29
CA CYS U 65 -24.73 -43.88 33.99
C CYS U 65 -24.13 -43.34 32.68
N ILE U 66 -24.87 -43.51 31.59
CA ILE U 66 -24.40 -43.10 30.26
C ILE U 66 -24.65 -41.63 29.96
N SER U 67 -25.85 -41.16 30.24
CA SER U 67 -26.16 -39.77 29.99
C SER U 67 -27.20 -39.39 31.01
N ARG U 68 -27.51 -38.12 31.12
CA ARG U 68 -28.51 -37.72 32.08
C ARG U 68 -29.74 -38.60 31.94
N THR U 69 -29.99 -39.10 30.73
CA THR U 69 -31.18 -39.92 30.48
C THR U 69 -31.03 -41.42 30.30
N ILE U 70 -29.91 -41.85 29.74
CA ILE U 70 -29.72 -43.26 29.47
C ILE U 70 -28.92 -43.99 30.51
N GLY U 71 -29.44 -45.17 30.87
CA GLY U 71 -28.77 -46.03 31.82
C GLY U 71 -28.46 -47.30 31.09
N MET U 72 -27.34 -47.90 31.41
CA MET U 72 -26.93 -49.14 30.80
C MET U 72 -26.37 -50.14 31.81
N VAL U 73 -26.75 -51.42 31.68
CA VAL U 73 -26.24 -52.46 32.57
C VAL U 73 -25.60 -53.49 31.67
N VAL U 74 -24.42 -53.94 32.07
CA VAL U 74 -23.64 -54.89 31.32
C VAL U 74 -23.61 -56.25 32.00
N ASN U 75 -23.68 -57.28 31.16
CA ASN U 75 -23.59 -58.66 31.58
C ASN U 75 -22.33 -59.14 30.90
N GLY U 76 -21.21 -59.18 31.61
CA GLY U 76 -20.02 -59.65 30.97
C GLY U 76 -18.89 -59.22 31.83
N PRO U 77 -17.64 -59.55 31.48
CA PRO U 77 -16.49 -59.16 32.27
C PRO U 77 -16.45 -57.65 32.37
N ILE U 78 -15.73 -57.14 33.37
CA ILE U 78 -15.64 -55.73 33.58
C ILE U 78 -14.73 -55.00 32.59
N PRO U 79 -13.53 -55.51 32.29
CA PRO U 79 -12.77 -54.70 31.35
C PRO U 79 -13.46 -54.49 29.98
N ASP U 80 -14.28 -55.42 29.53
CA ASP U 80 -14.98 -55.19 28.28
C ASP U 80 -16.20 -54.35 28.55
N ALA U 81 -16.83 -54.51 29.70
CA ALA U 81 -18.00 -53.71 29.97
C ALA U 81 -17.65 -52.23 30.08
N ARG U 82 -16.57 -51.93 30.76
CA ARG U 82 -16.16 -50.55 30.92
C ARG U 82 -15.81 -49.93 29.58
N ASN U 83 -15.12 -50.69 28.75
CA ASN U 83 -14.74 -50.26 27.39
C ASN U 83 -16.00 -49.91 26.61
N ALA U 84 -17.08 -50.61 26.86
CA ALA U 84 -18.28 -50.31 26.12
C ALA U 84 -18.98 -49.12 26.72
N ALA U 85 -18.82 -48.93 28.02
CA ALA U 85 -19.45 -47.82 28.73
C ALA U 85 -18.89 -46.48 28.25
N LEU U 86 -17.58 -46.37 28.30
CA LEU U 86 -16.90 -45.17 27.86
C LEU U 86 -17.40 -44.75 26.48
N ARG U 87 -17.32 -45.66 25.52
CA ARG U 87 -17.73 -45.37 24.18
C ARG U 87 -19.17 -44.96 24.15
N ALA U 88 -20.03 -45.62 24.89
CA ALA U 88 -21.43 -45.25 24.85
C ALA U 88 -21.59 -43.84 25.36
N LYS U 89 -20.71 -43.44 26.28
CA LYS U 89 -20.75 -42.09 26.82
C LYS U 89 -20.24 -41.12 25.75
N ALA U 90 -19.09 -41.43 25.18
CA ALA U 90 -18.53 -40.60 24.14
C ALA U 90 -19.58 -40.40 23.03
N GLU U 91 -20.22 -41.49 22.61
CA GLU U 91 -21.22 -41.38 21.58
C GLU U 91 -22.44 -40.54 21.97
N ALA U 92 -22.94 -40.70 23.17
CA ALA U 92 -24.12 -39.92 23.57
C ALA U 92 -23.87 -38.43 23.66
N ALA U 93 -22.61 -38.10 23.91
CA ALA U 93 -22.18 -36.71 24.01
C ALA U 93 -22.11 -36.14 22.60
N GLU U 94 -21.33 -36.81 21.76
CA GLU U 94 -21.18 -36.39 20.39
C GLU U 94 -22.56 -36.17 19.76
N PHE U 95 -23.48 -37.09 19.96
CA PHE U 95 -24.82 -36.92 19.38
C PHE U 95 -25.49 -35.64 19.84
N ARG U 96 -25.36 -35.31 21.11
CA ARG U 96 -25.99 -34.10 21.65
C ARG U 96 -25.42 -32.87 20.96
N TYR U 97 -24.09 -32.82 20.90
CA TYR U 97 -23.37 -31.74 20.28
C TYR U 97 -23.72 -31.52 18.81
N LYS U 98 -23.72 -32.59 18.02
CA LYS U 98 -24.02 -32.51 16.61
C LYS U 98 -25.48 -32.42 16.24
N TYR U 99 -26.38 -32.90 17.08
CA TYR U 99 -27.76 -32.86 16.64
C TYR U 99 -28.70 -32.00 17.44
N GLY U 100 -28.23 -31.46 18.56
CA GLY U 100 -29.08 -30.58 19.33
C GLY U 100 -30.11 -31.14 20.29
N TYR U 101 -30.16 -32.47 20.41
CA TYR U 101 -31.07 -33.09 21.35
C TYR U 101 -30.37 -34.30 21.93
N ASP U 102 -30.93 -34.84 23.00
CA ASP U 102 -30.33 -36.00 23.65
C ASP U 102 -30.47 -37.29 22.86
N MET U 103 -29.36 -38.00 22.69
CA MET U 103 -29.41 -39.26 21.96
C MET U 103 -30.39 -40.20 22.62
N PRO U 104 -31.29 -40.78 21.84
CA PRO U 104 -32.24 -41.69 22.45
C PRO U 104 -31.63 -43.03 22.70
N CYS U 105 -32.31 -43.79 23.55
CA CYS U 105 -31.92 -45.13 23.94
C CYS U 105 -31.73 -46.04 22.74
N ASP U 106 -32.79 -46.19 21.95
CA ASP U 106 -32.71 -47.06 20.79
C ASP U 106 -31.65 -46.70 19.82
N VAL U 107 -31.41 -45.42 19.64
CA VAL U 107 -30.40 -45.02 18.67
C VAL U 107 -29.07 -45.33 19.24
N LEU U 108 -28.90 -45.05 20.53
CA LEU U 108 -27.64 -45.35 21.19
C LEU U 108 -27.40 -46.85 21.11
N ALA U 109 -28.48 -47.60 21.30
CA ALA U 109 -28.42 -49.05 21.23
C ALA U 109 -27.91 -49.40 19.85
N LYS U 110 -28.68 -49.01 18.83
CA LYS U 110 -28.34 -49.27 17.43
C LYS U 110 -26.90 -48.93 17.10
N ARG U 111 -26.45 -47.77 17.54
CA ARG U 111 -25.07 -47.36 17.25
C ARG U 111 -24.11 -48.35 17.89
N MET U 112 -24.38 -48.73 19.14
CA MET U 112 -23.55 -49.67 19.86
C MET U 112 -23.57 -51.02 19.16
N ALA U 113 -24.72 -51.37 18.60
CA ALA U 113 -24.87 -52.63 17.87
C ALA U 113 -23.92 -52.65 16.65
N ASN U 114 -24.01 -51.59 15.84
CA ASN U 114 -23.22 -51.44 14.63
C ASN U 114 -21.73 -51.58 14.86
N LEU U 115 -21.20 -51.07 15.96
CA LEU U 115 -19.77 -51.23 16.18
C LEU U 115 -19.47 -52.69 16.40
N SER U 116 -20.36 -53.36 17.12
CA SER U 116 -20.19 -54.77 17.38
C SER U 116 -20.21 -55.51 16.04
N GLN U 117 -21.22 -55.19 15.22
CA GLN U 117 -21.33 -55.82 13.91
C GLN U 117 -19.96 -55.75 13.29
N ILE U 118 -19.30 -54.62 13.40
CA ILE U 118 -18.00 -54.49 12.79
C ILE U 118 -16.95 -55.45 13.25
N TYR U 119 -16.95 -55.81 14.53
CA TYR U 119 -15.91 -56.72 15.07
C TYR U 119 -16.16 -58.11 14.53
N THR U 120 -17.43 -58.32 14.22
CA THR U 120 -17.96 -59.52 13.64
C THR U 120 -17.38 -59.69 12.23
N GLN U 121 -17.10 -58.58 11.52
CA GLN U 121 -16.61 -58.63 10.13
C GLN U 121 -15.17 -58.38 9.81
N ARG U 122 -14.45 -57.77 10.75
CA ARG U 122 -13.05 -57.49 10.52
C ARG U 122 -12.18 -58.38 11.43
N ALA U 123 -11.18 -59.00 10.84
CA ALA U 123 -10.30 -59.91 11.56
C ALA U 123 -9.64 -59.34 12.78
N TYR U 124 -9.10 -58.13 12.64
CA TYR U 124 -8.36 -57.50 13.72
C TYR U 124 -9.14 -57.10 14.95
N MET U 125 -10.44 -56.95 14.85
CA MET U 125 -11.20 -56.56 16.01
C MET U 125 -11.86 -57.76 16.63
N ARG U 126 -11.55 -58.01 17.88
CA ARG U 126 -12.18 -59.11 18.59
C ARG U 126 -13.49 -58.54 19.10
N PRO U 127 -14.57 -59.34 19.14
CA PRO U 127 -15.84 -58.81 19.64
C PRO U 127 -15.69 -58.57 21.12
N LEU U 128 -16.65 -57.89 21.74
CA LEU U 128 -16.57 -57.65 23.17
C LEU U 128 -17.50 -58.66 23.75
N GLY U 129 -17.02 -59.35 24.78
CA GLY U 129 -17.84 -60.37 25.37
C GLY U 129 -18.80 -59.76 26.34
N VAL U 130 -19.78 -59.01 25.87
CA VAL U 130 -20.73 -58.41 26.80
C VAL U 130 -22.05 -58.20 26.12
N ILE U 131 -23.12 -58.11 26.90
CA ILE U 131 -24.46 -57.81 26.37
C ILE U 131 -24.81 -56.51 27.09
N LEU U 132 -25.41 -55.57 26.37
CA LEU U 132 -25.71 -54.28 26.93
C LEU U 132 -27.20 -54.03 26.92
N THR U 133 -27.75 -53.67 28.07
CA THR U 133 -29.18 -53.38 28.16
C THR U 133 -29.24 -51.90 28.42
N PHE U 134 -29.81 -51.14 27.50
CA PHE U 134 -29.93 -49.71 27.66
C PHE U 134 -31.36 -49.45 28.05
N VAL U 135 -31.56 -48.58 29.02
CA VAL U 135 -32.89 -48.24 29.45
C VAL U 135 -32.99 -46.74 29.63
N SER U 136 -34.21 -46.23 29.51
CA SER U 136 -34.53 -44.83 29.68
C SER U 136 -36.01 -44.60 29.43
N VAL U 137 -36.46 -43.37 29.68
CA VAL U 137 -37.83 -42.98 29.43
C VAL U 137 -37.66 -41.92 28.35
N ASP U 138 -37.54 -42.39 27.12
CA ASP U 138 -37.36 -41.56 25.94
C ASP U 138 -38.49 -40.52 25.88
N GLU U 139 -38.15 -39.28 25.52
CA GLU U 139 -39.16 -38.23 25.44
C GLU U 139 -40.17 -38.47 24.32
N GLU U 140 -39.80 -39.30 23.37
CA GLU U 140 -40.69 -39.56 22.27
C GLU U 140 -41.39 -40.89 22.35
N LEU U 141 -40.70 -41.91 22.84
CA LEU U 141 -41.22 -43.29 22.92
C LEU U 141 -41.73 -43.86 24.26
N GLY U 142 -41.30 -43.29 25.38
CA GLY U 142 -41.74 -43.81 26.66
C GLY U 142 -40.70 -44.71 27.28
N PRO U 143 -41.02 -45.38 28.40
CA PRO U 143 -40.04 -46.26 29.03
C PRO U 143 -39.52 -47.18 27.97
N SER U 144 -38.22 -47.41 27.95
CA SER U 144 -37.62 -48.24 26.92
C SER U 144 -36.49 -49.09 27.46
N ILE U 145 -36.25 -50.21 26.79
CA ILE U 145 -35.22 -51.17 27.13
C ILE U 145 -34.78 -51.68 25.79
N TYR U 146 -33.50 -51.55 25.47
CA TYR U 146 -32.97 -52.04 24.20
C TYR U 146 -31.75 -52.77 24.60
N LYS U 147 -31.52 -53.94 24.03
CA LYS U 147 -30.36 -54.71 24.42
C LYS U 147 -29.61 -55.13 23.18
N THR U 148 -28.29 -55.20 23.28
CA THR U 148 -27.47 -55.59 22.15
C THR U 148 -26.55 -56.69 22.60
N ASP U 149 -25.99 -57.43 21.65
CA ASP U 149 -25.08 -58.54 21.94
C ASP U 149 -23.86 -58.55 21.02
N PRO U 150 -22.89 -59.47 21.22
CA PRO U 150 -21.68 -59.52 20.38
C PRO U 150 -21.85 -59.85 18.92
N ALA U 151 -23.05 -60.25 18.54
CA ALA U 151 -23.31 -60.58 17.17
C ALA U 151 -23.70 -59.34 16.42
N GLY U 152 -24.07 -58.30 17.16
CA GLY U 152 -24.49 -57.05 16.56
C GLY U 152 -26.01 -56.94 16.52
N TYR U 153 -26.67 -57.76 17.30
CA TYR U 153 -28.11 -57.75 17.30
C TYR U 153 -28.54 -56.79 18.37
N TYR U 154 -29.70 -56.20 18.21
CA TYR U 154 -30.20 -55.30 19.22
C TYR U 154 -31.68 -55.25 18.99
N VAL U 155 -32.45 -55.02 20.05
CA VAL U 155 -33.89 -54.90 19.87
C VAL U 155 -34.52 -54.41 21.14
N GLY U 156 -35.79 -54.03 21.07
CA GLY U 156 -36.50 -53.53 22.23
C GLY U 156 -37.39 -54.55 22.85
N TYR U 157 -37.54 -54.48 24.16
CA TYR U 157 -38.35 -55.43 24.92
C TYR U 157 -39.40 -54.80 25.82
N LYS U 158 -40.43 -55.58 26.15
CA LYS U 158 -41.46 -55.13 27.07
C LYS U 158 -40.80 -55.25 28.45
N ALA U 159 -39.91 -56.24 28.58
CA ALA U 159 -39.15 -56.54 29.78
C ALA U 159 -38.13 -57.54 29.32
N THR U 160 -37.01 -57.66 30.02
CA THR U 160 -35.99 -58.61 29.59
C THR U 160 -35.21 -59.06 30.78
N ALA U 161 -34.29 -59.97 30.53
CA ALA U 161 -33.45 -60.46 31.58
C ALA U 161 -32.28 -61.01 30.86
N THR U 162 -31.18 -61.16 31.56
CA THR U 162 -29.99 -61.62 30.92
C THR U 162 -29.11 -62.24 31.98
N GLY U 163 -28.24 -63.15 31.60
CA GLY U 163 -27.35 -63.85 32.53
C GLY U 163 -27.54 -65.36 32.46
N PRO U 164 -26.85 -66.13 33.31
CA PRO U 164 -26.94 -67.60 33.34
C PRO U 164 -28.36 -68.15 33.45
N LYS U 165 -29.18 -67.50 34.26
CA LYS U 165 -30.54 -67.94 34.46
C LYS U 165 -31.58 -67.08 33.71
N GLN U 166 -31.16 -66.61 32.53
CA GLN U 166 -31.97 -65.79 31.62
C GLN U 166 -33.31 -66.43 31.37
N GLN U 167 -33.27 -67.72 30.99
CA GLN U 167 -34.48 -68.47 30.65
C GLN U 167 -35.51 -68.55 31.77
N GLU U 168 -35.03 -68.75 33.00
CA GLU U 168 -35.94 -68.85 34.12
C GLU U 168 -36.68 -67.52 34.32
N ILE U 169 -35.91 -66.44 34.40
CA ILE U 169 -36.46 -65.09 34.60
C ILE U 169 -37.40 -64.70 33.46
N THR U 170 -36.93 -64.93 32.25
CA THR U 170 -37.71 -64.62 31.08
C THR U 170 -39.07 -65.28 31.20
N THR U 171 -39.08 -66.60 31.43
CA THR U 171 -40.34 -67.35 31.55
C THR U 171 -41.23 -66.84 32.67
N ASN U 172 -40.64 -66.52 33.82
CA ASN U 172 -41.45 -65.98 34.89
C ASN U 172 -42.07 -64.68 34.38
N LEU U 173 -41.23 -63.85 33.76
CA LEU U 173 -41.66 -62.57 33.25
C LEU U 173 -42.73 -62.69 32.20
N GLU U 174 -42.49 -63.53 31.19
CA GLU U 174 -43.46 -63.72 30.12
C GLU U 174 -44.78 -64.04 30.75
N ASN U 175 -44.76 -64.98 31.69
CA ASN U 175 -45.98 -65.39 32.36
C ASN U 175 -46.70 -64.21 32.95
N HIS U 176 -46.01 -63.43 33.77
CA HIS U 176 -46.68 -62.27 34.36
C HIS U 176 -47.40 -61.44 33.32
N PHE U 177 -46.78 -61.28 32.16
CA PHE U 177 -47.38 -60.48 31.10
C PHE U 177 -48.57 -61.12 30.41
N LYS U 178 -48.58 -62.44 30.27
CA LYS U 178 -49.72 -63.11 29.66
C LYS U 178 -50.91 -62.91 30.59
N LYS U 179 -50.63 -62.91 31.88
CA LYS U 179 -51.63 -62.72 32.93
C LYS U 179 -52.24 -61.32 32.84
N SER U 180 -51.38 -60.30 32.81
CA SER U 180 -51.83 -58.91 32.75
C SER U 180 -52.40 -58.47 31.39
N LYS U 181 -51.73 -58.88 30.32
CA LYS U 181 -52.10 -58.56 28.94
C LYS U 181 -51.59 -57.21 28.41
N ILE U 182 -50.91 -56.47 29.29
CA ILE U 182 -50.37 -55.16 28.94
C ILE U 182 -48.86 -55.23 28.77
N ASP U 183 -48.26 -54.17 28.23
CA ASP U 183 -46.82 -54.13 28.03
C ASP U 183 -46.12 -53.13 28.98
N HIS U 184 -46.15 -53.42 30.30
CA HIS U 184 -45.53 -52.61 31.37
C HIS U 184 -46.17 -52.87 32.74
N ILE U 185 -45.41 -52.66 33.82
CA ILE U 185 -45.95 -52.87 35.17
C ILE U 185 -46.94 -51.74 35.39
N ASN U 186 -48.23 -52.03 35.59
CA ASN U 186 -49.24 -50.97 35.78
C ASN U 186 -49.10 -50.32 37.16
N GLU U 187 -47.98 -49.63 37.37
CA GLU U 187 -47.70 -48.98 38.66
C GLU U 187 -47.27 -47.50 38.55
N GLU U 188 -47.70 -46.69 39.51
CA GLU U 188 -47.41 -45.26 39.53
C GLU U 188 -46.03 -44.85 39.99
N SER U 189 -45.55 -45.42 41.08
CA SER U 189 -44.24 -45.02 41.53
C SER U 189 -43.19 -46.00 41.08
N TRP U 190 -42.01 -45.49 40.80
CA TRP U 190 -40.92 -46.32 40.36
C TRP U 190 -40.51 -47.21 41.52
N GLU U 191 -40.77 -46.73 42.74
CA GLU U 191 -40.44 -47.48 43.95
C GLU U 191 -41.12 -48.84 43.90
N LYS U 192 -42.41 -48.84 43.54
CA LYS U 192 -43.18 -50.07 43.41
C LYS U 192 -42.68 -50.94 42.25
N VAL U 193 -42.48 -50.32 41.10
CA VAL U 193 -41.97 -51.06 39.97
C VAL U 193 -40.64 -51.70 40.37
N VAL U 194 -39.86 -51.01 41.19
CA VAL U 194 -38.60 -51.60 41.61
C VAL U 194 -38.90 -52.83 42.45
N GLU U 195 -39.98 -52.76 43.22
CA GLU U 195 -40.38 -53.88 44.05
C GLU U 195 -40.72 -55.09 43.20
N PHE U 196 -41.67 -54.91 42.28
CA PHE U 196 -42.06 -55.98 41.37
C PHE U 196 -40.78 -56.56 40.79
N ALA U 197 -39.89 -55.68 40.35
CA ALA U 197 -38.62 -56.11 39.78
C ALA U 197 -37.93 -57.11 40.67
N ILE U 198 -37.66 -56.72 41.91
CA ILE U 198 -36.98 -57.61 42.84
C ILE U 198 -37.85 -58.83 43.17
N THR U 199 -39.10 -58.58 43.53
CA THR U 199 -40.04 -59.63 43.84
C THR U 199 -39.91 -60.74 42.80
N HIS U 200 -40.12 -60.42 41.54
CA HIS U 200 -40.01 -61.47 40.54
C HIS U 200 -38.63 -62.01 40.30
N MET U 201 -37.59 -61.27 40.62
CA MET U 201 -36.30 -61.90 40.42
C MET U 201 -36.13 -62.96 41.50
N ILE U 202 -36.76 -62.73 42.65
CA ILE U 202 -36.73 -63.67 43.77
C ILE U 202 -37.55 -64.89 43.37
N ASP U 203 -38.83 -64.69 43.07
CA ASP U 203 -39.72 -65.77 42.67
C ASP U 203 -39.12 -66.69 41.59
N ALA U 204 -38.25 -66.14 40.75
CA ALA U 204 -37.67 -66.94 39.67
C ALA U 204 -36.31 -67.52 39.94
N LEU U 205 -35.52 -66.87 40.78
CA LEU U 205 -34.21 -67.42 41.11
C LEU U 205 -34.29 -68.27 42.38
N GLY U 206 -35.48 -68.32 42.99
CA GLY U 206 -35.68 -69.10 44.21
C GLY U 206 -34.72 -68.68 45.30
N THR U 207 -34.44 -67.38 45.38
CA THR U 207 -33.52 -66.83 46.37
C THR U 207 -34.02 -65.57 47.06
N GLU U 208 -33.50 -65.34 48.25
CA GLU U 208 -33.82 -64.20 49.07
C GLU U 208 -32.61 -63.25 48.89
N PHE U 209 -32.85 -61.95 49.05
CA PHE U 209 -31.79 -60.98 48.87
C PHE U 209 -31.55 -60.10 50.06
N SER U 210 -30.29 -59.73 50.25
CA SER U 210 -29.92 -58.81 51.31
C SER U 210 -29.59 -57.52 50.52
N LYS U 211 -29.53 -56.38 51.20
CA LYS U 211 -29.25 -55.12 50.52
C LYS U 211 -27.97 -55.08 49.68
N ASN U 212 -26.95 -55.86 50.05
CA ASN U 212 -25.70 -55.82 49.29
C ASN U 212 -25.64 -56.88 48.20
N ASP U 213 -26.79 -57.45 47.87
CA ASP U 213 -26.87 -58.50 46.84
C ASP U 213 -27.48 -57.97 45.53
N LEU U 214 -28.03 -56.77 45.56
CA LEU U 214 -28.65 -56.18 44.39
C LEU U 214 -28.01 -54.87 43.98
N GLU U 215 -28.39 -54.45 42.79
CA GLU U 215 -27.94 -53.22 42.16
C GLU U 215 -29.23 -52.85 41.47
N VAL U 216 -29.74 -51.67 41.72
CA VAL U 216 -30.97 -51.29 41.07
C VAL U 216 -30.77 -49.97 40.38
N GLY U 217 -31.39 -49.80 39.23
CA GLY U 217 -31.26 -48.55 38.50
C GLY U 217 -32.63 -48.21 38.00
N VAL U 218 -32.99 -46.93 38.08
CA VAL U 218 -34.30 -46.50 37.60
C VAL U 218 -34.06 -45.39 36.63
N ALA U 219 -34.99 -45.23 35.71
CA ALA U 219 -34.95 -44.21 34.70
C ALA U 219 -36.35 -43.64 34.61
N THR U 220 -36.45 -42.32 34.81
CA THR U 220 -37.70 -41.57 34.75
C THR U 220 -37.54 -40.46 33.75
N LYS U 221 -38.61 -39.69 33.56
CA LYS U 221 -38.58 -38.57 32.62
C LYS U 221 -37.52 -37.57 33.06
N ASP U 222 -36.55 -37.40 32.18
CA ASP U 222 -35.45 -36.48 32.41
C ASP U 222 -34.45 -36.89 33.51
N LYS U 223 -34.32 -38.20 33.74
CA LYS U 223 -33.31 -38.74 34.67
C LYS U 223 -33.22 -40.24 34.89
N PHE U 224 -31.99 -40.72 35.04
CA PHE U 224 -31.70 -42.12 35.33
C PHE U 224 -30.77 -42.12 36.53
N PHE U 225 -31.02 -43.00 37.50
CA PHE U 225 -30.19 -43.08 38.70
C PHE U 225 -30.12 -44.50 39.26
N THR U 226 -29.05 -44.77 40.03
CA THR U 226 -28.84 -46.05 40.66
C THR U 226 -29.33 -45.87 42.12
N LEU U 227 -29.98 -46.88 42.70
CA LEU U 227 -30.46 -46.78 44.08
C LEU U 227 -29.34 -47.02 45.08
N SER U 228 -29.53 -46.49 46.28
CA SER U 228 -28.55 -46.66 47.33
C SER U 228 -28.94 -47.91 48.10
N ALA U 229 -27.96 -48.53 48.77
CA ALA U 229 -28.20 -49.74 49.57
C ALA U 229 -29.44 -49.51 50.43
N GLU U 230 -29.55 -48.32 51.00
CA GLU U 230 -30.67 -47.99 51.85
C GLU U 230 -31.98 -47.86 51.08
N ASN U 231 -31.97 -47.28 49.89
CA ASN U 231 -33.21 -47.16 49.13
C ASN U 231 -33.66 -48.56 48.77
N ILE U 232 -32.67 -49.41 48.46
CA ILE U 232 -32.86 -50.81 48.11
C ILE U 232 -33.50 -51.49 49.30
N GLU U 233 -32.90 -51.32 50.47
CA GLU U 233 -33.45 -51.90 51.68
C GLU U 233 -34.91 -51.47 51.90
N GLU U 234 -35.21 -50.18 51.74
CA GLU U 234 -36.59 -49.69 51.91
C GLU U 234 -37.50 -50.62 51.08
N ARG U 235 -37.00 -51.02 49.91
CA ARG U 235 -37.69 -51.91 48.99
C ARG U 235 -37.75 -53.33 49.59
N LEU U 236 -36.58 -53.87 49.93
CA LEU U 236 -36.46 -55.19 50.52
C LEU U 236 -37.43 -55.34 51.68
N VAL U 237 -37.57 -54.27 52.47
CA VAL U 237 -38.47 -54.28 53.59
C VAL U 237 -39.89 -54.33 53.05
N ALA U 238 -40.26 -53.36 52.21
CA ALA U 238 -41.60 -53.32 51.67
C ALA U 238 -42.10 -54.65 51.11
N ILE U 239 -41.21 -55.41 50.47
CA ILE U 239 -41.61 -56.70 49.91
C ILE U 239 -41.74 -57.76 50.99
N ALA U 240 -40.89 -57.70 52.00
CA ALA U 240 -40.91 -58.67 53.09
C ALA U 240 -42.05 -58.40 54.07
N GLU U 241 -43.08 -57.72 53.58
CA GLU U 241 -44.27 -57.39 54.36
C GLU U 241 -45.44 -57.49 53.38
N GLN U 242 -45.18 -58.17 52.28
CA GLN U 242 -46.14 -58.41 51.20
C GLN U 242 -46.09 -59.93 50.99
N ASP U 243 -44.86 -60.45 50.95
CA ASP U 243 -44.56 -61.87 50.76
C ASP U 243 -43.82 -62.38 52.01
N THR V 1 -32.27 -9.48 -2.02
CA THR V 1 -32.98 -10.63 -1.41
C THR V 1 -33.71 -10.23 -0.14
N THR V 2 -34.84 -10.47 0.34
CA THR V 2 -35.85 -10.12 1.39
C THR V 2 -36.62 -11.33 1.93
N ILE V 3 -36.20 -11.85 3.08
CA ILE V 3 -36.87 -12.98 3.70
C ILE V 3 -37.27 -12.74 5.15
N VAL V 4 -38.32 -13.43 5.56
CA VAL V 4 -38.82 -13.34 6.91
C VAL V 4 -39.36 -14.65 7.46
N GLY V 5 -39.65 -14.61 8.75
CA GLY V 5 -40.22 -15.72 9.49
C GLY V 5 -41.08 -15.08 10.54
N VAL V 6 -42.30 -15.58 10.71
CA VAL V 6 -43.20 -15.06 11.72
C VAL V 6 -43.89 -16.23 12.38
N LYS V 7 -43.69 -16.36 13.67
CA LYS V 7 -44.27 -17.44 14.41
C LYS V 7 -45.68 -17.06 14.77
N PHE V 8 -46.60 -18.03 14.71
CA PHE V 8 -47.97 -17.77 15.10
C PHE V 8 -48.40 -18.76 16.16
N ASN V 9 -49.64 -18.64 16.64
CA ASN V 9 -50.12 -19.51 17.72
C ASN V 9 -49.86 -21.02 17.66
N ASN V 10 -50.07 -21.64 16.51
CA ASN V 10 -49.84 -23.08 16.44
C ASN V 10 -48.85 -23.45 15.34
N GLY V 11 -47.83 -22.60 15.13
CA GLY V 11 -46.86 -22.88 14.08
C GLY V 11 -45.96 -21.73 13.68
N VAL V 12 -45.47 -21.76 12.45
CA VAL V 12 -44.59 -20.73 11.97
C VAL V 12 -44.71 -20.62 10.47
N VAL V 13 -44.56 -19.40 9.96
CA VAL V 13 -44.65 -19.18 8.53
C VAL V 13 -43.48 -18.38 8.09
N ILE V 14 -42.99 -18.63 6.89
CA ILE V 14 -41.88 -17.87 6.38
C ILE V 14 -42.24 -17.42 4.99
N ALA V 15 -41.58 -16.38 4.54
CA ALA V 15 -41.86 -15.85 3.23
C ALA V 15 -40.61 -15.27 2.64
N ALA V 16 -40.65 -14.94 1.36
CA ALA V 16 -39.49 -14.38 0.69
C ALA V 16 -39.88 -13.80 -0.67
N ASP V 17 -39.13 -12.79 -1.13
CA ASP V 17 -39.39 -12.18 -2.42
C ASP V 17 -38.82 -13.14 -3.45
N THR V 18 -38.72 -12.75 -4.73
CA THR V 18 -38.21 -13.68 -5.74
C THR V 18 -37.16 -13.21 -6.73
N ARG V 19 -36.58 -12.05 -6.48
CA ARG V 19 -35.59 -11.47 -7.37
C ARG V 19 -34.19 -11.92 -7.05
N SER V 20 -33.36 -12.16 -8.06
CA SER V 20 -31.96 -12.52 -7.82
C SER V 20 -31.19 -11.54 -8.68
N THR V 21 -29.96 -11.19 -8.30
CA THR V 21 -29.22 -10.21 -9.06
C THR V 21 -27.77 -10.53 -9.30
N GLN V 22 -27.25 -10.07 -10.41
CA GLN V 22 -25.85 -10.23 -10.76
C GLN V 22 -25.46 -8.74 -10.84
N GLY V 23 -25.08 -8.17 -9.70
CA GLY V 23 -24.76 -6.77 -9.67
C GLY V 23 -26.09 -6.05 -9.72
N PRO V 24 -26.22 -5.00 -10.54
CA PRO V 24 -27.48 -4.25 -10.65
C PRO V 24 -28.48 -4.84 -11.63
N ILE V 25 -28.11 -5.95 -12.25
CA ILE V 25 -28.96 -6.62 -13.21
C ILE V 25 -29.71 -7.75 -12.57
N VAL V 26 -31.00 -7.80 -12.86
CA VAL V 26 -31.87 -8.84 -12.37
C VAL V 26 -31.50 -10.10 -13.14
N ALA V 27 -30.94 -11.08 -12.46
CA ALA V 27 -30.56 -12.32 -13.12
C ALA V 27 -31.78 -13.23 -13.28
N ASP V 28 -32.63 -13.29 -12.27
CA ASP V 28 -33.83 -14.13 -12.33
C ASP V 28 -34.96 -13.37 -11.69
N LYS V 29 -36.04 -13.19 -12.43
CA LYS V 29 -37.18 -12.46 -11.92
C LYS V 29 -38.07 -13.28 -11.03
N ASN V 30 -37.79 -14.57 -10.92
CA ASN V 30 -38.65 -15.40 -10.09
C ASN V 30 -37.94 -16.65 -9.61
N CYS V 31 -36.84 -16.52 -8.89
CA CYS V 31 -36.17 -17.71 -8.40
C CYS V 31 -36.83 -18.07 -7.08
N ALA V 32 -36.63 -19.30 -6.61
CA ALA V 32 -37.22 -19.77 -5.34
C ALA V 32 -36.21 -19.70 -4.21
N LYS V 33 -36.55 -18.94 -3.19
CA LYS V 33 -35.67 -18.74 -2.04
C LYS V 33 -36.05 -19.65 -0.87
N LEU V 34 -37.27 -20.16 -0.91
CA LEU V 34 -37.76 -21.07 0.10
C LEU V 34 -37.23 -22.48 -0.25
N HIS V 35 -36.59 -23.12 0.70
CA HIS V 35 -36.02 -24.45 0.52
C HIS V 35 -36.55 -25.49 1.52
N ARG V 36 -36.90 -26.68 1.01
CA ARG V 36 -37.41 -27.79 1.82
C ARG V 36 -36.22 -28.55 2.38
N ILE V 37 -36.06 -28.54 3.71
CA ILE V 37 -34.98 -29.27 4.35
C ILE V 37 -35.50 -30.68 4.62
N SER V 38 -36.74 -30.75 5.08
CA SER V 38 -37.40 -32.00 5.33
C SER V 38 -38.85 -31.59 5.16
N PRO V 39 -39.77 -32.53 4.94
CA PRO V 39 -41.17 -32.17 4.76
C PRO V 39 -41.69 -31.04 5.63
N LYS V 40 -41.33 -31.04 6.90
CA LYS V 40 -41.84 -29.99 7.79
C LYS V 40 -40.82 -29.02 8.38
N ILE V 41 -39.66 -28.95 7.76
CA ILE V 41 -38.64 -28.01 8.19
C ILE V 41 -38.20 -27.26 6.93
N TRP V 42 -38.58 -25.99 6.83
CA TRP V 42 -38.21 -25.20 5.67
C TRP V 42 -37.29 -24.04 6.03
N CYS V 43 -36.46 -23.66 5.09
CA CYS V 43 -35.50 -22.59 5.30
C CYS V 43 -35.58 -21.55 4.20
N ALA V 44 -35.53 -20.28 4.56
CA ALA V 44 -35.56 -19.19 3.59
C ALA V 44 -34.15 -18.67 3.58
N GLY V 45 -33.58 -18.47 2.41
CA GLY V 45 -32.19 -18.03 2.36
C GLY V 45 -31.86 -16.82 1.51
N ALA V 46 -30.79 -16.13 1.89
CA ALA V 46 -30.33 -14.94 1.18
C ALA V 46 -28.84 -14.95 1.23
N GLY V 47 -28.22 -14.13 0.39
CA GLY V 47 -26.78 -14.06 0.38
C GLY V 47 -26.41 -14.64 -0.94
N THR V 48 -25.22 -15.23 -1.05
CA THR V 48 -24.81 -15.85 -2.29
C THR V 48 -25.81 -16.94 -2.68
N ALA V 49 -26.52 -16.76 -3.77
CA ALA V 49 -27.51 -17.72 -4.22
C ALA V 49 -27.09 -19.20 -4.19
N ALA V 50 -25.94 -19.52 -4.78
CA ALA V 50 -25.46 -20.91 -4.84
C ALA V 50 -25.22 -21.50 -3.46
N ASP V 51 -24.70 -20.70 -2.54
CA ASP V 51 -24.43 -21.16 -1.20
C ASP V 51 -25.68 -21.46 -0.44
N THR V 52 -26.69 -20.60 -0.50
CA THR V 52 -27.88 -20.91 0.25
C THR V 52 -28.46 -22.23 -0.24
N GLU V 53 -28.43 -22.47 -1.55
CA GLU V 53 -28.98 -23.72 -2.08
C GLU V 53 -28.16 -24.93 -1.68
N ALA V 54 -26.85 -24.85 -1.93
CA ALA V 54 -25.96 -25.93 -1.59
C ALA V 54 -26.06 -26.34 -0.13
N VAL V 55 -25.80 -25.41 0.77
CA VAL V 55 -25.83 -25.68 2.19
C VAL V 55 -27.20 -26.19 2.60
N THR V 56 -28.24 -25.76 1.90
CA THR V 56 -29.58 -26.23 2.23
C THR V 56 -29.75 -27.67 1.80
N GLN V 57 -29.26 -27.98 0.61
CA GLN V 57 -29.35 -29.33 0.08
C GLN V 57 -28.52 -30.22 0.99
N LEU V 58 -27.23 -29.96 1.09
CA LEU V 58 -26.34 -30.77 1.92
C LEU V 58 -26.96 -31.11 3.28
N ILE V 59 -27.33 -30.09 4.04
CA ILE V 59 -27.93 -30.33 5.34
C ILE V 59 -29.26 -31.09 5.22
N GLY V 60 -30.02 -30.88 4.15
CA GLY V 60 -31.27 -31.61 4.00
C GLY V 60 -31.03 -33.10 3.74
N SER V 61 -29.95 -33.38 3.02
CA SER V 61 -29.53 -34.74 2.70
C SER V 61 -29.20 -35.41 4.03
N ASN V 62 -28.15 -34.94 4.70
CA ASN V 62 -27.77 -35.49 5.98
C ASN V 62 -28.93 -35.60 6.94
N ILE V 63 -29.92 -34.72 6.82
CA ILE V 63 -31.05 -34.81 7.73
C ILE V 63 -31.93 -35.97 7.36
N GLU V 64 -32.19 -36.16 6.07
CA GLU V 64 -33.02 -37.28 5.62
C GLU V 64 -32.39 -38.58 6.11
N LEU V 65 -31.07 -38.70 6.00
CA LEU V 65 -30.33 -39.88 6.46
C LEU V 65 -30.42 -40.13 7.98
N HIS V 66 -30.39 -39.04 8.73
CA HIS V 66 -30.47 -39.09 10.17
C HIS V 66 -31.85 -39.60 10.53
N SER V 67 -32.87 -39.01 9.92
CA SER V 67 -34.23 -39.42 10.15
C SER V 67 -34.32 -40.92 9.94
N LEU V 68 -33.94 -41.37 8.76
CA LEU V 68 -33.98 -42.78 8.43
C LEU V 68 -33.28 -43.67 9.47
N TYR V 69 -32.08 -43.28 9.90
CA TYR V 69 -31.29 -44.04 10.87
C TYR V 69 -31.89 -44.07 12.25
N THR V 70 -32.62 -43.02 12.61
CA THR V 70 -33.20 -42.94 13.93
C THR V 70 -34.68 -43.25 13.92
N SER V 71 -35.24 -43.50 12.75
CA SER V 71 -36.65 -43.81 12.64
C SER V 71 -37.50 -42.73 13.26
N ARG V 72 -37.02 -41.49 13.19
CA ARG V 72 -37.71 -40.33 13.78
C ARG V 72 -37.83 -39.10 12.87
N GLU V 73 -38.90 -38.32 13.07
CA GLU V 73 -39.11 -37.08 12.31
C GLU V 73 -37.95 -36.16 12.71
N PRO V 74 -37.39 -35.42 11.76
CA PRO V 74 -36.28 -34.50 12.00
C PRO V 74 -36.70 -33.35 12.87
N ARG V 75 -35.75 -32.79 13.59
CA ARG V 75 -36.01 -31.66 14.47
C ARG V 75 -35.27 -30.42 13.98
N VAL V 76 -35.93 -29.27 14.07
CA VAL V 76 -35.31 -28.03 13.63
C VAL V 76 -33.97 -27.79 14.27
N VAL V 77 -33.84 -28.08 15.55
CA VAL V 77 -32.57 -27.83 16.19
C VAL V 77 -31.45 -28.65 15.66
N SER V 78 -31.76 -29.71 14.94
CA SER V 78 -30.70 -30.52 14.40
C SER V 78 -30.26 -29.83 13.13
N ALA V 79 -31.23 -29.33 12.39
CA ALA V 79 -30.92 -28.63 11.15
C ALA V 79 -30.08 -27.43 11.54
N LEU V 80 -30.60 -26.66 12.50
CA LEU V 80 -29.95 -25.48 13.01
C LEU V 80 -28.51 -25.79 13.36
N GLN V 81 -28.32 -26.74 14.25
CA GLN V 81 -26.99 -27.07 14.69
C GLN V 81 -26.07 -27.47 13.54
N MET V 82 -26.60 -28.23 12.60
CA MET V 82 -25.82 -28.72 11.48
C MET V 82 -25.40 -27.59 10.56
N LEU V 83 -26.37 -26.72 10.26
CA LEU V 83 -26.16 -25.55 9.42
C LEU V 83 -25.12 -24.70 10.10
N LYS V 84 -25.40 -24.32 11.33
CA LYS V 84 -24.49 -23.49 12.09
C LYS V 84 -23.06 -24.00 12.12
N GLN V 85 -22.87 -25.28 12.40
CA GLN V 85 -21.50 -25.79 12.47
C GLN V 85 -20.81 -25.90 11.11
N HIS V 86 -21.58 -26.00 10.05
CA HIS V 86 -21.02 -26.08 8.70
C HIS V 86 -20.56 -24.67 8.36
N LEU V 87 -21.48 -23.71 8.48
CA LEU V 87 -21.20 -22.31 8.20
C LEU V 87 -20.02 -21.83 9.02
N PHE V 88 -20.05 -22.08 10.32
CA PHE V 88 -18.94 -21.64 11.15
C PHE V 88 -17.62 -22.22 10.69
N LYS V 89 -17.60 -23.49 10.31
CA LYS V 89 -16.36 -24.12 9.89
C LYS V 89 -15.76 -23.35 8.73
N TYR V 90 -16.62 -22.82 7.87
CA TYR V 90 -16.17 -22.07 6.70
C TYR V 90 -15.87 -20.60 6.93
N GLN V 91 -15.80 -20.19 8.20
CA GLN V 91 -15.51 -18.81 8.56
C GLN V 91 -16.23 -17.73 7.77
N GLY V 92 -17.47 -17.98 7.37
CA GLY V 92 -18.21 -16.95 6.65
C GLY V 92 -18.01 -16.89 5.16
N HIS V 93 -17.19 -17.79 4.62
CA HIS V 93 -17.00 -17.81 3.17
C HIS V 93 -18.23 -18.38 2.48
N ILE V 94 -19.03 -19.14 3.20
CA ILE V 94 -20.23 -19.67 2.59
C ILE V 94 -21.24 -18.62 2.93
N GLY V 95 -21.44 -17.71 2.00
CA GLY V 95 -22.37 -16.63 2.22
C GLY V 95 -23.83 -16.98 2.37
N ALA V 96 -24.18 -17.78 3.36
CA ALA V 96 -25.57 -18.13 3.51
C ALA V 96 -26.12 -17.48 4.75
N TYR V 97 -27.27 -16.84 4.63
CA TYR V 97 -27.92 -16.21 5.77
C TYR V 97 -29.26 -16.85 5.64
N LEU V 98 -29.70 -17.58 6.66
CA LEU V 98 -30.98 -18.27 6.51
C LEU V 98 -31.94 -18.13 7.67
N ILE V 99 -33.22 -18.25 7.36
CA ILE V 99 -34.26 -18.22 8.36
C ILE V 99 -34.85 -19.64 8.26
N VAL V 100 -34.52 -20.49 9.23
CA VAL V 100 -34.99 -21.86 9.24
C VAL V 100 -36.07 -22.07 10.27
N ALA V 101 -37.17 -22.63 9.81
CA ALA V 101 -38.31 -22.91 10.66
C ALA V 101 -38.88 -24.25 10.25
N GLY V 102 -39.80 -24.73 11.06
CA GLY V 102 -40.41 -26.01 10.78
C GLY V 102 -41.03 -26.58 12.02
N VAL V 103 -41.94 -27.52 11.85
CA VAL V 103 -42.57 -28.15 13.01
C VAL V 103 -42.04 -29.57 13.14
N ASP V 104 -41.78 -29.95 14.37
CA ASP V 104 -41.29 -31.29 14.64
C ASP V 104 -41.93 -31.78 15.95
N PRO V 105 -41.63 -33.02 16.37
CA PRO V 105 -42.19 -33.58 17.59
C PRO V 105 -42.15 -32.72 18.84
N THR V 106 -41.30 -31.70 18.88
CA THR V 106 -41.21 -30.87 20.07
C THR V 106 -41.98 -29.56 20.04
N GLY V 107 -42.58 -29.24 18.89
CA GLY V 107 -43.33 -27.99 18.77
C GLY V 107 -42.91 -27.22 17.52
N SER V 108 -43.13 -25.91 17.54
CA SER V 108 -42.79 -25.05 16.41
C SER V 108 -41.52 -24.26 16.76
N HIS V 109 -40.67 -24.03 15.77
CA HIS V 109 -39.41 -23.32 15.99
C HIS V 109 -39.06 -22.31 14.91
N LEU V 110 -38.40 -21.22 15.30
CA LEU V 110 -38.00 -20.19 14.35
C LEU V 110 -36.63 -19.69 14.74
N PHE V 111 -35.64 -19.88 13.88
CA PHE V 111 -34.31 -19.42 14.17
C PHE V 111 -33.79 -18.73 12.93
N SER V 112 -32.64 -18.08 13.06
CA SER V 112 -31.99 -17.41 11.95
C SER V 112 -30.53 -17.78 12.06
N ILE V 113 -29.86 -17.99 10.94
CA ILE V 113 -28.45 -18.32 10.97
C ILE V 113 -27.71 -17.37 10.06
N HIS V 114 -26.56 -16.89 10.51
CA HIS V 114 -25.75 -16.00 9.71
C HIS V 114 -24.55 -16.76 9.22
N ALA V 115 -24.03 -16.36 8.07
CA ALA V 115 -22.88 -16.98 7.41
C ALA V 115 -21.69 -17.32 8.22
N HIS V 116 -21.58 -16.70 9.39
CA HIS V 116 -20.42 -16.93 10.26
C HIS V 116 -20.72 -18.01 11.27
N GLY V 117 -21.99 -18.41 11.31
CA GLY V 117 -22.39 -19.48 12.17
C GLY V 117 -22.98 -19.05 13.47
N SER V 118 -23.68 -17.93 13.50
CA SER V 118 -24.27 -17.47 14.73
C SER V 118 -25.73 -17.68 14.48
N THR V 119 -26.47 -18.06 15.52
CA THR V 119 -27.89 -18.31 15.38
C THR V 119 -28.66 -17.38 16.30
N ASP V 120 -29.94 -17.19 15.99
CA ASP V 120 -30.81 -16.34 16.77
C ASP V 120 -32.16 -17.04 16.78
N VAL V 121 -32.98 -16.75 17.78
CA VAL V 121 -34.29 -17.33 17.87
C VAL V 121 -35.21 -16.20 18.15
N GLY V 122 -36.42 -16.24 17.64
CA GLY V 122 -37.32 -15.14 17.90
C GLY V 122 -38.69 -15.40 17.38
N TYR V 123 -39.62 -14.49 17.64
CA TYR V 123 -40.99 -14.65 17.18
C TYR V 123 -41.26 -14.16 15.78
N TYR V 124 -40.35 -13.34 15.26
CA TYR V 124 -40.42 -12.79 13.92
C TYR V 124 -39.02 -12.33 13.62
N LEU V 125 -38.55 -12.64 12.43
CA LEU V 125 -37.21 -12.27 12.01
C LEU V 125 -37.22 -11.92 10.54
N SER V 126 -36.15 -11.29 10.08
CA SER V 126 -36.06 -10.97 8.67
C SER V 126 -34.60 -10.84 8.42
N LEU V 127 -34.18 -11.12 7.20
CA LEU V 127 -32.79 -11.02 6.81
C LEU V 127 -32.75 -10.58 5.35
N GLY V 128 -31.57 -10.16 4.89
CA GLY V 128 -31.42 -9.71 3.52
C GLY V 128 -31.34 -8.20 3.35
N SER V 129 -31.06 -7.76 2.13
CA SER V 129 -30.97 -6.34 1.85
C SER V 129 -32.25 -5.65 2.28
N GLY V 130 -33.38 -6.31 2.10
CA GLY V 130 -34.68 -5.74 2.48
C GLY V 130 -35.03 -5.95 3.94
N SER V 131 -34.07 -6.46 4.70
CA SER V 131 -34.29 -6.72 6.12
C SER V 131 -34.87 -5.56 6.90
N LEU V 132 -34.47 -4.33 6.56
CA LEU V 132 -34.94 -3.16 7.31
C LEU V 132 -36.34 -2.74 6.98
N ALA V 133 -36.74 -2.88 5.73
CA ALA V 133 -38.09 -2.52 5.35
C ALA V 133 -39.04 -3.53 6.00
N ALA V 134 -38.68 -4.80 5.94
CA ALA V 134 -39.52 -5.83 6.53
C ALA V 134 -39.58 -5.63 8.01
N MET V 135 -38.41 -5.62 8.65
CA MET V 135 -38.36 -5.47 10.08
C MET V 135 -39.17 -4.31 10.63
N ALA V 136 -39.17 -3.20 9.90
CA ALA V 136 -39.92 -2.04 10.33
C ALA V 136 -41.38 -2.43 10.35
N VAL V 137 -41.85 -3.12 9.31
CA VAL V 137 -43.24 -3.53 9.28
C VAL V 137 -43.54 -4.47 10.43
N LEU V 138 -42.69 -5.47 10.60
CA LEU V 138 -42.87 -6.42 11.68
C LEU V 138 -42.93 -5.71 13.01
N GLU V 139 -41.96 -4.84 13.29
CA GLU V 139 -41.93 -4.12 14.56
C GLU V 139 -43.15 -3.25 14.74
N SER V 140 -43.81 -2.90 13.65
CA SER V 140 -45.00 -2.07 13.70
C SER V 140 -46.30 -2.83 13.90
N HIS V 141 -46.41 -4.01 13.28
CA HIS V 141 -47.62 -4.79 13.34
C HIS V 141 -47.65 -6.11 14.08
N TRP V 142 -46.49 -6.64 14.47
CA TRP V 142 -46.48 -7.91 15.17
C TRP V 142 -47.14 -7.76 16.51
N LYS V 143 -47.64 -8.88 17.02
CA LYS V 143 -48.31 -8.98 18.32
C LYS V 143 -48.25 -10.47 18.61
N GLN V 144 -48.44 -10.86 19.88
CA GLN V 144 -48.41 -12.30 20.19
C GLN V 144 -49.78 -12.90 19.95
N ASP V 145 -49.81 -14.21 19.74
CA ASP V 145 -51.07 -14.94 19.49
C ASP V 145 -51.72 -14.55 18.17
N LEU V 146 -50.91 -14.60 17.12
CA LEU V 146 -51.39 -14.29 15.79
C LEU V 146 -51.96 -15.58 15.24
N THR V 147 -52.99 -15.47 14.41
CA THR V 147 -53.58 -16.65 13.81
C THR V 147 -52.85 -16.89 12.52
N LYS V 148 -52.99 -18.09 11.98
CA LYS V 148 -52.34 -18.43 10.71
C LYS V 148 -52.63 -17.35 9.67
N GLU V 149 -53.86 -16.85 9.67
CA GLU V 149 -54.25 -15.85 8.71
C GLU V 149 -53.51 -14.54 8.89
N GLU V 150 -53.46 -14.05 10.13
CA GLU V 150 -52.80 -12.79 10.43
C GLU V 150 -51.30 -12.90 10.20
N ALA V 151 -50.74 -14.05 10.52
CA ALA V 151 -49.31 -14.27 10.34
C ALA V 151 -48.95 -14.26 8.88
N ILE V 152 -49.77 -14.91 8.07
CA ILE V 152 -49.50 -14.96 6.64
C ILE V 152 -49.48 -13.54 6.09
N LYS V 153 -50.40 -12.72 6.55
CA LYS V 153 -50.45 -11.33 6.13
C LYS V 153 -49.17 -10.67 6.60
N LEU V 154 -48.97 -10.63 7.91
CA LEU V 154 -47.78 -10.01 8.49
C LEU V 154 -46.51 -10.33 7.75
N ALA V 155 -46.31 -11.59 7.41
CA ALA V 155 -45.12 -11.97 6.69
C ALA V 155 -45.19 -11.44 5.26
N SER V 156 -46.37 -11.55 4.67
CA SER V 156 -46.58 -11.08 3.30
C SER V 156 -46.26 -9.59 3.17
N ASP V 157 -46.92 -8.78 3.98
CA ASP V 157 -46.70 -7.34 4.01
C ASP V 157 -45.21 -7.05 4.07
N ALA V 158 -44.56 -7.57 5.09
CA ALA V 158 -43.15 -7.35 5.29
C ALA V 158 -42.37 -7.64 4.02
N ILE V 159 -42.67 -8.74 3.34
CA ILE V 159 -41.95 -9.02 2.10
C ILE V 159 -42.24 -7.90 1.12
N GLN V 160 -43.49 -7.47 1.07
CA GLN V 160 -43.89 -6.41 0.17
C GLN V 160 -43.03 -5.20 0.41
N ALA V 161 -42.94 -4.79 1.68
CA ALA V 161 -42.15 -3.64 2.04
C ALA V 161 -40.79 -3.77 1.36
N GLY V 162 -40.17 -4.93 1.47
CA GLY V 162 -38.88 -5.11 0.84
C GLY V 162 -38.95 -4.98 -0.67
N ILE V 163 -40.00 -5.49 -1.25
CA ILE V 163 -40.17 -5.45 -2.70
C ILE V 163 -40.21 -4.02 -3.25
N TRP V 164 -40.97 -3.20 -2.57
CA TRP V 164 -41.19 -1.82 -2.94
C TRP V 164 -40.05 -0.88 -2.63
N ASN V 165 -39.58 -0.94 -1.40
CA ASN V 165 -38.52 -0.04 -0.93
C ASN V 165 -37.09 -0.53 -1.03
N ASP V 166 -36.88 -1.73 -1.56
CA ASP V 166 -35.54 -2.25 -1.70
C ASP V 166 -35.24 -2.67 -3.14
N LEU V 167 -34.18 -2.10 -3.69
CA LEU V 167 -33.76 -2.38 -5.05
C LEU V 167 -33.26 -3.78 -5.17
N GLY V 168 -32.72 -4.32 -4.10
CA GLY V 168 -32.24 -5.68 -4.18
C GLY V 168 -33.37 -6.70 -4.01
N SER V 169 -34.60 -6.27 -4.11
CA SER V 169 -35.70 -7.18 -3.91
C SER V 169 -36.83 -6.83 -4.81
N GLY V 170 -37.62 -7.82 -5.15
CA GLY V 170 -38.75 -7.56 -6.02
C GLY V 170 -39.56 -8.75 -6.47
N SER V 171 -40.33 -8.53 -7.51
CA SER V 171 -41.18 -9.53 -8.08
C SER V 171 -42.26 -10.09 -7.19
N ASN V 172 -42.15 -11.37 -6.85
CA ASN V 172 -43.21 -12.03 -6.08
C ASN V 172 -42.90 -12.38 -4.66
N VAL V 173 -43.95 -12.81 -3.98
CA VAL V 173 -43.92 -13.23 -2.59
C VAL V 173 -44.23 -14.70 -2.50
N ASP V 174 -43.37 -15.45 -1.82
CA ASP V 174 -43.54 -16.88 -1.61
C ASP V 174 -43.72 -17.09 -0.14
N VAL V 175 -44.62 -17.99 0.22
CA VAL V 175 -44.85 -18.26 1.63
C VAL V 175 -44.79 -19.74 1.88
N CYS V 176 -44.54 -20.09 3.13
CA CYS V 176 -44.52 -21.47 3.57
C CYS V 176 -45.08 -21.49 4.98
N VAL V 177 -46.20 -22.15 5.13
CA VAL V 177 -46.83 -22.19 6.42
C VAL V 177 -46.60 -23.56 6.98
N MET V 178 -46.00 -23.61 8.16
CA MET V 178 -45.76 -24.87 8.82
C MET V 178 -46.58 -24.84 10.09
N GLU V 179 -47.76 -25.47 10.04
CA GLU V 179 -48.67 -25.55 11.19
C GLU V 179 -48.40 -26.88 11.88
N ILE V 180 -48.59 -26.91 13.20
CA ILE V 180 -48.33 -28.11 14.01
C ILE V 180 -48.95 -29.44 13.55
N GLY V 181 -50.26 -29.47 13.30
CA GLY V 181 -50.89 -30.73 12.91
C GLY V 181 -50.99 -31.14 11.45
N LYS V 182 -51.28 -30.16 10.58
CA LYS V 182 -51.44 -30.39 9.15
C LYS V 182 -50.09 -30.57 8.43
N ASP V 183 -50.12 -30.86 7.12
CA ASP V 183 -48.90 -31.02 6.31
C ASP V 183 -48.39 -29.61 5.99
N ALA V 184 -47.09 -29.45 5.86
CA ALA V 184 -46.50 -28.14 5.55
C ALA V 184 -47.04 -27.67 4.20
N GLU V 185 -47.53 -26.43 4.11
CA GLU V 185 -48.04 -25.92 2.83
C GLU V 185 -47.17 -24.83 2.25
N TYR V 186 -46.73 -25.07 1.02
CA TYR V 186 -45.87 -24.17 0.28
C TYR V 186 -46.70 -23.44 -0.74
N LEU V 187 -46.85 -22.15 -0.53
CA LEU V 187 -47.61 -21.32 -1.43
C LEU V 187 -46.62 -20.59 -2.33
N ARG V 188 -46.25 -21.23 -3.43
CA ARG V 188 -45.32 -20.64 -4.39
C ARG V 188 -46.06 -19.53 -5.17
N ASN V 189 -45.50 -18.32 -5.12
CA ASN V 189 -46.07 -17.13 -5.76
C ASN V 189 -47.42 -16.80 -5.15
N TYR V 190 -47.41 -16.64 -3.84
CA TYR V 190 -48.59 -16.31 -3.06
C TYR V 190 -49.11 -15.02 -3.61
N LEU V 191 -48.19 -14.10 -3.83
CA LEU V 191 -48.56 -12.82 -4.37
C LEU V 191 -47.70 -12.54 -5.57
N THR V 192 -48.34 -12.03 -6.62
CA THR V 192 -47.67 -11.67 -7.86
C THR V 192 -48.15 -10.27 -8.28
N PRO V 193 -47.65 -9.20 -7.63
CA PRO V 193 -48.09 -7.86 -8.00
C PRO V 193 -47.24 -7.12 -9.01
N ASN V 194 -46.17 -7.74 -9.50
CA ASN V 194 -45.29 -7.07 -10.46
C ASN V 194 -45.30 -7.66 -11.83
N VAL V 195 -46.50 -7.83 -12.37
CA VAL V 195 -46.67 -8.39 -13.71
C VAL V 195 -46.42 -7.29 -14.75
N ARG V 196 -45.61 -7.62 -15.75
CA ARG V 196 -45.25 -6.70 -16.85
C ARG V 196 -46.45 -6.36 -17.76
N GLU V 197 -46.78 -5.07 -17.88
CA GLU V 197 -47.89 -4.65 -18.74
C GLU V 197 -47.67 -5.12 -20.18
N GLU V 198 -48.77 -5.27 -20.92
CA GLU V 198 -48.65 -5.73 -22.29
C GLU V 198 -47.79 -4.79 -23.09
N LYS V 199 -46.82 -5.35 -23.80
CA LYS V 199 -45.93 -4.57 -24.63
C LYS V 199 -46.71 -3.77 -25.67
N GLN V 200 -46.13 -2.66 -26.11
CA GLN V 200 -46.75 -1.74 -27.07
C GLN V 200 -46.79 -2.20 -28.53
N LYS V 201 -45.73 -2.85 -28.97
CA LYS V 201 -45.62 -3.31 -30.35
C LYS V 201 -45.22 -4.77 -30.28
N SER V 202 -45.12 -5.43 -31.42
CA SER V 202 -44.68 -6.82 -31.45
C SER V 202 -43.47 -6.77 -32.33
N TYR V 203 -42.42 -7.47 -31.95
CA TYR V 203 -41.24 -7.41 -32.78
C TYR V 203 -41.04 -8.62 -33.64
N LYS V 204 -42.14 -9.33 -33.86
CA LYS V 204 -42.16 -10.51 -34.70
C LYS V 204 -41.65 -10.05 -36.06
N PHE V 205 -40.41 -10.42 -36.37
CA PHE V 205 -39.76 -10.03 -37.62
C PHE V 205 -40.26 -10.80 -38.82
N PRO V 206 -40.42 -10.12 -39.97
CA PRO V 206 -40.88 -10.87 -41.13
C PRO V 206 -39.75 -11.86 -41.43
N ARG V 207 -40.11 -13.11 -41.68
CA ARG V 207 -39.12 -14.15 -41.94
C ARG V 207 -38.23 -13.81 -43.12
N GLY V 208 -36.94 -14.02 -42.97
CA GLY V 208 -36.00 -13.74 -44.04
C GLY V 208 -35.12 -12.57 -43.68
N THR V 209 -35.55 -11.83 -42.66
CA THR V 209 -34.84 -10.67 -42.14
C THR V 209 -33.39 -10.91 -41.84
N THR V 210 -33.04 -12.11 -41.38
CA THR V 210 -31.66 -12.44 -41.04
C THR V 210 -30.90 -13.07 -42.18
N ALA V 211 -29.66 -12.66 -42.37
CA ALA V 211 -28.87 -13.20 -43.46
C ALA V 211 -28.17 -14.44 -43.01
N VAL V 212 -28.45 -15.52 -43.70
CA VAL V 212 -27.86 -16.83 -43.40
C VAL V 212 -26.72 -17.10 -44.37
N LEU V 213 -25.65 -17.71 -43.89
CA LEU V 213 -24.50 -18.03 -44.73
C LEU V 213 -24.58 -19.45 -45.28
N LYS V 214 -24.70 -20.42 -44.39
CA LYS V 214 -24.82 -21.83 -44.75
C LYS V 214 -25.81 -22.47 -43.77
N GLU V 215 -26.47 -23.54 -44.20
CA GLU V 215 -27.47 -24.20 -43.38
C GLU V 215 -27.16 -25.70 -43.36
N SER V 216 -27.37 -26.35 -42.21
CA SER V 216 -27.14 -27.79 -42.07
C SER V 216 -27.99 -28.45 -40.96
N ILE V 217 -28.18 -29.76 -41.02
CA ILE V 217 -28.96 -30.46 -39.99
C ILE V 217 -27.99 -31.14 -39.00
N VAL V 218 -28.40 -31.22 -37.73
CA VAL V 218 -27.56 -31.80 -36.69
C VAL V 218 -27.97 -33.22 -36.30
N ASN V 219 -26.97 -34.07 -36.04
CA ASN V 219 -27.16 -35.46 -35.64
C ASN V 219 -27.26 -35.54 -34.11
N ILE V 220 -28.42 -35.96 -33.61
CA ILE V 220 -28.69 -36.04 -32.18
C ILE V 220 -28.55 -37.40 -31.45
N CYS V 221 -28.63 -38.49 -32.20
CA CYS V 221 -28.55 -39.83 -31.60
C CYS V 221 -27.16 -40.51 -31.75
N ASP V 222 -27.11 -41.83 -31.56
CA ASP V 222 -25.87 -42.60 -31.67
C ASP V 222 -25.84 -43.67 -32.78
N SER W 1 -6.63 -9.19 -16.65
CA SER W 1 -6.93 -9.89 -15.38
C SER W 1 -8.34 -10.44 -15.12
N ASP W 2 -9.42 -9.75 -15.48
CA ASP W 2 -10.74 -10.38 -15.24
C ASP W 2 -10.82 -11.55 -16.21
N PRO W 3 -10.74 -12.78 -15.70
CA PRO W 3 -10.77 -13.99 -16.52
C PRO W 3 -11.92 -14.04 -17.49
N SER W 4 -13.07 -13.59 -17.05
CA SER W 4 -14.24 -13.63 -17.91
C SER W 4 -14.26 -12.67 -19.09
N SER W 5 -13.27 -11.77 -19.18
CA SER W 5 -13.22 -10.78 -20.26
C SER W 5 -12.00 -10.83 -21.14
N ILE W 6 -11.24 -11.90 -21.08
CA ILE W 6 -10.06 -11.96 -21.93
C ILE W 6 -10.38 -12.37 -23.34
N ASN W 7 -11.16 -13.43 -23.47
CA ASN W 7 -11.47 -13.98 -24.78
C ASN W 7 -12.70 -13.42 -25.47
N GLY W 8 -13.71 -13.05 -24.70
CA GLY W 8 -14.91 -12.49 -25.28
C GLY W 8 -15.81 -13.56 -25.86
N GLY W 9 -17.11 -13.28 -25.94
CA GLY W 9 -18.03 -14.25 -26.50
C GLY W 9 -19.39 -14.10 -25.86
N ILE W 10 -20.41 -14.65 -26.50
CA ILE W 10 -21.76 -14.59 -25.99
C ILE W 10 -22.50 -15.83 -26.40
N VAL W 11 -23.54 -16.16 -25.64
CA VAL W 11 -24.38 -17.29 -25.92
C VAL W 11 -25.76 -16.86 -25.45
N VAL W 12 -26.79 -17.36 -26.10
CA VAL W 12 -28.15 -17.04 -25.71
C VAL W 12 -29.03 -18.16 -26.20
N ALA W 13 -30.12 -18.39 -25.50
CA ALA W 13 -31.03 -19.43 -25.88
C ALA W 13 -32.42 -18.95 -25.55
N MET W 14 -33.41 -19.40 -26.32
CA MET W 14 -34.79 -19.03 -26.07
C MET W 14 -35.62 -20.28 -26.33
N THR W 15 -36.83 -20.26 -25.80
CA THR W 15 -37.73 -21.37 -25.96
C THR W 15 -38.88 -20.91 -26.82
N GLY W 16 -39.41 -21.82 -27.61
CA GLY W 16 -40.53 -21.50 -28.48
C GLY W 16 -41.65 -22.50 -28.29
N LYS W 17 -42.51 -22.63 -29.30
CA LYS W 17 -43.64 -23.55 -29.26
C LYS W 17 -43.08 -24.89 -29.69
N ASP W 18 -42.88 -25.78 -28.72
CA ASP W 18 -42.32 -27.10 -28.97
C ASP W 18 -40.93 -27.01 -29.62
N CYS W 19 -40.13 -26.04 -29.17
CA CYS W 19 -38.78 -25.83 -29.71
C CYS W 19 -37.97 -24.97 -28.77
N VAL W 20 -36.66 -24.93 -29.00
CA VAL W 20 -35.77 -24.09 -28.21
C VAL W 20 -34.71 -23.73 -29.18
N ALA W 21 -34.00 -22.66 -28.92
CA ALA W 21 -32.94 -22.27 -29.81
C ALA W 21 -31.86 -21.77 -28.93
N ILE W 22 -30.63 -21.95 -29.35
CA ILE W 22 -29.48 -21.49 -28.60
C ILE W 22 -28.51 -21.06 -29.68
N ALA W 23 -27.88 -19.90 -29.51
CA ALA W 23 -26.96 -19.40 -30.50
C ALA W 23 -25.79 -18.82 -29.82
N CYS W 24 -24.77 -18.49 -30.59
CA CYS W 24 -23.57 -17.90 -30.06
C CYS W 24 -22.74 -17.21 -31.17
N ASP W 25 -21.68 -16.49 -30.79
CA ASP W 25 -20.81 -15.81 -31.75
C ASP W 25 -19.55 -16.65 -31.88
N LEU W 26 -18.71 -16.40 -32.89
CA LEU W 26 -17.51 -17.21 -33.10
C LEU W 26 -16.18 -16.60 -32.74
N ARG W 27 -16.20 -15.51 -32.00
CA ARG W 27 -14.95 -14.87 -31.68
C ARG W 27 -14.17 -15.47 -30.54
N LEU W 28 -12.85 -15.40 -30.68
CA LEU W 28 -11.92 -15.83 -29.67
C LEU W 28 -10.75 -14.91 -29.90
N GLY W 29 -10.51 -14.05 -28.93
CA GLY W 29 -9.39 -13.15 -29.07
C GLY W 29 -8.61 -13.10 -27.79
N SER W 30 -7.58 -12.28 -27.80
CA SER W 30 -6.77 -12.07 -26.62
C SER W 30 -6.78 -10.56 -26.37
N GLN W 31 -7.81 -10.10 -25.67
CA GLN W 31 -7.98 -8.69 -25.38
C GLN W 31 -8.34 -7.95 -26.65
N SER W 32 -7.45 -7.13 -27.21
CA SER W 32 -7.82 -6.43 -28.42
C SER W 32 -7.62 -7.26 -29.67
N LEU W 33 -6.61 -8.11 -29.66
CA LEU W 33 -6.29 -8.93 -30.79
C LEU W 33 -7.26 -10.06 -31.09
N GLY W 34 -8.01 -9.97 -32.18
CA GLY W 34 -8.88 -11.08 -32.52
C GLY W 34 -7.93 -12.20 -32.93
N VAL W 35 -8.16 -13.43 -32.49
CA VAL W 35 -7.25 -14.51 -32.85
C VAL W 35 -7.95 -15.58 -33.68
N SER W 36 -9.20 -15.87 -33.36
CA SER W 36 -9.91 -16.87 -34.10
C SER W 36 -11.33 -16.50 -34.42
N ASN W 37 -11.66 -16.80 -35.68
CA ASN W 37 -12.95 -16.55 -36.27
C ASN W 37 -13.81 -17.80 -36.26
N LYS W 38 -13.25 -18.91 -35.79
CA LYS W 38 -13.95 -20.20 -35.81
C LYS W 38 -14.11 -20.88 -34.45
N PHE W 39 -14.33 -20.13 -33.38
CA PHE W 39 -14.42 -20.73 -32.05
C PHE W 39 -15.84 -20.91 -31.58
N GLU W 40 -16.42 -22.07 -31.83
CA GLU W 40 -17.80 -22.30 -31.42
C GLU W 40 -17.91 -22.52 -29.92
N LYS W 41 -19.04 -22.13 -29.37
CA LYS W 41 -19.27 -22.23 -27.95
C LYS W 41 -20.46 -23.05 -27.56
N ILE W 42 -21.13 -23.62 -28.56
CA ILE W 42 -22.26 -24.47 -28.25
C ILE W 42 -21.82 -25.92 -28.50
N PHE W 43 -22.11 -26.77 -27.53
CA PHE W 43 -21.79 -28.19 -27.59
C PHE W 43 -23.02 -28.97 -27.27
N HIS W 44 -22.99 -30.26 -27.60
CA HIS W 44 -24.14 -31.10 -27.27
C HIS W 44 -23.74 -32.51 -26.93
N TYR W 45 -24.48 -33.05 -25.97
CA TYR W 45 -24.30 -34.41 -25.48
C TYR W 45 -25.67 -35.02 -25.79
N GLY W 46 -25.71 -35.83 -26.84
CA GLY W 46 -26.98 -36.41 -27.23
C GLY W 46 -27.90 -35.29 -27.64
N HIS W 47 -29.11 -35.26 -27.12
CA HIS W 47 -30.02 -34.19 -27.51
C HIS W 47 -29.97 -32.98 -26.58
N VAL W 48 -28.96 -32.90 -25.72
CA VAL W 48 -28.86 -31.78 -24.80
C VAL W 48 -27.74 -30.87 -25.23
N PHE W 49 -28.04 -29.57 -25.22
CA PHE W 49 -27.08 -28.56 -25.61
C PHE W 49 -26.54 -27.72 -24.51
N LEU W 50 -25.25 -27.43 -24.60
CA LEU W 50 -24.56 -26.61 -23.64
C LEU W 50 -23.73 -25.54 -24.34
N GLY W 51 -24.03 -24.29 -24.03
CA GLY W 51 -23.26 -23.19 -24.58
C GLY W 51 -22.41 -22.70 -23.42
N ILE W 52 -21.17 -22.36 -23.65
CA ILE W 52 -20.31 -21.91 -22.57
C ILE W 52 -19.51 -20.64 -22.93
N THR W 53 -19.74 -19.56 -22.18
CA THR W 53 -19.02 -18.29 -22.40
C THR W 53 -18.02 -18.15 -21.28
N GLY W 54 -17.07 -17.27 -21.42
CA GLY W 54 -16.12 -17.09 -20.35
C GLY W 54 -14.74 -17.34 -20.90
N LEU W 55 -13.82 -17.72 -20.02
CA LEU W 55 -12.43 -17.99 -20.37
C LEU W 55 -12.37 -19.21 -21.28
N ALA W 56 -11.79 -19.07 -22.46
CA ALA W 56 -11.72 -20.17 -23.43
C ALA W 56 -11.18 -21.51 -22.92
N THR W 57 -10.04 -21.48 -22.24
CA THR W 57 -9.45 -22.70 -21.75
C THR W 57 -10.46 -23.44 -20.89
N ASP W 58 -11.23 -22.71 -20.09
CA ASP W 58 -12.23 -23.35 -19.26
C ASP W 58 -13.40 -23.84 -20.09
N VAL W 59 -13.83 -23.06 -21.07
CA VAL W 59 -14.93 -23.52 -21.91
C VAL W 59 -14.52 -24.90 -22.43
N THR W 60 -13.32 -24.99 -23.01
CA THR W 60 -12.78 -26.23 -23.55
C THR W 60 -12.76 -27.32 -22.49
N THR W 61 -12.20 -27.01 -21.33
CA THR W 61 -12.12 -27.98 -20.27
C THR W 61 -13.47 -28.49 -19.86
N LEU W 62 -14.41 -27.60 -19.66
CA LEU W 62 -15.72 -28.03 -19.26
C LEU W 62 -16.39 -28.88 -20.30
N ASN W 63 -16.15 -28.58 -21.56
CA ASN W 63 -16.79 -29.37 -22.58
C ASN W 63 -16.32 -30.80 -22.45
N GLU W 64 -15.01 -30.95 -22.46
CA GLU W 64 -14.39 -32.23 -22.32
C GLU W 64 -14.91 -32.90 -21.05
N MET W 65 -14.96 -32.18 -19.95
CA MET W 65 -15.48 -32.76 -18.72
C MET W 65 -16.93 -33.25 -18.85
N PHE W 66 -17.81 -32.52 -19.49
CA PHE W 66 -19.18 -33.02 -19.59
C PHE W 66 -19.40 -34.08 -20.65
N ARG W 67 -18.47 -34.22 -21.57
CA ARG W 67 -18.61 -35.25 -22.59
C ARG W 67 -18.45 -36.52 -21.77
N TYR W 68 -17.33 -36.58 -21.04
CA TYR W 68 -16.96 -37.67 -20.12
C TYR W 68 -18.15 -38.00 -19.23
N LYS W 69 -18.48 -37.11 -18.32
CA LYS W 69 -19.59 -37.39 -17.45
C LYS W 69 -20.85 -37.87 -18.15
N THR W 70 -21.19 -37.33 -19.32
CA THR W 70 -22.41 -37.76 -20.01
C THR W 70 -22.23 -39.12 -20.67
N ASN W 71 -21.03 -39.36 -21.18
CA ASN W 71 -20.71 -40.61 -21.80
C ASN W 71 -20.87 -41.72 -20.75
N LEU W 72 -20.22 -41.59 -19.60
CA LEU W 72 -20.33 -42.60 -18.56
C LEU W 72 -21.77 -42.73 -18.11
N TYR W 73 -22.46 -41.61 -18.03
CA TYR W 73 -23.85 -41.63 -17.59
C TYR W 73 -24.66 -42.59 -18.44
N LYS W 74 -24.50 -42.50 -19.75
CA LYS W 74 -25.24 -43.32 -20.69
C LYS W 74 -24.90 -44.81 -20.55
N LEU W 75 -23.62 -45.10 -20.31
CA LEU W 75 -23.16 -46.47 -20.15
C LEU W 75 -23.75 -47.10 -18.89
N LYS W 76 -23.87 -46.33 -17.82
CA LYS W 76 -24.43 -46.86 -16.59
C LYS W 76 -25.94 -46.90 -16.59
N GLU W 77 -26.59 -45.84 -17.07
CA GLU W 77 -28.05 -45.74 -17.06
C GLU W 77 -28.76 -46.26 -18.29
N GLU W 78 -28.00 -46.45 -19.35
CA GLU W 78 -28.53 -46.96 -20.62
C GLU W 78 -29.66 -46.16 -21.24
N ARG W 79 -29.40 -44.87 -21.40
CA ARG W 79 -30.31 -43.92 -22.02
C ARG W 79 -29.49 -42.65 -22.02
N ALA W 80 -29.87 -41.68 -22.84
CA ALA W 80 -29.11 -40.43 -22.87
C ALA W 80 -29.65 -39.49 -21.82
N ILE W 81 -28.77 -38.74 -21.20
CA ILE W 81 -29.15 -37.80 -20.16
C ILE W 81 -30.12 -36.75 -20.65
N GLU W 82 -31.00 -36.36 -19.75
CA GLU W 82 -31.99 -35.33 -20.06
C GLU W 82 -31.49 -33.95 -19.61
N PRO W 83 -32.11 -32.89 -20.13
CA PRO W 83 -31.72 -31.53 -19.80
C PRO W 83 -31.83 -31.30 -18.33
N GLU W 84 -33.04 -31.49 -17.80
CA GLU W 84 -33.27 -31.27 -16.38
C GLU W 84 -32.20 -31.92 -15.54
N THR W 85 -31.72 -33.06 -15.99
CA THR W 85 -30.71 -33.78 -15.25
C THR W 85 -29.33 -33.24 -15.52
N PHE W 86 -29.02 -32.96 -16.78
CA PHE W 86 -27.70 -32.46 -17.13
C PHE W 86 -27.46 -31.15 -16.40
N THR W 87 -28.51 -30.37 -16.25
CA THR W 87 -28.42 -29.11 -15.56
C THR W 87 -27.82 -29.34 -14.16
N GLN W 88 -28.47 -30.21 -13.40
CA GLN W 88 -28.01 -30.56 -12.08
C GLN W 88 -26.58 -31.01 -12.15
N LEU W 89 -26.25 -31.84 -13.11
CA LEU W 89 -24.86 -32.29 -13.20
C LEU W 89 -23.94 -31.09 -13.36
N VAL W 90 -24.33 -30.14 -14.20
CA VAL W 90 -23.53 -28.95 -14.43
C VAL W 90 -23.40 -28.18 -13.13
N SER W 91 -24.53 -27.85 -12.54
CA SER W 91 -24.53 -27.11 -11.29
C SER W 91 -23.55 -27.69 -10.28
N SER W 92 -23.73 -28.97 -9.95
CA SER W 92 -22.87 -29.62 -8.97
C SER W 92 -21.41 -29.70 -9.37
N SER W 93 -21.14 -29.88 -10.66
CA SER W 93 -19.77 -29.98 -11.12
C SER W 93 -19.12 -28.65 -10.91
N LEU W 94 -19.92 -27.59 -11.02
CA LEU W 94 -19.44 -26.22 -10.83
C LEU W 94 -19.23 -25.92 -9.35
N TYR W 95 -20.24 -26.17 -8.54
CA TYR W 95 -20.11 -25.93 -7.12
C TYR W 95 -18.96 -26.70 -6.49
N GLU W 96 -18.54 -27.76 -7.15
CA GLU W 96 -17.46 -28.62 -6.68
C GLU W 96 -16.15 -27.86 -6.57
N ARG W 97 -16.05 -26.78 -7.32
CA ARG W 97 -14.86 -25.95 -7.29
C ARG W 97 -15.19 -24.58 -6.74
N ARG W 98 -16.13 -24.53 -5.80
CA ARG W 98 -16.59 -23.28 -5.19
C ARG W 98 -15.57 -22.21 -4.87
N PHE W 99 -14.39 -22.61 -4.44
CA PHE W 99 -13.40 -21.60 -4.08
C PHE W 99 -12.22 -21.49 -5.03
N GLY W 100 -12.45 -21.75 -6.30
CA GLY W 100 -11.39 -21.63 -7.31
C GLY W 100 -12.06 -22.04 -8.59
N PRO W 101 -13.23 -21.44 -8.89
CA PRO W 101 -14.10 -21.68 -10.03
C PRO W 101 -13.55 -21.65 -11.43
N TYR W 102 -14.39 -22.16 -12.31
CA TYR W 102 -14.11 -22.18 -13.71
C TYR W 102 -14.85 -20.89 -14.05
N PHE W 103 -14.16 -20.02 -14.74
CA PHE W 103 -14.71 -18.74 -15.10
C PHE W 103 -15.49 -18.94 -16.38
N VAL W 104 -16.73 -19.34 -16.23
CA VAL W 104 -17.53 -19.62 -17.40
C VAL W 104 -18.95 -19.26 -17.05
N GLY W 105 -19.84 -19.26 -18.03
CA GLY W 105 -21.23 -18.96 -17.75
C GLY W 105 -21.99 -19.88 -18.70
N PRO W 106 -22.23 -21.15 -18.32
CA PRO W 106 -22.93 -22.12 -19.16
C PRO W 106 -24.41 -21.88 -19.33
N VAL W 107 -24.93 -22.41 -20.44
CA VAL W 107 -26.33 -22.34 -20.79
C VAL W 107 -26.69 -23.71 -21.32
N VAL W 108 -27.83 -24.19 -20.88
CA VAL W 108 -28.31 -25.48 -21.27
C VAL W 108 -29.64 -25.34 -21.98
N ALA W 109 -29.74 -26.00 -23.12
CA ALA W 109 -30.94 -25.99 -23.93
C ALA W 109 -31.17 -27.38 -24.48
N GLY W 110 -32.45 -27.75 -24.52
CA GLY W 110 -32.83 -29.04 -25.05
C GLY W 110 -34.32 -29.26 -24.91
N ILE W 111 -34.76 -30.42 -25.40
CA ILE W 111 -36.16 -30.83 -25.33
C ILE W 111 -36.23 -32.21 -24.73
N ASN W 112 -36.96 -32.32 -23.64
CA ASN W 112 -37.11 -33.58 -22.95
C ASN W 112 -37.74 -34.58 -23.94
N SER W 113 -37.03 -35.67 -24.23
CA SER W 113 -37.54 -36.67 -25.16
C SER W 113 -38.75 -37.39 -24.60
N LYS W 114 -38.88 -37.42 -23.28
CA LYS W 114 -40.01 -38.07 -22.63
C LYS W 114 -41.25 -37.17 -22.61
N SER W 115 -41.11 -35.94 -22.10
CA SER W 115 -42.26 -35.02 -22.02
C SER W 115 -42.45 -34.12 -23.23
N GLY W 116 -41.38 -33.90 -23.98
CA GLY W 116 -41.44 -33.05 -25.16
C GLY W 116 -41.39 -31.56 -24.88
N LYS W 117 -41.40 -31.18 -23.61
CA LYS W 117 -41.38 -29.77 -23.22
C LYS W 117 -40.00 -29.14 -23.46
N PRO W 118 -39.96 -27.86 -23.90
CA PRO W 118 -38.72 -27.13 -24.16
C PRO W 118 -38.13 -26.74 -22.82
N PHE W 119 -36.81 -26.84 -22.71
CA PHE W 119 -36.13 -26.52 -21.47
C PHE W 119 -34.80 -25.87 -21.75
N ILE W 120 -34.49 -24.84 -20.95
CA ILE W 120 -33.25 -24.10 -21.05
C ILE W 120 -32.84 -23.60 -19.65
N ALA W 121 -31.55 -23.34 -19.45
CA ALA W 121 -31.08 -22.85 -18.17
C ALA W 121 -29.66 -22.27 -18.19
N GLY W 122 -29.39 -21.37 -17.24
CA GLY W 122 -28.07 -20.75 -17.15
C GLY W 122 -27.57 -20.80 -15.72
N PHE W 123 -26.27 -20.65 -15.53
CA PHE W 123 -25.67 -20.74 -14.22
C PHE W 123 -24.60 -19.71 -14.02
N ASP W 124 -24.37 -19.32 -12.78
CA ASP W 124 -23.28 -18.39 -12.55
C ASP W 124 -22.04 -19.28 -12.49
N LEU W 125 -20.83 -18.72 -12.37
CA LEU W 125 -19.63 -19.56 -12.37
C LEU W 125 -19.49 -20.58 -11.25
N ILE W 126 -20.33 -20.50 -10.23
CA ILE W 126 -20.25 -21.45 -9.14
C ILE W 126 -21.49 -22.30 -9.01
N GLY W 127 -22.34 -22.31 -10.01
CA GLY W 127 -23.49 -23.17 -9.91
C GLY W 127 -24.86 -22.63 -9.66
N CYS W 128 -25.06 -21.35 -9.33
CA CYS W 128 -26.44 -20.91 -9.13
C CYS W 128 -27.18 -21.31 -10.40
N ILE W 129 -28.36 -21.90 -10.23
CA ILE W 129 -29.16 -22.34 -11.36
C ILE W 129 -30.32 -21.40 -11.62
N ASP W 130 -30.39 -20.88 -12.83
CA ASP W 130 -31.50 -20.02 -13.22
C ASP W 130 -32.24 -20.74 -14.32
N GLU W 131 -33.42 -21.24 -14.00
CA GLU W 131 -34.25 -21.94 -14.97
C GLU W 131 -35.32 -20.96 -15.38
N ALA W 132 -35.31 -20.58 -16.66
CA ALA W 132 -36.28 -19.61 -17.14
C ALA W 132 -37.17 -20.16 -18.25
N LYS W 133 -38.40 -19.68 -18.28
CA LYS W 133 -39.34 -20.10 -19.31
C LYS W 133 -39.08 -19.35 -20.62
N ASP W 134 -38.50 -18.15 -20.52
CA ASP W 134 -38.21 -17.27 -21.67
C ASP W 134 -36.85 -17.30 -22.35
N PHE W 135 -35.84 -16.68 -21.74
CA PHE W 135 -34.52 -16.67 -22.38
C PHE W 135 -33.46 -16.70 -21.32
N ILE W 136 -32.25 -16.97 -21.75
CA ILE W 136 -31.10 -17.02 -20.85
C ILE W 136 -30.01 -16.36 -21.65
N VAL W 137 -29.24 -15.47 -21.04
CA VAL W 137 -28.20 -14.77 -21.78
C VAL W 137 -26.86 -14.98 -21.13
N SER W 138 -25.79 -14.78 -21.88
CA SER W 138 -24.52 -14.97 -21.24
C SER W 138 -23.39 -14.47 -22.09
N GLY W 139 -22.29 -14.09 -21.45
CA GLY W 139 -21.15 -13.58 -22.18
C GLY W 139 -20.83 -12.15 -21.83
N THR W 140 -19.86 -11.61 -22.55
CA THR W 140 -19.41 -10.25 -22.37
C THR W 140 -20.50 -9.25 -22.71
N ALA W 141 -21.39 -9.63 -23.62
CA ALA W 141 -22.47 -8.73 -23.96
C ALA W 141 -23.77 -9.13 -23.26
N SER W 142 -23.69 -9.68 -22.06
CA SER W 142 -24.92 -10.08 -21.41
C SER W 142 -25.94 -8.95 -21.24
N ASP W 143 -25.47 -7.76 -20.87
CA ASP W 143 -26.36 -6.61 -20.70
C ASP W 143 -27.12 -6.33 -21.99
N GLN W 144 -26.37 -6.23 -23.07
CA GLN W 144 -26.96 -5.97 -24.36
C GLN W 144 -28.02 -7.02 -24.66
N LEU W 145 -27.65 -8.30 -24.54
CA LEU W 145 -28.57 -9.40 -24.80
C LEU W 145 -29.83 -9.30 -23.96
N PHE W 146 -29.68 -9.00 -22.69
CA PHE W 146 -30.84 -8.89 -21.83
C PHE W 146 -31.77 -7.84 -22.40
N GLY W 147 -31.18 -6.80 -22.99
CA GLY W 147 -31.95 -5.70 -23.56
C GLY W 147 -32.73 -6.12 -24.77
N MET W 148 -32.06 -6.84 -25.66
CA MET W 148 -32.68 -7.35 -26.86
C MET W 148 -33.81 -8.28 -26.49
N CYS W 149 -33.47 -9.37 -25.80
CA CYS W 149 -34.43 -10.36 -25.41
C CYS W 149 -35.64 -9.77 -24.73
N GLU W 150 -35.39 -9.05 -23.66
CA GLU W 150 -36.46 -8.46 -22.90
C GLU W 150 -37.47 -7.73 -23.77
N SER W 151 -37.00 -7.08 -24.83
CA SER W 151 -37.91 -6.37 -25.69
C SER W 151 -38.42 -7.22 -26.83
N LEU W 152 -37.50 -7.76 -27.62
CA LEU W 152 -37.89 -8.56 -28.76
C LEU W 152 -38.76 -9.77 -28.46
N TYR W 153 -38.49 -10.43 -27.35
CA TYR W 153 -39.18 -11.64 -26.99
C TYR W 153 -40.66 -11.67 -26.70
N GLU W 154 -41.28 -12.75 -27.16
CA GLU W 154 -42.70 -13.02 -26.94
C GLU W 154 -42.90 -14.54 -26.98
N PRO W 155 -43.70 -15.08 -26.07
CA PRO W 155 -44.02 -16.49 -25.90
C PRO W 155 -44.53 -17.25 -27.12
N ASN W 156 -44.24 -18.54 -27.12
CA ASN W 156 -44.67 -19.50 -28.13
C ASN W 156 -44.42 -19.26 -29.60
N LEU W 157 -43.24 -18.77 -29.95
CA LEU W 157 -42.93 -18.53 -31.35
C LEU W 157 -42.63 -19.83 -32.08
N GLU W 158 -42.96 -19.90 -33.37
CA GLU W 158 -42.67 -21.10 -34.13
C GLU W 158 -41.18 -21.11 -34.47
N PRO W 159 -40.59 -22.30 -34.68
CA PRO W 159 -39.16 -22.45 -34.99
C PRO W 159 -38.66 -21.37 -35.94
N GLU W 160 -39.37 -21.25 -37.05
CA GLU W 160 -39.03 -20.29 -38.08
C GLU W 160 -39.01 -18.87 -37.55
N ASP W 161 -39.97 -18.52 -36.71
CA ASP W 161 -40.01 -17.17 -36.16
C ASP W 161 -38.95 -16.95 -35.06
N LEU W 162 -38.86 -17.88 -34.13
CA LEU W 162 -37.91 -17.83 -33.04
C LEU W 162 -36.51 -17.62 -33.55
N PHE W 163 -36.18 -18.29 -34.64
CA PHE W 163 -34.87 -18.16 -35.23
C PHE W 163 -34.58 -16.70 -35.51
N GLU W 164 -35.58 -15.98 -36.01
CA GLU W 164 -35.39 -14.57 -36.31
C GLU W 164 -35.03 -13.89 -35.02
N THR W 165 -35.96 -14.01 -34.08
CA THR W 165 -35.81 -13.41 -32.78
C THR W 165 -34.47 -13.65 -32.16
N ILE W 166 -34.15 -14.89 -31.91
CA ILE W 166 -32.88 -15.15 -31.29
C ILE W 166 -31.75 -14.54 -32.09
N SER W 167 -31.81 -14.63 -33.40
CA SER W 167 -30.74 -14.10 -34.27
C SER W 167 -30.50 -12.59 -34.18
N GLN W 168 -31.59 -11.84 -34.25
CA GLN W 168 -31.50 -10.41 -34.16
C GLN W 168 -30.96 -10.07 -32.79
N ALA W 169 -31.45 -10.78 -31.77
CA ALA W 169 -31.00 -10.53 -30.40
C ALA W 169 -29.50 -10.70 -30.35
N LEU W 170 -29.01 -11.84 -30.78
CA LEU W 170 -27.60 -12.06 -30.75
C LEU W 170 -26.89 -11.00 -31.56
N LEU W 171 -27.19 -10.97 -32.86
CA LEU W 171 -26.55 -10.07 -33.79
C LEU W 171 -26.39 -8.66 -33.30
N ASN W 172 -27.49 -8.08 -32.89
CA ASN W 172 -27.45 -6.72 -32.45
C ASN W 172 -26.67 -6.54 -31.18
N ALA W 173 -26.85 -7.44 -30.24
CA ALA W 173 -26.13 -7.32 -28.99
C ALA W 173 -24.64 -7.45 -29.25
N ALA W 174 -24.26 -8.29 -30.20
CA ALA W 174 -22.84 -8.46 -30.45
C ALA W 174 -22.17 -7.22 -30.98
N ASP W 175 -22.89 -6.49 -31.83
CA ASP W 175 -22.35 -5.29 -32.46
C ASP W 175 -22.02 -4.12 -31.56
N ARG W 176 -22.57 -4.15 -30.36
CA ARG W 176 -22.36 -3.13 -29.33
C ARG W 176 -21.37 -3.59 -28.27
N ASP W 177 -20.57 -4.62 -28.59
CA ASP W 177 -19.60 -5.14 -27.66
C ASP W 177 -18.33 -5.39 -28.43
N ALA W 178 -17.25 -4.85 -27.94
CA ALA W 178 -16.01 -4.97 -28.63
C ALA W 178 -15.45 -6.36 -28.68
N LEU W 179 -15.65 -7.13 -27.62
CA LEU W 179 -15.11 -8.48 -27.52
C LEU W 179 -15.83 -9.65 -28.20
N SER W 180 -17.04 -9.42 -28.67
CA SER W 180 -17.82 -10.43 -29.34
C SER W 180 -17.94 -10.21 -30.84
N GLY W 181 -18.68 -11.10 -31.49
CA GLY W 181 -18.91 -11.01 -32.93
C GLY W 181 -17.99 -11.90 -33.72
N TRP W 182 -17.58 -11.43 -34.90
CA TRP W 182 -16.71 -12.18 -35.77
C TRP W 182 -17.35 -13.46 -36.29
N GLY W 183 -18.68 -13.50 -36.34
CA GLY W 183 -19.39 -14.66 -36.83
C GLY W 183 -20.42 -15.10 -35.83
N ALA W 184 -21.49 -15.76 -36.26
CA ALA W 184 -22.49 -16.24 -35.31
C ALA W 184 -23.10 -17.52 -35.83
N VAL W 185 -23.65 -18.32 -34.93
CA VAL W 185 -24.27 -19.60 -35.25
C VAL W 185 -25.51 -19.78 -34.41
N VAL W 186 -26.58 -20.28 -35.00
CA VAL W 186 -27.82 -20.47 -34.28
C VAL W 186 -28.32 -21.91 -34.41
N TYR W 187 -28.76 -22.51 -33.29
CA TYR W 187 -29.29 -23.87 -33.28
C TYR W 187 -30.79 -23.85 -32.99
N ILE W 188 -31.59 -24.34 -33.93
CA ILE W 188 -33.03 -24.44 -33.70
C ILE W 188 -33.23 -25.90 -33.35
N ILE W 189 -33.84 -26.12 -32.20
CA ILE W 189 -34.02 -27.45 -31.69
C ILE W 189 -35.47 -27.84 -31.59
N LYS W 190 -35.79 -28.99 -32.19
CA LYS W 190 -37.11 -29.58 -32.16
C LYS W 190 -36.88 -31.05 -31.83
N LYS W 191 -37.90 -31.72 -31.29
CA LYS W 191 -37.82 -33.14 -30.90
C LYS W 191 -37.12 -34.00 -31.94
N ASP W 192 -37.67 -33.93 -33.14
CA ASP W 192 -37.19 -34.66 -34.29
C ASP W 192 -35.83 -34.21 -34.79
N GLU W 193 -35.77 -32.98 -35.32
CA GLU W 193 -34.55 -32.45 -35.87
C GLU W 193 -34.06 -31.17 -35.20
N VAL W 194 -32.82 -30.84 -35.55
CA VAL W 194 -32.15 -29.66 -35.06
C VAL W 194 -31.41 -29.13 -36.28
N VAL W 195 -31.57 -27.84 -36.54
CA VAL W 195 -30.90 -27.21 -37.67
C VAL W 195 -29.92 -26.17 -37.15
N LYS W 196 -28.74 -26.16 -37.74
CA LYS W 196 -27.67 -25.26 -37.37
C LYS W 196 -27.45 -24.27 -38.53
N ARG W 197 -27.67 -22.99 -38.28
CA ARG W 197 -27.49 -21.99 -39.32
C ARG W 197 -26.42 -20.96 -38.94
N TYR W 198 -25.59 -20.57 -39.90
CA TYR W 198 -24.56 -19.57 -39.63
C TYR W 198 -25.09 -18.22 -40.08
N LEU W 199 -24.67 -17.16 -39.43
CA LEU W 199 -25.19 -15.87 -39.81
C LEU W 199 -24.14 -14.97 -40.42
N LYS W 200 -24.60 -14.04 -41.26
CA LYS W 200 -23.74 -13.05 -41.90
C LYS W 200 -23.78 -11.86 -40.96
N MET W 201 -22.63 -11.34 -40.58
CA MET W 201 -22.62 -10.21 -39.67
C MET W 201 -21.35 -9.41 -39.80
N ARG W 202 -21.38 -8.22 -39.21
CA ARG W 202 -20.25 -7.30 -39.26
C ARG W 202 -18.99 -8.05 -38.91
N GLN W 203 -17.94 -7.91 -39.68
CA GLN W 203 -16.73 -8.61 -39.33
C GLN W 203 -15.70 -7.72 -38.66
N ASP W 204 -16.19 -6.76 -37.88
CA ASP W 204 -15.34 -5.82 -37.18
C ASP W 204 -15.53 -5.88 -35.66
N MET X 1 8.69 -9.46 -26.76
CA MET X 1 8.83 -10.93 -26.60
C MET X 1 9.63 -11.45 -27.80
N ASP X 2 9.85 -12.77 -27.85
CA ASP X 2 10.55 -13.42 -28.94
C ASP X 2 9.47 -13.65 -30.01
N ILE X 3 9.87 -13.96 -31.23
CA ILE X 3 8.91 -14.17 -32.30
C ILE X 3 8.64 -15.62 -32.64
N ILE X 4 7.34 -15.93 -32.69
CA ILE X 4 6.84 -17.24 -33.00
C ILE X 4 5.68 -17.07 -33.96
N LEU X 5 5.95 -17.46 -35.20
CA LEU X 5 4.98 -17.40 -36.28
C LEU X 5 4.91 -18.75 -36.87
N GLY X 6 3.74 -19.04 -37.41
CA GLY X 6 3.52 -20.30 -38.05
C GLY X 6 2.46 -20.06 -39.09
N ILE X 7 2.67 -20.68 -40.24
CA ILE X 7 1.74 -20.55 -41.34
C ILE X 7 1.56 -21.90 -42.05
N ARG X 8 0.30 -22.31 -42.15
CA ARG X 8 -0.05 -23.55 -42.81
C ARG X 8 -0.42 -23.35 -44.29
N VAL X 9 0.45 -23.88 -45.15
CA VAL X 9 0.25 -23.78 -46.58
C VAL X 9 -0.61 -24.97 -46.98
N GLN X 10 -0.61 -25.38 -48.25
CA GLN X 10 -1.43 -26.50 -48.72
C GLN X 10 -0.93 -27.89 -48.34
N ASP X 11 0.37 -28.09 -48.41
CA ASP X 11 0.93 -29.37 -48.09
C ASP X 11 2.01 -29.30 -47.03
N SER X 12 1.99 -28.26 -46.20
CA SER X 12 2.99 -28.13 -45.14
C SER X 12 2.68 -27.04 -44.14
N VAL X 13 3.52 -26.97 -43.11
CA VAL X 13 3.39 -26.00 -42.07
C VAL X 13 4.77 -25.43 -41.89
N ILE X 14 4.85 -24.11 -41.91
CA ILE X 14 6.12 -23.44 -41.74
C ILE X 14 6.12 -22.63 -40.46
N LEU X 15 7.06 -22.94 -39.59
CA LEU X 15 7.19 -22.23 -38.34
C LEU X 15 8.45 -21.38 -38.44
N ALA X 16 8.33 -20.13 -38.01
CA ALA X 16 9.42 -19.16 -38.01
C ALA X 16 9.50 -18.70 -36.58
N SER X 17 10.72 -18.69 -36.05
CA SER X 17 10.94 -18.34 -34.67
C SER X 17 12.28 -17.61 -34.50
N SER X 18 12.29 -16.51 -33.73
CA SER X 18 13.49 -15.66 -33.55
C SER X 18 14.71 -16.27 -32.91
N LYS X 19 15.87 -15.87 -33.40
CA LYS X 19 17.14 -16.42 -32.94
C LYS X 19 17.81 -15.77 -31.74
N ALA X 20 17.10 -14.87 -31.05
CA ALA X 20 17.72 -14.19 -29.93
C ALA X 20 17.23 -14.52 -28.55
N VAL X 21 18.19 -14.54 -27.60
CA VAL X 21 17.92 -14.76 -26.18
C VAL X 21 18.62 -13.61 -25.54
N THR X 22 17.83 -12.73 -24.94
CA THR X 22 18.31 -11.50 -24.31
C THR X 22 18.00 -11.57 -22.85
N ARG X 23 18.93 -11.13 -22.02
CA ARG X 23 18.66 -11.14 -20.59
C ARG X 23 19.20 -9.84 -20.03
N GLY X 24 18.26 -8.99 -19.65
CA GLY X 24 18.64 -7.71 -19.11
C GLY X 24 19.09 -6.76 -20.21
N ILE X 25 20.37 -6.44 -20.17
CA ILE X 25 20.97 -5.50 -21.10
C ILE X 25 21.77 -6.15 -22.23
N SER X 26 21.79 -7.47 -22.30
CA SER X 26 22.58 -8.07 -23.35
C SER X 26 21.93 -9.20 -24.08
N VAL X 27 22.26 -9.29 -25.36
CA VAL X 27 21.76 -10.37 -26.18
C VAL X 27 22.84 -11.40 -25.94
N LEU X 28 22.47 -12.52 -25.31
CA LEU X 28 23.43 -13.58 -24.98
C LEU X 28 23.75 -14.51 -26.12
N LYS X 29 22.76 -14.75 -26.95
CA LYS X 29 22.93 -15.64 -28.06
C LYS X 29 22.09 -15.15 -29.22
N ASP X 30 22.59 -15.38 -30.42
CA ASP X 30 21.93 -14.97 -31.65
C ASP X 30 21.60 -16.14 -32.56
N SER X 31 21.51 -17.34 -32.01
CA SER X 31 21.23 -18.52 -32.81
C SER X 31 20.38 -19.56 -32.12
N ASP X 32 19.50 -19.13 -31.23
CA ASP X 32 18.67 -20.05 -30.50
C ASP X 32 17.63 -20.74 -31.37
N ASP X 33 17.31 -21.99 -31.05
CA ASP X 33 16.31 -22.74 -31.80
C ASP X 33 15.19 -22.94 -30.82
N LYS X 34 14.17 -22.11 -30.92
CA LYS X 34 13.06 -22.18 -30.01
C LYS X 34 12.06 -23.20 -30.52
N THR X 35 12.58 -24.39 -30.76
CA THR X 35 11.76 -25.43 -31.30
C THR X 35 12.28 -26.81 -30.89
N ARG X 36 11.35 -27.76 -30.78
CA ARG X 36 11.62 -29.17 -30.45
C ARG X 36 10.70 -30.03 -31.33
N GLN X 37 11.27 -31.09 -31.90
CA GLN X 37 10.49 -32.03 -32.73
C GLN X 37 9.81 -33.00 -31.79
N LEU X 38 8.49 -32.97 -31.74
CA LEU X 38 7.76 -33.86 -30.86
C LEU X 38 7.78 -35.27 -31.44
N SER X 39 7.69 -35.35 -32.75
CA SER X 39 7.71 -36.63 -33.45
C SER X 39 8.06 -36.27 -34.87
N PRO X 40 8.52 -37.23 -35.66
CA PRO X 40 8.90 -37.00 -37.06
C PRO X 40 8.02 -36.13 -37.94
N HIS X 41 6.77 -35.94 -37.55
CA HIS X 41 5.87 -35.12 -38.35
C HIS X 41 5.22 -34.07 -37.47
N THR X 42 5.82 -33.79 -36.32
CA THR X 42 5.25 -32.80 -35.43
C THR X 42 6.33 -32.00 -34.76
N LEU X 43 6.24 -30.69 -34.97
CA LEU X 43 7.20 -29.74 -34.45
C LEU X 43 6.47 -28.75 -33.60
N MET X 44 7.10 -28.35 -32.51
CA MET X 44 6.49 -27.40 -31.62
C MET X 44 7.43 -26.26 -31.43
N SER X 45 6.88 -25.04 -31.46
CA SER X 45 7.67 -23.84 -31.25
C SER X 45 7.17 -23.27 -29.92
N PHE X 46 8.08 -22.65 -29.19
CA PHE X 46 7.74 -22.13 -27.86
C PHE X 46 8.38 -20.84 -27.46
N ALA X 47 7.68 -20.08 -26.62
CA ALA X 47 8.22 -18.82 -26.13
C ALA X 47 7.52 -18.46 -24.84
N GLY X 48 8.24 -17.77 -23.96
CA GLY X 48 7.66 -17.34 -22.69
C GLY X 48 8.76 -17.05 -21.69
N GLU X 49 8.50 -17.42 -20.44
CA GLU X 49 9.43 -17.22 -19.34
C GLU X 49 10.75 -18.00 -19.49
N ALA X 50 11.86 -17.34 -19.15
CA ALA X 50 13.21 -17.88 -19.23
C ALA X 50 13.42 -19.38 -19.16
N GLY X 51 13.19 -19.99 -18.00
CA GLY X 51 13.41 -21.43 -17.92
C GLY X 51 12.27 -22.30 -18.39
N ASP X 52 11.05 -21.98 -17.95
CA ASP X 52 9.84 -22.73 -18.30
C ASP X 52 9.74 -23.14 -19.74
N THR X 53 10.29 -22.28 -20.58
CA THR X 53 10.31 -22.45 -22.01
C THR X 53 10.90 -23.83 -22.42
N VAL X 54 12.20 -24.01 -22.30
CA VAL X 54 12.80 -25.27 -22.70
C VAL X 54 12.33 -26.43 -21.85
N GLN X 55 12.18 -26.20 -20.55
CA GLN X 55 11.74 -27.25 -19.65
C GLN X 55 10.43 -27.83 -20.04
N PHE X 56 9.48 -26.99 -20.41
CA PHE X 56 8.19 -27.50 -20.80
C PHE X 56 8.34 -28.18 -22.11
N ALA X 57 9.10 -27.59 -23.02
CA ALA X 57 9.30 -28.20 -24.33
C ALA X 57 9.86 -29.61 -24.23
N GLU X 58 11.02 -29.75 -23.61
CA GLU X 58 11.64 -31.05 -23.49
C GLU X 58 10.76 -32.08 -22.77
N TYR X 59 10.00 -31.64 -21.77
CA TYR X 59 9.11 -32.55 -21.06
C TYR X 59 8.10 -33.10 -22.06
N ILE X 60 7.42 -32.21 -22.80
CA ILE X 60 6.43 -32.64 -23.79
C ILE X 60 7.11 -33.56 -24.82
N GLN X 61 8.35 -33.24 -25.18
CA GLN X 61 9.07 -34.07 -26.15
C GLN X 61 9.15 -35.50 -25.58
N ALA X 62 9.77 -35.63 -24.40
CA ALA X 62 9.93 -36.92 -23.73
C ALA X 62 8.63 -37.70 -23.74
N ASN X 63 7.56 -37.11 -23.26
CA ASN X 63 6.29 -37.80 -23.23
C ASN X 63 5.77 -38.28 -24.58
N ILE X 64 5.98 -37.50 -25.63
CA ILE X 64 5.51 -37.90 -26.95
C ILE X 64 6.41 -38.98 -27.51
N GLN X 65 7.71 -38.90 -27.23
CA GLN X 65 8.65 -39.91 -27.71
C GLN X 65 8.29 -41.25 -27.05
N LEU X 66 8.10 -41.23 -25.74
CA LEU X 66 7.73 -42.44 -25.00
C LEU X 66 6.50 -43.07 -25.63
N TYR X 67 5.43 -42.31 -25.82
CA TYR X 67 4.25 -42.90 -26.43
C TYR X 67 4.61 -43.47 -27.78
N SER X 68 5.42 -42.78 -28.54
CA SER X 68 5.78 -43.30 -29.85
C SER X 68 6.32 -44.71 -29.74
N ILE X 69 7.23 -44.94 -28.81
CA ILE X 69 7.80 -46.26 -28.63
C ILE X 69 6.85 -47.31 -28.02
N ARG X 70 6.13 -46.96 -26.95
CA ARG X 70 5.22 -47.91 -26.35
C ARG X 70 4.24 -48.47 -27.37
N GLU X 71 3.86 -47.67 -28.36
CA GLU X 71 2.91 -48.14 -29.35
C GLU X 71 3.41 -48.28 -30.78
N ASP X 72 4.69 -47.98 -31.01
CA ASP X 72 5.31 -48.01 -32.35
C ASP X 72 4.36 -47.31 -33.36
N TYR X 73 3.88 -46.14 -32.98
CA TYR X 73 2.94 -45.35 -33.79
C TYR X 73 3.19 -43.87 -33.48
N GLU X 74 2.78 -43.00 -34.38
CA GLU X 74 2.94 -41.58 -34.20
C GLU X 74 1.56 -40.96 -34.00
N LEU X 75 1.35 -40.31 -32.87
CA LEU X 75 0.08 -39.68 -32.57
C LEU X 75 -0.21 -38.63 -33.60
N SER X 76 -1.47 -38.43 -33.91
CA SER X 76 -1.83 -37.45 -34.90
C SER X 76 -1.46 -36.10 -34.34
N PRO X 77 -1.27 -35.08 -35.21
CA PRO X 77 -0.92 -33.75 -34.71
C PRO X 77 -1.99 -33.30 -33.76
N GLN X 78 -3.24 -33.45 -34.15
CA GLN X 78 -4.36 -33.10 -33.33
C GLN X 78 -4.24 -33.74 -31.96
N ALA X 79 -3.75 -34.97 -31.91
CA ALA X 79 -3.62 -35.67 -30.63
C ALA X 79 -2.54 -34.98 -29.80
N VAL X 80 -1.35 -34.84 -30.38
CA VAL X 80 -0.25 -34.19 -29.70
C VAL X 80 -0.70 -32.87 -29.10
N SER X 81 -1.45 -32.09 -29.87
CA SER X 81 -1.89 -30.81 -29.36
C SER X 81 -2.83 -30.94 -28.20
N SER X 82 -3.85 -31.77 -28.30
CA SER X 82 -4.80 -31.90 -27.20
C SER X 82 -4.07 -32.30 -25.94
N PHE X 83 -3.01 -33.04 -26.14
CA PHE X 83 -2.22 -33.50 -25.04
C PHE X 83 -1.57 -32.28 -24.45
N VAL X 84 -0.89 -31.49 -25.28
CA VAL X 84 -0.21 -30.29 -24.84
C VAL X 84 -1.17 -29.34 -24.17
N ARG X 85 -2.33 -29.14 -24.76
CA ARG X 85 -3.29 -28.26 -24.15
C ARG X 85 -3.58 -28.67 -22.71
N GLN X 86 -3.96 -29.91 -22.49
CA GLN X 86 -4.27 -30.40 -21.14
C GLN X 86 -3.12 -30.24 -20.18
N GLU X 87 -1.89 -30.44 -20.63
CA GLU X 87 -0.77 -30.24 -19.73
C GLU X 87 -0.77 -28.78 -19.30
N LEU X 88 -1.06 -27.89 -20.26
CA LEU X 88 -1.10 -26.48 -19.95
C LEU X 88 -2.27 -26.17 -19.05
N ALA X 89 -3.47 -26.57 -19.43
CA ALA X 89 -4.63 -26.25 -18.63
C ALA X 89 -4.56 -26.75 -17.21
N LYS X 90 -3.74 -27.76 -16.98
CA LYS X 90 -3.56 -28.30 -15.64
C LYS X 90 -2.53 -27.43 -14.95
N SER X 91 -1.55 -26.96 -15.70
CA SER X 91 -0.50 -26.11 -15.16
C SER X 91 -1.04 -24.78 -14.69
N ILE X 92 -1.93 -24.19 -15.45
CA ILE X 92 -2.46 -22.90 -15.06
C ILE X 92 -3.02 -22.85 -13.65
N ARG X 93 -3.36 -23.99 -13.06
CA ARG X 93 -3.91 -23.96 -11.70
C ARG X 93 -3.00 -24.62 -10.67
N SER X 94 -1.73 -24.76 -11.02
CA SER X 94 -0.74 -25.35 -10.14
C SER X 94 -0.10 -24.25 -9.30
N ARG X 95 0.92 -24.61 -8.54
CA ARG X 95 1.61 -23.66 -7.69
C ARG X 95 2.36 -22.67 -8.56
N ARG X 96 3.04 -23.17 -9.59
CA ARG X 96 3.81 -22.29 -10.46
C ARG X 96 3.60 -22.71 -11.90
N PRO X 97 2.56 -22.16 -12.54
CA PRO X 97 2.18 -22.43 -13.92
C PRO X 97 3.33 -22.27 -14.88
N TYR X 98 3.36 -23.11 -15.90
CA TYR X 98 4.38 -23.03 -16.93
C TYR X 98 3.90 -21.79 -17.67
N GLN X 99 4.77 -20.81 -17.81
CA GLN X 99 4.38 -19.62 -18.54
C GLN X 99 5.04 -19.76 -19.89
N VAL X 100 4.44 -20.62 -20.72
CA VAL X 100 4.95 -20.93 -22.05
C VAL X 100 3.82 -20.92 -23.08
N ASN X 101 4.16 -20.48 -24.28
CA ASN X 101 3.18 -20.39 -25.37
C ASN X 101 3.76 -21.22 -26.45
N VAL X 102 2.90 -21.98 -27.12
CA VAL X 102 3.42 -22.85 -28.15
C VAL X 102 2.57 -22.88 -29.40
N LEU X 103 3.24 -23.22 -30.49
CA LEU X 103 2.61 -23.40 -31.78
C LEU X 103 3.02 -24.79 -32.13
N ILE X 104 2.07 -25.59 -32.58
CA ILE X 104 2.42 -26.93 -32.97
C ILE X 104 2.07 -27.09 -34.43
N GLY X 105 3.09 -27.40 -35.23
CA GLY X 105 2.90 -27.58 -36.64
C GLY X 105 3.27 -29.01 -37.01
N GLY X 106 2.27 -29.77 -37.41
CA GLY X 106 2.50 -31.15 -37.77
C GLY X 106 1.78 -31.58 -39.02
N TYR X 107 2.35 -32.57 -39.68
CA TYR X 107 1.79 -33.14 -40.89
C TYR X 107 1.06 -34.41 -40.49
N ASP X 108 -0.26 -34.41 -40.66
CA ASP X 108 -1.06 -35.55 -40.32
C ASP X 108 -1.02 -36.58 -41.44
N LYS X 109 -0.13 -37.57 -41.31
CA LYS X 109 0.03 -38.62 -42.32
C LYS X 109 -1.20 -39.44 -42.62
N LYS X 110 -2.19 -39.47 -41.74
CA LYS X 110 -3.38 -40.25 -42.01
C LYS X 110 -4.35 -39.48 -42.90
N LYS X 111 -4.53 -38.19 -42.59
CA LYS X 111 -5.41 -37.32 -43.35
C LYS X 111 -4.67 -36.70 -44.54
N ASN X 112 -3.35 -36.83 -44.52
CA ASN X 112 -2.47 -36.27 -45.54
C ASN X 112 -2.73 -34.76 -45.70
N LYS X 113 -2.65 -34.04 -44.58
CA LYS X 113 -2.88 -32.59 -44.51
C LYS X 113 -2.04 -31.96 -43.40
N PRO X 114 -1.46 -30.76 -43.64
CA PRO X 114 -0.65 -30.08 -42.63
C PRO X 114 -1.58 -29.38 -41.64
N GLU X 115 -1.15 -29.26 -40.39
CA GLU X 115 -1.96 -28.61 -39.39
C GLU X 115 -1.09 -27.74 -38.53
N LEU X 116 -1.72 -26.73 -37.94
CA LEU X 116 -1.06 -25.76 -37.08
C LEU X 116 -2.02 -25.38 -35.98
N TYR X 117 -1.54 -25.54 -34.76
CA TYR X 117 -2.31 -25.21 -33.57
C TYR X 117 -1.55 -24.20 -32.74
N GLN X 118 -2.33 -23.26 -32.22
CA GLN X 118 -1.80 -22.22 -31.38
C GLN X 118 -2.39 -22.48 -30.01
N ILE X 119 -1.52 -22.58 -29.01
CA ILE X 119 -1.93 -22.82 -27.61
C ILE X 119 -1.18 -21.86 -26.67
N ASP X 120 -1.92 -21.16 -25.79
CA ASP X 120 -1.26 -20.24 -24.85
C ASP X 120 -1.04 -20.88 -23.50
N TYR X 121 -0.29 -20.22 -22.64
CA TYR X 121 0.00 -20.76 -21.33
C TYR X 121 -1.22 -21.12 -20.48
N LEU X 122 -2.41 -20.70 -20.87
CA LEU X 122 -3.61 -21.02 -20.11
C LEU X 122 -4.29 -22.27 -20.66
N GLY X 123 -3.70 -22.84 -21.71
CA GLY X 123 -4.30 -23.99 -22.31
C GLY X 123 -5.45 -23.52 -23.20
N THR X 124 -5.23 -22.45 -23.96
CA THR X 124 -6.25 -21.96 -24.89
C THR X 124 -5.74 -22.43 -26.25
N LYS X 125 -6.51 -23.33 -26.87
CA LYS X 125 -6.10 -23.90 -28.14
C LYS X 125 -7.05 -23.59 -29.24
N VAL X 126 -6.46 -23.41 -30.41
CA VAL X 126 -7.23 -23.14 -31.60
C VAL X 126 -6.40 -23.56 -32.82
N GLU X 127 -7.11 -24.01 -33.87
CA GLU X 127 -6.45 -24.45 -35.13
C GLU X 127 -6.51 -23.30 -36.11
N LEU X 128 -5.41 -23.02 -36.80
CA LEU X 128 -5.37 -21.86 -37.70
C LEU X 128 -4.53 -21.93 -38.97
N PRO X 129 -4.88 -21.10 -39.98
CA PRO X 129 -4.16 -21.02 -41.27
C PRO X 129 -2.78 -20.48 -40.98
N TYR X 130 -2.74 -19.57 -40.03
CA TYR X 130 -1.48 -18.97 -39.60
C TYR X 130 -1.73 -18.43 -38.20
N GLY X 131 -0.69 -18.38 -37.40
CA GLY X 131 -0.84 -17.88 -36.05
C GLY X 131 0.48 -17.34 -35.58
N ALA X 132 0.45 -16.72 -34.41
CA ALA X 132 1.64 -16.11 -33.79
C ALA X 132 1.36 -15.88 -32.32
N HIS X 133 2.40 -15.70 -31.55
CA HIS X 133 2.26 -15.44 -30.13
C HIS X 133 3.05 -14.20 -29.86
N GLY X 134 2.68 -13.44 -28.85
CA GLY X 134 3.44 -12.25 -28.53
C GLY X 134 2.85 -11.04 -29.20
N TYR X 135 3.74 -10.12 -29.57
CA TYR X 135 3.36 -8.87 -30.24
C TYR X 135 3.38 -9.01 -31.75
N SER X 136 4.15 -9.97 -32.26
CA SER X 136 4.27 -10.23 -33.68
C SER X 136 2.92 -10.34 -34.34
N GLY X 137 2.03 -11.09 -33.73
CA GLY X 137 0.70 -11.27 -34.30
C GLY X 137 0.04 -9.94 -34.58
N PHE X 138 0.33 -8.96 -33.76
CA PHE X 138 -0.27 -7.63 -33.91
C PHE X 138 0.01 -7.02 -35.27
N TYR X 139 1.08 -7.46 -35.92
CA TYR X 139 1.43 -6.95 -37.23
C TYR X 139 1.07 -8.00 -38.28
N THR X 140 1.62 -9.19 -38.11
CA THR X 140 1.41 -10.27 -39.05
C THR X 140 -0.01 -10.71 -39.33
N PHE X 141 -0.89 -10.76 -38.35
CA PHE X 141 -2.23 -11.21 -38.70
C PHE X 141 -2.91 -10.40 -39.75
N SER X 142 -2.68 -9.10 -39.77
CA SER X 142 -3.34 -8.28 -40.77
C SER X 142 -2.62 -8.45 -42.09
N LEU X 143 -1.31 -8.56 -42.00
CA LEU X 143 -0.53 -8.74 -43.19
C LEU X 143 -1.01 -10.01 -43.85
N LEU X 144 -1.05 -11.10 -43.07
CA LEU X 144 -1.51 -12.39 -43.57
C LEU X 144 -3.00 -12.35 -43.94
N ASP X 145 -3.81 -11.70 -43.12
CA ASP X 145 -5.23 -11.62 -43.41
C ASP X 145 -5.40 -11.14 -44.85
N HIS X 146 -4.40 -10.39 -45.33
CA HIS X 146 -4.43 -9.83 -46.68
C HIS X 146 -3.69 -10.64 -47.75
N HIS X 147 -2.45 -11.02 -47.49
CA HIS X 147 -1.67 -11.77 -48.47
C HIS X 147 -1.79 -13.30 -48.52
N TYR X 148 -2.52 -13.92 -47.58
CA TYR X 148 -2.64 -15.38 -47.51
C TYR X 148 -3.71 -16.03 -48.39
N ARG X 149 -3.35 -17.15 -49.04
CA ARG X 149 -4.25 -17.93 -49.90
C ARG X 149 -4.12 -19.44 -49.54
N PRO X 150 -5.24 -20.14 -49.31
CA PRO X 150 -5.28 -21.55 -48.95
C PRO X 150 -4.52 -22.51 -49.83
N ASP X 151 -4.35 -22.18 -51.10
CA ASP X 151 -3.67 -23.06 -52.01
C ASP X 151 -2.24 -22.70 -52.34
N MET X 152 -1.55 -22.09 -51.40
CA MET X 152 -0.15 -21.71 -51.63
C MET X 152 0.80 -22.89 -51.57
N THR X 153 1.95 -22.75 -52.20
CA THR X 153 2.98 -23.79 -52.21
C THR X 153 3.92 -23.58 -51.04
N THR X 154 4.76 -24.55 -50.75
CA THR X 154 5.70 -24.39 -49.66
C THR X 154 6.52 -23.13 -49.93
N GLU X 155 6.92 -22.96 -51.19
CA GLU X 155 7.72 -21.80 -51.59
C GLU X 155 6.95 -20.49 -51.42
N GLU X 156 5.67 -20.48 -51.78
CA GLU X 156 4.86 -19.29 -51.63
C GLU X 156 4.74 -18.92 -50.13
N GLY X 157 4.55 -19.94 -49.28
CA GLY X 157 4.44 -19.72 -47.86
C GLY X 157 5.71 -19.13 -47.33
N LEU X 158 6.86 -19.64 -47.76
CA LEU X 158 8.10 -19.10 -47.29
C LEU X 158 8.17 -17.62 -47.63
N ASP X 159 7.84 -17.25 -48.86
CA ASP X 159 7.89 -15.84 -49.26
C ASP X 159 6.96 -15.01 -48.39
N LEU X 160 5.81 -15.56 -48.07
CA LEU X 160 4.85 -14.89 -47.22
C LEU X 160 5.51 -14.66 -45.87
N LEU X 161 6.20 -15.67 -45.35
CA LEU X 161 6.87 -15.51 -44.08
C LEU X 161 7.88 -14.40 -44.17
N LYS X 162 8.54 -14.32 -45.31
CA LYS X 162 9.55 -13.31 -45.54
C LYS X 162 8.93 -11.93 -45.34
N LEU X 163 7.77 -11.70 -45.92
CA LEU X 163 7.09 -10.43 -45.78
C LEU X 163 6.92 -10.14 -44.31
N CYS X 164 6.38 -11.13 -43.59
CA CYS X 164 6.14 -11.03 -42.16
C CYS X 164 7.39 -10.60 -41.44
N VAL X 165 8.48 -11.34 -41.65
CA VAL X 165 9.72 -11.00 -40.99
C VAL X 165 10.09 -9.56 -41.25
N GLN X 166 10.07 -9.16 -42.52
CA GLN X 166 10.41 -7.79 -42.91
C GLN X 166 9.58 -6.78 -42.14
N GLU X 167 8.27 -6.94 -42.15
CA GLU X 167 7.42 -6.01 -41.43
C GLU X 167 7.86 -5.96 -39.98
N LEU X 168 8.18 -7.11 -39.42
CA LEU X 168 8.60 -7.15 -38.04
C LEU X 168 9.95 -6.48 -37.84
N GLU X 169 10.89 -6.67 -38.76
CA GLU X 169 12.19 -6.04 -38.58
C GLU X 169 12.08 -4.52 -38.74
N LYS X 170 11.06 -4.09 -39.46
CA LYS X 170 10.85 -2.69 -39.68
C LYS X 170 10.26 -2.02 -38.48
N ARG X 171 9.15 -2.57 -37.99
CA ARG X 171 8.43 -1.96 -36.90
C ARG X 171 8.57 -2.40 -35.43
N MET X 172 9.15 -3.55 -35.16
CA MET X 172 9.32 -3.98 -33.77
C MET X 172 10.60 -3.32 -33.23
N PRO X 173 10.58 -2.90 -31.96
CA PRO X 173 11.67 -2.23 -31.22
C PRO X 173 12.88 -3.06 -30.83
N MET X 174 12.67 -4.35 -30.60
CA MET X 174 13.75 -5.25 -30.18
C MET X 174 14.41 -5.87 -31.39
N ASP X 175 15.73 -6.06 -31.33
CA ASP X 175 16.42 -6.69 -32.43
C ASP X 175 16.35 -8.14 -32.04
N PHE X 176 15.52 -8.90 -32.72
CA PHE X 176 15.38 -10.30 -32.38
C PHE X 176 16.35 -11.16 -33.10
N LYS X 177 17.20 -10.56 -33.91
CA LYS X 177 18.22 -11.30 -34.62
C LYS X 177 17.79 -12.31 -35.69
N GLY X 178 16.68 -12.06 -36.38
CA GLY X 178 16.29 -12.97 -37.43
C GLY X 178 15.55 -14.18 -36.95
N VAL X 179 15.19 -15.06 -37.87
CA VAL X 179 14.46 -16.24 -37.54
C VAL X 179 15.05 -17.53 -38.13
N ILE X 180 14.56 -18.65 -37.61
CA ILE X 180 14.94 -19.96 -38.07
C ILE X 180 13.61 -20.49 -38.53
N VAL X 181 13.59 -20.93 -39.78
CA VAL X 181 12.36 -21.43 -40.35
C VAL X 181 12.43 -22.93 -40.48
N LYS X 182 11.29 -23.57 -40.31
CA LYS X 182 11.23 -25.00 -40.44
C LYS X 182 9.94 -25.36 -41.07
N ILE X 183 10.00 -26.31 -42.02
CA ILE X 183 8.83 -26.78 -42.76
C ILE X 183 8.51 -28.22 -42.35
N VAL X 184 7.25 -28.45 -42.06
CA VAL X 184 6.76 -29.75 -41.65
C VAL X 184 5.83 -30.21 -42.80
N ASP X 185 6.23 -31.27 -43.51
CA ASP X 185 5.41 -31.79 -44.61
C ASP X 185 5.39 -33.33 -44.59
N LYS X 186 4.86 -33.93 -45.65
CA LYS X 186 4.79 -35.39 -45.75
C LYS X 186 6.11 -36.13 -45.54
N ASP X 187 7.22 -35.54 -45.95
CA ASP X 187 8.50 -36.21 -45.82
C ASP X 187 9.24 -35.89 -44.54
N GLY X 188 8.53 -35.24 -43.62
CA GLY X 188 9.14 -34.89 -42.35
C GLY X 188 9.26 -33.43 -41.97
N ILE X 189 10.42 -33.12 -41.41
CA ILE X 189 10.72 -31.80 -40.92
C ILE X 189 12.11 -31.39 -41.38
N ARG X 190 12.20 -30.21 -41.99
CA ARG X 190 13.50 -29.72 -42.41
C ARG X 190 13.57 -28.24 -42.13
N GLN X 191 14.79 -27.79 -41.85
CA GLN X 191 15.06 -26.40 -41.55
C GLN X 191 15.61 -25.69 -42.80
N VAL X 192 14.96 -24.59 -43.17
CA VAL X 192 15.39 -23.82 -44.33
C VAL X 192 16.69 -23.16 -43.94
N ASP X 193 17.81 -23.72 -44.36
CA ASP X 193 19.11 -23.14 -44.03
C ASP X 193 19.36 -21.81 -44.73
N ASP X 194 18.54 -21.53 -45.75
CA ASP X 194 18.64 -20.29 -46.54
C ASP X 194 17.46 -19.30 -46.38
N PHE X 195 17.46 -18.55 -45.27
CA PHE X 195 16.40 -17.56 -45.00
C PHE X 195 17.00 -16.23 -44.59
N GLN X 196 18.23 -16.27 -44.08
CA GLN X 196 18.95 -15.07 -43.66
C GLN X 196 19.22 -14.23 -44.92
N ALA X 197 19.06 -14.88 -46.07
CA ALA X 197 19.23 -14.30 -47.41
C ALA X 197 18.74 -15.29 -48.49
N GLN X 198 17.47 -15.14 -48.92
CA GLN X 198 16.82 -16.01 -49.94
C GLN X 198 16.47 -15.23 -51.23
N THR Y 1 29.03 -9.20 -10.51
CA THR Y 1 30.50 -9.53 -10.73
C THR Y 1 31.06 -9.45 -12.14
N THR Y 2 32.37 -10.00 -12.47
CA THR Y 2 32.80 -9.99 -13.90
C THR Y 2 33.53 -11.29 -14.30
N THR Y 3 32.88 -12.09 -15.14
CA THR Y 3 33.46 -13.35 -15.58
C THR Y 3 33.24 -13.58 -17.06
N LEU Y 4 34.20 -14.23 -17.71
CA LEU Y 4 34.06 -14.57 -19.12
C LEU Y 4 34.73 -15.90 -19.41
N ALA Y 5 34.32 -16.46 -20.52
CA ALA Y 5 34.89 -17.70 -20.99
C ALA Y 5 34.51 -17.65 -22.42
N PHE Y 6 35.48 -17.98 -23.25
CA PHE Y 6 35.25 -18.00 -24.68
C PHE Y 6 36.04 -19.12 -25.31
N ARG Y 7 35.53 -19.58 -26.44
CA ARG Y 7 36.09 -20.70 -27.19
C ARG Y 7 36.92 -20.23 -28.35
N PHE Y 8 37.92 -21.03 -28.70
CA PHE Y 8 38.81 -20.74 -29.82
C PHE Y 8 39.70 -21.93 -30.20
N GLN Y 9 40.53 -21.70 -31.23
CA GLN Y 9 41.50 -22.67 -31.75
C GLN Y 9 42.22 -23.50 -30.69
N GLY Y 10 42.89 -22.82 -29.77
CA GLY Y 10 43.65 -23.50 -28.73
C GLY Y 10 42.87 -23.95 -27.51
N GLY Y 11 41.52 -23.89 -27.55
CA GLY Y 11 40.74 -24.31 -26.41
C GLY Y 11 39.68 -23.35 -25.92
N ILE Y 12 39.69 -23.09 -24.61
CA ILE Y 12 38.76 -22.18 -23.97
C ILE Y 12 39.56 -21.32 -23.01
N ILE Y 13 39.10 -20.11 -22.82
CA ILE Y 13 39.73 -19.22 -21.88
C ILE Y 13 38.66 -18.88 -20.90
N VAL Y 14 39.04 -18.84 -19.65
CA VAL Y 14 38.13 -18.49 -18.59
C VAL Y 14 38.89 -17.51 -17.75
N ALA Y 15 38.35 -16.31 -17.64
CA ALA Y 15 38.96 -15.26 -16.84
C ALA Y 15 37.83 -14.64 -16.05
N VAL Y 16 38.13 -14.41 -14.78
CA VAL Y 16 37.14 -13.83 -13.89
C VAL Y 16 37.86 -12.84 -13.02
N ASP Y 17 37.11 -11.94 -12.39
CA ASP Y 17 37.73 -10.99 -11.48
C ASP Y 17 37.57 -11.63 -10.10
N SER Y 18 37.93 -10.92 -9.03
CA SER Y 18 37.84 -11.53 -7.72
C SER Y 18 37.31 -10.64 -6.59
N ARG Y 19 36.32 -9.81 -6.89
CA ARG Y 19 35.76 -8.91 -5.89
C ARG Y 19 34.44 -9.41 -5.33
N ALA Y 20 34.23 -9.23 -4.04
CA ALA Y 20 32.99 -9.63 -3.40
C ALA Y 20 32.48 -8.36 -2.74
N THR Y 21 31.23 -7.99 -3.02
CA THR Y 21 30.66 -6.77 -2.46
C THR Y 21 29.40 -7.03 -1.69
N ALA Y 22 29.14 -6.18 -0.70
CA ALA Y 22 27.93 -6.20 0.13
C ALA Y 22 27.39 -4.80 -0.15
N GLY Y 23 26.68 -4.66 -1.26
CA GLY Y 23 26.16 -3.35 -1.66
C GLY Y 23 27.34 -2.57 -2.19
N ASN Y 24 27.63 -1.41 -1.60
CA ASN Y 24 28.75 -0.60 -2.05
C ASN Y 24 29.98 -0.91 -1.22
N TRP Y 25 29.82 -1.75 -0.21
CA TRP Y 25 30.92 -2.17 0.65
C TRP Y 25 31.71 -3.24 -0.06
N VAL Y 26 33.03 -3.06 -0.14
CA VAL Y 26 33.85 -4.04 -0.79
C VAL Y 26 34.18 -5.05 0.28
N ALA Y 27 33.49 -6.18 0.23
CA ALA Y 27 33.65 -7.25 1.21
C ALA Y 27 34.96 -8.00 1.12
N SER Y 28 35.48 -8.15 -0.09
CA SER Y 28 36.76 -8.84 -0.28
C SER Y 28 37.23 -8.66 -1.69
N GLN Y 29 38.50 -8.94 -1.91
CA GLN Y 29 39.09 -8.85 -3.24
C GLN Y 29 39.91 -10.11 -3.49
N THR Y 30 39.69 -11.13 -2.66
CA THR Y 30 40.44 -12.37 -2.78
C THR Y 30 39.56 -13.62 -2.89
N VAL Y 31 38.48 -13.50 -3.64
CA VAL Y 31 37.53 -14.58 -3.84
C VAL Y 31 37.81 -15.35 -5.11
N LYS Y 32 37.87 -16.67 -5.03
CA LYS Y 32 38.07 -17.50 -6.23
C LYS Y 32 36.69 -17.69 -6.81
N LYS Y 33 36.48 -17.23 -8.04
CA LYS Y 33 35.19 -17.34 -8.67
C LYS Y 33 35.13 -18.48 -9.65
N VAL Y 34 36.23 -19.21 -9.74
CA VAL Y 34 36.30 -20.37 -10.61
C VAL Y 34 36.44 -21.60 -9.72
N ILE Y 35 35.55 -22.56 -9.89
CA ILE Y 35 35.64 -23.79 -9.12
C ILE Y 35 36.08 -24.84 -10.11
N GLU Y 36 37.17 -25.53 -9.76
CA GLU Y 36 37.77 -26.58 -10.57
C GLU Y 36 37.04 -27.89 -10.21
N ILE Y 37 36.12 -28.34 -11.06
CA ILE Y 37 35.33 -29.55 -10.77
C ILE Y 37 36.10 -30.85 -10.88
N ASN Y 38 36.72 -31.04 -12.02
CA ASN Y 38 37.55 -32.19 -12.26
C ASN Y 38 38.57 -31.63 -13.22
N PRO Y 39 39.64 -32.35 -13.46
CA PRO Y 39 40.70 -31.88 -14.37
C PRO Y 39 40.30 -31.37 -15.77
N PHE Y 40 39.02 -31.48 -16.12
CA PHE Y 40 38.52 -31.05 -17.42
C PHE Y 40 37.23 -30.29 -17.28
N LEU Y 41 36.89 -29.84 -16.08
CA LEU Y 41 35.64 -29.12 -15.93
C LEU Y 41 35.78 -27.97 -14.98
N LEU Y 42 35.43 -26.76 -15.46
CA LEU Y 42 35.47 -25.53 -14.67
C LEU Y 42 34.06 -24.93 -14.62
N GLY Y 43 33.72 -24.34 -13.48
CA GLY Y 43 32.44 -23.70 -13.29
C GLY Y 43 32.76 -22.30 -12.77
N THR Y 44 32.19 -21.28 -13.38
CA THR Y 44 32.45 -19.90 -12.97
C THR Y 44 31.28 -19.41 -12.15
N MET Y 45 31.51 -18.49 -11.22
CA MET Y 45 30.39 -18.02 -10.41
C MET Y 45 30.07 -16.51 -10.49
N ALA Y 46 28.80 -16.17 -10.36
CA ALA Y 46 28.39 -14.77 -10.38
C ALA Y 46 27.00 -14.74 -9.79
N GLY Y 47 26.75 -13.85 -8.84
CA GLY Y 47 25.44 -13.75 -8.21
C GLY Y 47 25.69 -13.86 -6.72
N GLY Y 48 24.81 -14.54 -6.00
CA GLY Y 48 25.02 -14.70 -4.57
C GLY Y 48 26.25 -15.55 -4.35
N ALA Y 49 27.13 -15.14 -3.45
CA ALA Y 49 28.36 -15.87 -3.19
C ALA Y 49 28.09 -17.31 -2.76
N ALA Y 50 27.30 -17.42 -1.71
CA ALA Y 50 26.95 -18.68 -1.14
C ALA Y 50 26.26 -19.53 -2.16
N ASP Y 51 25.22 -19.02 -2.77
CA ASP Y 51 24.49 -19.78 -3.78
C ASP Y 51 25.41 -20.44 -4.78
N CYS Y 52 26.33 -19.68 -5.31
CA CYS Y 52 27.24 -20.23 -6.27
C CYS Y 52 28.20 -21.22 -5.66
N GLN Y 53 28.98 -20.80 -4.65
CA GLN Y 53 29.94 -21.69 -3.99
C GLN Y 53 29.29 -23.03 -3.61
N PHE Y 54 28.16 -22.93 -2.92
CA PHE Y 54 27.41 -24.06 -2.45
C PHE Y 54 26.97 -24.95 -3.57
N TRP Y 55 26.12 -24.45 -4.45
CA TRP Y 55 25.65 -25.32 -5.50
C TRP Y 55 26.67 -25.77 -6.49
N GLU Y 56 27.79 -25.09 -6.58
CA GLU Y 56 28.80 -25.56 -7.49
C GLU Y 56 29.71 -26.57 -6.86
N THR Y 57 29.95 -26.44 -5.56
CA THR Y 57 30.76 -27.43 -4.88
C THR Y 57 29.90 -28.72 -4.99
N TRP Y 58 28.61 -28.59 -4.78
CA TRP Y 58 27.67 -29.71 -4.88
C TRP Y 58 27.77 -30.30 -6.26
N LEU Y 59 27.69 -29.47 -7.28
CA LEU Y 59 27.79 -29.95 -8.65
C LEU Y 59 29.01 -30.85 -8.71
N GLY Y 60 30.11 -30.38 -8.14
CA GLY Y 60 31.32 -31.18 -8.14
C GLY Y 60 31.10 -32.58 -7.62
N SER Y 61 30.32 -32.69 -6.57
CA SER Y 61 30.03 -33.98 -6.01
C SER Y 61 29.26 -34.81 -6.99
N GLN Y 62 28.12 -34.31 -7.45
CA GLN Y 62 27.33 -35.07 -8.39
C GLN Y 62 28.12 -35.51 -9.61
N CYS Y 63 29.13 -34.75 -9.97
CA CYS Y 63 29.97 -35.11 -11.12
C CYS Y 63 30.78 -36.33 -10.78
N ARG Y 64 31.38 -36.32 -9.60
CA ARG Y 64 32.19 -37.42 -9.11
C ARG Y 64 31.37 -38.74 -9.03
N LEU Y 65 30.18 -38.65 -8.46
CA LEU Y 65 29.30 -39.79 -8.34
C LEU Y 65 29.09 -40.41 -9.70
N HIS Y 66 28.81 -39.57 -10.69
CA HIS Y 66 28.62 -40.07 -12.05
C HIS Y 66 29.85 -40.88 -12.49
N GLU Y 67 31.04 -40.41 -12.15
CA GLU Y 67 32.26 -41.10 -12.51
C GLU Y 67 32.21 -42.48 -11.91
N LEU Y 68 32.01 -42.53 -10.60
CA LEU Y 68 31.95 -43.80 -9.91
C LEU Y 68 30.90 -44.70 -10.53
N ARG Y 69 29.73 -44.16 -10.79
CA ARG Y 69 28.64 -44.94 -11.35
C ARG Y 69 28.81 -45.45 -12.78
N GLU Y 70 29.30 -44.60 -13.68
CA GLU Y 70 29.43 -45.01 -15.07
C GLU Y 70 30.84 -45.26 -15.54
N LYS Y 71 31.83 -45.01 -14.71
CA LYS Y 71 33.23 -45.21 -15.09
C LYS Y 71 33.75 -44.18 -16.11
N GLU Y 72 32.83 -43.47 -16.76
CA GLU Y 72 33.14 -42.46 -17.78
C GLU Y 72 33.09 -41.06 -17.14
N ARG Y 73 33.88 -40.11 -17.62
CA ARG Y 73 33.86 -38.75 -17.07
C ARG Y 73 32.62 -38.07 -17.56
N ILE Y 74 31.99 -37.29 -16.69
CA ILE Y 74 30.76 -36.60 -17.05
C ILE Y 74 30.98 -35.58 -18.17
N SER Y 75 30.02 -35.53 -19.08
CA SER Y 75 30.11 -34.59 -20.17
C SER Y 75 29.80 -33.19 -19.62
N VAL Y 76 30.13 -32.15 -20.39
CA VAL Y 76 29.88 -30.79 -19.97
C VAL Y 76 28.40 -30.52 -20.08
N ALA Y 77 27.78 -31.13 -21.09
CA ALA Y 77 26.35 -30.97 -21.28
C ALA Y 77 25.63 -31.50 -20.07
N ALA Y 78 25.94 -32.73 -19.68
CA ALA Y 78 25.30 -33.35 -18.53
C ALA Y 78 25.66 -32.61 -17.24
N ALA Y 79 26.94 -32.30 -17.07
CA ALA Y 79 27.38 -31.59 -15.90
C ALA Y 79 26.55 -30.31 -15.77
N SER Y 80 26.44 -29.56 -16.86
CA SER Y 80 25.68 -28.32 -16.85
C SER Y 80 24.19 -28.50 -16.55
N LYS Y 81 23.56 -29.47 -17.19
CA LYS Y 81 22.13 -29.70 -17.00
C LYS Y 81 21.80 -30.10 -15.58
N ILE Y 82 22.79 -30.59 -14.85
CA ILE Y 82 22.52 -30.96 -13.49
C ILE Y 82 22.25 -29.67 -12.72
N LEU Y 83 23.23 -28.76 -12.79
CA LEU Y 83 23.13 -27.46 -12.15
C LEU Y 83 21.84 -26.81 -12.59
N SER Y 84 21.63 -26.79 -13.90
CA SER Y 84 20.44 -26.18 -14.45
C SER Y 84 19.14 -26.73 -13.93
N ASN Y 85 19.02 -28.04 -13.93
CA ASN Y 85 17.78 -28.66 -13.46
C ASN Y 85 17.65 -28.47 -11.98
N LEU Y 86 18.78 -28.44 -11.30
CA LEU Y 86 18.74 -28.23 -9.87
C LEU Y 86 18.09 -26.88 -9.64
N VAL Y 87 18.74 -25.87 -10.19
CA VAL Y 87 18.33 -24.49 -10.09
C VAL Y 87 16.86 -24.32 -10.49
N TYR Y 88 16.46 -24.95 -11.56
CA TYR Y 88 15.07 -24.84 -11.97
C TYR Y 88 14.10 -25.36 -10.91
N GLN Y 89 14.53 -26.31 -10.08
CA GLN Y 89 13.64 -26.84 -9.05
C GLN Y 89 13.39 -25.79 -7.99
N TYR Y 90 14.40 -24.96 -7.77
CA TYR Y 90 14.32 -23.88 -6.81
C TYR Y 90 13.78 -22.60 -7.44
N LYS Y 91 13.41 -22.64 -8.71
CA LYS Y 91 12.91 -21.45 -9.37
C LYS Y 91 11.77 -20.81 -8.62
N GLY Y 92 11.94 -19.53 -8.35
CA GLY Y 92 10.93 -18.79 -7.62
C GLY Y 92 11.26 -18.65 -6.14
N ALA Y 93 12.41 -19.16 -5.72
CA ALA Y 93 12.76 -19.07 -4.31
C ALA Y 93 13.78 -18.00 -4.02
N GLY Y 94 14.43 -17.47 -5.06
CA GLY Y 94 15.39 -16.40 -4.84
C GLY Y 94 16.86 -16.70 -5.03
N LEU Y 95 17.15 -17.86 -5.60
CA LEU Y 95 18.52 -18.23 -5.83
C LEU Y 95 19.01 -17.21 -6.81
N SER Y 96 20.25 -16.80 -6.66
CA SER Y 96 20.79 -15.84 -7.56
C SER Y 96 22.14 -16.31 -8.02
N MET Y 97 22.21 -16.76 -9.26
CA MET Y 97 23.48 -17.21 -9.78
C MET Y 97 23.41 -17.24 -11.28
N GLY Y 98 24.52 -16.87 -11.88
CA GLY Y 98 24.71 -16.84 -13.31
C GLY Y 98 26.08 -17.47 -13.42
N THR Y 99 26.17 -18.54 -14.19
CA THR Y 99 27.41 -19.27 -14.26
C THR Y 99 27.64 -19.92 -15.61
N MET Y 100 28.89 -20.30 -15.83
CA MET Y 100 29.29 -20.96 -17.06
C MET Y 100 30.04 -22.21 -16.68
N ILE Y 101 29.69 -23.30 -17.37
CA ILE Y 101 30.29 -24.61 -17.14
C ILE Y 101 31.14 -24.86 -18.36
N CYS Y 102 32.44 -24.71 -18.22
CA CYS Y 102 33.32 -24.89 -19.36
C CYS Y 102 34.05 -26.17 -19.16
N GLY Y 103 34.33 -26.87 -20.26
CA GLY Y 103 35.06 -28.11 -20.16
C GLY Y 103 35.36 -28.79 -21.48
N TYR Y 104 36.25 -29.78 -21.43
CA TYR Y 104 36.63 -30.56 -22.61
C TYR Y 104 36.41 -32.05 -22.37
N THR Y 105 35.80 -32.71 -23.35
CA THR Y 105 35.57 -34.14 -23.28
C THR Y 105 35.87 -34.63 -24.68
N ARG Y 106 36.32 -35.87 -24.78
CA ARG Y 106 36.64 -36.47 -26.05
C ARG Y 106 35.42 -36.39 -27.00
N LYS Y 107 34.24 -36.57 -26.43
CA LYS Y 107 32.99 -36.58 -27.18
C LYS Y 107 32.47 -35.22 -27.71
N GLU Y 108 32.52 -34.20 -26.86
CA GLU Y 108 32.03 -32.85 -27.19
C GLU Y 108 33.09 -31.88 -27.66
N GLY Y 109 34.32 -32.08 -27.20
CA GLY Y 109 35.40 -31.18 -27.56
C GLY Y 109 35.31 -30.04 -26.57
N PRO Y 110 35.90 -28.89 -26.86
CA PRO Y 110 35.83 -27.77 -25.92
C PRO Y 110 34.38 -27.34 -25.91
N THR Y 111 33.84 -27.06 -24.73
CA THR Y 111 32.46 -26.66 -24.64
C THR Y 111 32.17 -25.72 -23.47
N ILE Y 112 31.26 -24.78 -23.69
CA ILE Y 112 30.86 -23.81 -22.67
C ILE Y 112 29.34 -23.66 -22.61
N TYR Y 113 28.79 -23.74 -21.40
CA TYR Y 113 27.37 -23.60 -21.18
C TYR Y 113 27.15 -22.50 -20.16
N TYR Y 114 26.14 -21.70 -20.42
CA TYR Y 114 25.76 -20.64 -19.53
C TYR Y 114 24.50 -21.18 -18.86
N VAL Y 115 24.44 -21.09 -17.54
CA VAL Y 115 23.31 -21.55 -16.77
C VAL Y 115 23.07 -20.49 -15.71
N ASP Y 116 21.83 -20.01 -15.62
CA ASP Y 116 21.52 -19.01 -14.61
C ASP Y 116 20.37 -19.45 -13.75
N SER Y 117 20.17 -18.77 -12.64
CA SER Y 117 19.11 -19.13 -11.72
C SER Y 117 17.70 -19.03 -12.26
N ASP Y 118 17.53 -18.51 -13.45
CA ASP Y 118 16.19 -18.43 -14.05
C ASP Y 118 15.94 -19.76 -14.76
N GLY Y 119 17.00 -20.54 -14.90
CA GLY Y 119 16.90 -21.83 -15.56
C GLY Y 119 17.29 -21.80 -17.02
N THR Y 120 17.90 -20.71 -17.47
CA THR Y 120 18.30 -20.64 -18.85
C THR Y 120 19.64 -21.35 -18.92
N ARG Y 121 19.72 -22.32 -19.83
CA ARG Y 121 20.93 -23.11 -20.07
C ARG Y 121 21.11 -22.95 -21.56
N LEU Y 122 22.30 -22.49 -21.96
CA LEU Y 122 22.58 -22.25 -23.37
C LEU Y 122 24.00 -22.63 -23.70
N LYS Y 123 24.20 -23.07 -24.92
CA LYS Y 123 25.53 -23.42 -25.40
C LYS Y 123 26.00 -22.28 -26.31
N GLY Y 124 27.27 -21.94 -26.23
CA GLY Y 124 27.78 -20.90 -27.08
C GLY Y 124 29.27 -20.84 -26.99
N ASP Y 125 29.86 -19.96 -27.78
CA ASP Y 125 31.30 -19.83 -27.83
C ASP Y 125 31.83 -18.70 -26.97
N ILE Y 126 31.03 -17.64 -26.77
CA ILE Y 126 31.47 -16.51 -25.94
C ILE Y 126 30.39 -16.02 -24.98
N PHE Y 127 30.72 -15.99 -23.70
CA PHE Y 127 29.78 -15.51 -22.70
C PHE Y 127 30.55 -14.73 -21.70
N CYS Y 128 29.99 -13.59 -21.32
CA CYS Y 128 30.55 -12.72 -20.29
C CYS Y 128 29.35 -12.65 -19.39
N VAL Y 129 29.58 -12.79 -18.11
CA VAL Y 129 28.48 -12.82 -17.17
C VAL Y 129 28.81 -11.98 -15.97
N GLY Y 130 27.82 -11.26 -15.46
CA GLY Y 130 28.05 -10.44 -14.28
C GLY Y 130 27.76 -8.97 -14.47
N SER Y 131 27.82 -8.21 -13.39
CA SER Y 131 27.55 -6.77 -13.43
C SER Y 131 28.48 -6.10 -14.43
N GLY Y 132 29.66 -6.67 -14.64
CA GLY Y 132 30.58 -6.08 -15.59
C GLY Y 132 30.60 -6.71 -16.95
N GLN Y 133 29.66 -7.59 -17.21
CA GLN Y 133 29.64 -8.29 -18.48
C GLN Y 133 29.72 -7.40 -19.72
N THR Y 134 28.96 -6.32 -19.73
CA THR Y 134 28.95 -5.42 -20.87
C THR Y 134 30.32 -4.85 -21.09
N PHE Y 135 30.98 -4.50 -20.01
CA PHE Y 135 32.29 -3.95 -20.16
C PHE Y 135 33.20 -4.97 -20.79
N ALA Y 136 33.07 -6.22 -20.37
CA ALA Y 136 33.91 -7.30 -20.90
C ALA Y 136 33.60 -7.58 -22.35
N TYR Y 137 32.33 -7.61 -22.68
CA TYR Y 137 31.94 -7.87 -24.03
C TYR Y 137 32.52 -6.81 -24.91
N GLY Y 138 32.38 -5.55 -24.49
CA GLY Y 138 32.89 -4.46 -25.29
C GLY Y 138 34.29 -4.73 -25.79
N VAL Y 139 35.18 -5.00 -24.85
CA VAL Y 139 36.55 -5.29 -25.18
C VAL Y 139 36.67 -6.63 -25.89
N LEU Y 140 36.06 -7.66 -25.32
CA LEU Y 140 36.14 -8.99 -25.90
C LEU Y 140 35.72 -9.08 -27.35
N ASP Y 141 34.47 -8.75 -27.63
CA ASP Y 141 33.92 -8.81 -28.98
C ASP Y 141 34.73 -8.11 -30.05
N SER Y 142 35.28 -6.94 -29.73
CA SER Y 142 36.05 -6.14 -30.69
C SER Y 142 37.41 -6.68 -31.13
N ASN Y 143 38.03 -7.48 -30.26
CA ASN Y 143 39.33 -8.04 -30.58
C ASN Y 143 39.30 -9.55 -30.75
N TYR Y 144 38.17 -10.16 -30.47
CA TYR Y 144 38.03 -11.60 -30.60
C TYR Y 144 38.02 -12.01 -32.05
N LYS Y 145 38.72 -13.10 -32.33
CA LYS Y 145 38.82 -13.69 -33.66
C LYS Y 145 39.10 -15.19 -33.40
N TRP Y 146 38.52 -16.10 -34.19
CA TRP Y 146 38.74 -17.54 -33.96
C TRP Y 146 40.22 -17.97 -34.00
N ASP Y 147 40.97 -17.50 -34.99
CA ASP Y 147 42.37 -17.90 -35.14
C ASP Y 147 43.37 -17.27 -34.18
N LEU Y 148 42.91 -16.95 -32.97
CA LEU Y 148 43.76 -16.34 -31.94
C LEU Y 148 44.82 -17.31 -31.40
N SER Y 149 45.99 -16.79 -31.02
CA SER Y 149 47.03 -17.64 -30.48
C SER Y 149 46.72 -17.81 -28.99
N VAL Y 150 47.07 -18.95 -28.43
CA VAL Y 150 46.83 -19.22 -27.02
C VAL Y 150 47.28 -18.06 -26.12
N GLU Y 151 48.45 -17.52 -26.41
CA GLU Y 151 49.02 -16.42 -25.65
C GLU Y 151 48.13 -15.19 -25.76
N ASP Y 152 47.74 -14.85 -26.99
CA ASP Y 152 46.89 -13.69 -27.27
C ASP Y 152 45.51 -13.88 -26.63
N ALA Y 153 45.03 -15.11 -26.64
CA ALA Y 153 43.75 -15.42 -26.04
C ALA Y 153 43.81 -15.09 -24.55
N LEU Y 154 44.82 -15.64 -23.89
CA LEU Y 154 45.01 -15.41 -22.47
C LEU Y 154 44.94 -13.92 -22.22
N TYR Y 155 45.80 -13.20 -22.90
CA TYR Y 155 45.85 -11.77 -22.76
C TYR Y 155 44.48 -11.13 -23.00
N LEU Y 156 43.80 -11.47 -24.08
CA LEU Y 156 42.50 -10.88 -24.34
C LEU Y 156 41.50 -11.12 -23.20
N GLY Y 157 41.35 -12.37 -22.78
CA GLY Y 157 40.42 -12.63 -21.70
C GLY Y 157 40.83 -11.80 -20.51
N LYS Y 158 42.12 -11.79 -20.25
CA LYS Y 158 42.69 -11.05 -19.15
C LYS Y 158 42.30 -9.59 -19.28
N ARG Y 159 42.64 -9.02 -20.42
CA ARG Y 159 42.36 -7.63 -20.70
C ARG Y 159 40.89 -7.31 -20.50
N SER Y 160 40.00 -8.14 -21.01
CA SER Y 160 38.58 -7.86 -20.85
C SER Y 160 38.17 -7.74 -19.40
N ILE Y 161 38.70 -8.59 -18.54
CA ILE Y 161 38.34 -8.47 -17.15
C ILE Y 161 38.90 -7.14 -16.68
N LEU Y 162 40.11 -6.84 -17.12
CA LEU Y 162 40.75 -5.60 -16.73
C LEU Y 162 39.79 -4.48 -17.00
N ALA Y 163 39.30 -4.49 -18.22
CA ALA Y 163 38.36 -3.51 -18.70
C ALA Y 163 37.27 -3.33 -17.66
N ALA Y 164 36.48 -4.37 -17.46
CA ALA Y 164 35.39 -4.31 -16.50
C ALA Y 164 35.82 -3.93 -15.11
N ALA Y 165 37.00 -4.35 -14.70
CA ALA Y 165 37.49 -4.04 -13.35
C ALA Y 165 37.63 -2.53 -13.20
N HIS Y 166 38.03 -1.89 -14.28
CA HIS Y 166 38.21 -0.44 -14.32
C HIS Y 166 36.91 0.33 -14.26
N ARG Y 167 36.05 0.10 -15.24
CA ARG Y 167 34.77 0.78 -15.33
C ARG Y 167 33.67 0.38 -14.36
N ASP Y 168 33.54 -0.91 -14.12
CA ASP Y 168 32.51 -1.42 -13.23
C ASP Y 168 33.00 -1.37 -11.79
N ALA Y 169 32.31 -0.56 -11.00
CA ALA Y 169 32.61 -0.36 -9.58
C ALA Y 169 32.56 -1.66 -8.85
N TYR Y 170 31.67 -2.52 -9.32
CA TYR Y 170 31.49 -3.78 -8.66
C TYR Y 170 32.44 -4.88 -9.05
N SER Y 171 33.43 -4.58 -9.87
CA SER Y 171 34.38 -5.59 -10.25
C SER Y 171 35.73 -5.08 -9.95
N GLY Y 172 36.66 -5.99 -9.74
CA GLY Y 172 38.01 -5.56 -9.43
C GLY Y 172 38.77 -6.62 -8.69
N GLY Y 173 39.77 -6.20 -7.94
CA GLY Y 173 40.59 -7.14 -7.20
C GLY Y 173 41.74 -7.65 -8.06
N SER Y 174 41.50 -8.77 -8.74
CA SER Y 174 42.52 -9.38 -9.59
C SER Y 174 41.86 -10.34 -10.56
N VAL Y 175 42.51 -10.58 -11.70
CA VAL Y 175 42.01 -11.47 -12.75
C VAL Y 175 42.58 -12.87 -12.59
N ASN Y 176 41.74 -13.90 -12.75
CA ASN Y 176 42.22 -15.29 -12.65
C ASN Y 176 41.98 -15.88 -14.03
N LEU Y 177 43.05 -16.39 -14.62
CA LEU Y 177 43.05 -16.96 -15.97
C LEU Y 177 43.12 -18.46 -15.98
N TYR Y 178 42.41 -19.06 -16.91
CA TYR Y 178 42.41 -20.51 -17.07
C TYR Y 178 42.36 -20.86 -18.52
N HIS Y 179 43.16 -21.85 -18.92
CA HIS Y 179 43.18 -22.34 -20.29
C HIS Y 179 42.71 -23.79 -20.30
N VAL Y 180 41.66 -24.07 -21.03
CA VAL Y 180 41.16 -25.42 -21.10
C VAL Y 180 41.57 -26.01 -22.43
N THR Y 181 42.33 -27.10 -22.38
CA THR Y 181 42.77 -27.76 -23.58
C THR Y 181 42.36 -29.21 -23.66
N GLU Y 182 42.83 -29.82 -24.73
CA GLU Y 182 42.61 -31.22 -25.03
C GLU Y 182 43.09 -32.03 -23.83
N ASP Y 183 44.06 -31.50 -23.11
CA ASP Y 183 44.65 -32.16 -21.97
C ASP Y 183 44.25 -31.58 -20.61
N GLY Y 184 43.16 -30.84 -20.58
CA GLY Y 184 42.69 -30.25 -19.33
C GLY Y 184 42.89 -28.76 -19.16
N TRP Y 185 42.45 -28.26 -18.01
CA TRP Y 185 42.57 -26.85 -17.68
C TRP Y 185 43.95 -26.57 -17.17
N ILE Y 186 44.46 -25.41 -17.54
CA ILE Y 186 45.79 -25.01 -17.15
C ILE Y 186 45.64 -23.60 -16.56
N TYR Y 187 46.01 -23.44 -15.29
CA TYR Y 187 45.87 -22.16 -14.62
C TYR Y 187 46.96 -21.23 -15.07
N HIS Y 188 46.58 -20.01 -15.43
CA HIS Y 188 47.57 -19.08 -15.88
C HIS Y 188 47.73 -17.85 -15.03
N GLY Y 189 47.60 -18.06 -13.73
CA GLY Y 189 47.82 -16.99 -12.77
C GLY Y 189 46.70 -16.14 -12.20
N ASN Y 190 47.10 -15.38 -11.18
CA ASN Y 190 46.25 -14.43 -10.46
C ASN Y 190 46.96 -13.10 -10.65
N HIS Y 191 46.29 -12.17 -11.33
CA HIS Y 191 46.89 -10.87 -11.59
C HIS Y 191 46.17 -9.69 -10.89
N ASP Y 192 46.86 -9.06 -9.95
CA ASP Y 192 46.33 -7.93 -9.16
C ASP Y 192 46.11 -6.71 -10.05
N VAL Y 193 44.87 -6.24 -10.09
CA VAL Y 193 44.53 -5.07 -10.90
C VAL Y 193 45.36 -3.88 -10.43
N GLY Y 194 45.65 -3.87 -9.14
CA GLY Y 194 46.45 -2.83 -8.54
C GLY Y 194 47.74 -2.59 -9.29
N GLU Y 195 48.30 -3.65 -9.85
CA GLU Y 195 49.54 -3.53 -10.59
C GLU Y 195 49.35 -3.77 -12.07
N LEU Y 196 48.39 -4.62 -12.41
CA LEU Y 196 48.12 -4.97 -13.81
C LEU Y 196 47.68 -3.78 -14.63
N PHE Y 197 46.83 -2.93 -14.07
CA PHE Y 197 46.35 -1.77 -14.79
C PHE Y 197 47.50 -0.90 -15.26
N TRP Y 198 48.35 -0.51 -14.33
CA TRP Y 198 49.50 0.34 -14.63
C TRP Y 198 50.42 -0.28 -15.70
N LYS Y 199 50.75 -1.55 -15.55
CA LYS Y 199 51.61 -2.21 -16.51
C LYS Y 199 50.98 -2.15 -17.88
N VAL Y 200 49.73 -2.55 -17.97
CA VAL Y 200 49.02 -2.56 -19.23
C VAL Y 200 48.97 -1.16 -19.85
N LYS Y 201 48.69 -0.13 -19.04
CA LYS Y 201 48.64 1.23 -19.59
C LYS Y 201 49.94 1.60 -20.25
N GLU Y 202 51.04 1.47 -19.52
CA GLU Y 202 52.35 1.82 -20.07
C GLU Y 202 52.70 1.02 -21.32
N GLU Y 203 52.67 -0.31 -21.21
CA GLU Y 203 53.00 -1.16 -22.36
C GLU Y 203 52.10 -1.02 -23.57
N GLU Y 204 50.79 -1.00 -23.35
CA GLU Y 204 49.81 -0.93 -24.44
C GLU Y 204 49.49 0.50 -24.89
N GLY Y 205 49.59 1.46 -23.97
CA GLY Y 205 49.30 2.84 -24.29
C GLY Y 205 47.82 3.15 -24.34
N SER Y 206 47.04 2.46 -23.52
CA SER Y 206 45.60 2.70 -23.50
C SER Y 206 45.23 3.34 -22.16
N PHE Y 207 43.93 3.34 -21.84
CA PHE Y 207 43.46 3.94 -20.58
C PHE Y 207 43.96 5.38 -20.46
N ASN Y 208 43.93 6.09 -21.58
CA ASN Y 208 44.39 7.45 -21.61
C ASN Y 208 43.48 8.41 -20.92
N ASN Y 209 42.38 7.90 -20.40
CA ASN Y 209 41.42 8.69 -19.65
C ASN Y 209 41.93 8.71 -18.22
N VAL Y 210 43.21 8.39 -18.08
CA VAL Y 210 43.86 8.38 -16.79
C VAL Y 210 45.26 8.92 -17.07
N ILE Y 211 45.89 9.53 -16.08
CA ILE Y 211 47.24 10.06 -16.24
C ILE Y 211 48.10 9.40 -15.16
N GLY Y 212 49.37 9.12 -15.47
CA GLY Y 212 50.25 8.50 -14.49
C GLY Y 212 51.47 7.82 -15.09
N GLN Z 1 3.81 -6.23 13.03
CA GLN Z 1 4.00 -7.72 12.87
C GLN Z 1 5.21 -8.14 13.71
N PHE Z 2 5.31 -9.45 13.97
CA PHE Z 2 6.42 -9.95 14.75
C PHE Z 2 7.63 -9.92 13.83
N ASN Z 3 8.72 -9.40 14.35
CA ASN Z 3 9.94 -9.33 13.58
C ASN Z 3 10.84 -10.29 14.31
N PRO Z 4 11.11 -11.44 13.68
CA PRO Z 4 11.94 -12.50 14.23
C PRO Z 4 13.38 -12.11 14.46
N TYR Z 5 13.81 -10.97 13.94
CA TYR Z 5 15.20 -10.60 14.13
C TYR Z 5 15.47 -9.36 15.03
N GLY Z 6 16.74 -9.17 15.38
CA GLY Z 6 17.19 -8.06 16.20
C GLY Z 6 18.67 -7.87 15.92
N ASP Z 7 19.31 -6.87 16.52
CA ASP Z 7 20.74 -6.61 16.28
C ASP Z 7 21.29 -6.34 17.67
N ASN Z 8 22.34 -7.06 18.04
CA ASN Z 8 22.90 -6.90 19.38
C ASN Z 8 24.25 -6.27 19.37
N GLY Z 9 24.56 -5.64 18.24
CA GLY Z 9 25.80 -4.93 18.07
C GLY Z 9 27.04 -5.77 18.14
N GLY Z 10 28.03 -5.26 18.85
CA GLY Z 10 29.27 -5.99 18.97
C GLY Z 10 30.04 -5.96 17.68
N THR Z 11 31.31 -6.29 17.78
CA THR Z 11 32.23 -6.33 16.66
C THR Z 11 33.30 -7.36 17.03
N ILE Z 12 33.78 -8.08 16.03
CA ILE Z 12 34.77 -9.10 16.26
C ILE Z 12 35.86 -8.95 15.20
N LEU Z 13 37.05 -9.42 15.50
CA LEU Z 13 38.16 -9.30 14.58
C LEU Z 13 39.03 -10.53 14.73
N GLY Z 14 39.54 -11.04 13.62
CA GLY Z 14 40.39 -12.22 13.68
C GLY Z 14 41.65 -12.01 12.86
N ILE Z 15 42.79 -12.43 13.41
CA ILE Z 15 44.05 -12.29 12.71
C ILE Z 15 44.86 -13.56 12.83
N ALA Z 16 45.36 -14.00 11.68
CA ALA Z 16 46.12 -15.20 11.62
C ALA Z 16 47.58 -14.87 11.53
N GLY Z 17 48.37 -15.42 12.45
CA GLY Z 17 49.80 -15.22 12.43
C GLY Z 17 50.46 -16.46 11.86
N GLU Z 18 51.80 -16.52 11.87
CA GLU Z 18 52.54 -17.68 11.34
C GLU Z 18 52.27 -19.00 12.08
N ASP Z 19 52.33 -18.96 13.41
CA ASP Z 19 52.08 -20.14 14.20
C ASP Z 19 51.05 -19.85 15.29
N PHE Z 20 50.09 -18.99 14.96
CA PHE Z 20 49.03 -18.62 15.88
C PHE Z 20 47.97 -17.89 15.09
N ALA Z 21 46.89 -17.52 15.76
CA ALA Z 21 45.80 -16.80 15.14
C ALA Z 21 44.99 -16.30 16.31
N VAL Z 22 44.35 -15.15 16.18
CA VAL Z 22 43.58 -14.66 17.29
C VAL Z 22 42.20 -14.33 16.82
N LEU Z 23 41.26 -14.31 17.75
CA LEU Z 23 39.91 -13.99 17.42
C LEU Z 23 39.53 -13.16 18.60
N ALA Z 24 39.41 -11.86 18.36
CA ALA Z 24 39.06 -10.91 19.40
C ALA Z 24 37.66 -10.42 19.12
N GLY Z 25 36.97 -9.97 20.16
CA GLY Z 25 35.64 -9.44 19.99
C GLY Z 25 35.36 -8.52 21.16
N ASP Z 26 34.47 -7.55 21.00
CA ASP Z 26 34.17 -6.68 22.11
C ASP Z 26 33.20 -7.42 22.99
N THR Z 27 32.99 -6.88 24.17
CA THR Z 27 32.17 -7.52 25.15
C THR Z 27 30.81 -6.91 25.42
N ARG Z 28 30.49 -5.80 24.77
CA ARG Z 28 29.20 -5.15 24.99
C ARG Z 28 28.10 -5.85 24.19
N ASN Z 29 26.87 -5.82 24.71
CA ASN Z 29 25.70 -6.43 24.07
C ASN Z 29 24.61 -5.40 24.27
N ILE Z 30 24.02 -4.93 23.19
CA ILE Z 30 23.02 -3.90 23.28
C ILE Z 30 21.72 -4.23 22.63
N THR Z 31 20.79 -3.29 22.72
CA THR Z 31 19.48 -3.40 22.10
C THR Z 31 19.02 -1.98 21.90
N ASP Z 32 18.93 -1.57 20.65
CA ASP Z 32 18.51 -0.23 20.33
C ASP Z 32 19.51 0.71 20.99
N TYR Z 33 19.09 1.43 22.01
CA TYR Z 33 19.99 2.36 22.65
C TYR Z 33 20.46 1.93 24.03
N SER Z 34 19.90 0.83 24.53
CA SER Z 34 20.26 0.35 25.85
C SER Z 34 21.35 -0.67 25.80
N ILE Z 35 22.15 -0.70 26.85
CA ILE Z 35 23.23 -1.67 26.98
C ILE Z 35 22.59 -2.82 27.74
N ASN Z 36 22.64 -4.00 27.16
CA ASN Z 36 22.12 -5.20 27.79
C ASN Z 36 23.15 -5.72 28.77
N SER Z 37 24.41 -5.78 28.36
CA SER Z 37 25.45 -6.27 29.24
C SER Z 37 26.77 -5.66 28.85
N ARG Z 38 27.61 -5.40 29.84
CA ARG Z 38 28.92 -4.85 29.59
C ARG Z 38 29.90 -5.98 29.44
N TYR Z 39 29.45 -7.17 29.81
CA TYR Z 39 30.26 -8.38 29.70
C TYR Z 39 29.46 -9.62 29.33
N GLU Z 40 29.39 -9.92 28.04
CA GLU Z 40 28.69 -11.09 27.55
C GLU Z 40 29.55 -11.53 26.39
N PRO Z 41 30.43 -12.50 26.63
CA PRO Z 41 31.36 -13.03 25.63
C PRO Z 41 30.68 -13.60 24.39
N LYS Z 42 31.35 -13.51 23.25
CA LYS Z 42 30.80 -14.01 22.00
C LYS Z 42 31.87 -14.66 21.18
N VAL Z 43 33.02 -14.89 21.77
CA VAL Z 43 34.08 -15.58 21.07
C VAL Z 43 34.31 -16.76 21.98
N PHE Z 44 34.15 -17.96 21.44
CA PHE Z 44 34.29 -19.15 22.24
C PHE Z 44 35.30 -20.18 21.74
N ASP Z 45 35.72 -21.04 22.67
CA ASP Z 45 36.63 -22.13 22.36
C ASP Z 45 35.68 -23.30 22.06
N CYS Z 46 35.79 -23.87 20.87
CA CYS Z 46 34.90 -24.95 20.50
C CYS Z 46 35.57 -26.34 20.54
N GLY Z 47 36.75 -26.42 21.12
CA GLY Z 47 37.43 -27.70 21.19
C GLY Z 47 38.18 -27.86 19.91
N ASP Z 48 39.17 -28.75 19.90
CA ASP Z 48 40.01 -29.00 18.74
C ASP Z 48 40.80 -27.83 18.24
N ASN Z 49 41.09 -26.90 19.14
CA ASN Z 49 41.91 -25.75 18.83
C ASN Z 49 41.20 -24.90 17.80
N ILE Z 50 39.93 -24.60 18.07
CA ILE Z 50 39.12 -23.80 17.16
C ILE Z 50 38.27 -22.85 17.94
N VAL Z 51 38.43 -21.57 17.64
CA VAL Z 51 37.66 -20.51 18.28
C VAL Z 51 36.75 -19.96 17.21
N MET Z 52 35.56 -19.61 17.64
CA MET Z 52 34.55 -19.14 16.73
C MET Z 52 33.72 -18.02 17.35
N SER Z 53 33.16 -17.18 16.51
CA SER Z 53 32.31 -16.11 16.97
C SER Z 53 31.36 -15.93 15.82
N ALA Z 54 30.10 -15.73 16.15
CA ALA Z 54 29.08 -15.51 15.15
C ALA Z 54 28.43 -14.22 15.64
N ASN Z 55 28.85 -13.09 15.08
CA ASN Z 55 28.32 -11.81 15.53
C ASN Z 55 27.20 -11.21 14.69
N GLY Z 56 26.16 -10.75 15.39
CA GLY Z 56 25.02 -10.14 14.74
C GLY Z 56 23.86 -10.20 15.70
N PHE Z 57 22.87 -11.05 15.39
CA PHE Z 57 21.68 -11.29 16.22
C PHE Z 57 22.12 -12.38 17.17
N ALA Z 58 22.35 -12.02 18.42
CA ALA Z 58 22.83 -12.96 19.39
C ALA Z 58 22.08 -14.26 19.44
N ALA Z 59 20.75 -14.23 19.39
CA ALA Z 59 20.01 -15.48 19.44
C ALA Z 59 20.55 -16.39 18.35
N ASP Z 60 20.68 -15.86 17.15
CA ASP Z 60 21.18 -16.67 16.06
C ASP Z 60 22.61 -17.03 16.28
N GLY Z 61 23.42 -16.09 16.70
CA GLY Z 61 24.82 -16.40 16.92
C GLY Z 61 24.96 -17.56 17.90
N ASP Z 62 24.18 -17.49 18.98
CA ASP Z 62 24.17 -18.52 20.01
C ASP Z 62 23.75 -19.86 19.45
N ALA Z 63 22.64 -19.88 18.74
CA ALA Z 63 22.14 -21.09 18.14
C ALA Z 63 23.21 -21.66 17.26
N LEU Z 64 23.80 -20.84 16.40
CA LEU Z 64 24.84 -21.33 15.51
C LEU Z 64 25.98 -21.96 16.30
N VAL Z 65 26.58 -21.19 17.20
CA VAL Z 65 27.70 -21.70 18.00
C VAL Z 65 27.36 -23.04 18.67
N LYS Z 66 26.16 -23.15 19.20
CA LYS Z 66 25.68 -24.36 19.85
C LYS Z 66 25.72 -25.55 18.85
N ARG Z 67 25.05 -25.37 17.71
CA ARG Z 67 25.00 -26.41 16.70
C ARG Z 67 26.35 -26.86 16.19
N PHE Z 68 27.33 -25.96 16.18
CA PHE Z 68 28.67 -26.31 15.72
C PHE Z 68 29.46 -27.11 16.76
N LYS Z 69 29.48 -26.63 18.00
CA LYS Z 69 30.19 -27.35 19.04
C LYS Z 69 29.71 -28.79 18.98
N ASN Z 70 28.41 -28.92 18.98
CA ASN Z 70 27.76 -30.21 18.90
C ASN Z 70 28.24 -30.95 17.64
N SER Z 71 28.34 -30.27 16.51
CA SER Z 71 28.84 -30.96 15.33
C SER Z 71 30.22 -31.49 15.59
N VAL Z 72 31.00 -30.77 16.40
CA VAL Z 72 32.35 -31.23 16.71
C VAL Z 72 32.25 -32.46 17.61
N LYS Z 73 31.31 -32.45 18.54
CA LYS Z 73 31.08 -33.57 19.46
C LYS Z 73 30.80 -34.84 18.65
N TRP Z 74 29.84 -34.75 17.74
CA TRP Z 74 29.49 -35.90 16.90
C TRP Z 74 30.55 -36.30 15.90
N TYR Z 75 31.41 -35.38 15.50
CA TYR Z 75 32.46 -35.73 14.54
C TYR Z 75 33.39 -36.74 15.21
N HIS Z 76 33.63 -36.51 16.51
CA HIS Z 76 34.47 -37.38 17.33
C HIS Z 76 33.81 -38.77 17.45
N PHE Z 77 32.54 -38.76 17.81
CA PHE Z 77 31.76 -39.96 17.96
C PHE Z 77 31.75 -40.79 16.67
N ASP Z 78 31.21 -40.20 15.59
CA ASP Z 78 31.09 -40.88 14.32
C ASP Z 78 32.39 -41.21 13.59
N HIS Z 79 33.46 -40.47 13.86
CA HIS Z 79 34.70 -40.73 13.15
C HIS Z 79 35.88 -41.04 14.03
N ASN Z 80 35.63 -41.87 15.04
CA ASN Z 80 36.64 -42.33 15.98
C ASN Z 80 37.66 -41.29 16.46
N ASP Z 81 37.21 -40.38 17.32
CA ASP Z 81 38.05 -39.32 17.91
C ASP Z 81 38.97 -38.44 17.04
N LYS Z 82 38.79 -38.49 15.72
CA LYS Z 82 39.60 -37.69 14.80
C LYS Z 82 39.39 -36.22 15.09
N LYS Z 83 40.47 -35.45 14.99
CA LYS Z 83 40.42 -34.02 15.24
C LYS Z 83 39.94 -33.31 13.99
N LEU Z 84 38.95 -32.44 14.19
CA LEU Z 84 38.35 -31.65 13.12
C LEU Z 84 39.30 -30.55 12.74
N SER Z 85 39.88 -30.66 11.56
CA SER Z 85 40.79 -29.64 11.10
C SER Z 85 39.96 -28.40 10.84
N ILE Z 86 40.61 -27.24 10.90
CA ILE Z 86 39.91 -25.99 10.68
C ILE Z 86 39.22 -25.93 9.32
N ASN Z 87 39.88 -26.42 8.27
CA ASN Z 87 39.29 -26.39 6.93
C ASN Z 87 37.99 -27.17 6.93
N SER Z 88 37.99 -28.27 7.66
CA SER Z 88 36.82 -29.10 7.74
C SER Z 88 35.75 -28.42 8.58
N ALA Z 89 36.14 -27.78 9.67
CA ALA Z 89 35.18 -27.06 10.51
C ALA Z 89 34.49 -26.03 9.63
N ALA Z 90 35.30 -25.31 8.86
CA ALA Z 90 34.77 -24.28 7.98
C ALA Z 90 33.66 -24.81 7.11
N ARG Z 91 33.99 -25.78 6.26
CA ARG Z 91 33.01 -26.38 5.36
C ARG Z 91 31.81 -26.87 6.10
N ASN Z 92 32.01 -27.38 7.30
CA ASN Z 92 30.88 -27.87 8.08
C ASN Z 92 29.98 -26.68 8.30
N ILE Z 93 30.54 -25.56 8.75
CA ILE Z 93 29.75 -24.37 9.02
C ILE Z 93 29.01 -23.86 7.79
N GLN Z 94 29.66 -23.93 6.64
CA GLN Z 94 29.01 -23.50 5.41
C GLN Z 94 27.68 -24.17 5.33
N HIS Z 95 27.67 -25.47 5.59
CA HIS Z 95 26.45 -26.26 5.54
C HIS Z 95 25.44 -25.91 6.61
N LEU Z 96 25.93 -25.59 7.80
CA LEU Z 96 25.07 -25.22 8.91
C LEU Z 96 24.37 -23.98 8.51
N LEU Z 97 25.15 -23.07 7.98
CA LEU Z 97 24.63 -21.79 7.53
C LEU Z 97 23.69 -21.95 6.38
N TYR Z 98 24.17 -22.50 5.28
CA TYR Z 98 23.33 -22.66 4.11
C TYR Z 98 22.10 -23.48 4.34
N GLY Z 99 22.03 -24.23 5.43
CA GLY Z 99 20.83 -24.99 5.65
C GLY Z 99 19.69 -24.03 5.91
N LYS Z 100 20.00 -22.86 6.46
CA LYS Z 100 18.98 -21.84 6.77
C LYS Z 100 18.90 -20.70 5.73
N ARG Z 101 19.28 -20.99 4.51
CA ARG Z 101 19.27 -20.01 3.44
C ARG Z 101 17.93 -19.31 3.20
N PHE Z 102 16.84 -19.88 3.65
CA PHE Z 102 15.59 -19.25 3.42
C PHE Z 102 14.96 -18.71 4.67
N PHE Z 103 15.79 -18.56 5.70
CA PHE Z 103 15.41 -18.00 7.03
C PHE Z 103 16.74 -18.06 7.69
N PRO Z 104 17.67 -17.24 7.21
CA PRO Z 104 19.05 -17.12 7.66
C PRO Z 104 19.33 -16.88 9.11
N TYR Z 105 20.55 -17.20 9.46
CA TYR Z 105 21.07 -16.97 10.77
C TYR Z 105 21.63 -15.60 10.47
N TYR Z 106 21.02 -14.56 11.01
CA TYR Z 106 21.49 -13.22 10.75
C TYR Z 106 22.78 -12.98 11.52
N VAL Z 107 23.89 -13.53 11.06
CA VAL Z 107 25.17 -13.36 11.73
C VAL Z 107 26.30 -13.42 10.75
N HIS Z 108 27.42 -12.83 11.14
CA HIS Z 108 28.64 -12.83 10.34
C HIS Z 108 29.58 -13.62 11.27
N THR Z 109 29.98 -14.83 10.85
CA THR Z 109 30.83 -15.65 11.69
C THR Z 109 32.27 -15.80 11.26
N ILE Z 110 33.12 -16.09 12.24
CA ILE Z 110 34.54 -16.28 11.99
C ILE Z 110 35.04 -17.29 13.00
N ILE Z 111 36.01 -18.06 12.58
CA ILE Z 111 36.62 -19.05 13.43
C ILE Z 111 38.08 -18.91 13.16
N ALA Z 112 38.91 -19.24 14.13
CA ALA Z 112 40.34 -19.12 13.95
C ALA Z 112 40.95 -20.38 14.49
N GLY Z 113 42.20 -20.63 14.12
CA GLY Z 113 42.92 -21.79 14.59
C GLY Z 113 44.18 -22.00 13.79
N LEU Z 114 44.70 -23.22 13.79
CA LEU Z 114 45.91 -23.58 13.06
C LEU Z 114 45.48 -24.58 12.04
N ASP Z 115 46.07 -24.51 10.85
CA ASP Z 115 45.73 -25.46 9.82
C ASP Z 115 46.46 -26.76 10.06
N GLU Z 116 46.31 -27.69 9.11
CA GLU Z 116 46.93 -29.02 9.21
C GLU Z 116 48.45 -28.95 9.28
N ASP Z 117 49.02 -27.87 8.75
CA ASP Z 117 50.46 -27.70 8.77
C ASP Z 117 50.94 -26.92 9.97
N GLY Z 118 50.01 -26.48 10.81
CA GLY Z 118 50.40 -25.71 11.98
C GLY Z 118 50.43 -24.20 11.81
N LYS Z 119 50.25 -23.70 10.59
CA LYS Z 119 50.24 -22.26 10.34
C LYS Z 119 48.90 -21.67 10.72
N GLY Z 120 48.90 -20.40 11.13
CA GLY Z 120 47.68 -19.72 11.54
C GLY Z 120 46.63 -19.65 10.45
N ALA Z 121 45.36 -19.68 10.84
CA ALA Z 121 44.29 -19.62 9.87
C ALA Z 121 43.03 -19.00 10.41
N VAL Z 122 42.40 -18.20 9.56
CA VAL Z 122 41.17 -17.51 9.89
C VAL Z 122 40.25 -17.78 8.75
N TYR Z 123 38.97 -17.95 9.04
CA TYR Z 123 37.97 -18.23 8.01
C TYR Z 123 36.78 -17.39 8.41
N SER Z 124 36.10 -16.81 7.42
CA SER Z 124 34.93 -15.99 7.70
C SER Z 124 33.74 -16.32 6.82
N PHE Z 125 32.54 -16.19 7.36
CA PHE Z 125 31.30 -16.55 6.66
C PHE Z 125 30.26 -15.44 6.50
N ASP Z 126 29.56 -15.51 5.38
CA ASP Z 126 28.48 -14.62 5.01
C ASP Z 126 27.32 -15.32 5.73
N PRO Z 127 26.29 -14.57 6.16
CA PRO Z 127 25.19 -15.24 6.85
C PRO Z 127 24.58 -16.44 6.18
N VAL Z 128 24.84 -16.69 4.91
CA VAL Z 128 24.27 -17.89 4.36
C VAL Z 128 25.34 -18.81 3.84
N GLY Z 129 26.54 -18.71 4.38
CA GLY Z 129 27.54 -19.66 3.96
C GLY Z 129 28.73 -19.32 3.11
N SER Z 130 28.74 -18.24 2.36
CA SER Z 130 29.94 -17.99 1.58
C SER Z 130 31.09 -17.93 2.56
N TYR Z 131 32.24 -18.52 2.23
CA TYR Z 131 33.37 -18.49 3.15
C TYR Z 131 34.67 -18.51 2.39
N GLU Z 132 35.76 -18.18 3.06
CA GLU Z 132 37.08 -18.15 2.44
C GLU Z 132 38.10 -18.11 3.56
N ARG Z 133 39.33 -18.48 3.27
CA ARG Z 133 40.36 -18.41 4.29
C ARG Z 133 41.02 -17.08 4.09
N GLU Z 134 41.38 -16.41 5.19
CA GLU Z 134 42.00 -15.10 5.11
C GLU Z 134 43.07 -14.82 6.14
N GLN Z 135 43.82 -13.77 5.87
CA GLN Z 135 44.89 -13.31 6.72
C GLN Z 135 44.30 -12.62 7.95
N CYS Z 136 43.18 -11.92 7.76
CA CYS Z 136 42.54 -11.17 8.84
C CYS Z 136 41.17 -10.78 8.35
N ARG Z 137 40.28 -10.42 9.28
CA ARG Z 137 38.92 -9.98 8.94
C ARG Z 137 38.25 -9.52 10.19
N ALA Z 138 37.42 -8.50 10.07
CA ALA Z 138 36.66 -7.98 11.20
C ALA Z 138 35.22 -8.19 10.79
N GLY Z 139 34.34 -8.25 11.76
CA GLY Z 139 32.94 -8.47 11.43
C GLY Z 139 32.11 -7.79 12.47
N GLY Z 140 30.87 -7.47 12.12
CA GLY Z 140 30.01 -6.79 13.06
C GLY Z 140 29.86 -5.32 12.70
N ALA Z 141 29.35 -4.57 13.67
CA ALA Z 141 29.09 -3.16 13.48
C ALA Z 141 30.29 -2.35 12.94
N ALA Z 142 31.34 -2.23 13.73
CA ALA Z 142 32.51 -1.45 13.33
C ALA Z 142 33.40 -2.13 12.32
N ALA Z 143 32.86 -3.09 11.60
CA ALA Z 143 33.67 -3.79 10.61
C ALA Z 143 34.23 -2.84 9.58
N SER Z 144 33.36 -1.99 9.05
CA SER Z 144 33.71 -0.99 8.03
C SER Z 144 34.83 -0.06 8.48
N LEU Z 145 34.92 0.18 9.79
CA LEU Z 145 35.97 1.03 10.34
C LEU Z 145 37.28 0.28 10.43
N ILE Z 146 37.25 -0.86 11.11
CA ILE Z 146 38.42 -1.68 11.33
C ILE Z 146 39.06 -2.33 10.11
N MET Z 147 38.23 -2.85 9.20
CA MET Z 147 38.76 -3.52 8.02
C MET Z 147 39.79 -2.74 7.24
N PRO Z 148 39.50 -1.49 6.86
CA PRO Z 148 40.50 -0.75 6.10
C PRO Z 148 41.84 -0.74 6.85
N PHE Z 149 41.78 -0.48 8.17
CA PHE Z 149 42.97 -0.42 9.02
C PHE Z 149 43.85 -1.65 8.86
N LEU Z 150 43.22 -2.83 8.94
CA LEU Z 150 43.91 -4.11 8.81
C LEU Z 150 44.50 -4.30 7.44
N ASP Z 151 43.78 -3.88 6.40
CA ASP Z 151 44.33 -4.03 5.05
C ASP Z 151 45.67 -3.33 5.01
N ASN Z 152 45.72 -2.22 5.72
CA ASN Z 152 46.90 -1.40 5.75
C ASN Z 152 47.95 -1.92 6.69
N GLN Z 153 47.60 -2.00 7.96
CA GLN Z 153 48.53 -2.45 8.98
C GLN Z 153 48.90 -3.93 9.06
N VAL Z 154 48.04 -4.80 8.52
CA VAL Z 154 48.30 -6.25 8.52
C VAL Z 154 48.79 -6.72 7.15
N ASN Z 155 48.10 -6.29 6.08
CA ASN Z 155 48.48 -6.67 4.72
C ASN Z 155 49.32 -5.63 3.96
N PHE Z 156 49.59 -4.50 4.60
CA PHE Z 156 50.43 -3.44 4.01
C PHE Z 156 50.00 -2.90 2.64
N LYS Z 157 48.69 -2.83 2.44
CA LYS Z 157 48.17 -2.33 1.19
C LYS Z 157 48.45 -0.84 1.06
N ASN Z 158 48.73 -0.41 -0.17
CA ASN Z 158 49.02 0.98 -0.46
C ASN Z 158 50.34 1.47 0.11
N GLN Z 159 51.03 0.63 0.87
CA GLN Z 159 52.31 1.04 1.41
C GLN Z 159 53.38 0.54 0.45
N TYR Z 160 54.23 1.43 -0.04
CA TYR Z 160 55.32 1.03 -0.95
C TYR Z 160 56.65 1.29 -0.26
N GLU Z 161 57.77 0.87 -0.88
CA GLU Z 161 59.10 1.08 -0.31
C GLU Z 161 59.66 2.45 -0.65
N PRO Z 162 60.04 3.24 0.36
CA PRO Z 162 60.59 4.59 0.19
C PRO Z 162 61.63 4.69 -0.92
N GLY Z 163 61.52 5.73 -1.73
CA GLY Z 163 62.45 5.98 -2.81
C GLY Z 163 62.47 5.04 -3.98
N THR Z 164 61.32 4.42 -4.27
CA THR Z 164 61.26 3.49 -5.39
C THR Z 164 60.27 3.96 -6.45
N ASN Z 165 59.91 5.24 -6.39
CA ASN Z 165 58.95 5.80 -7.36
C ASN Z 165 57.65 4.98 -7.36
N GLY Z 166 57.36 4.38 -6.19
CA GLY Z 166 56.16 3.59 -6.04
C GLY Z 166 56.05 2.40 -6.97
N LYS Z 167 57.17 1.72 -7.18
CA LYS Z 167 57.20 0.58 -8.06
C LYS Z 167 57.51 -0.75 -7.34
N VAL Z 168 57.80 -0.66 -6.04
CA VAL Z 168 58.12 -1.84 -5.22
C VAL Z 168 57.29 -1.85 -3.93
N LYS Z 169 56.43 -2.86 -3.79
CA LYS Z 169 55.56 -3.02 -2.62
C LYS Z 169 56.37 -3.28 -1.35
N LYS Z 170 55.81 -2.91 -0.20
CA LYS Z 170 56.48 -3.11 1.08
C LYS Z 170 56.57 -4.63 1.31
N PRO Z 171 57.74 -5.12 1.77
CA PRO Z 171 57.93 -6.55 2.02
C PRO Z 171 56.82 -7.11 2.91
N LEU Z 172 56.08 -8.09 2.38
CA LEU Z 172 55.00 -8.70 3.12
C LEU Z 172 55.44 -9.63 4.27
N LYS Z 173 55.98 -9.05 5.35
CA LYS Z 173 56.44 -9.81 6.52
C LYS Z 173 55.23 -10.27 7.35
N TYR Z 174 55.47 -11.14 8.32
CA TYR Z 174 54.38 -11.59 9.17
C TYR Z 174 54.55 -11.17 10.62
N LEU Z 175 53.53 -10.51 11.12
CA LEU Z 175 53.51 -9.99 12.48
C LEU Z 175 53.61 -11.04 13.55
N SER Z 176 54.09 -10.62 14.71
CA SER Z 176 54.23 -11.47 15.86
C SER Z 176 52.96 -11.32 16.67
N VAL Z 177 52.72 -12.26 17.57
CA VAL Z 177 51.52 -12.21 18.40
C VAL Z 177 51.46 -10.89 19.15
N GLU Z 178 52.61 -10.42 19.60
CA GLU Z 178 52.68 -9.17 20.32
C GLU Z 178 52.19 -8.01 19.45
N GLU Z 179 52.70 -7.92 18.23
CA GLU Z 179 52.28 -6.86 17.35
C GLU Z 179 50.79 -7.02 17.06
N VAL Z 180 50.37 -8.24 16.72
CA VAL Z 180 48.96 -8.47 16.42
C VAL Z 180 48.05 -7.96 17.53
N ILE Z 181 48.41 -8.24 18.77
CA ILE Z 181 47.61 -7.79 19.89
C ILE Z 181 47.60 -6.28 19.99
N LYS Z 182 48.70 -5.65 19.61
CA LYS Z 182 48.74 -4.20 19.65
C LYS Z 182 47.68 -3.72 18.65
N LEU Z 183 47.72 -4.26 17.44
CA LEU Z 183 46.77 -3.90 16.40
C LEU Z 183 45.33 -4.18 16.82
N VAL Z 184 45.10 -5.32 17.42
CA VAL Z 184 43.77 -5.64 17.88
C VAL Z 184 43.26 -4.58 18.83
N ARG Z 185 44.12 -4.18 19.77
CA ARG Z 185 43.74 -3.18 20.76
C ARG Z 185 43.47 -1.83 20.16
N ASP Z 186 44.27 -1.43 19.20
CA ASP Z 186 44.06 -0.15 18.56
C ASP Z 186 42.79 -0.18 17.77
N SER Z 187 42.64 -1.20 16.94
CA SER Z 187 41.44 -1.34 16.13
C SER Z 187 40.22 -1.25 17.02
N PHE Z 188 40.31 -1.79 18.22
CA PHE Z 188 39.16 -1.75 19.08
C PHE Z 188 38.90 -0.44 19.76
N THR Z 189 39.96 0.26 20.17
CA THR Z 189 39.79 1.54 20.84
C THR Z 189 39.23 2.50 19.83
N SER Z 190 39.79 2.44 18.64
CA SER Z 190 39.34 3.29 17.58
C SER Z 190 37.87 3.05 17.38
N ALA Z 191 37.52 1.82 17.08
CA ALA Z 191 36.13 1.46 16.87
C ALA Z 191 35.22 1.95 17.98
N THR Z 192 35.71 1.96 19.23
CA THR Z 192 34.91 2.40 20.37
C THR Z 192 34.72 3.90 20.39
N GLU Z 193 35.67 4.60 19.79
CA GLU Z 193 35.60 6.05 19.74
C GLU Z 193 34.46 6.49 18.88
N ARG Z 194 34.34 5.84 17.74
CA ARG Z 194 33.32 6.17 16.76
C ARG Z 194 32.02 5.38 16.66
N HIS Z 195 31.95 4.17 17.20
CA HIS Z 195 30.71 3.39 17.12
C HIS Z 195 30.05 3.30 18.49
N ILE Z 196 28.76 3.61 18.57
CA ILE Z 196 28.08 3.57 19.86
C ILE Z 196 27.78 2.17 20.34
N GLN Z 197 27.96 1.18 19.47
CA GLN Z 197 27.71 -0.19 19.88
C GLN Z 197 28.95 -0.87 20.36
N VAL Z 198 30.10 -0.34 20.01
CA VAL Z 198 31.34 -0.93 20.41
C VAL Z 198 31.92 -0.30 21.68
N GLY Z 199 32.34 -1.14 22.62
CA GLY Z 199 32.90 -0.64 23.87
C GLY Z 199 32.82 -1.65 25.00
N ASP Z 200 32.97 -1.15 26.22
CA ASP Z 200 32.91 -1.95 27.44
C ASP Z 200 34.09 -2.90 27.70
N GLY Z 201 34.38 -3.77 26.74
CA GLY Z 201 35.49 -4.68 26.95
C GLY Z 201 35.90 -5.38 25.68
N LEU Z 202 37.11 -5.92 25.68
CA LEU Z 202 37.66 -6.65 24.55
C LEU Z 202 38.23 -7.96 25.08
N GLU Z 203 37.83 -9.06 24.48
CA GLU Z 203 38.31 -10.37 24.88
C GLU Z 203 38.93 -10.98 23.65
N ILE Z 204 40.18 -11.37 23.77
CA ILE Z 204 40.87 -11.97 22.65
C ILE Z 204 41.17 -13.41 22.97
N LEU Z 205 41.05 -14.29 21.98
CA LEU Z 205 41.38 -15.70 22.19
C LEU Z 205 42.58 -15.96 21.27
N ILE Z 206 43.70 -16.35 21.86
CA ILE Z 206 44.91 -16.61 21.10
C ILE Z 206 45.01 -18.09 20.91
N VAL Z 207 45.37 -18.52 19.71
CA VAL Z 207 45.44 -19.94 19.41
C VAL Z 207 46.77 -20.41 18.87
N THR Z 208 47.40 -21.31 19.59
CA THR Z 208 48.68 -21.88 19.19
C THR Z 208 48.62 -23.38 19.43
N LYS Z 209 49.65 -24.07 18.99
CA LYS Z 209 49.72 -25.51 19.20
C LYS Z 209 49.61 -25.85 20.68
N ASP Z 210 49.89 -24.87 21.55
CA ASP Z 210 49.85 -25.05 22.99
C ASP Z 210 48.46 -24.84 23.54
N GLY Z 211 47.48 -24.80 22.66
CA GLY Z 211 46.12 -24.63 23.13
C GLY Z 211 45.55 -23.26 22.86
N VAL Z 212 44.65 -22.85 23.73
CA VAL Z 212 43.94 -21.58 23.62
C VAL Z 212 44.06 -20.70 24.87
N ARG Z 213 44.63 -19.50 24.68
CA ARG Z 213 44.82 -18.55 25.77
C ARG Z 213 43.87 -17.37 25.64
N LYS Z 214 43.38 -16.86 26.76
CA LYS Z 214 42.45 -15.73 26.80
C LYS Z 214 43.08 -14.47 27.39
N GLU Z 215 42.90 -13.33 26.71
CA GLU Z 215 43.39 -12.02 27.18
C GLU Z 215 42.20 -11.06 27.20
N PHE Z 216 42.10 -10.22 28.23
CA PHE Z 216 40.97 -9.29 28.33
C PHE Z 216 41.36 -7.87 28.70
N TYR Z 217 40.89 -6.91 27.89
CA TYR Z 217 41.19 -5.51 28.12
C TYR Z 217 39.92 -4.70 28.22
N GLU Z 218 39.93 -3.69 29.08
CA GLU Z 218 38.78 -2.82 29.26
C GLU Z 218 38.68 -1.83 28.10
N LEU Z 219 37.45 -1.39 27.80
CA LEU Z 219 37.16 -0.42 26.74
C LEU Z 219 36.24 0.67 27.33
N LYS Z 220 36.08 1.79 26.63
CA LYS Z 220 35.23 2.86 27.13
C LYS Z 220 33.78 2.42 27.27
N ARG Z 221 33.14 2.84 28.36
CA ARG Z 221 31.79 2.44 28.71
C ARG Z 221 30.67 3.45 28.47
N ASP Z 222 30.93 4.42 27.59
CA ASP Z 222 29.94 5.45 27.25
C ASP Z 222 29.15 5.11 26.00
N THR AA 1 2.52 -15.27 15.07
CA THR AA 1 1.86 -14.10 14.43
C THR AA 1 0.87 -13.54 15.45
N GLN AA 2 1.34 -12.97 16.55
CA GLN AA 2 0.39 -12.47 17.53
C GLN AA 2 0.62 -11.04 17.97
N GLN AA 3 -0.25 -10.58 18.85
CA GLN AA 3 -0.15 -9.25 19.40
C GLN AA 3 -0.61 -9.34 20.84
N PRO AA 4 0.27 -9.01 21.77
CA PRO AA 4 -0.07 -9.07 23.19
C PRO AA 4 -1.37 -8.34 23.49
N ILE AA 5 -2.06 -8.81 24.51
CA ILE AA 5 -3.30 -8.18 24.91
C ILE AA 5 -3.11 -7.74 26.35
N VAL AA 6 -3.47 -8.58 27.33
CA VAL AA 6 -3.28 -8.19 28.73
C VAL AA 6 -1.78 -8.25 29.01
N THR AA 7 -1.19 -7.18 29.53
CA THR AA 7 0.25 -7.18 29.76
C THR AA 7 0.71 -6.76 31.14
N GLY AA 8 1.98 -7.06 31.40
CA GLY AA 8 2.58 -6.73 32.67
C GLY AA 8 3.84 -6.00 32.33
N THR AA 9 4.19 -5.00 33.13
CA THR AA 9 5.34 -4.17 32.86
C THR AA 9 6.72 -4.67 33.33
N SER AA 10 7.65 -3.78 33.64
CA SER AA 10 9.00 -4.20 34.02
C SER AA 10 9.14 -5.24 35.14
N VAL AA 11 10.34 -5.82 35.17
CA VAL AA 11 10.77 -6.78 36.15
C VAL AA 11 12.19 -6.33 36.36
N ILE AA 12 12.57 -6.07 37.60
CA ILE AA 12 13.92 -5.60 37.82
C ILE AA 12 14.65 -6.54 38.71
N SER AA 13 15.96 -6.60 38.57
CA SER AA 13 16.71 -7.49 39.40
C SER AA 13 18.17 -7.13 39.43
N MET AA 14 18.86 -7.60 40.46
CA MET AA 14 20.28 -7.38 40.62
C MET AA 14 20.75 -8.48 41.54
N LYS AA 15 22.04 -8.77 41.45
CA LYS AA 15 22.61 -9.80 42.27
C LYS AA 15 23.57 -9.15 43.25
N TYR AA 16 23.60 -9.65 44.49
CA TYR AA 16 24.48 -9.12 45.51
C TYR AA 16 25.47 -10.15 46.02
N ASP AA 17 26.29 -9.79 47.01
CA ASP AA 17 27.34 -10.67 47.55
C ASP AA 17 27.00 -12.13 47.82
N ASN AA 18 25.78 -12.39 48.31
CA ASN AA 18 25.36 -13.75 48.64
C ASN AA 18 23.99 -14.11 48.08
N GLY AA 19 23.56 -13.49 46.98
CA GLY AA 19 22.25 -13.83 46.44
C GLY AA 19 21.79 -12.96 45.30
N VAL AA 20 20.49 -12.81 45.14
CA VAL AA 20 19.93 -12.01 44.08
C VAL AA 20 18.57 -11.57 44.54
N ILE AA 21 18.11 -10.44 44.01
CA ILE AA 21 16.78 -9.90 44.34
C ILE AA 21 16.11 -9.66 43.02
N ILE AA 22 14.80 -9.71 43.00
CA ILE AA 22 14.06 -9.47 41.78
C ILE AA 22 12.71 -8.96 42.19
N ALA AA 23 12.10 -8.13 41.36
CA ALA AA 23 10.79 -7.62 41.69
C ALA AA 23 9.99 -7.26 40.45
N ALA AA 24 8.70 -7.08 40.65
CA ALA AA 24 7.80 -6.79 39.57
C ALA AA 24 6.50 -6.38 40.19
N ASP AA 25 5.72 -5.55 39.53
CA ASP AA 25 4.48 -5.14 40.13
C ASP AA 25 3.38 -6.12 39.94
N ASN AA 26 2.21 -5.78 40.42
CA ASN AA 26 1.08 -6.68 40.36
C ASN AA 26 0.00 -6.15 39.46
N LEU AA 27 0.37 -5.70 38.27
CA LEU AA 27 -0.64 -5.17 37.35
C LEU AA 27 -0.70 -5.92 36.04
N GLY AA 28 -1.93 -6.03 35.51
CA GLY AA 28 -2.16 -6.65 34.23
C GLY AA 28 -2.92 -5.58 33.50
N SER AA 29 -2.20 -4.88 32.63
CA SER AA 29 -2.78 -3.78 31.86
C SER AA 29 -3.45 -4.30 30.61
N TYR AA 30 -4.45 -3.60 30.12
CA TYR AA 30 -5.16 -3.96 28.88
C TYR AA 30 -5.08 -2.69 28.02
N GLY AA 31 -3.89 -2.43 27.50
CA GLY AA 31 -3.71 -1.24 26.72
C GLY AA 31 -3.52 -0.15 27.73
N SER AA 32 -4.35 0.88 27.68
CA SER AA 32 -4.24 1.99 28.63
C SER AA 32 -5.16 1.78 29.83
N LEU AA 33 -5.88 0.66 29.88
CA LEU AA 33 -6.75 0.36 31.01
C LEU AA 33 -6.00 -0.48 32.00
N LEU AA 34 -5.81 0.04 33.20
CA LEU AA 34 -5.09 -0.69 34.22
C LEU AA 34 -6.18 -1.64 34.70
N ARG AA 35 -6.30 -2.77 34.03
CA ARG AA 35 -7.37 -3.74 34.29
C ARG AA 35 -7.36 -4.66 35.50
N PHE AA 36 -6.24 -5.36 35.72
CA PHE AA 36 -6.14 -6.32 36.81
C PHE AA 36 -5.13 -5.90 37.81
N ASN AA 37 -5.57 -5.81 39.06
CA ASN AA 37 -4.69 -5.35 40.12
C ASN AA 37 -4.14 -6.38 41.12
N GLY AA 38 -4.19 -7.66 40.77
CA GLY AA 38 -3.68 -8.66 41.69
C GLY AA 38 -2.95 -9.77 40.96
N VAL AA 39 -2.05 -9.38 40.08
CA VAL AA 39 -1.31 -10.32 39.26
C VAL AA 39 0.12 -10.57 39.68
N GLU AA 40 0.38 -11.72 40.26
CA GLU AA 40 1.74 -12.00 40.65
C GLU AA 40 2.47 -12.34 39.41
N ARG AA 41 3.61 -11.72 39.20
CA ARG AA 41 4.37 -11.99 38.01
C ARG AA 41 5.74 -12.52 38.36
N LEU AA 42 5.97 -12.79 39.64
CA LEU AA 42 7.24 -13.37 40.09
C LEU AA 42 6.87 -14.83 40.38
N ILE AA 43 7.51 -15.76 39.67
CA ILE AA 43 7.23 -17.19 39.80
C ILE AA 43 8.35 -18.01 40.43
N PRO AA 44 8.12 -18.43 41.68
CA PRO AA 44 9.07 -19.22 42.45
C PRO AA 44 9.06 -20.68 42.01
N VAL AA 45 10.24 -21.15 41.62
CA VAL AA 45 10.40 -22.53 41.19
C VAL AA 45 11.30 -23.26 42.19
N GLY AA 46 10.65 -24.04 43.05
CA GLY AA 46 11.42 -24.76 44.03
C GLY AA 46 11.81 -23.86 45.18
N ASP AA 47 13.08 -23.98 45.57
CA ASP AA 47 13.58 -23.22 46.69
C ASP AA 47 14.75 -22.34 46.31
N ASN AA 48 15.25 -22.43 45.08
CA ASN AA 48 16.39 -21.63 44.72
C ASN AA 48 16.25 -20.83 43.44
N THR AA 49 15.02 -20.49 43.09
CA THR AA 49 14.82 -19.78 41.84
C THR AA 49 13.50 -19.08 41.78
N VAL AA 50 13.53 -17.91 41.17
CA VAL AA 50 12.35 -17.13 40.94
C VAL AA 50 12.54 -16.62 39.53
N VAL AA 51 11.46 -16.71 38.77
CA VAL AA 51 11.48 -16.30 37.39
C VAL AA 51 10.46 -15.21 37.26
N GLY AA 52 10.91 -14.02 36.87
CA GLY AA 52 10.01 -12.90 36.70
C GLY AA 52 9.72 -12.77 35.24
N ILE AA 53 8.46 -12.53 34.92
CA ILE AA 53 8.02 -12.43 33.55
C ILE AA 53 7.16 -11.19 33.23
N SER AA 54 7.46 -10.56 32.10
CA SER AA 54 6.75 -9.37 31.63
C SER AA 54 6.35 -9.64 30.19
N GLY AA 55 5.24 -9.08 29.77
CA GLY AA 55 4.81 -9.28 28.42
C GLY AA 55 3.37 -9.66 28.49
N ASP AA 56 2.95 -10.49 27.55
CA ASP AA 56 1.58 -10.94 27.51
C ASP AA 56 1.36 -11.90 28.68
N ILE AA 57 0.31 -11.62 29.45
CA ILE AA 57 -0.05 -12.41 30.61
C ILE AA 57 -0.48 -13.83 30.24
N SER AA 58 -1.39 -14.00 29.28
CA SER AA 58 -1.82 -15.34 28.89
C SER AA 58 -0.61 -16.23 28.61
N ASP AA 59 0.43 -15.72 27.96
CA ASP AA 59 1.62 -16.52 27.71
C ASP AA 59 2.41 -16.75 29.00
N MET AA 60 2.33 -15.80 29.92
CA MET AA 60 3.03 -15.93 31.20
C MET AA 60 2.39 -17.11 31.94
N GLN AA 61 1.06 -17.05 32.04
CA GLN AA 61 0.25 -18.06 32.66
C GLN AA 61 0.60 -19.40 32.05
N HIS AA 62 0.86 -19.41 30.74
CA HIS AA 62 1.25 -20.64 30.07
C HIS AA 62 2.61 -21.02 30.58
N ILE AA 63 3.51 -20.06 30.75
CA ILE AA 63 4.83 -20.44 31.25
C ILE AA 63 4.79 -20.90 32.70
N GLU AA 64 3.77 -20.48 33.44
CA GLU AA 64 3.61 -20.90 34.82
C GLU AA 64 3.40 -22.41 34.76
N ARG AA 65 2.41 -22.80 33.96
CA ARG AA 65 2.05 -24.19 33.73
C ARG AA 65 3.28 -24.97 33.29
N LEU AA 66 4.03 -24.49 32.32
CA LEU AA 66 5.22 -25.21 31.90
C LEU AA 66 6.17 -25.42 33.04
N LEU AA 67 6.27 -24.46 33.93
CA LEU AA 67 7.18 -24.57 35.07
C LEU AA 67 6.76 -25.59 36.13
N LYS AA 68 5.47 -25.64 36.44
CA LYS AA 68 4.97 -26.61 37.39
C LYS AA 68 5.26 -27.99 36.82
N ASP AA 69 4.93 -28.21 35.55
CA ASP AA 69 5.16 -29.50 34.90
C ASP AA 69 6.63 -29.87 34.94
N LEU AA 70 7.51 -28.89 34.73
CA LEU AA 70 8.93 -29.14 34.76
C LEU AA 70 9.30 -29.69 36.14
N VAL AA 71 8.64 -29.20 37.16
CA VAL AA 71 8.92 -29.63 38.52
C VAL AA 71 8.38 -31.03 38.74
N THR AA 72 7.09 -31.22 38.42
CA THR AA 72 6.42 -32.51 38.55
C THR AA 72 7.25 -33.63 37.93
N GLU AA 73 7.62 -33.43 36.67
CA GLU AA 73 8.38 -34.39 35.91
C GLU AA 73 9.83 -34.61 36.33
N ASN AA 74 10.37 -33.77 37.21
CA ASN AA 74 11.77 -33.95 37.66
C ASN AA 74 11.75 -34.84 38.89
N ALA AA 75 10.59 -34.88 39.55
CA ALA AA 75 10.40 -35.69 40.74
C ALA AA 75 10.35 -37.14 40.32
N TYR AA 76 9.68 -37.38 39.20
CA TYR AA 76 9.55 -38.70 38.63
C TYR AA 76 10.83 -39.52 38.64
N ASP AA 77 10.71 -40.73 39.19
CA ASP AA 77 11.79 -41.72 39.28
C ASP AA 77 13.12 -41.04 39.61
N ASN AA 78 13.01 -39.98 40.41
CA ASN AA 78 14.16 -39.23 40.82
C ASN AA 78 14.15 -39.28 42.32
N PRO AA 79 14.99 -40.16 42.90
CA PRO AA 79 15.08 -40.30 44.37
C PRO AA 79 15.64 -39.01 45.00
N LEU AA 80 16.48 -38.33 44.24
CA LEU AA 80 17.15 -37.08 44.63
C LEU AA 80 16.42 -35.79 44.18
N ALA AA 81 15.12 -35.88 43.96
CA ALA AA 81 14.33 -34.73 43.51
C ALA AA 81 14.35 -33.55 44.48
N ASP AA 82 14.42 -33.83 45.78
CA ASP AA 82 14.46 -32.75 46.76
C ASP AA 82 15.86 -32.53 47.28
N ALA AA 83 16.85 -32.81 46.44
CA ALA AA 83 18.26 -32.65 46.77
C ALA AA 83 19.16 -32.60 45.53
N GLU AA 84 20.28 -33.34 45.55
CA GLU AA 84 21.23 -33.35 44.44
C GLU AA 84 20.73 -33.29 43.00
N GLU AA 85 19.50 -33.72 42.73
CA GLU AA 85 19.01 -33.66 41.36
C GLU AA 85 17.77 -32.80 41.30
N ALA AA 86 17.79 -31.74 42.10
CA ALA AA 86 16.71 -30.78 42.13
C ALA AA 86 16.97 -29.77 41.01
N LEU AA 87 15.91 -29.10 40.58
CA LEU AA 87 16.00 -28.11 39.53
C LEU AA 87 16.83 -26.93 39.94
N GLU AA 88 17.87 -26.70 39.18
CA GLU AA 88 18.78 -25.59 39.39
C GLU AA 88 18.29 -24.44 38.53
N PRO AA 89 18.63 -23.20 38.92
CA PRO AA 89 18.22 -22.04 38.15
C PRO AA 89 18.69 -22.18 36.69
N SER AA 90 19.93 -22.60 36.48
CA SER AA 90 20.41 -22.74 35.13
C SER AA 90 19.61 -23.71 34.32
N TYR AA 91 19.11 -24.78 34.94
CA TYR AA 91 18.33 -25.76 34.19
C TYR AA 91 17.05 -25.08 33.74
N ILE AA 92 16.38 -24.41 34.67
CA ILE AA 92 15.13 -23.74 34.36
C ILE AA 92 15.31 -22.69 33.27
N PHE AA 93 16.40 -21.96 33.36
CA PHE AA 93 16.62 -20.94 32.38
C PHE AA 93 16.87 -21.51 31.02
N GLU AA 94 17.80 -22.44 30.92
CA GLU AA 94 18.10 -23.00 29.61
C GLU AA 94 16.87 -23.62 28.98
N TYR AA 95 15.99 -24.17 29.80
CA TYR AA 95 14.79 -24.75 29.27
C TYR AA 95 14.02 -23.60 28.63
N LEU AA 96 13.63 -22.62 29.44
CA LEU AA 96 12.88 -21.47 28.96
C LEU AA 96 13.55 -20.80 27.75
N ALA AA 97 14.85 -20.61 27.79
CA ALA AA 97 15.56 -20.01 26.67
C ALA AA 97 15.19 -20.81 25.46
N THR AA 98 15.43 -22.10 25.54
CA THR AA 98 15.16 -23.01 24.44
C THR AA 98 13.77 -22.88 23.84
N VAL AA 99 12.76 -22.78 24.69
CA VAL AA 99 11.40 -22.65 24.22
C VAL AA 99 11.14 -21.36 23.49
N MET AA 100 11.66 -20.25 24.05
CA MET AA 100 11.48 -18.93 23.46
C MET AA 100 12.03 -18.87 22.03
N TYR AA 101 13.25 -19.36 21.85
CA TYR AA 101 13.88 -19.35 20.54
C TYR AA 101 13.21 -20.31 19.58
N GLN AA 102 12.57 -21.33 20.10
CA GLN AA 102 11.88 -22.26 19.23
C GLN AA 102 10.57 -21.65 18.81
N ARG AA 103 9.87 -20.98 19.72
CA ARG AA 103 8.62 -20.34 19.34
C ARG AA 103 8.86 -19.14 18.39
N ARG AA 104 9.99 -18.45 18.54
CA ARG AA 104 10.24 -17.34 17.64
C ARG AA 104 10.54 -17.93 16.29
N SER AA 105 11.35 -18.98 16.23
CA SER AA 105 11.68 -19.60 14.96
C SER AA 105 10.49 -20.23 14.25
N LYS AA 106 9.39 -20.41 14.95
CA LYS AA 106 8.20 -20.96 14.32
C LYS AA 106 7.26 -19.83 13.99
N MET AA 107 7.68 -18.61 14.32
CA MET AA 107 6.91 -17.41 14.07
C MET AA 107 5.65 -17.35 14.91
N ASN AA 108 5.72 -17.91 16.10
CA ASN AA 108 4.59 -17.87 17.01
C ASN AA 108 5.27 -17.78 18.34
N PRO AA 109 5.76 -16.58 18.68
CA PRO AA 109 6.47 -16.35 19.94
C PRO AA 109 5.60 -16.26 21.15
N LEU AA 110 6.25 -16.40 22.31
CA LEU AA 110 5.62 -16.24 23.59
C LEU AA 110 6.05 -14.81 23.83
N TRP AA 111 5.08 -13.90 23.78
CA TRP AA 111 5.34 -12.47 23.92
C TRP AA 111 5.74 -12.05 25.33
N ASN AA 112 6.97 -12.37 25.69
CA ASN AA 112 7.43 -12.08 27.00
C ASN AA 112 8.89 -11.75 26.99
N ALA AA 113 9.32 -11.26 28.15
CA ALA AA 113 10.70 -10.94 28.43
C ALA AA 113 10.76 -11.61 29.81
N ILE AA 114 11.79 -12.43 30.04
CA ILE AA 114 11.91 -13.16 31.29
C ILE AA 114 13.26 -13.07 31.93
N ILE AA 115 13.27 -12.98 33.26
CA ILE AA 115 14.52 -12.94 33.98
C ILE AA 115 14.40 -14.08 34.96
N VAL AA 116 15.44 -14.88 35.00
CA VAL AA 116 15.49 -16.01 35.91
C VAL AA 116 16.56 -15.67 36.91
N ALA AA 117 16.15 -15.54 38.15
CA ALA AA 117 17.09 -15.21 39.19
C ALA AA 117 17.09 -16.31 40.19
N GLY AA 118 18.28 -16.64 40.65
CA GLY AA 118 18.39 -17.69 41.63
C GLY AA 118 19.82 -17.92 42.02
N VAL AA 119 20.02 -18.94 42.83
CA VAL AA 119 21.35 -19.33 43.28
C VAL AA 119 21.53 -20.83 43.05
N GLN AA 120 22.71 -21.19 42.57
CA GLN AA 120 23.05 -22.56 42.27
C GLN AA 120 23.44 -23.42 43.46
N SER AA 121 23.43 -24.74 43.26
CA SER AA 121 23.78 -25.71 44.29
C SER AA 121 25.05 -25.36 45.03
N ASN AA 122 26.07 -24.95 44.28
CA ASN AA 122 27.36 -24.58 44.83
C ASN AA 122 27.45 -23.15 45.35
N GLY AA 123 26.31 -22.45 45.41
CA GLY AA 123 26.32 -21.10 45.95
C GLY AA 123 26.42 -19.89 45.02
N ASP AA 124 26.65 -20.11 43.74
CA ASP AA 124 26.77 -19.01 42.80
C ASP AA 124 25.43 -18.36 42.47
N GLN AA 125 25.44 -17.03 42.39
CA GLN AA 125 24.21 -16.32 42.09
C GLN AA 125 23.99 -16.59 40.62
N PHE AA 126 22.73 -16.54 40.22
CA PHE AA 126 22.39 -16.75 38.83
C PHE AA 126 21.34 -15.71 38.46
N LEU AA 127 21.60 -15.00 37.38
CA LEU AA 127 20.67 -13.97 36.94
C LEU AA 127 20.84 -13.91 35.44
N ARG AA 128 19.77 -14.15 34.69
CA ARG AA 128 19.90 -14.10 33.25
C ARG AA 128 18.53 -13.84 32.65
N TYR AA 129 18.56 -13.29 31.43
CA TYR AA 129 17.36 -12.88 30.68
C TYR AA 129 17.23 -13.57 29.33
N VAL AA 130 15.98 -13.77 28.92
CA VAL AA 130 15.67 -14.33 27.62
C VAL AA 130 14.34 -13.70 27.27
N ASN AA 131 14.10 -13.44 25.98
CA ASN AA 131 12.82 -12.85 25.56
C ASN AA 131 12.23 -13.48 24.31
N LEU AA 132 11.09 -12.95 23.88
CA LEU AA 132 10.39 -13.44 22.71
C LEU AA 132 11.20 -13.77 21.49
N LEU AA 133 12.45 -13.35 21.41
CA LEU AA 133 13.22 -13.64 20.21
C LEU AA 133 14.31 -14.65 20.49
N GLY AA 134 14.43 -15.02 21.76
CA GLY AA 134 15.42 -15.98 22.14
C GLY AA 134 16.75 -15.34 22.45
N VAL AA 135 16.73 -14.03 22.59
CA VAL AA 135 17.96 -13.31 22.92
C VAL AA 135 18.13 -13.47 24.39
N THR AA 136 19.36 -13.79 24.79
CA THR AA 136 19.68 -14.01 26.19
C THR AA 136 20.99 -13.30 26.53
N TYR AA 137 21.08 -12.83 27.78
CA TYR AA 137 22.27 -12.17 28.28
C TYR AA 137 22.22 -12.09 29.80
N SER AA 138 23.37 -11.86 30.41
CA SER AA 138 23.44 -11.74 31.86
C SER AA 138 24.28 -10.54 32.33
N SER AA 139 23.93 -9.99 33.51
CA SER AA 139 24.60 -8.82 34.07
C SER AA 139 24.29 -8.76 35.56
N PRO AA 140 25.09 -7.99 36.33
CA PRO AA 140 24.89 -7.85 37.77
C PRO AA 140 23.52 -7.25 38.05
N THR AA 141 22.99 -6.58 37.05
CA THR AA 141 21.65 -6.00 37.16
C THR AA 141 20.97 -6.34 35.86
N LEU AA 142 19.66 -6.44 35.88
CA LEU AA 142 18.89 -6.77 34.71
C LEU AA 142 17.48 -6.28 34.96
N ALA AA 143 16.86 -5.78 33.90
CA ALA AA 143 15.50 -5.31 33.98
C ALA AA 143 14.88 -5.34 32.58
N THR AA 144 13.55 -5.39 32.52
CA THR AA 144 12.85 -5.42 31.26
C THR AA 144 11.99 -4.17 31.15
N GLY AA 145 11.53 -3.86 29.93
CA GLY AA 145 10.69 -2.70 29.72
C GLY AA 145 11.32 -1.42 30.25
N PHE AA 146 10.50 -0.52 30.78
CA PHE AA 146 11.02 0.73 31.34
C PHE AA 146 12.16 0.54 32.31
N GLY AA 147 12.11 -0.55 33.06
CA GLY AA 147 13.14 -0.82 34.03
C GLY AA 147 14.49 -0.86 33.41
N ALA AA 148 14.57 -1.16 32.12
CA ALA AA 148 15.87 -1.25 31.50
C ALA AA 148 16.39 0.15 31.37
N HIS AA 149 15.47 1.07 31.09
CA HIS AA 149 15.82 2.44 30.90
C HIS AA 149 16.09 3.17 32.20
N MET AA 150 15.14 3.08 33.11
CA MET AA 150 15.25 3.74 34.38
C MET AA 150 15.98 2.97 35.47
N ALA AA 151 15.53 1.77 35.80
CA ALA AA 151 16.15 0.97 36.84
C ALA AA 151 17.61 0.63 36.59
N ASN AA 152 17.96 0.11 35.44
CA ASN AA 152 19.37 -0.21 35.23
C ASN AA 152 20.38 0.84 35.59
N PRO AA 153 20.13 2.11 35.25
CA PRO AA 153 21.09 3.18 35.57
C PRO AA 153 21.26 3.33 37.05
N LEU AA 154 20.17 3.16 37.77
CA LEU AA 154 20.17 3.26 39.22
C LEU AA 154 20.86 2.05 39.82
N LEU AA 155 20.31 0.87 39.54
CA LEU AA 155 20.85 -0.37 40.09
C LEU AA 155 22.34 -0.53 39.77
N ARG AA 156 22.79 0.05 38.67
CA ARG AA 156 24.20 -0.06 38.29
C ARG AA 156 25.14 0.86 39.07
N LYS AA 157 24.58 1.90 39.69
CA LYS AA 157 25.40 2.83 40.46
C LYS AA 157 25.86 2.16 41.75
N VAL AA 158 25.27 1.00 42.04
CA VAL AA 158 25.60 0.20 43.21
C VAL AA 158 26.54 -0.92 42.78
N VAL AA 159 26.17 -1.60 41.69
CA VAL AA 159 26.96 -2.68 41.13
C VAL AA 159 27.23 -2.32 39.67
N ASP AA 160 28.38 -1.72 39.44
CA ASP AA 160 28.76 -1.28 38.10
C ASP AA 160 29.50 -2.39 37.34
N ARG AA 161 30.12 -3.31 38.08
CA ARG AA 161 30.83 -4.43 37.47
C ARG AA 161 30.81 -5.61 38.42
N GLU AA 162 31.35 -6.76 38.01
CA GLU AA 162 31.35 -7.99 38.82
C GLU AA 162 31.95 -7.82 40.23
N SER AA 163 33.13 -7.18 40.29
CA SER AA 163 33.82 -6.96 41.54
C SER AA 163 32.99 -6.28 42.61
N ASP AA 164 31.97 -5.53 42.22
CA ASP AA 164 31.15 -4.86 43.22
C ASP AA 164 30.14 -5.77 43.91
N ILE AA 165 29.85 -6.91 43.31
CA ILE AA 165 28.87 -7.81 43.90
C ILE AA 165 29.24 -8.27 45.30
N PRO AA 166 30.48 -8.73 45.49
CA PRO AA 166 30.83 -9.16 46.85
C PRO AA 166 30.83 -8.05 47.90
N LYS AA 167 30.85 -6.80 47.46
CA LYS AA 167 30.86 -5.66 48.37
C LYS AA 167 29.47 -5.10 48.63
N THR AA 168 28.45 -5.70 48.04
CA THR AA 168 27.08 -5.20 48.20
C THR AA 168 26.20 -6.01 49.17
N THR AA 169 25.50 -5.36 50.09
CA THR AA 169 24.66 -6.08 51.05
C THR AA 169 23.20 -6.14 50.67
N VAL AA 170 22.50 -7.14 51.21
CA VAL AA 170 21.08 -7.35 50.95
C VAL AA 170 20.35 -6.06 51.20
N GLN AA 171 20.71 -5.42 52.29
CA GLN AA 171 20.06 -4.18 52.68
C GLN AA 171 20.26 -3.14 51.60
N VAL AA 172 21.50 -2.97 51.17
CA VAL AA 172 21.82 -2.00 50.12
C VAL AA 172 20.95 -2.33 48.91
N ALA AA 173 21.12 -3.56 48.44
CA ALA AA 173 20.42 -4.06 47.29
C ALA AA 173 18.93 -3.91 47.35
N GLU AA 174 18.31 -4.37 48.42
CA GLU AA 174 16.87 -4.28 48.48
C GLU AA 174 16.41 -2.84 48.46
N GLU AA 175 17.20 -1.97 49.08
CA GLU AA 175 16.91 -0.54 49.12
C GLU AA 175 16.83 -0.03 47.69
N ALA AA 176 17.89 -0.33 46.94
CA ALA AA 176 17.99 0.06 45.55
C ALA AA 176 16.76 -0.40 44.81
N ILE AA 177 16.50 -1.71 44.88
CA ILE AA 177 15.36 -2.29 44.19
C ILE AA 177 14.07 -1.56 44.51
N VAL AA 178 13.83 -1.20 45.76
CA VAL AA 178 12.58 -0.51 46.07
C VAL AA 178 12.52 0.94 45.53
N ASN AA 179 13.67 1.57 45.48
CA ASN AA 179 13.72 2.93 44.95
C ASN AA 179 13.37 2.85 43.45
N ALA AA 180 14.10 2.01 42.73
CA ALA AA 180 13.88 1.84 41.30
C ALA AA 180 12.40 1.61 41.09
N MET AA 181 11.82 0.82 41.96
CA MET AA 181 10.42 0.52 41.82
C MET AA 181 9.64 1.77 41.95
N ARG AA 182 10.02 2.61 42.91
CA ARG AA 182 9.30 3.86 43.12
C ARG AA 182 9.42 4.72 41.86
N VAL AA 183 10.64 4.89 41.40
CA VAL AA 183 10.88 5.68 40.21
C VAL AA 183 9.90 5.27 39.13
N LEU AA 184 9.94 4.00 38.77
CA LEU AA 184 9.05 3.47 37.74
C LEU AA 184 7.60 3.82 37.95
N TYR AA 185 7.15 3.92 39.19
CA TYR AA 185 5.75 4.26 39.40
C TYR AA 185 5.49 5.70 38.99
N TYR AA 186 6.52 6.52 39.14
CA TYR AA 186 6.42 7.94 38.81
C TYR AA 186 6.38 8.17 37.32
N ARG AA 187 7.33 7.54 36.63
CA ARG AA 187 7.45 7.74 35.19
C ARG AA 187 6.82 6.74 34.22
N ASP AA 188 6.40 5.56 34.69
CA ASP AA 188 5.79 4.56 33.83
C ASP AA 188 4.29 4.65 34.02
N ALA AA 189 3.60 5.03 32.97
CA ALA AA 189 2.16 5.18 33.03
C ALA AA 189 1.47 3.85 33.23
N ARG AA 190 2.18 2.76 32.99
CA ARG AA 190 1.62 1.41 33.12
C ARG AA 190 2.06 0.67 34.39
N SER AA 191 2.65 1.39 35.33
CA SER AA 191 3.08 0.76 36.55
C SER AA 191 1.97 0.88 37.52
N SER AA 192 2.12 0.17 38.62
CA SER AA 192 1.16 0.19 39.68
C SER AA 192 1.97 0.38 40.90
N ARG AA 193 1.29 0.73 41.98
CA ARG AA 193 1.96 0.97 43.23
C ARG AA 193 2.29 -0.30 43.98
N ASN AA 194 1.44 -1.31 43.83
CA ASN AA 194 1.60 -2.58 44.52
C ASN AA 194 2.56 -3.48 43.79
N PHE AA 195 3.48 -4.12 44.49
CA PHE AA 195 4.43 -5.01 43.85
C PHE AA 195 4.90 -6.21 44.68
N SER AA 196 5.71 -7.08 44.09
CA SER AA 196 6.23 -8.25 44.80
C SER AA 196 7.75 -8.27 44.67
N LEU AA 197 8.42 -8.63 45.76
CA LEU AA 197 9.88 -8.65 45.78
C LEU AA 197 10.28 -9.99 46.31
N ALA AA 198 11.42 -10.48 45.84
CA ALA AA 198 11.91 -11.74 46.28
C ALA AA 198 13.42 -11.75 46.27
N ILE AA 199 13.97 -12.35 47.31
CA ILE AA 199 15.40 -12.45 47.49
C ILE AA 199 15.73 -13.91 47.56
N ILE AA 200 16.85 -14.28 47.00
CA ILE AA 200 17.27 -15.64 47.04
C ILE AA 200 18.70 -15.55 47.49
N ASP AA 201 18.89 -15.83 48.78
CA ASP AA 201 20.20 -15.78 49.45
C ASP AA 201 20.78 -17.17 49.70
N LYS AA 202 22.08 -17.30 49.50
CA LYS AA 202 22.77 -18.57 49.68
C LYS AA 202 22.74 -19.13 51.10
N ASN AA 203 22.17 -18.36 52.02
CA ASN AA 203 22.09 -18.77 53.41
C ASN AA 203 20.64 -18.80 53.89
N THR AA 204 19.94 -17.67 53.79
CA THR AA 204 18.54 -17.56 54.21
C THR AA 204 17.60 -18.31 53.25
N GLY AA 205 18.12 -18.66 52.08
CA GLY AA 205 17.33 -19.36 51.08
C GLY AA 205 16.42 -18.38 50.33
N LEU AA 206 15.21 -18.81 50.04
CA LEU AA 206 14.27 -17.96 49.31
C LEU AA 206 13.27 -17.22 50.17
N THR AA 207 13.33 -15.89 50.12
CA THR AA 207 12.40 -15.06 50.85
C THR AA 207 11.55 -14.42 49.75
N PHE AA 208 10.25 -14.53 49.86
CA PHE AA 208 9.37 -13.97 48.86
C PHE AA 208 8.39 -13.07 49.59
N LYS AA 209 8.44 -11.77 49.32
CA LYS AA 209 7.55 -10.83 49.98
C LYS AA 209 6.43 -10.41 49.07
N LYS AA 210 5.21 -10.49 49.57
CA LYS AA 210 4.03 -10.10 48.82
C LYS AA 210 3.37 -8.89 49.44
N ASN AA 211 2.74 -8.08 48.60
CA ASN AA 211 2.02 -6.88 49.01
C ASN AA 211 2.81 -5.66 49.48
N LEU AA 212 3.94 -5.41 48.84
CA LEU AA 212 4.77 -4.26 49.14
C LEU AA 212 4.14 -3.05 48.43
N GLN AA 213 4.49 -1.85 48.86
CA GLN AA 213 3.96 -0.62 48.27
C GLN AA 213 5.06 0.42 48.16
N VAL AA 214 4.93 1.31 47.19
CA VAL AA 214 5.88 2.40 46.99
C VAL AA 214 5.50 3.41 48.04
N GLU AA 215 6.47 3.83 48.86
CA GLU AA 215 6.24 4.82 49.91
C GLU AA 215 7.32 5.88 49.83
N ASN AA 216 7.28 6.86 50.74
CA ASN AA 216 8.27 7.95 50.79
C ASN AA 216 8.11 8.79 49.53
N MET AA 217 6.88 8.99 49.08
CA MET AA 217 6.70 9.74 47.86
C MET AA 217 6.70 11.25 47.95
N LYS AA 218 7.49 11.83 47.05
CA LYS AA 218 7.65 13.27 46.92
C LYS AA 218 6.72 13.79 45.84
N TRP AA 219 5.60 14.36 46.29
CA TRP AA 219 4.60 14.95 45.41
C TRP AA 219 4.26 16.37 45.89
N ASP AA 220 4.68 16.70 47.12
CA ASP AA 220 4.43 18.01 47.71
C ASP AA 220 4.81 19.18 46.81
N PHE AA 221 5.96 19.08 46.14
CA PHE AA 221 6.40 20.15 45.25
C PHE AA 221 5.43 20.52 44.12
N ALA AA 222 4.45 19.68 43.83
CA ALA AA 222 3.50 19.96 42.76
C ALA AA 222 2.69 21.24 42.96
N LYS AA 223 2.59 21.71 44.20
CA LYS AA 223 1.81 22.92 44.54
C LYS AA 223 2.31 24.27 44.00
N ASP AA 224 3.62 24.36 43.77
CA ASP AA 224 4.24 25.59 43.30
C ASP AA 224 4.32 25.70 41.78
N ILE AA 225 3.58 24.84 41.09
CA ILE AA 225 3.54 24.84 39.63
C ILE AA 225 2.16 25.27 39.18
N LYS AA 226 2.16 26.24 38.28
CA LYS AA 226 0.94 26.79 37.73
C LYS AA 226 1.26 27.22 36.31
N GLY AA 227 0.38 26.84 35.37
CA GLY AA 227 0.60 27.20 33.98
C GLY AA 227 1.72 26.40 33.34
N TYR AA 228 2.16 26.88 32.19
CA TYR AA 228 3.21 26.23 31.44
C TYR AA 228 4.21 27.24 30.90
N GLY AA 229 4.43 28.31 31.67
CA GLY AA 229 5.37 29.32 31.25
C GLY AA 229 5.13 30.71 31.79
N THR AA 230 4.29 31.46 31.09
CA THR AA 230 3.98 32.84 31.46
C THR AA 230 2.90 33.04 32.53
N GLN AA 231 2.06 32.02 32.79
CA GLN AA 231 1.01 32.15 33.80
C GLN AA 231 1.61 32.43 35.19
N LYS AA 232 1.00 33.36 35.92
CA LYS AA 232 1.45 33.78 37.27
C LYS AA 232 0.79 32.99 38.43
N ILE AA 233 -0.52 32.83 38.36
CA ILE AA 233 -1.28 32.11 39.39
C ILE AA 233 -2.08 30.95 38.81
N THR BA 1 -22.13 -4.75 23.61
CA THR BA 1 -22.30 -5.84 24.61
C THR BA 1 -21.77 -5.36 25.96
N SER BA 2 -22.70 -5.59 26.97
CA SER BA 2 -22.62 -5.17 28.43
C SER BA 2 -22.98 -6.40 29.29
N ILE BA 3 -21.96 -7.00 29.91
CA ILE BA 3 -22.16 -8.17 30.74
C ILE BA 3 -21.34 -8.09 32.01
N MET BA 4 -21.83 -8.72 33.06
CA MET BA 4 -21.13 -8.75 34.35
C MET BA 4 -21.61 -9.95 35.16
N ALA BA 5 -20.79 -10.35 36.12
CA ALA BA 5 -21.14 -11.46 36.98
C ALA BA 5 -20.66 -11.06 38.35
N VAL BA 6 -21.55 -11.17 39.33
CA VAL BA 6 -21.21 -10.78 40.70
C VAL BA 6 -21.49 -11.87 41.75
N THR BA 7 -20.45 -12.31 42.44
CA THR BA 7 -20.61 -13.31 43.46
C THR BA 7 -21.10 -12.62 44.70
N PHE BA 8 -21.75 -13.36 45.58
CA PHE BA 8 -22.20 -12.77 46.82
C PHE BA 8 -22.33 -13.87 47.86
N LYS BA 9 -22.92 -13.54 49.00
CA LYS BA 9 -23.06 -14.50 50.08
C LYS BA 9 -23.72 -15.82 49.68
N ASP BA 10 -24.86 -15.74 48.99
CA ASP BA 10 -25.61 -16.93 48.56
C ASP BA 10 -25.09 -17.62 47.30
N GLY BA 11 -24.19 -16.98 46.56
CA GLY BA 11 -23.67 -17.56 45.35
C GLY BA 11 -23.09 -16.54 44.38
N VAL BA 12 -23.75 -16.35 43.24
CA VAL BA 12 -23.33 -15.38 42.23
C VAL BA 12 -24.44 -15.12 41.24
N ILE BA 13 -24.47 -13.92 40.67
CA ILE BA 13 -25.46 -13.62 39.66
C ILE BA 13 -24.77 -13.13 38.42
N LEU BA 14 -25.34 -13.54 37.30
CA LEU BA 14 -24.87 -13.20 36.00
C LEU BA 14 -25.86 -12.25 35.44
N GLY BA 15 -25.38 -11.21 34.78
CA GLY BA 15 -26.27 -10.25 34.16
C GLY BA 15 -25.75 -9.79 32.83
N ALA BA 16 -26.66 -9.39 31.96
CA ALA BA 16 -26.28 -8.91 30.63
C ALA BA 16 -27.41 -8.16 29.96
N ASP BA 17 -27.07 -7.35 28.95
CA ASP BA 17 -28.09 -6.61 28.22
C ASP BA 17 -28.65 -7.57 27.18
N SER BA 18 -29.31 -7.09 26.13
CA SER BA 18 -29.86 -8.04 25.16
C SER BA 18 -29.78 -7.54 23.72
N ARG BA 19 -28.70 -6.84 23.40
CA ARG BA 19 -28.54 -6.25 22.08
C ARG BA 19 -27.41 -6.85 21.23
N THR BA 20 -27.75 -7.21 19.99
CA THR BA 20 -26.76 -7.73 19.03
C THR BA 20 -26.82 -6.76 17.88
N THR BA 21 -25.67 -6.33 17.41
CA THR BA 21 -25.62 -5.37 16.34
C THR BA 21 -24.62 -5.68 15.24
N THR BA 22 -24.97 -5.28 14.04
CA THR BA 22 -24.08 -5.41 12.89
C THR BA 22 -23.82 -3.94 12.63
N GLY BA 23 -22.73 -3.43 13.18
CA GLY BA 23 -22.46 -2.03 12.99
C GLY BA 23 -23.38 -1.22 13.87
N ALA BA 24 -24.35 -0.53 13.29
CA ALA BA 24 -25.26 0.30 14.07
C ALA BA 24 -26.69 -0.17 13.99
N TYR BA 25 -26.89 -1.29 13.31
CA TYR BA 25 -28.22 -1.86 13.21
C TYR BA 25 -28.36 -2.83 14.36
N ILE BA 26 -29.54 -2.89 14.93
CA ILE BA 26 -29.77 -3.82 16.01
C ILE BA 26 -30.42 -5.04 15.41
N ALA BA 27 -29.59 -6.04 15.18
CA ALA BA 27 -29.97 -7.32 14.60
C ALA BA 27 -31.00 -8.00 15.46
N ASN BA 28 -30.72 -8.10 16.75
CA ASN BA 28 -31.63 -8.72 17.68
C ASN BA 28 -31.62 -7.90 18.93
N ARG BA 29 -32.80 -7.43 19.35
CA ARG BA 29 -32.88 -6.61 20.55
C ARG BA 29 -33.28 -7.38 21.79
N VAL BA 30 -33.46 -8.69 21.65
CA VAL BA 30 -33.87 -9.50 22.78
C VAL BA 30 -33.04 -10.76 22.90
N THR BA 31 -31.75 -10.67 22.60
CA THR BA 31 -30.82 -11.81 22.67
C THR BA 31 -30.63 -12.28 24.10
N ASP BA 32 -30.08 -13.48 24.26
CA ASP BA 32 -29.76 -14.00 25.58
C ASP BA 32 -28.26 -14.26 25.53
N LYS BA 33 -27.50 -13.44 26.24
CA LYS BA 33 -26.04 -13.55 26.23
C LYS BA 33 -25.54 -14.38 27.39
N LEU BA 34 -26.48 -14.84 28.20
CA LEU BA 34 -26.22 -15.67 29.38
C LEU BA 34 -26.49 -17.11 28.93
N THR BA 35 -25.42 -17.90 28.87
CA THR BA 35 -25.50 -19.25 28.38
C THR BA 35 -25.05 -20.30 29.39
N ARG BA 36 -25.77 -21.41 29.42
CA ARG BA 36 -25.49 -22.52 30.34
C ARG BA 36 -24.51 -23.52 29.78
N VAL BA 37 -23.48 -23.85 30.53
CA VAL BA 37 -22.54 -24.85 30.07
C VAL BA 37 -22.64 -26.05 30.98
N HIS BA 38 -23.35 -25.86 32.10
CA HIS BA 38 -23.60 -26.93 33.06
C HIS BA 38 -24.68 -26.46 33.99
N ASP BA 39 -25.38 -27.40 34.59
CA ASP BA 39 -26.48 -27.09 35.49
C ASP BA 39 -26.29 -25.82 36.28
N LYS BA 40 -25.13 -25.66 36.89
CA LYS BA 40 -24.87 -24.47 37.66
C LYS BA 40 -23.57 -23.81 37.28
N ILE BA 41 -23.24 -23.86 36.01
CA ILE BA 41 -22.05 -23.21 35.51
C ILE BA 41 -22.49 -22.51 34.25
N TRP BA 42 -22.59 -21.19 34.33
CA TRP BA 42 -22.99 -20.40 33.18
C TRP BA 42 -21.89 -19.47 32.80
N CYS BA 43 -22.08 -18.82 31.65
CA CYS BA 43 -21.12 -17.85 31.14
C CYS BA 43 -21.86 -16.69 30.52
N CYS BA 44 -21.17 -15.56 30.50
CA CYS BA 44 -21.68 -14.35 29.90
C CYS BA 44 -20.87 -14.22 28.63
N ARG BA 45 -21.56 -14.01 27.53
CA ARG BA 45 -20.90 -13.89 26.23
C ARG BA 45 -20.83 -12.47 25.64
N SER BA 46 -19.65 -12.11 25.12
CA SER BA 46 -19.45 -10.82 24.45
C SER BA 46 -18.35 -10.95 23.39
N GLY BA 47 -18.55 -10.29 22.27
CA GLY BA 47 -17.59 -10.32 21.19
C GLY BA 47 -18.36 -10.84 20.00
N SER BA 48 -17.69 -11.65 19.17
CA SER BA 48 -18.29 -12.27 18.00
C SER BA 48 -19.40 -13.18 18.46
N ALA BA 49 -20.58 -13.13 17.86
CA ALA BA 49 -21.63 -14.04 18.29
C ALA BA 49 -21.28 -15.47 17.82
N ALA BA 50 -20.76 -15.58 16.61
CA ALA BA 50 -20.36 -16.86 16.05
C ALA BA 50 -19.37 -17.49 16.96
N ASP BA 51 -18.27 -16.82 17.19
CA ASP BA 51 -17.25 -17.39 18.03
C ASP BA 51 -17.69 -17.79 19.41
N THR BA 52 -18.44 -16.94 20.08
CA THR BA 52 -18.82 -17.29 21.44
C THR BA 52 -19.79 -18.45 21.44
N GLN BA 53 -20.73 -18.50 20.50
CA GLN BA 53 -21.66 -19.60 20.45
C GLN BA 53 -20.80 -20.81 20.22
N ALA BA 54 -19.95 -20.76 19.23
CA ALA BA 54 -19.08 -21.87 18.93
C ALA BA 54 -18.35 -22.36 20.17
N ILE BA 55 -17.76 -21.45 20.92
CA ILE BA 55 -17.02 -21.85 22.12
C ILE BA 55 -17.90 -22.43 23.21
N ALA BA 56 -19.04 -21.78 23.47
CA ALA BA 56 -19.93 -22.26 24.50
C ALA BA 56 -20.36 -23.66 24.15
N ASP BA 57 -20.87 -23.84 22.93
CA ASP BA 57 -21.34 -25.14 22.50
C ASP BA 57 -20.31 -26.24 22.73
N ILE BA 58 -19.05 -25.95 22.48
CA ILE BA 58 -18.03 -26.93 22.70
C ILE BA 58 -17.77 -27.15 24.19
N VAL BA 59 -17.85 -26.10 24.98
CA VAL BA 59 -17.58 -26.28 26.39
C VAL BA 59 -18.67 -27.10 27.01
N GLN BA 60 -19.91 -26.89 26.58
CA GLN BA 60 -21.03 -27.66 27.12
C GLN BA 60 -20.80 -29.15 26.87
N TYR BA 61 -20.36 -29.46 25.66
CA TYR BA 61 -20.06 -30.83 25.28
C TYR BA 61 -18.96 -31.34 26.17
N HIS BA 62 -17.84 -30.65 26.21
CA HIS BA 62 -16.75 -31.13 27.06
C HIS BA 62 -17.17 -31.37 28.49
N LEU BA 63 -18.04 -30.52 29.01
CA LEU BA 63 -18.45 -30.71 30.38
C LEU BA 63 -19.42 -31.86 30.47
N GLU BA 64 -20.32 -31.99 29.51
CA GLU BA 64 -21.26 -33.11 29.53
C GLU BA 64 -20.52 -34.46 29.58
N LEU BA 65 -19.51 -34.60 28.75
CA LEU BA 65 -18.72 -35.82 28.73
C LEU BA 65 -17.91 -35.93 30.01
N TYR BA 66 -17.52 -34.79 30.57
CA TYR BA 66 -16.76 -34.79 31.81
C TYR BA 66 -17.64 -35.37 32.89
N THR BA 67 -18.87 -34.88 32.96
CA THR BA 67 -19.84 -35.34 33.93
C THR BA 67 -19.98 -36.86 33.85
N SER BA 68 -20.44 -37.36 32.71
CA SER BA 68 -20.61 -38.81 32.52
C SER BA 68 -19.47 -39.63 33.04
N GLN BA 69 -18.24 -39.20 32.77
CA GLN BA 69 -17.10 -39.95 33.23
C GLN BA 69 -16.66 -39.74 34.67
N TYR BA 70 -16.53 -38.47 35.07
CA TYR BA 70 -16.01 -38.17 36.41
C TYR BA 70 -16.90 -37.36 37.33
N GLY BA 71 -18.17 -37.21 36.98
CA GLY BA 71 -19.05 -36.45 37.84
C GLY BA 71 -19.00 -34.94 37.70
N THR BA 72 -19.84 -34.24 38.45
CA THR BA 72 -19.95 -32.78 38.40
C THR BA 72 -18.60 -32.08 38.41
N PRO BA 73 -18.39 -31.14 37.45
CA PRO BA 73 -17.18 -30.35 37.27
C PRO BA 73 -17.24 -29.08 38.08
N SER BA 74 -16.09 -28.64 38.54
CA SER BA 74 -16.01 -27.41 39.32
C SER BA 74 -16.04 -26.23 38.36
N THR BA 75 -16.40 -25.06 38.85
CA THR BA 75 -16.45 -23.89 38.00
C THR BA 75 -15.05 -23.66 37.48
N GLU BA 76 -14.05 -23.87 38.33
CA GLU BA 76 -12.70 -23.68 37.89
C GLU BA 76 -12.38 -24.51 36.68
N THR BA 77 -13.00 -25.68 36.56
CA THR BA 77 -12.75 -26.55 35.41
C THR BA 77 -13.46 -26.05 34.17
N ALA BA 78 -14.69 -25.58 34.33
CA ALA BA 78 -15.43 -25.04 33.21
C ALA BA 78 -14.58 -23.90 32.64
N ALA BA 79 -13.94 -23.15 33.52
CA ALA BA 79 -13.09 -22.04 33.13
C ALA BA 79 -11.86 -22.47 32.39
N SER BA 80 -11.20 -23.51 32.84
CA SER BA 80 -10.03 -23.97 32.12
C SER BA 80 -10.40 -24.45 30.74
N VAL BA 81 -11.60 -24.97 30.56
CA VAL BA 81 -12.02 -25.44 29.24
C VAL BA 81 -12.08 -24.23 28.36
N PHE BA 82 -12.87 -23.24 28.77
CA PHE BA 82 -12.95 -21.99 28.02
C PHE BA 82 -11.58 -21.42 27.76
N LYS BA 83 -10.76 -21.35 28.80
CA LYS BA 83 -9.41 -20.82 28.66
C LYS BA 83 -8.69 -21.52 27.55
N GLU BA 84 -8.66 -22.84 27.61
CA GLU BA 84 -7.96 -23.66 26.64
C GLU BA 84 -8.38 -23.32 25.22
N LEU BA 85 -9.68 -23.20 25.01
CA LEU BA 85 -10.22 -22.86 23.71
C LEU BA 85 -9.75 -21.46 23.29
N CYS BA 86 -10.02 -20.46 24.13
CA CYS BA 86 -9.64 -19.07 23.85
C CYS BA 86 -8.14 -18.82 23.70
N TYR BA 87 -7.30 -19.48 24.46
CA TYR BA 87 -5.87 -19.24 24.35
C TYR BA 87 -5.24 -19.87 23.15
N GLU BA 88 -5.53 -21.15 22.97
CA GLU BA 88 -4.95 -21.94 21.90
C GLU BA 88 -5.36 -21.48 20.52
N ASN BA 89 -6.52 -20.86 20.44
CA ASN BA 89 -7.04 -20.33 19.18
C ASN BA 89 -7.15 -18.80 19.23
N LYS BA 90 -6.21 -18.13 19.91
CA LYS BA 90 -6.24 -16.69 20.07
C LYS BA 90 -6.25 -15.90 18.77
N ASP BA 91 -5.62 -16.44 17.72
CA ASP BA 91 -5.57 -15.74 16.46
C ASP BA 91 -6.87 -15.69 15.65
N ASN BA 92 -7.76 -16.65 15.86
CA ASN BA 92 -8.97 -16.67 15.06
C ASN BA 92 -10.22 -16.38 15.86
N LEU BA 93 -10.06 -15.88 17.07
CA LEU BA 93 -11.21 -15.60 17.92
C LEU BA 93 -11.32 -14.21 18.52
N THR BA 94 -12.55 -13.76 18.68
CA THR BA 94 -12.84 -12.49 19.29
C THR BA 94 -13.96 -12.80 20.24
N ALA BA 95 -13.58 -13.27 21.43
CA ALA BA 95 -14.55 -13.63 22.45
C ALA BA 95 -14.01 -13.29 23.82
N GLY BA 96 -14.77 -12.52 24.56
CA GLY BA 96 -14.39 -12.15 25.90
C GLY BA 96 -15.48 -12.85 26.67
N ILE BA 97 -15.11 -13.75 27.57
CA ILE BA 97 -16.12 -14.50 28.27
C ILE BA 97 -15.95 -14.49 29.75
N ILE BA 98 -17.07 -14.36 30.44
CA ILE BA 98 -17.12 -14.36 31.90
C ILE BA 98 -17.79 -15.68 32.32
N VAL BA 99 -17.09 -16.50 33.11
CA VAL BA 99 -17.63 -17.79 33.57
C VAL BA 99 -18.04 -17.68 35.02
N ALA BA 100 -19.22 -18.17 35.35
CA ALA BA 100 -19.71 -18.12 36.72
C ALA BA 100 -20.63 -19.28 37.05
N GLY BA 101 -20.42 -19.88 38.21
CA GLY BA 101 -21.26 -21.00 38.61
C GLY BA 101 -21.31 -21.17 40.12
N TYR BA 102 -22.29 -21.92 40.61
CA TYR BA 102 -22.41 -22.14 42.05
C TYR BA 102 -22.05 -23.57 42.43
N ASP BA 103 -21.36 -23.73 43.56
CA ASP BA 103 -20.91 -25.02 44.07
C ASP BA 103 -21.11 -25.03 45.59
N ASP BA 104 -21.30 -26.22 46.18
CA ASP BA 104 -21.53 -26.36 47.63
C ASP BA 104 -20.37 -25.99 48.52
N LYS BA 105 -19.18 -26.43 48.15
CA LYS BA 105 -17.98 -26.13 48.92
C LYS BA 105 -17.38 -24.74 48.63
N ASN BA 106 -17.40 -24.32 47.36
CA ASN BA 106 -16.83 -23.04 46.94
C ASN BA 106 -17.80 -21.85 46.83
N LYS BA 107 -19.06 -22.05 47.20
CA LYS BA 107 -20.07 -21.01 47.13
C LYS BA 107 -20.14 -20.48 45.69
N GLY BA 108 -20.02 -19.17 45.48
CA GLY BA 108 -20.07 -18.63 44.13
C GLY BA 108 -18.68 -18.28 43.62
N GLU BA 109 -18.50 -18.34 42.31
CA GLU BA 109 -17.21 -17.99 41.73
C GLU BA 109 -17.36 -17.33 40.36
N VAL BA 110 -16.44 -16.43 40.05
CA VAL BA 110 -16.46 -15.74 38.79
C VAL BA 110 -15.06 -15.68 38.20
N TYR BA 111 -14.93 -16.18 36.96
CA TYR BA 111 -13.66 -16.20 36.21
C TYR BA 111 -13.87 -15.38 34.94
N THR BA 112 -12.86 -14.63 34.53
CA THR BA 112 -12.98 -13.79 33.34
C THR BA 112 -11.87 -14.13 32.37
N ILE BA 113 -12.26 -14.43 31.14
CA ILE BA 113 -11.31 -14.75 30.09
C ILE BA 113 -11.41 -13.66 29.02
N PRO BA 114 -10.46 -12.73 29.02
CA PRO BA 114 -10.38 -11.63 28.10
C PRO BA 114 -9.80 -12.16 26.81
N LEU BA 115 -9.74 -11.29 25.83
CA LEU BA 115 -9.24 -11.59 24.51
C LEU BA 115 -7.98 -12.39 24.37
N GLY BA 116 -7.00 -12.23 25.25
CA GLY BA 116 -5.82 -13.06 25.05
C GLY BA 116 -5.95 -14.51 25.51
N GLY BA 117 -7.04 -14.82 26.19
CA GLY BA 117 -7.23 -16.17 26.69
C GLY BA 117 -6.57 -16.39 28.05
N SER BA 118 -6.17 -15.33 28.74
CA SER BA 118 -5.57 -15.46 30.04
C SER BA 118 -6.77 -15.64 30.97
N VAL BA 119 -6.61 -16.20 32.16
CA VAL BA 119 -7.78 -16.36 33.04
C VAL BA 119 -7.57 -15.60 34.32
N HIS BA 120 -8.66 -14.98 34.80
CA HIS BA 120 -8.62 -14.18 36.03
C HIS BA 120 -9.85 -14.49 36.89
N LYS BA 121 -9.62 -14.81 38.17
CA LYS BA 121 -10.70 -15.12 39.13
C LYS BA 121 -10.88 -13.85 39.97
N LEU BA 122 -12.12 -13.40 40.14
CA LEU BA 122 -12.36 -12.14 40.87
C LEU BA 122 -13.72 -12.16 41.54
N PRO BA 123 -13.94 -11.28 42.52
CA PRO BA 123 -15.21 -11.18 43.25
C PRO BA 123 -16.36 -10.94 42.29
N TYR BA 124 -16.08 -10.21 41.23
CA TYR BA 124 -17.07 -9.95 40.20
C TYR BA 124 -16.25 -9.45 39.03
N ALA BA 125 -16.87 -9.39 37.87
CA ALA BA 125 -16.17 -8.90 36.72
C ALA BA 125 -17.19 -8.34 35.81
N ILE BA 126 -16.70 -7.46 34.96
CA ILE BA 126 -17.54 -6.79 33.98
C ILE BA 126 -16.83 -6.88 32.66
N ALA BA 127 -17.60 -6.96 31.59
CA ALA BA 127 -17.02 -7.01 30.27
C ALA BA 127 -18.02 -6.58 29.23
N GLY BA 128 -17.51 -6.36 28.02
CA GLY BA 128 -18.35 -5.91 26.94
C GLY BA 128 -18.02 -4.46 26.66
N SER BA 129 -18.42 -3.96 25.50
CA SER BA 129 -18.17 -2.57 25.12
C SER BA 129 -18.59 -1.62 26.23
N GLY BA 130 -19.85 -1.75 26.68
CA GLY BA 130 -20.37 -0.89 27.72
C GLY BA 130 -19.66 -0.96 29.06
N SER BA 131 -18.77 -1.91 29.24
CA SER BA 131 -18.10 -2.02 30.52
C SER BA 131 -17.30 -0.78 30.89
N THR BA 132 -16.53 -0.25 29.96
CA THR BA 132 -15.68 0.89 30.22
C THR BA 132 -16.35 2.00 31.01
N PHE BA 133 -17.62 2.20 30.77
CA PHE BA 133 -18.34 3.24 31.46
C PHE BA 133 -18.66 3.02 32.90
N ILE BA 134 -18.67 1.76 33.35
CA ILE BA 134 -19.00 1.49 34.73
C ILE BA 134 -17.84 1.06 35.58
N TYR BA 135 -16.62 1.13 35.07
CA TYR BA 135 -15.51 0.76 35.93
C TYR BA 135 -15.48 1.59 37.21
N GLY BA 136 -15.85 2.86 37.08
CA GLY BA 136 -15.87 3.73 38.23
C GLY BA 136 -17.00 3.37 39.14
N TYR BA 137 -18.23 3.47 38.64
CA TYR BA 137 -19.40 3.16 39.45
C TYR BA 137 -19.24 1.85 40.16
N CYS BA 138 -18.98 0.79 39.39
CA CYS BA 138 -18.79 -0.52 39.95
C CYS BA 138 -17.72 -0.58 41.02
N ASP BA 139 -16.55 0.00 40.76
CA ASP BA 139 -15.49 -0.04 41.75
C ASP BA 139 -15.90 0.71 43.01
N LYS BA 140 -16.85 1.62 42.86
CA LYS BA 140 -17.32 2.41 43.99
C LYS BA 140 -18.48 1.79 44.73
N ASN BA 141 -19.37 1.10 44.02
CA ASN BA 141 -20.53 0.49 44.67
C ASN BA 141 -20.51 -1.02 44.96
N PHE BA 142 -19.37 -1.67 44.80
CA PHE BA 142 -19.33 -3.10 45.07
C PHE BA 142 -18.69 -3.43 46.40
N ARG BA 143 -19.41 -4.24 47.18
CA ARG BA 143 -18.99 -4.75 48.50
C ARG BA 143 -19.23 -6.26 48.49
N GLU BA 144 -18.35 -7.02 49.15
CA GLU BA 144 -18.47 -8.48 49.21
C GLU BA 144 -19.57 -8.94 50.16
N ASN BA 145 -20.04 -10.16 49.92
CA ASN BA 145 -21.06 -10.78 50.73
C ASN BA 145 -22.36 -10.03 50.81
N MET BA 146 -22.74 -9.41 49.70
CA MET BA 146 -24.00 -8.68 49.65
C MET BA 146 -25.09 -9.73 49.67
N SER BA 147 -26.33 -9.28 49.58
CA SER BA 147 -27.48 -10.17 49.57
C SER BA 147 -28.09 -10.21 48.16
N LYS BA 148 -28.82 -11.27 47.83
CA LYS BA 148 -29.43 -11.42 46.52
C LYS BA 148 -30.10 -10.10 46.09
N GLU BA 149 -31.02 -9.61 46.91
CA GLU BA 149 -31.71 -8.35 46.60
C GLU BA 149 -30.71 -7.21 46.36
N GLU BA 150 -29.63 -7.14 47.15
CA GLU BA 150 -28.64 -6.10 46.98
C GLU BA 150 -27.90 -6.31 45.66
N THR BA 151 -27.43 -7.52 45.43
CA THR BA 151 -26.69 -7.83 44.22
C THR BA 151 -27.48 -7.65 42.95
N VAL BA 152 -28.77 -7.93 43.02
CA VAL BA 152 -29.60 -7.74 41.87
C VAL BA 152 -29.53 -6.25 41.54
N ASP BA 153 -29.60 -5.41 42.55
CA ASP BA 153 -29.56 -3.97 42.35
C ASP BA 153 -28.27 -3.50 41.76
N PHE BA 154 -27.16 -3.84 42.39
CA PHE BA 154 -25.86 -3.45 41.90
C PHE BA 154 -25.70 -3.78 40.42
N ILE BA 155 -26.14 -4.97 40.03
CA ILE BA 155 -26.06 -5.39 38.65
C ILE BA 155 -27.02 -4.56 37.84
N LYS BA 156 -28.25 -4.44 38.32
CA LYS BA 156 -29.26 -3.67 37.61
C LYS BA 156 -28.77 -2.24 37.32
N HIS BA 157 -28.22 -1.57 38.32
CA HIS BA 157 -27.73 -0.22 38.14
C HIS BA 157 -26.53 -0.19 37.23
N SER BA 158 -25.50 -0.98 37.53
CA SER BA 158 -24.33 -0.95 36.68
C SER BA 158 -24.69 -1.15 35.20
N LEU BA 159 -25.54 -2.12 34.90
CA LEU BA 159 -25.88 -2.34 33.53
C LEU BA 159 -26.71 -1.24 32.96
N SER BA 160 -27.59 -0.68 33.75
CA SER BA 160 -28.41 0.39 33.23
C SER BA 160 -27.53 1.55 32.76
N GLN BA 161 -26.47 1.80 33.51
CA GLN BA 161 -25.58 2.88 33.14
C GLN BA 161 -24.97 2.51 31.82
N ALA BA 162 -24.40 1.32 31.77
CA ALA BA 162 -23.76 0.81 30.55
C ALA BA 162 -24.74 0.98 29.38
N ILE BA 163 -25.97 0.57 29.57
CA ILE BA 163 -26.95 0.70 28.51
C ILE BA 163 -27.20 2.14 28.10
N LYS BA 164 -27.03 3.07 29.05
CA LYS BA 164 -27.26 4.50 28.82
C LYS BA 164 -26.25 5.15 27.91
N TRP BA 165 -24.98 4.97 28.23
CA TRP BA 165 -23.90 5.54 27.48
C TRP BA 165 -23.49 4.79 26.23
N ASP BA 166 -23.44 3.46 26.30
CA ASP BA 166 -23.06 2.64 25.14
C ASP BA 166 -24.23 2.35 24.24
N GLY BA 167 -24.05 2.66 22.96
CA GLY BA 167 -25.09 2.41 21.98
C GLY BA 167 -25.07 0.94 21.60
N SER BA 168 -23.96 0.28 21.88
CA SER BA 168 -23.82 -1.13 21.58
C SER BA 168 -24.48 -2.02 22.64
N SER BA 169 -25.17 -1.43 23.59
CA SER BA 169 -25.87 -2.16 24.64
C SER BA 169 -27.27 -1.60 24.75
N GLY BA 170 -28.19 -2.37 25.33
CA GLY BA 170 -29.55 -1.89 25.45
C GLY BA 170 -30.50 -3.05 25.51
N GLY BA 171 -31.78 -2.80 25.28
CA GLY BA 171 -32.77 -3.85 25.32
C GLY BA 171 -33.27 -4.08 26.74
N VAL BA 172 -33.24 -5.32 27.18
CA VAL BA 172 -33.69 -5.65 28.51
C VAL BA 172 -32.48 -6.14 29.25
N ILE BA 173 -32.58 -6.19 30.56
CA ILE BA 173 -31.47 -6.68 31.37
C ILE BA 173 -31.86 -8.07 31.83
N ARG BA 174 -31.00 -9.03 31.54
CA ARG BA 174 -31.24 -10.40 31.94
C ARG BA 174 -30.25 -10.75 33.02
N MET BA 175 -30.74 -11.47 34.02
CA MET BA 175 -29.88 -11.90 35.10
C MET BA 175 -30.13 -13.37 35.32
N VAL BA 176 -29.16 -14.03 35.93
CA VAL BA 176 -29.25 -15.44 36.24
C VAL BA 176 -28.70 -15.58 37.64
N VAL BA 177 -29.55 -16.04 38.56
CA VAL BA 177 -29.15 -16.23 39.95
C VAL BA 177 -28.78 -17.69 40.21
N LEU BA 178 -27.57 -17.91 40.68
CA LEU BA 178 -27.07 -19.24 40.94
C LEU BA 178 -26.80 -19.46 42.43
N THR BA 179 -27.74 -20.07 43.15
CA THR BA 179 -27.53 -20.34 44.58
C THR BA 179 -27.79 -21.83 44.84
N ALA BA 180 -27.64 -22.25 46.10
CA ALA BA 180 -27.92 -23.63 46.44
C ALA BA 180 -29.39 -23.92 46.16
N ALA BA 181 -30.21 -22.87 46.23
CA ALA BA 181 -31.63 -22.96 45.99
C ALA BA 181 -32.00 -23.20 44.53
N GLY BA 182 -31.01 -23.26 43.65
CA GLY BA 182 -31.31 -23.53 42.27
C GLY BA 182 -30.83 -22.55 41.20
N VAL BA 183 -31.73 -22.24 40.28
CA VAL BA 183 -31.44 -21.34 39.18
C VAL BA 183 -32.70 -20.56 38.84
N GLU BA 184 -32.61 -19.23 38.97
CA GLU BA 184 -33.73 -18.33 38.70
C GLU BA 184 -33.38 -17.35 37.58
N ARG BA 185 -34.34 -17.13 36.69
CA ARG BA 185 -34.21 -16.24 35.55
C ARG BA 185 -34.91 -14.90 35.78
N LEU BA 186 -34.13 -13.83 35.76
CA LEU BA 186 -34.64 -12.49 35.99
C LEU BA 186 -34.57 -11.64 34.76
N ILE BA 187 -35.62 -10.86 34.53
CA ILE BA 187 -35.67 -9.99 33.39
C ILE BA 187 -36.18 -8.61 33.81
N PHE BA 188 -35.48 -7.56 33.40
CA PHE BA 188 -35.86 -6.18 33.72
C PHE BA 188 -36.04 -5.38 32.44
N TYR BA 189 -37.22 -4.78 32.30
CA TYR BA 189 -37.58 -4.01 31.13
C TYR BA 189 -37.05 -2.56 31.10
N PRO BA 190 -36.99 -1.93 29.91
CA PRO BA 190 -36.50 -0.55 29.78
C PRO BA 190 -37.26 0.43 30.64
N ASP BA 191 -38.58 0.35 30.58
CA ASP BA 191 -39.45 1.24 31.36
C ASP BA 191 -39.21 1.21 32.86
N GLU BA 192 -38.32 0.33 33.32
CA GLU BA 192 -37.98 0.26 34.72
C GLU BA 192 -36.52 0.63 34.97
N TYR BA 193 -35.59 0.04 34.22
CA TYR BA 193 -34.17 0.34 34.43
C TYR BA 193 -33.72 1.71 33.95
N GLU BA 194 -34.35 2.23 32.90
CA GLU BA 194 -33.98 3.53 32.34
C GLU BA 194 -34.00 4.69 33.32
N GLN BA 195 -35.12 4.88 34.02
CA GLN BA 195 -35.19 5.96 35.00
C GLN BA 195 -34.97 5.44 36.41
N LEU BA 196 -33.73 5.06 36.66
CA LEU BA 196 -33.29 4.55 37.94
C LEU BA 196 -32.45 5.64 38.59
C ACE CA 1 -16.64 7.92 -19.86
O ACE CA 1 -17.27 8.67 -20.60
CH3 ACE CA 1 -17.51 7.02 -19.02
N IML CA 2 -15.25 7.96 -19.87
CA IML CA 2 -14.65 8.91 -20.78
C IML CA 2 -14.40 8.20 -22.06
OXT IML CA 2 -13.64 7.26 -22.05
CB IML CA 2 -13.53 9.77 -20.05
CN IML CA 2 -14.45 7.07 -19.04
CG2 IML CA 2 -12.68 10.60 -21.07
CG1 IML CA 2 -14.23 10.73 -18.99
CD1 IML CA 2 -13.26 11.63 -18.17
N ILE CA 3 -15.12 8.57 -23.15
CA ILE CA 3 -15.03 7.91 -24.44
C ILE CA 3 -13.70 7.94 -24.99
N THR CA 4 -13.31 6.87 -25.73
CA THR CA 4 -12.00 6.90 -26.25
C THR CA 4 -11.97 6.45 -27.68
N 04D CA 5 -10.82 6.43 -28.35
O 04D CA 5 -10.83 4.07 -30.32
O7 04D CA 5 -6.22 4.46 -28.53
CA 04D CA 5 -10.85 6.34 -29.80
C 04D CA 5 -9.92 5.22 -30.50
C23 04D CA 5 -11.85 8.60 -30.91
C24 04D CA 5 -13.24 8.40 -30.24
C25 04D CA 5 -11.56 10.09 -30.86
C26 04D CA 5 -10.61 7.82 -30.28
C27 04D CA 5 -7.27 5.32 -29.15
C28 04D CA 5 -9.00 3.50 -28.52
C29 04D CA 5 -8.59 4.49 -29.72
C ACE DA 1 24.94 -10.08 3.65
O ACE DA 1 25.84 -10.87 3.91
CH3 ACE DA 1 24.85 -8.90 4.59
N IML DA 2 24.12 -10.29 2.56
CA IML DA 2 24.42 -11.51 1.75
C IML DA 2 25.40 -11.15 0.70
OXT IML DA 2 25.07 -10.35 -0.14
CB IML DA 2 23.10 -12.28 1.44
CN IML DA 2 23.10 -9.31 2.20
CG2 IML DA 2 23.36 -13.35 0.34
CG1 IML DA 2 22.56 -12.94 2.74
CD1 IML DA 2 21.24 -13.73 2.56
N ILE DA 3 26.66 -11.65 0.76
CA ILE DA 3 27.67 -11.23 -0.19
C ILE DA 3 27.28 -11.53 -1.58
N THR DA 4 27.81 -10.74 -2.55
CA THR DA 4 27.43 -10.97 -3.90
C THR DA 4 28.62 -10.84 -4.80
N 04D DA 5 28.46 -10.97 -6.09
O 04D DA 5 30.24 -9.08 -7.82
O7 04D DA 5 26.11 -9.68 -10.40
CA 04D DA 5 29.64 -11.18 -6.94
C 04D DA 5 29.74 -10.38 -8.36
C23 04D DA 5 30.97 -13.44 -6.36
C24 04D DA 5 31.40 -12.87 -4.96
C25 04D DA 5 30.62 -14.91 -6.14
C26 04D DA 5 29.72 -12.75 -7.07
C27 04D DA 5 27.11 -10.50 -9.68
C28 04D DA 5 27.84 -8.35 -8.37
C29 04D DA 5 28.44 -9.64 -9.15
MG MG EA . -26.77 29.67 -33.91
MG MG FA . -22.45 68.98 17.38
MG MG GA . -1.80 63.33 2.25
MG MG HA . 2.71 62.52 6.28
MG MG IA . 26.63 6.29 26.20
MG MG JA . 28.56 9.10 4.83
MG MG KA . 36.91 2.05 -3.86
MG MG LA . -12.82 -4.29 -34.71
MG MG MA . -36.18 -2.18 -12.39
MG MG NA . -3.34 5.99 36.74
#